data_4FDH
#
_entry.id   4FDH
#
_cell.length_a   129.751
_cell.length_b   199.086
_cell.length_c   150.018
_cell.angle_alpha   90.000
_cell.angle_beta   112.080
_cell.angle_gamma   90.000
#
_symmetry.space_group_name_H-M   'P 1 21 1'
#
loop_
_entity.id
_entity.type
_entity.pdbx_description
1 polymer 'Cytochrome P450 11B2, mitochondrial'
2 non-polymer 'PROTOPORPHYRIN IX CONTAINING FE'
3 non-polymer 4-[(5R)-5,6,7,8-tetrahydroimidazo[1,5-a]pyridin-5-yl]benzonitrile
4 water water
#
_entity_poly.entity_id   1
_entity_poly.type   'polypeptide(L)'
_entity_poly.pdbx_seq_one_letter_code
;MAKKTSSTVLPFEAMPQHPGNRWLRLLQIWREQGYEHLHLEMHQTFQELGPIFRYNLGGPRMVCVMLPEDVEKLQQVDSL
HPCRMILEPWVAYRQHRGHKCGVFLLNGPEWRFNRLRLNPDVLSPKAVQRFLPMVDAVARDFSQALKKKVLQNARGSLTL
DVQPSIFHYTIEASNLALFGERLGLVGHSPSSASLNFLHALEVMFKSTVQLMFMPRSLSRWISPKVWKEHFEAWDCIFQY
GDNCIQKIYQELAFNRPQHYTGIVAELLLKAELSLEAIKANSMELTAGSVDTTAFPLLMTLFELARNPDVQQILRQESLA
AAASISEHPQKATTELPLLRAALKETLRLYPVGLFLERVVSSDLVLQNYHIPAGTLVQVFLYSLGRNAALFPRPERYNPQ
RWLDIRGSGRNFHHVPFGFGMRQCLGRRLAEAEMLLLLHHVLKHFLVETLTQEDIKMVYSFILRPGTSPLLTFRAINHHH
HHH
;
_entity_poly.pdbx_strand_id   A,B,C,D,E,F,G,H,I,J,K,L
#
# COMPACT_ATOMS: atom_id res chain seq x y z
N THR A 8 -5.22 21.31 -67.36
CA THR A 8 -4.91 20.17 -66.45
C THR A 8 -5.13 20.54 -64.97
N VAL A 9 -5.90 21.61 -64.74
CA VAL A 9 -6.28 22.06 -63.42
C VAL A 9 -7.40 21.18 -62.87
N LEU A 10 -7.14 20.58 -61.70
CA LEU A 10 -8.10 19.65 -61.08
C LEU A 10 -9.32 20.39 -60.57
N PRO A 11 -10.47 19.69 -60.45
CA PRO A 11 -11.72 20.24 -59.88
C PRO A 11 -11.63 20.52 -58.38
N PHE A 12 -12.41 21.49 -57.90
CA PHE A 12 -12.47 21.83 -56.49
C PHE A 12 -12.71 20.59 -55.63
N GLU A 13 -13.71 19.79 -55.99
CA GLU A 13 -14.08 18.61 -55.19
C GLU A 13 -13.06 17.48 -55.25
N ALA A 14 -12.12 17.56 -56.18
CA ALA A 14 -11.00 16.62 -56.21
C ALA A 14 -10.05 16.80 -55.01
N MET A 15 -10.32 17.80 -54.18
CA MET A 15 -9.49 18.09 -53.01
C MET A 15 -9.69 17.08 -51.90
N PRO A 16 -8.60 16.73 -51.19
CA PRO A 16 -8.78 15.93 -49.98
C PRO A 16 -9.69 16.64 -48.99
N GLN A 17 -10.47 15.87 -48.25
CA GLN A 17 -11.48 16.42 -47.37
C GLN A 17 -11.13 16.15 -45.92
N HIS A 18 -11.34 17.14 -45.06
CA HIS A 18 -11.17 16.94 -43.62
C HIS A 18 -12.22 15.94 -43.19
N PRO A 19 -11.83 14.91 -42.41
CA PRO A 19 -12.73 13.82 -42.03
C PRO A 19 -13.78 14.22 -40.97
N GLY A 20 -13.55 15.35 -40.29
CA GLY A 20 -14.46 15.83 -39.24
C GLY A 20 -15.80 16.30 -39.80
N ASN A 21 -16.83 16.19 -38.96
CA ASN A 21 -18.15 16.68 -39.29
C ASN A 21 -18.51 17.91 -38.46
N ARG A 22 -18.85 18.97 -39.17
CA ARG A 22 -19.27 20.26 -38.60
C ARG A 22 -20.10 20.15 -37.31
N TRP A 23 -21.07 19.24 -37.29
CA TRP A 23 -21.92 19.01 -36.12
C TRP A 23 -21.17 18.44 -34.94
N LEU A 24 -20.26 17.52 -35.22
CA LEU A 24 -19.53 16.85 -34.15
C LEU A 24 -18.61 17.83 -33.42
N ARG A 25 -17.86 18.64 -34.17
CA ARG A 25 -17.05 19.67 -33.55
C ARG A 25 -17.87 20.72 -32.80
N LEU A 26 -19.09 21.00 -33.23
CA LEU A 26 -19.95 21.98 -32.53
C LEU A 26 -20.39 21.44 -31.20
N LEU A 27 -20.48 20.13 -31.10
CA LEU A 27 -20.89 19.51 -29.86
C LEU A 27 -19.72 19.43 -28.90
N GLN A 28 -18.59 18.95 -29.43
CA GLN A 28 -17.33 18.93 -28.71
C GLN A 28 -17.06 20.30 -28.06
N ILE A 29 -17.20 21.37 -28.86
CA ILE A 29 -17.08 22.74 -28.36
C ILE A 29 -18.10 23.09 -27.27
N TRP A 30 -19.36 22.66 -27.45
CA TRP A 30 -20.35 22.80 -26.37
C TRP A 30 -19.85 22.05 -25.14
N ARG A 31 -19.35 20.83 -25.34
CA ARG A 31 -18.95 19.97 -24.24
C ARG A 31 -17.77 20.53 -23.49
N GLU A 32 -16.71 20.83 -24.23
CA GLU A 32 -15.41 21.22 -23.68
C GLU A 32 -15.23 22.74 -23.41
N GLN A 33 -16.21 23.54 -23.84
CA GLN A 33 -16.17 25.02 -23.76
C GLN A 33 -14.90 25.63 -24.40
N GLY A 34 -14.38 24.96 -25.42
CA GLY A 34 -13.16 25.37 -26.06
C GLY A 34 -12.81 24.44 -27.19
N TYR A 35 -11.64 24.65 -27.77
CA TYR A 35 -11.15 23.88 -28.89
C TYR A 35 -9.64 24.05 -28.84
N GLU A 36 -9.07 23.85 -27.66
CA GLU A 36 -7.70 24.24 -27.42
C GLU A 36 -6.69 23.55 -28.33
N HIS A 37 -7.01 22.38 -28.83
CA HIS A 37 -6.04 21.59 -29.61
C HIS A 37 -6.19 21.83 -31.12
N LEU A 38 -7.02 22.81 -31.48
CA LEU A 38 -7.31 23.10 -32.90
C LEU A 38 -6.04 23.18 -33.76
N HIS A 39 -5.01 23.88 -33.30
CA HIS A 39 -3.77 23.97 -34.08
C HIS A 39 -3.15 22.59 -34.35
N LEU A 40 -3.19 21.71 -33.35
CA LEU A 40 -2.66 20.37 -33.51
C LEU A 40 -3.54 19.52 -34.44
N GLU A 41 -4.85 19.50 -34.21
CA GLU A 41 -5.79 18.83 -35.13
C GLU A 41 -5.61 19.26 -36.59
N MET A 42 -5.33 20.55 -36.83
CA MET A 42 -5.17 21.06 -38.20
C MET A 42 -3.84 20.62 -38.76
N HIS A 43 -2.87 20.51 -37.86
CA HIS A 43 -1.52 20.18 -38.21
C HIS A 43 -1.40 18.72 -38.60
N GLN A 44 -2.04 17.85 -37.81
CA GLN A 44 -2.08 16.42 -38.12
C GLN A 44 -2.71 16.23 -39.49
N THR A 45 -3.85 16.89 -39.69
CA THR A 45 -4.58 16.88 -40.95
C THR A 45 -3.73 17.28 -42.15
N PHE A 46 -2.92 18.33 -42.02
CA PHE A 46 -1.98 18.69 -43.10
C PHE A 46 -0.98 17.57 -43.34
N GLN A 47 -0.37 17.06 -42.26
CA GLN A 47 0.54 15.91 -42.36
C GLN A 47 -0.12 14.75 -43.13
N GLU A 48 -1.39 14.49 -42.79
CA GLU A 48 -2.14 13.36 -43.33
C GLU A 48 -2.43 13.52 -44.84
N LEU A 49 -2.99 14.66 -45.21
CA LEU A 49 -3.59 14.85 -46.52
C LEU A 49 -2.77 15.72 -47.47
N GLY A 50 -1.64 16.23 -47.01
CA GLY A 50 -0.81 17.12 -47.83
C GLY A 50 -1.07 18.59 -47.49
N PRO A 51 -0.41 19.53 -48.20
CA PRO A 51 -0.51 20.98 -47.94
C PRO A 51 -1.82 21.73 -48.34
N ILE A 52 -2.92 21.00 -48.55
CA ILE A 52 -4.20 21.61 -48.98
C ILE A 52 -5.40 20.66 -48.87
N PHE A 53 -6.49 21.19 -48.33
CA PHE A 53 -7.72 20.43 -48.19
C PHE A 53 -8.92 21.33 -47.87
N ARG A 54 -10.11 20.86 -48.24
CA ARG A 54 -11.36 21.51 -47.90
C ARG A 54 -11.98 20.87 -46.64
N TYR A 55 -12.73 21.67 -45.90
CA TYR A 55 -13.42 21.22 -44.71
C TYR A 55 -14.89 21.35 -44.97
N ASN A 56 -15.64 20.28 -44.72
CA ASN A 56 -17.05 20.23 -45.05
C ASN A 56 -17.88 21.11 -44.12
N LEU A 57 -18.22 22.28 -44.63
CA LEU A 57 -18.92 23.30 -43.86
C LEU A 57 -20.42 23.07 -43.96
N GLY A 58 -20.80 22.16 -44.86
CA GLY A 58 -22.20 21.80 -45.04
C GLY A 58 -22.86 22.67 -46.08
N GLY A 59 -22.11 22.97 -47.13
CA GLY A 59 -22.56 23.88 -48.17
C GLY A 59 -21.45 24.82 -48.59
N PRO A 60 -21.24 25.93 -47.83
CA PRO A 60 -20.23 26.93 -48.21
C PRO A 60 -18.83 26.33 -48.32
N ARG A 61 -17.95 26.99 -49.05
CA ARG A 61 -16.71 26.37 -49.48
C ARG A 61 -15.51 26.85 -48.67
N MET A 62 -14.88 25.93 -47.95
CA MET A 62 -13.71 26.25 -47.13
C MET A 62 -12.46 25.45 -47.50
N VAL A 63 -11.38 26.16 -47.80
CA VAL A 63 -10.09 25.54 -48.11
C VAL A 63 -9.01 26.02 -47.13
N CYS A 64 -8.24 25.09 -46.58
CA CYS A 64 -7.11 25.42 -45.71
C CYS A 64 -5.77 25.22 -46.44
N VAL A 65 -4.86 26.19 -46.32
CA VAL A 65 -3.55 26.09 -46.97
C VAL A 65 -2.40 26.39 -46.01
N MET A 66 -1.15 26.11 -46.43
CA MET A 66 -0.01 26.27 -45.55
C MET A 66 1.32 26.59 -46.23
N LEU A 67 1.29 26.94 -47.52
CA LEU A 67 2.51 27.28 -48.25
C LEU A 67 2.54 28.75 -48.69
N PRO A 68 3.68 29.43 -48.52
CA PRO A 68 3.78 30.82 -48.99
C PRO A 68 3.27 30.99 -50.43
N GLU A 69 3.54 30.00 -51.29
CA GLU A 69 2.99 29.91 -52.64
C GLU A 69 1.57 30.43 -52.70
N ASP A 70 0.77 29.94 -51.76
CA ASP A 70 -0.67 30.15 -51.74
C ASP A 70 -1.06 31.46 -51.07
N VAL A 71 -0.17 32.01 -50.25
CA VAL A 71 -0.39 33.32 -49.68
C VAL A 71 -0.13 34.35 -50.79
N GLU A 72 0.97 34.14 -51.51
CA GLU A 72 1.32 34.97 -52.66
C GLU A 72 0.17 35.10 -53.65
N LYS A 73 -0.45 33.98 -53.97
CA LYS A 73 -1.52 33.97 -54.97
C LYS A 73 -2.72 34.63 -54.37
N LEU A 74 -2.88 34.41 -53.08
CA LEU A 74 -3.96 34.99 -52.32
C LEU A 74 -3.83 36.50 -52.40
N GLN A 75 -2.62 37.00 -52.16
CA GLN A 75 -2.36 38.42 -52.27
C GLN A 75 -2.76 38.96 -53.67
N GLN A 76 -2.30 38.28 -54.73
CA GLN A 76 -2.59 38.68 -56.11
C GLN A 76 -4.07 38.89 -56.42
N VAL A 77 -4.94 38.31 -55.59
CA VAL A 77 -6.39 38.30 -55.83
C VAL A 77 -7.17 39.03 -54.72
N ASP A 78 -6.46 39.76 -53.86
CA ASP A 78 -7.05 40.76 -52.94
C ASP A 78 -7.71 41.81 -53.81
N SER A 79 -9.03 41.94 -53.72
CA SER A 79 -9.69 42.94 -54.56
C SER A 79 -9.15 44.31 -54.16
N LEU A 80 -9.88 45.35 -54.53
CA LEU A 80 -9.67 46.63 -53.90
C LEU A 80 -10.18 46.56 -52.44
N HIS A 81 -11.11 45.64 -52.18
CA HIS A 81 -11.75 45.49 -50.87
C HIS A 81 -11.64 44.05 -50.32
N PRO A 82 -10.43 43.64 -49.93
CA PRO A 82 -10.15 42.28 -49.47
C PRO A 82 -11.01 41.97 -48.28
N CYS A 83 -11.50 40.74 -48.21
CA CYS A 83 -12.47 40.34 -47.19
C CYS A 83 -12.04 39.25 -46.23
N ARG A 84 -12.17 39.54 -44.94
CA ARG A 84 -12.20 38.52 -43.94
C ARG A 84 -13.65 38.27 -43.61
N MET A 85 -13.98 37.04 -43.22
CA MET A 85 -15.34 36.69 -42.88
C MET A 85 -15.81 37.47 -41.64
N ILE A 86 -17.05 37.95 -41.68
CA ILE A 86 -17.61 38.69 -40.55
C ILE A 86 -17.54 37.82 -39.31
N LEU A 87 -17.14 38.43 -38.20
CA LEU A 87 -17.01 37.74 -36.94
C LEU A 87 -18.20 38.09 -36.06
N GLU A 88 -19.25 37.26 -36.15
CA GLU A 88 -20.57 37.54 -35.58
C GLU A 88 -20.61 37.93 -34.11
N PRO A 89 -19.85 37.25 -33.26
CA PRO A 89 -19.93 37.64 -31.84
C PRO A 89 -19.50 39.06 -31.56
N TRP A 90 -18.44 39.53 -32.21
CA TRP A 90 -17.93 40.87 -31.94
C TRP A 90 -18.78 41.99 -32.53
N VAL A 91 -19.14 41.84 -33.81
CA VAL A 91 -20.02 42.76 -34.52
C VAL A 91 -21.34 42.87 -33.78
N ALA A 92 -21.87 41.71 -33.38
CA ALA A 92 -23.11 41.65 -32.60
C ALA A 92 -23.06 42.57 -31.41
N TYR A 93 -21.95 42.54 -30.66
CA TYR A 93 -21.79 43.46 -29.54
C TYR A 93 -21.87 44.90 -30.02
N ARG A 94 -21.11 45.21 -31.06
CA ARG A 94 -21.03 46.57 -31.56
C ARG A 94 -22.43 47.05 -31.91
N GLN A 95 -23.21 46.23 -32.62
CA GLN A 95 -24.56 46.66 -32.99
C GLN A 95 -25.54 46.60 -31.81
N HIS A 96 -25.25 45.77 -30.81
CA HIS A 96 -26.07 45.79 -29.60
C HIS A 96 -25.88 47.02 -28.72
N ARG A 97 -24.84 47.81 -28.97
CA ARG A 97 -24.62 49.00 -28.15
C ARG A 97 -24.64 50.29 -28.95
N GLY A 98 -24.79 50.16 -30.27
CA GLY A 98 -24.92 51.29 -31.17
C GLY A 98 -23.57 51.82 -31.59
N HIS A 99 -22.56 50.99 -31.47
CA HIS A 99 -21.22 51.39 -31.85
C HIS A 99 -20.97 51.06 -33.30
N LYS A 100 -19.95 51.70 -33.86
CA LYS A 100 -19.49 51.45 -35.21
C LYS A 100 -18.43 50.39 -35.13
N CYS A 101 -18.11 49.77 -36.27
CA CYS A 101 -17.03 48.79 -36.29
C CYS A 101 -15.74 49.43 -36.75
N GLY A 102 -14.65 49.00 -36.15
CA GLY A 102 -13.35 49.44 -36.58
C GLY A 102 -12.91 48.57 -37.75
N VAL A 103 -11.74 48.92 -38.26
CA VAL A 103 -11.10 48.20 -39.32
C VAL A 103 -11.00 46.66 -39.12
N PHE A 104 -10.78 46.17 -37.89
CA PHE A 104 -10.61 44.73 -37.74
C PHE A 104 -11.88 44.00 -38.14
N LEU A 105 -13.01 44.69 -38.07
CA LEU A 105 -14.32 44.07 -38.27
C LEU A 105 -15.00 44.46 -39.56
N LEU A 106 -14.40 45.37 -40.31
CA LEU A 106 -15.06 45.88 -41.51
C LEU A 106 -14.67 45.13 -42.81
N ASN A 107 -15.61 45.09 -43.75
CA ASN A 107 -15.32 44.69 -45.10
C ASN A 107 -15.75 45.82 -46.03
N GLY A 108 -15.41 45.74 -47.30
CA GLY A 108 -15.89 46.68 -48.31
C GLY A 108 -15.37 48.12 -48.24
N PRO A 109 -16.16 49.08 -48.75
CA PRO A 109 -15.74 50.46 -48.81
C PRO A 109 -15.62 51.15 -47.47
N GLU A 110 -16.47 50.81 -46.49
CA GLU A 110 -16.30 51.36 -45.13
C GLU A 110 -14.87 51.07 -44.59
N TRP A 111 -14.43 49.81 -44.69
CA TRP A 111 -13.07 49.43 -44.36
C TRP A 111 -12.00 50.32 -45.01
N ARG A 112 -12.00 50.40 -46.34
CA ARG A 112 -10.95 51.14 -47.05
C ARG A 112 -10.91 52.60 -46.62
N PHE A 113 -12.08 53.23 -46.64
CA PHE A 113 -12.23 54.58 -46.12
C PHE A 113 -11.59 54.73 -44.74
N ASN A 114 -11.89 53.79 -43.84
CA ASN A 114 -11.27 53.82 -42.53
C ASN A 114 -9.77 53.57 -42.65
N ARG A 115 -9.37 52.43 -43.19
CA ARG A 115 -7.95 52.09 -43.21
C ARG A 115 -7.03 53.20 -43.73
N LEU A 116 -7.43 53.85 -44.83
CA LEU A 116 -6.57 54.83 -45.49
C LEU A 116 -6.35 56.09 -44.66
N ARG A 117 -7.26 56.33 -43.72
CA ARG A 117 -7.17 57.44 -42.78
C ARG A 117 -6.45 57.04 -41.48
N LEU A 118 -6.07 55.78 -41.40
CA LEU A 118 -5.41 55.21 -40.23
C LEU A 118 -3.93 54.87 -40.51
N ASN A 119 -3.60 54.43 -41.72
CA ASN A 119 -2.22 54.15 -42.08
C ASN A 119 -1.29 55.29 -41.65
N PRO A 120 -1.53 56.52 -42.18
CA PRO A 120 -0.55 57.58 -41.98
C PRO A 120 -0.17 57.75 -40.51
N ASP A 121 -1.17 57.71 -39.62
CA ASP A 121 -0.91 57.92 -38.20
C ASP A 121 -0.66 56.68 -37.34
N VAL A 122 -1.04 55.51 -37.82
CA VAL A 122 -0.73 54.28 -37.07
C VAL A 122 0.46 53.49 -37.63
N LEU A 123 0.56 53.41 -38.95
CA LEU A 123 1.47 52.45 -39.56
C LEU A 123 2.72 53.02 -40.22
N SER A 124 2.60 54.23 -40.79
CA SER A 124 3.65 54.83 -41.59
C SER A 124 4.97 54.97 -40.85
N PRO A 125 6.10 54.78 -41.57
CA PRO A 125 7.43 55.16 -41.10
C PRO A 125 7.51 56.54 -40.46
N LYS A 126 6.56 57.43 -40.75
CA LYS A 126 6.57 58.76 -40.15
C LYS A 126 5.92 58.72 -38.76
N ALA A 127 4.80 58.00 -38.69
CA ALA A 127 4.13 57.69 -37.45
C ALA A 127 5.13 57.05 -36.48
N VAL A 128 5.79 55.99 -36.93
CA VAL A 128 6.73 55.32 -36.10
C VAL A 128 7.73 56.32 -35.57
N GLN A 129 8.20 57.24 -36.40
CA GLN A 129 9.29 58.10 -35.95
C GLN A 129 8.92 58.95 -34.74
N ARG A 130 7.63 59.05 -34.46
CA ARG A 130 7.14 59.93 -33.42
C ARG A 130 6.85 59.18 -32.11
N PHE A 131 6.28 57.98 -32.24
CA PHE A 131 5.88 57.20 -31.07
C PHE A 131 6.96 56.24 -30.55
N LEU A 132 7.90 55.90 -31.42
CA LEU A 132 9.01 55.07 -31.00
C LEU A 132 9.84 55.62 -29.79
N PRO A 133 10.10 56.95 -29.72
CA PRO A 133 10.84 57.40 -28.52
C PRO A 133 10.04 57.28 -27.22
N MET A 134 8.71 57.39 -27.32
CA MET A 134 7.83 57.14 -26.16
C MET A 134 7.88 55.67 -25.74
N VAL A 135 7.66 54.77 -26.71
CA VAL A 135 7.80 53.33 -26.47
C VAL A 135 9.15 53.04 -25.84
N ASP A 136 10.21 53.67 -26.37
CA ASP A 136 11.55 53.40 -25.85
C ASP A 136 11.71 53.78 -24.37
N ALA A 137 11.16 54.93 -23.99
CA ALA A 137 11.17 55.39 -22.60
C ALA A 137 10.61 54.32 -21.66
N VAL A 138 9.45 53.76 -22.03
CA VAL A 138 8.79 52.72 -21.25
C VAL A 138 9.65 51.48 -21.15
N ALA A 139 10.17 51.01 -22.27
CA ALA A 139 11.05 49.86 -22.28
C ALA A 139 12.29 50.07 -21.42
N ARG A 140 12.80 51.30 -21.38
CA ARG A 140 13.95 51.66 -20.56
C ARG A 140 13.50 51.52 -19.11
N ASP A 141 12.32 52.07 -18.85
CA ASP A 141 11.68 52.00 -17.55
C ASP A 141 11.52 50.57 -17.06
N PHE A 142 11.06 49.66 -17.93
CA PHE A 142 10.94 48.26 -17.55
C PHE A 142 12.25 47.70 -16.99
N SER A 143 13.27 47.61 -17.83
CA SER A 143 14.62 47.24 -17.42
C SER A 143 15.19 47.98 -16.20
N GLN A 144 14.88 49.27 -16.07
CA GLN A 144 15.33 50.07 -14.92
C GLN A 144 14.72 49.54 -13.64
N ALA A 145 13.48 49.07 -13.74
CA ALA A 145 12.75 48.58 -12.60
C ALA A 145 13.19 47.18 -12.24
N LEU A 146 13.45 46.35 -13.24
CA LEU A 146 13.93 45.01 -13.00
C LEU A 146 15.32 45.07 -12.36
N LYS A 147 16.21 45.85 -12.94
CA LYS A 147 17.58 45.93 -12.41
C LYS A 147 17.60 46.32 -10.94
N LYS A 148 16.78 47.32 -10.57
CA LYS A 148 16.62 47.71 -9.17
C LYS A 148 16.24 46.51 -8.30
N LYS A 149 15.26 45.73 -8.73
CA LYS A 149 14.83 44.60 -7.92
C LYS A 149 15.87 43.51 -7.90
N VAL A 150 16.65 43.43 -8.98
CA VAL A 150 17.65 42.40 -9.15
C VAL A 150 18.85 42.62 -8.24
N LEU A 151 19.35 43.85 -8.18
CA LEU A 151 20.53 44.19 -7.39
C LEU A 151 20.30 44.20 -5.88
N GLN A 152 19.07 43.97 -5.46
CA GLN A 152 18.74 43.87 -4.05
C GLN A 152 19.04 42.47 -3.52
N ASN A 153 19.31 41.54 -4.44
CA ASN A 153 19.57 40.17 -4.07
C ASN A 153 21.05 39.82 -4.06
N ALA A 154 21.52 39.25 -2.95
CA ALA A 154 22.91 38.79 -2.84
C ALA A 154 23.44 38.17 -4.14
N ARG A 155 22.62 37.42 -4.84
CA ARG A 155 23.07 36.77 -6.07
C ARG A 155 22.92 37.62 -7.33
N GLY A 156 22.52 38.89 -7.18
CA GLY A 156 22.27 39.79 -8.29
C GLY A 156 21.38 39.23 -9.39
N SER A 157 20.43 38.38 -9.00
CA SER A 157 19.45 37.87 -9.94
C SER A 157 18.02 37.94 -9.38
N LEU A 158 17.02 37.76 -10.24
CA LEU A 158 15.66 37.65 -9.79
C LEU A 158 15.00 36.62 -10.70
N THR A 159 14.27 35.71 -10.08
CA THR A 159 13.62 34.61 -10.78
C THR A 159 12.15 34.73 -10.49
N LEU A 160 11.35 34.75 -11.56
CA LEU A 160 9.94 34.99 -11.47
C LEU A 160 9.26 34.51 -12.72
N ASP A 161 7.92 34.48 -12.63
CA ASP A 161 7.02 34.52 -13.76
C ASP A 161 7.07 35.98 -14.26
N VAL A 162 7.52 36.19 -15.50
CA VAL A 162 7.54 37.53 -16.10
C VAL A 162 6.27 37.89 -16.85
N GLN A 163 5.37 36.93 -17.02
CA GLN A 163 4.11 37.20 -17.71
C GLN A 163 3.36 38.43 -17.17
N PRO A 164 3.07 38.49 -15.84
CA PRO A 164 2.44 39.71 -15.34
C PRO A 164 3.14 41.03 -15.74
N SER A 165 4.40 41.21 -15.41
CA SER A 165 5.07 42.46 -15.82
C SER A 165 5.10 42.69 -17.33
N ILE A 166 5.25 41.63 -18.14
CA ILE A 166 5.22 41.79 -19.60
C ILE A 166 3.87 42.30 -20.05
N PHE A 167 2.79 41.66 -19.61
CA PHE A 167 1.48 42.16 -19.95
C PHE A 167 1.31 43.63 -19.53
N HIS A 168 1.80 44.02 -18.35
CA HIS A 168 1.64 45.41 -17.97
C HIS A 168 2.56 46.35 -18.76
N TYR A 169 3.69 45.80 -19.20
CA TYR A 169 4.56 46.52 -20.10
C TYR A 169 3.82 46.88 -21.38
N THR A 170 3.11 45.92 -21.95
CA THR A 170 2.45 46.17 -23.23
C THR A 170 1.31 47.12 -23.06
N ILE A 171 0.67 47.08 -21.89
CA ILE A 171 -0.42 48.02 -21.66
C ILE A 171 0.14 49.43 -21.56
N GLU A 172 1.26 49.60 -20.83
CA GLU A 172 1.87 50.94 -20.68
C GLU A 172 2.36 51.56 -21.95
N ALA A 173 3.14 50.80 -22.69
CA ALA A 173 3.76 51.24 -23.92
C ALA A 173 2.68 51.56 -24.93
N SER A 174 1.62 50.77 -24.94
CA SER A 174 0.51 50.95 -25.86
C SER A 174 -0.22 52.22 -25.50
N ASN A 175 -0.56 52.39 -24.21
CA ASN A 175 -1.40 53.49 -23.83
C ASN A 175 -0.63 54.75 -24.09
N LEU A 176 0.68 54.70 -23.88
CA LEU A 176 1.48 55.85 -24.14
C LEU A 176 1.34 56.13 -25.64
N ALA A 177 1.97 55.28 -26.47
CA ALA A 177 1.98 55.48 -27.92
C ALA A 177 0.61 55.93 -28.42
N LEU A 178 -0.43 55.19 -28.07
CA LEU A 178 -1.79 55.53 -28.47
C LEU A 178 -2.28 56.84 -27.90
N PHE A 179 -2.32 56.96 -26.58
CA PHE A 179 -3.03 58.06 -25.93
C PHE A 179 -2.15 59.08 -25.24
N GLY A 180 -0.83 59.02 -25.43
CA GLY A 180 0.06 60.00 -24.82
C GLY A 180 0.11 59.95 -23.29
N GLU A 181 -0.61 58.98 -22.70
CA GLU A 181 -0.74 58.85 -21.25
C GLU A 181 0.25 57.86 -20.63
N ARG A 182 0.70 58.20 -19.44
CA ARG A 182 1.54 57.31 -18.70
C ARG A 182 0.68 56.82 -17.53
N LEU A 183 0.31 55.53 -17.56
CA LEU A 183 -0.31 54.86 -16.42
C LEU A 183 0.86 54.29 -15.66
N GLY A 184 0.74 54.07 -14.36
CA GLY A 184 1.94 53.75 -13.57
C GLY A 184 2.19 52.26 -13.44
N LEU A 185 2.20 51.56 -14.59
CA LEU A 185 2.13 50.10 -14.58
C LEU A 185 3.43 49.37 -14.95
N VAL A 186 4.56 50.08 -14.89
CA VAL A 186 5.87 49.43 -14.99
C VAL A 186 6.68 49.74 -13.74
N GLY A 187 7.14 48.71 -13.03
CA GLY A 187 7.86 48.93 -11.79
C GLY A 187 6.95 49.42 -10.67
N HIS A 188 5.71 48.92 -10.69
CA HIS A 188 4.68 49.18 -9.70
C HIS A 188 3.68 48.08 -9.89
N SER A 189 2.81 47.88 -8.91
CA SER A 189 1.85 46.80 -9.02
C SER A 189 0.83 46.98 -10.16
N PRO A 190 0.24 45.86 -10.62
CA PRO A 190 -0.94 45.93 -11.48
C PRO A 190 -2.04 46.68 -10.73
N SER A 191 -2.79 47.51 -11.43
CA SER A 191 -3.92 48.17 -10.81
C SER A 191 -5.14 47.26 -10.94
N SER A 192 -6.19 47.55 -10.18
CA SER A 192 -7.39 46.73 -10.27
C SER A 192 -8.05 46.96 -11.63
N ALA A 193 -7.90 48.16 -12.20
CA ALA A 193 -8.40 48.36 -13.56
C ALA A 193 -7.58 47.57 -14.62
N SER A 194 -6.26 47.53 -14.47
CA SER A 194 -5.46 46.82 -15.46
C SER A 194 -5.75 45.33 -15.38
N LEU A 195 -5.90 44.81 -14.16
CA LEU A 195 -6.18 43.39 -13.95
C LEU A 195 -7.56 42.99 -14.44
N ASN A 196 -8.55 43.84 -14.19
CA ASN A 196 -9.89 43.59 -14.67
C ASN A 196 -9.98 43.53 -16.20
N PHE A 197 -9.01 44.15 -16.86
CA PHE A 197 -9.04 44.31 -18.29
C PHE A 197 -8.33 43.13 -18.96
N LEU A 198 -7.22 42.67 -18.36
CA LEU A 198 -6.56 41.45 -18.85
C LEU A 198 -7.52 40.29 -18.77
N HIS A 199 -8.31 40.30 -17.71
CA HIS A 199 -9.25 39.25 -17.40
C HIS A 199 -10.39 39.24 -18.40
N ALA A 200 -10.99 40.40 -18.66
CA ALA A 200 -12.07 40.52 -19.64
C ALA A 200 -11.65 40.09 -21.05
N LEU A 201 -10.41 40.41 -21.42
CA LEU A 201 -9.91 40.10 -22.73
C LEU A 201 -9.79 38.61 -22.83
N GLU A 202 -9.40 37.99 -21.73
CA GLU A 202 -9.22 36.54 -21.68
C GLU A 202 -10.58 35.90 -21.88
N VAL A 203 -11.51 36.23 -21.00
CA VAL A 203 -12.89 35.77 -21.14
C VAL A 203 -13.46 36.01 -22.56
N MET A 204 -13.21 37.20 -23.11
CA MET A 204 -13.77 37.59 -24.41
C MET A 204 -13.32 36.60 -25.45
N PHE A 205 -12.01 36.34 -25.49
CA PHE A 205 -11.41 35.38 -26.41
C PHE A 205 -11.96 34.00 -26.16
N LYS A 206 -11.83 33.48 -24.93
CA LYS A 206 -12.44 32.20 -24.57
C LYS A 206 -13.82 32.09 -25.19
N SER A 207 -14.74 32.94 -24.70
CA SER A 207 -16.12 32.95 -25.15
C SER A 207 -16.28 33.29 -26.61
N THR A 208 -15.26 33.89 -27.24
CA THR A 208 -15.30 34.05 -28.69
C THR A 208 -15.25 32.69 -29.37
N VAL A 209 -14.38 31.81 -28.88
CA VAL A 209 -14.26 30.46 -29.44
C VAL A 209 -15.57 29.69 -29.30
N GLN A 210 -16.27 29.88 -28.18
CA GLN A 210 -17.50 29.12 -27.91
C GLN A 210 -18.66 29.57 -28.78
N LEU A 211 -18.53 30.70 -29.48
CA LEU A 211 -19.68 31.23 -30.26
C LEU A 211 -19.42 31.26 -31.76
N MET A 212 -18.19 31.56 -32.10
CA MET A 212 -17.68 31.50 -33.45
C MET A 212 -18.24 30.38 -34.34
N PHE A 213 -18.29 29.16 -33.79
CA PHE A 213 -18.46 27.94 -34.59
C PHE A 213 -19.88 27.43 -34.79
N MET A 214 -20.86 28.13 -34.25
CA MET A 214 -22.23 27.83 -34.61
C MET A 214 -22.93 29.10 -35.05
N PRO A 215 -24.01 28.99 -35.84
CA PRO A 215 -24.66 30.24 -36.22
C PRO A 215 -25.36 30.84 -35.02
N ARG A 216 -25.62 32.15 -35.09
CA ARG A 216 -26.29 32.89 -34.02
C ARG A 216 -27.58 32.19 -33.54
N SER A 217 -28.38 31.68 -34.48
CA SER A 217 -29.67 31.08 -34.18
C SER A 217 -29.62 29.76 -33.39
N LEU A 218 -28.43 29.17 -33.23
CA LEU A 218 -28.30 28.03 -32.34
C LEU A 218 -27.77 28.45 -30.99
N SER A 219 -26.66 29.19 -31.01
CA SER A 219 -26.04 29.67 -29.80
C SER A 219 -27.03 30.42 -28.94
N ARG A 220 -28.05 30.99 -29.61
CA ARG A 220 -29.08 31.81 -28.98
C ARG A 220 -29.75 31.10 -27.78
N TRP A 221 -30.14 29.86 -28.02
CA TRP A 221 -30.89 29.08 -27.03
C TRP A 221 -30.05 27.91 -26.52
N ILE A 222 -28.99 27.57 -27.24
CA ILE A 222 -28.11 26.48 -26.80
C ILE A 222 -27.08 26.95 -25.81
N SER A 223 -26.63 28.20 -25.95
CA SER A 223 -25.69 28.81 -25.02
C SER A 223 -26.04 30.28 -24.74
N PRO A 224 -27.22 30.55 -24.17
CA PRO A 224 -27.51 31.93 -23.78
C PRO A 224 -26.50 32.50 -22.77
N LYS A 225 -26.05 31.73 -21.77
CA LYS A 225 -25.12 32.30 -20.77
C LYS A 225 -23.71 32.65 -21.27
N VAL A 226 -23.36 32.16 -22.45
CA VAL A 226 -22.07 32.45 -23.06
C VAL A 226 -22.15 33.79 -23.79
N TRP A 227 -23.31 34.10 -24.37
CA TRP A 227 -23.55 35.42 -24.95
C TRP A 227 -23.55 36.45 -23.85
N LYS A 228 -24.20 36.14 -22.74
CA LYS A 228 -24.31 37.05 -21.64
C LYS A 228 -22.90 37.30 -21.13
N GLU A 229 -22.12 36.24 -21.10
CA GLU A 229 -20.73 36.29 -20.64
C GLU A 229 -19.88 37.09 -21.64
N HIS A 230 -20.12 36.86 -22.93
CA HIS A 230 -19.30 37.42 -23.98
C HIS A 230 -19.42 38.91 -23.97
N PHE A 231 -20.67 39.37 -24.01
CA PHE A 231 -21.03 40.80 -23.93
C PHE A 231 -20.52 41.51 -22.68
N GLU A 232 -20.56 40.84 -21.52
CA GLU A 232 -20.08 41.45 -20.30
C GLU A 232 -18.58 41.75 -20.33
N ALA A 233 -17.83 40.89 -21.03
CA ALA A 233 -16.41 41.09 -21.17
C ALA A 233 -16.19 42.32 -22.01
N TRP A 234 -16.89 42.42 -23.14
CA TRP A 234 -16.77 43.57 -24.01
C TRP A 234 -17.22 44.87 -23.36
N ASP A 235 -18.20 44.75 -22.47
CA ASP A 235 -18.61 45.85 -21.63
C ASP A 235 -17.42 46.34 -20.82
N CYS A 236 -16.72 45.42 -20.20
CA CYS A 236 -15.58 45.75 -19.35
C CYS A 236 -14.42 46.34 -20.18
N ILE A 237 -14.16 45.68 -21.31
CA ILE A 237 -13.25 46.13 -22.36
C ILE A 237 -13.61 47.53 -22.83
N PHE A 238 -14.86 47.74 -23.23
CA PHE A 238 -15.28 49.04 -23.70
C PHE A 238 -15.16 50.10 -22.62
N GLN A 239 -15.57 49.78 -21.40
CA GLN A 239 -15.41 50.74 -20.33
C GLN A 239 -13.96 51.24 -20.27
N TYR A 240 -13.00 50.31 -20.26
CA TYR A 240 -11.58 50.70 -20.21
C TYR A 240 -11.18 51.65 -21.33
N GLY A 241 -11.41 51.22 -22.57
CA GLY A 241 -10.96 51.97 -23.74
C GLY A 241 -11.71 53.27 -23.87
N ASP A 242 -12.99 53.21 -23.52
CA ASP A 242 -13.83 54.39 -23.45
C ASP A 242 -13.38 55.37 -22.38
N ASN A 243 -12.58 54.92 -21.42
CA ASN A 243 -12.03 55.82 -20.46
C ASN A 243 -10.99 56.68 -21.14
N CYS A 244 -9.97 56.03 -21.69
CA CYS A 244 -8.95 56.71 -22.46
C CYS A 244 -9.49 57.77 -23.42
N ILE A 245 -10.55 57.46 -24.16
CA ILE A 245 -11.08 58.37 -25.16
C ILE A 245 -11.67 59.61 -24.53
N GLN A 246 -12.51 59.42 -23.51
CA GLN A 246 -13.07 60.55 -22.79
C GLN A 246 -11.97 61.49 -22.30
N LYS A 247 -10.93 60.92 -21.71
CA LYS A 247 -9.82 61.69 -21.17
C LYS A 247 -9.15 62.58 -22.22
N ILE A 248 -8.61 61.95 -23.26
CA ILE A 248 -8.02 62.66 -24.38
C ILE A 248 -9.04 63.55 -25.13
N TYR A 249 -10.30 63.13 -25.30
CA TYR A 249 -11.26 63.98 -26.01
C TYR A 249 -11.43 65.30 -25.31
N GLN A 250 -11.59 65.27 -23.99
CA GLN A 250 -11.72 66.48 -23.20
C GLN A 250 -10.43 67.32 -23.25
N GLU A 251 -9.31 66.71 -22.91
CA GLU A 251 -8.02 67.39 -23.03
C GLU A 251 -7.88 68.15 -24.37
N LEU A 252 -8.15 67.47 -25.48
CA LEU A 252 -8.04 68.10 -26.82
C LEU A 252 -9.08 69.18 -27.11
N ALA A 253 -10.25 69.11 -26.47
CA ALA A 253 -11.20 70.22 -26.66
C ALA A 253 -10.65 71.57 -26.17
N PHE A 254 -9.69 71.54 -25.23
CA PHE A 254 -9.22 72.74 -24.55
C PHE A 254 -7.89 73.34 -25.00
N ASN A 255 -6.93 72.49 -25.31
CA ASN A 255 -5.67 72.93 -25.92
C ASN A 255 -5.26 71.91 -27.00
N ARG A 256 -4.92 72.38 -28.20
CA ARG A 256 -4.52 71.50 -29.33
C ARG A 256 -3.01 71.57 -29.51
N PRO A 257 -2.27 70.64 -28.89
CA PRO A 257 -0.81 70.70 -28.74
C PRO A 257 0.02 70.87 -30.03
N GLN A 258 1.23 71.40 -29.88
CA GLN A 258 2.20 71.53 -30.97
C GLN A 258 3.05 70.27 -31.17
N HIS A 259 3.54 69.71 -30.08
CA HIS A 259 4.31 68.48 -30.14
C HIS A 259 3.43 67.19 -30.23
N TYR A 260 4.09 66.08 -30.48
CA TYR A 260 3.45 64.81 -30.66
C TYR A 260 2.98 64.27 -29.31
N THR A 261 1.70 63.93 -29.20
CA THR A 261 1.18 63.23 -28.03
C THR A 261 0.36 61.99 -28.39
N GLY A 262 0.97 61.08 -29.13
CA GLY A 262 0.36 59.80 -29.38
C GLY A 262 -0.38 59.69 -30.70
N ILE A 263 -0.83 58.48 -30.97
CA ILE A 263 -1.57 58.18 -32.17
C ILE A 263 -2.99 58.79 -32.23
N VAL A 264 -3.80 58.60 -31.20
CA VAL A 264 -5.20 59.08 -31.20
C VAL A 264 -5.34 60.61 -31.31
N ALA A 265 -4.36 61.33 -30.78
CA ALA A 265 -4.33 62.78 -30.96
C ALA A 265 -4.31 63.12 -32.46
N GLU A 266 -3.28 62.64 -33.18
CA GLU A 266 -3.18 62.86 -34.63
C GLU A 266 -4.52 62.57 -35.27
N LEU A 267 -5.16 61.48 -34.83
CA LEU A 267 -6.46 61.12 -35.38
C LEU A 267 -7.51 62.17 -35.12
N LEU A 268 -7.68 62.55 -33.86
CA LEU A 268 -8.69 63.53 -33.51
C LEU A 268 -8.42 64.88 -34.20
N LEU A 269 -7.18 65.34 -34.08
CA LEU A 269 -6.75 66.57 -34.70
C LEU A 269 -7.10 66.64 -36.20
N LYS A 270 -6.72 65.61 -36.99
CA LYS A 270 -7.08 65.58 -38.42
C LYS A 270 -8.61 65.58 -38.67
N ALA A 271 -9.37 64.88 -37.83
CA ALA A 271 -10.83 64.78 -37.96
C ALA A 271 -11.23 64.44 -39.39
N GLU A 272 -10.46 63.54 -39.99
CA GLU A 272 -10.80 62.96 -41.26
C GLU A 272 -11.88 61.93 -40.99
N LEU A 273 -11.79 61.27 -39.84
CA LEU A 273 -12.75 60.25 -39.46
C LEU A 273 -13.80 60.80 -38.48
N SER A 274 -15.03 60.31 -38.57
CA SER A 274 -16.06 60.75 -37.67
C SER A 274 -15.66 60.34 -36.27
N LEU A 275 -16.23 60.99 -35.25
CA LEU A 275 -15.89 60.69 -33.86
C LEU A 275 -16.19 59.24 -33.49
N GLU A 276 -17.31 58.72 -34.00
CA GLU A 276 -17.69 57.32 -33.78
C GLU A 276 -16.66 56.37 -34.40
N ALA A 277 -16.11 56.78 -35.55
CA ALA A 277 -15.15 55.99 -36.26
C ALA A 277 -13.81 55.97 -35.51
N ILE A 278 -13.35 57.16 -35.11
CA ILE A 278 -12.20 57.29 -34.25
C ILE A 278 -12.40 56.47 -32.98
N LYS A 279 -13.61 56.46 -32.43
CA LYS A 279 -13.86 55.70 -31.22
C LYS A 279 -13.68 54.21 -31.43
N ALA A 280 -14.39 53.66 -32.43
CA ALA A 280 -14.34 52.24 -32.78
C ALA A 280 -12.92 51.73 -33.05
N ASN A 281 -12.16 52.49 -33.83
CA ASN A 281 -10.78 52.15 -34.11
C ASN A 281 -9.87 52.35 -32.89
N SER A 282 -10.19 53.35 -32.08
CA SER A 282 -9.39 53.60 -30.89
C SER A 282 -9.55 52.42 -29.95
N MET A 283 -10.76 51.86 -29.92
CA MET A 283 -11.03 50.69 -29.11
C MET A 283 -10.28 49.46 -29.57
N GLU A 284 -10.28 49.21 -30.88
CA GLU A 284 -9.64 48.04 -31.44
C GLU A 284 -8.15 48.00 -31.16
N LEU A 285 -7.50 49.14 -31.35
CA LEU A 285 -6.10 49.29 -31.00
C LEU A 285 -5.87 49.11 -29.50
N THR A 286 -6.82 49.52 -28.66
CA THR A 286 -6.59 49.41 -27.23
C THR A 286 -6.83 48.00 -26.76
N ALA A 287 -7.79 47.32 -27.35
CA ALA A 287 -7.97 45.91 -27.07
C ALA A 287 -6.86 45.10 -27.74
N GLY A 288 -6.58 45.38 -29.01
CA GLY A 288 -5.66 44.57 -29.78
C GLY A 288 -4.18 44.71 -29.44
N SER A 289 -3.80 45.68 -28.64
CA SER A 289 -2.37 45.96 -28.47
C SER A 289 -1.72 45.28 -27.28
N VAL A 290 -2.47 44.38 -26.66
CA VAL A 290 -2.02 43.77 -25.42
C VAL A 290 -1.51 42.33 -25.57
N ASP A 291 -2.41 41.36 -25.74
CA ASP A 291 -2.06 39.94 -25.73
C ASP A 291 -1.06 39.53 -26.78
N THR A 292 -1.27 40.06 -27.97
CA THR A 292 -0.63 39.66 -29.19
C THR A 292 0.83 40.13 -29.20
N THR A 293 1.07 41.31 -28.62
CA THR A 293 2.43 41.77 -28.37
C THR A 293 3.06 40.96 -27.24
N ALA A 294 2.29 40.73 -26.18
CA ALA A 294 2.85 40.27 -24.92
C ALA A 294 3.32 38.82 -25.02
N PHE A 295 2.57 38.03 -25.77
CA PHE A 295 2.81 36.58 -25.84
C PHE A 295 4.04 36.19 -26.65
N PRO A 296 4.25 36.82 -27.82
CA PRO A 296 5.48 36.60 -28.55
C PRO A 296 6.73 37.09 -27.80
N LEU A 297 6.61 38.17 -27.04
CA LEU A 297 7.70 38.60 -26.17
C LEU A 297 8.08 37.53 -25.19
N LEU A 298 7.09 36.90 -24.56
CA LEU A 298 7.32 35.80 -23.59
C LEU A 298 7.99 34.63 -24.25
N MET A 299 7.44 34.23 -25.37
CA MET A 299 7.94 33.08 -26.09
C MET A 299 9.38 33.29 -26.55
N THR A 300 9.69 34.57 -26.89
CA THR A 300 11.04 35.02 -27.21
C THR A 300 11.98 34.93 -26.00
N LEU A 301 11.59 35.59 -24.89
CA LEU A 301 12.36 35.44 -23.65
C LEU A 301 12.62 33.98 -23.33
N PHE A 302 11.58 33.14 -23.40
CA PHE A 302 11.74 31.71 -23.19
C PHE A 302 12.71 31.05 -24.19
N GLU A 303 12.66 31.43 -25.46
CA GLU A 303 13.58 30.83 -26.42
C GLU A 303 15.04 31.28 -26.20
N LEU A 304 15.23 32.54 -25.84
CA LEU A 304 16.60 33.00 -25.58
C LEU A 304 17.16 32.30 -24.35
N ALA A 305 16.28 31.83 -23.47
CA ALA A 305 16.71 31.09 -22.29
C ALA A 305 17.24 29.69 -22.61
N ARG A 306 16.51 28.96 -23.43
CA ARG A 306 16.92 27.63 -23.88
C ARG A 306 18.05 27.73 -24.86
N ASN A 307 18.18 28.90 -25.50
CA ASN A 307 19.28 29.11 -26.44
C ASN A 307 20.24 30.23 -26.04
N PRO A 308 21.11 29.95 -25.03
CA PRO A 308 22.16 30.85 -24.56
C PRO A 308 23.08 31.35 -25.67
N ASP A 309 23.44 30.48 -26.61
CA ASP A 309 24.38 30.81 -27.68
C ASP A 309 23.81 31.86 -28.57
N VAL A 310 22.52 31.68 -28.88
CA VAL A 310 21.81 32.62 -29.74
C VAL A 310 21.57 33.89 -28.94
N GLN A 311 21.22 33.72 -27.66
CA GLN A 311 20.91 34.85 -26.81
C GLN A 311 22.14 35.71 -26.74
N GLN A 312 23.30 35.06 -26.62
CA GLN A 312 24.59 35.73 -26.52
C GLN A 312 24.93 36.47 -27.80
N ILE A 313 24.68 35.88 -28.97
CA ILE A 313 24.88 36.61 -30.22
C ILE A 313 23.99 37.88 -30.26
N LEU A 314 22.72 37.74 -29.90
CA LEU A 314 21.88 38.92 -29.84
C LEU A 314 22.40 39.94 -28.82
N ARG A 315 22.88 39.48 -27.67
CA ARG A 315 23.42 40.41 -26.69
C ARG A 315 24.54 41.27 -27.23
N GLN A 316 25.34 40.70 -28.12
CA GLN A 316 26.46 41.44 -28.71
C GLN A 316 25.95 42.54 -29.63
N GLU A 317 24.92 42.22 -30.40
CA GLU A 317 24.42 43.12 -31.40
C GLU A 317 23.85 44.31 -30.71
N SER A 318 23.19 44.05 -29.58
CA SER A 318 22.57 45.09 -28.81
C SER A 318 23.63 45.91 -28.12
N LEU A 319 24.59 45.26 -27.48
CA LEU A 319 25.67 46.02 -26.81
C LEU A 319 26.43 46.89 -27.81
N ALA A 320 26.82 46.28 -28.91
CA ALA A 320 27.52 46.96 -30.00
C ALA A 320 26.83 48.25 -30.48
N ALA A 321 25.50 48.21 -30.58
CA ALA A 321 24.72 49.35 -31.09
C ALA A 321 24.04 50.19 -30.00
N ALA A 322 24.38 49.91 -28.74
CA ALA A 322 23.73 50.55 -27.59
C ALA A 322 23.84 52.07 -27.59
N ALA A 323 25.07 52.56 -27.75
CA ALA A 323 25.33 54.01 -27.69
C ALA A 323 24.54 54.77 -28.75
N SER A 324 24.50 54.25 -29.97
CA SER A 324 23.80 54.93 -31.06
C SER A 324 22.27 54.94 -30.90
N ILE A 325 21.72 53.89 -30.30
CA ILE A 325 20.28 53.82 -30.03
C ILE A 325 19.84 54.74 -28.89
N SER A 326 20.70 54.95 -27.89
CA SER A 326 20.31 55.84 -26.79
C SER A 326 20.32 57.30 -27.21
N GLU A 327 21.14 57.64 -28.21
CA GLU A 327 21.07 58.93 -28.85
C GLU A 327 19.93 59.03 -29.87
N HIS A 328 19.63 57.90 -30.53
CA HIS A 328 18.51 57.82 -31.47
C HIS A 328 17.78 56.49 -31.40
N PRO A 329 16.62 56.47 -30.71
CA PRO A 329 15.92 55.20 -30.62
C PRO A 329 15.44 54.65 -31.97
N GLN A 330 15.09 55.52 -32.92
CA GLN A 330 14.59 55.08 -34.24
C GLN A 330 15.60 54.22 -35.00
N LYS A 331 16.83 54.22 -34.53
CA LYS A 331 17.86 53.40 -35.12
C LYS A 331 17.67 51.92 -34.74
N ALA A 332 17.10 51.70 -33.56
CA ALA A 332 16.85 50.35 -33.05
C ALA A 332 16.20 49.44 -34.09
N THR A 333 15.29 49.98 -34.89
CA THR A 333 14.69 49.23 -36.02
C THR A 333 15.69 48.82 -37.11
N THR A 334 16.69 49.66 -37.38
CA THR A 334 17.64 49.44 -38.47
C THR A 334 18.90 48.69 -38.02
N GLU A 335 19.35 48.94 -36.77
CA GLU A 335 20.61 48.40 -36.26
C GLU A 335 20.49 47.08 -35.45
N LEU A 336 19.32 46.50 -35.41
CA LEU A 336 19.14 45.26 -34.66
C LEU A 336 18.52 44.19 -35.54
N PRO A 337 19.08 44.00 -36.75
CA PRO A 337 18.35 43.17 -37.69
C PRO A 337 18.35 41.71 -37.27
N LEU A 338 19.36 41.33 -36.48
CA LEU A 338 19.43 40.00 -35.91
C LEU A 338 18.31 39.80 -34.89
N LEU A 339 18.06 40.81 -34.04
CA LEU A 339 16.95 40.80 -33.10
C LEU A 339 15.62 40.79 -33.82
N ARG A 340 15.53 41.55 -34.90
CA ARG A 340 14.35 41.49 -35.72
C ARG A 340 14.15 40.07 -36.26
N ALA A 341 15.23 39.38 -36.56
CA ALA A 341 15.10 38.03 -37.07
C ALA A 341 14.62 37.06 -36.02
N ALA A 342 14.98 37.31 -34.75
CA ALA A 342 14.54 36.44 -33.66
C ALA A 342 13.03 36.55 -33.52
N LEU A 343 12.53 37.76 -33.70
CA LEU A 343 11.09 37.99 -33.63
C LEU A 343 10.44 37.18 -34.72
N LYS A 344 11.00 37.29 -35.93
CA LYS A 344 10.48 36.51 -37.05
C LYS A 344 10.53 35.05 -36.67
N GLU A 345 11.55 34.64 -35.94
CA GLU A 345 11.70 33.25 -35.55
C GLU A 345 10.66 32.84 -34.50
N THR A 346 10.50 33.66 -33.47
CA THR A 346 9.45 33.45 -32.48
C THR A 346 8.09 33.30 -33.17
N LEU A 347 7.73 34.29 -33.98
CA LEU A 347 6.43 34.27 -34.66
C LEU A 347 6.20 33.09 -35.61
N ARG A 348 7.28 32.57 -36.21
CA ARG A 348 7.26 31.29 -36.95
C ARG A 348 6.94 30.08 -36.08
N LEU A 349 7.53 30.03 -34.89
CA LEU A 349 7.29 28.89 -34.03
C LEU A 349 6.01 29.05 -33.24
N TYR A 350 5.67 30.28 -32.89
CA TYR A 350 4.47 30.56 -32.07
C TYR A 350 3.59 31.67 -32.63
N PRO A 351 2.86 31.41 -33.71
CA PRO A 351 2.04 32.46 -34.31
C PRO A 351 0.91 32.86 -33.39
N VAL A 352 0.83 34.11 -32.97
CA VAL A 352 -0.29 34.51 -32.11
C VAL A 352 -1.60 34.44 -32.84
N GLY A 353 -1.62 34.94 -34.07
CA GLY A 353 -2.79 34.80 -34.89
C GLY A 353 -2.57 33.55 -35.71
N LEU A 354 -3.23 32.46 -35.33
CA LEU A 354 -3.09 31.17 -36.00
C LEU A 354 -3.24 31.19 -37.50
N PHE A 355 -4.17 31.99 -38.00
CA PHE A 355 -4.54 31.86 -39.41
C PHE A 355 -4.85 33.20 -40.10
N LEU A 356 -4.66 33.21 -41.41
CA LEU A 356 -5.12 34.32 -42.20
C LEU A 356 -6.36 33.84 -42.91
N GLU A 357 -7.27 34.76 -43.21
CA GLU A 357 -8.49 34.44 -43.91
C GLU A 357 -8.65 35.39 -45.06
N ARG A 358 -9.03 34.82 -46.20
CA ARG A 358 -9.73 35.59 -47.21
C ARG A 358 -11.00 34.87 -47.65
N VAL A 359 -12.08 35.62 -47.79
CA VAL A 359 -13.26 35.18 -48.53
C VAL A 359 -13.04 35.71 -49.94
N VAL A 360 -12.44 34.85 -50.76
CA VAL A 360 -12.03 35.18 -52.12
C VAL A 360 -13.15 35.78 -52.99
N SER A 361 -12.84 36.87 -53.68
CA SER A 361 -13.82 37.50 -54.55
C SER A 361 -13.56 37.22 -56.03
N SER A 362 -12.50 36.48 -56.33
CA SER A 362 -12.31 35.95 -57.68
C SER A 362 -12.00 34.46 -57.70
N ASP A 363 -12.08 33.86 -58.88
CA ASP A 363 -11.65 32.48 -59.03
C ASP A 363 -10.15 32.48 -59.07
N LEU A 364 -9.56 31.35 -58.66
CA LEU A 364 -8.12 31.19 -58.65
C LEU A 364 -7.73 29.72 -58.45
N VAL A 365 -6.43 29.50 -58.43
CA VAL A 365 -5.82 28.19 -58.50
C VAL A 365 -4.80 28.00 -57.36
N LEU A 366 -5.15 27.16 -56.41
CA LEU A 366 -4.25 26.80 -55.33
C LEU A 366 -3.86 25.33 -55.42
N GLN A 367 -2.55 25.09 -55.51
CA GLN A 367 -1.97 23.76 -55.64
C GLN A 367 -2.61 22.99 -56.79
N ASN A 368 -2.88 23.71 -57.87
CA ASN A 368 -3.53 23.14 -59.04
C ASN A 368 -4.99 22.68 -58.85
N TYR A 369 -5.69 23.27 -57.90
CA TYR A 369 -7.13 23.06 -57.80
C TYR A 369 -7.88 24.31 -58.21
N HIS A 370 -9.14 24.15 -58.57
CA HIS A 370 -9.96 25.31 -58.87
C HIS A 370 -10.61 25.76 -57.59
N ILE A 371 -10.40 27.04 -57.27
CA ILE A 371 -11.00 27.67 -56.10
C ILE A 371 -12.07 28.67 -56.55
N PRO A 372 -13.34 28.28 -56.52
CA PRO A 372 -14.39 29.22 -56.96
C PRO A 372 -14.44 30.49 -56.11
N ALA A 373 -14.66 31.63 -56.74
CA ALA A 373 -14.95 32.90 -56.09
C ALA A 373 -16.05 32.71 -55.05
N GLY A 374 -15.88 33.35 -53.89
CA GLY A 374 -16.80 33.17 -52.78
C GLY A 374 -16.28 32.23 -51.72
N THR A 375 -15.14 31.57 -51.99
CA THR A 375 -14.58 30.54 -51.10
C THR A 375 -13.83 31.18 -49.94
N LEU A 376 -14.01 30.63 -48.74
CA LEU A 376 -13.20 31.06 -47.60
C LEU A 376 -11.88 30.29 -47.54
N VAL A 377 -10.78 31.01 -47.70
CA VAL A 377 -9.48 30.39 -47.71
C VAL A 377 -8.65 30.80 -46.50
N GLN A 378 -8.32 29.80 -45.69
CA GLN A 378 -7.56 29.99 -44.47
C GLN A 378 -6.13 29.48 -44.55
N VAL A 379 -5.17 30.36 -44.30
CA VAL A 379 -3.76 29.97 -44.14
C VAL A 379 -3.43 29.60 -42.69
N PHE A 380 -3.08 28.35 -42.46
CA PHE A 380 -2.69 27.87 -41.14
C PHE A 380 -1.19 28.08 -40.94
N LEU A 381 -0.84 29.10 -40.16
CA LEU A 381 0.52 29.64 -40.06
C LEU A 381 1.43 28.80 -39.21
N TYR A 382 0.82 28.01 -38.34
CA TYR A 382 1.51 27.09 -37.48
C TYR A 382 2.15 26.01 -38.36
N SER A 383 1.36 25.51 -39.30
CA SER A 383 1.86 24.50 -40.21
C SER A 383 2.85 25.12 -41.18
N LEU A 384 2.48 26.23 -41.79
CA LEU A 384 3.41 26.98 -42.62
C LEU A 384 4.76 27.13 -41.90
N GLY A 385 4.70 27.43 -40.60
CA GLY A 385 5.88 27.70 -39.81
C GLY A 385 6.72 26.46 -39.60
N ARG A 386 6.09 25.30 -39.69
CA ARG A 386 6.76 24.05 -39.34
C ARG A 386 7.09 23.11 -40.52
N ASN A 387 7.10 23.63 -41.75
CA ASN A 387 7.41 22.84 -42.95
C ASN A 387 8.92 22.75 -43.21
N ALA A 388 9.46 21.56 -42.96
CA ALA A 388 10.90 21.34 -42.99
C ALA A 388 11.54 21.61 -44.35
N ALA A 389 10.76 21.50 -45.43
CA ALA A 389 11.27 21.81 -46.79
C ALA A 389 11.56 23.29 -47.03
N LEU A 390 10.70 24.17 -46.53
CA LEU A 390 10.88 25.62 -46.69
C LEU A 390 11.67 26.18 -45.50
N PHE A 391 11.62 25.45 -44.40
CA PHE A 391 12.41 25.81 -43.22
C PHE A 391 13.26 24.63 -42.74
N PRO A 392 14.43 24.40 -43.38
CA PRO A 392 15.37 23.35 -42.95
C PRO A 392 15.67 23.38 -41.43
N ARG A 393 15.44 22.25 -40.77
CA ARG A 393 15.57 22.12 -39.29
C ARG A 393 14.52 22.98 -38.56
N PRO A 394 13.24 22.67 -38.75
CA PRO A 394 12.12 23.50 -38.31
C PRO A 394 12.05 23.76 -36.82
N GLU A 395 12.34 22.76 -36.00
CA GLU A 395 12.19 22.92 -34.56
C GLU A 395 13.38 23.67 -33.95
N ARG A 396 14.32 24.11 -34.78
CA ARG A 396 15.49 24.86 -34.31
C ARG A 396 15.27 26.37 -34.36
N TYR A 397 15.46 27.00 -33.20
CA TYR A 397 15.29 28.43 -33.03
C TYR A 397 16.50 29.16 -33.59
N ASN A 398 16.48 29.44 -34.88
CA ASN A 398 17.62 30.01 -35.56
C ASN A 398 17.34 31.34 -36.25
N PRO A 399 17.56 32.45 -35.53
CA PRO A 399 17.35 33.76 -36.12
C PRO A 399 18.08 33.96 -37.45
N GLN A 400 19.30 33.44 -37.57
CA GLN A 400 20.16 33.74 -38.75
C GLN A 400 19.55 33.25 -40.05
N ARG A 401 18.63 32.30 -39.95
CA ARG A 401 17.93 31.78 -41.12
C ARG A 401 17.21 32.86 -41.91
N TRP A 402 16.97 34.01 -41.28
CA TRP A 402 16.25 35.11 -41.93
C TRP A 402 17.20 36.07 -42.64
N LEU A 403 18.44 36.17 -42.16
CA LEU A 403 19.42 37.02 -42.81
C LEU A 403 19.99 36.35 -44.07
N ASP A 404 19.94 35.01 -44.09
CA ASP A 404 20.20 34.24 -45.31
C ASP A 404 19.10 34.48 -46.35
N ASN A 411 10.23 34.18 -50.09
CA ASN A 411 9.85 35.59 -50.09
C ASN A 411 8.57 35.89 -49.30
N PHE A 412 7.61 34.97 -49.33
CA PHE A 412 6.36 35.15 -48.59
C PHE A 412 6.38 34.35 -47.27
N HIS A 413 7.59 34.13 -46.77
CA HIS A 413 7.84 33.19 -45.70
C HIS A 413 7.48 33.75 -44.34
N HIS A 414 7.55 35.07 -44.22
CA HIS A 414 7.21 35.75 -42.99
C HIS A 414 5.91 36.53 -43.19
N VAL A 415 4.78 35.93 -42.87
CA VAL A 415 3.51 36.65 -42.99
C VAL A 415 2.63 36.62 -41.74
N PRO A 416 3.22 36.70 -40.53
CA PRO A 416 2.38 36.52 -39.35
C PRO A 416 1.47 37.72 -39.07
N PHE A 417 1.71 38.85 -39.74
CA PHE A 417 0.86 40.01 -39.67
C PHE A 417 -0.15 40.13 -40.82
N GLY A 418 -0.34 39.03 -41.56
CA GLY A 418 -1.22 39.02 -42.71
C GLY A 418 -0.43 39.52 -43.88
N PHE A 419 -1.12 40.02 -44.89
CA PHE A 419 -0.51 40.48 -46.14
C PHE A 419 -1.39 41.50 -46.83
N GLY A 420 -0.83 42.23 -47.78
CA GLY A 420 -1.60 43.19 -48.56
C GLY A 420 -2.05 44.39 -47.77
N MET A 421 -3.12 45.02 -48.25
CA MET A 421 -3.64 46.30 -47.74
C MET A 421 -4.28 46.14 -46.36
N ARG A 422 -4.50 44.87 -46.01
CA ARG A 422 -5.14 44.49 -44.78
C ARG A 422 -4.11 44.18 -43.70
N GLN A 423 -2.83 44.04 -44.04
CA GLN A 423 -1.89 43.56 -43.03
C GLN A 423 -1.88 44.38 -41.73
N CYS A 424 -1.48 43.73 -40.64
CA CYS A 424 -1.78 44.23 -39.29
C CYS A 424 -1.51 45.70 -39.19
N LEU A 425 -2.58 46.45 -38.97
CA LEU A 425 -2.47 47.89 -38.77
C LEU A 425 -1.51 48.27 -37.61
N GLY A 426 -1.45 47.45 -36.57
CA GLY A 426 -0.56 47.69 -35.45
C GLY A 426 0.85 47.10 -35.54
N ARG A 427 1.19 46.56 -36.70
CA ARG A 427 2.44 45.86 -36.95
C ARG A 427 3.66 46.60 -36.38
N ARG A 428 3.79 47.88 -36.72
CA ARG A 428 5.01 48.58 -36.38
C ARG A 428 5.04 48.98 -34.95
N LEU A 429 3.87 49.35 -34.42
CA LEU A 429 3.75 49.60 -33.03
C LEU A 429 4.19 48.34 -32.28
N ALA A 430 3.74 47.19 -32.77
CA ALA A 430 4.00 45.93 -32.12
C ALA A 430 5.48 45.58 -32.15
N GLU A 431 6.08 45.66 -33.33
CA GLU A 431 7.52 45.42 -33.48
C GLU A 431 8.31 46.41 -32.64
N ALA A 432 7.95 47.69 -32.71
CA ALA A 432 8.62 48.69 -31.85
C ALA A 432 8.60 48.29 -30.37
N GLU A 433 7.45 47.80 -29.90
CA GLU A 433 7.30 47.43 -28.48
C GLU A 433 8.15 46.22 -28.12
N MET A 434 8.25 45.28 -29.05
CA MET A 434 8.87 43.99 -28.79
C MET A 434 10.38 44.10 -28.83
N LEU A 435 10.83 44.87 -29.82
CA LEU A 435 12.23 45.06 -30.14
C LEU A 435 12.87 45.80 -29.02
N LEU A 436 12.27 46.92 -28.66
CA LEU A 436 12.82 47.79 -27.62
C LEU A 436 12.79 47.18 -26.21
N LEU A 437 11.86 46.31 -25.92
CA LEU A 437 11.89 45.70 -24.62
C LEU A 437 13.09 44.76 -24.55
N LEU A 438 13.28 43.99 -25.62
CA LEU A 438 14.30 42.95 -25.60
C LEU A 438 15.66 43.59 -25.67
N HIS A 439 15.79 44.66 -26.45
CA HIS A 439 17.03 45.36 -26.53
C HIS A 439 17.57 45.72 -25.15
N HIS A 440 16.74 46.39 -24.35
CA HIS A 440 17.14 46.86 -23.04
C HIS A 440 17.29 45.79 -22.00
N VAL A 441 16.47 44.74 -22.06
CA VAL A 441 16.70 43.57 -21.22
C VAL A 441 18.09 42.98 -21.52
N LEU A 442 18.37 42.75 -22.80
CA LEU A 442 19.57 42.06 -23.26
C LEU A 442 20.89 42.74 -22.93
N LYS A 443 20.91 44.08 -22.86
CA LYS A 443 22.14 44.74 -22.45
C LYS A 443 22.37 44.76 -20.94
N HIS A 444 21.46 44.20 -20.15
CA HIS A 444 21.67 44.23 -18.69
C HIS A 444 21.57 42.91 -17.99
N PHE A 445 21.01 41.91 -18.67
CA PHE A 445 20.66 40.66 -18.02
C PHE A 445 20.99 39.45 -18.87
N LEU A 446 21.48 38.41 -18.22
CA LEU A 446 21.42 37.08 -18.80
C LEU A 446 20.04 36.52 -18.44
N VAL A 447 19.49 35.68 -19.29
CA VAL A 447 18.18 35.12 -19.00
C VAL A 447 18.28 33.61 -18.99
N GLU A 448 17.75 32.98 -17.95
CA GLU A 448 17.98 31.53 -17.74
C GLU A 448 16.77 30.76 -17.21
N THR A 449 16.80 29.43 -17.36
CA THR A 449 15.68 28.56 -16.96
C THR A 449 16.12 27.13 -16.95
N LEU A 450 15.65 26.40 -15.95
CA LEU A 450 15.73 24.95 -15.95
C LEU A 450 14.69 24.35 -16.87
N THR A 451 13.47 24.88 -16.83
CA THR A 451 12.39 24.48 -17.69
C THR A 451 12.74 24.46 -19.18
N GLN A 452 13.29 23.36 -19.66
CA GLN A 452 13.77 23.23 -21.05
C GLN A 452 12.81 22.51 -22.00
N GLU A 453 11.72 21.93 -21.49
CA GLU A 453 10.77 21.25 -22.36
C GLU A 453 9.85 22.24 -23.08
N ASP A 454 9.48 21.90 -24.32
CA ASP A 454 8.62 22.74 -25.16
C ASP A 454 7.42 23.27 -24.40
N ILE A 455 6.96 24.48 -24.74
CA ILE A 455 5.74 24.97 -24.09
C ILE A 455 4.55 24.62 -24.96
N LYS A 456 3.59 23.92 -24.35
CA LYS A 456 2.35 23.55 -25.01
C LYS A 456 1.53 24.79 -25.30
N MET A 457 1.13 24.94 -26.55
CA MET A 457 0.25 26.03 -26.95
C MET A 457 -1.25 25.67 -26.82
N VAL A 458 -2.05 26.69 -26.62
CA VAL A 458 -3.47 26.53 -26.47
C VAL A 458 -4.14 27.46 -27.46
N TYR A 459 -5.16 26.96 -28.16
CA TYR A 459 -5.96 27.83 -29.00
C TYR A 459 -7.02 28.47 -28.16
N SER A 460 -7.03 29.80 -28.13
CA SER A 460 -8.13 30.53 -27.51
C SER A 460 -8.43 31.74 -28.37
N PHE A 461 -8.72 31.46 -29.64
CA PHE A 461 -8.90 32.47 -30.68
C PHE A 461 -7.55 33.06 -31.11
N ILE A 462 -6.71 33.42 -30.14
CA ILE A 462 -5.30 33.60 -30.44
C ILE A 462 -4.59 32.32 -30.04
N LEU A 463 -3.37 32.12 -30.52
CA LEU A 463 -2.59 30.96 -30.11
C LEU A 463 -1.67 31.41 -29.01
N ARG A 464 -1.69 30.73 -27.86
CA ARG A 464 -0.89 31.16 -26.70
C ARG A 464 -0.26 30.04 -25.85
N PRO A 465 0.84 30.34 -25.12
CA PRO A 465 1.41 29.39 -24.14
C PRO A 465 0.39 29.01 -23.09
N GLY A 466 0.31 27.75 -22.72
CA GLY A 466 -0.61 27.34 -21.67
C GLY A 466 0.06 27.32 -20.30
N THR A 467 1.23 27.92 -20.22
CA THR A 467 2.12 27.70 -19.13
C THR A 467 3.13 28.81 -19.18
N SER A 468 3.54 29.32 -18.02
CA SER A 468 4.57 30.35 -18.00
C SER A 468 5.87 29.93 -17.32
N PRO A 469 6.96 29.89 -18.09
CA PRO A 469 8.22 29.35 -17.56
C PRO A 469 8.79 30.25 -16.47
N LEU A 470 9.42 29.67 -15.47
CA LEU A 470 10.08 30.44 -14.45
C LEU A 470 11.42 30.91 -14.99
N LEU A 471 11.51 32.21 -15.32
CA LEU A 471 12.74 32.81 -15.87
C LEU A 471 13.60 33.44 -14.78
N THR A 472 14.90 33.51 -15.04
CA THR A 472 15.92 34.13 -14.17
C THR A 472 16.66 35.21 -14.95
N PHE A 473 16.64 36.42 -14.40
CA PHE A 473 17.35 37.56 -14.96
C PHE A 473 18.57 37.86 -14.12
N ARG A 474 19.71 37.33 -14.54
CA ARG A 474 20.97 37.56 -13.84
C ARG A 474 21.64 38.80 -14.43
N ALA A 475 21.83 39.82 -13.58
CA ALA A 475 22.48 41.08 -13.98
C ALA A 475 23.89 40.82 -14.50
N ILE A 476 24.40 41.71 -15.35
CA ILE A 476 25.77 41.60 -15.83
C ILE A 476 26.62 42.74 -15.30
N THR B 8 -39.99 -1.55 -64.63
CA THR B 8 -39.19 -0.64 -63.76
C THR B 8 -39.08 -1.14 -62.32
N VAL B 9 -37.84 -1.25 -61.87
CA VAL B 9 -37.54 -1.48 -60.46
C VAL B 9 -36.72 -0.27 -59.99
N LEU B 10 -37.38 0.88 -59.85
CA LEU B 10 -36.70 2.11 -59.43
C LEU B 10 -35.83 1.83 -58.20
N PRO B 11 -34.53 2.24 -58.25
CA PRO B 11 -33.56 1.99 -57.18
C PRO B 11 -33.90 2.69 -55.86
N PHE B 12 -33.09 2.46 -54.83
CA PHE B 12 -33.37 3.02 -53.51
C PHE B 12 -33.51 4.54 -53.55
N GLU B 13 -32.45 5.24 -53.94
CA GLU B 13 -32.44 6.71 -53.92
C GLU B 13 -33.51 7.37 -54.76
N ALA B 14 -34.15 6.60 -55.65
CA ALA B 14 -35.26 7.10 -56.44
C ALA B 14 -36.41 7.51 -55.54
N MET B 15 -36.39 7.01 -54.31
CA MET B 15 -37.35 7.35 -53.29
C MET B 15 -37.36 8.85 -53.07
N PRO B 16 -38.51 9.42 -52.69
CA PRO B 16 -38.48 10.76 -52.14
C PRO B 16 -37.77 10.79 -50.78
N GLN B 17 -37.48 11.98 -50.28
CA GLN B 17 -36.64 12.13 -49.11
C GLN B 17 -37.24 13.11 -48.13
N HIS B 18 -37.05 12.84 -46.84
CA HIS B 18 -37.53 13.73 -45.80
C HIS B 18 -36.61 14.92 -45.76
N PRO B 19 -37.20 16.14 -45.70
CA PRO B 19 -36.43 17.38 -45.61
C PRO B 19 -35.61 17.50 -44.33
N GLY B 20 -35.98 16.72 -43.31
CA GLY B 20 -35.36 16.82 -41.99
C GLY B 20 -33.90 16.46 -41.95
N ASN B 21 -33.11 17.34 -41.34
CA ASN B 21 -31.71 17.12 -41.10
C ASN B 21 -31.55 16.40 -39.76
N ARG B 22 -31.08 15.15 -39.80
CA ARG B 22 -30.81 14.31 -38.61
C ARG B 22 -30.43 15.11 -37.34
N TRP B 23 -29.42 15.97 -37.44
CA TRP B 23 -28.87 16.67 -36.27
C TRP B 23 -29.76 17.74 -35.69
N LEU B 24 -30.46 18.49 -36.55
CA LEU B 24 -31.37 19.54 -36.08
C LEU B 24 -32.49 18.89 -35.31
N ARG B 25 -33.13 17.89 -35.92
CA ARG B 25 -34.10 17.04 -35.23
C ARG B 25 -33.65 16.73 -33.79
N LEU B 26 -32.46 16.17 -33.64
CA LEU B 26 -31.89 15.91 -32.31
C LEU B 26 -31.86 17.15 -31.42
N LEU B 27 -31.33 18.24 -31.96
CA LEU B 27 -31.20 19.47 -31.21
C LEU B 27 -32.55 20.03 -30.76
N GLN B 28 -33.54 20.00 -31.68
CA GLN B 28 -34.93 20.35 -31.37
C GLN B 28 -35.46 19.53 -30.16
N ILE B 29 -35.14 18.22 -30.11
CA ILE B 29 -35.44 17.40 -28.93
C ILE B 29 -34.77 17.89 -27.62
N TRP B 30 -33.46 18.19 -27.67
CA TRP B 30 -32.77 18.73 -26.50
C TRP B 30 -33.48 19.96 -25.98
N ARG B 31 -33.89 20.83 -26.89
CA ARG B 31 -34.54 22.08 -26.55
C ARG B 31 -35.95 21.86 -25.97
N GLU B 32 -36.84 21.29 -26.78
CA GLU B 32 -38.22 21.03 -26.38
C GLU B 32 -38.42 19.96 -25.30
N GLN B 33 -37.35 19.21 -24.97
CA GLN B 33 -37.46 18.02 -24.09
C GLN B 33 -38.54 17.02 -24.57
N GLY B 34 -38.75 16.96 -25.88
CA GLY B 34 -39.76 16.08 -26.45
C GLY B 34 -39.89 16.28 -27.94
N TYR B 35 -40.90 15.65 -28.51
CA TYR B 35 -41.13 15.67 -29.93
C TYR B 35 -42.61 15.40 -30.13
N GLU B 36 -43.45 16.07 -29.35
CA GLU B 36 -44.87 15.75 -29.28
C GLU B 36 -45.66 15.83 -30.59
N HIS B 37 -45.12 16.52 -31.58
CA HIS B 37 -45.86 16.75 -32.81
C HIS B 37 -45.46 15.76 -33.90
N LEU B 38 -44.59 14.80 -33.54
CA LEU B 38 -44.02 13.82 -34.47
C LEU B 38 -45.03 13.09 -35.37
N HIS B 39 -46.21 12.83 -34.85
CA HIS B 39 -47.26 12.20 -35.65
C HIS B 39 -47.85 13.12 -36.71
N LEU B 40 -47.88 14.43 -36.43
CA LEU B 40 -48.40 15.41 -37.39
C LEU B 40 -47.39 15.72 -38.49
N GLU B 41 -46.11 15.78 -38.14
CA GLU B 41 -45.05 15.95 -39.12
C GLU B 41 -45.13 14.82 -40.15
N MET B 42 -44.80 13.59 -39.74
CA MET B 42 -44.81 12.41 -40.63
C MET B 42 -46.06 12.36 -41.51
N HIS B 43 -47.21 12.69 -40.92
CA HIS B 43 -48.48 12.78 -41.66
C HIS B 43 -48.37 13.75 -42.85
N GLN B 44 -48.04 15.01 -42.57
CA GLN B 44 -47.92 16.00 -43.64
C GLN B 44 -46.97 15.47 -44.70
N THR B 45 -45.83 14.93 -44.27
CA THR B 45 -44.83 14.40 -45.19
C THR B 45 -45.45 13.39 -46.16
N PHE B 46 -46.30 12.49 -45.65
CA PHE B 46 -46.99 11.57 -46.55
C PHE B 46 -47.96 12.32 -47.47
N GLN B 47 -48.53 13.42 -46.96
CA GLN B 47 -49.37 14.30 -47.78
C GLN B 47 -48.53 14.91 -48.89
N GLU B 48 -47.28 15.23 -48.60
CA GLU B 48 -46.36 15.82 -49.57
C GLU B 48 -45.84 14.85 -50.61
N LEU B 49 -45.33 13.69 -50.18
CA LEU B 49 -44.54 12.85 -51.05
C LEU B 49 -45.10 11.43 -51.27
N GLY B 50 -46.37 11.24 -50.90
CA GLY B 50 -47.05 9.96 -51.11
C GLY B 50 -46.65 8.85 -50.14
N PRO B 51 -47.16 7.64 -50.36
CA PRO B 51 -47.20 6.49 -49.45
C PRO B 51 -45.84 5.93 -48.98
N ILE B 52 -44.74 6.53 -49.43
CA ILE B 52 -43.41 6.07 -49.04
C ILE B 52 -42.37 7.16 -49.19
N PHE B 53 -41.54 7.32 -48.17
CA PHE B 53 -40.36 8.16 -48.28
C PHE B 53 -39.21 7.60 -47.45
N ARG B 54 -38.01 8.11 -47.70
CA ARG B 54 -36.80 7.67 -47.02
C ARG B 54 -36.36 8.80 -46.09
N TYR B 55 -35.89 8.46 -44.91
CA TYR B 55 -35.37 9.48 -43.99
C TYR B 55 -33.85 9.42 -43.97
N ASN B 56 -33.21 10.53 -44.32
CA ASN B 56 -31.75 10.60 -44.24
C ASN B 56 -31.28 10.54 -42.80
N LEU B 57 -31.09 9.31 -42.32
CA LEU B 57 -30.51 9.03 -41.01
C LEU B 57 -28.99 9.15 -41.10
N GLY B 58 -28.53 9.57 -42.29
CA GLY B 58 -27.12 9.79 -42.58
C GLY B 58 -26.29 8.53 -42.55
N GLY B 59 -26.50 7.65 -43.53
CA GLY B 59 -25.82 6.35 -43.57
C GLY B 59 -26.79 5.17 -43.52
N PRO B 60 -27.20 4.73 -42.30
CA PRO B 60 -28.15 3.61 -42.19
C PRO B 60 -29.47 3.93 -42.88
N ARG B 61 -30.29 2.89 -43.12
CA ARG B 61 -31.37 2.97 -44.10
C ARG B 61 -32.75 2.97 -43.45
N MET B 62 -33.40 4.13 -43.41
CA MET B 62 -34.76 4.20 -42.88
C MET B 62 -35.80 4.44 -43.97
N VAL B 63 -36.93 3.75 -43.89
CA VAL B 63 -38.01 3.87 -44.89
C VAL B 63 -39.41 3.94 -44.25
N CYS B 64 -40.05 5.10 -44.37
CA CYS B 64 -41.41 5.26 -43.90
C CYS B 64 -42.46 4.83 -44.92
N VAL B 65 -43.41 4.01 -44.48
CA VAL B 65 -44.53 3.60 -45.33
C VAL B 65 -45.85 3.92 -44.66
N MET B 66 -46.98 3.51 -45.25
CA MET B 66 -48.30 3.83 -44.70
C MET B 66 -49.48 3.07 -45.31
N LEU B 67 -49.20 2.05 -46.11
CA LEU B 67 -50.21 1.33 -46.86
C LEU B 67 -50.33 -0.13 -46.46
N PRO B 68 -51.56 -0.62 -46.22
CA PRO B 68 -51.74 -2.05 -45.93
C PRO B 68 -50.89 -2.90 -46.88
N GLU B 69 -51.00 -2.60 -48.18
CA GLU B 69 -50.12 -3.08 -49.25
C GLU B 69 -48.69 -3.34 -48.78
N ASP B 70 -48.05 -2.32 -48.21
CA ASP B 70 -46.67 -2.37 -47.71
C ASP B 70 -46.49 -3.30 -46.50
N VAL B 71 -47.45 -3.25 -45.58
CA VAL B 71 -47.44 -4.06 -44.37
C VAL B 71 -47.42 -5.54 -44.74
N GLU B 72 -48.31 -5.93 -45.66
CA GLU B 72 -48.47 -7.30 -46.08
C GLU B 72 -47.17 -7.85 -46.66
N LYS B 73 -46.54 -7.08 -47.53
CA LYS B 73 -45.24 -7.46 -48.05
C LYS B 73 -44.29 -7.66 -46.88
N LEU B 74 -44.32 -6.72 -45.93
CA LEU B 74 -43.47 -6.77 -44.73
C LEU B 74 -43.66 -8.06 -43.92
N GLN B 75 -44.91 -8.48 -43.78
CA GLN B 75 -45.21 -9.77 -43.19
C GLN B 75 -44.58 -10.90 -44.04
N GLN B 76 -44.74 -10.82 -45.36
CA GLN B 76 -44.23 -11.86 -46.26
C GLN B 76 -42.72 -12.04 -46.20
N VAL B 77 -41.98 -10.97 -45.94
CA VAL B 77 -40.53 -11.04 -45.82
C VAL B 77 -40.14 -10.96 -44.33
N ASP B 78 -41.06 -11.37 -43.47
CA ASP B 78 -40.75 -11.53 -42.06
C ASP B 78 -39.84 -12.75 -41.97
N SER B 79 -38.85 -12.70 -41.11
CA SER B 79 -37.90 -13.80 -41.04
C SER B 79 -38.54 -14.95 -40.26
N LEU B 80 -37.71 -15.66 -39.50
CA LEU B 80 -38.18 -16.54 -38.46
C LEU B 80 -37.87 -15.85 -37.14
N HIS B 81 -37.00 -14.84 -37.22
CA HIS B 81 -36.66 -13.97 -36.12
C HIS B 81 -36.94 -12.53 -36.54
N PRO B 82 -38.23 -12.13 -36.56
CA PRO B 82 -38.55 -10.75 -36.88
C PRO B 82 -37.81 -9.79 -35.97
N CYS B 83 -37.18 -8.78 -36.55
CA CYS B 83 -36.42 -7.80 -35.79
C CYS B 83 -37.12 -6.46 -35.68
N ARG B 84 -37.39 -6.03 -34.45
CA ARG B 84 -37.62 -4.61 -34.18
C ARG B 84 -36.25 -4.12 -33.81
N MET B 85 -36.01 -2.83 -33.97
CA MET B 85 -34.72 -2.27 -33.63
C MET B 85 -34.52 -2.28 -32.11
N ILE B 86 -33.30 -2.59 -31.67
CA ILE B 86 -33.02 -2.50 -30.24
C ILE B 86 -33.43 -1.11 -29.79
N LEU B 87 -34.08 -1.06 -28.64
CA LEU B 87 -34.41 0.20 -28.01
C LEU B 87 -33.43 0.46 -26.84
N GLU B 88 -32.30 1.11 -27.15
CA GLU B 88 -31.17 1.26 -26.21
C GLU B 88 -31.54 1.60 -24.74
N PRO B 89 -32.36 2.64 -24.51
CA PRO B 89 -32.53 3.14 -23.13
C PRO B 89 -33.15 2.13 -22.19
N TRP B 90 -34.12 1.36 -22.68
CA TRP B 90 -34.77 0.30 -21.90
C TRP B 90 -33.83 -0.87 -21.55
N VAL B 91 -33.19 -1.43 -22.59
CA VAL B 91 -32.21 -2.51 -22.47
C VAL B 91 -31.07 -2.09 -21.51
N ALA B 92 -30.60 -0.87 -21.66
CA ALA B 92 -29.53 -0.35 -20.83
C ALA B 92 -29.89 -0.41 -19.35
N TYR B 93 -31.18 -0.25 -19.04
CA TYR B 93 -31.57 -0.28 -17.64
C TYR B 93 -31.55 -1.72 -17.16
N ARG B 94 -32.05 -2.64 -17.98
CA ARG B 94 -32.00 -4.05 -17.62
C ARG B 94 -30.54 -4.44 -17.36
N GLN B 95 -29.64 -4.11 -18.27
CA GLN B 95 -28.28 -4.56 -18.09
C GLN B 95 -27.52 -3.83 -16.99
N HIS B 96 -27.97 -2.62 -16.64
CA HIS B 96 -27.45 -1.89 -15.47
C HIS B 96 -27.89 -2.50 -14.14
N ARG B 97 -29.12 -3.00 -14.08
CA ARG B 97 -29.66 -3.58 -12.86
C ARG B 97 -29.56 -5.10 -12.82
N GLY B 98 -29.13 -5.70 -13.93
CA GLY B 98 -28.74 -7.11 -13.98
C GLY B 98 -29.85 -8.07 -14.32
N HIS B 99 -30.80 -7.60 -15.10
CA HIS B 99 -31.97 -8.39 -15.47
C HIS B 99 -31.84 -8.87 -16.89
N LYS B 100 -32.60 -9.90 -17.24
CA LYS B 100 -32.70 -10.31 -18.62
C LYS B 100 -33.81 -9.49 -19.26
N CYS B 101 -33.96 -9.63 -20.57
CA CYS B 101 -34.95 -8.87 -21.34
C CYS B 101 -36.13 -9.73 -21.70
N GLY B 102 -37.33 -9.20 -21.54
CA GLY B 102 -38.54 -9.90 -21.97
C GLY B 102 -38.68 -9.81 -23.49
N VAL B 103 -39.77 -10.38 -23.98
CA VAL B 103 -40.06 -10.43 -25.41
C VAL B 103 -39.97 -9.07 -26.14
N PHE B 104 -40.47 -8.02 -25.51
CA PHE B 104 -40.62 -6.74 -26.17
C PHE B 104 -39.31 -6.13 -26.65
N LEU B 105 -38.21 -6.52 -26.04
CA LEU B 105 -36.89 -5.98 -26.35
C LEU B 105 -35.90 -7.02 -26.82
N LEU B 106 -36.38 -8.22 -27.10
CA LEU B 106 -35.48 -9.28 -27.53
C LEU B 106 -35.61 -9.44 -29.03
N ASN B 107 -34.50 -9.81 -29.66
CA ASN B 107 -34.54 -10.29 -31.03
C ASN B 107 -33.88 -11.66 -31.08
N GLY B 108 -34.04 -12.33 -32.22
CA GLY B 108 -33.28 -13.53 -32.50
C GLY B 108 -33.83 -14.78 -31.84
N PRO B 109 -32.94 -15.77 -31.63
CA PRO B 109 -33.27 -17.06 -31.01
C PRO B 109 -33.80 -16.89 -29.58
N GLU B 110 -33.33 -15.88 -28.85
CA GLU B 110 -33.85 -15.60 -27.51
C GLU B 110 -35.31 -15.12 -27.55
N TRP B 111 -35.61 -14.11 -28.37
CA TRP B 111 -37.02 -13.73 -28.55
C TRP B 111 -37.97 -14.91 -28.81
N ARG B 112 -37.58 -15.83 -29.70
CA ARG B 112 -38.43 -16.95 -30.12
C ARG B 112 -38.63 -17.91 -28.96
N PHE B 113 -37.52 -18.34 -28.38
CA PHE B 113 -37.52 -19.30 -27.28
C PHE B 113 -38.35 -18.77 -26.14
N ASN B 114 -38.32 -17.45 -25.94
CA ASN B 114 -39.20 -16.78 -25.00
C ASN B 114 -40.65 -16.78 -25.47
N ARG B 115 -40.89 -16.21 -26.65
CA ARG B 115 -42.25 -16.05 -27.18
C ARG B 115 -43.02 -17.36 -27.19
N LEU B 116 -42.43 -18.40 -27.75
CA LEU B 116 -43.09 -19.71 -27.85
C LEU B 116 -43.58 -20.26 -26.51
N ARG B 117 -42.85 -20.00 -25.44
CA ARG B 117 -43.29 -20.38 -24.08
C ARG B 117 -44.21 -19.36 -23.39
N LEU B 118 -44.66 -18.36 -24.15
CA LEU B 118 -45.59 -17.31 -23.68
C LEU B 118 -46.92 -17.27 -24.41
N ASN B 119 -46.94 -17.56 -25.72
CA ASN B 119 -48.24 -17.57 -26.40
C ASN B 119 -49.27 -18.47 -25.69
N PRO B 120 -48.94 -19.75 -25.42
CA PRO B 120 -49.98 -20.64 -24.87
C PRO B 120 -50.67 -20.05 -23.64
N ASP B 121 -49.92 -19.37 -22.79
CA ASP B 121 -50.48 -18.88 -21.53
C ASP B 121 -51.02 -17.45 -21.51
N VAL B 122 -50.50 -16.57 -22.37
CA VAL B 122 -50.93 -15.16 -22.43
C VAL B 122 -51.89 -14.84 -23.59
N LEU B 123 -51.77 -15.62 -24.67
CA LEU B 123 -52.36 -15.27 -25.97
C LEU B 123 -53.40 -16.26 -26.50
N SER B 124 -53.23 -17.55 -26.18
CA SER B 124 -54.19 -18.61 -26.56
C SER B 124 -55.63 -18.22 -26.39
N PRO B 125 -56.46 -18.60 -27.37
CA PRO B 125 -57.90 -18.63 -27.11
C PRO B 125 -58.23 -19.43 -25.84
N LYS B 126 -57.38 -20.40 -25.50
CA LYS B 126 -57.57 -21.25 -24.31
C LYS B 126 -57.27 -20.47 -23.04
N ALA B 127 -56.33 -19.53 -23.17
CA ALA B 127 -55.97 -18.63 -22.09
C ALA B 127 -57.06 -17.59 -21.88
N VAL B 128 -57.57 -17.02 -22.98
CA VAL B 128 -58.64 -16.04 -22.85
C VAL B 128 -59.80 -16.67 -22.08
N GLN B 129 -60.17 -17.88 -22.46
CA GLN B 129 -61.29 -18.54 -21.82
C GLN B 129 -61.13 -18.47 -20.30
N ARG B 130 -59.92 -18.69 -19.81
CA ARG B 130 -59.69 -18.76 -18.36
C ARG B 130 -59.64 -17.42 -17.62
N PHE B 131 -58.87 -16.45 -18.14
CA PHE B 131 -58.77 -15.12 -17.54
C PHE B 131 -59.92 -14.15 -17.86
N LEU B 132 -60.61 -14.38 -18.98
CA LEU B 132 -61.71 -13.51 -19.35
C LEU B 132 -62.73 -13.31 -18.22
N PRO B 133 -63.24 -14.40 -17.62
CA PRO B 133 -64.19 -14.21 -16.50
C PRO B 133 -63.67 -13.36 -15.32
N MET B 134 -62.36 -13.20 -15.19
CA MET B 134 -61.81 -12.35 -14.14
C MET B 134 -61.92 -10.88 -14.55
N VAL B 135 -61.37 -10.57 -15.72
CA VAL B 135 -61.53 -9.27 -16.35
C VAL B 135 -62.97 -8.77 -16.22
N ASP B 136 -63.92 -9.61 -16.61
CA ASP B 136 -65.35 -9.36 -16.42
C ASP B 136 -65.78 -8.96 -14.99
N ALA B 137 -65.34 -9.73 -13.99
CA ALA B 137 -65.59 -9.39 -12.58
C ALA B 137 -65.18 -7.95 -12.23
N VAL B 138 -64.01 -7.52 -12.67
CA VAL B 138 -63.54 -6.16 -12.43
C VAL B 138 -64.34 -5.15 -13.22
N ALA B 139 -64.67 -5.49 -14.44
CA ALA B 139 -65.44 -4.60 -15.29
C ALA B 139 -66.85 -4.34 -14.74
N ARG B 140 -67.45 -5.34 -14.12
CA ARG B 140 -68.77 -5.17 -13.54
C ARG B 140 -68.69 -4.41 -12.21
N ASP B 141 -67.51 -4.47 -11.58
CA ASP B 141 -67.25 -3.68 -10.39
C ASP B 141 -67.12 -2.21 -10.74
N PHE B 142 -66.59 -1.92 -11.93
CA PHE B 142 -66.42 -0.54 -12.35
C PHE B 142 -67.78 0.17 -12.46
N SER B 143 -68.73 -0.42 -13.19
CA SER B 143 -70.10 0.11 -13.27
C SER B 143 -70.87 0.05 -11.94
N GLN B 144 -70.75 -1.05 -11.22
CA GLN B 144 -71.28 -1.18 -9.86
C GLN B 144 -70.94 0.08 -9.07
N ALA B 145 -69.66 0.45 -9.06
CA ALA B 145 -69.21 1.57 -8.23
C ALA B 145 -69.72 2.89 -8.78
N LEU B 146 -69.79 2.96 -10.11
CA LEU B 146 -70.16 4.17 -10.77
C LEU B 146 -71.64 4.50 -10.54
N LYS B 147 -72.50 3.48 -10.62
CA LYS B 147 -73.92 3.61 -10.31
C LYS B 147 -74.22 4.09 -8.88
N LYS B 148 -73.56 3.51 -7.89
CA LYS B 148 -73.73 3.96 -6.49
C LYS B 148 -73.42 5.44 -6.34
N LYS B 149 -72.42 5.93 -7.07
CA LYS B 149 -72.05 7.35 -7.04
C LYS B 149 -73.13 8.12 -7.76
N VAL B 150 -73.44 7.67 -8.96
CA VAL B 150 -74.46 8.26 -9.82
C VAL B 150 -75.83 8.42 -9.11
N LEU B 151 -76.35 7.32 -8.58
CA LEU B 151 -77.64 7.33 -7.90
C LEU B 151 -77.71 8.20 -6.63
N GLN B 152 -76.55 8.66 -6.14
CA GLN B 152 -76.53 9.58 -5.01
C GLN B 152 -76.93 10.99 -5.43
N ASN B 153 -76.72 11.31 -6.71
CA ASN B 153 -77.05 12.60 -7.26
C ASN B 153 -78.53 12.72 -7.69
N ALA B 154 -79.14 13.87 -7.42
CA ALA B 154 -80.54 14.10 -7.72
C ALA B 154 -80.92 13.87 -9.20
N ARG B 155 -80.01 14.16 -10.13
CA ARG B 155 -80.26 14.02 -11.56
C ARG B 155 -79.92 12.64 -12.05
N GLY B 156 -79.63 11.74 -11.11
CA GLY B 156 -79.25 10.37 -11.42
C GLY B 156 -78.14 10.30 -12.46
N SER B 157 -77.07 11.04 -12.24
CA SER B 157 -75.92 11.00 -13.15
C SER B 157 -74.64 11.62 -12.54
N LEU B 158 -73.53 11.48 -13.25
CA LEU B 158 -72.24 12.00 -12.78
C LEU B 158 -71.31 12.42 -13.92
N THR B 159 -70.79 13.62 -13.81
CA THR B 159 -69.90 14.19 -14.78
C THR B 159 -68.56 14.34 -14.10
N LEU B 160 -67.54 13.75 -14.71
CA LEU B 160 -66.19 13.77 -14.19
C LEU B 160 -65.24 13.53 -15.32
N ASP B 161 -63.98 13.85 -15.07
CA ASP B 161 -62.87 13.31 -15.82
C ASP B 161 -62.72 11.82 -15.45
N VAL B 162 -62.71 10.94 -16.45
CA VAL B 162 -62.61 9.49 -16.20
C VAL B 162 -61.22 8.88 -16.33
N GLN B 163 -60.22 9.69 -16.67
CA GLN B 163 -58.88 9.18 -16.90
C GLN B 163 -58.30 8.49 -15.69
N PRO B 164 -58.41 9.11 -14.49
CA PRO B 164 -57.91 8.40 -13.30
C PRO B 164 -58.64 7.06 -13.06
N SER B 165 -59.96 7.05 -12.97
CA SER B 165 -60.62 5.80 -12.66
C SER B 165 -60.55 4.77 -13.80
N ILE B 166 -60.41 5.20 -15.05
CA ILE B 166 -60.17 4.22 -16.11
C ILE B 166 -58.79 3.61 -15.96
N PHE B 167 -57.77 4.43 -15.76
CA PHE B 167 -56.42 3.92 -15.54
C PHE B 167 -56.34 2.92 -14.41
N HIS B 168 -57.10 3.14 -13.34
CA HIS B 168 -57.06 2.28 -12.17
C HIS B 168 -57.71 0.93 -12.45
N TYR B 169 -58.75 0.97 -13.26
CA TYR B 169 -59.36 -0.21 -13.84
C TYR B 169 -58.34 -1.07 -14.62
N THR B 170 -57.54 -0.45 -15.48
CA THR B 170 -56.59 -1.23 -16.26
C THR B 170 -55.55 -1.84 -15.35
N ILE B 171 -55.21 -1.16 -14.27
CA ILE B 171 -54.30 -1.75 -13.32
C ILE B 171 -54.98 -2.93 -12.63
N GLU B 172 -56.24 -2.79 -12.21
CA GLU B 172 -57.00 -3.86 -11.50
C GLU B 172 -57.15 -5.08 -12.37
N ALA B 173 -57.78 -4.91 -13.53
CA ALA B 173 -58.02 -6.03 -14.42
C ALA B 173 -56.72 -6.72 -14.89
N SER B 174 -55.68 -5.95 -15.11
CA SER B 174 -54.44 -6.53 -15.56
C SER B 174 -53.80 -7.34 -14.47
N ASN B 175 -53.94 -6.87 -13.23
CA ASN B 175 -53.33 -7.53 -12.09
C ASN B 175 -54.11 -8.78 -11.78
N LEU B 176 -55.44 -8.70 -11.84
CA LEU B 176 -56.22 -9.87 -11.53
C LEU B 176 -55.84 -10.95 -12.54
N ALA B 177 -55.94 -10.63 -13.82
CA ALA B 177 -55.54 -11.57 -14.86
C ALA B 177 -54.08 -12.05 -14.74
N LEU B 178 -53.14 -11.15 -14.50
CA LEU B 178 -51.74 -11.58 -14.48
C LEU B 178 -51.39 -12.32 -13.21
N PHE B 179 -51.78 -11.75 -12.07
CA PHE B 179 -51.35 -12.24 -10.77
C PHE B 179 -52.46 -12.83 -9.90
N GLY B 180 -53.70 -12.85 -10.38
CA GLY B 180 -54.80 -13.36 -9.56
C GLY B 180 -54.99 -12.64 -8.22
N GLU B 181 -54.42 -11.45 -8.09
CA GLU B 181 -54.66 -10.68 -6.88
C GLU B 181 -55.75 -9.69 -7.23
N ARG B 182 -56.17 -8.91 -6.24
CA ARG B 182 -57.24 -7.97 -6.41
C ARG B 182 -56.75 -6.80 -5.57
N LEU B 183 -56.55 -5.65 -6.19
CA LEU B 183 -55.84 -4.57 -5.52
C LEU B 183 -56.73 -3.60 -4.71
N GLY B 184 -58.02 -3.55 -5.07
CA GLY B 184 -59.00 -2.70 -4.42
C GLY B 184 -58.87 -1.29 -4.93
N LEU B 185 -58.77 -1.14 -6.26
CA LEU B 185 -58.60 0.16 -6.91
C LEU B 185 -59.82 0.61 -7.72
N VAL B 186 -60.68 -0.32 -8.13
CA VAL B 186 -61.94 0.09 -8.75
C VAL B 186 -62.90 0.47 -7.62
N GLY B 187 -63.64 1.57 -7.77
CA GLY B 187 -64.60 2.01 -6.74
C GLY B 187 -64.02 2.27 -5.35
N HIS B 188 -62.82 2.83 -5.32
CA HIS B 188 -62.07 3.19 -4.12
C HIS B 188 -60.98 4.11 -4.61
N SER B 189 -60.37 4.87 -3.69
CA SER B 189 -59.31 5.79 -4.09
C SER B 189 -58.04 5.15 -4.71
N PRO B 190 -57.31 5.93 -5.53
CA PRO B 190 -55.97 5.46 -5.82
C PRO B 190 -55.12 5.36 -4.54
N SER B 191 -54.30 4.32 -4.45
CA SER B 191 -53.28 4.22 -3.43
C SER B 191 -52.12 5.08 -3.90
N SER B 192 -51.13 5.28 -3.03
CA SER B 192 -49.96 6.04 -3.46
C SER B 192 -49.04 5.17 -4.31
N ALA B 193 -49.06 3.86 -4.05
CA ALA B 193 -48.29 2.90 -4.85
C ALA B 193 -48.85 2.92 -6.24
N SER B 194 -50.16 3.09 -6.30
CA SER B 194 -50.91 3.17 -7.52
C SER B 194 -50.51 4.38 -8.34
N LEU B 195 -50.41 5.55 -7.69
CA LEU B 195 -50.18 6.81 -8.42
C LEU B 195 -48.72 7.00 -8.73
N ASN B 196 -47.87 6.47 -7.86
CA ASN B 196 -46.44 6.47 -8.11
C ASN B 196 -46.09 5.65 -9.35
N PHE B 197 -46.80 4.55 -9.52
CA PHE B 197 -46.63 3.70 -10.67
C PHE B 197 -47.01 4.45 -11.97
N LEU B 198 -48.19 5.08 -12.02
CA LEU B 198 -48.59 5.79 -13.24
C LEU B 198 -47.63 6.92 -13.52
N HIS B 199 -47.18 7.57 -12.46
CA HIS B 199 -46.28 8.68 -12.61
C HIS B 199 -44.96 8.21 -13.17
N ALA B 200 -44.42 7.12 -12.63
CA ALA B 200 -43.15 6.55 -13.09
C ALA B 200 -43.22 6.16 -14.56
N LEU B 201 -44.35 5.59 -14.97
CA LEU B 201 -44.63 5.28 -16.36
C LEU B 201 -44.68 6.53 -17.23
N GLU B 202 -45.24 7.62 -16.72
CA GLU B 202 -45.33 8.85 -17.52
C GLU B 202 -43.92 9.32 -17.81
N VAL B 203 -43.20 9.62 -16.73
CA VAL B 203 -41.80 10.01 -16.74
C VAL B 203 -40.90 9.06 -17.57
N MET B 204 -41.20 7.76 -17.53
CA MET B 204 -40.45 6.76 -18.29
C MET B 204 -40.56 7.00 -19.82
N PHE B 205 -41.80 7.21 -20.28
CA PHE B 205 -42.11 7.35 -21.70
C PHE B 205 -41.55 8.67 -22.21
N LYS B 206 -41.80 9.73 -21.45
CA LYS B 206 -41.30 11.06 -21.73
C LYS B 206 -39.82 10.99 -22.02
N SER B 207 -39.09 10.39 -21.10
CA SER B 207 -37.64 10.29 -21.15
C SER B 207 -37.12 9.30 -22.19
N THR B 208 -37.91 8.29 -22.54
CA THR B 208 -37.54 7.44 -23.65
C THR B 208 -37.44 8.28 -24.93
N VAL B 209 -38.38 9.20 -25.11
CA VAL B 209 -38.38 10.08 -26.27
C VAL B 209 -37.07 10.85 -26.41
N GLN B 210 -36.57 11.38 -25.30
CA GLN B 210 -35.36 12.20 -25.30
C GLN B 210 -34.18 11.36 -25.74
N LEU B 211 -33.93 10.29 -24.99
CA LEU B 211 -32.79 9.41 -25.22
C LEU B 211 -32.80 8.56 -26.50
N MET B 212 -33.95 8.29 -27.07
CA MET B 212 -34.01 7.38 -28.22
C MET B 212 -33.59 7.98 -29.59
N PHE B 213 -33.32 9.29 -29.64
CA PHE B 213 -33.03 9.89 -30.93
C PHE B 213 -31.56 10.26 -31.12
N MET B 214 -30.72 9.70 -30.26
CA MET B 214 -29.28 9.91 -30.30
C MET B 214 -28.55 8.70 -29.69
N PRO B 215 -27.35 8.35 -30.21
CA PRO B 215 -26.57 7.30 -29.53
C PRO B 215 -26.16 7.69 -28.09
N ARG B 216 -25.91 6.69 -27.25
CA ARG B 216 -25.39 6.88 -25.89
C ARG B 216 -24.15 7.74 -25.92
N SER B 217 -23.29 7.42 -26.88
CA SER B 217 -22.15 8.24 -27.25
C SER B 217 -22.36 9.70 -26.90
N LEU B 218 -23.53 10.26 -27.24
CA LEU B 218 -23.81 11.67 -26.93
C LEU B 218 -24.71 11.88 -25.72
N SER B 219 -25.80 11.13 -25.65
CA SER B 219 -26.73 11.26 -24.53
C SER B 219 -26.05 11.23 -23.16
N ARG B 220 -24.94 10.48 -23.08
CA ARG B 220 -24.20 10.28 -21.84
C ARG B 220 -23.76 11.57 -21.20
N TRP B 221 -23.23 12.48 -22.01
CA TRP B 221 -22.69 13.72 -21.48
C TRP B 221 -23.53 14.91 -21.87
N ILE B 222 -24.41 14.70 -22.85
CA ILE B 222 -25.27 15.78 -23.34
C ILE B 222 -26.48 15.94 -22.43
N SER B 223 -26.91 14.81 -21.84
CA SER B 223 -28.17 14.74 -21.08
C SER B 223 -28.10 13.79 -19.89
N PRO B 224 -27.05 13.90 -19.05
CA PRO B 224 -26.86 12.91 -17.99
C PRO B 224 -28.04 12.83 -17.00
N LYS B 225 -28.70 13.97 -16.76
CA LYS B 225 -29.84 14.05 -15.83
C LYS B 225 -31.03 13.26 -16.37
N VAL B 226 -31.18 13.27 -17.69
CA VAL B 226 -32.22 12.51 -18.36
C VAL B 226 -32.03 10.98 -18.24
N TRP B 227 -30.79 10.49 -18.18
CA TRP B 227 -30.55 9.06 -17.89
C TRP B 227 -30.90 8.80 -16.44
N LYS B 228 -30.41 9.62 -15.53
CA LYS B 228 -30.72 9.46 -14.12
C LYS B 228 -32.24 9.42 -13.95
N GLU B 229 -32.92 10.24 -14.75
CA GLU B 229 -34.36 10.34 -14.72
C GLU B 229 -34.96 9.00 -15.14
N HIS B 230 -34.56 8.53 -16.32
CA HIS B 230 -35.07 7.31 -16.94
C HIS B 230 -34.91 6.10 -16.04
N PHE B 231 -33.71 5.94 -15.49
CA PHE B 231 -33.42 4.83 -14.58
C PHE B 231 -34.21 4.90 -13.27
N GLU B 232 -34.39 6.08 -12.71
CA GLU B 232 -35.25 6.21 -11.52
C GLU B 232 -36.71 5.86 -11.78
N ALA B 233 -37.21 6.21 -12.97
CA ALA B 233 -38.56 5.85 -13.37
C ALA B 233 -38.67 4.35 -13.44
N TRP B 234 -37.67 3.70 -14.02
CA TRP B 234 -37.70 2.23 -14.15
C TRP B 234 -37.55 1.57 -12.80
N ASP B 235 -36.76 2.17 -11.92
CA ASP B 235 -36.61 1.66 -10.56
C ASP B 235 -37.95 1.64 -9.86
N CYS B 236 -38.78 2.64 -10.10
CA CYS B 236 -40.09 2.64 -9.49
C CYS B 236 -41.04 1.59 -10.11
N ILE B 237 -41.03 1.48 -11.43
CA ILE B 237 -41.80 0.46 -12.14
C ILE B 237 -41.38 -0.93 -11.70
N PHE B 238 -40.07 -1.19 -11.72
CA PHE B 238 -39.56 -2.50 -11.36
C PHE B 238 -39.83 -2.83 -9.94
N GLN B 239 -39.79 -1.81 -9.08
CA GLN B 239 -40.13 -2.00 -7.69
C GLN B 239 -41.59 -2.50 -7.61
N TYR B 240 -42.49 -1.77 -8.26
CA TYR B 240 -43.88 -2.16 -8.34
C TYR B 240 -44.08 -3.59 -8.87
N GLY B 241 -43.49 -3.91 -10.01
CA GLY B 241 -43.70 -5.23 -10.61
C GLY B 241 -42.94 -6.33 -9.88
N ASP B 242 -41.86 -5.99 -9.20
CA ASP B 242 -41.21 -6.99 -8.40
C ASP B 242 -42.12 -7.42 -7.25
N ASN B 243 -42.72 -6.46 -6.56
CA ASN B 243 -43.59 -6.82 -5.44
C ASN B 243 -44.71 -7.79 -5.85
N CYS B 244 -45.25 -7.59 -7.04
CA CYS B 244 -46.17 -8.56 -7.57
C CYS B 244 -45.54 -9.95 -7.59
N ILE B 245 -44.39 -10.06 -8.27
CA ILE B 245 -43.63 -11.33 -8.36
C ILE B 245 -43.24 -11.94 -7.01
N GLN B 246 -42.61 -11.15 -6.15
CA GLN B 246 -42.28 -11.61 -4.79
C GLN B 246 -43.49 -12.28 -4.12
N LYS B 247 -44.67 -11.67 -4.29
CA LYS B 247 -45.90 -12.16 -3.70
C LYS B 247 -46.38 -13.47 -4.26
N ILE B 248 -46.41 -13.60 -5.59
CA ILE B 248 -46.95 -14.81 -6.20
C ILE B 248 -45.96 -15.97 -6.06
N TYR B 249 -44.67 -15.68 -6.19
CA TYR B 249 -43.65 -16.70 -6.02
C TYR B 249 -43.78 -17.35 -4.65
N GLN B 250 -43.89 -16.54 -3.60
CA GLN B 250 -43.93 -17.07 -2.22
C GLN B 250 -45.16 -17.94 -2.01
N GLU B 251 -46.29 -17.49 -2.55
CA GLU B 251 -47.54 -18.23 -2.46
C GLU B 251 -47.53 -19.57 -3.24
N LEU B 252 -46.87 -19.61 -4.40
CA LEU B 252 -46.87 -20.83 -5.22
C LEU B 252 -45.88 -21.84 -4.70
N ALA B 253 -44.99 -21.40 -3.81
CA ALA B 253 -44.04 -22.31 -3.21
C ALA B 253 -44.74 -23.22 -2.21
N PHE B 254 -45.74 -22.70 -1.50
CA PHE B 254 -46.35 -23.46 -0.41
C PHE B 254 -47.63 -24.20 -0.81
N ASN B 255 -48.19 -23.82 -1.96
CA ASN B 255 -49.42 -24.42 -2.45
C ASN B 255 -49.62 -24.18 -3.93
N ARG B 256 -49.48 -25.24 -4.73
CA ARG B 256 -49.74 -25.15 -6.16
C ARG B 256 -51.25 -25.32 -6.33
N PRO B 257 -51.99 -24.23 -6.60
CA PRO B 257 -53.45 -24.36 -6.64
C PRO B 257 -53.89 -25.31 -7.76
N GLN B 258 -55.06 -25.92 -7.59
CA GLN B 258 -55.58 -26.78 -8.63
C GLN B 258 -56.56 -26.07 -9.57
N HIS B 259 -56.95 -24.85 -9.24
CA HIS B 259 -57.78 -24.04 -10.11
C HIS B 259 -56.95 -22.88 -10.67
N TYR B 260 -57.57 -22.05 -11.48
CA TYR B 260 -56.85 -21.02 -12.23
C TYR B 260 -56.71 -19.70 -11.44
N THR B 261 -55.46 -19.25 -11.27
CA THR B 261 -55.19 -17.98 -10.60
C THR B 261 -54.34 -17.01 -11.45
N GLY B 262 -54.53 -17.03 -12.76
CA GLY B 262 -53.85 -16.07 -13.63
C GLY B 262 -52.63 -16.50 -14.45
N ILE B 263 -52.34 -15.66 -15.44
CA ILE B 263 -51.33 -15.92 -16.43
C ILE B 263 -49.92 -16.20 -15.87
N VAL B 264 -49.51 -15.46 -14.84
CA VAL B 264 -48.18 -15.65 -14.28
C VAL B 264 -48.05 -16.97 -13.49
N ALA B 265 -49.08 -17.31 -12.73
CA ALA B 265 -49.13 -18.60 -12.06
C ALA B 265 -48.78 -19.68 -13.09
N GLU B 266 -49.49 -19.67 -14.21
CA GLU B 266 -49.30 -20.66 -15.27
C GLU B 266 -47.85 -20.75 -15.73
N LEU B 267 -47.18 -19.62 -15.89
CA LEU B 267 -45.77 -19.65 -16.28
C LEU B 267 -44.90 -20.28 -15.20
N LEU B 268 -45.06 -19.81 -13.96
CA LEU B 268 -44.31 -20.31 -12.82
C LEU B 268 -44.56 -21.81 -12.61
N LEU B 269 -45.83 -22.21 -12.71
CA LEU B 269 -46.16 -23.62 -12.59
C LEU B 269 -45.36 -24.50 -13.58
N LYS B 270 -45.49 -24.25 -14.87
CA LYS B 270 -44.81 -25.04 -15.88
C LYS B 270 -43.28 -25.01 -15.79
N ALA B 271 -42.74 -23.95 -15.19
CA ALA B 271 -41.29 -23.68 -15.25
C ALA B 271 -40.54 -24.07 -16.56
N GLU B 272 -41.22 -23.98 -17.71
CA GLU B 272 -40.57 -24.07 -19.04
C GLU B 272 -39.55 -22.93 -19.25
N LEU B 273 -39.77 -21.79 -18.60
CA LEU B 273 -38.87 -20.64 -18.69
C LEU B 273 -38.12 -20.45 -17.39
N SER B 274 -36.97 -19.79 -17.45
CA SER B 274 -36.18 -19.54 -16.27
C SER B 274 -36.86 -18.47 -15.43
N LEU B 275 -36.70 -18.54 -14.11
CA LEU B 275 -37.39 -17.61 -13.22
C LEU B 275 -37.03 -16.23 -13.67
N GLU B 276 -35.74 -16.00 -13.76
CA GLU B 276 -35.18 -14.71 -14.12
C GLU B 276 -35.84 -14.20 -15.43
N ALA B 277 -36.14 -15.09 -16.37
CA ALA B 277 -36.89 -14.70 -17.60
C ALA B 277 -38.39 -14.43 -17.37
N ILE B 278 -39.06 -15.27 -16.59
CA ILE B 278 -40.42 -15.01 -16.15
C ILE B 278 -40.50 -13.67 -15.43
N LYS B 279 -39.47 -13.30 -14.68
CA LYS B 279 -39.52 -12.01 -14.00
C LYS B 279 -39.51 -10.86 -14.98
N ALA B 280 -38.78 -11.05 -16.08
CA ALA B 280 -38.50 -9.96 -17.00
C ALA B 280 -39.68 -9.81 -17.89
N ASN B 281 -40.35 -10.93 -18.14
CA ASN B 281 -41.56 -10.96 -18.94
C ASN B 281 -42.81 -10.48 -18.23
N SER B 282 -42.99 -10.90 -16.97
CA SER B 282 -44.07 -10.33 -16.13
C SER B 282 -43.95 -8.84 -15.97
N MET B 283 -42.73 -8.32 -15.93
CA MET B 283 -42.53 -6.87 -15.90
C MET B 283 -43.07 -6.19 -17.11
N GLU B 284 -42.83 -6.76 -18.29
CA GLU B 284 -43.27 -6.11 -19.51
C GLU B 284 -44.76 -6.14 -19.53
N LEU B 285 -45.34 -7.25 -19.15
CA LEU B 285 -46.77 -7.38 -19.07
C LEU B 285 -47.34 -6.41 -18.06
N THR B 286 -46.76 -6.35 -16.86
CA THR B 286 -47.29 -5.48 -15.84
C THR B 286 -47.20 -4.03 -16.28
N ALA B 287 -46.06 -3.61 -16.80
CA ALA B 287 -45.91 -2.23 -17.24
C ALA B 287 -46.69 -1.96 -18.52
N GLY B 288 -46.77 -2.96 -19.39
CA GLY B 288 -47.36 -2.82 -20.71
C GLY B 288 -48.86 -2.77 -20.71
N SER B 289 -49.47 -3.23 -19.63
CA SER B 289 -50.91 -3.40 -19.61
C SER B 289 -51.70 -2.18 -19.17
N VAL B 290 -51.04 -1.04 -19.02
CA VAL B 290 -51.70 0.13 -18.46
C VAL B 290 -52.07 1.19 -19.52
N ASP B 291 -51.11 2.05 -19.93
CA ASP B 291 -51.40 3.19 -20.81
C ASP B 291 -51.94 2.81 -22.20
N THR B 292 -51.38 1.77 -22.78
CA THR B 292 -51.86 1.20 -24.03
C THR B 292 -53.34 0.82 -24.01
N THR B 293 -53.78 0.13 -22.96
CA THR B 293 -55.16 -0.26 -22.87
C THR B 293 -56.01 0.96 -22.53
N ALA B 294 -55.59 1.75 -21.55
CA ALA B 294 -56.41 2.79 -20.99
C ALA B 294 -56.75 3.93 -21.96
N PHE B 295 -55.78 4.33 -22.78
CA PHE B 295 -55.97 5.46 -23.68
C PHE B 295 -56.95 5.18 -24.81
N PRO B 296 -56.84 4.01 -25.48
CA PRO B 296 -57.88 3.63 -26.44
C PRO B 296 -59.25 3.60 -25.79
N LEU B 297 -59.37 2.92 -24.65
CA LEU B 297 -60.60 2.93 -23.85
C LEU B 297 -61.25 4.31 -23.72
N LEU B 298 -60.42 5.29 -23.40
CA LEU B 298 -60.88 6.64 -23.12
C LEU B 298 -61.32 7.32 -24.39
N MET B 299 -60.56 7.09 -25.45
CA MET B 299 -60.85 7.71 -26.73
C MET B 299 -62.15 7.17 -27.25
N THR B 300 -62.38 5.89 -26.97
CA THR B 300 -63.64 5.24 -27.31
C THR B 300 -64.83 5.85 -26.57
N LEU B 301 -64.74 5.92 -25.24
CA LEU B 301 -65.79 6.55 -24.46
C LEU B 301 -66.08 7.95 -25.02
N PHE B 302 -65.04 8.71 -25.33
CA PHE B 302 -65.20 10.03 -25.93
C PHE B 302 -65.92 9.98 -27.27
N GLU B 303 -65.48 9.10 -28.17
CA GLU B 303 -66.12 9.02 -29.50
C GLU B 303 -67.58 8.57 -29.40
N LEU B 304 -67.89 7.69 -28.44
CA LEU B 304 -69.24 7.23 -28.29
C LEU B 304 -70.13 8.34 -27.76
N ALA B 305 -69.53 9.41 -27.28
CA ALA B 305 -70.26 10.50 -26.67
C ALA B 305 -70.55 11.62 -27.67
N ARG B 306 -69.76 11.70 -28.74
CA ARG B 306 -70.09 12.59 -29.87
C ARG B 306 -71.05 11.90 -30.83
N ASN B 307 -71.18 10.58 -30.70
CA ASN B 307 -72.04 9.80 -31.57
C ASN B 307 -73.07 8.98 -30.82
N PRO B 308 -74.03 9.67 -30.17
CA PRO B 308 -75.04 8.99 -29.39
C PRO B 308 -75.80 7.96 -30.20
N ASP B 309 -75.92 8.16 -31.50
CA ASP B 309 -76.60 7.19 -32.36
C ASP B 309 -75.82 5.88 -32.45
N VAL B 310 -74.51 5.98 -32.62
CA VAL B 310 -73.64 4.80 -32.63
C VAL B 310 -73.58 4.18 -31.22
N GLN B 311 -73.43 5.01 -30.20
CA GLN B 311 -73.53 4.56 -28.81
C GLN B 311 -74.84 3.78 -28.56
N GLN B 312 -75.97 4.30 -29.03
CA GLN B 312 -77.28 3.61 -28.89
C GLN B 312 -77.34 2.31 -29.69
N ILE B 313 -76.67 2.29 -30.85
CA ILE B 313 -76.59 1.06 -31.63
C ILE B 313 -75.78 0.03 -30.84
N LEU B 314 -74.65 0.48 -30.32
CA LEU B 314 -73.80 -0.35 -29.49
C LEU B 314 -74.48 -0.80 -28.20
N ARG B 315 -75.27 0.08 -27.59
CA ARG B 315 -76.01 -0.28 -26.41
C ARG B 315 -76.91 -1.49 -26.70
N GLN B 316 -77.80 -1.31 -27.67
CA GLN B 316 -78.68 -2.35 -28.14
C GLN B 316 -78.00 -3.73 -28.23
N GLU B 317 -76.93 -3.84 -29.02
CA GLU B 317 -76.27 -5.15 -29.21
C GLU B 317 -75.71 -5.72 -27.91
N SER B 318 -75.40 -4.83 -26.97
CA SER B 318 -74.91 -5.22 -25.67
C SER B 318 -76.06 -5.59 -24.74
N LEU B 319 -77.18 -4.85 -24.83
CA LEU B 319 -78.37 -5.18 -24.06
C LEU B 319 -78.99 -6.51 -24.49
N ALA B 320 -78.88 -6.81 -25.79
CA ALA B 320 -79.28 -8.08 -26.37
C ALA B 320 -78.54 -9.24 -25.70
N ALA B 321 -77.21 -9.12 -25.63
CA ALA B 321 -76.37 -10.20 -25.13
C ALA B 321 -76.12 -10.13 -23.62
N ALA B 322 -76.64 -9.09 -22.97
CA ALA B 322 -76.52 -8.90 -21.53
C ALA B 322 -76.74 -10.20 -20.76
N ALA B 323 -77.83 -10.90 -21.08
CA ALA B 323 -78.22 -12.12 -20.36
C ALA B 323 -77.21 -13.27 -20.49
N SER B 324 -76.81 -13.56 -21.73
CA SER B 324 -75.85 -14.63 -22.00
C SER B 324 -74.43 -14.37 -21.46
N ILE B 325 -74.00 -13.11 -21.44
CA ILE B 325 -72.68 -12.78 -20.92
C ILE B 325 -72.59 -13.03 -19.41
N SER B 326 -73.66 -12.72 -18.68
CA SER B 326 -73.70 -13.06 -17.26
C SER B 326 -73.82 -14.57 -17.03
N GLU B 327 -74.31 -15.30 -18.04
CA GLU B 327 -74.30 -16.75 -18.02
C GLU B 327 -72.88 -17.26 -18.29
N HIS B 328 -72.41 -17.06 -19.54
CA HIS B 328 -71.02 -17.34 -19.90
C HIS B 328 -70.33 -16.04 -20.34
N PRO B 329 -69.43 -15.49 -19.48
CA PRO B 329 -68.67 -14.29 -19.82
C PRO B 329 -67.79 -14.47 -21.05
N GLN B 330 -67.22 -15.66 -21.22
CA GLN B 330 -66.27 -15.92 -22.31
C GLN B 330 -66.88 -15.67 -23.68
N LYS B 331 -68.21 -15.61 -23.72
CA LYS B 331 -68.95 -15.37 -24.96
C LYS B 331 -69.02 -13.90 -25.33
N ALA B 332 -68.41 -13.03 -24.53
CA ALA B 332 -68.38 -11.61 -24.85
C ALA B 332 -67.60 -11.35 -26.14
N THR B 333 -66.54 -12.14 -26.35
CA THR B 333 -65.74 -12.11 -27.57
C THR B 333 -66.53 -12.28 -28.88
N THR B 334 -67.61 -13.05 -28.85
CA THR B 334 -68.37 -13.38 -30.06
C THR B 334 -69.72 -12.68 -30.15
N GLU B 335 -70.39 -12.52 -29.01
CA GLU B 335 -71.73 -11.93 -29.00
C GLU B 335 -71.74 -10.42 -29.19
N LEU B 336 -70.57 -9.78 -29.15
CA LEU B 336 -70.47 -8.32 -29.30
C LEU B 336 -69.59 -7.86 -30.48
N PRO B 337 -69.89 -8.30 -31.71
CA PRO B 337 -69.03 -8.00 -32.87
C PRO B 337 -69.03 -6.52 -33.26
N LEU B 338 -70.11 -5.81 -32.92
CA LEU B 338 -70.25 -4.41 -33.26
C LEU B 338 -69.42 -3.52 -32.33
N LEU B 339 -69.16 -4.01 -31.13
CA LEU B 339 -68.27 -3.33 -30.19
C LEU B 339 -66.85 -3.59 -30.62
N ARG B 340 -66.53 -4.85 -30.90
CA ARG B 340 -65.20 -5.21 -31.33
C ARG B 340 -64.81 -4.37 -32.53
N ALA B 341 -65.81 -3.83 -33.20
CA ALA B 341 -65.58 -3.04 -34.39
C ALA B 341 -65.35 -1.58 -34.03
N ALA B 342 -65.94 -1.15 -32.92
CA ALA B 342 -65.76 0.22 -32.44
C ALA B 342 -64.38 0.38 -31.85
N LEU B 343 -63.82 -0.73 -31.34
CA LEU B 343 -62.44 -0.74 -30.89
C LEU B 343 -61.56 -0.64 -32.11
N LYS B 344 -61.81 -1.50 -33.10
CA LYS B 344 -61.22 -1.40 -34.44
C LYS B 344 -61.21 0.05 -34.94
N GLU B 345 -62.28 0.78 -34.62
CA GLU B 345 -62.40 2.16 -35.05
C GLU B 345 -61.59 3.15 -34.20
N THR B 346 -61.68 3.04 -32.87
CA THR B 346 -60.89 3.89 -31.99
C THR B 346 -59.42 3.84 -32.33
N LEU B 347 -58.90 2.63 -32.49
CA LEU B 347 -57.47 2.43 -32.73
C LEU B 347 -57.01 2.84 -34.12
N ARG B 348 -57.95 2.87 -35.06
CA ARG B 348 -57.69 3.35 -36.41
C ARG B 348 -57.43 4.86 -36.36
N LEU B 349 -58.24 5.55 -35.58
CA LEU B 349 -58.11 6.99 -35.48
C LEU B 349 -57.16 7.49 -34.38
N TYR B 350 -56.75 6.57 -33.50
CA TYR B 350 -55.93 6.91 -32.33
C TYR B 350 -54.98 5.78 -31.97
N PRO B 351 -54.06 5.44 -32.87
CA PRO B 351 -53.27 4.24 -32.57
C PRO B 351 -52.20 4.49 -31.50
N VAL B 352 -52.41 3.94 -30.30
CA VAL B 352 -51.49 4.10 -29.15
C VAL B 352 -50.04 3.85 -29.52
N GLY B 353 -49.78 2.64 -30.01
CA GLY B 353 -48.53 2.35 -30.68
C GLY B 353 -48.66 3.07 -32.00
N LEU B 354 -47.72 3.95 -32.28
CA LEU B 354 -47.85 4.87 -33.40
C LEU B 354 -47.31 4.28 -34.70
N PHE B 355 -46.20 3.55 -34.60
CA PHE B 355 -45.64 2.88 -35.77
C PHE B 355 -45.29 1.42 -35.55
N LEU B 356 -45.19 0.66 -36.64
CA LEU B 356 -44.73 -0.72 -36.58
C LEU B 356 -43.33 -0.71 -37.13
N GLU B 357 -42.45 -1.54 -36.59
CA GLU B 357 -41.03 -1.53 -36.97
C GLU B 357 -40.54 -2.90 -37.40
N ARG B 358 -39.84 -2.96 -38.53
CA ARG B 358 -39.04 -4.14 -38.88
C ARG B 358 -37.72 -3.69 -39.45
N VAL B 359 -36.63 -4.21 -38.92
CA VAL B 359 -35.33 -4.09 -39.54
C VAL B 359 -35.22 -5.33 -40.42
N VAL B 360 -35.50 -5.14 -41.71
CA VAL B 360 -35.71 -6.26 -42.63
C VAL B 360 -34.47 -7.12 -42.86
N SER B 361 -34.62 -8.40 -42.58
CA SER B 361 -33.53 -9.38 -42.71
C SER B 361 -33.15 -9.61 -44.17
N SER B 362 -34.08 -9.38 -45.09
CA SER B 362 -33.79 -9.53 -46.50
C SER B 362 -34.09 -8.29 -47.33
N ASP B 363 -33.80 -8.39 -48.62
CA ASP B 363 -34.20 -7.40 -49.60
C ASP B 363 -35.66 -7.62 -49.99
N LEU B 364 -36.34 -6.55 -50.41
CA LEU B 364 -37.74 -6.62 -50.89
C LEU B 364 -38.16 -5.43 -51.76
N VAL B 365 -39.42 -5.43 -52.17
CA VAL B 365 -39.97 -4.39 -53.04
C VAL B 365 -41.20 -3.74 -52.40
N LEU B 366 -41.15 -2.42 -52.19
CA LEU B 366 -42.33 -1.66 -51.71
C LEU B 366 -42.58 -0.48 -52.62
N GLN B 367 -43.82 -0.33 -53.08
CA GLN B 367 -44.16 0.72 -54.03
C GLN B 367 -43.28 0.69 -55.26
N ASN B 368 -42.91 -0.52 -55.68
CA ASN B 368 -42.03 -0.71 -56.83
C ASN B 368 -40.64 -0.06 -56.67
N TYR B 369 -40.27 0.28 -55.43
CA TYR B 369 -38.89 0.68 -55.08
C TYR B 369 -38.17 -0.50 -54.44
N HIS B 370 -36.85 -0.54 -54.56
CA HIS B 370 -36.02 -1.63 -54.03
C HIS B 370 -35.53 -1.34 -52.62
N ILE B 371 -35.80 -2.28 -51.71
CA ILE B 371 -35.43 -2.14 -50.32
C ILE B 371 -34.29 -3.11 -49.93
N PRO B 372 -33.08 -2.56 -49.68
CA PRO B 372 -31.88 -3.32 -49.41
C PRO B 372 -31.76 -3.83 -47.99
N ALA B 373 -31.57 -5.14 -47.85
CA ALA B 373 -31.51 -5.83 -46.55
C ALA B 373 -30.72 -5.06 -45.50
N GLY B 374 -31.25 -5.07 -44.28
CA GLY B 374 -30.66 -4.32 -43.16
C GLY B 374 -31.36 -2.99 -42.96
N THR B 375 -32.44 -2.79 -43.74
CA THR B 375 -33.19 -1.55 -43.73
C THR B 375 -34.19 -1.52 -42.58
N LEU B 376 -34.26 -0.38 -41.91
CA LEU B 376 -35.30 -0.14 -40.92
C LEU B 376 -36.59 0.36 -41.59
N VAL B 377 -37.66 -0.42 -41.47
CA VAL B 377 -38.94 -0.01 -42.06
C VAL B 377 -40.00 0.38 -41.00
N GLN B 378 -40.66 1.51 -41.26
CA GLN B 378 -41.55 2.16 -40.32
C GLN B 378 -42.97 2.39 -40.89
N VAL B 379 -43.90 1.53 -40.51
CA VAL B 379 -45.31 1.74 -40.84
C VAL B 379 -45.93 2.71 -39.83
N PHE B 380 -46.34 3.85 -40.33
CA PHE B 380 -46.89 4.90 -39.51
C PHE B 380 -48.41 4.84 -39.56
N LEU B 381 -48.99 4.22 -38.53
CA LEU B 381 -50.41 3.86 -38.46
C LEU B 381 -51.40 5.04 -38.39
N TYR B 382 -50.90 6.21 -38.06
CA TYR B 382 -51.72 7.39 -38.00
C TYR B 382 -52.17 7.74 -39.41
N SER B 383 -51.20 8.07 -40.24
CA SER B 383 -51.42 8.37 -41.65
C SER B 383 -52.07 7.22 -42.40
N LEU B 384 -51.79 5.98 -41.98
CA LEU B 384 -52.45 4.80 -42.51
C LEU B 384 -53.95 4.80 -42.26
N GLY B 385 -54.33 4.74 -40.98
CA GLY B 385 -55.74 4.70 -40.58
C GLY B 385 -56.55 5.90 -41.07
N ARG B 386 -55.85 6.92 -41.55
CA ARG B 386 -56.48 8.13 -42.08
C ARG B 386 -56.50 8.24 -43.62
N ASN B 387 -55.92 7.26 -44.32
CA ASN B 387 -55.95 7.23 -45.79
C ASN B 387 -57.37 7.36 -46.36
N ALA B 388 -57.65 8.54 -46.91
CA ALA B 388 -58.95 8.83 -47.51
C ALA B 388 -59.46 7.72 -48.42
N ALA B 389 -58.55 7.06 -49.15
CA ALA B 389 -58.87 6.09 -50.21
C ALA B 389 -59.37 4.72 -49.72
N LEU B 390 -58.67 4.13 -48.77
CA LEU B 390 -59.03 2.81 -48.22
C LEU B 390 -60.10 2.90 -47.13
N PHE B 391 -60.25 4.10 -46.56
CA PHE B 391 -61.23 4.34 -45.51
C PHE B 391 -62.18 5.51 -45.85
N PRO B 392 -63.10 5.30 -46.83
CA PRO B 392 -64.05 6.36 -47.24
C PRO B 392 -64.67 7.07 -46.03
N ARG B 393 -64.66 8.40 -46.08
CA ARG B 393 -64.97 9.24 -44.93
C ARG B 393 -64.07 8.82 -43.77
N PRO B 394 -62.75 9.10 -43.87
CA PRO B 394 -61.83 8.65 -42.82
C PRO B 394 -62.05 9.37 -41.47
N GLU B 395 -62.54 10.61 -41.52
CA GLU B 395 -62.71 11.42 -40.32
C GLU B 395 -63.96 11.02 -39.55
N ARG B 396 -64.75 10.08 -40.08
CA ARG B 396 -65.99 9.62 -39.44
C ARG B 396 -65.72 8.42 -38.51
N TYR B 397 -66.44 8.36 -37.39
CA TYR B 397 -66.33 7.25 -36.44
C TYR B 397 -67.41 6.22 -36.73
N ASN B 398 -67.09 5.29 -37.62
CA ASN B 398 -68.09 4.35 -38.12
C ASN B 398 -67.66 2.89 -37.91
N PRO B 399 -68.20 2.23 -36.86
CA PRO B 399 -67.81 0.85 -36.61
C PRO B 399 -68.26 -0.15 -37.68
N GLN B 400 -69.37 0.14 -38.37
CA GLN B 400 -69.87 -0.76 -39.43
C GLN B 400 -68.88 -0.96 -40.58
N ARG B 401 -68.12 0.10 -40.86
CA ARG B 401 -66.94 0.06 -41.72
C ARG B 401 -66.17 -1.25 -41.68
N TRP B 402 -66.19 -1.92 -40.53
CA TRP B 402 -65.43 -3.16 -40.35
C TRP B 402 -66.25 -4.42 -40.61
N LEU B 403 -67.53 -4.24 -40.93
CA LEU B 403 -68.40 -5.35 -41.36
C LEU B 403 -68.59 -5.30 -42.88
N ASP B 404 -68.49 -4.08 -43.43
CA ASP B 404 -68.57 -3.81 -44.88
C ASP B 404 -67.36 -4.41 -45.62
N ILE B 405 -66.21 -4.43 -44.94
CA ILE B 405 -65.01 -5.18 -45.36
C ILE B 405 -65.40 -6.67 -45.48
N ARG B 406 -65.66 -7.09 -46.72
CA ARG B 406 -66.46 -8.28 -47.12
C ARG B 406 -67.96 -7.92 -47.10
N ASN B 411 -58.17 -6.08 -45.59
CA ASN B 411 -57.60 -7.18 -44.82
C ASN B 411 -56.56 -6.73 -43.80
N PHE B 412 -55.40 -6.29 -44.29
CA PHE B 412 -54.33 -5.75 -43.45
C PHE B 412 -54.69 -4.32 -43.03
N HIS B 413 -55.99 -4.03 -43.02
CA HIS B 413 -56.51 -2.71 -42.67
C HIS B 413 -56.44 -2.48 -41.15
N HIS B 414 -56.60 -3.56 -40.39
CA HIS B 414 -56.51 -3.57 -38.94
C HIS B 414 -55.16 -4.17 -38.56
N VAL B 415 -54.24 -3.31 -38.14
CA VAL B 415 -52.91 -3.76 -37.69
C VAL B 415 -52.39 -2.95 -36.48
N PRO B 416 -53.30 -2.50 -35.58
CA PRO B 416 -52.88 -1.64 -34.49
C PRO B 416 -52.02 -2.38 -33.47
N PHE B 417 -52.12 -3.71 -33.49
CA PHE B 417 -51.27 -4.58 -32.67
C PHE B 417 -50.01 -5.10 -33.36
N GLY B 418 -49.80 -4.73 -34.63
CA GLY B 418 -48.65 -5.25 -35.37
C GLY B 418 -49.10 -6.50 -36.08
N PHE B 419 -48.16 -7.35 -36.49
CA PHE B 419 -48.49 -8.49 -37.36
C PHE B 419 -47.57 -9.70 -37.17
N GLY B 420 -48.04 -10.86 -37.58
CA GLY B 420 -47.23 -12.04 -37.58
C GLY B 420 -47.01 -12.60 -36.20
N MET B 421 -45.77 -13.03 -35.96
CA MET B 421 -45.42 -13.87 -34.84
C MET B 421 -44.99 -12.96 -33.66
N ARG B 422 -44.77 -11.69 -34.01
CA ARG B 422 -44.51 -10.64 -33.04
C ARG B 422 -45.78 -9.86 -32.63
N GLN B 423 -46.89 -9.98 -33.37
CA GLN B 423 -48.08 -9.15 -33.04
C GLN B 423 -48.42 -9.19 -31.52
N CYS B 424 -48.79 -8.04 -30.98
CA CYS B 424 -48.90 -7.80 -29.53
C CYS B 424 -49.29 -9.02 -28.71
N LEU B 425 -48.34 -9.49 -27.91
CA LEU B 425 -48.55 -10.58 -26.97
C LEU B 425 -49.71 -10.30 -25.98
N GLY B 426 -50.01 -9.03 -25.73
CA GLY B 426 -51.11 -8.69 -24.83
C GLY B 426 -52.44 -8.39 -25.51
N ARG B 427 -52.49 -8.56 -26.83
CA ARG B 427 -53.67 -8.22 -27.61
C ARG B 427 -54.99 -8.72 -27.00
N ARG B 428 -55.02 -9.96 -26.55
CA ARG B 428 -56.30 -10.55 -26.22
C ARG B 428 -56.79 -10.09 -24.87
N LEU B 429 -55.86 -9.98 -23.93
CA LEU B 429 -56.10 -9.35 -22.64
C LEU B 429 -56.59 -7.92 -22.83
N ALA B 430 -55.94 -7.16 -23.71
CA ALA B 430 -56.28 -5.75 -23.85
C ALA B 430 -57.71 -5.58 -24.36
N GLU B 431 -58.03 -6.32 -25.42
CA GLU B 431 -59.35 -6.26 -26.04
C GLU B 431 -60.36 -6.79 -25.05
N ALA B 432 -59.95 -7.75 -24.24
CA ALA B 432 -60.80 -8.22 -23.14
C ALA B 432 -61.17 -7.09 -22.19
N GLU B 433 -60.16 -6.33 -21.77
CA GLU B 433 -60.35 -5.33 -20.76
C GLU B 433 -61.18 -4.20 -21.35
N MET B 434 -60.82 -3.82 -22.56
CA MET B 434 -61.54 -2.77 -23.30
C MET B 434 -63.01 -3.11 -23.56
N LEU B 435 -63.27 -4.37 -23.90
CA LEU B 435 -64.56 -4.83 -24.34
C LEU B 435 -65.52 -4.96 -23.18
N LEU B 436 -65.06 -5.58 -22.11
CA LEU B 436 -65.96 -5.83 -20.99
C LEU B 436 -66.25 -4.58 -20.16
N LEU B 437 -65.33 -3.64 -20.15
CA LEU B 437 -65.60 -2.36 -19.49
C LEU B 437 -66.70 -1.64 -20.25
N LEU B 438 -66.49 -1.47 -21.56
CA LEU B 438 -67.43 -0.77 -22.41
C LEU B 438 -68.82 -1.37 -22.31
N HIS B 439 -68.92 -2.67 -22.56
CA HIS B 439 -70.20 -3.36 -22.50
C HIS B 439 -70.96 -3.10 -21.19
N HIS B 440 -70.26 -3.24 -20.07
CA HIS B 440 -70.86 -3.02 -18.76
C HIS B 440 -71.26 -1.59 -18.53
N VAL B 441 -70.49 -0.64 -19.07
CA VAL B 441 -70.88 0.77 -18.99
C VAL B 441 -72.13 1.01 -19.83
N LEU B 442 -72.27 0.20 -20.88
CA LEU B 442 -73.24 0.43 -21.91
C LEU B 442 -74.64 -0.09 -21.56
N LYS B 443 -74.72 -1.09 -20.70
CA LYS B 443 -76.03 -1.58 -20.30
C LYS B 443 -76.59 -0.83 -19.10
N HIS B 444 -75.92 0.23 -18.67
CA HIS B 444 -76.38 0.95 -17.50
C HIS B 444 -76.42 2.47 -17.68
N PHE B 445 -75.62 3.00 -18.61
CA PHE B 445 -75.38 4.44 -18.65
C PHE B 445 -75.57 5.03 -20.02
N LEU B 446 -75.99 6.29 -20.05
CA LEU B 446 -75.82 7.08 -21.23
C LEU B 446 -74.58 7.92 -21.05
N VAL B 447 -73.74 7.99 -22.07
CA VAL B 447 -72.53 8.78 -22.01
C VAL B 447 -72.67 10.06 -22.85
N GLU B 448 -72.20 11.19 -22.33
CA GLU B 448 -72.42 12.48 -22.99
C GLU B 448 -71.29 13.48 -22.80
N THR B 449 -70.92 14.20 -23.86
CA THR B 449 -70.17 15.45 -23.69
C THR B 449 -70.76 16.62 -24.43
N LEU B 450 -70.47 17.78 -23.89
CA LEU B 450 -70.68 19.04 -24.54
C LEU B 450 -69.49 19.29 -25.45
N THR B 451 -68.35 18.71 -25.11
CA THR B 451 -67.08 19.03 -25.72
C THR B 451 -66.89 18.18 -26.96
N GLN B 452 -67.57 18.58 -28.02
CA GLN B 452 -67.55 17.89 -29.29
C GLN B 452 -66.28 18.08 -30.16
N GLU B 453 -65.48 19.10 -29.90
CA GLU B 453 -64.29 19.38 -30.73
C GLU B 453 -63.19 18.32 -30.57
N ASP B 454 -62.35 18.14 -31.59
CA ASP B 454 -61.33 17.07 -31.57
C ASP B 454 -60.40 17.15 -30.38
N ILE B 455 -59.99 16.02 -29.82
CA ILE B 455 -58.94 16.06 -28.83
C ILE B 455 -57.61 15.94 -29.54
N LYS B 456 -56.70 16.85 -29.21
CA LYS B 456 -55.38 16.86 -29.82
C LYS B 456 -54.51 15.76 -29.23
N MET B 457 -53.84 15.03 -30.10
CA MET B 457 -52.90 14.00 -29.68
C MET B 457 -51.51 14.57 -29.46
N VAL B 458 -50.79 13.95 -28.52
CA VAL B 458 -49.40 14.25 -28.24
C VAL B 458 -48.60 12.95 -28.43
N TYR B 459 -47.40 13.04 -28.99
CA TYR B 459 -46.55 11.86 -29.14
C TYR B 459 -45.57 11.78 -28.00
N SER B 460 -45.60 10.68 -27.26
CA SER B 460 -44.66 10.48 -26.15
C SER B 460 -44.26 9.00 -26.05
N PHE B 461 -43.62 8.53 -27.11
CA PHE B 461 -43.37 7.12 -27.34
C PHE B 461 -44.67 6.40 -27.73
N ILE B 462 -45.65 6.43 -26.84
CA ILE B 462 -47.03 6.13 -27.21
C ILE B 462 -47.70 7.41 -27.68
N LEU B 463 -48.79 7.26 -28.42
CA LEU B 463 -49.49 8.43 -28.91
C LEU B 463 -50.71 8.56 -28.05
N ARG B 464 -50.90 9.71 -27.42
CA ARG B 464 -51.94 9.84 -26.41
C ARG B 464 -52.73 11.15 -26.47
N PRO B 465 -53.97 11.15 -25.94
CA PRO B 465 -54.73 12.39 -25.84
C PRO B 465 -53.98 13.39 -24.98
N GLY B 466 -53.93 14.64 -25.41
CA GLY B 466 -53.24 15.68 -24.67
C GLY B 466 -54.20 16.22 -23.62
N THR B 467 -55.47 15.88 -23.77
CA THR B 467 -56.50 16.46 -22.93
C THR B 467 -57.48 15.37 -22.44
N SER B 468 -58.27 15.68 -21.42
CA SER B 468 -59.28 14.74 -20.98
C SER B 468 -60.68 15.37 -20.90
N PRO B 469 -61.57 15.02 -21.85
CA PRO B 469 -62.92 15.59 -21.93
C PRO B 469 -63.76 15.21 -20.73
N LEU B 470 -64.58 16.15 -20.27
CA LEU B 470 -65.45 15.95 -19.12
C LEU B 470 -66.66 15.12 -19.55
N LEU B 471 -66.66 13.84 -19.19
CA LEU B 471 -67.74 12.92 -19.57
C LEU B 471 -68.84 12.81 -18.53
N THR B 472 -70.08 12.72 -19.01
CA THR B 472 -71.26 12.55 -18.17
C THR B 472 -71.83 11.16 -18.39
N PHE B 473 -72.11 10.49 -17.28
CA PHE B 473 -72.70 9.17 -17.29
C PHE B 473 -74.04 9.29 -16.65
N ARG B 474 -75.09 9.29 -17.47
CA ARG B 474 -76.46 9.32 -16.96
C ARG B 474 -77.03 7.93 -16.87
N ALA B 475 -77.62 7.63 -15.73
CA ALA B 475 -78.20 6.33 -15.46
C ALA B 475 -79.53 6.05 -16.18
N ILE B 476 -79.69 4.78 -16.58
CA ILE B 476 -80.99 4.23 -16.96
C ILE B 476 -81.30 3.06 -16.03
N THR C 8 -53.16 92.57 14.15
CA THR C 8 -52.15 92.51 13.05
C THR C 8 -51.54 91.11 12.91
N VAL C 9 -51.09 90.53 14.03
CA VAL C 9 -50.44 89.22 14.04
C VAL C 9 -51.46 88.08 13.91
N LEU C 10 -51.10 87.06 13.13
CA LEU C 10 -52.02 85.95 12.81
C LEU C 10 -51.74 84.66 13.59
N PRO C 11 -52.79 83.85 13.83
CA PRO C 11 -52.66 82.60 14.58
C PRO C 11 -51.80 81.58 13.84
N PHE C 12 -51.09 80.75 14.59
CA PHE C 12 -50.18 79.78 13.99
C PHE C 12 -50.83 78.90 12.90
N GLU C 13 -52.12 78.62 13.07
CA GLU C 13 -52.87 77.77 12.12
C GLU C 13 -53.30 78.52 10.84
N ALA C 14 -53.04 79.83 10.75
CA ALA C 14 -53.39 80.62 9.57
C ALA C 14 -52.39 80.40 8.43
N MET C 15 -51.22 79.88 8.82
CA MET C 15 -50.10 79.60 7.94
C MET C 15 -50.47 78.55 6.90
N PRO C 16 -49.93 78.67 5.67
CA PRO C 16 -50.12 77.61 4.68
C PRO C 16 -49.58 76.28 5.20
N GLN C 17 -50.22 75.19 4.78
CA GLN C 17 -49.80 73.85 5.16
C GLN C 17 -49.02 73.18 4.04
N HIS C 18 -48.01 72.40 4.41
CA HIS C 18 -47.40 71.49 3.46
C HIS C 18 -48.45 70.44 3.12
N PRO C 19 -48.64 70.13 1.83
CA PRO C 19 -49.58 69.10 1.31
C PRO C 19 -49.36 67.65 1.80
N GLY C 20 -48.13 67.30 2.14
CA GLY C 20 -47.76 65.91 2.39
C GLY C 20 -48.22 65.30 3.71
N ASN C 21 -47.82 64.05 3.93
CA ASN C 21 -48.10 63.30 5.16
C ASN C 21 -46.82 62.91 5.86
N ARG C 22 -46.82 62.93 7.19
CA ARG C 22 -45.71 62.31 7.91
C ARG C 22 -45.73 60.80 7.68
N TRP C 23 -46.92 60.30 7.28
CA TRP C 23 -47.15 58.88 7.07
C TRP C 23 -46.82 58.40 5.66
N LEU C 24 -47.31 59.11 4.64
CA LEU C 24 -46.99 58.73 3.27
C LEU C 24 -45.51 58.94 2.95
N ARG C 25 -44.86 59.86 3.67
CA ARG C 25 -43.41 60.00 3.54
C ARG C 25 -42.63 58.91 4.28
N LEU C 26 -43.17 58.41 5.40
CA LEU C 26 -42.60 57.24 6.10
C LEU C 26 -42.40 56.09 5.14
N LEU C 27 -43.46 55.83 4.40
CA LEU C 27 -43.52 54.72 3.50
C LEU C 27 -42.64 54.97 2.28
N GLN C 28 -42.73 56.17 1.70
CA GLN C 28 -41.88 56.53 0.56
C GLN C 28 -40.40 56.31 0.89
N ILE C 29 -40.03 56.61 2.13
CA ILE C 29 -38.70 56.32 2.64
C ILE C 29 -38.53 54.83 2.91
N TRP C 30 -39.56 54.22 3.49
CA TRP C 30 -39.54 52.78 3.75
C TRP C 30 -39.25 52.04 2.45
N ARG C 31 -40.01 52.39 1.42
CA ARG C 31 -39.94 51.74 0.12
C ARG C 31 -38.62 52.00 -0.60
N GLU C 32 -38.27 53.27 -0.75
CA GLU C 32 -37.14 53.70 -1.59
C GLU C 32 -35.80 53.69 -0.89
N GLN C 33 -35.82 53.51 0.42
CA GLN C 33 -34.61 53.42 1.24
C GLN C 33 -33.89 54.76 1.30
N GLY C 34 -34.66 55.83 1.13
CA GLY C 34 -34.12 57.18 1.14
C GLY C 34 -35.11 58.28 0.85
N TYR C 35 -34.56 59.46 0.58
CA TYR C 35 -35.34 60.65 0.32
C TYR C 35 -34.48 61.67 -0.41
N GLU C 36 -33.88 61.22 -1.51
CA GLU C 36 -32.88 61.99 -2.22
C GLU C 36 -33.38 63.32 -2.84
N HIS C 37 -34.69 63.47 -3.04
CA HIS C 37 -35.24 64.68 -3.66
C HIS C 37 -35.77 65.68 -2.63
N LEU C 38 -35.60 65.39 -1.35
CA LEU C 38 -36.13 66.27 -0.31
C LEU C 38 -35.89 67.75 -0.65
N HIS C 39 -34.66 68.09 -1.01
CA HIS C 39 -34.33 69.48 -1.22
C HIS C 39 -35.20 70.08 -2.31
N LEU C 40 -35.40 69.33 -3.40
CA LEU C 40 -36.23 69.79 -4.51
C LEU C 40 -37.68 69.98 -4.08
N GLU C 41 -38.24 68.96 -3.44
CA GLU C 41 -39.60 68.98 -2.92
C GLU C 41 -39.86 70.14 -1.94
N MET C 42 -38.92 70.37 -1.05
CA MET C 42 -38.98 71.54 -0.20
C MET C 42 -38.92 72.83 -0.99
N HIS C 43 -38.05 72.87 -2.00
CA HIS C 43 -37.93 74.06 -2.84
C HIS C 43 -39.24 74.34 -3.59
N GLN C 44 -39.85 73.30 -4.16
CA GLN C 44 -41.03 73.56 -4.97
C GLN C 44 -42.26 73.87 -4.10
N THR C 45 -42.14 73.63 -2.81
CA THR C 45 -43.19 73.95 -1.83
C THR C 45 -43.15 75.42 -1.39
N PHE C 46 -41.95 75.99 -1.34
CA PHE C 46 -41.78 77.42 -1.05
C PHE C 46 -42.27 78.28 -2.21
N GLN C 47 -41.96 77.85 -3.42
CA GLN C 47 -42.42 78.48 -4.64
C GLN C 47 -43.89 78.76 -4.51
N GLU C 48 -44.63 77.68 -4.27
CA GLU C 48 -46.08 77.63 -4.32
C GLU C 48 -46.80 78.15 -3.09
N LEU C 49 -46.14 78.17 -1.94
CA LEU C 49 -46.84 78.60 -0.73
C LEU C 49 -46.24 79.83 -0.07
N GLY C 50 -45.21 80.39 -0.68
CA GLY C 50 -44.57 81.56 -0.09
C GLY C 50 -43.40 81.25 0.82
N PRO C 51 -42.93 82.28 1.54
CA PRO C 51 -41.66 82.20 2.23
C PRO C 51 -41.69 81.28 3.45
N ILE C 52 -42.90 80.85 3.84
CA ILE C 52 -43.14 80.24 5.15
C ILE C 52 -44.35 79.30 5.14
N PHE C 53 -44.17 78.11 5.73
CA PHE C 53 -45.28 77.16 5.95
C PHE C 53 -45.06 76.22 7.13
N ARG C 54 -46.16 75.71 7.66
CA ARG C 54 -46.14 74.73 8.74
C ARG C 54 -46.29 73.34 8.19
N TYR C 55 -45.74 72.37 8.91
CA TYR C 55 -45.84 70.97 8.53
C TYR C 55 -46.64 70.24 9.60
N ASN C 56 -47.60 69.43 9.16
CA ASN C 56 -48.37 68.59 10.08
C ASN C 56 -47.54 67.42 10.65
N LEU C 57 -46.90 67.67 11.81
CA LEU C 57 -46.22 66.59 12.53
C LEU C 57 -47.21 65.81 13.41
N GLY C 58 -48.44 66.32 13.52
CA GLY C 58 -49.58 65.60 14.13
C GLY C 58 -49.80 65.95 15.60
N GLY C 59 -49.83 67.24 15.90
CA GLY C 59 -49.68 67.69 17.30
C GLY C 59 -48.42 68.55 17.49
N PRO C 60 -47.21 68.01 17.17
CA PRO C 60 -45.98 68.85 17.27
C PRO C 60 -45.95 69.95 16.20
N ARG C 61 -45.40 71.11 16.56
CA ARG C 61 -45.39 72.26 15.66
C ARG C 61 -44.07 72.46 14.93
N MET C 62 -44.07 72.36 13.61
CA MET C 62 -42.89 72.76 12.87
C MET C 62 -43.11 73.77 11.75
N VAL C 63 -42.18 74.72 11.63
CA VAL C 63 -42.26 75.75 10.61
C VAL C 63 -41.01 75.73 9.74
N CYS C 64 -41.22 75.85 8.42
CA CYS C 64 -40.13 75.96 7.46
C CYS C 64 -40.04 77.38 6.91
N VAL C 65 -38.86 77.96 7.00
CA VAL C 65 -38.63 79.34 6.55
C VAL C 65 -37.42 79.42 5.62
N MET C 66 -37.37 80.48 4.81
CA MET C 66 -36.34 80.60 3.79
C MET C 66 -35.63 81.96 3.70
N LEU C 67 -36.01 82.90 4.56
CA LEU C 67 -35.55 84.30 4.45
C LEU C 67 -34.54 84.73 5.52
N PRO C 68 -33.54 85.54 5.13
CA PRO C 68 -32.54 86.04 6.07
C PRO C 68 -33.24 86.82 7.16
N GLU C 69 -34.13 87.70 6.72
CA GLU C 69 -35.09 88.36 7.59
C GLU C 69 -35.53 87.43 8.73
N ASP C 70 -35.88 86.18 8.39
CA ASP C 70 -36.39 85.23 9.39
C ASP C 70 -35.32 84.53 10.22
N VAL C 71 -34.13 84.35 9.65
CA VAL C 71 -32.95 83.88 10.40
C VAL C 71 -32.54 84.85 11.50
N GLU C 72 -32.54 86.14 11.15
CA GLU C 72 -32.22 87.22 12.07
C GLU C 72 -33.21 87.24 13.22
N LYS C 73 -34.48 87.01 12.89
CA LYS C 73 -35.55 86.95 13.89
C LYS C 73 -35.36 85.78 14.87
N LEU C 74 -34.88 84.66 14.32
CA LEU C 74 -34.69 83.43 15.08
C LEU C 74 -33.51 83.52 16.04
N GLN C 75 -32.44 84.20 15.64
CA GLN C 75 -31.27 84.36 16.50
C GLN C 75 -31.59 85.18 17.73
N GLN C 76 -32.39 86.22 17.54
CA GLN C 76 -32.81 87.09 18.64
C GLN C 76 -33.42 86.27 19.78
N VAL C 77 -33.82 85.05 19.45
CA VAL C 77 -34.55 84.18 20.34
C VAL C 77 -33.70 82.96 20.74
N ASP C 78 -32.43 82.98 20.34
CA ASP C 78 -31.44 82.06 20.90
C ASP C 78 -31.37 82.43 22.36
N SER C 79 -31.62 81.45 23.23
CA SER C 79 -31.58 81.73 24.64
C SER C 79 -30.13 81.72 25.10
N LEU C 80 -29.86 81.06 26.22
CA LEU C 80 -28.50 80.88 26.64
C LEU C 80 -28.11 79.46 26.27
N HIS C 81 -29.15 78.66 25.99
CA HIS C 81 -29.02 77.25 25.68
C HIS C 81 -29.85 76.94 24.44
N PRO C 82 -29.40 77.44 23.27
CA PRO C 82 -30.12 77.22 22.03
C PRO C 82 -30.28 75.75 21.75
N CYS C 83 -31.50 75.36 21.39
CA CYS C 83 -31.81 73.96 21.18
C CYS C 83 -32.01 73.67 19.72
N ARG C 84 -31.51 72.51 19.32
CA ARG C 84 -32.00 71.93 18.09
C ARG C 84 -32.45 70.50 18.37
N MET C 85 -33.26 69.95 17.47
CA MET C 85 -33.97 68.70 17.76
C MET C 85 -33.03 67.54 18.09
N ILE C 86 -33.40 66.77 19.11
CA ILE C 86 -32.66 65.56 19.48
C ILE C 86 -32.71 64.56 18.35
N LEU C 87 -31.53 64.19 17.89
CA LEU C 87 -31.38 63.34 16.73
C LEU C 87 -31.27 61.91 17.20
N GLU C 88 -32.43 61.27 17.29
CA GLU C 88 -32.65 59.98 17.95
C GLU C 88 -31.60 58.90 17.66
N PRO C 89 -31.36 58.58 16.38
CA PRO C 89 -30.48 57.43 16.12
C PRO C 89 -29.05 57.62 16.56
N TRP C 90 -28.50 58.82 16.39
CA TRP C 90 -27.13 59.14 16.80
C TRP C 90 -26.97 59.13 18.33
N VAL C 91 -27.89 59.80 19.02
CA VAL C 91 -27.94 59.78 20.48
C VAL C 91 -28.14 58.33 20.95
N ALA C 92 -28.98 57.57 20.24
CA ALA C 92 -29.25 56.21 20.67
C ALA C 92 -27.96 55.37 20.68
N TYR C 93 -27.09 55.59 19.68
CA TYR C 93 -25.82 54.87 19.65
C TYR C 93 -24.96 55.24 20.85
N ARG C 94 -25.00 56.50 21.26
CA ARG C 94 -24.27 56.90 22.43
C ARG C 94 -24.83 56.20 23.67
N GLN C 95 -26.16 56.09 23.79
CA GLN C 95 -26.71 55.40 24.96
C GLN C 95 -26.59 53.88 24.90
N HIS C 96 -26.66 53.30 23.71
CA HIS C 96 -26.41 51.86 23.63
C HIS C 96 -25.00 51.49 24.03
N ARG C 97 -24.04 52.38 23.83
CA ARG C 97 -22.66 52.06 24.17
C ARG C 97 -22.12 52.81 25.38
N GLY C 98 -22.96 53.64 26.01
CA GLY C 98 -22.59 54.34 27.26
C GLY C 98 -21.53 55.44 27.12
N HIS C 99 -21.29 55.87 25.90
CA HIS C 99 -20.41 57.00 25.61
C HIS C 99 -21.13 58.31 25.87
N LYS C 100 -20.37 59.35 26.17
CA LYS C 100 -20.89 60.70 26.36
C LYS C 100 -21.21 61.32 25.01
N CYS C 101 -22.04 62.36 24.99
CA CYS C 101 -22.36 63.04 23.74
C CYS C 101 -21.51 64.30 23.54
N GLY C 102 -21.28 64.60 22.26
CA GLY C 102 -20.50 65.74 21.85
C GLY C 102 -21.41 66.92 21.60
N VAL C 103 -20.80 68.03 21.25
CA VAL C 103 -21.52 69.28 21.18
C VAL C 103 -22.63 69.29 20.10
N PHE C 104 -22.44 68.57 18.99
CA PHE C 104 -23.45 68.43 17.94
C PHE C 104 -24.77 67.79 18.39
N LEU C 105 -24.69 66.94 19.42
CA LEU C 105 -25.85 66.22 19.97
C LEU C 105 -26.32 66.68 21.36
N LEU C 106 -25.61 67.60 22.00
CA LEU C 106 -26.02 68.04 23.33
C LEU C 106 -26.97 69.22 23.26
N ASN C 107 -27.86 69.32 24.25
CA ASN C 107 -28.65 70.52 24.49
C ASN C 107 -28.52 70.97 25.94
N GLY C 108 -28.76 72.26 26.19
CA GLY C 108 -28.85 72.81 27.55
C GLY C 108 -27.51 73.07 28.23
N PRO C 109 -27.50 73.06 29.57
CA PRO C 109 -26.29 73.33 30.34
C PRO C 109 -25.10 72.48 29.92
N GLU C 110 -25.34 71.19 29.65
CA GLU C 110 -24.27 70.27 29.26
C GLU C 110 -23.67 70.73 27.92
N TRP C 111 -24.52 71.20 27.02
CA TRP C 111 -24.06 71.76 25.77
C TRP C 111 -23.09 72.89 26.05
N ARG C 112 -23.55 73.88 26.82
CA ARG C 112 -22.84 75.15 27.06
C ARG C 112 -21.50 74.94 27.77
N PHE C 113 -21.49 73.94 28.64
CA PHE C 113 -20.29 73.58 29.36
C PHE C 113 -19.22 73.07 28.37
N ASN C 114 -19.65 72.22 27.44
CA ASN C 114 -18.76 71.69 26.42
C ASN C 114 -18.33 72.78 25.44
N ARG C 115 -19.30 73.49 24.87
CA ARG C 115 -19.03 74.52 23.85
C ARG C 115 -17.99 75.53 24.31
N LEU C 116 -18.17 76.11 25.49
CA LEU C 116 -17.23 77.13 25.99
C LEU C 116 -15.81 76.62 26.23
N ARG C 117 -15.65 75.31 26.34
CA ARG C 117 -14.31 74.75 26.50
C ARG C 117 -13.70 74.23 25.19
N LEU C 118 -14.51 74.26 24.13
CA LEU C 118 -14.08 73.86 22.80
C LEU C 118 -13.75 75.04 21.87
N ASN C 119 -14.45 76.17 21.98
CA ASN C 119 -14.18 77.36 21.13
C ASN C 119 -12.72 77.83 21.11
N PRO C 120 -12.10 77.97 22.28
CA PRO C 120 -10.73 78.51 22.20
C PRO C 120 -9.73 77.74 21.34
N ASP C 121 -9.81 76.42 21.27
CA ASP C 121 -8.80 75.68 20.50
C ASP C 121 -9.29 75.16 19.14
N VAL C 122 -10.61 75.20 18.90
CA VAL C 122 -11.17 74.70 17.65
C VAL C 122 -11.54 75.82 16.68
N LEU C 123 -11.93 76.97 17.22
CA LEU C 123 -12.57 78.01 16.42
C LEU C 123 -11.93 79.39 16.58
N SER C 124 -11.39 79.67 17.77
CA SER C 124 -10.64 80.87 18.06
C SER C 124 -9.67 81.22 16.91
N PRO C 125 -9.68 82.48 16.43
CA PRO C 125 -8.71 82.82 15.36
C PRO C 125 -7.26 82.61 15.80
N LYS C 126 -7.02 82.65 17.11
CA LYS C 126 -5.69 82.33 17.67
C LYS C 126 -5.33 80.91 17.29
N ALA C 127 -6.24 79.98 17.56
CA ALA C 127 -6.14 78.58 17.11
C ALA C 127 -5.87 78.41 15.60
N VAL C 128 -6.68 79.06 14.77
CA VAL C 128 -6.53 78.99 13.32
C VAL C 128 -5.13 79.38 12.91
N GLN C 129 -4.52 80.26 13.70
CA GLN C 129 -3.21 80.76 13.39
C GLN C 129 -2.18 79.68 13.65
N ARG C 130 -2.48 78.79 14.60
CA ARG C 130 -1.56 77.71 14.94
C ARG C 130 -1.69 76.54 13.98
N PHE C 131 -2.91 76.25 13.51
CA PHE C 131 -3.14 75.05 12.69
C PHE C 131 -3.10 75.20 11.13
N LEU C 132 -3.36 76.41 10.64
CA LEU C 132 -3.14 76.76 9.23
C LEU C 132 -1.82 76.22 8.67
N PRO C 133 -0.69 76.52 9.34
CA PRO C 133 0.58 76.14 8.71
C PRO C 133 0.72 74.62 8.53
N MET C 134 0.01 73.85 9.33
CA MET C 134 -0.02 72.40 9.16
C MET C 134 -0.91 72.10 7.98
N VAL C 135 -2.16 72.55 8.03
CA VAL C 135 -3.09 72.39 6.89
C VAL C 135 -2.36 72.73 5.55
N ASP C 136 -1.75 73.90 5.48
CA ASP C 136 -0.93 74.32 4.35
C ASP C 136 0.03 73.24 3.82
N ALA C 137 0.64 72.49 4.72
CA ALA C 137 1.56 71.44 4.30
C ALA C 137 0.84 70.32 3.53
N VAL C 138 -0.36 69.97 3.98
CA VAL C 138 -1.08 68.90 3.31
C VAL C 138 -1.56 69.39 1.97
N ALA C 139 -2.11 70.61 1.95
CA ALA C 139 -2.50 71.24 0.68
C ALA C 139 -1.37 71.32 -0.33
N ARG C 140 -0.16 71.62 0.13
CA ARG C 140 0.99 71.66 -0.75
C ARG C 140 1.35 70.25 -1.22
N ASP C 141 1.31 69.30 -0.30
CA ASP C 141 1.66 67.93 -0.66
C ASP C 141 0.73 67.39 -1.74
N PHE C 142 -0.50 67.92 -1.78
CA PHE C 142 -1.53 67.51 -2.71
C PHE C 142 -1.25 68.00 -4.11
N SER C 143 -0.78 69.23 -4.26
CA SER C 143 -0.52 69.76 -5.60
C SER C 143 0.77 69.26 -6.21
N GLN C 144 1.72 68.95 -5.35
CA GLN C 144 3.00 68.42 -5.70
C GLN C 144 2.79 67.01 -6.28
N ALA C 145 1.96 66.22 -5.60
CA ALA C 145 1.61 64.87 -6.02
C ALA C 145 0.93 64.88 -7.40
N LEU C 146 -0.13 65.68 -7.52
CA LEU C 146 -0.82 65.92 -8.78
C LEU C 146 0.11 66.37 -9.94
N LYS C 147 1.08 67.22 -9.62
CA LYS C 147 1.95 67.78 -10.62
C LYS C 147 3.00 66.79 -11.03
N LYS C 148 3.38 65.86 -10.16
CA LYS C 148 4.30 64.79 -10.59
C LYS C 148 3.65 63.86 -11.65
N LYS C 149 2.36 63.56 -11.45
CA LYS C 149 1.57 62.74 -12.36
C LYS C 149 1.26 63.48 -13.67
N VAL C 150 0.74 64.69 -13.53
CA VAL C 150 0.42 65.51 -14.67
C VAL C 150 1.61 65.58 -15.63
N LEU C 151 2.79 65.89 -15.11
CA LEU C 151 3.99 66.04 -15.95
C LEU C 151 4.52 64.70 -16.51
N GLN C 152 3.95 63.57 -16.09
CA GLN C 152 4.31 62.32 -16.69
C GLN C 152 3.56 62.11 -18.02
N ASN C 153 2.52 62.89 -18.26
CA ASN C 153 1.74 62.79 -19.49
C ASN C 153 2.18 63.82 -20.57
N ALA C 154 2.12 63.41 -21.84
CA ALA C 154 2.67 64.22 -22.92
C ALA C 154 2.00 65.57 -23.05
N ARG C 155 0.67 65.59 -22.97
CA ARG C 155 -0.05 66.84 -22.99
C ARG C 155 0.03 67.58 -21.65
N GLY C 156 0.90 67.15 -20.75
CA GLY C 156 1.01 67.74 -19.41
C GLY C 156 -0.30 68.03 -18.70
N SER C 157 -1.19 67.04 -18.60
CA SER C 157 -2.46 67.17 -17.92
C SER C 157 -2.94 65.82 -17.43
N LEU C 158 -3.76 65.83 -16.37
CA LEU C 158 -4.45 64.63 -15.95
C LEU C 158 -5.93 64.89 -15.92
N THR C 159 -6.70 63.96 -16.46
CA THR C 159 -8.14 64.04 -16.45
C THR C 159 -8.57 62.87 -15.62
N LEU C 160 -9.28 63.18 -14.53
CA LEU C 160 -9.68 62.17 -13.55
C LEU C 160 -10.93 62.62 -12.82
N ASP C 161 -11.52 61.69 -12.08
CA ASP C 161 -12.45 61.97 -11.00
C ASP C 161 -11.60 62.32 -9.77
N VAL C 162 -11.70 63.53 -9.21
CA VAL C 162 -10.90 63.89 -8.01
C VAL C 162 -11.48 63.54 -6.67
N GLN C 163 -12.77 63.23 -6.64
CA GLN C 163 -13.46 62.95 -5.40
C GLN C 163 -12.63 62.04 -4.45
N PRO C 164 -12.15 60.86 -4.92
CA PRO C 164 -11.41 60.03 -3.97
C PRO C 164 -10.27 60.80 -3.33
N SER C 165 -9.39 61.39 -4.12
CA SER C 165 -8.23 62.14 -3.57
C SER C 165 -8.64 63.41 -2.82
N ILE C 166 -9.75 64.04 -3.21
CA ILE C 166 -10.24 65.12 -2.40
C ILE C 166 -10.66 64.60 -1.02
N PHE C 167 -11.40 63.50 -0.99
CA PHE C 167 -11.83 62.95 0.27
C PHE C 167 -10.66 62.55 1.15
N HIS C 168 -9.62 62.01 0.54
CA HIS C 168 -8.46 61.65 1.31
C HIS C 168 -7.64 62.84 1.81
N TYR C 169 -7.77 63.97 1.12
CA TYR C 169 -7.15 65.20 1.56
C TYR C 169 -7.78 65.61 2.87
N THR C 170 -9.11 65.67 2.90
CA THR C 170 -9.79 66.19 4.04
C THR C 170 -9.60 65.30 5.26
N ILE C 171 -9.36 64.02 5.03
CA ILE C 171 -8.98 63.11 6.10
C ILE C 171 -7.55 63.42 6.54
N GLU C 172 -6.64 63.62 5.58
CA GLU C 172 -5.23 63.90 5.93
C GLU C 172 -5.09 65.16 6.74
N ALA C 173 -5.75 66.22 6.27
CA ALA C 173 -5.59 67.56 6.84
C ALA C 173 -6.29 67.63 8.20
N SER C 174 -7.54 67.18 8.24
CA SER C 174 -8.26 67.13 9.49
C SER C 174 -7.47 66.40 10.58
N ASN C 175 -6.83 65.31 10.20
CA ASN C 175 -6.17 64.45 11.17
C ASN C 175 -4.90 65.14 11.64
N LEU C 176 -4.27 65.88 10.74
CA LEU C 176 -3.11 66.68 11.12
C LEU C 176 -3.51 67.90 11.96
N ALA C 177 -4.57 68.59 11.57
CA ALA C 177 -5.06 69.68 12.38
C ALA C 177 -5.44 69.19 13.76
N LEU C 178 -6.00 67.97 13.82
CA LEU C 178 -6.73 67.51 14.99
C LEU C 178 -5.86 66.75 15.96
N PHE C 179 -4.93 65.95 15.42
CA PHE C 179 -4.18 64.99 16.24
C PHE C 179 -2.69 65.13 16.12
N GLY C 180 -2.26 65.97 15.16
CA GLY C 180 -0.85 66.16 14.86
C GLY C 180 -0.28 64.95 14.17
N GLU C 181 -1.14 63.99 13.83
CA GLU C 181 -0.73 62.79 13.13
C GLU C 181 -0.85 63.01 11.62
N ARG C 182 0.21 62.66 10.93
CA ARG C 182 0.26 62.74 9.48
C ARG C 182 0.10 61.32 8.95
N LEU C 183 -1.14 60.91 8.62
CA LEU C 183 -1.35 59.59 8.02
C LEU C 183 -0.75 59.60 6.60
N GLY C 184 -0.59 58.45 5.98
CA GLY C 184 0.16 58.50 4.71
C GLY C 184 -0.67 58.85 3.48
N LEU C 185 -1.79 59.55 3.66
CA LEU C 185 -2.86 59.48 2.66
C LEU C 185 -2.89 60.45 1.45
N VAL C 186 -1.96 61.40 1.37
CA VAL C 186 -1.94 62.30 0.22
C VAL C 186 -0.77 61.94 -0.70
N GLY C 187 -1.07 61.71 -1.99
CA GLY C 187 -0.07 61.27 -2.98
C GLY C 187 0.40 59.84 -2.76
N HIS C 188 -0.53 59.01 -2.29
CA HIS C 188 -0.36 57.56 -2.12
C HIS C 188 -1.77 57.01 -2.20
N SER C 189 -1.96 55.74 -1.96
CA SER C 189 -3.28 55.15 -2.11
C SER C 189 -4.07 55.15 -0.81
N PRO C 190 -5.40 55.29 -0.93
CA PRO C 190 -6.31 55.07 0.17
C PRO C 190 -5.93 53.78 0.91
N SER C 191 -6.01 53.78 2.24
CA SER C 191 -5.88 52.54 3.01
C SER C 191 -7.25 51.85 3.16
N SER C 192 -7.24 50.61 3.64
CA SER C 192 -8.49 49.94 3.99
C SER C 192 -9.11 50.63 5.19
N ALA C 193 -8.31 51.31 6.01
CA ALA C 193 -8.89 52.04 7.11
C ALA C 193 -9.60 53.30 6.58
N SER C 194 -9.10 53.86 5.48
CA SER C 194 -9.71 55.01 4.86
C SER C 194 -11.03 54.68 4.18
N LEU C 195 -11.01 53.65 3.33
CA LEU C 195 -12.18 53.31 2.55
C LEU C 195 -13.28 52.75 3.42
N ASN C 196 -12.90 52.19 4.56
CA ASN C 196 -13.89 51.68 5.49
C ASN C 196 -14.56 52.83 6.21
N PHE C 197 -13.73 53.81 6.58
CA PHE C 197 -14.23 54.98 7.23
C PHE C 197 -15.19 55.76 6.32
N LEU C 198 -14.77 56.03 5.09
CA LEU C 198 -15.65 56.70 4.10
C LEU C 198 -16.94 55.92 3.87
N HIS C 199 -16.79 54.62 3.61
CA HIS C 199 -17.95 53.72 3.46
C HIS C 199 -18.89 53.79 4.66
N ALA C 200 -18.34 53.69 5.87
CA ALA C 200 -19.16 53.74 7.08
C ALA C 200 -19.83 55.08 7.22
N LEU C 201 -19.14 56.17 6.86
CA LEU C 201 -19.73 57.50 7.00
C LEU C 201 -20.93 57.61 6.09
N GLU C 202 -20.77 57.14 4.87
CA GLU C 202 -21.86 57.12 3.89
C GLU C 202 -23.00 56.23 4.34
N VAL C 203 -22.68 55.04 4.80
CA VAL C 203 -23.75 54.19 5.30
C VAL C 203 -24.49 54.87 6.45
N MET C 204 -23.71 55.45 7.37
CA MET C 204 -24.26 56.15 8.53
C MET C 204 -25.23 57.24 8.11
N PHE C 205 -24.85 58.08 7.15
CA PHE C 205 -25.78 59.11 6.66
C PHE C 205 -27.05 58.51 6.09
N LYS C 206 -26.89 57.56 5.17
CA LYS C 206 -28.00 56.84 4.51
C LYS C 206 -29.04 56.34 5.49
N SER C 207 -28.59 55.57 6.47
CA SER C 207 -29.48 55.04 7.51
C SER C 207 -30.05 56.13 8.39
N THR C 208 -29.32 57.22 8.60
CA THR C 208 -29.85 58.31 9.41
C THR C 208 -31.19 58.77 8.83
N VAL C 209 -31.30 58.74 7.51
CA VAL C 209 -32.49 59.24 6.82
C VAL C 209 -33.61 58.25 7.00
N GLN C 210 -33.30 56.99 6.76
CA GLN C 210 -34.24 55.87 6.95
C GLN C 210 -34.84 55.78 8.36
N LEU C 211 -34.25 56.45 9.35
CA LEU C 211 -34.67 56.27 10.74
C LEU C 211 -35.22 57.52 11.41
N MET C 212 -34.77 58.68 10.96
CA MET C 212 -35.05 59.95 11.63
C MET C 212 -36.44 60.54 11.35
N PHE C 213 -37.23 59.91 10.49
CA PHE C 213 -38.50 60.52 10.12
C PHE C 213 -39.70 59.83 10.74
N MET C 214 -39.44 58.87 11.63
CA MET C 214 -40.48 58.14 12.34
C MET C 214 -39.94 57.78 13.70
N PRO C 215 -40.81 57.71 14.74
CA PRO C 215 -40.31 57.41 16.09
C PRO C 215 -39.77 55.99 16.20
N ARG C 216 -38.88 55.78 17.17
CA ARG C 216 -38.19 54.50 17.38
C ARG C 216 -39.17 53.37 17.63
N SER C 217 -40.27 53.67 18.33
CA SER C 217 -41.35 52.71 18.48
C SER C 217 -41.78 52.10 17.14
N LEU C 218 -41.84 52.92 16.08
CA LEU C 218 -42.18 52.42 14.73
C LEU C 218 -41.02 51.73 14.01
N SER C 219 -39.87 52.40 13.94
CA SER C 219 -38.68 51.86 13.26
C SER C 219 -38.13 50.57 13.89
N ARG C 220 -38.23 50.50 15.22
CA ARG C 220 -37.98 49.29 16.00
C ARG C 220 -38.40 48.03 15.23
N TRP C 221 -39.64 48.04 14.73
CA TRP C 221 -40.21 46.90 14.02
C TRP C 221 -40.45 47.14 12.54
N ILE C 222 -40.35 48.38 12.10
CA ILE C 222 -40.52 48.64 10.67
C ILE C 222 -39.21 48.35 9.92
N SER C 223 -38.10 48.82 10.49
CA SER C 223 -36.79 48.57 9.88
C SER C 223 -35.75 48.17 10.92
N PRO C 224 -35.91 46.97 11.51
CA PRO C 224 -35.02 46.53 12.59
C PRO C 224 -33.55 46.39 12.17
N LYS C 225 -33.30 46.00 10.92
CA LYS C 225 -31.92 45.80 10.45
C LYS C 225 -31.31 47.03 9.84
N VAL C 226 -32.14 48.04 9.58
CA VAL C 226 -31.64 49.38 9.24
C VAL C 226 -31.00 49.99 10.48
N TRP C 227 -31.59 49.76 11.64
CA TRP C 227 -30.97 50.09 12.92
C TRP C 227 -29.64 49.36 13.13
N LYS C 228 -29.63 48.05 12.85
CA LYS C 228 -28.42 47.24 12.89
C LYS C 228 -27.37 47.81 11.97
N GLU C 229 -27.79 48.26 10.78
CA GLU C 229 -26.87 48.90 9.83
C GLU C 229 -26.24 50.20 10.37
N HIS C 230 -27.06 51.03 11.00
CA HIS C 230 -26.66 52.32 11.57
C HIS C 230 -25.65 52.14 12.70
N PHE C 231 -25.90 51.15 13.54
CA PHE C 231 -25.05 50.90 14.68
C PHE C 231 -23.73 50.30 14.22
N GLU C 232 -23.81 49.40 13.23
CA GLU C 232 -22.63 48.71 12.72
C GLU C 232 -21.75 49.72 12.03
N ALA C 233 -22.40 50.70 11.39
CA ALA C 233 -21.70 51.81 10.76
C ALA C 233 -21.01 52.63 11.83
N TRP C 234 -21.78 53.18 12.77
CA TRP C 234 -21.16 53.86 13.92
C TRP C 234 -20.02 53.05 14.55
N ASP C 235 -20.18 51.73 14.67
CA ASP C 235 -19.13 50.90 15.29
C ASP C 235 -17.79 51.13 14.64
N CYS C 236 -17.75 51.08 13.31
CA CYS C 236 -16.55 51.28 12.53
C CYS C 236 -16.09 52.76 12.51
N ILE C 237 -17.04 53.68 12.56
CA ILE C 237 -16.72 55.08 12.79
C ILE C 237 -16.05 55.25 14.19
N PHE C 238 -16.63 54.71 15.25
CA PHE C 238 -16.09 54.96 16.60
C PHE C 238 -14.79 54.23 16.85
N GLN C 239 -14.40 53.40 15.90
CA GLN C 239 -13.21 52.61 16.02
C GLN C 239 -12.07 53.31 15.29
N TYR C 240 -12.42 54.04 14.24
CA TYR C 240 -11.47 54.93 13.57
C TYR C 240 -11.05 56.05 14.53
N GLY C 241 -12.03 56.76 15.06
CA GLY C 241 -11.80 57.79 16.04
C GLY C 241 -11.11 57.37 17.33
N ASP C 242 -11.55 56.27 17.96
CA ASP C 242 -10.92 55.87 19.21
C ASP C 242 -9.43 55.57 19.02
N ASN C 243 -9.10 54.93 17.90
CA ASN C 243 -7.74 54.60 17.59
C ASN C 243 -6.92 55.86 17.57
N CYS C 244 -7.43 56.89 16.89
CA CYS C 244 -6.78 58.20 16.87
C CYS C 244 -6.55 58.77 18.26
N ILE C 245 -7.55 58.70 19.12
CA ILE C 245 -7.41 59.33 20.42
C ILE C 245 -6.47 58.55 21.35
N GLN C 246 -6.58 57.23 21.37
CA GLN C 246 -5.70 56.38 22.19
C GLN C 246 -4.23 56.64 21.89
N LYS C 247 -3.93 56.86 20.62
CA LYS C 247 -2.59 57.21 20.17
C LYS C 247 -2.10 58.49 20.86
N ILE C 248 -2.89 59.55 20.76
CA ILE C 248 -2.52 60.86 21.28
C ILE C 248 -2.52 60.85 22.81
N TYR C 249 -3.49 60.18 23.43
CA TYR C 249 -3.62 60.20 24.89
C TYR C 249 -2.41 59.59 25.56
N GLN C 250 -1.74 58.68 24.88
CA GLN C 250 -0.66 57.94 25.47
C GLN C 250 0.64 58.65 25.15
N GLU C 251 0.63 59.47 24.10
CA GLU C 251 1.82 60.24 23.81
C GLU C 251 1.91 61.33 24.87
N LEU C 252 0.85 62.10 25.04
CA LEU C 252 0.81 63.22 26.00
C LEU C 252 0.79 62.84 27.49
N ALA C 253 0.65 61.55 27.79
CA ALA C 253 0.84 61.09 29.16
C ALA C 253 2.34 61.07 29.48
N PHE C 254 3.17 60.91 28.45
CA PHE C 254 4.61 60.72 28.62
C PHE C 254 5.44 61.97 28.42
N ASN C 255 4.98 62.88 27.57
CA ASN C 255 5.42 64.26 27.69
C ASN C 255 4.57 65.27 26.96
N ARG C 256 4.51 66.46 27.55
CA ARG C 256 3.82 67.61 27.02
C ARG C 256 4.75 68.32 26.05
N PRO C 257 4.31 68.55 24.81
CA PRO C 257 5.18 69.28 23.87
C PRO C 257 5.15 70.77 24.21
N GLN C 258 6.19 71.51 23.86
CA GLN C 258 6.16 72.96 24.06
C GLN C 258 5.71 73.67 22.79
N HIS C 259 5.87 73.01 21.65
CA HIS C 259 5.31 73.53 20.42
C HIS C 259 3.89 73.01 20.21
N TYR C 260 3.24 73.59 19.19
CA TYR C 260 1.87 73.24 18.83
C TYR C 260 1.85 71.94 18.08
N THR C 261 0.94 71.04 18.47
CA THR C 261 0.76 69.77 17.77
C THR C 261 -0.69 69.31 17.66
N GLY C 262 -1.62 70.25 17.54
CA GLY C 262 -3.00 69.88 17.27
C GLY C 262 -4.13 70.45 18.13
N ILE C 263 -5.31 70.48 17.54
CA ILE C 263 -6.52 70.86 18.23
C ILE C 263 -6.82 69.91 19.38
N VAL C 264 -6.73 68.60 19.18
CA VAL C 264 -7.11 67.70 20.29
C VAL C 264 -6.12 67.72 21.45
N ALA C 265 -4.85 67.94 21.13
CA ALA C 265 -3.77 67.93 22.11
C ALA C 265 -3.98 69.03 23.15
N GLU C 266 -4.29 70.22 22.64
CA GLU C 266 -4.57 71.38 23.44
C GLU C 266 -5.69 71.04 24.41
N LEU C 267 -6.69 70.34 23.93
CA LEU C 267 -7.78 69.98 24.80
C LEU C 267 -7.31 69.03 25.89
N LEU C 268 -6.49 68.05 25.52
CA LEU C 268 -6.01 67.03 26.43
C LEU C 268 -5.07 67.61 27.47
N LEU C 269 -4.15 68.45 27.01
CA LEU C 269 -3.21 69.15 27.88
C LEU C 269 -3.89 70.08 28.89
N LYS C 270 -5.04 70.65 28.53
CA LYS C 270 -5.71 71.57 29.42
C LYS C 270 -6.59 70.82 30.39
N ALA C 271 -7.08 69.67 29.96
CA ALA C 271 -8.00 68.87 30.77
C ALA C 271 -9.05 69.72 31.52
N GLU C 272 -9.69 70.65 30.82
CA GLU C 272 -10.85 71.36 31.37
C GLU C 272 -12.11 70.56 31.17
N LEU C 273 -12.02 69.55 30.30
CA LEU C 273 -13.11 68.62 30.09
C LEU C 273 -12.63 67.25 30.48
N SER C 274 -13.56 66.42 30.94
CA SER C 274 -13.27 65.05 31.29
C SER C 274 -12.89 64.24 30.05
N LEU C 275 -12.12 63.19 30.29
CA LEU C 275 -11.61 62.41 29.21
C LEU C 275 -12.77 61.94 28.31
N GLU C 276 -13.85 61.51 28.96
CA GLU C 276 -15.05 61.05 28.26
C GLU C 276 -15.67 62.15 27.37
N ALA C 277 -15.64 63.39 27.86
CA ALA C 277 -16.11 64.55 27.09
C ALA C 277 -15.18 64.85 25.89
N ILE C 278 -13.88 64.83 26.16
CA ILE C 278 -12.91 65.04 25.11
C ILE C 278 -13.13 63.95 24.08
N LYS C 279 -13.29 62.71 24.54
CA LYS C 279 -13.48 61.57 23.64
C LYS C 279 -14.67 61.79 22.71
N ALA C 280 -15.78 62.29 23.24
CA ALA C 280 -16.99 62.45 22.46
C ALA C 280 -16.80 63.51 21.39
N ASN C 281 -16.22 64.63 21.79
CA ASN C 281 -15.99 65.73 20.88
C ASN C 281 -14.99 65.40 19.77
N SER C 282 -13.86 64.78 20.09
CA SER C 282 -12.92 64.37 19.05
C SER C 282 -13.57 63.48 18.03
N MET C 283 -14.60 62.76 18.46
CA MET C 283 -15.26 61.83 17.59
C MET C 283 -16.05 62.62 16.57
N GLU C 284 -16.73 63.65 17.07
CA GLU C 284 -17.57 64.49 16.23
C GLU C 284 -16.72 65.28 15.27
N LEU C 285 -15.53 65.64 15.73
CA LEU C 285 -14.61 66.40 14.94
C LEU C 285 -13.93 65.53 13.89
N THR C 286 -13.78 64.24 14.18
CA THR C 286 -13.08 63.36 13.26
C THR C 286 -14.04 62.88 12.18
N ALA C 287 -15.24 62.50 12.61
CA ALA C 287 -16.27 62.13 11.67
C ALA C 287 -16.85 63.35 10.94
N GLY C 288 -16.78 64.51 11.58
CA GLY C 288 -17.51 65.64 11.06
C GLY C 288 -16.74 66.42 10.04
N SER C 289 -15.44 66.16 9.96
CA SER C 289 -14.54 66.97 9.15
C SER C 289 -14.15 66.34 7.83
N VAL C 290 -14.98 65.43 7.31
CA VAL C 290 -14.61 64.67 6.12
C VAL C 290 -15.50 65.02 4.94
N ASP C 291 -16.79 64.67 5.01
CA ASP C 291 -17.74 64.83 3.89
C ASP C 291 -18.23 66.26 3.75
N THR C 292 -18.35 66.97 4.87
CA THR C 292 -18.82 68.35 4.85
C THR C 292 -17.78 69.32 4.28
N THR C 293 -16.49 69.01 4.44
CA THR C 293 -15.45 69.79 3.80
C THR C 293 -15.22 69.38 2.33
N ALA C 294 -15.36 68.09 2.03
CA ALA C 294 -14.87 67.54 0.78
C ALA C 294 -15.83 67.85 -0.36
N PHE C 295 -17.13 67.82 -0.08
CA PHE C 295 -18.12 68.13 -1.10
C PHE C 295 -18.09 69.59 -1.53
N PRO C 296 -18.18 70.55 -0.58
CA PRO C 296 -18.07 71.94 -1.01
C PRO C 296 -16.83 72.15 -1.87
N LEU C 297 -15.68 71.68 -1.39
CA LEU C 297 -14.40 71.76 -2.09
C LEU C 297 -14.44 71.21 -3.55
N LEU C 298 -15.15 70.11 -3.72
CA LEU C 298 -15.40 69.45 -4.99
C LEU C 298 -16.29 70.33 -5.84
N MET C 299 -17.33 70.84 -5.22
CA MET C 299 -18.28 71.69 -5.90
C MET C 299 -17.65 72.94 -6.45
N THR C 300 -16.69 73.48 -5.70
CA THR C 300 -15.93 74.68 -6.08
C THR C 300 -15.06 74.39 -7.29
N LEU C 301 -14.26 73.33 -7.21
CA LEU C 301 -13.46 72.93 -8.36
C LEU C 301 -14.33 72.89 -9.61
N PHE C 302 -15.58 72.45 -9.44
CA PHE C 302 -16.47 72.25 -10.58
C PHE C 302 -17.01 73.57 -11.13
N GLU C 303 -17.46 74.45 -10.25
CA GLU C 303 -17.85 75.77 -10.68
C GLU C 303 -16.67 76.51 -11.31
N LEU C 304 -15.46 76.37 -10.76
CA LEU C 304 -14.32 76.98 -11.42
C LEU C 304 -14.08 76.36 -12.79
N ALA C 305 -14.28 75.04 -12.90
CA ALA C 305 -14.05 74.31 -14.14
C ALA C 305 -14.99 74.78 -15.23
N ARG C 306 -16.11 75.35 -14.82
CA ARG C 306 -17.15 75.68 -15.75
C ARG C 306 -17.37 77.18 -15.79
N ASN C 307 -16.46 77.90 -15.12
CA ASN C 307 -16.40 79.37 -15.20
C ASN C 307 -14.94 79.83 -15.37
N PRO C 308 -14.35 79.57 -16.55
CA PRO C 308 -12.93 79.87 -16.74
C PRO C 308 -12.55 81.28 -16.25
N ASP C 309 -13.45 82.23 -16.46
CA ASP C 309 -13.17 83.63 -16.16
C ASP C 309 -13.03 83.86 -14.65
N VAL C 310 -13.93 83.27 -13.88
CA VAL C 310 -13.87 83.42 -12.43
C VAL C 310 -12.61 82.77 -11.90
N GLN C 311 -12.19 81.70 -12.56
CA GLN C 311 -11.00 80.98 -12.17
C GLN C 311 -9.72 81.79 -12.38
N GLN C 312 -9.67 82.55 -13.47
CA GLN C 312 -8.48 83.32 -13.78
C GLN C 312 -8.30 84.46 -12.78
N ILE C 313 -9.39 85.12 -12.42
CA ILE C 313 -9.37 86.10 -11.34
C ILE C 313 -8.75 85.44 -10.08
N LEU C 314 -9.25 84.27 -9.70
CA LEU C 314 -8.79 83.62 -8.47
C LEU C 314 -7.31 83.19 -8.49
N ARG C 315 -6.87 82.67 -9.63
CA ARG C 315 -5.50 82.27 -9.84
C ARG C 315 -4.59 83.48 -9.78
N GLN C 316 -5.00 84.56 -10.44
CA GLN C 316 -4.24 85.80 -10.48
C GLN C 316 -4.03 86.32 -9.05
N GLU C 317 -5.06 86.21 -8.22
CA GLU C 317 -4.94 86.70 -6.87
C GLU C 317 -4.21 85.70 -5.97
N SER C 318 -3.99 84.50 -6.48
CA SER C 318 -3.23 83.50 -5.73
C SER C 318 -1.76 83.45 -6.14
N LEU C 319 -1.48 83.80 -7.40
CA LEU C 319 -0.10 84.08 -7.82
C LEU C 319 0.39 85.36 -7.15
N ALA C 320 -0.45 86.38 -7.15
CA ALA C 320 -0.18 87.62 -6.40
C ALA C 320 0.22 87.33 -4.95
N ALA C 321 -0.57 86.52 -4.25
CA ALA C 321 -0.34 86.29 -2.86
C ALA C 321 0.65 85.18 -2.59
N ALA C 322 1.16 84.56 -3.65
CA ALA C 322 1.87 83.29 -3.57
C ALA C 322 3.07 83.29 -2.63
N ALA C 323 3.98 84.25 -2.81
CA ALA C 323 5.23 84.27 -2.04
C ALA C 323 4.99 84.64 -0.57
N SER C 324 4.08 85.57 -0.33
CA SER C 324 3.83 86.00 1.04
C SER C 324 3.18 84.87 1.85
N ILE C 325 2.38 84.05 1.17
CA ILE C 325 1.65 82.95 1.82
C ILE C 325 2.53 81.76 2.15
N SER C 326 3.49 81.46 1.29
CA SER C 326 4.36 80.32 1.59
C SER C 326 5.31 80.71 2.72
N GLU C 327 5.63 82.00 2.78
CA GLU C 327 6.46 82.59 3.82
C GLU C 327 5.73 82.55 5.15
N HIS C 328 4.48 82.98 5.16
CA HIS C 328 3.59 82.76 6.31
C HIS C 328 2.24 82.16 5.85
N PRO C 329 2.04 80.86 6.12
CA PRO C 329 0.76 80.31 5.73
C PRO C 329 -0.38 80.98 6.48
N GLN C 330 -0.11 81.41 7.71
CA GLN C 330 -1.12 82.05 8.57
C GLN C 330 -1.72 83.30 7.95
N LYS C 331 -1.12 83.78 6.87
CA LYS C 331 -1.63 84.95 6.18
C LYS C 331 -2.71 84.63 5.16
N ALA C 332 -2.82 83.36 4.74
CA ALA C 332 -3.79 82.98 3.71
C ALA C 332 -5.19 83.53 3.96
N THR C 333 -5.56 83.70 5.24
CA THR C 333 -6.86 84.22 5.61
C THR C 333 -7.02 85.68 5.16
N THR C 334 -5.96 86.47 5.23
CA THR C 334 -6.05 87.89 4.89
C THR C 334 -5.57 88.26 3.47
N GLU C 335 -4.92 87.34 2.75
CA GLU C 335 -4.37 87.67 1.42
C GLU C 335 -5.18 87.15 0.25
N LEU C 336 -6.32 86.51 0.55
CA LEU C 336 -7.04 85.71 -0.43
C LEU C 336 -8.55 85.91 -0.33
N PRO C 337 -9.00 87.17 -0.37
CA PRO C 337 -10.38 87.45 -0.03
C PRO C 337 -11.32 87.00 -1.14
N LEU C 338 -10.86 87.16 -2.37
CA LEU C 338 -11.59 86.71 -3.54
C LEU C 338 -11.88 85.20 -3.46
N LEU C 339 -10.88 84.43 -3.02
CA LEU C 339 -11.06 82.99 -2.80
C LEU C 339 -11.97 82.70 -1.61
N ARG C 340 -11.79 83.39 -0.49
CA ARG C 340 -12.73 83.23 0.64
C ARG C 340 -14.17 83.41 0.18
N ALA C 341 -14.40 84.43 -0.65
CA ALA C 341 -15.72 84.72 -1.23
C ALA C 341 -16.29 83.57 -2.06
N ALA C 342 -15.46 83.02 -2.95
CA ALA C 342 -15.86 81.86 -3.78
C ALA C 342 -16.42 80.70 -2.94
N LEU C 343 -15.75 80.41 -1.82
CA LEU C 343 -16.26 79.45 -0.86
C LEU C 343 -17.71 79.77 -0.55
N LYS C 344 -17.95 80.98 -0.04
CA LYS C 344 -19.30 81.41 0.35
C LYS C 344 -20.28 81.22 -0.82
N GLU C 345 -19.79 81.52 -2.02
CA GLU C 345 -20.59 81.40 -3.21
C GLU C 345 -20.93 79.95 -3.48
N THR C 346 -19.98 79.07 -3.21
CA THR C 346 -20.17 77.64 -3.37
C THR C 346 -21.23 77.14 -2.42
N LEU C 347 -21.11 77.54 -1.16
CA LEU C 347 -22.04 77.17 -0.13
C LEU C 347 -23.42 77.78 -0.28
N ARG C 348 -23.50 78.98 -0.85
CA ARG C 348 -24.81 79.56 -1.16
C ARG C 348 -25.55 78.60 -2.07
N LEU C 349 -24.86 78.12 -3.10
CA LEU C 349 -25.48 77.23 -4.07
C LEU C 349 -25.62 75.81 -3.56
N TYR C 350 -24.54 75.28 -2.97
CA TYR C 350 -24.48 73.89 -2.58
C TYR C 350 -24.35 73.67 -1.08
N PRO C 351 -25.33 74.17 -0.31
CA PRO C 351 -25.16 74.11 1.13
C PRO C 351 -25.15 72.65 1.63
N VAL C 352 -24.01 72.21 2.14
CA VAL C 352 -23.83 70.84 2.65
C VAL C 352 -24.86 70.45 3.70
N GLY C 353 -25.04 71.29 4.70
CA GLY C 353 -26.12 71.11 5.66
C GLY C 353 -27.29 71.80 5.04
N LEU C 354 -28.40 71.10 4.86
CA LEU C 354 -29.50 71.66 4.12
C LEU C 354 -30.27 72.66 4.97
N PHE C 355 -30.34 72.40 6.28
CA PHE C 355 -31.25 73.12 7.16
C PHE C 355 -30.55 73.67 8.38
N LEU C 356 -31.09 74.76 8.89
CA LEU C 356 -30.76 75.22 10.23
C LEU C 356 -32.01 74.86 10.99
N GLU C 357 -31.90 74.70 12.31
CA GLU C 357 -33.07 74.32 13.08
C GLU C 357 -32.97 74.74 14.53
N ARG C 358 -34.10 75.23 15.04
CA ARG C 358 -34.17 75.70 16.42
C ARG C 358 -35.46 75.24 17.01
N VAL C 359 -35.36 74.63 18.18
CA VAL C 359 -36.54 74.37 18.96
C VAL C 359 -36.68 75.58 19.85
N VAL C 360 -37.67 76.39 19.51
CA VAL C 360 -37.85 77.73 20.06
C VAL C 360 -38.20 77.76 21.58
N SER C 361 -37.41 78.50 22.34
CA SER C 361 -37.53 78.60 23.80
C SER C 361 -38.62 79.60 24.22
N SER C 362 -38.93 80.53 23.30
CA SER C 362 -39.87 81.65 23.53
C SER C 362 -40.84 81.83 22.36
N ASP C 363 -42.08 82.26 22.65
CA ASP C 363 -42.97 82.79 21.61
C ASP C 363 -42.23 83.84 20.75
N LEU C 364 -42.59 83.90 19.48
CA LEU C 364 -41.89 84.71 18.46
C LEU C 364 -42.86 84.98 17.30
N VAL C 365 -42.52 85.94 16.43
CA VAL C 365 -43.35 86.23 15.28
C VAL C 365 -42.57 86.27 13.96
N LEU C 366 -42.92 85.35 13.07
CA LEU C 366 -42.26 85.24 11.77
C LEU C 366 -43.21 85.51 10.62
N GLN C 367 -42.77 86.30 9.66
CA GLN C 367 -43.58 86.63 8.50
C GLN C 367 -45.03 86.99 8.87
N ASN C 368 -45.16 87.60 10.06
CA ASN C 368 -46.44 87.97 10.67
C ASN C 368 -47.41 86.85 11.07
N TYR C 369 -46.86 85.75 11.59
CA TYR C 369 -47.63 84.74 12.28
C TYR C 369 -47.13 84.60 13.70
N HIS C 370 -48.03 84.18 14.59
CA HIS C 370 -47.65 83.80 15.94
C HIS C 370 -46.93 82.46 15.85
N ILE C 371 -45.75 82.38 16.46
CA ILE C 371 -44.98 81.15 16.55
C ILE C 371 -44.86 80.78 18.03
N PRO C 372 -45.60 79.73 18.43
CA PRO C 372 -45.71 79.30 19.81
C PRO C 372 -44.40 78.69 20.32
N ALA C 373 -44.16 78.87 21.63
CA ALA C 373 -43.00 78.30 22.33
C ALA C 373 -42.92 76.81 22.06
N GLY C 374 -41.70 76.29 22.06
CA GLY C 374 -41.43 74.89 21.78
C GLY C 374 -41.66 74.45 20.35
N THR C 375 -41.78 75.40 19.42
CA THR C 375 -41.94 75.08 18.00
C THR C 375 -40.58 74.86 17.31
N LEU C 376 -40.47 73.78 16.56
CA LEU C 376 -39.29 73.52 15.71
C LEU C 376 -39.33 74.38 14.44
N VAL C 377 -38.34 75.26 14.32
CA VAL C 377 -38.24 76.12 13.17
C VAL C 377 -37.02 75.72 12.41
N GLN C 378 -37.26 75.26 11.20
CA GLN C 378 -36.23 74.84 10.29
C GLN C 378 -36.02 75.91 9.24
N VAL C 379 -34.77 76.29 8.98
CA VAL C 379 -34.45 77.20 7.90
C VAL C 379 -33.91 76.38 6.74
N PHE C 380 -34.42 76.65 5.54
CA PHE C 380 -34.03 75.89 4.36
C PHE C 380 -33.09 76.67 3.45
N LEU C 381 -31.80 76.36 3.56
CA LEU C 381 -30.74 77.09 2.86
C LEU C 381 -30.73 76.95 1.34
N TYR C 382 -31.18 75.81 0.81
CA TYR C 382 -31.21 75.62 -0.64
C TYR C 382 -32.05 76.71 -1.27
N SER C 383 -33.23 76.93 -0.68
CA SER C 383 -34.11 78.01 -1.09
C SER C 383 -33.55 79.39 -0.74
N LEU C 384 -33.05 79.56 0.48
CA LEU C 384 -32.54 80.86 0.90
C LEU C 384 -31.58 81.44 -0.11
N GLY C 385 -30.58 80.65 -0.50
CA GLY C 385 -29.53 81.13 -1.39
C GLY C 385 -29.89 81.12 -2.86
N ARG C 386 -31.02 80.52 -3.19
CA ARG C 386 -31.50 80.48 -4.57
C ARG C 386 -32.65 81.42 -4.77
N ASN C 387 -32.97 82.19 -3.72
CA ASN C 387 -34.03 83.19 -3.72
C ASN C 387 -33.65 84.31 -4.64
N ALA C 388 -34.06 84.19 -5.90
CA ALA C 388 -33.69 85.14 -6.97
C ALA C 388 -33.75 86.60 -6.53
N ALA C 389 -34.75 86.92 -5.72
CA ALA C 389 -34.98 88.29 -5.25
C ALA C 389 -33.87 88.83 -4.33
N LEU C 390 -33.13 87.92 -3.69
CA LEU C 390 -32.02 88.36 -2.85
C LEU C 390 -30.67 88.17 -3.47
N PHE C 391 -30.61 87.20 -4.37
CA PHE C 391 -29.38 86.97 -5.09
C PHE C 391 -29.70 87.02 -6.56
N PRO C 392 -29.59 88.22 -7.14
CA PRO C 392 -29.99 88.44 -8.53
C PRO C 392 -29.19 87.55 -9.45
N ARG C 393 -29.91 86.78 -10.26
CA ARG C 393 -29.32 85.75 -11.13
C ARG C 393 -28.69 84.68 -10.28
N PRO C 394 -29.51 84.05 -9.41
CA PRO C 394 -29.04 83.10 -8.42
C PRO C 394 -28.31 81.92 -9.03
N GLU C 395 -28.62 81.60 -10.27
CA GLU C 395 -28.07 80.41 -10.90
C GLU C 395 -26.65 80.72 -11.38
N ARG C 396 -26.24 81.98 -11.24
CA ARG C 396 -24.90 82.40 -11.67
C ARG C 396 -23.84 82.44 -10.56
N TYR C 397 -22.73 81.73 -10.78
CA TYR C 397 -21.66 81.63 -9.79
C TYR C 397 -20.81 82.87 -9.82
N ASN C 398 -20.95 83.70 -8.79
CA ASN C 398 -20.27 84.99 -8.76
C ASN C 398 -19.79 85.35 -7.36
N PRO C 399 -18.51 85.10 -7.09
CA PRO C 399 -17.88 85.36 -5.82
C PRO C 399 -17.99 86.82 -5.38
N GLN C 400 -17.98 87.77 -6.32
CA GLN C 400 -17.90 89.19 -6.00
C GLN C 400 -19.09 89.63 -5.14
N ARG C 401 -20.24 89.02 -5.39
CA ARG C 401 -21.39 89.02 -4.49
C ARG C 401 -21.05 89.23 -3.03
N TRP C 402 -19.88 88.76 -2.60
CA TRP C 402 -19.58 88.69 -1.16
C TRP C 402 -18.51 89.64 -0.75
N LEU C 403 -18.08 90.49 -1.69
CA LEU C 403 -17.01 91.45 -1.43
C LEU C 403 -17.45 92.70 -0.63
N ASP C 404 -18.76 92.99 -0.64
CA ASP C 404 -19.36 94.17 0.05
C ASP C 404 -18.91 94.37 1.53
N PHE C 412 -26.20 88.52 7.29
CA PHE C 412 -27.21 87.46 7.46
C PHE C 412 -27.64 86.75 6.18
N HIS C 413 -26.92 86.99 5.09
CA HIS C 413 -27.21 86.33 3.82
C HIS C 413 -26.35 85.07 3.66
N HIS C 414 -25.35 84.95 4.54
CA HIS C 414 -24.38 83.85 4.56
C HIS C 414 -24.55 83.18 5.92
N VAL C 415 -25.18 82.00 5.93
CA VAL C 415 -25.50 81.28 7.18
C VAL C 415 -25.41 79.76 7.04
N PRO C 416 -24.50 79.27 6.17
CA PRO C 416 -24.39 77.83 5.95
C PRO C 416 -23.60 77.11 7.03
N PHE C 417 -23.08 77.85 8.00
CA PHE C 417 -22.51 77.25 9.20
C PHE C 417 -23.43 77.51 10.40
N GLY C 418 -24.57 78.18 10.15
CA GLY C 418 -25.52 78.51 11.19
C GLY C 418 -25.27 79.89 11.76
N PHE C 419 -25.56 80.08 13.05
CA PHE C 419 -25.49 81.39 13.68
C PHE C 419 -25.37 81.30 15.21
N GLY C 420 -25.04 82.44 15.83
CA GLY C 420 -24.94 82.56 17.27
C GLY C 420 -23.94 81.61 17.87
N MET C 421 -24.15 81.31 19.16
CA MET C 421 -23.29 80.41 19.95
C MET C 421 -23.18 79.00 19.35
N ARG C 422 -24.20 78.58 18.60
CA ARG C 422 -24.23 77.22 18.04
C ARG C 422 -23.52 77.03 16.70
N GLN C 423 -23.13 78.12 16.05
CA GLN C 423 -22.63 78.00 14.69
C GLN C 423 -21.38 77.17 14.63
N CYS C 424 -21.36 76.25 13.67
CA CYS C 424 -20.32 75.26 13.44
C CYS C 424 -19.02 75.52 14.14
N LEU C 425 -18.60 74.56 14.95
CA LEU C 425 -17.35 74.63 15.66
C LEU C 425 -16.15 74.33 14.74
N GLY C 426 -16.40 73.68 13.61
CA GLY C 426 -15.32 73.32 12.70
C GLY C 426 -15.19 74.26 11.54
N ARG C 427 -16.02 75.31 11.57
CA ARG C 427 -16.05 76.31 10.52
C ARG C 427 -14.67 76.78 10.10
N ARG C 428 -13.82 77.13 11.04
CA ARG C 428 -12.60 77.78 10.59
C ARG C 428 -11.62 76.78 10.08
N LEU C 429 -11.77 75.53 10.53
CA LEU C 429 -10.96 74.43 10.02
C LEU C 429 -11.43 74.04 8.63
N ALA C 430 -12.75 73.97 8.46
CA ALA C 430 -13.31 73.67 7.15
C ALA C 430 -12.85 74.71 6.16
N GLU C 431 -12.97 75.99 6.54
CA GLU C 431 -12.56 77.08 5.65
C GLU C 431 -11.11 76.98 5.28
N ALA C 432 -10.24 76.75 6.28
CA ALA C 432 -8.81 76.72 6.02
C ALA C 432 -8.38 75.61 5.08
N GLU C 433 -9.07 74.48 5.13
CA GLU C 433 -8.71 73.29 4.35
C GLU C 433 -9.11 73.47 2.93
N MET C 434 -10.29 74.03 2.72
CA MET C 434 -10.77 74.32 1.37
C MET C 434 -9.97 75.45 0.76
N LEU C 435 -9.72 76.47 1.60
CA LEU C 435 -9.01 77.66 1.18
C LEU C 435 -7.61 77.33 0.71
N LEU C 436 -6.92 76.45 1.41
CA LEU C 436 -5.51 76.21 1.11
C LEU C 436 -5.30 75.27 -0.02
N LEU C 437 -6.31 74.45 -0.28
CA LEU C 437 -6.17 73.46 -1.30
C LEU C 437 -6.39 74.15 -2.62
N LEU C 438 -7.46 74.93 -2.67
CA LEU C 438 -7.77 75.70 -3.86
C LEU C 438 -6.61 76.64 -4.17
N HIS C 439 -6.18 77.40 -3.16
CA HIS C 439 -4.96 78.17 -3.31
C HIS C 439 -3.84 77.41 -4.09
N HIS C 440 -3.45 76.23 -3.61
CA HIS C 440 -2.35 75.56 -4.29
C HIS C 440 -2.70 74.94 -5.66
N VAL C 441 -3.94 74.51 -5.84
CA VAL C 441 -4.37 73.99 -7.15
C VAL C 441 -4.31 75.11 -8.18
N LEU C 442 -4.89 76.26 -7.83
CA LEU C 442 -4.89 77.44 -8.72
C LEU C 442 -3.51 77.93 -9.12
N LYS C 443 -2.55 77.97 -8.20
CA LYS C 443 -1.23 78.44 -8.62
C LYS C 443 -0.47 77.48 -9.54
N HIS C 444 -0.97 76.26 -9.73
CA HIS C 444 -0.21 75.25 -10.48
C HIS C 444 -0.94 74.65 -11.67
N PHE C 445 -2.26 74.79 -11.68
CA PHE C 445 -3.10 74.12 -12.66
C PHE C 445 -4.23 75.00 -13.16
N LEU C 446 -4.59 74.77 -14.42
CA LEU C 446 -5.86 75.17 -14.99
C LEU C 446 -6.85 74.01 -14.85
N VAL C 447 -8.05 74.28 -14.33
CA VAL C 447 -9.10 73.26 -14.22
C VAL C 447 -10.15 73.35 -15.35
N GLU C 448 -10.41 72.23 -16.01
CA GLU C 448 -11.24 72.20 -17.23
C GLU C 448 -12.22 71.01 -17.27
N THR C 449 -13.40 71.22 -17.86
CA THR C 449 -14.32 70.15 -18.25
C THR C 449 -15.12 70.49 -19.46
N LEU C 450 -15.51 69.45 -20.20
CA LEU C 450 -16.57 69.55 -21.16
C LEU C 450 -17.95 69.43 -20.50
N THR C 451 -17.99 68.86 -19.30
CA THR C 451 -19.27 68.72 -18.57
C THR C 451 -19.75 70.05 -17.98
N GLN C 452 -20.45 70.83 -18.79
CA GLN C 452 -20.97 72.13 -18.37
C GLN C 452 -22.39 72.04 -17.78
N GLU C 453 -23.08 70.92 -17.89
CA GLU C 453 -24.45 70.85 -17.34
C GLU C 453 -24.50 70.62 -15.83
N ASP C 454 -25.40 71.32 -15.16
CA ASP C 454 -25.58 71.23 -13.71
C ASP C 454 -25.38 69.82 -13.17
N ILE C 455 -24.85 69.71 -11.94
CA ILE C 455 -24.74 68.43 -11.25
C ILE C 455 -25.91 68.23 -10.29
N LYS C 456 -26.73 67.21 -10.53
CA LYS C 456 -27.84 66.89 -9.66
C LYS C 456 -27.44 66.60 -8.20
N MET C 457 -27.82 67.49 -7.30
CA MET C 457 -27.61 67.28 -5.86
C MET C 457 -28.54 66.17 -5.34
N VAL C 458 -28.26 65.69 -4.13
CA VAL C 458 -28.93 64.51 -3.61
C VAL C 458 -28.89 64.54 -2.10
N TYR C 459 -29.99 64.24 -1.44
CA TYR C 459 -30.02 64.28 0.04
C TYR C 459 -29.88 62.92 0.73
N SER C 460 -28.74 62.70 1.37
CA SER C 460 -28.72 61.77 2.48
C SER C 460 -28.14 62.47 3.70
N PHE C 461 -29.03 63.10 4.47
CA PHE C 461 -28.69 63.90 5.66
C PHE C 461 -27.88 65.16 5.38
N ILE C 462 -26.83 65.04 4.60
CA ILE C 462 -26.21 66.20 4.03
C ILE C 462 -26.57 66.27 2.52
N LEU C 463 -26.46 67.45 1.93
CA LEU C 463 -26.70 67.58 0.51
C LEU C 463 -25.40 67.33 -0.23
N ARG C 464 -25.42 66.49 -1.26
CA ARG C 464 -24.19 66.15 -1.96
C ARG C 464 -24.35 65.85 -3.47
N PRO C 465 -23.31 66.18 -4.26
CA PRO C 465 -23.38 65.91 -5.70
C PRO C 465 -23.77 64.46 -5.93
N GLY C 466 -24.61 64.21 -6.93
CA GLY C 466 -25.02 62.85 -7.23
C GLY C 466 -24.08 62.20 -8.21
N THR C 467 -23.28 63.02 -8.85
CA THR C 467 -22.49 62.58 -9.97
C THR C 467 -21.19 63.30 -9.72
N SER C 468 -20.12 62.79 -10.28
CA SER C 468 -18.84 63.40 -10.08
C SER C 468 -18.19 63.71 -11.43
N PRO C 469 -18.09 64.99 -11.75
CA PRO C 469 -17.72 65.40 -13.09
C PRO C 469 -16.26 65.04 -13.39
N LEU C 470 -15.94 64.84 -14.66
CA LEU C 470 -14.58 64.51 -15.04
C LEU C 470 -13.71 65.78 -15.19
N LEU C 471 -12.76 65.99 -14.30
CA LEU C 471 -11.93 67.20 -14.36
C LEU C 471 -10.56 67.00 -14.97
N THR C 472 -10.14 68.01 -15.73
CA THR C 472 -8.83 68.02 -16.34
C THR C 472 -7.99 69.05 -15.58
N PHE C 473 -6.77 68.66 -15.25
CA PHE C 473 -5.85 69.52 -14.56
C PHE C 473 -4.66 69.66 -15.46
N ARG C 474 -4.48 70.87 -15.96
CA ARG C 474 -3.43 71.19 -16.90
C ARG C 474 -2.44 72.10 -16.20
N ALA C 475 -1.20 71.63 -16.04
CA ALA C 475 -0.17 72.39 -15.34
C ALA C 475 0.33 73.54 -16.18
N ILE C 476 0.54 74.69 -15.54
CA ILE C 476 1.19 75.76 -16.24
C ILE C 476 2.64 75.93 -15.79
N THR D 8 -13.58 -16.57 51.56
CA THR D 8 -13.58 -17.36 50.29
C THR D 8 -14.36 -16.65 49.17
N VAL D 9 -14.74 -15.40 49.42
CA VAL D 9 -15.51 -14.61 48.49
C VAL D 9 -14.59 -13.60 47.82
N LEU D 10 -14.40 -13.76 46.51
CA LEU D 10 -13.55 -12.84 45.74
C LEU D 10 -14.09 -11.40 45.71
N PRO D 11 -13.21 -10.40 45.93
CA PRO D 11 -13.72 -9.04 46.05
C PRO D 11 -13.90 -8.41 44.66
N PHE D 12 -14.60 -7.28 44.61
CA PHE D 12 -15.13 -6.74 43.37
C PHE D 12 -14.20 -6.78 42.18
N GLU D 13 -13.03 -6.15 42.28
CA GLU D 13 -12.16 -5.94 41.12
C GLU D 13 -11.47 -7.21 40.58
N ALA D 14 -11.78 -8.36 41.20
CA ALA D 14 -11.27 -9.68 40.75
C ALA D 14 -12.01 -10.14 39.51
N MET D 15 -13.22 -9.61 39.37
CA MET D 15 -14.12 -9.89 38.28
C MET D 15 -13.51 -9.43 36.96
N PRO D 16 -13.80 -10.17 35.86
CA PRO D 16 -13.37 -9.78 34.51
C PRO D 16 -13.85 -8.38 34.11
N GLN D 17 -13.08 -7.73 33.24
CA GLN D 17 -13.33 -6.35 32.87
C GLN D 17 -13.61 -6.22 31.38
N HIS D 18 -14.80 -5.76 31.05
CA HIS D 18 -15.16 -5.45 29.68
C HIS D 18 -14.01 -4.62 29.07
N PRO D 19 -13.54 -5.01 27.89
CA PRO D 19 -12.39 -4.36 27.24
C PRO D 19 -12.49 -2.84 27.17
N GLY D 20 -13.54 -2.35 26.51
CA GLY D 20 -13.69 -0.93 26.14
C GLY D 20 -14.06 0.04 27.25
N ASN D 21 -14.24 1.31 26.88
CA ASN D 21 -14.44 2.41 27.83
C ASN D 21 -15.64 3.26 27.48
N ARG D 22 -16.16 4.01 28.45
CA ARG D 22 -17.35 4.81 28.25
C ARG D 22 -17.17 5.88 27.20
N TRP D 23 -15.94 6.41 27.10
CA TRP D 23 -15.60 7.50 26.18
C TRP D 23 -15.61 7.06 24.71
N LEU D 24 -14.83 6.06 24.37
CA LEU D 24 -14.92 5.51 23.02
C LEU D 24 -16.37 5.17 22.70
N ARG D 25 -17.10 4.72 23.71
CA ARG D 25 -18.52 4.45 23.57
C ARG D 25 -19.32 5.73 23.18
N LEU D 26 -19.14 6.81 23.95
CA LEU D 26 -19.82 8.09 23.69
C LEU D 26 -19.59 8.52 22.26
N LEU D 27 -18.32 8.65 21.91
CA LEU D 27 -17.92 9.13 20.61
C LEU D 27 -18.40 8.18 19.53
N GLN D 28 -18.31 6.88 19.80
CA GLN D 28 -18.88 5.88 18.89
C GLN D 28 -20.33 6.21 18.59
N ILE D 29 -21.09 6.49 19.65
CA ILE D 29 -22.52 6.75 19.53
C ILE D 29 -22.78 8.08 18.84
N TRP D 30 -21.91 9.05 19.10
CA TRP D 30 -22.01 10.38 18.51
C TRP D 30 -21.91 10.29 16.97
N ARG D 31 -20.89 9.61 16.48
CA ARG D 31 -20.66 9.45 15.06
C ARG D 31 -21.63 8.45 14.40
N GLU D 32 -21.91 7.35 15.10
CA GLU D 32 -22.83 6.32 14.59
C GLU D 32 -24.28 6.76 14.63
N GLN D 33 -24.60 7.63 15.60
CA GLN D 33 -25.96 8.07 15.90
C GLN D 33 -26.80 6.97 16.47
N GLY D 34 -26.13 5.96 17.02
CA GLY D 34 -26.79 4.78 17.55
C GLY D 34 -25.86 3.83 18.27
N TYR D 35 -26.44 2.74 18.73
CA TYR D 35 -25.72 1.63 19.34
C TYR D 35 -26.45 0.34 18.92
N GLU D 36 -26.67 0.18 17.62
CA GLU D 36 -27.56 -0.85 17.12
C GLU D 36 -27.09 -2.28 17.36
N HIS D 37 -25.81 -2.44 17.67
CA HIS D 37 -25.20 -3.76 17.91
C HIS D 37 -25.03 -4.08 19.42
N LEU D 38 -25.51 -3.22 20.31
CA LEU D 38 -25.25 -3.44 21.73
C LEU D 38 -25.43 -4.90 22.13
N HIS D 39 -26.51 -5.54 21.69
CA HIS D 39 -26.86 -6.87 22.14
C HIS D 39 -25.83 -7.90 21.70
N LEU D 40 -25.34 -7.74 20.48
CA LEU D 40 -24.33 -8.61 19.93
C LEU D 40 -23.03 -8.37 20.66
N GLU D 41 -22.65 -7.09 20.79
CA GLU D 41 -21.46 -6.68 21.54
C GLU D 41 -21.43 -7.19 22.98
N MET D 42 -22.54 -7.10 23.69
CA MET D 42 -22.60 -7.63 25.06
C MET D 42 -22.49 -9.14 25.05
N HIS D 43 -23.02 -9.75 23.99
CA HIS D 43 -23.06 -11.21 23.91
C HIS D 43 -21.67 -11.82 23.78
N GLN D 44 -20.89 -11.32 22.83
CA GLN D 44 -19.55 -11.86 22.63
C GLN D 44 -18.62 -11.38 23.74
N THR D 45 -19.18 -10.70 24.73
CA THR D 45 -18.44 -10.35 25.94
C THR D 45 -18.70 -11.41 26.96
N PHE D 46 -19.95 -11.84 27.05
CA PHE D 46 -20.28 -13.00 27.88
C PHE D 46 -19.58 -14.29 27.40
N GLN D 47 -19.71 -14.59 26.10
CA GLN D 47 -18.96 -15.68 25.48
C GLN D 47 -17.51 -15.65 25.96
N GLU D 48 -16.86 -14.51 25.73
CA GLU D 48 -15.40 -14.36 25.86
C GLU D 48 -14.89 -14.24 27.30
N LEU D 49 -15.72 -13.76 28.23
CA LEU D 49 -15.19 -13.46 29.57
C LEU D 49 -15.81 -14.21 30.72
N GLY D 50 -16.95 -14.84 30.46
CA GLY D 50 -17.68 -15.55 31.51
C GLY D 50 -19.13 -15.15 31.64
N PRO D 51 -19.81 -15.64 32.69
CA PRO D 51 -21.23 -15.40 32.95
C PRO D 51 -21.49 -14.17 33.84
N ILE D 52 -20.44 -13.36 34.02
CA ILE D 52 -20.47 -12.16 34.85
C ILE D 52 -19.23 -11.29 34.61
N PHE D 53 -19.41 -9.97 34.51
CA PHE D 53 -18.29 -9.02 34.45
C PHE D 53 -18.68 -7.61 34.88
N ARG D 54 -17.67 -6.79 35.20
CA ARG D 54 -17.84 -5.38 35.55
C ARG D 54 -17.55 -4.47 34.34
N TYR D 55 -18.22 -3.33 34.29
CA TYR D 55 -17.93 -2.33 33.27
C TYR D 55 -17.45 -1.06 33.95
N ASN D 56 -16.32 -0.55 33.48
CA ASN D 56 -15.68 0.59 34.10
C ASN D 56 -16.43 1.89 33.82
N LEU D 57 -17.00 2.47 34.87
CA LEU D 57 -17.60 3.81 34.79
C LEU D 57 -16.69 4.81 35.51
N GLY D 58 -15.47 4.34 35.81
CA GLY D 58 -14.39 5.16 36.36
C GLY D 58 -14.74 5.70 37.74
N GLY D 59 -15.01 4.78 38.66
CA GLY D 59 -15.51 5.14 39.98
C GLY D 59 -16.77 4.34 40.29
N PRO D 60 -17.93 4.77 39.75
CA PRO D 60 -19.21 4.07 40.02
C PRO D 60 -19.16 2.60 39.57
N ARG D 61 -20.10 1.79 40.08
CA ARG D 61 -19.98 0.33 39.98
C ARG D 61 -21.09 -0.32 39.19
N MET D 62 -20.69 -1.00 38.12
CA MET D 62 -21.62 -1.73 37.28
C MET D 62 -21.23 -3.19 37.14
N VAL D 63 -22.23 -4.07 37.16
CA VAL D 63 -22.04 -5.50 36.95
C VAL D 63 -23.05 -6.04 35.96
N CYS D 64 -22.57 -6.83 35.01
CA CYS D 64 -23.42 -7.46 34.02
C CYS D 64 -23.49 -8.97 34.29
N VAL D 65 -24.71 -9.51 34.36
CA VAL D 65 -24.89 -10.93 34.67
C VAL D 65 -25.86 -11.55 33.71
N MET D 66 -25.74 -12.87 33.50
CA MET D 66 -26.59 -13.55 32.52
C MET D 66 -27.37 -14.79 33.02
N LEU D 67 -27.37 -15.06 34.33
CA LEU D 67 -27.93 -16.33 34.80
C LEU D 67 -29.10 -16.22 35.79
N PRO D 68 -30.16 -17.04 35.56
CA PRO D 68 -31.29 -17.19 36.46
C PRO D 68 -30.85 -17.23 37.91
N GLU D 69 -29.94 -18.17 38.20
CA GLU D 69 -29.24 -18.27 39.47
C GLU D 69 -28.94 -16.90 40.10
N ASP D 70 -28.46 -15.97 39.28
CA ASP D 70 -28.10 -14.62 39.73
C ASP D 70 -29.31 -13.67 39.88
N VAL D 71 -30.16 -13.64 38.85
CA VAL D 71 -31.45 -12.95 38.94
C VAL D 71 -32.19 -13.32 40.22
N GLU D 72 -32.14 -14.59 40.61
CA GLU D 72 -32.82 -15.04 41.81
C GLU D 72 -32.34 -14.28 43.04
N LYS D 73 -31.03 -14.13 43.13
CA LYS D 73 -30.39 -13.45 44.25
C LYS D 73 -30.64 -11.96 44.23
N LEU D 74 -30.77 -11.40 43.02
CA LEU D 74 -31.09 -10.00 42.84
C LEU D 74 -32.46 -9.71 43.44
N GLN D 75 -33.47 -10.48 43.04
CA GLN D 75 -34.79 -10.44 43.68
C GLN D 75 -34.74 -10.58 45.20
N GLN D 76 -33.98 -11.58 45.70
CA GLN D 76 -33.95 -11.86 47.14
C GLN D 76 -33.48 -10.59 47.88
N VAL D 77 -32.82 -9.70 47.13
CA VAL D 77 -32.30 -8.45 47.69
C VAL D 77 -33.06 -7.19 47.21
N ASP D 78 -34.21 -7.38 46.57
CA ASP D 78 -35.09 -6.23 46.31
C ASP D 78 -35.43 -5.65 47.66
N SER D 79 -35.39 -4.33 47.74
CA SER D 79 -35.67 -3.62 48.98
C SER D 79 -37.18 -3.57 49.19
N LEU D 80 -37.65 -2.53 49.87
CA LEU D 80 -39.07 -2.16 49.86
C LEU D 80 -39.29 -1.13 48.75
N HIS D 81 -38.18 -0.53 48.31
CA HIS D 81 -38.17 0.40 47.20
C HIS D 81 -37.07 0.02 46.22
N PRO D 82 -37.30 -1.04 45.41
CA PRO D 82 -36.32 -1.42 44.39
C PRO D 82 -36.03 -0.31 43.36
N CYS D 83 -34.75 -0.09 43.06
CA CYS D 83 -34.38 1.00 42.19
C CYS D 83 -33.87 0.57 40.84
N ARG D 84 -34.55 1.03 39.79
CA ARG D 84 -33.89 1.16 38.50
C ARG D 84 -33.23 2.53 38.47
N MET D 85 -32.28 2.72 37.56
CA MET D 85 -31.58 4.00 37.51
C MET D 85 -32.45 5.13 36.96
N ILE D 86 -32.13 6.35 37.41
CA ILE D 86 -32.70 7.55 36.82
C ILE D 86 -32.43 7.51 35.33
N LEU D 87 -33.49 7.50 34.54
CA LEU D 87 -33.33 7.58 33.11
C LEU D 87 -33.37 9.06 32.71
N GLU D 88 -32.22 9.71 32.77
CA GLU D 88 -32.12 11.18 32.66
C GLU D 88 -32.91 11.90 31.56
N PRO D 89 -32.76 11.51 30.27
CA PRO D 89 -33.51 12.22 29.21
C PRO D 89 -35.03 12.23 29.43
N TRP D 90 -35.61 11.07 29.73
CA TRP D 90 -37.04 10.95 29.96
C TRP D 90 -37.49 11.81 31.14
N VAL D 91 -36.78 11.70 32.25
CA VAL D 91 -37.07 12.51 33.43
C VAL D 91 -36.92 14.00 33.13
N ALA D 92 -35.86 14.37 32.42
CA ALA D 92 -35.62 15.77 32.12
C ALA D 92 -36.80 16.37 31.36
N TYR D 93 -37.44 15.58 30.49
CA TYR D 93 -38.62 16.08 29.80
C TYR D 93 -39.74 16.39 30.76
N ARG D 94 -39.93 15.55 31.77
CA ARG D 94 -40.93 15.84 32.78
C ARG D 94 -40.61 17.13 33.53
N GLN D 95 -39.31 17.40 33.73
CA GLN D 95 -38.89 18.63 34.38
C GLN D 95 -39.21 19.81 33.45
N HIS D 96 -38.72 19.75 32.22
CA HIS D 96 -39.02 20.78 31.23
C HIS D 96 -40.48 21.21 31.14
N ARG D 97 -41.43 20.27 31.18
CA ARG D 97 -42.86 20.60 30.94
C ARG D 97 -43.73 20.65 32.20
N GLY D 98 -43.14 20.32 33.34
CA GLY D 98 -43.82 20.43 34.62
C GLY D 98 -44.80 19.33 34.99
N HIS D 99 -44.61 18.14 34.43
CA HIS D 99 -45.49 16.99 34.73
C HIS D 99 -44.84 16.10 35.79
N LYS D 100 -45.62 15.18 36.34
CA LYS D 100 -45.08 14.28 37.35
C LYS D 100 -44.46 13.06 36.69
N CYS D 101 -43.85 12.18 37.45
CA CYS D 101 -43.34 10.93 36.86
C CYS D 101 -44.25 9.76 37.20
N GLY D 102 -44.43 8.88 36.24
CA GLY D 102 -45.13 7.63 36.46
C GLY D 102 -44.21 6.53 36.95
N VAL D 103 -44.82 5.39 37.21
CA VAL D 103 -44.18 4.28 37.86
C VAL D 103 -42.85 3.82 37.22
N PHE D 104 -42.73 3.94 35.89
CA PHE D 104 -41.54 3.49 35.14
C PHE D 104 -40.27 4.31 35.44
N LEU D 105 -40.45 5.53 35.96
CA LEU D 105 -39.36 6.47 36.20
C LEU D 105 -39.25 6.91 37.66
N LEU D 106 -40.14 6.42 38.49
CA LEU D 106 -40.09 6.69 39.91
C LEU D 106 -39.13 5.74 40.63
N ASN D 107 -38.60 6.18 41.77
CA ASN D 107 -37.99 5.30 42.76
C ASN D 107 -38.45 5.76 44.13
N GLY D 108 -38.31 4.89 45.13
CA GLY D 108 -38.58 5.26 46.51
C GLY D 108 -40.06 5.22 46.87
N PRO D 109 -40.42 5.81 48.01
CA PRO D 109 -41.82 5.80 48.48
C PRO D 109 -42.81 6.33 47.44
N GLU D 110 -42.39 7.30 46.64
CA GLU D 110 -43.27 7.81 45.56
C GLU D 110 -43.62 6.73 44.54
N TRP D 111 -42.63 5.91 44.18
CA TRP D 111 -42.85 4.73 43.35
C TRP D 111 -43.90 3.83 43.97
N ARG D 112 -43.67 3.42 45.21
CA ARG D 112 -44.49 2.41 45.88
C ARG D 112 -45.92 2.91 46.02
N PHE D 113 -46.03 4.18 46.37
CA PHE D 113 -47.34 4.78 46.54
C PHE D 113 -48.13 4.72 45.22
N ASN D 114 -47.45 5.03 44.12
CA ASN D 114 -48.05 4.91 42.79
C ASN D 114 -48.35 3.46 42.41
N ARG D 115 -47.33 2.59 42.50
CA ARG D 115 -47.52 1.21 42.07
C ARG D 115 -48.66 0.50 42.81
N LEU D 116 -48.71 0.68 44.13
CA LEU D 116 -49.74 0.02 44.93
C LEU D 116 -51.14 0.42 44.48
N ARG D 117 -51.31 1.67 44.10
CA ARG D 117 -52.61 2.14 43.60
C ARG D 117 -52.85 1.84 42.11
N LEU D 118 -51.86 1.22 41.47
CA LEU D 118 -51.90 0.93 40.04
C LEU D 118 -52.24 -0.53 39.73
N ASN D 119 -51.60 -1.49 40.43
CA ASN D 119 -51.81 -2.93 40.14
C ASN D 119 -53.27 -3.36 40.13
N PRO D 120 -54.03 -2.97 41.16
CA PRO D 120 -55.39 -3.54 41.12
C PRO D 120 -56.13 -3.40 39.77
N ASP D 121 -56.01 -2.25 39.12
CA ASP D 121 -56.81 -1.99 37.91
C ASP D 121 -56.05 -2.21 36.61
N VAL D 122 -54.73 -2.31 36.72
CA VAL D 122 -53.87 -2.52 35.56
C VAL D 122 -53.41 -3.98 35.40
N LEU D 123 -53.16 -4.65 36.53
CA LEU D 123 -52.52 -5.97 36.52
C LEU D 123 -53.32 -7.12 37.14
N SER D 124 -54.24 -6.82 38.06
CA SER D 124 -55.08 -7.85 38.70
C SER D 124 -55.70 -8.84 37.72
N PRO D 125 -55.81 -10.12 38.14
CA PRO D 125 -56.61 -11.08 37.40
C PRO D 125 -58.04 -10.58 37.26
N LYS D 126 -58.50 -9.86 38.29
CA LYS D 126 -59.85 -9.29 38.29
C LYS D 126 -59.97 -8.23 37.21
N ALA D 127 -58.97 -7.34 37.16
CA ALA D 127 -58.89 -6.39 36.05
C ALA D 127 -58.93 -7.14 34.71
N VAL D 128 -58.06 -8.14 34.56
CA VAL D 128 -57.92 -8.85 33.29
C VAL D 128 -59.25 -9.39 32.75
N GLN D 129 -60.14 -9.85 33.64
CA GLN D 129 -61.46 -10.34 33.25
C GLN D 129 -62.36 -9.24 32.69
N ARG D 130 -62.21 -8.04 33.24
CA ARG D 130 -63.04 -6.93 32.79
C ARG D 130 -62.59 -6.49 31.37
N PHE D 131 -61.30 -6.39 31.12
CA PHE D 131 -60.86 -5.84 29.82
C PHE D 131 -60.52 -6.86 28.72
N LEU D 132 -60.41 -8.13 29.08
CA LEU D 132 -60.03 -9.16 28.11
C LEU D 132 -61.08 -9.25 26.99
N PRO D 133 -62.36 -9.03 27.31
CA PRO D 133 -63.30 -9.16 26.21
C PRO D 133 -63.22 -7.97 25.27
N MET D 134 -62.76 -6.83 25.80
CA MET D 134 -62.56 -5.65 24.95
C MET D 134 -61.45 -5.98 23.98
N VAL D 135 -60.30 -6.39 24.50
CA VAL D 135 -59.21 -6.80 23.65
C VAL D 135 -59.71 -7.79 22.57
N ASP D 136 -60.42 -8.82 23.00
CA ASP D 136 -60.99 -9.84 22.11
C ASP D 136 -61.84 -9.29 20.95
N ALA D 137 -62.59 -8.23 21.21
CA ALA D 137 -63.34 -7.61 20.13
C ALA D 137 -62.40 -7.14 19.03
N VAL D 138 -61.28 -6.54 19.42
CA VAL D 138 -60.38 -5.89 18.48
C VAL D 138 -59.64 -6.91 17.67
N ALA D 139 -59.26 -8.00 18.32
CA ALA D 139 -58.54 -9.05 17.61
C ALA D 139 -59.45 -9.89 16.73
N ARG D 140 -60.74 -9.88 17.03
CA ARG D 140 -61.74 -10.45 16.12
C ARG D 140 -61.91 -9.58 14.87
N ASP D 141 -61.91 -8.26 15.08
CA ASP D 141 -61.95 -7.34 13.98
C ASP D 141 -60.70 -7.42 13.13
N PHE D 142 -59.55 -7.70 13.73
CA PHE D 142 -58.32 -7.89 12.95
C PHE D 142 -58.36 -9.04 11.93
N SER D 143 -58.73 -10.24 12.35
CA SER D 143 -58.75 -11.40 11.44
C SER D 143 -59.90 -11.26 10.44
N GLN D 144 -61.01 -10.73 10.93
CA GLN D 144 -62.18 -10.51 10.12
C GLN D 144 -61.79 -9.64 8.93
N ALA D 145 -61.08 -8.54 9.21
CA ALA D 145 -60.61 -7.61 8.19
C ALA D 145 -59.59 -8.25 7.23
N LEU D 146 -58.63 -8.95 7.81
CA LEU D 146 -57.64 -9.67 7.07
C LEU D 146 -58.28 -10.71 6.17
N LYS D 147 -59.35 -11.34 6.64
CA LYS D 147 -60.05 -12.35 5.90
C LYS D 147 -60.74 -11.78 4.66
N LYS D 148 -61.46 -10.67 4.81
CA LYS D 148 -62.11 -9.98 3.67
C LYS D 148 -61.16 -9.84 2.49
N LYS D 149 -59.95 -9.41 2.81
CA LYS D 149 -58.93 -9.09 1.83
C LYS D 149 -58.41 -10.40 1.24
N VAL D 150 -58.18 -11.37 2.10
CA VAL D 150 -57.58 -12.62 1.69
C VAL D 150 -58.49 -13.32 0.68
N LEU D 151 -59.80 -13.33 0.94
CA LEU D 151 -60.72 -14.06 0.09
C LEU D 151 -60.99 -13.34 -1.23
N GLN D 152 -60.56 -12.08 -1.35
CA GLN D 152 -60.80 -11.35 -2.57
C GLN D 152 -59.79 -11.79 -3.64
N ASN D 153 -58.78 -12.54 -3.20
CA ASN D 153 -57.71 -13.05 -4.04
C ASN D 153 -57.97 -14.47 -4.50
N ALA D 154 -57.67 -14.76 -5.77
CA ALA D 154 -57.89 -16.07 -6.37
C ALA D 154 -57.27 -17.25 -5.58
N ARG D 155 -56.00 -17.11 -5.20
CA ARG D 155 -55.37 -18.15 -4.40
C ARG D 155 -55.84 -18.16 -2.93
N GLY D 156 -56.84 -17.35 -2.60
CA GLY D 156 -57.39 -17.29 -1.26
C GLY D 156 -56.32 -17.04 -0.21
N SER D 157 -55.41 -16.12 -0.50
CA SER D 157 -54.37 -15.72 0.44
C SER D 157 -53.81 -14.32 0.12
N LEU D 158 -53.17 -13.68 1.10
CA LEU D 158 -52.59 -12.37 0.90
C LEU D 158 -51.21 -12.35 1.50
N THR D 159 -50.25 -11.84 0.75
CA THR D 159 -48.88 -11.79 1.20
C THR D 159 -48.51 -10.33 1.35
N LEU D 160 -48.21 -9.95 2.57
CA LEU D 160 -47.95 -8.56 2.87
C LEU D 160 -46.89 -8.46 3.93
N ASP D 161 -46.49 -7.24 4.19
CA ASP D 161 -45.69 -6.95 5.35
C ASP D 161 -46.65 -6.46 6.45
N VAL D 162 -46.99 -7.32 7.42
CA VAL D 162 -47.96 -6.96 8.47
C VAL D 162 -47.55 -5.96 9.54
N GLN D 163 -46.33 -5.46 9.50
CA GLN D 163 -45.84 -4.66 10.63
C GLN D 163 -46.75 -3.43 10.89
N PRO D 164 -47.07 -2.64 9.83
CA PRO D 164 -48.12 -1.60 9.94
C PRO D 164 -49.41 -2.07 10.65
N SER D 165 -50.16 -3.00 10.07
CA SER D 165 -51.41 -3.42 10.73
C SER D 165 -51.22 -4.02 12.14
N ILE D 166 -50.05 -4.57 12.44
CA ILE D 166 -49.86 -5.10 13.80
C ILE D 166 -49.73 -3.96 14.79
N PHE D 167 -49.00 -2.93 14.40
CA PHE D 167 -48.77 -1.80 15.27
C PHE D 167 -50.09 -1.13 15.54
N HIS D 168 -50.86 -0.94 14.48
CA HIS D 168 -52.14 -0.29 14.59
C HIS D 168 -53.10 -1.13 15.42
N TYR D 169 -52.87 -2.44 15.43
CA TYR D 169 -53.65 -3.31 16.28
C TYR D 169 -53.37 -2.94 17.73
N THR D 170 -52.10 -2.90 18.11
CA THR D 170 -51.76 -2.73 19.51
C THR D 170 -52.21 -1.35 20.02
N ILE D 171 -52.18 -0.34 19.15
CA ILE D 171 -52.75 0.98 19.44
C ILE D 171 -54.24 0.82 19.70
N GLU D 172 -54.97 0.18 18.77
CA GLU D 172 -56.40 -0.03 18.94
C GLU D 172 -56.73 -0.78 20.19
N ALA D 173 -56.00 -1.84 20.50
CA ALA D 173 -56.38 -2.68 21.62
C ALA D 173 -56.04 -2.05 22.98
N SER D 174 -54.89 -1.37 23.06
CA SER D 174 -54.54 -0.56 24.23
C SER D 174 -55.53 0.55 24.47
N ASN D 175 -55.87 1.29 23.41
CA ASN D 175 -56.82 2.37 23.57
C ASN D 175 -58.15 1.87 24.14
N LEU D 176 -58.60 0.72 23.65
CA LEU D 176 -59.85 0.18 24.15
C LEU D 176 -59.67 -0.18 25.63
N ALA D 177 -58.82 -1.17 25.94
CA ALA D 177 -58.48 -1.51 27.33
C ALA D 177 -58.24 -0.29 28.27
N LEU D 178 -57.54 0.73 27.79
CA LEU D 178 -57.14 1.83 28.64
C LEU D 178 -58.23 2.90 28.80
N PHE D 179 -58.82 3.34 27.70
CA PHE D 179 -59.78 4.46 27.72
C PHE D 179 -61.21 4.10 27.35
N GLY D 180 -61.46 2.86 26.97
CA GLY D 180 -62.79 2.45 26.59
C GLY D 180 -63.16 3.06 25.26
N GLU D 181 -62.22 3.78 24.67
CA GLU D 181 -62.47 4.44 23.41
C GLU D 181 -61.98 3.56 22.25
N ARG D 182 -62.72 3.58 21.16
CA ARG D 182 -62.37 2.71 20.06
C ARG D 182 -62.01 3.59 18.90
N LEU D 183 -60.73 3.71 18.60
CA LEU D 183 -60.29 4.45 17.42
C LEU D 183 -60.69 3.57 16.22
N GLY D 184 -60.76 4.13 15.02
CA GLY D 184 -61.15 3.27 13.90
C GLY D 184 -59.97 2.73 13.10
N LEU D 185 -58.94 2.24 13.78
CA LEU D 185 -57.70 1.87 13.09
C LEU D 185 -57.62 0.44 12.58
N VAL D 186 -58.16 -0.52 13.32
CA VAL D 186 -58.21 -1.92 12.85
C VAL D 186 -59.18 -2.09 11.68
N GLY D 187 -58.66 -2.60 10.56
CA GLY D 187 -59.50 -2.84 9.38
C GLY D 187 -59.80 -1.61 8.54
N HIS D 188 -58.98 -0.58 8.70
CA HIS D 188 -59.11 0.68 7.97
C HIS D 188 -57.71 1.24 7.72
N SER D 189 -57.59 2.54 7.53
CA SER D 189 -56.29 3.10 7.25
C SER D 189 -55.71 3.81 8.47
N PRO D 190 -54.37 3.77 8.61
CA PRO D 190 -53.75 4.57 9.67
C PRO D 190 -54.14 6.03 9.50
N SER D 191 -54.40 6.69 10.61
CA SER D 191 -54.75 8.08 10.61
C SER D 191 -53.44 8.82 10.76
N SER D 192 -53.41 10.09 10.38
CA SER D 192 -52.21 10.88 10.58
C SER D 192 -51.78 10.86 12.06
N ALA D 193 -52.73 10.83 13.00
CA ALA D 193 -52.35 10.88 14.42
C ALA D 193 -51.51 9.67 14.83
N SER D 194 -52.04 8.48 14.56
CA SER D 194 -51.36 7.24 14.82
C SER D 194 -49.98 7.18 14.13
N LEU D 195 -49.93 7.56 12.86
CA LEU D 195 -48.64 7.59 12.13
C LEU D 195 -47.63 8.54 12.78
N ASN D 196 -48.08 9.77 13.07
CA ASN D 196 -47.28 10.71 13.86
C ASN D 196 -46.82 10.07 15.15
N PHE D 197 -47.76 9.42 15.82
CA PHE D 197 -47.50 8.76 17.09
C PHE D 197 -46.43 7.66 16.99
N LEU D 198 -46.51 6.80 15.98
CA LEU D 198 -45.49 5.76 15.77
C LEU D 198 -44.13 6.35 15.43
N HIS D 199 -44.14 7.36 14.55
CA HIS D 199 -42.90 8.11 14.29
C HIS D 199 -42.27 8.73 15.55
N ALA D 200 -43.05 9.54 16.25
CA ALA D 200 -42.55 10.16 17.45
C ALA D 200 -41.95 9.14 18.40
N LEU D 201 -42.63 8.03 18.62
CA LEU D 201 -42.14 6.97 19.52
C LEU D 201 -40.74 6.44 19.14
N GLU D 202 -40.58 6.10 17.87
CA GLU D 202 -39.35 5.54 17.33
C GLU D 202 -38.21 6.55 17.34
N VAL D 203 -38.55 7.84 17.21
CA VAL D 203 -37.52 8.89 17.31
C VAL D 203 -37.12 9.09 18.78
N MET D 204 -38.10 8.93 19.66
CA MET D 204 -37.88 9.04 21.08
C MET D 204 -36.90 7.98 21.55
N PHE D 205 -37.08 6.75 21.07
CA PHE D 205 -36.13 5.65 21.33
C PHE D 205 -34.76 5.91 20.74
N LYS D 206 -34.73 6.28 19.47
CA LYS D 206 -33.48 6.66 18.77
C LYS D 206 -32.72 7.66 19.63
N SER D 207 -33.29 8.84 19.82
CA SER D 207 -32.70 9.92 20.61
C SER D 207 -32.27 9.54 22.02
N THR D 208 -32.99 8.61 22.65
CA THR D 208 -32.72 8.17 24.01
C THR D 208 -31.34 7.52 24.10
N VAL D 209 -31.02 6.69 23.11
CA VAL D 209 -29.74 5.99 23.08
C VAL D 209 -28.63 7.01 22.94
N GLN D 210 -28.89 8.06 22.17
CA GLN D 210 -27.92 9.13 21.92
C GLN D 210 -27.60 9.99 23.15
N LEU D 211 -28.44 9.97 24.18
CA LEU D 211 -28.20 10.83 25.33
C LEU D 211 -27.93 10.04 26.59
N MET D 212 -28.58 8.88 26.68
CA MET D 212 -28.47 7.89 27.75
C MET D 212 -27.06 7.55 28.24
N PHE D 213 -26.13 7.38 27.31
CA PHE D 213 -24.80 6.90 27.68
C PHE D 213 -23.80 8.01 27.96
N MET D 214 -24.29 9.21 28.29
CA MET D 214 -23.42 10.30 28.70
C MET D 214 -24.14 11.25 29.67
N PRO D 215 -23.40 11.88 30.60
CA PRO D 215 -24.09 12.81 31.51
C PRO D 215 -24.53 14.05 30.77
N ARG D 216 -25.63 14.68 31.21
CA ARG D 216 -26.19 15.90 30.61
C ARG D 216 -25.13 17.00 30.42
N SER D 217 -24.18 17.07 31.35
CA SER D 217 -23.04 18.00 31.26
C SER D 217 -22.19 17.82 30.01
N LEU D 218 -22.32 16.66 29.35
CA LEU D 218 -21.66 16.44 28.06
C LEU D 218 -22.62 16.52 26.86
N SER D 219 -23.73 15.78 26.92
CA SER D 219 -24.71 15.75 25.82
C SER D 219 -25.20 17.15 25.47
N ARG D 220 -25.31 17.98 26.51
CA ARG D 220 -25.70 19.38 26.43
C ARG D 220 -24.99 20.14 25.28
N TRP D 221 -23.66 20.04 25.22
CA TRP D 221 -22.91 20.73 24.17
C TRP D 221 -22.45 19.83 23.03
N ILE D 222 -22.34 18.53 23.31
CA ILE D 222 -21.94 17.57 22.32
C ILE D 222 -23.10 17.36 21.34
N SER D 223 -24.29 17.18 21.90
CA SER D 223 -25.47 16.81 21.12
C SER D 223 -26.66 17.64 21.54
N PRO D 224 -26.68 18.93 21.18
CA PRO D 224 -27.82 19.74 21.56
C PRO D 224 -29.04 19.59 20.64
N LYS D 225 -28.80 19.25 19.37
CA LYS D 225 -29.89 18.93 18.44
C LYS D 225 -30.60 17.66 18.88
N VAL D 226 -29.83 16.65 19.28
CA VAL D 226 -30.40 15.42 19.81
C VAL D 226 -31.34 15.70 21.00
N TRP D 227 -30.99 16.63 21.88
CA TRP D 227 -31.96 17.08 22.89
C TRP D 227 -33.21 17.74 22.26
N LYS D 228 -33.04 18.63 21.29
CA LYS D 228 -34.18 19.19 20.54
C LYS D 228 -35.05 18.07 19.97
N GLU D 229 -34.40 17.07 19.38
CA GLU D 229 -35.05 15.92 18.76
C GLU D 229 -35.83 15.12 19.83
N HIS D 230 -35.18 14.81 20.95
CA HIS D 230 -35.77 14.01 22.04
C HIS D 230 -37.05 14.61 22.63
N PHE D 231 -37.00 15.91 22.95
CA PHE D 231 -38.14 16.61 23.55
C PHE D 231 -39.27 16.83 22.57
N GLU D 232 -38.93 16.95 21.29
CA GLU D 232 -39.94 17.25 20.28
C GLU D 232 -40.75 16.00 20.04
N ALA D 233 -40.05 14.87 20.05
CA ALA D 233 -40.68 13.55 20.00
C ALA D 233 -41.63 13.39 21.17
N TRP D 234 -41.18 13.73 22.38
CA TRP D 234 -42.07 13.61 23.55
C TRP D 234 -43.27 14.54 23.44
N ASP D 235 -43.08 15.78 23.02
CA ASP D 235 -44.18 16.72 22.79
C ASP D 235 -45.30 16.10 21.93
N CYS D 236 -44.90 15.35 20.91
CA CYS D 236 -45.88 14.65 20.07
C CYS D 236 -46.51 13.47 20.82
N ILE D 237 -45.71 12.72 21.56
CA ILE D 237 -46.19 11.65 22.42
C ILE D 237 -47.13 12.21 23.51
N PHE D 238 -46.79 13.33 24.16
CA PHE D 238 -47.70 13.85 25.18
C PHE D 238 -48.95 14.46 24.58
N GLN D 239 -48.87 14.96 23.36
CA GLN D 239 -50.07 15.46 22.71
C GLN D 239 -51.04 14.31 22.44
N TYR D 240 -50.53 13.15 22.02
CA TYR D 240 -51.41 12.00 21.75
C TYR D 240 -52.18 11.51 22.96
N GLY D 241 -51.48 11.25 24.05
CA GLY D 241 -52.10 10.70 25.25
C GLY D 241 -52.94 11.69 26.05
N ASP D 242 -52.51 12.94 26.06
CA ASP D 242 -53.24 14.01 26.75
C ASP D 242 -54.59 14.28 26.08
N ASN D 243 -54.64 14.06 24.76
CA ASN D 243 -55.88 14.19 24.02
C ASN D 243 -56.87 13.15 24.53
N CYS D 244 -56.36 11.94 24.78
CA CYS D 244 -57.11 10.80 25.32
C CYS D 244 -57.58 11.06 26.72
N ILE D 245 -56.64 11.46 27.58
CA ILE D 245 -56.95 11.84 28.94
C ILE D 245 -58.08 12.88 28.94
N GLN D 246 -57.86 14.01 28.28
CA GLN D 246 -58.86 15.08 28.15
C GLN D 246 -60.27 14.52 27.84
N LYS D 247 -60.36 13.60 26.87
CA LYS D 247 -61.65 13.10 26.43
C LYS D 247 -62.37 12.42 27.58
N ILE D 248 -61.66 11.51 28.25
CA ILE D 248 -62.27 10.67 29.28
C ILE D 248 -62.54 11.49 30.54
N TYR D 249 -61.76 12.54 30.76
CA TYR D 249 -61.87 13.30 31.98
C TYR D 249 -63.21 13.98 31.99
N GLN D 250 -63.57 14.45 30.79
CA GLN D 250 -64.77 15.21 30.60
C GLN D 250 -66.00 14.33 30.68
N GLU D 251 -65.91 13.14 30.09
CA GLU D 251 -67.05 12.25 30.08
C GLU D 251 -67.39 11.75 31.50
N LEU D 252 -66.40 11.70 32.38
CA LEU D 252 -66.61 11.19 33.74
C LEU D 252 -67.09 12.30 34.69
N ALA D 253 -66.58 13.51 34.50
CA ALA D 253 -67.11 14.66 35.21
C ALA D 253 -68.62 14.74 35.02
N PHE D 254 -69.12 14.26 33.89
CA PHE D 254 -70.54 14.42 33.53
C PHE D 254 -71.39 13.21 33.81
N ASN D 255 -70.78 12.02 33.75
CA ASN D 255 -71.47 10.76 33.99
C ASN D 255 -70.52 9.65 34.39
N ARG D 256 -70.73 9.12 35.60
CA ARG D 256 -70.00 7.95 36.11
C ARG D 256 -70.80 6.75 35.63
N PRO D 257 -70.17 5.85 34.87
CA PRO D 257 -70.91 4.70 34.33
C PRO D 257 -71.14 3.56 35.34
N GLN D 258 -72.22 2.80 35.17
CA GLN D 258 -72.56 1.68 36.07
C GLN D 258 -71.79 0.42 35.72
N HIS D 259 -70.97 0.48 34.67
CA HIS D 259 -70.37 -0.70 34.08
C HIS D 259 -68.93 -0.44 33.68
N TYR D 260 -68.22 -1.50 33.25
CA TYR D 260 -66.79 -1.39 32.94
C TYR D 260 -66.53 -0.65 31.62
N THR D 261 -65.64 0.34 31.68
CA THR D 261 -65.30 1.19 30.53
C THR D 261 -63.79 1.53 30.42
N GLY D 262 -62.93 0.64 30.90
CA GLY D 262 -61.49 0.88 30.81
C GLY D 262 -60.71 0.96 32.10
N ILE D 263 -59.40 0.79 31.96
CA ILE D 263 -58.43 0.86 33.04
C ILE D 263 -58.34 2.28 33.61
N VAL D 264 -58.25 3.28 32.72
CA VAL D 264 -58.02 4.64 33.19
C VAL D 264 -59.23 5.21 33.91
N ALA D 265 -60.42 4.72 33.55
CA ALA D 265 -61.66 5.10 34.23
C ALA D 265 -61.64 4.66 35.71
N GLU D 266 -61.35 3.40 35.95
CA GLU D 266 -61.22 2.89 37.31
C GLU D 266 -60.23 3.73 38.13
N LEU D 267 -59.15 4.21 37.53
CA LEU D 267 -58.24 5.11 38.27
C LEU D 267 -58.91 6.46 38.56
N LEU D 268 -59.67 6.95 37.60
CA LEU D 268 -60.25 8.26 37.72
C LEU D 268 -61.39 8.20 38.73
N LEU D 269 -62.18 7.13 38.68
CA LEU D 269 -63.33 6.98 39.57
C LEU D 269 -62.95 6.75 41.04
N LYS D 270 -61.81 6.10 41.28
CA LYS D 270 -61.28 5.87 42.63
C LYS D 270 -60.62 7.09 43.28
N ALA D 271 -59.89 7.88 42.49
CA ALA D 271 -59.21 9.10 42.98
C ALA D 271 -58.24 8.89 44.15
N GLU D 272 -57.86 7.63 44.38
CA GLU D 272 -56.73 7.33 45.24
C GLU D 272 -55.46 8.05 44.81
N LEU D 273 -55.23 8.18 43.50
CA LEU D 273 -54.09 8.94 42.98
C LEU D 273 -54.48 10.35 42.53
N SER D 274 -53.55 11.28 42.61
CA SER D 274 -53.83 12.66 42.20
C SER D 274 -53.96 12.80 40.68
N LEU D 275 -54.74 13.79 40.24
CA LEU D 275 -55.01 13.96 38.81
C LEU D 275 -53.71 13.99 38.02
N GLU D 276 -52.75 14.71 38.56
CA GLU D 276 -51.44 14.83 37.96
C GLU D 276 -50.79 13.44 37.88
N ALA D 277 -50.85 12.69 38.98
CA ALA D 277 -50.28 11.34 39.04
C ALA D 277 -51.01 10.37 38.12
N ILE D 278 -52.34 10.41 38.13
CA ILE D 278 -53.07 9.59 37.16
C ILE D 278 -52.58 9.89 35.75
N LYS D 279 -52.31 11.16 35.46
CA LYS D 279 -51.86 11.59 34.12
C LYS D 279 -50.52 11.02 33.68
N ALA D 280 -49.55 11.04 34.57
CA ALA D 280 -48.20 10.55 34.25
C ALA D 280 -48.20 9.05 33.98
N ASN D 281 -48.97 8.30 34.78
CA ASN D 281 -49.13 6.85 34.60
C ASN D 281 -49.88 6.51 33.32
N SER D 282 -51.06 7.12 33.13
CA SER D 282 -51.82 6.94 31.88
C SER D 282 -50.99 7.21 30.63
N MET D 283 -50.09 8.19 30.71
CA MET D 283 -49.18 8.49 29.62
C MET D 283 -48.17 7.36 29.39
N GLU D 284 -47.63 6.81 30.47
CA GLU D 284 -46.68 5.72 30.38
C GLU D 284 -47.34 4.48 29.78
N LEU D 285 -48.60 4.27 30.13
CA LEU D 285 -49.35 3.13 29.65
C LEU D 285 -49.71 3.27 28.18
N THR D 286 -49.82 4.51 27.71
CA THR D 286 -50.23 4.79 26.34
C THR D 286 -49.03 4.70 25.42
N ALA D 287 -47.91 5.24 25.89
CA ALA D 287 -46.67 5.15 25.13
C ALA D 287 -46.10 3.76 25.29
N GLY D 288 -46.37 3.12 26.42
CA GLY D 288 -45.72 1.86 26.73
C GLY D 288 -46.42 0.64 26.17
N SER D 289 -47.53 0.83 25.51
CA SER D 289 -48.28 -0.32 25.09
C SER D 289 -48.28 -0.52 23.57
N VAL D 290 -47.26 -0.01 22.89
CA VAL D 290 -47.29 -0.03 21.42
C VAL D 290 -46.15 -0.87 20.82
N ASP D 291 -44.92 -0.37 20.90
CA ASP D 291 -43.75 -1.06 20.34
C ASP D 291 -43.37 -2.35 21.09
N THR D 292 -43.62 -2.38 22.40
CA THR D 292 -43.26 -3.52 23.26
C THR D 292 -44.16 -4.73 23.05
N THR D 293 -45.43 -4.51 22.75
CA THR D 293 -46.35 -5.57 22.42
C THR D 293 -46.13 -5.98 20.95
N ALA D 294 -46.05 -5.01 20.05
CA ALA D 294 -46.12 -5.26 18.59
C ALA D 294 -44.91 -6.01 18.03
N PHE D 295 -43.75 -5.78 18.62
CA PHE D 295 -42.56 -6.43 18.10
C PHE D 295 -42.57 -7.94 18.41
N PRO D 296 -42.74 -8.36 19.68
CA PRO D 296 -42.87 -9.81 19.88
C PRO D 296 -43.96 -10.46 19.04
N LEU D 297 -45.13 -9.85 18.97
CA LEU D 297 -46.24 -10.41 18.22
C LEU D 297 -45.81 -10.67 16.77
N LEU D 298 -44.99 -9.78 16.21
CA LEU D 298 -44.46 -9.99 14.87
C LEU D 298 -43.48 -11.15 14.85
N MET D 299 -42.54 -11.15 15.80
CA MET D 299 -41.54 -12.22 15.91
C MET D 299 -42.19 -13.59 16.04
N THR D 300 -43.31 -13.63 16.78
CA THR D 300 -44.14 -14.83 16.93
C THR D 300 -44.74 -15.29 15.62
N LEU D 301 -45.24 -14.36 14.83
CA LEU D 301 -45.76 -14.70 13.52
C LEU D 301 -44.65 -15.28 12.64
N PHE D 302 -43.46 -14.70 12.74
CA PHE D 302 -42.32 -15.10 11.94
C PHE D 302 -41.90 -16.52 12.29
N GLU D 303 -41.80 -16.79 13.59
CA GLU D 303 -41.46 -18.12 14.08
C GLU D 303 -42.51 -19.18 13.75
N LEU D 304 -43.79 -18.84 13.77
CA LEU D 304 -44.81 -19.78 13.33
C LEU D 304 -44.67 -20.09 11.84
N ALA D 305 -44.29 -19.09 11.07
CA ALA D 305 -44.14 -19.27 9.65
C ALA D 305 -42.91 -20.13 9.37
N ARG D 306 -41.99 -20.10 10.32
CA ARG D 306 -40.70 -20.75 10.22
C ARG D 306 -40.78 -22.17 10.78
N ASN D 307 -41.84 -22.45 11.52
CA ASN D 307 -42.02 -23.74 12.17
C ASN D 307 -43.45 -24.20 12.01
N PRO D 308 -43.82 -24.64 10.79
CA PRO D 308 -45.21 -24.99 10.51
C PRO D 308 -45.72 -26.10 11.40
N ASP D 309 -44.82 -26.91 11.92
CA ASP D 309 -45.22 -28.02 12.77
C ASP D 309 -45.50 -27.55 14.17
N VAL D 310 -44.87 -26.47 14.60
CA VAL D 310 -45.32 -25.80 15.84
C VAL D 310 -46.59 -24.99 15.56
N GLN D 311 -46.76 -24.54 14.33
CA GLN D 311 -47.94 -23.77 14.01
C GLN D 311 -49.19 -24.62 14.08
N GLN D 312 -49.13 -25.87 13.57
CA GLN D 312 -50.25 -26.82 13.65
C GLN D 312 -50.67 -27.09 15.09
N ILE D 313 -49.74 -27.59 15.89
CA ILE D 313 -50.02 -27.88 17.30
C ILE D 313 -50.82 -26.73 17.92
N LEU D 314 -50.37 -25.50 17.67
CA LEU D 314 -51.03 -24.30 18.19
C LEU D 314 -52.40 -24.07 17.52
N ARG D 315 -52.45 -24.18 16.19
CA ARG D 315 -53.70 -24.00 15.49
C ARG D 315 -54.69 -24.98 16.04
N GLN D 316 -54.24 -26.24 16.25
CA GLN D 316 -55.13 -27.30 16.72
C GLN D 316 -55.67 -27.01 18.09
N GLU D 317 -54.85 -26.40 18.95
CA GLU D 317 -55.28 -26.04 20.28
C GLU D 317 -56.35 -24.98 20.25
N SER D 318 -56.23 -24.02 19.33
CA SER D 318 -57.16 -22.88 19.25
C SER D 318 -58.49 -23.23 18.65
N LEU D 319 -58.49 -24.01 17.57
CA LEU D 319 -59.72 -24.55 17.00
C LEU D 319 -60.46 -25.36 18.07
N ALA D 320 -59.72 -26.23 18.77
CA ALA D 320 -60.23 -26.98 19.91
C ALA D 320 -60.77 -26.13 21.08
N ALA D 321 -60.35 -24.88 21.19
CA ALA D 321 -60.86 -24.06 22.28
C ALA D 321 -61.70 -22.89 21.78
N ALA D 322 -61.94 -22.83 20.47
CA ALA D 322 -62.67 -21.71 19.85
C ALA D 322 -64.01 -21.42 20.52
N ALA D 323 -64.91 -22.40 20.47
CA ALA D 323 -66.27 -22.26 20.98
C ALA D 323 -66.36 -21.64 22.39
N SER D 324 -65.68 -22.21 23.39
CA SER D 324 -65.83 -21.66 24.75
C SER D 324 -65.15 -20.31 24.89
N ILE D 325 -64.18 -20.02 24.03
CA ILE D 325 -63.54 -18.71 24.03
C ILE D 325 -64.44 -17.66 23.41
N SER D 326 -65.11 -18.01 22.30
CA SER D 326 -66.06 -17.09 21.69
C SER D 326 -67.18 -16.76 22.71
N GLU D 327 -67.70 -17.80 23.34
CA GLU D 327 -68.78 -17.68 24.30
C GLU D 327 -68.31 -16.94 25.57
N HIS D 328 -67.20 -17.38 26.14
CA HIS D 328 -66.56 -16.70 27.26
C HIS D 328 -65.15 -16.24 26.88
N PRO D 329 -65.01 -14.97 26.50
CA PRO D 329 -63.71 -14.49 26.12
C PRO D 329 -62.67 -14.72 27.19
N GLN D 330 -63.06 -14.49 28.45
CA GLN D 330 -62.13 -14.42 29.58
C GLN D 330 -61.36 -15.70 29.84
N LYS D 331 -61.90 -16.80 29.32
CA LYS D 331 -61.33 -18.12 29.50
C LYS D 331 -60.02 -18.32 28.73
N ALA D 332 -59.75 -17.46 27.75
CA ALA D 332 -58.58 -17.59 26.87
C ALA D 332 -57.25 -17.64 27.64
N THR D 333 -57.24 -17.00 28.82
CA THR D 333 -56.12 -17.07 29.77
C THR D 333 -55.82 -18.48 30.27
N THR D 334 -56.77 -19.40 30.14
CA THR D 334 -56.62 -20.73 30.73
C THR D 334 -56.83 -21.87 29.73
N GLU D 335 -57.36 -21.57 28.55
CA GLU D 335 -57.69 -22.62 27.57
C GLU D 335 -56.68 -22.76 26.42
N LEU D 336 -55.68 -21.88 26.39
CA LEU D 336 -54.64 -21.83 25.36
C LEU D 336 -53.28 -21.87 26.03
N PRO D 337 -52.92 -23.00 26.65
CA PRO D 337 -51.68 -23.01 27.40
C PRO D 337 -50.45 -23.08 26.51
N LEU D 338 -50.58 -23.72 25.35
CA LEU D 338 -49.49 -23.82 24.39
C LEU D 338 -49.19 -22.49 23.74
N LEU D 339 -50.24 -21.75 23.40
CA LEU D 339 -50.09 -20.40 22.90
C LEU D 339 -49.49 -19.46 23.95
N ARG D 340 -49.88 -19.64 25.20
CA ARG D 340 -49.22 -18.91 26.30
C ARG D 340 -47.73 -19.26 26.42
N ALA D 341 -47.39 -20.52 26.12
CA ALA D 341 -46.01 -20.96 26.13
C ALA D 341 -45.22 -20.38 24.97
N ALA D 342 -45.83 -20.27 23.79
CA ALA D 342 -45.16 -19.71 22.61
C ALA D 342 -44.68 -18.26 22.85
N LEU D 343 -45.52 -17.47 23.51
CA LEU D 343 -45.16 -16.12 23.92
C LEU D 343 -43.89 -16.18 24.73
N LYS D 344 -43.87 -17.06 25.73
CA LYS D 344 -42.67 -17.24 26.53
C LYS D 344 -41.52 -17.57 25.59
N GLU D 345 -41.80 -18.37 24.57
CA GLU D 345 -40.72 -18.80 23.71
C GLU D 345 -40.16 -17.65 22.89
N THR D 346 -41.06 -16.87 22.27
CA THR D 346 -40.68 -15.65 21.55
C THR D 346 -39.86 -14.72 22.41
N LEU D 347 -40.35 -14.43 23.61
CA LEU D 347 -39.64 -13.54 24.53
C LEU D 347 -38.29 -14.06 24.98
N ARG D 348 -38.12 -15.39 25.00
CA ARG D 348 -36.79 -15.97 25.23
C ARG D 348 -35.83 -15.53 24.12
N LEU D 349 -36.22 -15.76 22.87
CA LEU D 349 -35.36 -15.48 21.75
C LEU D 349 -35.33 -14.00 21.34
N TYR D 350 -36.41 -13.29 21.60
CA TYR D 350 -36.52 -11.91 21.20
C TYR D 350 -37.00 -11.02 22.33
N PRO D 351 -36.18 -10.83 23.39
CA PRO D 351 -36.61 -10.03 24.53
C PRO D 351 -36.66 -8.54 24.19
N VAL D 352 -37.86 -7.99 24.24
CA VAL D 352 -38.13 -6.60 23.86
C VAL D 352 -37.32 -5.61 24.70
N GLY D 353 -37.43 -5.75 26.02
CA GLY D 353 -36.66 -4.98 26.97
C GLY D 353 -35.40 -5.79 27.12
N LEU D 354 -34.28 -5.23 26.72
CA LEU D 354 -33.08 -6.02 26.57
C LEU D 354 -32.44 -6.45 27.87
N PHE D 355 -32.54 -5.60 28.89
CA PHE D 355 -31.89 -5.91 30.17
C PHE D 355 -32.71 -5.56 31.39
N LEU D 356 -32.56 -6.37 32.43
CA LEU D 356 -33.14 -6.09 33.72
C LEU D 356 -32.11 -5.27 34.45
N GLU D 357 -32.50 -4.64 35.56
CA GLU D 357 -31.69 -3.58 36.12
C GLU D 357 -32.09 -3.25 37.54
N ARG D 358 -31.07 -3.15 38.40
CA ARG D 358 -31.25 -2.82 39.82
C ARG D 358 -30.04 -2.09 40.32
N VAL D 359 -30.26 -0.94 40.97
CA VAL D 359 -29.19 -0.26 41.68
C VAL D 359 -29.36 -0.83 43.07
N VAL D 360 -28.49 -1.76 43.40
CA VAL D 360 -28.72 -2.67 44.50
C VAL D 360 -28.52 -2.01 45.86
N SER D 361 -29.45 -2.29 46.77
CA SER D 361 -29.55 -1.55 48.02
C SER D 361 -28.70 -2.17 49.13
N SER D 362 -28.70 -3.49 49.22
CA SER D 362 -27.94 -4.23 50.24
C SER D 362 -26.72 -4.79 49.58
N ASP D 363 -25.75 -5.23 50.37
CA ASP D 363 -24.67 -6.04 49.82
C ASP D 363 -25.17 -7.44 49.44
N LEU D 364 -24.44 -8.08 48.52
CA LEU D 364 -24.74 -9.44 48.07
C LEU D 364 -23.54 -10.06 47.37
N VAL D 365 -23.58 -11.38 47.17
CA VAL D 365 -22.56 -12.08 46.41
C VAL D 365 -23.17 -12.76 45.19
N LEU D 366 -22.58 -12.50 44.03
CA LEU D 366 -22.96 -13.19 42.78
C LEU D 366 -21.75 -13.86 42.18
N GLN D 367 -21.90 -15.13 41.82
CA GLN D 367 -20.83 -15.87 41.15
C GLN D 367 -19.53 -15.81 41.97
N ASN D 368 -19.68 -16.07 43.27
CA ASN D 368 -18.61 -15.92 44.26
C ASN D 368 -17.77 -14.64 44.14
N TYR D 369 -18.42 -13.55 43.73
CA TYR D 369 -17.85 -12.22 43.80
C TYR D 369 -18.66 -11.34 44.74
N HIS D 370 -17.99 -10.52 45.53
CA HIS D 370 -18.63 -9.56 46.44
C HIS D 370 -19.13 -8.33 45.66
N ILE D 371 -20.39 -7.98 45.89
CA ILE D 371 -21.04 -6.87 45.19
C ILE D 371 -21.56 -5.78 46.15
N PRO D 372 -20.86 -4.64 46.17
CA PRO D 372 -21.11 -3.59 47.15
C PRO D 372 -22.47 -2.96 46.94
N ALA D 373 -23.13 -2.59 48.04
CA ALA D 373 -24.33 -1.77 47.99
C ALA D 373 -24.03 -0.54 47.14
N GLY D 374 -25.02 -0.12 46.34
CA GLY D 374 -24.85 1.00 45.44
C GLY D 374 -24.40 0.60 44.05
N THR D 375 -24.27 -0.70 43.83
CA THR D 375 -23.86 -1.21 42.52
C THR D 375 -25.04 -1.37 41.57
N LEU D 376 -24.82 -1.06 40.31
CA LEU D 376 -25.80 -1.22 39.25
C LEU D 376 -25.64 -2.58 38.58
N VAL D 377 -26.48 -3.53 38.97
CA VAL D 377 -26.42 -4.88 38.42
C VAL D 377 -27.44 -4.97 37.30
N GLN D 378 -26.96 -5.35 36.12
CA GLN D 378 -27.79 -5.53 34.94
C GLN D 378 -27.83 -6.98 34.56
N VAL D 379 -29.04 -7.51 34.44
CA VAL D 379 -29.22 -8.81 33.83
C VAL D 379 -29.38 -8.60 32.33
N PHE D 380 -28.75 -9.44 31.52
CA PHE D 380 -28.78 -9.23 30.10
C PHE D 380 -29.50 -10.41 29.46
N LEU D 381 -30.79 -10.20 29.18
CA LEU D 381 -31.72 -11.24 28.75
C LEU D 381 -31.43 -11.93 27.42
N TYR D 382 -30.77 -11.26 26.49
CA TYR D 382 -30.49 -11.88 25.19
C TYR D 382 -29.53 -13.05 25.35
N SER D 383 -28.51 -12.84 26.19
CA SER D 383 -27.59 -13.90 26.59
C SER D 383 -28.31 -14.93 27.45
N LEU D 384 -29.00 -14.47 28.49
CA LEU D 384 -29.71 -15.38 29.38
C LEU D 384 -30.48 -16.45 28.61
N GLY D 385 -31.34 -16.02 27.69
CA GLY D 385 -32.27 -16.93 27.02
C GLY D 385 -31.60 -17.77 25.95
N ARG D 386 -30.42 -17.32 25.54
CA ARG D 386 -29.63 -18.01 24.54
C ARG D 386 -28.58 -18.88 25.18
N ASN D 387 -28.59 -18.98 26.50
CA ASN D 387 -27.70 -19.91 27.19
C ASN D 387 -28.02 -21.37 26.81
N ALA D 388 -27.31 -21.88 25.80
CA ALA D 388 -27.47 -23.26 25.29
C ALA D 388 -27.29 -24.35 26.37
N ALA D 389 -26.72 -23.97 27.52
CA ALA D 389 -26.56 -24.90 28.63
C ALA D 389 -27.79 -24.87 29.52
N LEU D 390 -28.70 -23.94 29.27
CA LEU D 390 -29.90 -23.86 30.10
C LEU D 390 -31.14 -24.10 29.31
N PHE D 391 -31.06 -23.75 28.03
CA PHE D 391 -32.08 -24.11 27.10
C PHE D 391 -31.40 -24.94 26.03
N PRO D 392 -31.48 -26.26 26.20
CA PRO D 392 -30.87 -27.19 25.27
C PRO D 392 -31.38 -26.96 23.86
N ARG D 393 -30.44 -26.77 22.93
CA ARG D 393 -30.72 -26.41 21.53
C ARG D 393 -31.41 -25.05 21.48
N PRO D 394 -30.66 -23.99 21.84
CA PRO D 394 -31.22 -22.69 22.23
C PRO D 394 -31.88 -21.94 21.07
N GLU D 395 -31.53 -22.28 19.84
CA GLU D 395 -32.09 -21.58 18.70
C GLU D 395 -33.29 -22.32 18.16
N ARG D 396 -33.69 -23.38 18.85
CA ARG D 396 -34.97 -24.07 18.59
C ARG D 396 -36.13 -23.28 19.17
N TYR D 397 -37.11 -22.98 18.33
CA TYR D 397 -38.35 -22.41 18.81
C TYR D 397 -39.18 -23.56 19.32
N ASN D 398 -39.30 -23.65 20.64
CA ASN D 398 -39.94 -24.79 21.28
C ASN D 398 -40.81 -24.32 22.44
N PRO D 399 -42.11 -24.13 22.19
CA PRO D 399 -43.00 -23.67 23.25
C PRO D 399 -43.14 -24.67 24.39
N GLN D 400 -42.95 -25.96 24.07
CA GLN D 400 -43.16 -27.05 25.02
C GLN D 400 -42.26 -26.93 26.25
N ARG D 401 -41.01 -26.55 25.99
CA ARG D 401 -40.07 -25.98 26.94
C ARG D 401 -40.68 -25.34 28.19
N TRP D 402 -41.86 -24.76 28.08
CA TRP D 402 -42.39 -23.96 29.18
C TRP D 402 -43.61 -24.59 29.84
N LEU D 403 -43.81 -25.88 29.64
CA LEU D 403 -45.00 -26.55 30.16
C LEU D 403 -44.98 -26.95 31.66
N ASP D 404 -43.83 -26.81 32.32
CA ASP D 404 -43.76 -27.05 33.78
C ASP D 404 -43.05 -25.97 34.62
N ILE D 405 -43.86 -25.12 35.22
CA ILE D 405 -43.39 -24.04 36.11
C ILE D 405 -44.34 -23.92 37.30
N ARG D 410 -36.38 -22.31 38.41
CA ARG D 410 -37.67 -22.65 37.83
C ARG D 410 -38.34 -21.44 37.12
N ASN D 411 -38.97 -20.55 37.90
CA ASN D 411 -39.63 -19.33 37.40
C ASN D 411 -38.65 -18.46 36.60
N PHE D 412 -37.44 -18.36 37.16
CA PHE D 412 -36.43 -17.41 36.71
C PHE D 412 -35.78 -17.71 35.37
N HIS D 413 -36.36 -18.63 34.60
CA HIS D 413 -35.91 -18.84 33.22
C HIS D 413 -36.70 -17.90 32.31
N HIS D 414 -37.81 -17.41 32.86
CA HIS D 414 -38.74 -16.51 32.20
C HIS D 414 -38.80 -15.27 33.09
N VAL D 415 -38.02 -14.26 32.72
CA VAL D 415 -38.05 -12.96 33.40
C VAL D 415 -38.04 -11.78 32.43
N PRO D 416 -38.69 -11.91 31.24
CA PRO D 416 -38.64 -10.83 30.25
C PRO D 416 -39.54 -9.64 30.63
N PHE D 417 -40.28 -9.76 31.73
CA PHE D 417 -41.06 -8.67 32.27
C PHE D 417 -40.44 -8.21 33.58
N GLY D 418 -39.32 -8.83 33.95
CA GLY D 418 -38.69 -8.50 35.21
C GLY D 418 -39.13 -9.40 36.33
N PHE D 419 -39.09 -8.86 37.55
CA PHE D 419 -39.34 -9.64 38.74
C PHE D 419 -39.73 -8.73 39.89
N GLY D 420 -40.13 -9.32 41.01
CA GLY D 420 -40.51 -8.57 42.20
C GLY D 420 -41.74 -7.69 42.01
N MET D 421 -41.90 -6.76 42.92
CA MET D 421 -42.95 -5.73 42.87
C MET D 421 -42.81 -4.83 41.65
N ARG D 422 -41.61 -4.77 41.07
CA ARG D 422 -41.35 -3.95 39.91
C ARG D 422 -41.69 -4.60 38.55
N GLN D 423 -42.02 -5.89 38.52
CA GLN D 423 -42.27 -6.50 37.22
C GLN D 423 -43.37 -5.78 36.46
N CYS D 424 -43.14 -5.63 35.16
CA CYS D 424 -43.99 -4.92 34.21
C CYS D 424 -45.44 -4.82 34.58
N LEU D 425 -45.90 -3.61 34.81
CA LEU D 425 -47.29 -3.35 35.13
C LEU D 425 -48.23 -3.65 33.95
N GLY D 426 -47.70 -3.57 32.74
CA GLY D 426 -48.53 -3.80 31.58
C GLY D 426 -48.54 -5.25 31.19
N ARG D 427 -47.86 -6.09 31.97
CA ARG D 427 -47.67 -7.48 31.60
C ARG D 427 -48.95 -8.21 31.22
N ARG D 428 -50.02 -8.05 31.97
CA ARG D 428 -51.19 -8.85 31.63
C ARG D 428 -51.95 -8.34 30.42
N LEU D 429 -52.01 -7.00 30.28
CA LEU D 429 -52.58 -6.37 29.09
C LEU D 429 -51.74 -6.70 27.85
N ALA D 430 -50.42 -6.75 28.01
CA ALA D 430 -49.56 -7.18 26.93
C ALA D 430 -49.91 -8.59 26.51
N GLU D 431 -49.81 -9.53 27.45
CA GLU D 431 -50.05 -10.95 27.16
C GLU D 431 -51.47 -11.21 26.62
N ALA D 432 -52.44 -10.45 27.10
CA ALA D 432 -53.79 -10.65 26.63
C ALA D 432 -53.92 -10.30 25.17
N GLU D 433 -53.30 -9.18 24.76
CA GLU D 433 -53.39 -8.63 23.39
C GLU D 433 -52.75 -9.54 22.37
N MET D 434 -51.54 -9.99 22.70
CA MET D 434 -50.77 -10.91 21.88
C MET D 434 -51.44 -12.27 21.82
N LEU D 435 -52.02 -12.69 22.95
CA LEU D 435 -52.63 -13.99 23.02
C LEU D 435 -53.83 -13.96 22.12
N LEU D 436 -54.63 -12.91 22.27
CA LEU D 436 -55.93 -12.85 21.60
C LEU D 436 -55.82 -12.70 20.11
N LEU D 437 -54.78 -12.01 19.65
CA LEU D 437 -54.62 -11.77 18.24
C LEU D 437 -54.28 -13.09 17.57
N LEU D 438 -53.25 -13.75 18.11
CA LEU D 438 -52.76 -14.99 17.56
C LEU D 438 -53.85 -16.05 17.54
N HIS D 439 -54.63 -16.14 18.63
CA HIS D 439 -55.74 -17.10 18.69
C HIS D 439 -56.61 -16.96 17.45
N HIS D 440 -57.17 -15.78 17.23
CA HIS D 440 -58.05 -15.57 16.07
C HIS D 440 -57.35 -15.74 14.70
N VAL D 441 -56.07 -15.39 14.63
CA VAL D 441 -55.33 -15.54 13.38
C VAL D 441 -55.13 -17.02 13.09
N LEU D 442 -54.82 -17.79 14.14
CA LEU D 442 -54.60 -19.21 13.99
C LEU D 442 -55.81 -19.97 13.49
N LYS D 443 -57.01 -19.64 14.00
CA LYS D 443 -58.23 -20.35 13.53
C LYS D 443 -58.62 -20.09 12.09
N HIS D 444 -58.11 -19.02 11.50
CA HIS D 444 -58.54 -18.67 10.15
C HIS D 444 -57.50 -18.80 9.07
N PHE D 445 -56.23 -18.72 9.44
CA PHE D 445 -55.17 -18.65 8.45
C PHE D 445 -54.04 -19.58 8.76
N LEU D 446 -53.36 -20.04 7.71
CA LEU D 446 -51.98 -20.55 7.77
C LEU D 446 -51.00 -19.39 7.48
N VAL D 447 -49.84 -19.42 8.14
CA VAL D 447 -48.85 -18.33 8.07
C VAL D 447 -47.49 -18.85 7.52
N GLU D 448 -47.07 -18.41 6.33
CA GLU D 448 -45.82 -18.91 5.72
C GLU D 448 -44.83 -17.84 5.22
N THR D 449 -43.55 -18.22 5.13
CA THR D 449 -42.52 -17.48 4.38
C THR D 449 -41.43 -18.38 3.80
N LEU D 450 -40.88 -17.90 2.68
CA LEU D 450 -39.68 -18.41 2.08
C LEU D 450 -38.48 -17.91 2.84
N THR D 451 -38.66 -16.79 3.52
CA THR D 451 -37.62 -16.21 4.37
C THR D 451 -37.38 -17.13 5.55
N GLN D 452 -36.44 -18.06 5.41
CA GLN D 452 -36.11 -18.92 6.53
C GLN D 452 -35.00 -18.33 7.42
N GLU D 453 -34.14 -17.49 6.83
CA GLU D 453 -32.95 -17.00 7.53
C GLU D 453 -33.26 -16.04 8.68
N ASP D 454 -32.54 -16.19 9.78
CA ASP D 454 -32.71 -15.36 10.99
C ASP D 454 -32.89 -13.88 10.70
N ILE D 455 -33.67 -13.22 11.55
CA ILE D 455 -33.89 -11.79 11.40
C ILE D 455 -32.97 -11.02 12.33
N LYS D 456 -32.23 -10.08 11.77
CA LYS D 456 -31.31 -9.29 12.58
C LYS D 456 -32.04 -8.38 13.57
N MET D 457 -31.87 -8.67 14.85
CA MET D 457 -32.32 -7.77 15.89
C MET D 457 -31.47 -6.48 15.88
N VAL D 458 -32.08 -5.39 16.33
CA VAL D 458 -31.41 -4.07 16.35
C VAL D 458 -31.72 -3.42 17.68
N TYR D 459 -30.76 -2.74 18.29
CA TYR D 459 -31.02 -2.10 19.58
C TYR D 459 -31.21 -0.60 19.47
N SER D 460 -32.47 -0.15 19.54
CA SER D 460 -32.72 1.26 19.87
C SER D 460 -33.55 1.40 21.13
N PHE D 461 -32.87 1.20 22.24
CA PHE D 461 -33.41 1.22 23.61
C PHE D 461 -34.31 0.01 23.92
N ILE D 462 -35.18 -0.35 22.97
CA ILE D 462 -35.79 -1.65 23.03
C ILE D 462 -35.12 -2.48 21.95
N LEU D 463 -35.09 -3.79 22.15
CA LEU D 463 -34.57 -4.70 21.13
C LEU D 463 -35.64 -4.97 20.08
N ARG D 464 -35.33 -4.75 18.82
CA ARG D 464 -36.33 -4.91 17.76
C ARG D 464 -35.80 -5.49 16.44
N PRO D 465 -36.67 -6.21 15.69
CA PRO D 465 -36.26 -6.68 14.37
C PRO D 465 -35.79 -5.49 13.56
N GLY D 466 -34.77 -5.69 12.77
CA GLY D 466 -34.32 -4.63 11.89
C GLY D 466 -34.88 -4.82 10.50
N THR D 467 -35.77 -5.80 10.35
CA THR D 467 -36.33 -6.16 9.07
C THR D 467 -37.72 -6.74 9.28
N SER D 468 -38.61 -6.46 8.36
CA SER D 468 -39.93 -7.04 8.41
C SER D 468 -39.99 -8.17 7.41
N PRO D 469 -40.23 -9.40 7.89
CA PRO D 469 -40.28 -10.50 6.93
C PRO D 469 -41.63 -10.48 6.23
N LEU D 470 -41.63 -10.87 4.97
CA LEU D 470 -42.82 -10.82 4.16
C LEU D 470 -43.66 -12.06 4.43
N LEU D 471 -44.88 -11.89 4.94
CA LEU D 471 -45.67 -13.06 5.37
C LEU D 471 -46.87 -13.36 4.50
N THR D 472 -47.15 -14.64 4.30
CA THR D 472 -48.32 -15.04 3.54
C THR D 472 -49.36 -15.59 4.50
N PHE D 473 -50.60 -15.13 4.36
CA PHE D 473 -51.71 -15.63 5.15
C PHE D 473 -52.66 -16.31 4.20
N ARG D 474 -52.97 -17.58 4.50
CA ARG D 474 -53.88 -18.33 3.65
C ARG D 474 -55.03 -18.85 4.46
N ALA D 475 -56.24 -18.56 3.98
CA ALA D 475 -57.47 -18.93 4.67
C ALA D 475 -57.61 -20.44 4.60
N ILE D 476 -57.89 -21.04 5.75
CA ILE D 476 -58.06 -22.48 5.85
C ILE D 476 -59.54 -22.81 5.89
N THR E 8 18.40 4.58 48.29
CA THR E 8 16.95 4.48 48.63
C THR E 8 16.11 5.46 47.79
N VAL E 9 15.86 5.06 46.55
CA VAL E 9 15.13 5.87 45.59
C VAL E 9 13.68 5.40 45.57
N LEU E 10 12.75 6.35 45.52
CA LEU E 10 11.30 6.06 45.50
C LEU E 10 10.90 5.45 44.17
N PRO E 11 9.94 4.51 44.18
CA PRO E 11 9.50 3.93 42.91
C PRO E 11 8.69 4.95 42.09
N PHE E 12 8.70 4.79 40.77
CA PHE E 12 8.01 5.72 39.88
C PHE E 12 6.57 5.91 40.31
N GLU E 13 5.91 4.76 40.50
CA GLU E 13 4.52 4.64 40.89
C GLU E 13 4.17 5.50 42.11
N ALA E 14 5.18 5.97 42.85
CA ALA E 14 4.97 6.78 44.06
C ALA E 14 5.14 8.28 43.86
N MET E 15 5.14 8.74 42.61
CA MET E 15 5.23 10.15 42.26
C MET E 15 3.83 10.77 42.22
N PRO E 16 3.68 12.02 42.73
CA PRO E 16 2.39 12.71 42.71
C PRO E 16 1.79 12.74 41.31
N GLN E 17 0.48 12.87 41.22
CA GLN E 17 -0.22 12.72 39.94
C GLN E 17 -1.16 13.87 39.61
N HIS E 18 -0.94 14.51 38.47
CA HIS E 18 -1.90 15.47 37.93
C HIS E 18 -3.29 14.82 37.90
N PRO E 19 -4.29 15.47 38.53
CA PRO E 19 -5.64 14.90 38.73
C PRO E 19 -6.51 14.70 37.48
N GLY E 20 -6.06 15.17 36.33
CA GLY E 20 -6.92 15.13 35.14
C GLY E 20 -7.00 13.83 34.35
N ASN E 21 -8.23 13.43 34.03
CA ASN E 21 -8.52 12.41 33.00
C ASN E 21 -7.98 12.86 31.64
N ARG E 22 -7.25 11.99 30.96
CA ARG E 22 -6.83 12.34 29.60
C ARG E 22 -8.05 12.69 28.74
N TRP E 23 -9.18 12.05 29.02
CA TRP E 23 -10.39 12.18 28.21
C TRP E 23 -11.15 13.48 28.47
N LEU E 24 -11.12 13.97 29.70
CA LEU E 24 -11.73 15.26 30.00
C LEU E 24 -10.99 16.37 29.28
N ARG E 25 -9.65 16.34 29.31
CA ARG E 25 -8.85 17.27 28.52
C ARG E 25 -9.26 17.22 27.04
N LEU E 26 -9.30 16.02 26.49
CA LEU E 26 -9.59 15.82 25.08
C LEU E 26 -10.93 16.39 24.68
N LEU E 27 -11.96 16.14 25.50
CA LEU E 27 -13.29 16.64 25.20
C LEU E 27 -13.32 18.16 25.34
N GLN E 28 -12.54 18.67 26.28
CA GLN E 28 -12.39 20.12 26.43
C GLN E 28 -11.72 20.74 25.19
N ILE E 29 -10.70 20.06 24.66
CA ILE E 29 -10.06 20.50 23.41
C ILE E 29 -11.03 20.40 22.22
N TRP E 30 -11.88 19.40 22.25
CA TRP E 30 -12.92 19.24 21.26
C TRP E 30 -13.94 20.38 21.33
N ARG E 31 -14.37 20.72 22.55
CA ARG E 31 -15.36 21.76 22.73
C ARG E 31 -14.81 23.15 22.40
N GLU E 32 -13.74 23.54 23.10
CA GLU E 32 -13.15 24.87 22.98
C GLU E 32 -12.21 25.06 21.79
N GLN E 33 -12.05 24.01 20.97
CA GLN E 33 -11.15 24.04 19.79
C GLN E 33 -9.73 24.52 20.10
N GLY E 34 -9.22 24.19 21.28
CA GLY E 34 -7.90 24.62 21.71
C GLY E 34 -7.69 24.40 23.19
N TYR E 35 -6.61 24.96 23.73
CA TYR E 35 -6.23 24.72 25.11
C TYR E 35 -5.28 25.85 25.54
N GLU E 36 -5.82 27.06 25.61
CA GLU E 36 -5.03 28.29 25.74
C GLU E 36 -4.45 28.50 27.14
N HIS E 37 -4.92 27.72 28.12
CA HIS E 37 -4.49 27.93 29.49
C HIS E 37 -3.56 26.83 29.99
N LEU E 38 -3.26 25.87 29.11
CA LEU E 38 -2.40 24.74 29.42
C LEU E 38 -1.33 25.14 30.41
N HIS E 39 -0.64 26.23 30.11
CA HIS E 39 0.52 26.66 30.85
C HIS E 39 0.16 27.14 32.26
N LEU E 40 -1.02 27.70 32.40
CA LEU E 40 -1.41 28.24 33.69
C LEU E 40 -1.85 27.12 34.59
N GLU E 41 -2.45 26.10 33.96
CA GLU E 41 -2.85 24.88 34.65
C GLU E 41 -1.60 24.15 35.16
N MET E 42 -0.71 23.81 34.25
CA MET E 42 0.56 23.19 34.60
C MET E 42 1.22 23.91 35.77
N HIS E 43 1.30 25.22 35.64
CA HIS E 43 1.94 26.03 36.64
C HIS E 43 1.24 25.87 38.00
N GLN E 44 -0.09 25.98 38.01
CA GLN E 44 -0.89 25.70 39.21
C GLN E 44 -0.56 24.31 39.75
N THR E 45 -0.40 23.33 38.86
CA THR E 45 -0.15 21.97 39.28
C THR E 45 1.18 21.74 40.01
N PHE E 46 2.25 22.34 39.52
CA PHE E 46 3.53 22.29 40.24
C PHE E 46 3.42 23.04 41.57
N GLN E 47 2.68 24.14 41.56
CA GLN E 47 2.42 24.98 42.72
C GLN E 47 1.77 24.15 43.84
N GLU E 48 0.81 23.32 43.46
CA GLU E 48 0.13 22.41 44.39
C GLU E 48 1.04 21.24 44.73
N LEU E 49 1.57 20.54 43.73
CA LEU E 49 2.27 19.26 43.95
C LEU E 49 3.77 19.37 44.14
N GLY E 50 4.36 20.45 43.67
CA GLY E 50 5.82 20.62 43.78
C GLY E 50 6.58 20.38 42.48
N PRO E 51 7.92 20.32 42.59
CA PRO E 51 8.89 20.18 41.49
C PRO E 51 8.57 19.14 40.40
N ILE E 52 7.94 18.02 40.77
CA ILE E 52 7.69 16.94 39.81
C ILE E 52 6.33 16.28 40.00
N PHE E 53 5.80 15.72 38.91
CA PHE E 53 4.57 14.92 38.94
C PHE E 53 4.44 14.11 37.68
N ARG E 54 3.61 13.08 37.71
CA ARG E 54 3.38 12.25 36.54
C ARG E 54 1.98 12.54 36.05
N TYR E 55 1.69 12.19 34.81
CA TYR E 55 0.40 12.46 34.22
C TYR E 55 -0.15 11.16 33.66
N ASN E 56 -1.29 10.73 34.17
CA ASN E 56 -1.95 9.55 33.61
C ASN E 56 -2.29 9.83 32.17
N LEU E 57 -1.38 9.44 31.28
CA LEU E 57 -1.52 9.64 29.86
C LEU E 57 -2.24 8.43 29.26
N GLY E 58 -2.32 8.38 27.92
CA GLY E 58 -2.99 7.29 27.19
C GLY E 58 -2.39 5.91 27.38
N GLY E 59 -1.80 5.67 28.56
CA GLY E 59 -1.07 4.42 28.83
C GLY E 59 0.39 4.58 29.26
N PRO E 60 1.25 5.19 28.38
CA PRO E 60 2.70 5.26 28.67
C PRO E 60 3.04 6.32 29.69
N ARG E 61 4.17 6.12 30.37
CA ARG E 61 4.55 7.02 31.44
C ARG E 61 5.02 8.34 30.87
N MET E 62 4.63 9.42 31.53
CA MET E 62 5.13 10.74 31.21
C MET E 62 5.21 11.55 32.50
N VAL E 63 6.22 12.41 32.57
CA VAL E 63 6.63 13.06 33.79
C VAL E 63 6.86 14.56 33.53
N CYS E 64 6.58 15.39 34.53
CA CYS E 64 6.74 16.83 34.38
C CYS E 64 7.70 17.47 35.40
N VAL E 65 8.68 18.20 34.91
CA VAL E 65 9.69 18.74 35.77
C VAL E 65 9.90 20.23 35.48
N MET E 66 10.58 20.93 36.38
CA MET E 66 10.69 22.37 36.28
C MET E 66 12.02 22.93 36.84
N LEU E 67 12.91 22.04 37.25
CA LEU E 67 14.21 22.45 37.80
C LEU E 67 15.38 22.26 36.84
N PRO E 68 16.24 23.28 36.75
CA PRO E 68 17.51 23.19 36.01
C PRO E 68 18.25 21.88 36.28
N GLU E 69 18.44 21.51 37.56
CA GLU E 69 18.99 20.20 37.93
C GLU E 69 18.48 19.08 37.02
N ASP E 70 17.16 19.09 36.78
CA ASP E 70 16.52 18.02 36.05
C ASP E 70 16.87 18.04 34.56
N VAL E 71 17.12 19.24 34.04
CA VAL E 71 17.55 19.40 32.66
C VAL E 71 18.96 18.84 32.50
N GLU E 72 19.83 19.20 33.44
CA GLU E 72 21.18 18.67 33.46
C GLU E 72 21.18 17.14 33.34
N LYS E 73 20.50 16.46 34.27
CA LYS E 73 20.50 14.98 34.25
C LYS E 73 19.96 14.46 32.92
N LEU E 74 18.89 15.08 32.47
CA LEU E 74 18.27 14.77 31.20
C LEU E 74 19.26 14.83 30.04
N GLN E 75 20.17 15.80 30.11
CA GLN E 75 21.22 15.98 29.11
C GLN E 75 22.25 14.85 29.15
N GLN E 76 22.65 14.44 30.35
CA GLN E 76 23.60 13.32 30.49
C GLN E 76 23.02 12.06 29.88
N VAL E 77 21.73 11.85 30.04
CA VAL E 77 21.04 10.67 29.52
C VAL E 77 20.76 10.80 28.01
N ASP E 78 21.17 11.92 27.42
CA ASP E 78 21.09 12.07 25.97
C ASP E 78 21.98 11.02 25.32
N SER E 79 21.38 10.17 24.49
CA SER E 79 22.16 9.21 23.77
C SER E 79 22.89 9.92 22.63
N LEU E 80 23.39 9.12 21.68
CA LEU E 80 23.94 9.58 20.42
C LEU E 80 22.77 10.07 19.55
N HIS E 81 21.57 9.57 19.83
CA HIS E 81 20.38 10.01 19.13
C HIS E 81 19.32 10.40 20.14
N PRO E 82 19.31 11.68 20.58
CA PRO E 82 18.25 12.05 21.50
C PRO E 82 16.89 12.03 20.81
N CYS E 83 15.84 11.76 21.59
CA CYS E 83 14.51 11.58 21.04
C CYS E 83 13.53 12.52 21.65
N ARG E 84 12.75 13.14 20.79
CA ARG E 84 11.59 13.85 21.24
C ARG E 84 10.43 13.24 20.48
N MET E 85 9.21 13.44 20.97
CA MET E 85 8.04 12.75 20.42
C MET E 85 7.74 13.04 18.94
N ILE E 86 7.16 12.04 18.29
CA ILE E 86 6.74 12.14 16.90
C ILE E 86 5.51 13.02 16.87
N LEU E 87 5.65 14.24 16.37
CA LEU E 87 4.48 15.10 16.25
C LEU E 87 3.62 14.67 15.06
N GLU E 88 2.66 13.78 15.34
CA GLU E 88 1.85 13.10 14.33
C GLU E 88 1.30 13.95 13.13
N PRO E 89 0.55 15.05 13.41
CA PRO E 89 -0.12 15.81 12.32
C PRO E 89 0.85 16.44 11.32
N TRP E 90 1.96 16.96 11.82
CA TRP E 90 3.05 17.44 10.97
C TRP E 90 3.68 16.35 10.08
N VAL E 91 4.00 15.20 10.67
CA VAL E 91 4.59 14.06 9.94
C VAL E 91 3.58 13.45 8.96
N ALA E 92 2.33 13.44 9.40
CA ALA E 92 1.24 12.97 8.58
C ALA E 92 1.20 13.71 7.24
N TYR E 93 1.44 15.01 7.28
CA TYR E 93 1.46 15.81 6.07
C TYR E 93 2.63 15.45 5.17
N ARG E 94 3.83 15.36 5.76
CA ARG E 94 5.06 15.02 5.01
C ARG E 94 4.91 13.70 4.27
N GLN E 95 4.39 12.68 4.96
CA GLN E 95 4.19 11.37 4.31
C GLN E 95 3.02 11.38 3.35
N HIS E 96 2.11 12.32 3.57
CA HIS E 96 0.94 12.44 2.72
C HIS E 96 1.29 12.99 1.33
N ARG E 97 2.29 13.88 1.26
CA ARG E 97 2.71 14.45 -0.03
C ARG E 97 4.04 13.84 -0.48
N GLY E 98 4.57 12.91 0.30
CA GLY E 98 5.80 12.22 -0.07
C GLY E 98 7.07 13.00 0.19
N HIS E 99 7.01 13.91 1.16
CA HIS E 99 8.18 14.73 1.49
C HIS E 99 9.02 14.04 2.55
N LYS E 100 10.22 14.57 2.76
CA LYS E 100 11.10 14.11 3.84
C LYS E 100 10.72 14.88 5.10
N CYS E 101 11.49 14.72 6.18
CA CYS E 101 11.31 15.55 7.35
C CYS E 101 12.61 16.17 7.80
N GLY E 102 12.57 17.45 8.15
CA GLY E 102 13.78 18.09 8.67
C GLY E 102 14.06 17.68 10.11
N VAL E 103 15.10 18.27 10.69
CA VAL E 103 15.53 17.83 12.03
C VAL E 103 14.47 18.02 13.11
N PHE E 104 13.50 18.90 12.85
CA PHE E 104 12.44 19.11 13.83
C PHE E 104 11.59 17.83 13.99
N LEU E 105 11.40 17.11 12.89
CA LEU E 105 10.52 15.96 12.90
C LEU E 105 11.24 14.60 12.84
N LEU E 106 12.56 14.61 12.97
CA LEU E 106 13.28 13.35 12.88
C LEU E 106 13.73 12.79 14.22
N ASN E 107 13.85 11.46 14.23
CA ASN E 107 14.51 10.71 15.31
C ASN E 107 15.60 9.75 14.76
N GLY E 108 16.56 9.38 15.62
CA GLY E 108 17.54 8.35 15.32
C GLY E 108 18.51 8.70 14.20
N PRO E 109 19.13 7.67 13.58
CA PRO E 109 20.13 7.83 12.51
C PRO E 109 19.79 8.90 11.45
N GLU E 110 18.53 9.00 11.03
CA GLU E 110 18.18 10.04 10.04
C GLU E 110 18.36 11.48 10.58
N TRP E 111 17.97 11.72 11.83
CA TRP E 111 18.19 13.02 12.46
C TRP E 111 19.66 13.43 12.58
N ARG E 112 20.50 12.56 13.16
CA ARG E 112 21.92 12.88 13.29
C ARG E 112 22.55 13.18 11.94
N PHE E 113 22.34 12.29 10.98
CA PHE E 113 22.82 12.51 9.63
C PHE E 113 22.54 13.95 9.15
N ASN E 114 21.27 14.38 9.19
CA ASN E 114 20.90 15.75 8.79
C ASN E 114 21.53 16.84 9.68
N ARG E 115 21.37 16.73 11.00
CA ARG E 115 21.86 17.74 11.95
C ARG E 115 23.37 18.00 11.82
N LEU E 116 24.16 16.93 11.63
CA LEU E 116 25.61 17.07 11.42
C LEU E 116 25.96 17.82 10.13
N ARG E 117 25.03 17.79 9.17
CA ARG E 117 25.19 18.53 7.92
C ARG E 117 24.57 19.94 7.91
N LEU E 118 23.78 20.23 8.94
CA LEU E 118 23.19 21.55 9.07
C LEU E 118 23.95 22.40 10.06
N ASN E 119 24.53 21.80 11.09
CA ASN E 119 25.33 22.60 12.05
C ASN E 119 26.38 23.56 11.47
N PRO E 120 27.12 23.13 10.42
CA PRO E 120 28.11 24.10 10.00
C PRO E 120 27.53 25.36 9.39
N ASP E 121 26.38 25.23 8.72
CA ASP E 121 25.84 26.36 7.94
C ASP E 121 24.64 27.09 8.51
N VAL E 122 24.01 26.54 9.53
CA VAL E 122 22.92 27.27 10.15
C VAL E 122 23.35 27.82 11.50
N LEU E 123 24.11 27.04 12.25
CA LEU E 123 24.30 27.33 13.67
C LEU E 123 25.70 27.81 14.03
N SER E 124 26.70 27.32 13.30
CA SER E 124 28.11 27.50 13.64
C SER E 124 28.53 28.98 13.68
N PRO E 125 29.64 29.27 14.38
CA PRO E 125 30.06 30.68 14.48
C PRO E 125 30.60 31.26 13.18
N LYS E 126 31.08 30.40 12.29
CA LYS E 126 31.56 30.88 11.00
C LYS E 126 30.41 31.21 10.06
N ALA E 127 29.27 30.53 10.26
CA ALA E 127 28.04 30.86 9.53
C ALA E 127 27.49 32.20 10.02
N VAL E 128 27.31 32.35 11.33
CA VAL E 128 26.85 33.61 11.87
C VAL E 128 27.59 34.76 11.24
N GLN E 129 28.92 34.66 11.18
CA GLN E 129 29.76 35.78 10.75
C GLN E 129 29.55 36.16 9.29
N ARG E 130 29.01 35.25 8.52
CA ARG E 130 28.68 35.58 7.16
C ARG E 130 27.24 36.15 7.07
N PHE E 131 26.30 35.56 7.81
CA PHE E 131 24.92 36.01 7.66
C PHE E 131 24.47 37.20 8.49
N LEU E 132 25.17 37.45 9.58
CA LEU E 132 24.82 38.51 10.48
C LEU E 132 24.82 39.91 9.82
N PRO E 133 25.88 40.28 9.06
CA PRO E 133 25.80 41.58 8.38
C PRO E 133 24.61 41.73 7.45
N MET E 134 24.03 40.61 7.04
CA MET E 134 22.84 40.68 6.21
C MET E 134 21.63 41.04 7.07
N VAL E 135 21.43 40.28 8.15
CA VAL E 135 20.45 40.64 9.18
C VAL E 135 20.59 42.13 9.57
N ASP E 136 21.79 42.56 9.96
CA ASP E 136 22.04 43.97 10.32
C ASP E 136 21.44 45.03 9.36
N ALA E 137 21.62 44.82 8.05
CA ALA E 137 21.01 45.65 7.02
C ALA E 137 19.47 45.71 7.13
N VAL E 138 18.83 44.58 7.35
CA VAL E 138 17.38 44.53 7.53
C VAL E 138 17.00 45.29 8.78
N ALA E 139 17.76 45.07 9.86
CA ALA E 139 17.49 45.71 11.16
C ALA E 139 17.59 47.18 11.01
N ARG E 140 18.55 47.64 10.21
CA ARG E 140 18.76 49.07 9.96
C ARG E 140 17.58 49.68 9.23
N ASP E 141 17.11 49.00 8.18
CA ASP E 141 15.93 49.43 7.45
C ASP E 141 14.67 49.52 8.31
N PHE E 142 14.52 48.63 9.29
CA PHE E 142 13.36 48.71 10.21
C PHE E 142 13.29 50.05 10.92
N SER E 143 14.39 50.43 11.56
CA SER E 143 14.44 51.65 12.35
C SER E 143 14.34 52.90 11.51
N GLN E 144 15.05 52.89 10.39
CA GLN E 144 15.06 54.01 9.47
C GLN E 144 13.65 54.30 8.96
N ALA E 145 12.99 53.24 8.51
CA ALA E 145 11.60 53.29 8.07
C ALA E 145 10.72 53.72 9.22
N LEU E 146 10.95 53.20 10.42
CA LEU E 146 10.12 53.61 11.53
C LEU E 146 10.41 55.05 11.88
N LYS E 147 11.67 55.46 11.74
CA LYS E 147 12.01 56.85 11.99
C LYS E 147 11.42 57.81 10.95
N LYS E 148 11.43 57.42 9.67
CA LYS E 148 10.79 58.21 8.63
C LYS E 148 9.31 58.45 8.97
N LYS E 149 8.62 57.42 9.43
CA LYS E 149 7.23 57.60 9.78
C LYS E 149 7.10 58.47 11.03
N VAL E 150 7.95 58.21 12.03
CA VAL E 150 7.92 58.96 13.31
C VAL E 150 8.07 60.47 13.06
N LEU E 151 9.17 60.89 12.44
CA LEU E 151 9.40 62.33 12.19
C LEU E 151 8.32 63.07 11.35
N GLN E 152 7.36 62.37 10.79
CA GLN E 152 6.34 63.06 10.05
C GLN E 152 5.38 63.65 11.05
N ASN E 153 5.27 63.00 12.19
CA ASN E 153 4.32 63.40 13.20
C ASN E 153 4.82 64.62 13.99
N ALA E 154 3.93 65.56 14.28
CA ALA E 154 4.29 66.82 14.95
C ALA E 154 5.04 66.55 16.25
N ARG E 155 4.64 65.48 16.93
CA ARG E 155 5.18 65.13 18.22
C ARG E 155 6.39 64.22 18.15
N GLY E 156 6.91 63.98 16.95
CA GLY E 156 8.09 63.13 16.82
C GLY E 156 7.95 61.73 17.44
N SER E 157 6.74 61.19 17.35
CA SER E 157 6.53 59.83 17.80
C SER E 157 5.51 59.14 16.95
N LEU E 158 5.48 57.81 17.06
CA LEU E 158 4.43 56.98 16.48
C LEU E 158 3.97 55.99 17.52
N THR E 159 2.67 55.83 17.61
CA THR E 159 2.06 54.89 18.52
C THR E 159 1.30 53.88 17.68
N LEU E 160 1.73 52.63 17.75
CA LEU E 160 1.15 51.57 16.94
C LEU E 160 1.15 50.22 17.67
N ASP E 161 0.36 49.30 17.13
CA ASP E 161 0.59 47.89 17.30
C ASP E 161 1.78 47.52 16.40
N VAL E 162 2.97 47.31 16.98
CA VAL E 162 4.16 46.88 16.19
C VAL E 162 4.19 45.42 15.77
N GLN E 163 3.22 44.64 16.21
CA GLN E 163 3.22 43.24 15.87
C GLN E 163 3.37 43.03 14.36
N PRO E 164 2.42 43.56 13.55
CA PRO E 164 2.53 43.29 12.11
C PRO E 164 3.92 43.56 11.56
N SER E 165 4.48 44.73 11.88
CA SER E 165 5.77 45.09 11.31
C SER E 165 6.90 44.21 11.88
N ILE E 166 6.84 43.84 13.16
CA ILE E 166 7.83 42.90 13.70
C ILE E 166 7.74 41.56 12.97
N PHE E 167 6.53 41.04 12.78
CA PHE E 167 6.39 39.80 12.04
C PHE E 167 6.95 39.85 10.61
N HIS E 168 6.85 41.02 9.97
CA HIS E 168 7.44 41.17 8.65
C HIS E 168 8.95 41.39 8.66
N TYR E 169 9.48 41.91 9.76
CA TYR E 169 10.90 42.04 9.93
C TYR E 169 11.54 40.66 9.94
N THR E 170 10.91 39.73 10.65
CA THR E 170 11.46 38.41 10.81
C THR E 170 11.17 37.53 9.58
N ILE E 171 10.10 37.80 8.85
CA ILE E 171 9.93 37.17 7.54
C ILE E 171 11.08 37.64 6.63
N GLU E 172 11.39 38.93 6.71
CA GLU E 172 12.46 39.54 5.90
C GLU E 172 13.92 39.23 6.32
N ALA E 173 14.26 39.43 7.57
CA ALA E 173 15.63 39.19 8.04
C ALA E 173 15.97 37.74 7.73
N SER E 174 15.08 36.83 8.17
CA SER E 174 15.16 35.40 7.90
C SER E 174 15.29 35.01 6.43
N ASN E 175 14.44 35.53 5.58
CA ASN E 175 14.46 35.15 4.18
C ASN E 175 15.72 35.64 3.52
N LEU E 176 16.27 36.75 4.02
CA LEU E 176 17.58 37.26 3.57
C LEU E 176 18.72 36.32 4.00
N ALA E 177 18.86 36.11 5.31
CA ALA E 177 19.85 35.19 5.80
C ALA E 177 19.72 33.82 5.13
N LEU E 178 18.50 33.30 5.06
CA LEU E 178 18.27 31.96 4.54
C LEU E 178 18.58 31.87 3.04
N PHE E 179 17.99 32.75 2.24
CA PHE E 179 18.04 32.62 0.78
C PHE E 179 18.82 33.72 0.08
N GLY E 180 19.13 34.80 0.76
CA GLY E 180 19.83 35.87 0.08
C GLY E 180 18.98 36.80 -0.78
N GLU E 181 17.65 36.63 -0.78
CA GLU E 181 16.72 37.62 -1.37
C GLU E 181 16.14 38.62 -0.35
N ARG E 182 16.10 39.90 -0.72
CA ARG E 182 15.25 40.87 -0.01
C ARG E 182 13.85 40.80 -0.62
N LEU E 183 12.81 40.70 0.23
CA LEU E 183 11.42 40.71 -0.24
C LEU E 183 10.76 41.96 0.30
N GLY E 184 11.10 43.16 -0.17
CA GLY E 184 10.74 44.42 0.52
C GLY E 184 9.57 44.48 1.50
N LEU E 185 9.58 43.65 2.56
CA LEU E 185 8.52 43.65 3.56
C LEU E 185 8.86 44.51 4.77
N VAL E 186 9.88 45.34 4.64
CA VAL E 186 10.27 46.26 5.71
C VAL E 186 10.19 47.68 5.17
N GLY E 187 9.40 48.50 5.87
CA GLY E 187 9.10 49.86 5.45
C GLY E 187 8.28 49.91 4.19
N HIS E 188 7.49 48.88 3.97
CA HIS E 188 6.46 48.82 2.93
C HIS E 188 5.35 47.97 3.52
N SER E 189 4.14 48.10 2.99
CA SER E 189 3.03 47.28 3.45
C SER E 189 3.23 45.75 3.30
N PRO E 190 2.58 44.97 4.19
CA PRO E 190 2.57 43.52 3.98
C PRO E 190 2.14 43.16 2.55
N SER E 191 2.66 42.07 2.00
CA SER E 191 2.14 41.58 0.71
C SER E 191 0.99 40.62 0.99
N SER E 192 0.27 40.21 -0.05
CA SER E 192 -0.78 39.24 0.20
C SER E 192 -0.12 37.89 0.43
N ALA E 193 1.00 37.65 -0.25
CA ALA E 193 1.79 36.44 -0.01
C ALA E 193 2.29 36.35 1.42
N SER E 194 2.79 37.45 1.98
CA SER E 194 3.22 37.38 3.38
C SER E 194 2.05 37.27 4.38
N LEU E 195 0.96 38.00 4.11
CA LEU E 195 -0.26 37.90 4.94
C LEU E 195 -0.89 36.48 4.94
N ASN E 196 -0.90 35.83 3.77
CA ASN E 196 -1.36 34.45 3.66
C ASN E 196 -0.54 33.48 4.51
N PHE E 197 0.77 33.49 4.27
CA PHE E 197 1.75 32.74 5.02
C PHE E 197 1.54 32.86 6.55
N LEU E 198 1.46 34.09 7.06
CA LEU E 198 1.36 34.32 8.50
C LEU E 198 0.13 33.64 9.03
N HIS E 199 -0.97 33.84 8.33
CA HIS E 199 -2.25 33.27 8.68
C HIS E 199 -2.20 31.75 8.63
N ALA E 200 -1.67 31.19 7.55
CA ALA E 200 -1.51 29.74 7.48
C ALA E 200 -0.72 29.17 8.66
N LEU E 201 0.39 29.82 9.04
CA LEU E 201 1.13 29.43 10.24
C LEU E 201 0.28 29.45 11.51
N GLU E 202 -0.68 30.36 11.58
CA GLU E 202 -1.49 30.44 12.79
C GLU E 202 -2.46 29.29 12.77
N VAL E 203 -2.98 28.99 11.58
CA VAL E 203 -3.98 27.94 11.47
C VAL E 203 -3.33 26.60 11.77
N MET E 204 -2.07 26.44 11.33
CA MET E 204 -1.29 25.24 11.58
C MET E 204 -1.13 24.97 13.08
N PHE E 205 -0.67 25.97 13.82
CA PHE E 205 -0.50 25.80 15.26
C PHE E 205 -1.82 25.47 15.95
N LYS E 206 -2.89 26.20 15.61
CA LYS E 206 -4.18 25.98 16.27
C LYS E 206 -4.64 24.57 15.96
N SER E 207 -4.64 24.23 14.69
CA SER E 207 -5.03 22.88 14.35
C SER E 207 -4.01 21.82 14.81
N THR E 208 -2.74 22.19 15.05
CA THR E 208 -1.84 21.25 15.71
C THR E 208 -2.41 20.90 17.06
N VAL E 209 -2.77 21.90 17.87
CA VAL E 209 -3.22 21.66 19.25
C VAL E 209 -4.48 20.79 19.34
N GLN E 210 -5.37 20.95 18.36
CA GLN E 210 -6.60 20.16 18.32
C GLN E 210 -6.32 18.65 18.10
N LEU E 211 -5.29 18.32 17.31
CA LEU E 211 -5.02 16.94 16.88
C LEU E 211 -3.95 16.30 17.72
N MET E 212 -3.13 17.15 18.32
CA MET E 212 -2.02 16.76 19.18
C MET E 212 -2.37 15.82 20.33
N PHE E 213 -3.54 15.98 20.94
CA PHE E 213 -3.77 15.29 22.21
C PHE E 213 -4.56 13.97 22.15
N MET E 214 -4.58 13.36 20.99
CA MET E 214 -5.33 12.12 20.78
C MET E 214 -4.75 11.36 19.62
N PRO E 215 -4.91 10.03 19.61
CA PRO E 215 -4.38 9.29 18.47
C PRO E 215 -5.12 9.61 17.16
N ARG E 216 -4.40 9.58 16.05
CA ARG E 216 -5.01 9.74 14.72
C ARG E 216 -6.25 8.82 14.50
N SER E 217 -6.17 7.57 14.96
CA SER E 217 -7.24 6.58 14.75
C SER E 217 -8.60 7.06 15.23
N LEU E 218 -8.57 7.91 16.25
CA LEU E 218 -9.77 8.44 16.85
C LEU E 218 -10.11 9.85 16.30
N SER E 219 -9.09 10.69 16.18
CA SER E 219 -9.27 12.05 15.64
C SER E 219 -9.70 12.08 14.17
N ARG E 220 -9.42 10.98 13.45
CA ARG E 220 -9.78 10.86 12.05
C ARG E 220 -11.29 10.98 11.88
N TRP E 221 -12.04 10.39 12.79
CA TRP E 221 -13.50 10.34 12.64
C TRP E 221 -14.28 11.32 13.51
N ILE E 222 -13.62 11.90 14.52
CA ILE E 222 -14.28 12.90 15.35
C ILE E 222 -13.83 14.32 15.01
N SER E 223 -12.82 14.45 14.15
CA SER E 223 -12.36 15.77 13.71
C SER E 223 -11.83 15.78 12.27
N PRO E 224 -12.60 15.20 11.34
CA PRO E 224 -12.15 15.14 9.94
C PRO E 224 -11.75 16.50 9.38
N LYS E 225 -12.52 17.54 9.69
CA LYS E 225 -12.26 18.88 9.16
C LYS E 225 -11.20 19.69 9.91
N VAL E 226 -10.84 19.29 11.12
CA VAL E 226 -9.60 19.81 11.69
C VAL E 226 -8.40 19.36 10.83
N TRP E 227 -8.32 18.07 10.55
CA TRP E 227 -7.33 17.55 9.63
C TRP E 227 -7.35 18.28 8.30
N LYS E 228 -8.54 18.48 7.75
CA LYS E 228 -8.68 19.18 6.48
C LYS E 228 -8.13 20.61 6.59
N GLU E 229 -8.38 21.26 7.73
CA GLU E 229 -7.83 22.58 8.05
C GLU E 229 -6.28 22.57 8.12
N HIS E 230 -5.75 21.62 8.89
CA HIS E 230 -4.32 21.43 9.09
C HIS E 230 -3.52 21.26 7.79
N PHE E 231 -4.00 20.39 6.91
CA PHE E 231 -3.34 20.16 5.61
C PHE E 231 -3.42 21.37 4.69
N GLU E 232 -4.56 22.05 4.64
CA GLU E 232 -4.70 23.30 3.85
C GLU E 232 -3.68 24.35 4.32
N ALA E 233 -3.59 24.54 5.63
CA ALA E 233 -2.57 25.41 6.22
C ALA E 233 -1.17 25.00 5.80
N TRP E 234 -0.84 23.72 5.91
CA TRP E 234 0.48 23.25 5.43
C TRP E 234 0.65 23.49 3.95
N ASP E 235 -0.33 23.05 3.15
CA ASP E 235 -0.28 23.25 1.71
C ASP E 235 0.13 24.67 1.37
N CYS E 236 -0.26 25.59 2.24
CA CYS E 236 0.00 26.99 2.00
C CYS E 236 1.40 27.35 2.46
N ILE E 237 1.78 26.82 3.62
CA ILE E 237 3.12 27.01 4.16
C ILE E 237 4.12 26.40 3.17
N PHE E 238 3.76 25.28 2.57
CA PHE E 238 4.67 24.59 1.64
C PHE E 238 4.78 25.27 0.30
N GLN E 239 3.69 25.82 -0.20
CA GLN E 239 3.74 26.61 -1.42
C GLN E 239 4.65 27.84 -1.19
N TYR E 240 4.51 28.50 -0.03
CA TYR E 240 5.35 29.65 0.27
C TYR E 240 6.83 29.29 0.26
N GLY E 241 7.18 28.12 0.79
CA GLY E 241 8.57 27.74 0.99
C GLY E 241 9.19 27.08 -0.22
N ASP E 242 8.35 26.45 -1.02
CA ASP E 242 8.79 25.82 -2.26
C ASP E 242 9.01 26.90 -3.29
N ASN E 243 8.29 28.01 -3.20
CA ASN E 243 8.55 29.08 -4.14
C ASN E 243 9.95 29.60 -3.92
N CYS E 244 10.32 29.82 -2.67
CA CYS E 244 11.68 30.17 -2.34
C CYS E 244 12.69 29.17 -2.91
N ILE E 245 12.46 27.87 -2.65
CA ILE E 245 13.41 26.85 -3.07
C ILE E 245 13.62 26.85 -4.57
N GLN E 246 12.55 27.03 -5.32
CA GLN E 246 12.63 26.96 -6.77
C GLN E 246 13.53 28.02 -7.37
N LYS E 247 13.57 29.17 -6.69
CA LYS E 247 14.23 30.36 -7.18
C LYS E 247 15.74 30.31 -6.96
N ILE E 248 16.15 29.99 -5.73
CA ILE E 248 17.55 29.75 -5.41
C ILE E 248 18.08 28.57 -6.25
N TYR E 249 17.31 27.49 -6.31
CA TYR E 249 17.75 26.28 -6.96
C TYR E 249 18.06 26.47 -8.45
N GLN E 250 17.18 27.18 -9.15
CA GLN E 250 17.41 27.48 -10.54
C GLN E 250 18.58 28.43 -10.68
N GLU E 251 18.74 29.32 -9.71
CA GLU E 251 19.79 30.33 -9.80
C GLU E 251 21.19 29.72 -9.68
N LEU E 252 21.32 28.79 -8.74
CA LEU E 252 22.58 28.14 -8.47
C LEU E 252 22.87 27.00 -9.46
N ALA E 253 21.86 26.57 -10.20
CA ALA E 253 22.09 25.63 -11.29
C ALA E 253 22.99 26.28 -12.34
N PHE E 254 22.83 27.59 -12.53
CA PHE E 254 23.53 28.32 -13.61
C PHE E 254 24.72 29.15 -13.19
N ASN E 255 24.84 29.44 -11.90
CA ASN E 255 25.97 30.22 -11.41
C ASN E 255 26.26 29.89 -9.96
N ARG E 256 27.42 29.28 -9.73
CA ARG E 256 27.91 29.06 -8.38
C ARG E 256 28.69 30.31 -7.96
N PRO E 257 28.15 31.05 -6.95
CA PRO E 257 28.73 32.30 -6.55
C PRO E 257 30.09 32.14 -5.88
N GLN E 258 30.81 33.25 -5.91
CA GLN E 258 32.14 33.38 -5.38
C GLN E 258 31.99 33.85 -3.92
N HIS E 259 30.97 34.69 -3.70
CA HIS E 259 30.68 35.23 -2.39
C HIS E 259 29.49 34.52 -1.78
N TYR E 260 29.27 34.85 -0.51
CA TYR E 260 28.23 34.32 0.36
C TYR E 260 26.87 34.91 -0.02
N THR E 261 25.89 34.04 -0.23
CA THR E 261 24.54 34.45 -0.57
C THR E 261 23.53 33.68 0.25
N GLY E 262 23.87 33.43 1.52
CA GLY E 262 22.93 32.81 2.44
C GLY E 262 23.13 31.33 2.80
N ILE E 263 22.36 30.92 3.80
CA ILE E 263 22.44 29.60 4.41
C ILE E 263 22.01 28.45 3.52
N VAL E 264 20.92 28.61 2.77
CA VAL E 264 20.44 27.53 1.94
C VAL E 264 21.28 27.43 0.64
N ALA E 265 22.04 28.47 0.35
CA ALA E 265 22.98 28.39 -0.75
C ALA E 265 24.15 27.46 -0.38
N GLU E 266 24.72 27.63 0.82
CA GLU E 266 25.76 26.72 1.30
C GLU E 266 25.31 25.26 1.20
N LEU E 267 24.08 24.97 1.60
CA LEU E 267 23.64 23.58 1.64
C LEU E 267 23.50 23.02 0.25
N LEU E 268 23.11 23.86 -0.70
CA LEU E 268 22.93 23.42 -2.09
C LEU E 268 24.28 23.28 -2.78
N LEU E 269 25.16 24.26 -2.59
CA LEU E 269 26.52 24.19 -3.10
C LEU E 269 27.20 22.93 -2.59
N LYS E 270 27.46 22.90 -1.28
CA LYS E 270 28.14 21.78 -0.62
C LYS E 270 27.56 20.43 -0.96
N ALA E 271 26.41 20.39 -1.64
CA ALA E 271 25.68 19.16 -2.03
C ALA E 271 25.79 17.90 -1.14
N GLU E 272 26.04 18.09 0.16
CA GLU E 272 26.15 16.97 1.11
C GLU E 272 24.79 16.33 1.43
N LEU E 273 23.70 16.92 0.95
CA LEU E 273 22.33 16.47 1.27
C LEU E 273 21.50 16.33 -0.01
N SER E 274 20.60 15.34 -0.03
CA SER E 274 19.77 15.14 -1.22
C SER E 274 18.82 16.32 -1.37
N LEU E 275 18.40 16.56 -2.61
CA LEU E 275 17.53 17.68 -2.91
C LEU E 275 16.30 17.73 -1.98
N GLU E 276 15.65 16.59 -1.78
CA GLU E 276 14.45 16.53 -0.94
C GLU E 276 14.78 16.74 0.53
N ALA E 277 15.94 16.24 0.97
CA ALA E 277 16.38 16.49 2.34
C ALA E 277 16.64 17.99 2.57
N ILE E 278 17.04 18.69 1.53
CA ILE E 278 17.30 20.10 1.66
C ILE E 278 15.95 20.82 1.67
N LYS E 279 15.07 20.45 0.74
CA LYS E 279 13.72 20.97 0.65
C LYS E 279 13.08 20.88 2.03
N ALA E 280 13.15 19.69 2.62
CA ALA E 280 12.57 19.46 3.93
C ALA E 280 13.10 20.47 4.95
N ASN E 281 14.42 20.55 5.05
CA ASN E 281 15.04 21.39 6.07
C ASN E 281 14.91 22.89 5.82
N SER E 282 14.84 23.27 4.55
CA SER E 282 14.50 24.64 4.15
C SER E 282 13.17 25.07 4.69
N MET E 283 12.15 24.21 4.53
CA MET E 283 10.80 24.49 5.02
C MET E 283 10.82 24.71 6.51
N GLU E 284 11.46 23.80 7.24
CA GLU E 284 11.47 23.92 8.66
C GLU E 284 12.09 25.26 9.05
N LEU E 285 13.08 25.70 8.29
CA LEU E 285 13.73 26.96 8.58
C LEU E 285 12.88 28.18 8.17
N THR E 286 12.17 28.09 7.05
CA THR E 286 11.32 29.18 6.61
C THR E 286 10.14 29.37 7.54
N ALA E 287 9.47 28.26 7.87
CA ALA E 287 8.37 28.22 8.83
C ALA E 287 8.81 28.52 10.28
N GLY E 288 9.92 27.93 10.70
CA GLY E 288 10.39 28.09 12.06
C GLY E 288 10.94 29.46 12.41
N SER E 289 11.37 30.21 11.39
CA SER E 289 12.08 31.46 11.65
C SER E 289 11.20 32.68 11.95
N VAL E 290 9.89 32.52 11.82
CA VAL E 290 8.96 33.61 11.89
C VAL E 290 8.38 33.85 13.28
N ASP E 291 7.46 33.00 13.73
CA ASP E 291 6.74 33.24 15.00
C ASP E 291 7.62 33.18 16.23
N THR E 292 8.49 32.19 16.27
CA THR E 292 9.33 31.95 17.45
C THR E 292 10.25 33.12 17.76
N THR E 293 10.57 33.92 16.75
CA THR E 293 11.46 35.07 16.91
C THR E 293 10.66 36.33 17.21
N ALA E 294 9.51 36.47 16.53
CA ALA E 294 8.73 37.70 16.60
C ALA E 294 8.12 38.00 17.99
N PHE E 295 7.59 36.96 18.65
CA PHE E 295 6.96 37.11 19.96
C PHE E 295 7.94 37.52 21.07
N PRO E 296 9.13 36.89 21.14
CA PRO E 296 10.15 37.41 22.07
C PRO E 296 10.56 38.87 21.82
N LEU E 297 10.75 39.26 20.55
CA LEU E 297 11.00 40.69 20.22
C LEU E 297 9.88 41.55 20.75
N LEU E 298 8.67 41.15 20.42
CA LEU E 298 7.49 41.86 20.84
C LEU E 298 7.45 42.00 22.38
N MET E 299 7.66 40.89 23.07
CA MET E 299 7.58 40.84 24.51
C MET E 299 8.73 41.61 25.14
N THR E 300 9.90 41.56 24.52
CA THR E 300 11.01 42.38 24.92
C THR E 300 10.68 43.85 24.78
N LEU E 301 10.06 44.22 23.66
CA LEU E 301 9.68 45.62 23.40
C LEU E 301 8.72 46.11 24.49
N PHE E 302 7.86 45.21 24.94
CA PHE E 302 6.89 45.50 25.96
C PHE E 302 7.56 45.70 27.33
N GLU E 303 8.55 44.86 27.64
CA GLU E 303 9.21 44.90 28.93
C GLU E 303 10.08 46.14 29.13
N LEU E 304 10.80 46.54 28.08
CA LEU E 304 11.54 47.78 28.11
C LEU E 304 10.60 48.96 28.25
N ALA E 305 9.41 48.84 27.65
CA ALA E 305 8.47 49.96 27.59
C ALA E 305 7.95 50.27 28.98
N ARG E 306 7.92 49.25 29.80
CA ARG E 306 7.28 49.31 31.11
C ARG E 306 8.33 49.16 32.23
N ASN E 307 9.60 49.13 31.83
CA ASN E 307 10.76 49.24 32.70
C ASN E 307 11.73 50.28 32.16
N PRO E 308 11.28 51.56 32.12
CA PRO E 308 12.10 52.62 31.53
C PRO E 308 13.53 52.69 32.09
N ASP E 309 13.70 52.41 33.38
CA ASP E 309 15.03 52.44 34.01
C ASP E 309 15.94 51.39 33.38
N VAL E 310 15.41 50.19 33.14
CA VAL E 310 16.18 49.16 32.42
C VAL E 310 16.39 49.56 30.94
N GLN E 311 15.36 50.17 30.35
CA GLN E 311 15.50 50.67 29.01
C GLN E 311 16.70 51.60 28.91
N GLN E 312 16.78 52.59 29.79
CA GLN E 312 17.86 53.55 29.76
C GLN E 312 19.21 52.90 29.88
N ILE E 313 19.30 51.86 30.70
CA ILE E 313 20.56 51.17 30.85
C ILE E 313 20.95 50.50 29.54
N LEU E 314 20.05 49.70 28.95
CA LEU E 314 20.35 49.05 27.65
C LEU E 314 20.71 50.03 26.54
N ARG E 315 20.05 51.19 26.54
CA ARG E 315 20.35 52.22 25.56
C ARG E 315 21.77 52.70 25.74
N GLN E 316 22.07 53.24 26.92
CA GLN E 316 23.41 53.64 27.33
C GLN E 316 24.48 52.71 26.78
N GLU E 317 24.27 51.39 26.94
CA GLU E 317 25.24 50.42 26.42
C GLU E 317 25.29 50.44 24.89
N SER E 318 24.12 50.45 24.25
CA SER E 318 24.01 50.49 22.80
C SER E 318 24.53 51.80 22.20
N LEU E 319 24.26 52.93 22.84
CA LEU E 319 24.81 54.23 22.37
C LEU E 319 26.34 54.22 22.33
N ALA E 320 26.96 53.58 23.32
CA ALA E 320 28.43 53.49 23.44
C ALA E 320 29.08 52.57 22.42
N ALA E 321 28.36 51.52 22.01
CA ALA E 321 28.92 50.54 21.08
C ALA E 321 28.49 50.82 19.63
N ALA E 322 27.73 51.91 19.45
CA ALA E 322 27.20 52.33 18.16
C ALA E 322 28.27 52.35 17.08
N ALA E 323 29.33 53.12 17.33
CA ALA E 323 30.37 53.35 16.34
C ALA E 323 31.06 52.07 15.86
N SER E 324 31.34 51.15 16.78
CA SER E 324 32.09 49.95 16.40
C SER E 324 31.18 48.88 15.81
N ILE E 325 29.87 48.99 16.09
CA ILE E 325 28.89 48.08 15.48
C ILE E 325 28.51 48.45 14.03
N SER E 326 28.48 49.75 13.71
CA SER E 326 28.37 50.16 12.32
C SER E 326 29.69 49.98 11.54
N GLU E 327 30.80 49.88 12.24
CA GLU E 327 32.07 49.50 11.67
C GLU E 327 32.04 48.02 11.26
N HIS E 328 31.95 47.14 12.24
CA HIS E 328 31.72 45.71 12.00
C HIS E 328 30.47 45.27 12.78
N PRO E 329 29.42 44.85 12.06
CA PRO E 329 28.15 44.50 12.69
C PRO E 329 28.27 43.23 13.51
N GLN E 330 29.29 42.44 13.21
CA GLN E 330 29.55 41.17 13.91
C GLN E 330 29.91 41.35 15.37
N LYS E 331 30.27 42.56 15.74
CA LYS E 331 30.72 42.85 17.10
C LYS E 331 29.51 43.05 18.00
N ALA E 332 28.32 42.89 17.45
CA ALA E 332 27.11 43.06 18.23
C ALA E 332 26.88 41.90 19.21
N THR E 333 27.50 40.75 18.93
CA THR E 333 27.42 39.62 19.82
C THR E 333 28.20 39.86 21.12
N THR E 334 29.45 40.27 21.01
CA THR E 334 30.32 40.42 22.18
C THR E 334 30.17 41.75 22.92
N GLU E 335 29.55 42.73 22.26
CA GLU E 335 29.56 44.09 22.82
C GLU E 335 28.27 44.59 23.45
N LEU E 336 27.24 43.75 23.43
CA LEU E 336 25.96 44.18 23.97
C LEU E 336 25.45 43.23 25.03
N PRO E 337 26.30 42.86 26.01
CA PRO E 337 25.98 41.69 26.82
C PRO E 337 24.77 41.91 27.71
N LEU E 338 24.48 43.15 28.05
CA LEU E 338 23.25 43.46 28.77
C LEU E 338 22.04 43.18 27.88
N LEU E 339 22.08 43.66 26.64
CA LEU E 339 21.05 43.34 25.67
C LEU E 339 20.88 41.83 25.45
N ARG E 340 21.98 41.10 25.33
CA ARG E 340 21.88 39.66 25.20
C ARG E 340 21.19 39.07 26.43
N ALA E 341 21.46 39.69 27.58
CA ALA E 341 20.95 39.25 28.86
C ALA E 341 19.46 39.50 28.95
N ALA E 342 19.04 40.66 28.43
CA ALA E 342 17.62 41.03 28.34
C ALA E 342 16.81 39.97 27.57
N LEU E 343 17.42 39.35 26.56
CA LEU E 343 16.72 38.32 25.81
C LEU E 343 16.49 37.08 26.65
N LYS E 344 17.52 36.69 27.40
CA LYS E 344 17.45 35.55 28.31
C LYS E 344 16.30 35.79 29.27
N GLU E 345 16.16 37.05 29.65
CA GLU E 345 15.16 37.49 30.60
C GLU E 345 13.77 37.45 29.96
N THR E 346 13.69 37.78 28.68
CA THR E 346 12.40 37.79 28.03
C THR E 346 11.95 36.35 27.86
N LEU E 347 12.90 35.47 27.64
CA LEU E 347 12.57 34.10 27.37
C LEU E 347 12.41 33.33 28.65
N ARG E 348 12.99 33.87 29.73
CA ARG E 348 12.70 33.38 31.07
C ARG E 348 11.22 33.52 31.35
N LEU E 349 10.68 34.72 31.17
CA LEU E 349 9.28 34.98 31.44
C LEU E 349 8.35 34.51 30.31
N TYR E 350 8.77 34.63 29.05
CA TYR E 350 7.87 34.34 27.92
C TYR E 350 8.42 33.30 26.95
N PRO E 351 8.40 32.03 27.38
CA PRO E 351 9.12 30.97 26.68
C PRO E 351 8.37 30.39 25.50
N VAL E 352 8.52 31.01 24.33
CA VAL E 352 7.82 30.55 23.11
C VAL E 352 7.74 29.05 22.98
N GLY E 353 8.88 28.38 23.05
CA GLY E 353 8.87 26.92 23.22
C GLY E 353 8.48 26.75 24.67
N LEU E 354 7.26 26.28 24.93
CA LEU E 354 6.76 26.19 26.31
C LEU E 354 7.52 25.13 27.11
N PHE E 355 7.79 23.99 26.46
CA PHE E 355 8.48 22.90 27.13
C PHE E 355 9.43 22.11 26.26
N LEU E 356 10.46 21.57 26.92
CA LEU E 356 11.48 20.72 26.31
C LEU E 356 11.04 19.29 26.49
N GLU E 357 11.34 18.45 25.51
CA GLU E 357 10.73 17.14 25.42
C GLU E 357 11.78 16.04 25.17
N ARG E 358 11.82 15.03 26.02
CA ARG E 358 12.58 13.82 25.73
C ARG E 358 11.82 12.56 26.06
N VAL E 359 11.64 11.71 25.04
CA VAL E 359 11.25 10.32 25.19
C VAL E 359 12.53 9.52 25.52
N VAL E 360 12.86 9.53 26.81
CA VAL E 360 14.09 9.02 27.41
C VAL E 360 14.38 7.50 27.20
N SER E 361 15.64 7.17 26.89
CA SER E 361 16.00 5.84 26.38
C SER E 361 16.79 4.95 27.36
N SER E 362 16.86 5.39 28.61
CA SER E 362 17.55 4.67 29.68
C SER E 362 17.04 5.13 31.03
N ASP E 363 16.83 4.20 31.94
CA ASP E 363 16.42 4.49 33.31
C ASP E 363 17.28 5.64 33.86
N LEU E 364 16.64 6.61 34.52
CA LEU E 364 17.36 7.68 35.22
C LEU E 364 16.63 8.07 36.51
N VAL E 365 17.27 8.94 37.29
CA VAL E 365 16.72 9.43 38.55
C VAL E 365 16.54 10.93 38.46
N LEU E 366 15.30 11.37 38.65
CA LEU E 366 14.97 12.79 38.73
C LEU E 366 14.21 13.02 39.99
N GLN E 367 14.68 13.98 40.79
CA GLN E 367 14.00 14.43 42.01
C GLN E 367 13.82 13.31 43.03
N ASN E 368 14.75 12.36 42.99
CA ASN E 368 14.70 11.15 43.78
C ASN E 368 13.51 10.19 43.47
N TYR E 369 13.04 10.21 42.22
CA TYR E 369 12.10 9.19 41.76
C TYR E 369 12.75 8.49 40.59
N HIS E 370 12.31 7.26 40.33
CA HIS E 370 13.00 6.39 39.40
C HIS E 370 12.27 6.44 38.06
N ILE E 371 13.00 6.75 37.00
CA ILE E 371 12.37 6.95 35.70
C ILE E 371 12.75 5.90 34.64
N PRO E 372 11.78 5.08 34.25
CA PRO E 372 11.87 3.96 33.29
C PRO E 372 12.15 4.32 31.83
N ALA E 373 12.59 3.33 31.08
CA ALA E 373 13.11 3.51 29.73
C ALA E 373 11.97 3.71 28.75
N GLY E 374 11.72 4.95 28.35
CA GLY E 374 10.66 5.24 27.42
C GLY E 374 9.67 6.20 27.99
N THR E 375 9.99 6.75 29.17
CA THR E 375 9.19 7.79 29.78
C THR E 375 9.37 9.14 29.06
N LEU E 376 8.24 9.71 28.66
CA LEU E 376 8.19 11.04 28.09
C LEU E 376 8.45 11.99 29.23
N VAL E 377 9.68 12.49 29.30
CA VAL E 377 10.02 13.53 30.26
C VAL E 377 9.83 14.89 29.58
N GLN E 378 9.24 15.83 30.30
CA GLN E 378 8.78 17.08 29.74
C GLN E 378 9.09 18.19 30.74
N VAL E 379 9.83 19.19 30.26
CA VAL E 379 10.36 20.22 31.10
C VAL E 379 9.59 21.51 30.87
N PHE E 380 8.91 21.97 31.90
CA PHE E 380 7.97 23.02 31.70
C PHE E 380 8.63 24.29 32.06
N LEU E 381 8.94 25.06 31.01
CA LEU E 381 9.79 26.27 31.10
C LEU E 381 9.07 27.49 31.61
N TYR E 382 7.76 27.40 31.73
CA TYR E 382 7.01 28.49 32.33
C TYR E 382 7.22 28.54 33.84
N SER E 383 7.07 27.39 34.50
CA SER E 383 7.19 27.28 35.94
C SER E 383 8.66 27.34 36.33
N LEU E 384 9.50 26.78 35.44
CA LEU E 384 10.94 26.85 35.59
C LEU E 384 11.43 28.28 35.71
N GLY E 385 10.87 29.18 34.90
CA GLY E 385 11.34 30.55 34.84
C GLY E 385 10.85 31.35 36.02
N ARG E 386 9.77 30.87 36.62
CA ARG E 386 9.11 31.64 37.68
C ARG E 386 9.42 31.15 39.11
N ASN E 387 10.33 30.18 39.22
CA ASN E 387 10.80 29.62 40.50
C ASN E 387 11.59 30.62 41.37
N ALA E 388 10.89 31.20 42.37
CA ALA E 388 11.47 32.24 43.26
C ALA E 388 12.76 31.83 43.96
N ALA E 389 12.87 30.55 44.30
CA ALA E 389 14.09 30.01 44.90
C ALA E 389 15.30 30.21 43.98
N LEU E 390 15.14 29.92 42.68
CA LEU E 390 16.25 30.04 41.75
C LEU E 390 16.39 31.41 41.11
N PHE E 391 15.27 32.12 40.98
CA PHE E 391 15.29 33.45 40.39
C PHE E 391 14.67 34.48 41.32
N PRO E 392 15.38 34.83 42.40
CA PRO E 392 14.77 35.76 43.37
C PRO E 392 14.05 36.93 42.68
N ARG E 393 12.81 37.18 43.12
CA ARG E 393 11.85 38.10 42.47
C ARG E 393 11.68 37.73 41.01
N PRO E 394 10.93 36.66 40.74
CA PRO E 394 10.83 36.20 39.35
C PRO E 394 10.01 37.17 38.48
N GLU E 395 9.06 37.87 39.09
CA GLU E 395 8.21 38.86 38.42
C GLU E 395 8.98 40.10 37.94
N ARG E 396 10.22 40.27 38.37
CA ARG E 396 10.99 41.43 37.95
C ARG E 396 11.73 41.16 36.64
N TYR E 397 11.67 42.13 35.75
CA TYR E 397 12.46 42.07 34.54
C TYR E 397 13.75 42.79 34.91
N ASN E 398 14.83 42.02 35.06
CA ASN E 398 16.10 42.55 35.52
C ASN E 398 17.26 41.77 34.87
N PRO E 399 17.72 42.23 33.70
CA PRO E 399 18.68 41.45 32.92
C PRO E 399 20.05 41.33 33.60
N GLN E 400 20.27 42.12 34.65
CA GLN E 400 21.49 42.06 35.49
C GLN E 400 21.65 40.68 36.09
N ARG E 401 20.53 40.15 36.59
CA ARG E 401 20.34 38.76 36.98
C ARG E 401 21.27 37.74 36.33
N TRP E 402 21.58 37.92 35.05
CA TRP E 402 22.35 36.94 34.29
C TRP E 402 23.87 37.15 34.30
N LEU E 403 24.31 38.35 34.68
CA LEU E 403 25.73 38.71 34.61
C LEU E 403 26.55 38.16 35.78
N ASP E 404 26.07 38.45 36.99
CA ASP E 404 26.53 37.80 38.23
C ASP E 404 26.85 36.30 38.05
N ASN E 411 23.54 28.01 35.92
CA ASN E 411 23.99 27.65 34.57
C ASN E 411 22.83 27.23 33.66
N PHE E 412 22.32 26.02 33.89
CA PHE E 412 21.14 25.48 33.16
C PHE E 412 19.85 26.30 33.37
N HIS E 413 20.00 27.52 33.87
CA HIS E 413 18.90 28.44 34.12
C HIS E 413 18.37 29.02 32.81
N HIS E 414 19.28 29.24 31.86
CA HIS E 414 18.91 29.65 30.53
C HIS E 414 18.97 28.40 29.66
N VAL E 415 17.81 27.89 29.27
CA VAL E 415 17.72 26.71 28.41
C VAL E 415 16.53 26.72 27.43
N PRO E 416 16.02 27.92 27.06
CA PRO E 416 14.83 28.02 26.19
C PRO E 416 15.02 27.48 24.77
N PHE E 417 16.26 27.25 24.34
CA PHE E 417 16.47 26.68 23.02
C PHE E 417 16.64 25.18 23.12
N GLY E 418 16.58 24.68 24.35
CA GLY E 418 16.80 23.26 24.60
C GLY E 418 18.23 23.01 25.05
N PHE E 419 18.71 21.80 24.82
CA PHE E 419 20.03 21.47 25.32
C PHE E 419 20.68 20.41 24.45
N GLY E 420 22.00 20.29 24.60
CA GLY E 420 22.74 19.23 23.95
C GLY E 420 22.70 19.34 22.45
N MET E 421 22.82 18.21 21.81
CA MET E 421 23.04 18.16 20.37
C MET E 421 21.80 18.55 19.60
N ARG E 422 20.67 18.55 20.31
CA ARG E 422 19.38 18.81 19.73
C ARG E 422 19.03 20.29 19.81
N GLN E 423 19.87 21.04 20.56
CA GLN E 423 19.60 22.43 20.88
C GLN E 423 19.30 23.17 19.59
N CYS E 424 18.29 24.06 19.66
CA CYS E 424 17.69 24.74 18.51
C CYS E 424 18.68 25.07 17.41
N LEU E 425 18.40 24.62 16.19
CA LEU E 425 19.28 24.88 15.07
C LEU E 425 19.23 26.35 14.64
N GLY E 426 18.11 27.02 14.96
CA GLY E 426 17.91 28.42 14.57
C GLY E 426 18.27 29.39 15.67
N ARG E 427 18.85 28.86 16.74
CA ARG E 427 19.21 29.66 17.91
C ARG E 427 19.95 30.93 17.53
N ARG E 428 21.02 30.78 16.75
CA ARG E 428 21.91 31.92 16.53
C ARG E 428 21.33 32.89 15.52
N LEU E 429 20.63 32.37 14.51
CA LEU E 429 19.81 33.22 13.66
C LEU E 429 18.77 34.01 14.46
N ALA E 430 17.99 33.35 15.31
CA ALA E 430 17.00 34.06 16.14
C ALA E 430 17.65 35.08 17.03
N GLU E 431 18.79 34.69 17.58
CA GLU E 431 19.51 35.52 18.52
C GLU E 431 20.01 36.76 17.82
N ALA E 432 20.63 36.57 16.67
CA ALA E 432 21.13 37.68 15.89
C ALA E 432 20.02 38.63 15.47
N GLU E 433 18.92 38.07 14.96
CA GLU E 433 17.78 38.84 14.45
C GLU E 433 17.16 39.70 15.53
N MET E 434 16.96 39.09 16.69
CA MET E 434 16.38 39.78 17.84
C MET E 434 17.32 40.84 18.36
N LEU E 435 18.60 40.48 18.47
CA LEU E 435 19.57 41.36 19.10
C LEU E 435 19.77 42.62 18.28
N LEU E 436 19.82 42.43 16.96
CA LEU E 436 20.16 43.51 16.03
C LEU E 436 19.05 44.52 15.84
N LEU E 437 17.81 44.05 15.75
CA LEU E 437 16.66 44.93 15.68
C LEU E 437 16.62 45.80 16.93
N LEU E 438 16.73 45.17 18.10
CA LEU E 438 16.66 45.88 19.38
C LEU E 438 17.73 46.95 19.51
N HIS E 439 18.92 46.65 18.99
CA HIS E 439 20.05 47.55 19.02
C HIS E 439 19.74 48.86 18.30
N HIS E 440 19.12 48.77 17.14
CA HIS E 440 18.83 49.96 16.35
C HIS E 440 17.62 50.69 16.87
N VAL E 441 16.58 49.96 17.26
CA VAL E 441 15.46 50.63 17.89
C VAL E 441 15.98 51.45 19.08
N LEU E 442 16.89 50.87 19.89
CA LEU E 442 17.30 51.49 21.16
C LEU E 442 18.09 52.77 20.98
N LYS E 443 18.92 52.83 19.95
CA LYS E 443 19.67 54.05 19.82
C LYS E 443 18.86 55.15 19.19
N HIS E 444 17.78 54.79 18.52
CA HIS E 444 16.97 55.80 17.86
C HIS E 444 15.77 56.32 18.67
N PHE E 445 15.08 55.41 19.36
CA PHE E 445 13.77 55.70 19.94
C PHE E 445 13.69 55.51 21.46
N LEU E 446 12.85 56.31 22.13
CA LEU E 446 12.31 55.91 23.43
C LEU E 446 11.07 55.04 23.18
N VAL E 447 10.88 54.00 23.98
CA VAL E 447 9.73 53.11 23.85
C VAL E 447 8.80 53.24 25.07
N GLU E 448 7.51 53.53 24.85
CA GLU E 448 6.59 53.84 25.96
C GLU E 448 5.22 53.11 25.93
N THR E 449 4.61 52.93 27.11
CA THR E 449 3.20 52.47 27.22
C THR E 449 2.48 52.92 28.47
N LEU E 450 1.18 53.15 28.34
CA LEU E 450 0.28 53.23 29.47
C LEU E 450 -0.11 51.82 29.93
N THR E 451 -0.19 50.91 28.95
CA THR E 451 -0.57 49.52 29.15
C THR E 451 0.44 48.77 30.02
N GLN E 452 0.58 49.19 31.28
CA GLN E 452 1.58 48.64 32.18
C GLN E 452 1.17 47.36 32.96
N GLU E 453 -0.01 46.80 32.67
CA GLU E 453 -0.43 45.52 33.28
C GLU E 453 0.02 44.28 32.47
N ASP E 454 0.32 43.19 33.18
CA ASP E 454 0.77 41.92 32.58
C ASP E 454 -0.04 41.51 31.37
N ILE E 455 0.64 41.18 30.27
CA ILE E 455 0.00 40.63 29.09
C ILE E 455 -0.34 39.16 29.32
N LYS E 456 -1.58 38.77 29.08
CA LYS E 456 -1.99 37.37 29.23
C LYS E 456 -1.44 36.56 28.07
N MET E 457 -0.55 35.62 28.39
CA MET E 457 0.02 34.71 27.39
C MET E 457 -0.98 33.63 27.11
N VAL E 458 -0.85 32.99 25.96
CA VAL E 458 -1.83 32.02 25.48
C VAL E 458 -1.12 30.90 24.73
N TYR E 459 -1.51 29.66 24.98
CA TYR E 459 -0.85 28.52 24.35
C TYR E 459 -1.57 28.07 23.11
N SER E 460 -0.92 28.23 21.96
CA SER E 460 -1.29 27.41 20.81
C SER E 460 -0.04 26.82 20.18
N PHE E 461 0.36 25.70 20.76
CA PHE E 461 1.58 24.99 20.43
C PHE E 461 2.82 25.73 20.87
N ILE E 462 2.89 27.01 20.54
CA ILE E 462 3.84 27.89 21.16
C ILE E 462 3.13 28.80 22.16
N LEU E 463 3.88 29.26 23.16
CA LEU E 463 3.35 30.23 24.13
C LEU E 463 3.46 31.65 23.58
N ARG E 464 2.32 32.24 23.22
CA ARG E 464 2.31 33.56 22.59
C ARG E 464 1.43 34.59 23.34
N PRO E 465 1.74 35.88 23.22
CA PRO E 465 0.89 36.90 23.82
C PRO E 465 -0.53 36.86 23.26
N GLY E 466 -1.52 37.10 24.10
CA GLY E 466 -2.89 37.02 23.62
C GLY E 466 -3.39 38.33 23.07
N THR E 467 -2.71 39.41 23.44
CA THR E 467 -3.01 40.75 22.98
C THR E 467 -1.71 41.39 22.60
N SER E 468 -1.78 42.58 22.01
CA SER E 468 -0.58 43.30 21.70
C SER E 468 -0.71 44.67 22.33
N PRO E 469 0.32 45.11 23.07
CA PRO E 469 0.23 46.41 23.72
C PRO E 469 0.40 47.53 22.70
N LEU E 470 -0.21 48.67 22.97
CA LEU E 470 -0.08 49.83 22.10
C LEU E 470 1.25 50.52 22.42
N LEU E 471 2.29 50.31 21.62
CA LEU E 471 3.60 50.88 21.96
C LEU E 471 3.88 52.22 21.28
N THR E 472 4.65 53.07 21.95
CA THR E 472 5.02 54.37 21.40
C THR E 472 6.53 54.45 21.11
N PHE E 473 6.88 54.88 19.90
CA PHE E 473 8.27 55.09 19.62
C PHE E 473 8.51 56.57 19.44
N ARG E 474 9.34 57.12 20.32
CA ARG E 474 9.61 58.55 20.36
C ARG E 474 11.07 58.78 19.98
N ALA E 475 11.29 59.59 18.95
CA ALA E 475 12.66 59.83 18.51
C ALA E 475 13.41 60.66 19.53
N ILE E 476 14.61 60.21 19.88
CA ILE E 476 15.52 60.91 20.78
C ILE E 476 16.17 62.12 20.09
N ASN E 477 16.60 61.93 18.85
CA ASN E 477 17.30 62.99 18.09
C ASN E 477 16.35 63.97 17.39
N HIS E 478 15.61 63.44 16.41
CA HIS E 478 14.81 64.24 15.49
C HIS E 478 15.53 64.32 14.13
N HIS E 479 16.13 63.20 13.73
CA HIS E 479 16.81 63.07 12.44
C HIS E 479 16.56 61.67 11.87
N HIS E 480 16.56 61.50 10.55
CA HIS E 480 16.20 60.20 9.91
C HIS E 480 17.33 59.15 9.98
N HIS E 481 18.58 59.60 9.82
CA HIS E 481 19.76 58.73 9.93
C HIS E 481 20.37 58.70 11.34
N HIS E 482 20.52 59.88 11.95
CA HIS E 482 21.29 60.04 13.19
C HIS E 482 20.50 59.82 14.48
N HIS E 483 21.11 59.08 15.40
CA HIS E 483 20.52 58.80 16.69
C HIS E 483 20.96 59.83 17.72
N THR F 8 -81.17 71.92 17.45
CA THR F 8 -82.11 70.76 17.23
C THR F 8 -81.67 69.89 16.06
N VAL F 9 -80.96 70.50 15.11
CA VAL F 9 -80.25 69.77 14.06
C VAL F 9 -78.78 70.16 14.21
N LEU F 10 -77.88 69.24 13.87
CA LEU F 10 -76.45 69.44 14.13
C LEU F 10 -75.60 69.12 12.90
N PRO F 11 -74.37 69.68 12.83
CA PRO F 11 -73.47 69.42 11.71
C PRO F 11 -72.72 68.07 11.80
N PHE F 12 -72.26 67.61 10.64
CA PHE F 12 -71.47 66.39 10.50
C PHE F 12 -70.27 66.33 11.46
N GLU F 13 -69.64 67.48 11.69
CA GLU F 13 -68.46 67.56 12.54
C GLU F 13 -68.77 67.80 14.00
N ALA F 14 -70.03 68.03 14.32
CA ALA F 14 -70.46 68.08 15.73
C ALA F 14 -70.25 66.70 16.39
N MET F 15 -70.30 65.67 15.54
CA MET F 15 -70.24 64.26 15.92
C MET F 15 -68.85 63.83 16.39
N PRO F 16 -68.79 63.04 17.49
CA PRO F 16 -67.51 62.56 18.00
C PRO F 16 -66.64 61.88 16.94
N GLN F 17 -65.36 62.22 16.94
CA GLN F 17 -64.43 61.68 15.96
C GLN F 17 -63.73 60.49 16.60
N HIS F 18 -63.34 59.52 15.77
CA HIS F 18 -62.68 58.31 16.27
C HIS F 18 -61.23 58.65 16.60
N PRO F 19 -60.81 58.42 17.86
CA PRO F 19 -59.44 58.78 18.30
C PRO F 19 -58.35 58.08 17.48
N GLY F 20 -58.75 57.18 16.59
CA GLY F 20 -57.82 56.38 15.79
C GLY F 20 -57.26 57.11 14.59
N ASN F 21 -56.17 56.56 14.05
CA ASN F 21 -55.48 57.14 12.90
C ASN F 21 -55.47 56.11 11.79
N ARG F 22 -56.07 56.44 10.65
CA ARG F 22 -56.08 55.52 9.49
C ARG F 22 -54.67 55.03 9.18
N TRP F 23 -53.71 55.57 9.93
CA TRP F 23 -52.30 55.34 9.69
C TRP F 23 -51.67 54.39 10.70
N LEU F 24 -51.90 54.65 11.99
CA LEU F 24 -51.54 53.70 13.04
C LEU F 24 -52.19 52.34 12.76
N ARG F 25 -53.39 52.39 12.16
CA ARG F 25 -54.12 51.20 11.71
C ARG F 25 -53.35 50.41 10.65
N LEU F 26 -53.16 50.98 9.47
CA LEU F 26 -52.41 50.34 8.40
C LEU F 26 -51.10 49.77 8.92
N LEU F 27 -50.42 50.55 9.75
CA LEU F 27 -49.17 50.12 10.32
C LEU F 27 -49.36 48.84 11.09
N GLN F 28 -50.28 48.86 12.08
CA GLN F 28 -50.62 47.66 12.86
C GLN F 28 -50.90 46.45 11.97
N ILE F 29 -51.74 46.64 10.96
CA ILE F 29 -52.08 45.62 9.97
C ILE F 29 -50.86 45.16 9.13
N TRP F 30 -49.97 46.07 8.70
CA TRP F 30 -48.71 45.62 8.10
C TRP F 30 -48.03 44.68 9.09
N ARG F 31 -48.00 45.10 10.36
CA ARG F 31 -47.29 44.39 11.42
C ARG F 31 -47.94 43.05 11.78
N GLU F 32 -49.20 43.11 12.21
CA GLU F 32 -49.92 41.96 12.72
C GLU F 32 -50.37 40.95 11.64
N GLN F 33 -50.44 41.40 10.39
CA GLN F 33 -51.02 40.63 9.30
C GLN F 33 -52.51 40.38 9.57
N GLY F 34 -53.17 41.37 10.14
CA GLY F 34 -54.56 41.23 10.52
C GLY F 34 -54.98 42.17 11.63
N TYR F 35 -56.25 42.08 12.00
CA TYR F 35 -56.84 43.03 12.93
C TYR F 35 -57.96 42.34 13.74
N GLU F 36 -57.54 41.44 14.62
CA GLU F 36 -58.45 40.52 15.28
C GLU F 36 -59.25 41.10 16.46
N HIS F 37 -58.89 42.30 16.90
CA HIS F 37 -59.54 42.88 18.08
C HIS F 37 -60.45 44.04 17.69
N LEU F 38 -60.72 44.15 16.40
CA LEU F 38 -61.55 45.21 15.84
C LEU F 38 -62.83 45.32 16.63
N HIS F 39 -63.65 44.28 16.54
CA HIS F 39 -64.94 44.22 17.22
C HIS F 39 -64.86 44.70 18.66
N LEU F 40 -63.78 44.34 19.33
CA LEU F 40 -63.60 44.68 20.73
C LEU F 40 -63.25 46.14 20.88
N GLU F 41 -62.40 46.62 19.98
CA GLU F 41 -62.01 48.04 19.93
C GLU F 41 -63.23 48.87 19.58
N MET F 42 -63.85 48.53 18.47
CA MET F 42 -65.09 49.17 18.06
C MET F 42 -66.15 49.13 19.17
N HIS F 43 -66.21 48.02 19.90
CA HIS F 43 -67.12 47.94 21.03
C HIS F 43 -66.71 48.91 22.14
N GLN F 44 -65.41 49.08 22.34
CA GLN F 44 -64.94 50.02 23.36
C GLN F 44 -65.17 51.48 22.95
N THR F 45 -65.00 51.75 21.68
CA THR F 45 -65.22 53.09 21.14
C THR F 45 -66.67 53.54 21.34
N PHE F 46 -67.63 52.65 21.05
CA PHE F 46 -69.06 52.96 21.21
C PHE F 46 -69.43 53.23 22.66
N GLN F 47 -68.63 52.68 23.56
CA GLN F 47 -68.80 52.89 24.99
C GLN F 47 -68.32 54.31 25.31
N GLU F 48 -67.26 54.72 24.61
CA GLU F 48 -66.46 55.88 24.96
C GLU F 48 -66.85 57.15 24.20
N LEU F 49 -67.48 56.98 23.05
CA LEU F 49 -67.91 58.11 22.24
C LEU F 49 -69.41 58.02 21.92
N GLY F 50 -70.10 57.14 22.65
CA GLY F 50 -71.55 56.99 22.51
C GLY F 50 -72.00 56.33 21.20
N PRO F 51 -73.34 56.27 21.00
CA PRO F 51 -73.96 55.38 20.03
C PRO F 51 -73.62 55.73 18.59
N ILE F 52 -72.96 56.87 18.39
CA ILE F 52 -72.54 57.29 17.06
C ILE F 52 -71.19 57.96 17.11
N PHE F 53 -70.43 57.81 16.02
CA PHE F 53 -69.16 58.51 15.82
C PHE F 53 -68.70 58.39 14.38
N ARG F 54 -67.67 59.18 14.03
CA ARG F 54 -67.11 59.17 12.68
C ARG F 54 -65.65 58.73 12.66
N TYR F 55 -65.22 58.23 11.52
CA TYR F 55 -63.87 57.77 11.39
C TYR F 55 -63.07 58.69 10.46
N ASN F 56 -61.83 58.97 10.84
CA ASN F 56 -60.98 59.89 10.07
C ASN F 56 -60.55 59.41 8.67
N LEU F 57 -61.22 58.38 8.18
CA LEU F 57 -60.96 57.77 6.86
C LEU F 57 -60.67 58.80 5.76
N GLY F 58 -59.46 59.35 5.79
CA GLY F 58 -59.03 60.44 4.90
C GLY F 58 -59.93 61.65 4.86
N GLY F 59 -60.15 62.16 3.65
CA GLY F 59 -61.28 63.03 3.35
C GLY F 59 -62.63 62.31 3.52
N PRO F 60 -62.83 61.13 2.87
CA PRO F 60 -64.11 60.37 2.89
C PRO F 60 -64.85 60.37 4.24
N ARG F 61 -66.16 60.56 4.14
CA ARG F 61 -67.02 60.73 5.30
C ARG F 61 -67.61 59.39 5.70
N MET F 62 -67.27 58.90 6.90
CA MET F 62 -67.88 57.66 7.38
C MET F 62 -68.29 57.67 8.84
N VAL F 63 -69.40 56.99 9.11
CA VAL F 63 -70.09 57.03 10.39
C VAL F 63 -70.47 55.63 10.89
N CYS F 64 -70.30 55.43 12.20
CA CYS F 64 -70.61 54.15 12.82
C CYS F 64 -71.76 54.32 13.79
N VAL F 65 -72.75 53.44 13.71
CA VAL F 65 -73.83 53.36 14.71
C VAL F 65 -74.02 51.96 15.23
N MET F 66 -74.80 51.85 16.30
CA MET F 66 -75.01 50.60 17.01
C MET F 66 -76.43 50.47 17.58
N LEU F 67 -77.34 51.34 17.13
CA LEU F 67 -78.70 51.42 17.69
C LEU F 67 -79.78 51.05 16.68
N PRO F 68 -80.69 50.13 17.07
CA PRO F 68 -81.72 49.64 16.13
C PRO F 68 -82.56 50.80 15.63
N GLU F 69 -82.80 51.74 16.52
CA GLU F 69 -83.40 53.04 16.22
C GLU F 69 -82.83 53.64 14.91
N ASP F 70 -81.51 53.62 14.78
CA ASP F 70 -80.82 54.22 13.65
C ASP F 70 -80.66 53.23 12.50
N VAL F 71 -80.92 51.95 12.78
CA VAL F 71 -80.97 50.94 11.71
C VAL F 71 -82.29 51.13 10.93
N GLU F 72 -83.38 51.25 11.69
CA GLU F 72 -84.69 51.68 11.17
C GLU F 72 -84.54 52.78 10.12
N LYS F 73 -83.92 53.89 10.53
CA LYS F 73 -83.65 55.04 9.65
C LYS F 73 -82.85 54.67 8.40
N LEU F 74 -81.78 53.89 8.59
CA LEU F 74 -80.91 53.57 7.48
C LEU F 74 -81.69 52.81 6.43
N GLN F 75 -82.63 52.00 6.89
CA GLN F 75 -83.49 51.25 5.97
C GLN F 75 -84.26 52.23 5.07
N GLN F 76 -85.09 53.05 5.70
CA GLN F 76 -85.92 54.03 5.00
C GLN F 76 -85.17 54.74 3.85
N VAL F 77 -83.89 55.03 4.05
CA VAL F 77 -83.08 55.75 3.05
C VAL F 77 -82.60 54.86 1.88
N ASP F 78 -83.05 53.61 1.85
CA ASP F 78 -82.70 52.68 0.78
C ASP F 78 -83.43 53.01 -0.52
N SER F 79 -82.67 53.10 -1.61
CA SER F 79 -83.23 53.46 -2.90
C SER F 79 -83.91 52.26 -3.52
N LEU F 80 -84.28 52.36 -4.79
CA LEU F 80 -84.48 51.17 -5.58
C LEU F 80 -83.14 50.41 -5.57
N HIS F 81 -82.04 51.13 -5.74
CA HIS F 81 -80.70 50.53 -5.76
C HIS F 81 -79.92 50.90 -4.50
N PRO F 82 -80.06 50.13 -3.41
CA PRO F 82 -79.19 50.41 -2.27
C PRO F 82 -77.78 50.01 -2.64
N CYS F 83 -76.82 50.42 -1.82
CA CYS F 83 -75.43 50.43 -2.24
C CYS F 83 -74.51 50.30 -1.04
N ARG F 84 -73.63 49.32 -1.11
CA ARG F 84 -72.69 49.09 -0.03
C ARG F 84 -71.26 49.22 -0.55
N MET F 85 -70.34 49.59 0.35
CA MET F 85 -68.96 49.91 -0.03
C MET F 85 -68.27 48.79 -0.82
N ILE F 86 -68.00 49.08 -2.10
CA ILE F 86 -67.38 48.10 -3.00
C ILE F 86 -66.08 47.50 -2.44
N LEU F 87 -66.11 46.19 -2.21
CA LEU F 87 -64.95 45.48 -1.70
C LEU F 87 -63.87 45.32 -2.77
N GLU F 88 -62.89 46.22 -2.72
CA GLU F 88 -61.89 46.35 -3.78
C GLU F 88 -61.09 45.10 -4.18
N PRO F 89 -60.52 44.37 -3.19
CA PRO F 89 -59.67 43.23 -3.50
C PRO F 89 -60.42 42.12 -4.23
N TRP F 90 -61.63 41.83 -3.78
CA TRP F 90 -62.45 40.82 -4.44
C TRP F 90 -62.78 41.23 -5.87
N VAL F 91 -63.18 42.49 -6.07
CA VAL F 91 -63.57 42.95 -7.40
C VAL F 91 -62.36 42.95 -8.32
N ALA F 92 -61.22 43.36 -7.78
CA ALA F 92 -59.99 43.36 -8.56
C ALA F 92 -59.63 41.99 -9.11
N TYR F 93 -60.02 40.92 -8.41
CA TYR F 93 -59.77 39.57 -8.88
C TYR F 93 -60.65 39.28 -10.08
N ARG F 94 -61.93 39.67 -9.96
CA ARG F 94 -62.94 39.40 -10.99
C ARG F 94 -62.56 40.11 -12.30
N GLN F 95 -61.93 41.29 -12.17
CA GLN F 95 -61.48 42.02 -13.35
C GLN F 95 -60.11 41.56 -13.87
N HIS F 96 -59.32 40.92 -13.03
CA HIS F 96 -58.05 40.39 -13.51
C HIS F 96 -58.23 39.09 -14.27
N ARG F 97 -59.29 38.35 -13.98
CA ARG F 97 -59.58 37.08 -14.67
C ARG F 97 -60.74 37.19 -15.66
N GLY F 98 -61.32 38.39 -15.78
CA GLY F 98 -62.42 38.65 -16.70
C GLY F 98 -63.68 37.90 -16.35
N HIS F 99 -64.19 38.14 -15.14
CA HIS F 99 -65.40 37.51 -14.63
C HIS F 99 -66.38 38.57 -14.22
N LYS F 100 -67.67 38.23 -14.25
CA LYS F 100 -68.69 39.14 -13.76
C LYS F 100 -68.81 39.02 -12.25
N CYS F 101 -69.07 40.13 -11.59
CA CYS F 101 -69.23 40.10 -10.15
C CYS F 101 -70.63 39.63 -9.85
N GLY F 102 -70.82 39.05 -8.66
CA GLY F 102 -72.13 38.59 -8.26
C GLY F 102 -72.83 39.66 -7.43
N VAL F 103 -74.07 39.37 -7.08
CA VAL F 103 -74.89 40.24 -6.23
C VAL F 103 -74.20 40.77 -4.97
N PHE F 104 -73.19 40.05 -4.50
CA PHE F 104 -72.46 40.47 -3.33
C PHE F 104 -71.59 41.67 -3.64
N LEU F 105 -71.05 41.70 -4.86
CA LEU F 105 -70.13 42.77 -5.25
C LEU F 105 -70.75 43.87 -6.14
N LEU F 106 -71.77 43.50 -6.93
CA LEU F 106 -72.43 44.43 -7.84
C LEU F 106 -73.19 45.50 -7.06
N ASN F 107 -73.26 46.70 -7.65
CA ASN F 107 -74.08 47.79 -7.14
C ASN F 107 -75.07 48.30 -8.18
N GLY F 108 -76.25 48.75 -7.71
CA GLY F 108 -77.20 49.44 -8.58
C GLY F 108 -77.77 48.64 -9.75
N PRO F 109 -77.78 49.24 -10.97
CA PRO F 109 -78.46 48.61 -12.10
C PRO F 109 -78.14 47.12 -12.31
N GLU F 110 -76.85 46.76 -12.38
CA GLU F 110 -76.49 45.35 -12.59
C GLU F 110 -76.95 44.52 -11.38
N TRP F 111 -76.83 45.10 -10.19
CA TRP F 111 -77.27 44.43 -8.98
C TRP F 111 -78.76 44.07 -8.98
N ARG F 112 -79.61 45.02 -9.36
CA ARG F 112 -81.07 44.83 -9.35
C ARG F 112 -81.47 43.71 -10.30
N PHE F 113 -80.99 43.81 -11.54
CA PHE F 113 -81.23 42.81 -12.58
C PHE F 113 -80.97 41.43 -12.01
N ASN F 114 -79.83 41.28 -11.33
CA ASN F 114 -79.41 40.00 -10.79
C ASN F 114 -80.32 39.57 -9.64
N ARG F 115 -80.37 40.36 -8.58
CA ARG F 115 -81.13 39.96 -7.39
C ARG F 115 -82.59 39.61 -7.75
N LEU F 116 -83.22 40.46 -8.54
CA LEU F 116 -84.58 40.18 -8.98
C LEU F 116 -84.71 38.78 -9.56
N ARG F 117 -83.64 38.33 -10.24
CA ARG F 117 -83.60 37.01 -10.90
C ARG F 117 -83.03 35.87 -10.06
N LEU F 118 -82.62 36.16 -8.83
CA LEU F 118 -82.10 35.16 -7.91
C LEU F 118 -83.08 34.92 -6.79
N ASN F 119 -83.60 35.99 -6.20
CA ASN F 119 -84.65 35.88 -5.18
C ASN F 119 -85.60 34.68 -5.35
N PRO F 120 -86.20 34.50 -6.55
CA PRO F 120 -87.16 33.39 -6.59
C PRO F 120 -86.59 31.97 -6.31
N ASP F 121 -85.40 31.66 -6.81
CA ASP F 121 -84.87 30.30 -6.68
C ASP F 121 -84.01 30.06 -5.44
N VAL F 122 -83.56 31.14 -4.82
CA VAL F 122 -82.66 31.00 -3.69
C VAL F 122 -83.36 31.28 -2.36
N LEU F 123 -84.25 32.27 -2.35
CA LEU F 123 -84.74 32.85 -1.10
C LEU F 123 -86.23 32.61 -0.79
N SER F 124 -87.05 32.50 -1.84
CA SER F 124 -88.50 32.36 -1.67
C SER F 124 -88.84 31.25 -0.67
N PRO F 125 -90.01 31.34 -0.01
CA PRO F 125 -90.40 30.18 0.78
C PRO F 125 -90.80 28.98 -0.10
N LYS F 126 -90.98 29.23 -1.39
CA LYS F 126 -91.43 28.17 -2.29
C LYS F 126 -90.24 27.30 -2.69
N ALA F 127 -89.06 27.91 -2.79
CA ALA F 127 -87.81 27.21 -3.04
C ALA F 127 -87.34 26.44 -1.78
N VAL F 128 -87.47 27.08 -0.63
CA VAL F 128 -87.20 26.48 0.66
C VAL F 128 -88.00 25.19 0.87
N GLN F 129 -89.29 25.16 0.47
CA GLN F 129 -90.08 23.91 0.47
C GLN F 129 -89.52 22.79 -0.42
N ARG F 130 -88.75 23.17 -1.43
CA ARG F 130 -88.16 22.20 -2.33
C ARG F 130 -86.79 21.70 -1.86
N PHE F 131 -85.98 22.59 -1.27
CA PHE F 131 -84.63 22.17 -0.88
C PHE F 131 -84.48 21.76 0.56
N LEU F 132 -85.45 22.11 1.38
CA LEU F 132 -85.45 21.72 2.77
C LEU F 132 -85.35 20.19 2.95
N PRO F 133 -86.10 19.40 2.15
CA PRO F 133 -85.93 17.94 2.25
C PRO F 133 -84.52 17.43 1.90
N MET F 134 -83.75 18.21 1.14
CA MET F 134 -82.43 17.78 0.71
C MET F 134 -81.45 18.08 1.84
N VAL F 135 -81.55 19.27 2.39
CA VAL F 135 -80.86 19.62 3.61
C VAL F 135 -81.10 18.56 4.69
N ASP F 136 -82.37 18.17 4.86
CA ASP F 136 -82.77 17.20 5.88
C ASP F 136 -82.03 15.91 5.74
N ALA F 137 -81.91 15.43 4.51
CA ALA F 137 -81.26 14.17 4.24
C ALA F 137 -79.87 14.15 4.86
N VAL F 138 -79.07 15.15 4.50
CA VAL F 138 -77.72 15.38 4.98
C VAL F 138 -77.67 15.54 6.49
N ALA F 139 -78.56 16.36 7.04
CA ALA F 139 -78.55 16.62 8.47
C ALA F 139 -78.86 15.37 9.26
N ARG F 140 -79.79 14.54 8.75
CA ARG F 140 -80.06 13.24 9.33
C ARG F 140 -78.75 12.45 9.30
N ASP F 141 -78.16 12.31 8.11
CA ASP F 141 -76.89 11.61 7.90
C ASP F 141 -75.74 11.96 8.83
N PHE F 142 -75.65 13.24 9.19
CA PHE F 142 -74.64 13.68 10.10
C PHE F 142 -74.79 12.97 11.46
N SER F 143 -75.99 13.02 12.04
CA SER F 143 -76.26 12.44 13.37
C SER F 143 -76.17 10.91 13.40
N GLN F 144 -76.45 10.29 12.26
CA GLN F 144 -76.32 8.85 12.12
C GLN F 144 -74.84 8.43 12.21
N ALA F 145 -73.97 9.11 11.47
CA ALA F 145 -72.57 8.77 11.39
C ALA F 145 -71.89 9.12 12.69
N LEU F 146 -72.39 10.16 13.35
CA LEU F 146 -71.88 10.56 14.65
C LEU F 146 -72.39 9.59 15.70
N LYS F 147 -73.54 8.96 15.46
CA LYS F 147 -74.01 7.95 16.41
C LYS F 147 -73.22 6.64 16.31
N LYS F 148 -72.95 6.20 15.09
CA LYS F 148 -72.17 5.00 14.88
C LYS F 148 -70.85 5.11 15.67
N LYS F 149 -70.18 6.25 15.57
CA LYS F 149 -68.94 6.43 16.31
C LYS F 149 -69.22 6.50 17.82
N VAL F 150 -70.33 7.13 18.20
CA VAL F 150 -70.61 7.31 19.62
C VAL F 150 -70.83 5.95 20.27
N LEU F 151 -71.49 5.05 19.56
CA LEU F 151 -71.87 3.75 20.10
C LEU F 151 -70.76 2.69 20.14
N GLN F 152 -69.66 2.93 19.42
CA GLN F 152 -68.48 2.06 19.46
C GLN F 152 -67.74 2.27 20.76
N ASN F 153 -68.01 3.37 21.43
CA ASN F 153 -67.32 3.69 22.66
C ASN F 153 -68.04 3.15 23.86
N ALA F 154 -67.27 2.56 24.76
CA ALA F 154 -67.83 1.92 25.96
C ALA F 154 -68.79 2.83 26.74
N ARG F 155 -68.46 4.11 26.80
CA ARG F 155 -69.26 5.12 27.49
C ARG F 155 -70.38 5.70 26.63
N GLY F 156 -70.54 5.21 25.41
CA GLY F 156 -71.59 5.74 24.53
C GLY F 156 -71.51 7.24 24.32
N SER F 157 -70.30 7.76 24.22
CA SER F 157 -70.09 9.18 24.01
C SER F 157 -68.93 9.35 23.06
N LEU F 158 -68.88 10.51 22.39
CA LEU F 158 -67.71 10.93 21.64
C LEU F 158 -67.37 12.31 22.08
N THR F 159 -66.09 12.58 22.22
CA THR F 159 -65.69 13.90 22.65
C THR F 159 -64.63 14.32 21.66
N LEU F 160 -65.00 15.29 20.82
CA LEU F 160 -64.15 15.77 19.75
C LEU F 160 -64.21 17.30 19.60
N ASP F 161 -63.49 17.78 18.62
CA ASP F 161 -63.56 19.15 18.16
C ASP F 161 -64.42 19.00 16.91
N VAL F 162 -65.70 19.38 17.02
CA VAL F 162 -66.66 19.13 15.92
C VAL F 162 -66.50 20.04 14.73
N GLN F 163 -65.83 21.18 14.93
CA GLN F 163 -65.55 22.09 13.86
C GLN F 163 -65.27 21.43 12.47
N PRO F 164 -64.29 20.51 12.39
CA PRO F 164 -64.04 19.93 11.05
C PRO F 164 -65.29 19.34 10.37
N SER F 165 -65.99 18.45 11.08
CA SER F 165 -67.16 17.75 10.56
C SER F 165 -68.32 18.71 10.30
N ILE F 166 -68.50 19.72 11.17
CA ILE F 166 -69.47 20.78 10.92
C ILE F 166 -69.17 21.47 9.58
N PHE F 167 -67.95 21.95 9.38
CA PHE F 167 -67.62 22.61 8.12
C PHE F 167 -67.94 21.71 6.95
N HIS F 168 -67.68 20.41 7.12
CA HIS F 168 -67.90 19.46 6.05
C HIS F 168 -69.37 19.15 5.83
N TYR F 169 -70.13 19.26 6.92
CA TYR F 169 -71.58 19.24 6.83
C TYR F 169 -72.10 20.37 5.94
N THR F 170 -71.53 21.55 6.09
CA THR F 170 -72.04 22.71 5.40
C THR F 170 -71.63 22.75 3.94
N ILE F 171 -70.47 22.17 3.62
CA ILE F 171 -70.08 22.01 2.23
C ILE F 171 -70.96 20.95 1.56
N GLU F 172 -71.36 19.93 2.33
CA GLU F 172 -72.31 18.91 1.83
C GLU F 172 -73.69 19.47 1.58
N ALA F 173 -74.30 20.03 2.62
CA ALA F 173 -75.71 20.37 2.61
C ALA F 173 -75.96 21.46 1.59
N SER F 174 -74.97 22.34 1.43
CA SER F 174 -74.96 23.40 0.43
C SER F 174 -74.85 22.85 -0.97
N ASN F 175 -73.91 21.95 -1.17
CA ASN F 175 -73.64 21.43 -2.51
C ASN F 175 -74.83 20.66 -3.01
N LEU F 176 -75.61 20.10 -2.10
CA LEU F 176 -76.84 19.38 -2.44
C LEU F 176 -77.94 20.38 -2.82
N ALA F 177 -78.26 21.26 -1.89
CA ALA F 177 -79.26 22.30 -2.09
C ALA F 177 -78.96 23.14 -3.33
N LEU F 178 -77.68 23.45 -3.53
CA LEU F 178 -77.29 24.27 -4.64
C LEU F 178 -77.22 23.47 -5.91
N PHE F 179 -76.46 22.39 -5.91
CA PHE F 179 -76.20 21.68 -7.15
C PHE F 179 -76.90 20.34 -7.28
N GLY F 180 -77.47 19.85 -6.20
CA GLY F 180 -78.13 18.56 -6.25
C GLY F 180 -77.17 17.39 -6.40
N GLU F 181 -75.87 17.69 -6.45
CA GLU F 181 -74.80 16.69 -6.35
C GLU F 181 -74.54 16.41 -4.89
N ARG F 182 -74.20 15.16 -4.59
CA ARG F 182 -73.84 14.73 -3.24
C ARG F 182 -72.35 14.42 -3.20
N LEU F 183 -71.61 15.11 -2.32
CA LEU F 183 -70.16 14.89 -2.17
C LEU F 183 -69.96 14.15 -0.88
N GLY F 184 -69.58 12.87 -0.94
CA GLY F 184 -69.57 12.06 0.29
C GLY F 184 -68.62 12.60 1.36
N LEU F 185 -69.02 13.65 2.07
CA LEU F 185 -68.14 14.29 3.05
C LEU F 185 -68.69 14.25 4.46
N VAL F 186 -69.95 13.82 4.60
CA VAL F 186 -70.51 13.60 5.92
C VAL F 186 -70.47 12.10 6.20
N GLY F 187 -69.78 11.74 7.28
CA GLY F 187 -69.59 10.35 7.68
C GLY F 187 -68.40 9.68 7.03
N HIS F 188 -67.53 10.48 6.42
CA HIS F 188 -66.30 9.99 5.78
C HIS F 188 -65.23 11.04 6.00
N SER F 189 -63.98 10.71 5.70
CA SER F 189 -62.89 11.66 5.87
C SER F 189 -62.99 12.89 4.96
N PRO F 190 -62.63 14.07 5.48
CA PRO F 190 -62.50 15.24 4.61
C PRO F 190 -61.67 14.90 3.36
N SER F 191 -62.11 15.36 2.19
CA SER F 191 -61.33 15.10 0.98
C SER F 191 -60.22 16.13 0.82
N SER F 192 -59.30 15.86 -0.09
CA SER F 192 -58.22 16.81 -0.39
C SER F 192 -58.80 18.09 -1.00
N ALA F 193 -59.74 17.94 -1.92
CA ALA F 193 -60.46 19.09 -2.49
C ALA F 193 -61.23 19.86 -1.41
N SER F 194 -61.80 19.11 -0.47
CA SER F 194 -62.54 19.69 0.63
C SER F 194 -61.65 20.54 1.55
N LEU F 195 -60.45 20.03 1.86
CA LEU F 195 -59.52 20.73 2.72
C LEU F 195 -58.85 21.94 2.03
N ASN F 196 -58.50 21.75 0.76
CA ASN F 196 -57.91 22.83 -0.02
C ASN F 196 -58.82 24.04 -0.16
N PHE F 197 -60.11 23.76 -0.28
CA PHE F 197 -61.14 24.76 -0.41
C PHE F 197 -61.28 25.54 0.92
N LEU F 198 -61.49 24.84 2.04
CA LEU F 198 -61.55 25.50 3.37
C LEU F 198 -60.31 26.33 3.66
N HIS F 199 -59.16 25.82 3.28
CA HIS F 199 -57.93 26.56 3.48
C HIS F 199 -57.89 27.82 2.62
N ALA F 200 -58.05 27.67 1.29
CA ALA F 200 -58.10 28.83 0.40
C ALA F 200 -59.08 29.88 0.92
N LEU F 201 -60.27 29.47 1.32
CA LEU F 201 -61.22 30.39 1.96
C LEU F 201 -60.65 31.12 3.17
N GLU F 202 -59.91 30.42 4.02
CA GLU F 202 -59.37 31.03 5.25
C GLU F 202 -58.33 32.09 4.86
N VAL F 203 -57.50 31.73 3.88
CA VAL F 203 -56.47 32.62 3.37
C VAL F 203 -57.05 33.80 2.61
N MET F 204 -58.16 33.57 1.91
CA MET F 204 -58.87 34.64 1.21
C MET F 204 -59.32 35.71 2.19
N PHE F 205 -59.96 35.28 3.28
CA PHE F 205 -60.42 36.23 4.30
C PHE F 205 -59.22 36.96 4.90
N LYS F 206 -58.28 36.21 5.47
CA LYS F 206 -57.07 36.76 6.05
C LYS F 206 -56.52 37.92 5.21
N SER F 207 -56.16 37.59 3.98
CA SER F 207 -55.57 38.56 3.07
C SER F 207 -56.50 39.72 2.75
N THR F 208 -57.82 39.49 2.75
CA THR F 208 -58.77 40.59 2.59
C THR F 208 -58.54 41.62 3.70
N VAL F 209 -58.61 41.17 4.95
CA VAL F 209 -58.33 42.05 6.08
C VAL F 209 -56.96 42.74 5.94
N GLN F 210 -56.02 42.10 5.23
CA GLN F 210 -54.76 42.77 4.98
C GLN F 210 -54.99 43.92 3.98
N LEU F 211 -55.27 43.57 2.73
CA LEU F 211 -55.41 44.53 1.64
C LEU F 211 -56.54 45.54 1.75
N MET F 212 -57.48 45.31 2.67
CA MET F 212 -58.80 45.97 2.68
C MET F 212 -58.89 47.42 3.17
N PHE F 213 -57.97 47.81 4.05
CA PHE F 213 -58.02 49.12 4.70
C PHE F 213 -57.10 50.18 4.06
N MET F 214 -56.34 49.77 3.04
CA MET F 214 -55.44 50.69 2.36
C MET F 214 -55.81 50.75 0.88
N PRO F 215 -55.60 51.92 0.25
CA PRO F 215 -55.95 52.04 -1.17
C PRO F 215 -55.04 51.16 -2.03
N ARG F 216 -55.61 50.55 -3.07
CA ARG F 216 -54.86 49.74 -4.04
C ARG F 216 -53.57 50.47 -4.45
N SER F 217 -53.71 51.75 -4.79
CA SER F 217 -52.58 52.63 -5.16
C SER F 217 -51.39 52.50 -4.20
N LEU F 218 -51.69 52.25 -2.93
CA LEU F 218 -50.68 52.12 -1.92
C LEU F 218 -50.27 50.66 -1.66
N SER F 219 -51.24 49.76 -1.53
CA SER F 219 -50.95 48.36 -1.16
C SER F 219 -50.05 47.57 -2.10
N ARG F 220 -49.99 47.97 -3.37
CA ARG F 220 -49.22 47.27 -4.41
C ARG F 220 -47.72 47.22 -4.17
N TRP F 221 -47.17 48.27 -3.57
CA TRP F 221 -45.73 48.36 -3.41
C TRP F 221 -45.31 48.08 -2.00
N ILE F 222 -46.30 47.87 -1.14
CA ILE F 222 -46.06 47.61 0.28
C ILE F 222 -46.48 46.22 0.74
N SER F 223 -47.56 45.70 0.16
CA SER F 223 -47.98 44.31 0.41
C SER F 223 -48.11 43.47 -0.86
N PRO F 224 -47.18 43.64 -1.81
CA PRO F 224 -47.31 43.00 -3.12
C PRO F 224 -47.54 41.50 -3.02
N LYS F 225 -46.90 40.83 -2.08
CA LYS F 225 -47.04 39.38 -1.93
C LYS F 225 -48.39 38.97 -1.30
N VAL F 226 -49.01 39.88 -0.54
CA VAL F 226 -50.38 39.63 -0.10
C VAL F 226 -51.32 39.58 -1.32
N TRP F 227 -51.24 40.57 -2.21
CA TRP F 227 -51.90 40.48 -3.51
C TRP F 227 -51.61 39.16 -4.21
N LYS F 228 -50.38 38.69 -4.13
CA LYS F 228 -50.10 37.39 -4.69
C LYS F 228 -50.94 36.29 -4.00
N GLU F 229 -50.99 36.32 -2.66
CA GLU F 229 -51.64 35.28 -1.85
C GLU F 229 -53.14 35.24 -2.03
N HIS F 230 -53.75 36.42 -1.98
CA HIS F 230 -55.20 36.63 -2.13
C HIS F 230 -55.73 36.09 -3.46
N PHE F 231 -55.02 36.40 -4.54
CA PHE F 231 -55.39 35.95 -5.87
C PHE F 231 -55.23 34.44 -6.01
N GLU F 232 -54.23 33.87 -5.34
CA GLU F 232 -54.04 32.41 -5.32
C GLU F 232 -55.19 31.72 -4.57
N ALA F 233 -55.63 32.33 -3.48
CA ALA F 233 -56.78 31.82 -2.76
C ALA F 233 -57.95 31.80 -3.74
N TRP F 234 -58.30 32.97 -4.27
CA TRP F 234 -59.44 33.02 -5.19
C TRP F 234 -59.29 31.95 -6.26
N ASP F 235 -58.11 31.86 -6.85
CA ASP F 235 -57.86 30.87 -7.91
C ASP F 235 -58.40 29.53 -7.53
N CYS F 236 -58.16 29.13 -6.29
CA CYS F 236 -58.50 27.80 -5.85
C CYS F 236 -60.00 27.70 -5.58
N ILE F 237 -60.57 28.75 -4.96
CA ILE F 237 -62.03 28.90 -4.80
C ILE F 237 -62.74 28.75 -6.14
N PHE F 238 -62.31 29.49 -7.15
CA PHE F 238 -62.84 29.33 -8.49
C PHE F 238 -62.63 27.92 -9.06
N GLN F 239 -61.43 27.34 -8.95
CA GLN F 239 -61.21 25.95 -9.42
C GLN F 239 -62.32 25.03 -8.88
N TYR F 240 -62.67 25.24 -7.61
CA TYR F 240 -63.68 24.44 -6.94
C TYR F 240 -65.07 24.77 -7.44
N GLY F 241 -65.51 26.00 -7.19
CA GLY F 241 -66.81 26.49 -7.67
C GLY F 241 -67.10 26.21 -9.14
N ASP F 242 -66.08 26.33 -9.98
CA ASP F 242 -66.26 26.16 -11.41
C ASP F 242 -66.33 24.69 -11.83
N ASN F 243 -65.68 23.80 -11.07
CA ASN F 243 -65.78 22.38 -11.34
C ASN F 243 -67.21 21.91 -11.04
N CYS F 244 -67.83 22.47 -10.02
CA CYS F 244 -69.26 22.21 -9.77
C CYS F 244 -70.10 22.55 -10.97
N ILE F 245 -69.86 23.73 -11.52
CA ILE F 245 -70.81 24.30 -12.44
C ILE F 245 -70.68 23.73 -13.84
N GLN F 246 -69.48 23.32 -14.22
CA GLN F 246 -69.28 22.70 -15.52
C GLN F 246 -70.02 21.39 -15.50
N LYS F 247 -70.10 20.80 -14.30
CA LYS F 247 -70.75 19.52 -14.07
C LYS F 247 -72.26 19.64 -14.24
N ILE F 248 -72.88 20.55 -13.49
CA ILE F 248 -74.30 20.82 -13.63
C ILE F 248 -74.65 21.34 -15.05
N TYR F 249 -73.81 22.23 -15.60
CA TYR F 249 -74.10 22.81 -16.92
C TYR F 249 -74.28 21.78 -18.01
N GLN F 250 -73.33 20.87 -18.10
CA GLN F 250 -73.31 19.86 -19.13
C GLN F 250 -74.40 18.84 -18.84
N GLU F 251 -74.75 18.69 -17.58
CA GLU F 251 -75.83 17.76 -17.22
C GLU F 251 -77.19 18.29 -17.71
N LEU F 252 -77.39 19.62 -17.59
CA LEU F 252 -78.60 20.31 -18.00
C LEU F 252 -78.68 20.63 -19.51
N ALA F 253 -77.53 20.82 -20.14
CA ALA F 253 -77.52 21.00 -21.57
C ALA F 253 -78.20 19.80 -22.23
N PHE F 254 -78.06 18.62 -21.62
CA PHE F 254 -78.59 17.39 -22.23
C PHE F 254 -80.00 16.94 -21.83
N ASN F 255 -80.33 17.02 -20.54
CA ASN F 255 -81.67 16.68 -20.09
C ASN F 255 -82.23 17.76 -19.18
N ARG F 256 -83.50 18.10 -19.36
CA ARG F 256 -84.14 19.01 -18.42
C ARG F 256 -84.93 18.13 -17.46
N PRO F 257 -84.46 18.01 -16.20
CA PRO F 257 -85.17 17.15 -15.26
C PRO F 257 -86.55 17.70 -14.90
N GLN F 258 -87.48 16.80 -14.66
CA GLN F 258 -88.85 17.16 -14.36
C GLN F 258 -89.06 17.19 -12.87
N HIS F 259 -88.04 16.79 -12.10
CA HIS F 259 -88.13 16.92 -10.66
C HIS F 259 -87.15 17.99 -10.22
N TYR F 260 -87.26 18.40 -8.96
CA TYR F 260 -86.33 19.36 -8.37
C TYR F 260 -84.98 18.72 -8.19
N THR F 261 -83.94 19.39 -8.68
CA THR F 261 -82.56 18.95 -8.48
C THR F 261 -81.66 20.10 -8.08
N GLY F 262 -82.20 21.04 -7.29
CA GLY F 262 -81.41 22.13 -6.72
C GLY F 262 -81.61 23.56 -7.21
N ILE F 263 -80.95 24.48 -6.51
CA ILE F 263 -81.11 25.90 -6.72
C ILE F 263 -80.51 26.36 -8.02
N VAL F 264 -79.27 25.95 -8.30
CA VAL F 264 -78.57 26.35 -9.50
C VAL F 264 -79.18 25.66 -10.71
N ALA F 265 -79.69 24.46 -10.49
CA ALA F 265 -80.51 23.77 -11.48
C ALA F 265 -81.64 24.69 -11.96
N GLU F 266 -82.37 25.30 -11.04
CA GLU F 266 -83.48 26.18 -11.42
C GLU F 266 -83.04 27.40 -12.21
N LEU F 267 -82.02 28.10 -11.73
CA LEU F 267 -81.46 29.27 -12.44
C LEU F 267 -80.99 28.95 -13.84
N LEU F 268 -80.48 27.74 -14.04
CA LEU F 268 -79.86 27.42 -15.31
C LEU F 268 -80.96 27.10 -16.29
N LEU F 269 -81.92 26.33 -15.79
CA LEU F 269 -83.15 26.04 -16.52
C LEU F 269 -83.87 27.32 -17.00
N LYS F 270 -84.22 28.21 -16.10
CA LYS F 270 -84.88 29.44 -16.51
C LYS F 270 -84.10 30.16 -17.60
N ALA F 271 -82.78 30.21 -17.44
CA ALA F 271 -81.86 30.99 -18.29
C ALA F 271 -82.21 32.49 -18.42
N GLU F 272 -82.56 33.11 -17.30
CA GLU F 272 -82.87 34.54 -17.31
C GLU F 272 -81.58 35.36 -17.22
N LEU F 273 -80.59 34.79 -16.55
CA LEU F 273 -79.28 35.40 -16.44
C LEU F 273 -78.41 34.79 -17.52
N SER F 274 -77.42 35.54 -17.99
CA SER F 274 -76.41 34.94 -18.86
C SER F 274 -75.60 33.89 -18.11
N LEU F 275 -75.06 32.93 -18.86
CA LEU F 275 -74.14 31.94 -18.32
C LEU F 275 -73.17 32.58 -17.35
N GLU F 276 -72.53 33.67 -17.77
CA GLU F 276 -71.50 34.33 -16.96
C GLU F 276 -72.06 34.78 -15.63
N ALA F 277 -73.28 35.29 -15.66
CA ALA F 277 -73.91 35.84 -14.48
C ALA F 277 -74.26 34.71 -13.51
N ILE F 278 -74.78 33.61 -14.05
CA ILE F 278 -75.09 32.47 -13.22
C ILE F 278 -73.78 32.03 -12.54
N LYS F 279 -72.76 31.73 -13.36
CA LYS F 279 -71.42 31.43 -12.85
C LYS F 279 -71.06 32.34 -11.68
N ALA F 280 -71.14 33.65 -11.90
CA ALA F 280 -70.76 34.66 -10.91
C ALA F 280 -71.51 34.52 -9.60
N ASN F 281 -72.80 34.20 -9.67
CA ASN F 281 -73.60 34.11 -8.46
C ASN F 281 -73.51 32.75 -7.81
N SER F 282 -73.27 31.72 -8.62
CA SER F 282 -72.99 30.36 -8.13
C SER F 282 -71.81 30.33 -7.18
N MET F 283 -70.70 30.92 -7.65
CA MET F 283 -69.48 31.13 -6.89
C MET F 283 -69.72 31.76 -5.54
N GLU F 284 -70.45 32.86 -5.49
CA GLU F 284 -70.65 33.51 -4.21
C GLU F 284 -71.44 32.61 -3.28
N LEU F 285 -72.27 31.73 -3.83
CA LEU F 285 -73.08 30.82 -3.01
C LEU F 285 -72.26 29.63 -2.51
N THR F 286 -71.42 29.10 -3.38
CA THR F 286 -70.48 28.07 -3.02
C THR F 286 -69.54 28.60 -1.93
N ALA F 287 -68.90 29.73 -2.21
CA ALA F 287 -67.94 30.31 -1.28
C ALA F 287 -68.59 30.96 -0.06
N GLY F 288 -69.85 31.38 -0.21
CA GLY F 288 -70.54 32.14 0.83
C GLY F 288 -71.34 31.29 1.77
N SER F 289 -71.61 30.05 1.35
CA SER F 289 -72.42 29.13 2.16
C SER F 289 -71.64 28.30 3.17
N VAL F 290 -70.33 28.46 3.23
CA VAL F 290 -69.54 27.56 4.06
C VAL F 290 -69.28 28.15 5.44
N ASP F 291 -68.36 29.10 5.56
CA ASP F 291 -67.92 29.60 6.88
C ASP F 291 -69.02 30.30 7.68
N THR F 292 -69.83 31.06 6.97
CA THR F 292 -70.87 31.89 7.56
C THR F 292 -71.93 31.04 8.26
N THR F 293 -72.16 29.83 7.76
CA THR F 293 -73.10 28.94 8.43
C THR F 293 -72.42 28.11 9.53
N ALA F 294 -71.20 27.65 9.26
CA ALA F 294 -70.55 26.67 10.13
C ALA F 294 -70.21 27.25 11.49
N PHE F 295 -69.80 28.51 11.51
CA PHE F 295 -69.41 29.15 12.75
C PHE F 295 -70.55 29.41 13.75
N PRO F 296 -71.72 29.91 13.28
CA PRO F 296 -72.75 30.06 14.31
C PRO F 296 -73.33 28.71 14.73
N LEU F 297 -73.48 27.81 13.76
CA LEU F 297 -73.89 26.44 14.05
C LEU F 297 -73.06 25.94 15.21
N LEU F 298 -71.74 26.07 15.08
CA LEU F 298 -70.80 25.68 16.10
C LEU F 298 -70.93 26.50 17.41
N MET F 299 -71.09 27.82 17.28
CA MET F 299 -71.31 28.69 18.45
C MET F 299 -72.63 28.38 19.16
N THR F 300 -73.65 28.01 18.39
CA THR F 300 -74.89 27.49 18.97
C THR F 300 -74.63 26.23 19.80
N LEU F 301 -74.02 25.21 19.18
CA LEU F 301 -73.67 23.97 19.88
C LEU F 301 -72.99 24.27 21.23
N PHE F 302 -72.09 25.24 21.23
CA PHE F 302 -71.36 25.61 22.42
C PHE F 302 -72.28 26.21 23.52
N GLU F 303 -73.17 27.14 23.15
CA GLU F 303 -74.13 27.71 24.08
C GLU F 303 -75.06 26.67 24.68
N LEU F 304 -75.44 25.67 23.90
CA LEU F 304 -76.30 24.62 24.40
C LEU F 304 -75.60 23.74 25.40
N ALA F 305 -74.31 23.51 25.15
CA ALA F 305 -73.42 22.78 26.06
C ALA F 305 -73.29 23.56 27.37
N ARG F 306 -73.38 24.88 27.24
CA ARG F 306 -73.10 25.80 28.31
C ARG F 306 -74.36 26.07 29.09
N ASN F 307 -75.51 25.89 28.43
CA ASN F 307 -76.82 26.08 29.04
C ASN F 307 -77.69 24.84 29.05
N PRO F 308 -77.34 23.85 29.89
CA PRO F 308 -78.07 22.58 29.91
C PRO F 308 -79.59 22.75 30.05
N ASP F 309 -80.03 23.77 30.77
CA ASP F 309 -81.46 23.99 30.98
C ASP F 309 -82.11 24.40 29.64
N VAL F 310 -81.52 25.38 28.96
CA VAL F 310 -82.02 25.80 27.64
C VAL F 310 -81.88 24.69 26.61
N GLN F 311 -80.82 23.90 26.75
CA GLN F 311 -80.64 22.78 25.86
C GLN F 311 -81.75 21.78 26.06
N GLN F 312 -82.14 21.54 27.31
CA GLN F 312 -83.19 20.56 27.58
C GLN F 312 -84.54 20.98 27.00
N ILE F 313 -84.91 22.24 27.19
CA ILE F 313 -86.15 22.80 26.65
C ILE F 313 -86.18 22.63 25.12
N LEU F 314 -85.09 22.94 24.43
CA LEU F 314 -85.03 22.77 22.97
C LEU F 314 -85.25 21.32 22.52
N ARG F 315 -84.65 20.38 23.26
CA ARG F 315 -84.84 18.97 23.01
C ARG F 315 -86.31 18.55 23.16
N GLN F 316 -86.96 19.02 24.23
CA GLN F 316 -88.37 18.75 24.49
C GLN F 316 -89.26 19.19 23.31
N GLU F 317 -88.89 20.33 22.71
CA GLU F 317 -89.55 20.84 21.54
C GLU F 317 -89.38 19.89 20.34
N SER F 318 -88.13 19.50 20.07
CA SER F 318 -87.79 18.59 18.96
C SER F 318 -88.34 17.19 19.13
N LEU F 319 -88.32 16.68 20.36
CA LEU F 319 -88.87 15.34 20.60
C LEU F 319 -90.36 15.31 20.35
N ALA F 320 -91.06 16.33 20.84
CA ALA F 320 -92.49 16.44 20.57
C ALA F 320 -92.79 16.51 19.07
N ALA F 321 -91.95 17.23 18.32
CA ALA F 321 -92.18 17.42 16.89
C ALA F 321 -91.41 16.44 15.97
N ALA F 322 -90.85 15.38 16.55
CA ALA F 322 -90.00 14.44 15.80
C ALA F 322 -90.76 13.65 14.71
N ALA F 323 -91.90 13.08 15.08
CA ALA F 323 -92.71 12.30 14.16
C ALA F 323 -93.22 13.16 13.00
N SER F 324 -93.77 14.32 13.31
CA SER F 324 -94.22 15.27 12.29
C SER F 324 -93.16 15.55 11.21
N ILE F 325 -91.93 15.79 11.66
CA ILE F 325 -90.81 16.21 10.81
C ILE F 325 -90.16 15.08 9.99
N SER F 326 -89.93 13.91 10.60
CA SER F 326 -89.39 12.79 9.81
C SER F 326 -90.42 12.21 8.84
N GLU F 327 -91.68 12.66 8.95
CA GLU F 327 -92.70 12.39 7.93
C GLU F 327 -92.65 13.48 6.85
N HIS F 328 -92.95 14.73 7.21
CA HIS F 328 -92.83 15.88 6.29
C HIS F 328 -91.79 16.90 6.80
N PRO F 329 -90.56 16.89 6.23
CA PRO F 329 -89.43 17.70 6.73
C PRO F 329 -89.68 19.21 6.72
N GLN F 330 -90.41 19.69 5.72
CA GLN F 330 -90.73 21.12 5.53
C GLN F 330 -91.31 21.81 6.77
N LYS F 331 -91.97 21.02 7.61
CA LYS F 331 -92.63 21.52 8.82
C LYS F 331 -91.63 21.96 9.87
N ALA F 332 -90.35 21.84 9.59
CA ALA F 332 -89.33 22.15 10.60
C ALA F 332 -89.25 23.66 10.88
N THR F 333 -89.55 24.47 9.87
CA THR F 333 -89.53 25.91 10.00
C THR F 333 -90.65 26.51 10.87
N THR F 334 -91.62 25.69 11.28
CA THR F 334 -92.67 26.16 12.21
C THR F 334 -93.06 25.21 13.34
N GLU F 335 -92.58 23.97 13.31
CA GLU F 335 -92.76 23.08 14.46
C GLU F 335 -91.67 23.34 15.50
N LEU F 336 -90.68 24.15 15.15
CA LEU F 336 -89.49 24.34 15.97
C LEU F 336 -89.19 25.79 16.32
N PRO F 337 -90.13 26.49 16.95
CA PRO F 337 -89.98 27.93 17.11
C PRO F 337 -88.94 28.37 18.14
N LEU F 338 -88.69 27.58 19.18
CA LEU F 338 -87.68 27.99 20.17
C LEU F 338 -86.27 27.80 19.60
N LEU F 339 -86.16 26.87 18.67
CA LEU F 339 -84.90 26.60 18.03
C LEU F 339 -84.59 27.66 17.02
N ARG F 340 -85.60 28.19 16.35
CA ARG F 340 -85.37 29.29 15.43
C ARG F 340 -84.91 30.49 16.22
N ALA F 341 -85.48 30.62 17.42
CA ALA F 341 -85.10 31.65 18.37
C ALA F 341 -83.70 31.41 18.91
N ALA F 342 -83.30 30.14 19.00
CA ALA F 342 -81.94 29.83 19.43
C ALA F 342 -80.91 30.40 18.45
N LEU F 343 -81.15 30.21 17.15
CA LEU F 343 -80.27 30.76 16.12
C LEU F 343 -80.19 32.28 16.17
N LYS F 344 -81.33 32.94 16.36
CA LYS F 344 -81.37 34.40 16.51
C LYS F 344 -80.55 34.82 17.72
N GLU F 345 -80.70 34.09 18.80
CA GLU F 345 -79.93 34.39 20.00
C GLU F 345 -78.42 34.26 19.73
N THR F 346 -78.03 33.30 18.89
CA THR F 346 -76.63 33.08 18.62
C THR F 346 -76.08 34.18 17.75
N LEU F 347 -76.84 34.57 16.73
CA LEU F 347 -76.39 35.62 15.83
C LEU F 347 -76.42 37.01 16.46
N ARG F 348 -77.17 37.14 17.55
CA ARG F 348 -77.19 38.36 18.33
C ARG F 348 -75.87 38.53 19.02
N LEU F 349 -75.44 37.49 19.74
CA LEU F 349 -74.14 37.47 20.41
C LEU F 349 -72.97 37.30 19.42
N TYR F 350 -73.08 36.37 18.48
CA TYR F 350 -71.97 36.10 17.57
C TYR F 350 -72.27 36.37 16.09
N PRO F 351 -72.21 37.65 15.68
CA PRO F 351 -72.55 38.07 14.32
C PRO F 351 -71.44 37.77 13.31
N VAL F 352 -71.67 36.75 12.51
CA VAL F 352 -70.72 36.32 11.48
C VAL F 352 -70.25 37.49 10.60
N GLY F 353 -71.19 38.19 10.01
CA GLY F 353 -70.88 39.46 9.37
C GLY F 353 -70.96 40.53 10.43
N LEU F 354 -69.81 41.05 10.86
CA LEU F 354 -69.75 42.08 11.89
C LEU F 354 -70.56 43.34 11.59
N PHE F 355 -70.48 43.80 10.32
CA PHE F 355 -71.01 45.09 9.90
C PHE F 355 -72.15 44.98 8.89
N LEU F 356 -73.01 45.98 8.93
CA LEU F 356 -73.88 46.31 7.82
C LEU F 356 -73.39 47.58 7.14
N GLU F 357 -73.49 47.62 5.81
CA GLU F 357 -72.76 48.59 5.01
C GLU F 357 -73.69 49.37 4.08
N ARG F 358 -73.75 50.69 4.24
CA ARG F 358 -74.50 51.54 3.29
C ARG F 358 -73.77 52.80 2.87
N VAL F 359 -73.63 52.98 1.56
CA VAL F 359 -73.25 54.27 0.97
C VAL F 359 -74.52 55.03 0.59
N VAL F 360 -74.94 55.88 1.51
CA VAL F 360 -76.18 56.62 1.46
C VAL F 360 -76.29 57.56 0.24
N SER F 361 -77.42 57.50 -0.48
CA SER F 361 -77.66 58.39 -1.62
C SER F 361 -78.61 59.56 -1.32
N SER F 362 -78.80 59.86 -0.03
CA SER F 362 -79.60 61.00 0.40
C SER F 362 -79.14 61.53 1.75
N ASP F 363 -78.84 62.83 1.79
CA ASP F 363 -78.65 63.53 3.06
C ASP F 363 -79.66 62.99 4.09
N LEU F 364 -79.21 62.81 5.34
CA LEU F 364 -80.09 62.39 6.42
C LEU F 364 -79.58 62.77 7.81
N VAL F 365 -80.33 62.38 8.83
CA VAL F 365 -79.94 62.62 10.22
C VAL F 365 -80.00 61.33 11.06
N LEU F 366 -78.93 61.05 11.78
CA LEU F 366 -78.89 59.99 12.76
C LEU F 366 -78.47 60.57 14.13
N GLN F 367 -79.33 60.40 15.14
CA GLN F 367 -79.03 60.87 16.51
C GLN F 367 -78.91 62.40 16.66
N ASN F 368 -79.48 63.12 15.69
CA ASN F 368 -79.37 64.59 15.58
C ASN F 368 -78.03 65.00 14.97
N TYR F 369 -77.70 64.38 13.83
CA TYR F 369 -76.48 64.71 13.10
C TYR F 369 -76.74 64.70 11.60
N HIS F 370 -76.21 65.68 10.91
CA HIS F 370 -76.35 65.73 9.44
C HIS F 370 -75.44 64.69 8.78
N ILE F 371 -76.08 63.73 8.13
CA ILE F 371 -75.36 62.80 7.29
C ILE F 371 -75.64 63.18 5.84
N PRO F 372 -74.61 63.59 5.10
CA PRO F 372 -74.79 63.90 3.68
C PRO F 372 -74.87 62.67 2.79
N ALA F 373 -75.15 62.89 1.50
CA ALA F 373 -75.04 61.82 0.51
C ALA F 373 -73.57 61.43 0.33
N GLY F 374 -73.35 60.14 0.09
CA GLY F 374 -72.00 59.62 -0.16
C GLY F 374 -71.30 59.21 1.11
N THR F 375 -71.99 59.30 2.23
CA THR F 375 -71.43 58.90 3.50
C THR F 375 -71.56 57.38 3.65
N LEU F 376 -70.49 56.74 4.09
CA LEU F 376 -70.52 55.32 4.41
C LEU F 376 -71.07 55.15 5.84
N VAL F 377 -72.20 54.45 5.97
CA VAL F 377 -72.77 54.22 7.29
C VAL F 377 -72.75 52.74 7.65
N GLN F 378 -72.36 52.48 8.90
CA GLN F 378 -72.05 51.16 9.41
C GLN F 378 -72.82 50.80 10.66
N VAL F 379 -73.41 49.62 10.65
CA VAL F 379 -74.02 49.09 11.83
C VAL F 379 -73.10 48.02 12.40
N PHE F 380 -72.75 48.19 13.67
CA PHE F 380 -71.88 47.27 14.34
C PHE F 380 -72.75 46.33 15.18
N LEU F 381 -72.97 45.14 14.62
CA LEU F 381 -73.92 44.18 15.16
C LEU F 381 -73.47 43.54 16.46
N TYR F 382 -72.17 43.53 16.71
CA TYR F 382 -71.66 43.08 17.98
C TYR F 382 -72.21 43.97 19.10
N SER F 383 -72.21 45.29 18.86
CA SER F 383 -72.58 46.25 19.89
C SER F 383 -74.08 46.40 20.00
N LEU F 384 -74.74 46.49 18.83
CA LEU F 384 -76.18 46.51 18.75
C LEU F 384 -76.77 45.34 19.49
N GLY F 385 -76.16 44.17 19.28
CA GLY F 385 -76.64 42.93 19.87
C GLY F 385 -76.34 42.81 21.34
N ARG F 386 -75.54 43.73 21.87
CA ARG F 386 -75.15 43.66 23.27
C ARG F 386 -75.62 44.88 24.06
N ASN F 387 -76.49 45.69 23.44
CA ASN F 387 -77.17 46.77 24.15
C ASN F 387 -78.17 46.26 25.18
N ALA F 388 -77.82 46.43 26.45
CA ALA F 388 -78.68 46.03 27.57
C ALA F 388 -80.03 46.68 27.48
N ALA F 389 -80.05 47.93 26.98
CA ALA F 389 -81.28 48.70 26.85
C ALA F 389 -82.35 48.00 25.98
N LEU F 390 -81.93 47.27 24.95
CA LEU F 390 -82.88 46.65 24.03
C LEU F 390 -82.91 45.12 24.15
N PHE F 391 -81.91 44.58 24.83
CA PHE F 391 -81.92 43.18 25.26
C PHE F 391 -81.50 43.10 26.71
N PRO F 392 -82.48 43.09 27.63
CA PRO F 392 -82.20 42.94 29.06
C PRO F 392 -81.53 41.60 29.38
N ARG F 393 -80.53 41.66 30.25
CA ARG F 393 -79.63 40.54 30.50
C ARG F 393 -79.02 40.06 29.15
N PRO F 394 -78.27 40.93 28.46
CA PRO F 394 -77.83 40.58 27.11
C PRO F 394 -76.77 39.47 27.05
N GLU F 395 -75.94 39.37 28.08
CA GLU F 395 -74.95 38.30 28.16
C GLU F 395 -75.60 37.00 28.66
N ARG F 396 -76.92 36.88 28.48
CA ARG F 396 -77.58 35.61 28.67
C ARG F 396 -78.11 35.04 27.37
N TYR F 397 -77.81 33.77 27.12
CA TYR F 397 -78.34 33.05 25.98
C TYR F 397 -79.71 32.59 26.37
N ASN F 398 -80.71 33.07 25.64
CA ASN F 398 -82.11 32.88 25.99
C ASN F 398 -82.99 33.03 24.77
N PRO F 399 -83.29 31.91 24.10
CA PRO F 399 -84.12 32.00 22.90
C PRO F 399 -85.51 32.52 23.26
N GLN F 400 -85.97 32.20 24.47
CA GLN F 400 -87.27 32.64 25.00
C GLN F 400 -87.51 34.16 24.89
N ARG F 401 -86.40 34.90 24.83
CA ARG F 401 -86.40 36.35 24.61
C ARG F 401 -87.00 36.76 23.27
N TRP F 402 -87.05 35.87 22.29
CA TRP F 402 -87.55 36.23 20.96
C TRP F 402 -89.02 35.90 20.78
N LEU F 403 -89.66 35.43 21.85
CA LEU F 403 -91.10 35.17 21.83
C LEU F 403 -91.93 36.29 22.51
N ASP F 404 -91.30 37.46 22.70
CA ASP F 404 -91.96 38.67 23.26
C ASP F 404 -91.70 39.88 22.35
N PHE F 412 -87.33 45.42 14.24
CA PHE F 412 -86.03 45.51 13.59
C PHE F 412 -84.82 45.29 14.55
N HIS F 413 -85.01 44.38 15.49
CA HIS F 413 -83.96 43.93 16.41
C HIS F 413 -83.15 42.75 15.85
N HIS F 414 -83.72 42.06 14.86
CA HIS F 414 -83.05 40.91 14.24
C HIS F 414 -82.54 41.29 12.85
N VAL F 415 -81.28 41.74 12.82
CA VAL F 415 -80.67 42.29 11.60
C VAL F 415 -79.40 41.57 11.08
N PRO F 416 -78.90 40.56 11.81
CA PRO F 416 -77.75 39.77 11.38
C PRO F 416 -77.65 39.47 9.89
N PHE F 417 -78.76 39.43 9.18
CA PHE F 417 -78.71 39.13 7.75
C PHE F 417 -78.86 40.37 6.87
N GLY F 418 -78.91 41.54 7.50
CA GLY F 418 -79.17 42.78 6.79
C GLY F 418 -80.63 43.17 6.82
N PHE F 419 -81.04 44.00 5.85
CA PHE F 419 -82.39 44.51 5.79
C PHE F 419 -82.74 44.93 4.37
N GLY F 420 -84.04 44.98 4.10
CA GLY F 420 -84.53 45.47 2.81
C GLY F 420 -84.03 44.66 1.64
N MET F 421 -84.48 45.01 0.45
CA MET F 421 -84.19 44.22 -0.75
C MET F 421 -82.76 43.65 -0.88
N ARG F 422 -81.84 44.13 -0.04
CA ARG F 422 -80.42 43.73 -0.07
C ARG F 422 -80.02 42.65 0.95
N GLN F 423 -80.99 42.20 1.76
CA GLN F 423 -80.70 41.33 2.92
C GLN F 423 -80.39 39.96 2.42
N CYS F 424 -79.47 39.30 3.12
CA CYS F 424 -78.81 38.03 2.72
C CYS F 424 -79.64 37.11 1.83
N LEU F 425 -79.10 36.86 0.64
CA LEU F 425 -79.70 35.95 -0.34
C LEU F 425 -79.73 34.49 0.13
N GLY F 426 -78.83 34.12 1.03
CA GLY F 426 -78.69 32.74 1.49
C GLY F 426 -79.23 32.53 2.90
N ARG F 427 -79.84 33.57 3.44
CA ARG F 427 -80.43 33.54 4.76
C ARG F 427 -81.22 32.26 4.98
N ARG F 428 -82.13 31.93 4.08
CA ARG F 428 -83.02 30.81 4.33
C ARG F 428 -82.38 29.44 4.16
N LEU F 429 -81.57 29.29 3.13
CA LEU F 429 -80.68 28.13 3.03
C LEU F 429 -79.82 27.94 4.30
N ALA F 430 -79.13 29.00 4.72
CA ALA F 430 -78.33 28.95 5.94
C ALA F 430 -79.14 28.55 7.16
N GLU F 431 -80.33 29.13 7.27
CA GLU F 431 -81.25 28.86 8.36
C GLU F 431 -81.71 27.41 8.36
N ALA F 432 -81.92 26.85 7.17
CA ALA F 432 -82.30 25.45 7.02
C ALA F 432 -81.22 24.48 7.48
N GLU F 433 -79.98 24.75 7.08
CA GLU F 433 -78.86 23.91 7.49
C GLU F 433 -78.65 23.97 9.00
N MET F 434 -78.65 25.17 9.59
CA MET F 434 -78.39 25.24 11.02
C MET F 434 -79.48 24.52 11.78
N LEU F 435 -80.72 24.77 11.40
CA LEU F 435 -81.87 24.31 12.16
C LEU F 435 -82.04 22.81 12.11
N LEU F 436 -81.90 22.24 10.92
CA LEU F 436 -82.09 20.82 10.74
C LEU F 436 -80.96 19.96 11.30
N LEU F 437 -79.73 20.47 11.27
CA LEU F 437 -78.66 19.78 11.96
C LEU F 437 -78.97 19.76 13.44
N LEU F 438 -79.33 20.92 14.00
CA LEU F 438 -79.51 21.01 15.44
C LEU F 438 -80.70 20.17 15.85
N HIS F 439 -81.63 19.98 14.91
CA HIS F 439 -82.83 19.23 15.23
C HIS F 439 -82.40 17.80 15.58
N HIS F 440 -81.73 17.15 14.64
CA HIS F 440 -81.32 15.76 14.81
C HIS F 440 -80.28 15.53 15.88
N VAL F 441 -79.37 16.47 16.09
CA VAL F 441 -78.43 16.31 17.18
C VAL F 441 -79.21 16.21 18.51
N LEU F 442 -80.12 17.16 18.74
CA LEU F 442 -80.91 17.22 19.96
C LEU F 442 -81.85 16.00 20.19
N LYS F 443 -82.29 15.38 19.12
CA LYS F 443 -83.07 14.19 19.28
C LYS F 443 -82.18 13.11 19.84
N HIS F 444 -80.96 13.02 19.30
CA HIS F 444 -80.10 11.87 19.59
C HIS F 444 -79.11 12.02 20.75
N PHE F 445 -78.51 13.19 20.90
CA PHE F 445 -77.40 13.36 21.85
C PHE F 445 -77.63 14.41 22.91
N LEU F 446 -77.02 14.24 24.07
CA LEU F 446 -76.78 15.34 24.99
C LEU F 446 -75.49 16.03 24.53
N VAL F 447 -75.32 17.30 24.86
CA VAL F 447 -74.10 18.01 24.48
C VAL F 447 -73.47 18.60 25.72
N GLU F 448 -72.18 18.31 25.95
CA GLU F 448 -71.55 18.66 27.22
C GLU F 448 -70.13 19.23 27.07
N THR F 449 -69.82 20.34 27.75
CA THR F 449 -68.40 20.74 27.98
C THR F 449 -68.07 21.04 29.39
N LEU F 450 -66.77 20.92 29.65
CA LEU F 450 -66.17 21.37 30.87
C LEU F 450 -65.77 22.82 30.63
N THR F 451 -65.54 23.16 29.36
CA THR F 451 -65.27 24.53 28.97
C THR F 451 -66.49 25.41 29.19
N GLN F 452 -66.43 26.26 30.21
CA GLN F 452 -67.52 27.17 30.52
C GLN F 452 -67.17 28.65 30.31
N GLU F 453 -65.87 28.95 30.21
CA GLU F 453 -65.40 30.31 29.94
C GLU F 453 -65.70 30.74 28.50
N ASP F 454 -66.08 32.00 28.33
CA ASP F 454 -66.47 32.55 27.03
C ASP F 454 -65.43 32.21 25.97
N ILE F 455 -65.88 32.03 24.73
CA ILE F 455 -64.97 31.79 23.61
C ILE F 455 -64.46 33.12 23.06
N LYS F 456 -63.14 33.24 22.93
CA LYS F 456 -62.54 34.45 22.39
C LYS F 456 -62.76 34.54 20.88
N MET F 457 -63.37 35.64 20.47
CA MET F 457 -63.74 35.85 19.07
C MET F 457 -62.66 36.63 18.38
N VAL F 458 -62.66 36.57 17.05
CA VAL F 458 -61.57 37.09 16.23
C VAL F 458 -62.17 37.64 14.97
N TYR F 459 -61.94 38.94 14.70
CA TYR F 459 -62.33 39.48 13.41
C TYR F 459 -61.34 38.99 12.40
N SER F 460 -61.86 38.49 11.29
CA SER F 460 -61.05 38.12 10.16
C SER F 460 -61.91 38.16 8.95
N PHE F 461 -62.28 39.38 8.58
CA PHE F 461 -63.35 39.71 7.62
C PHE F 461 -64.74 39.31 8.07
N ILE F 462 -64.88 38.07 8.58
CA ILE F 462 -66.07 37.65 9.33
C ILE F 462 -65.71 37.39 10.78
N LEU F 463 -66.55 37.79 11.71
CA LEU F 463 -66.31 37.50 13.13
C LEU F 463 -66.44 35.99 13.42
N ARG F 464 -65.35 35.34 13.82
CA ARG F 464 -65.34 33.90 14.16
C ARG F 464 -64.82 33.58 15.56
N PRO F 465 -64.97 32.33 16.02
CA PRO F 465 -64.24 31.95 17.23
C PRO F 465 -62.76 31.70 16.93
N GLY F 466 -61.92 32.05 17.88
CA GLY F 466 -60.49 31.88 17.70
C GLY F 466 -60.12 30.48 18.10
N THR F 467 -61.01 29.85 18.85
CA THR F 467 -60.77 28.59 19.50
C THR F 467 -61.96 27.66 19.17
N SER F 468 -61.84 26.36 19.44
CA SER F 468 -62.97 25.44 19.29
C SER F 468 -63.06 24.51 20.48
N PRO F 469 -64.04 24.75 21.36
CA PRO F 469 -64.00 23.99 22.61
C PRO F 469 -64.34 22.53 22.40
N LEU F 470 -63.72 21.68 23.20
CA LEU F 470 -63.83 20.23 23.09
C LEU F 470 -65.20 19.78 23.59
N LEU F 471 -66.06 19.31 22.69
CA LEU F 471 -67.47 18.96 23.06
C LEU F 471 -67.77 17.48 23.17
N THR F 472 -68.63 17.09 24.11
CA THR F 472 -69.06 15.70 24.27
C THR F 472 -70.46 15.45 23.75
N PHE F 473 -70.59 14.46 22.88
CA PHE F 473 -71.89 14.06 22.38
C PHE F 473 -72.21 12.72 22.97
N ARG F 474 -73.20 12.71 23.87
CA ARG F 474 -73.54 11.51 24.66
C ARG F 474 -74.90 10.95 24.24
N ALA F 475 -74.91 9.69 23.82
CA ALA F 475 -76.13 9.04 23.33
C ALA F 475 -77.18 8.98 24.42
N ILE F 476 -78.35 9.56 24.13
CA ILE F 476 -79.49 9.52 25.04
C ILE F 476 -80.05 8.10 25.11
N ASN F 477 -80.16 7.48 23.95
CA ASN F 477 -80.55 6.09 23.87
C ASN F 477 -79.58 5.32 22.97
N HIS F 478 -78.97 4.28 23.53
CA HIS F 478 -77.94 3.48 22.85
C HIS F 478 -78.45 2.64 21.66
N HIS F 479 -78.94 3.31 20.62
CA HIS F 479 -79.37 2.66 19.37
C HIS F 479 -79.00 3.50 18.14
N HIS F 480 -78.57 2.84 17.06
CA HIS F 480 -78.03 3.54 15.88
C HIS F 480 -79.03 4.46 15.18
N HIS F 481 -80.28 4.02 15.06
CA HIS F 481 -81.34 4.79 14.40
C HIS F 481 -82.30 5.58 15.32
N HIS F 482 -82.66 5.02 16.47
CA HIS F 482 -83.71 5.61 17.30
C HIS F 482 -83.12 6.52 18.37
N HIS F 483 -83.82 7.59 18.68
CA HIS F 483 -83.37 8.54 19.70
C HIS F 483 -83.85 8.26 21.14
N THR G 8 13.99 12.67 -54.16
CA THR G 8 13.79 11.19 -54.08
C THR G 8 14.45 10.64 -52.80
N VAL G 9 14.25 11.36 -51.69
CA VAL G 9 14.81 11.06 -50.37
C VAL G 9 13.95 10.05 -49.58
N LEU G 10 14.56 8.91 -49.25
CA LEU G 10 13.83 7.71 -48.83
C LEU G 10 13.37 7.71 -47.38
N PRO G 11 12.29 6.96 -47.07
CA PRO G 11 11.82 6.84 -45.69
C PRO G 11 12.74 5.96 -44.85
N PHE G 12 12.62 6.07 -43.53
CA PHE G 12 13.45 5.30 -42.60
C PHE G 12 13.42 3.79 -42.86
N GLU G 13 12.22 3.26 -43.08
CA GLU G 13 12.00 1.81 -43.21
C GLU G 13 12.50 1.26 -44.54
N ALA G 14 13.07 2.12 -45.38
CA ALA G 14 13.61 1.70 -46.68
C ALA G 14 15.06 1.27 -46.54
N MET G 15 15.59 1.43 -45.33
CA MET G 15 16.98 1.12 -45.01
C MET G 15 17.18 -0.39 -44.81
N PRO G 16 18.29 -0.94 -45.35
CA PRO G 16 18.61 -2.35 -45.11
C PRO G 16 18.61 -2.67 -43.61
N GLN G 17 18.23 -3.88 -43.25
CA GLN G 17 18.12 -4.23 -41.85
C GLN G 17 19.17 -5.26 -41.47
N HIS G 18 19.94 -4.95 -40.43
CA HIS G 18 20.86 -5.89 -39.83
C HIS G 18 20.06 -7.12 -39.37
N PRO G 19 20.33 -8.31 -39.97
CA PRO G 19 19.51 -9.52 -39.75
C PRO G 19 19.36 -9.94 -38.28
N GLY G 20 20.19 -9.39 -37.41
CA GLY G 20 20.09 -9.60 -35.96
C GLY G 20 18.83 -9.06 -35.32
N ASN G 21 18.47 -9.65 -34.17
CA ASN G 21 17.17 -9.44 -33.53
C ASN G 21 17.25 -8.80 -32.14
N ARG G 22 16.08 -8.59 -31.55
CA ARG G 22 15.97 -8.32 -30.12
C ARG G 22 16.49 -9.57 -29.40
N TRP G 23 16.65 -10.65 -30.18
CA TRP G 23 17.05 -11.96 -29.66
C TRP G 23 18.54 -12.25 -29.70
N LEU G 24 19.16 -12.16 -30.89
CA LEU G 24 20.58 -12.52 -31.05
C LEU G 24 21.50 -11.96 -29.97
N ARG G 25 21.27 -10.69 -29.59
CA ARG G 25 22.04 -10.02 -28.56
C ARG G 25 22.04 -10.78 -27.24
N LEU G 26 20.92 -11.42 -26.92
CA LEU G 26 20.78 -12.16 -25.67
C LEU G 26 21.24 -13.63 -25.74
N LEU G 27 21.18 -14.22 -26.93
CA LEU G 27 21.65 -15.58 -27.13
C LEU G 27 23.18 -15.61 -26.99
N GLN G 28 23.83 -14.71 -27.73
CA GLN G 28 25.28 -14.54 -27.72
C GLN G 28 25.83 -14.25 -26.32
N ILE G 29 25.15 -13.40 -25.56
CA ILE G 29 25.60 -13.01 -24.20
C ILE G 29 25.45 -14.14 -23.16
N TRP G 30 24.51 -15.05 -23.36
CA TRP G 30 24.28 -16.13 -22.41
C TRP G 30 25.10 -17.37 -22.73
N ARG G 31 25.38 -17.56 -24.02
CA ARG G 31 26.17 -18.68 -24.53
C ARG G 31 27.67 -18.59 -24.17
N GLU G 32 28.25 -17.38 -24.29
CA GLU G 32 29.69 -17.14 -24.12
C GLU G 32 30.04 -16.18 -22.98
N GLN G 33 29.01 -15.52 -22.42
CA GLN G 33 29.18 -14.51 -21.36
C GLN G 33 29.98 -13.27 -21.82
N GLY G 34 29.62 -12.73 -22.98
CA GLY G 34 30.35 -11.65 -23.63
C GLY G 34 30.28 -11.72 -25.15
N TYR G 35 30.64 -10.62 -25.80
CA TYR G 35 30.40 -10.45 -27.24
C TYR G 35 31.69 -10.07 -27.93
N GLU G 36 32.66 -10.97 -27.93
CA GLU G 36 34.02 -10.65 -28.32
C GLU G 36 34.20 -10.33 -29.81
N HIS G 37 33.31 -10.84 -30.65
CA HIS G 37 33.50 -10.68 -32.08
C HIS G 37 32.68 -9.54 -32.67
N LEU G 38 32.07 -8.73 -31.78
CA LEU G 38 31.10 -7.69 -32.18
C LEU G 38 31.55 -6.81 -33.35
N HIS G 39 32.85 -6.55 -33.45
CA HIS G 39 33.38 -5.71 -34.50
C HIS G 39 33.43 -6.43 -35.83
N LEU G 40 33.74 -7.73 -35.81
CA LEU G 40 33.86 -8.49 -37.05
C LEU G 40 32.48 -8.85 -37.61
N GLU G 41 31.48 -8.85 -36.72
CA GLU G 41 30.10 -8.98 -37.11
C GLU G 41 29.66 -7.73 -37.86
N MET G 42 29.66 -6.59 -37.17
CA MET G 42 29.26 -5.32 -37.76
C MET G 42 30.06 -4.95 -39.01
N HIS G 43 31.31 -5.39 -39.06
CA HIS G 43 32.15 -5.15 -40.24
C HIS G 43 31.66 -5.97 -41.43
N GLN G 44 31.13 -7.15 -41.18
CA GLN G 44 30.62 -7.94 -42.31
C GLN G 44 29.21 -7.47 -42.70
N THR G 45 28.39 -7.15 -41.72
CA THR G 45 27.10 -6.60 -42.02
C THR G 45 27.28 -5.38 -42.92
N PHE G 46 28.35 -4.60 -42.68
CA PHE G 46 28.72 -3.49 -43.55
C PHE G 46 29.20 -3.94 -44.93
N GLN G 47 29.94 -5.05 -45.01
CA GLN G 47 30.37 -5.57 -46.31
C GLN G 47 29.14 -6.03 -47.12
N GLU G 48 28.09 -6.44 -46.41
CA GLU G 48 26.91 -7.06 -47.01
C GLU G 48 25.76 -6.12 -47.37
N LEU G 49 25.58 -5.06 -46.60
CA LEU G 49 24.45 -4.15 -46.82
C LEU G 49 24.94 -2.80 -47.29
N GLY G 50 26.25 -2.63 -47.34
CA GLY G 50 26.88 -1.35 -47.66
C GLY G 50 27.05 -0.45 -46.44
N PRO G 51 27.28 0.86 -46.67
CA PRO G 51 27.70 1.80 -45.64
C PRO G 51 26.67 2.21 -44.58
N ILE G 52 25.44 1.71 -44.65
CA ILE G 52 24.41 2.10 -43.67
C ILE G 52 23.30 1.06 -43.49
N PHE G 53 22.90 0.82 -42.23
CA PHE G 53 21.79 -0.09 -41.91
C PHE G 53 21.16 0.14 -40.53
N ARG G 54 19.99 -0.45 -40.32
CA ARG G 54 19.26 -0.33 -39.05
C ARG G 54 19.30 -1.62 -38.23
N TYR G 55 19.43 -1.47 -36.90
CA TYR G 55 19.44 -2.60 -35.98
C TYR G 55 18.06 -2.75 -35.39
N ASN G 56 17.64 -4.00 -35.16
CA ASN G 56 16.30 -4.29 -34.66
C ASN G 56 16.01 -3.60 -33.33
N LEU G 57 16.80 -3.95 -32.30
CA LEU G 57 16.63 -3.42 -30.94
C LEU G 57 15.24 -3.77 -30.35
N GLY G 58 14.40 -4.42 -31.16
CA GLY G 58 13.02 -4.78 -30.78
C GLY G 58 12.13 -3.60 -30.40
N GLY G 59 12.72 -2.41 -30.34
CA GLY G 59 12.04 -1.20 -29.90
C GLY G 59 12.39 -0.03 -30.79
N PRO G 60 12.82 1.10 -30.18
CA PRO G 60 13.11 2.35 -30.89
C PRO G 60 14.02 2.22 -32.13
N ARG G 61 14.08 3.29 -32.91
CA ARG G 61 14.85 3.32 -34.15
C ARG G 61 16.34 3.48 -33.85
N MET G 62 17.18 2.65 -34.48
CA MET G 62 18.65 2.79 -34.37
C MET G 62 19.40 2.46 -35.67
N VAL G 63 20.49 3.19 -35.93
CA VAL G 63 21.21 3.14 -37.21
C VAL G 63 22.73 3.08 -37.04
N CYS G 64 23.41 2.30 -37.89
CA CYS G 64 24.88 2.16 -37.86
C CYS G 64 25.54 2.66 -39.13
N VAL G 65 26.48 3.59 -39.01
CA VAL G 65 27.16 4.14 -40.18
C VAL G 65 28.67 4.09 -40.00
N MET G 66 29.41 4.29 -41.10
CA MET G 66 30.88 4.19 -41.07
C MET G 66 31.62 5.06 -42.10
N LEU G 67 31.13 6.26 -42.35
CA LEU G 67 31.80 7.19 -43.25
C LEU G 67 31.94 8.58 -42.66
N PRO G 68 33.12 9.21 -42.80
CA PRO G 68 33.37 10.59 -42.40
C PRO G 68 32.23 11.51 -42.80
N GLU G 69 31.88 11.46 -44.08
CA GLU G 69 30.65 12.02 -44.66
C GLU G 69 29.49 12.16 -43.65
N ASP G 70 29.29 11.10 -42.86
CA ASP G 70 28.15 11.01 -41.95
C ASP G 70 28.50 11.46 -40.51
N VAL G 71 29.79 11.57 -40.21
CA VAL G 71 30.25 12.06 -38.92
C VAL G 71 30.14 13.59 -38.90
N GLU G 72 30.41 14.20 -40.06
CA GLU G 72 30.23 15.64 -40.27
C GLU G 72 28.74 15.92 -40.17
N LYS G 73 27.97 15.10 -40.89
CA LYS G 73 26.53 15.24 -40.91
C LYS G 73 25.92 14.93 -39.55
N LEU G 74 26.73 14.36 -38.67
CA LEU G 74 26.33 14.12 -37.27
C LEU G 74 26.81 15.24 -36.32
N GLN G 75 27.93 15.87 -36.62
CA GLN G 75 28.35 17.02 -35.83
C GLN G 75 27.42 18.19 -36.08
N GLN G 76 27.05 18.37 -37.35
CA GLN G 76 26.16 19.42 -37.83
C GLN G 76 24.89 19.58 -36.97
N VAL G 77 24.37 18.45 -36.50
CA VAL G 77 23.12 18.38 -35.77
C VAL G 77 23.33 18.07 -34.28
N ASP G 78 24.57 18.22 -33.82
CA ASP G 78 24.80 18.21 -32.37
C ASP G 78 24.13 19.44 -31.81
N SER G 79 23.29 19.23 -30.81
CA SER G 79 22.59 20.33 -30.16
C SER G 79 23.58 21.13 -29.35
N LEU G 80 23.06 21.91 -28.41
CA LEU G 80 23.89 22.49 -27.39
C LEU G 80 24.20 21.40 -26.36
N HIS G 81 23.33 20.40 -26.27
CA HIS G 81 23.48 19.31 -25.30
C HIS G 81 23.40 17.93 -25.96
N PRO G 82 24.42 17.60 -26.78
CA PRO G 82 24.45 16.33 -27.49
C PRO G 82 24.45 15.14 -26.55
N CYS G 83 23.58 14.19 -26.86
CA CYS G 83 23.31 13.06 -26.01
C CYS G 83 23.90 11.80 -26.56
N ARG G 84 24.39 10.97 -25.65
CA ARG G 84 24.65 9.58 -25.92
C ARG G 84 23.86 8.78 -24.89
N MET G 85 23.39 7.60 -25.28
CA MET G 85 22.46 6.82 -24.45
C MET G 85 23.01 6.63 -23.05
N ILE G 86 22.22 6.92 -22.02
CA ILE G 86 22.70 6.74 -20.66
C ILE G 86 23.18 5.30 -20.49
N LEU G 87 24.34 5.10 -19.88
CA LEU G 87 24.85 3.75 -19.71
C LEU G 87 24.38 3.17 -18.37
N GLU G 88 23.28 2.42 -18.41
CA GLU G 88 22.55 1.99 -17.20
C GLU G 88 23.41 1.32 -16.12
N PRO G 89 24.24 0.33 -16.49
CA PRO G 89 24.95 -0.33 -15.40
C PRO G 89 25.83 0.66 -14.63
N TRP G 90 26.49 1.54 -15.37
CA TRP G 90 27.37 2.55 -14.81
C TRP G 90 26.62 3.63 -14.02
N VAL G 91 25.46 4.02 -14.53
CA VAL G 91 24.61 4.99 -13.82
C VAL G 91 23.96 4.38 -12.57
N ALA G 92 23.59 3.10 -12.67
CA ALA G 92 23.01 2.34 -11.57
C ALA G 92 23.90 2.35 -10.32
N TYR G 93 25.21 2.18 -10.52
CA TYR G 93 26.18 2.23 -9.39
C TYR G 93 26.20 3.57 -8.67
N ARG G 94 26.27 4.65 -9.43
CA ARG G 94 26.35 6.00 -8.86
C ARG G 94 25.16 6.33 -7.93
N GLN G 95 23.95 5.99 -8.36
CA GLN G 95 22.77 6.31 -7.55
C GLN G 95 22.61 5.37 -6.34
N HIS G 96 22.99 4.10 -6.51
CA HIS G 96 23.02 3.15 -5.38
C HIS G 96 24.19 3.32 -4.39
N ARG G 97 24.92 4.42 -4.51
CA ARG G 97 25.92 4.82 -3.51
C ARG G 97 25.79 6.30 -3.25
N GLY G 98 24.77 6.91 -3.84
CA GLY G 98 24.57 8.34 -3.76
C GLY G 98 25.78 9.12 -4.24
N HIS G 99 26.36 8.71 -5.38
CA HIS G 99 27.39 9.52 -6.02
C HIS G 99 26.76 10.29 -7.14
N LYS G 100 27.34 11.45 -7.47
CA LYS G 100 26.89 12.19 -8.63
C LYS G 100 27.61 11.70 -9.90
N CYS G 101 27.09 12.06 -11.08
CA CYS G 101 27.67 11.57 -12.32
C CYS G 101 28.69 12.50 -12.95
N GLY G 102 29.66 11.89 -13.62
CA GLY G 102 30.63 12.66 -14.39
C GLY G 102 30.21 12.84 -15.83
N VAL G 103 30.82 13.84 -16.45
CA VAL G 103 30.75 14.16 -17.87
C VAL G 103 30.62 12.97 -18.82
N PHE G 104 31.26 11.85 -18.50
CA PHE G 104 31.20 10.72 -19.40
C PHE G 104 29.80 10.11 -19.40
N LEU G 105 29.09 10.28 -18.28
CA LEU G 105 27.78 9.66 -18.08
C LEU G 105 26.61 10.64 -17.96
N LEU G 106 26.89 11.93 -18.13
CA LEU G 106 25.89 12.98 -18.01
C LEU G 106 25.37 13.41 -19.36
N ASN G 107 24.05 13.68 -19.45
CA ASN G 107 23.44 14.39 -20.60
C ASN G 107 22.92 15.77 -20.20
N GLY G 108 22.46 16.54 -21.18
CA GLY G 108 21.77 17.80 -20.88
C GLY G 108 22.65 18.91 -20.34
N PRO G 109 22.04 19.87 -19.62
CA PRO G 109 22.72 21.03 -19.06
C PRO G 109 23.64 20.66 -17.91
N GLU G 110 23.27 19.61 -17.18
CA GLU G 110 24.14 19.08 -16.14
C GLU G 110 25.52 18.76 -16.74
N TRP G 111 25.52 18.02 -17.85
CA TRP G 111 26.72 17.75 -18.62
C TRP G 111 27.46 19.04 -18.94
N ARG G 112 26.77 19.95 -19.61
CA ARG G 112 27.41 21.17 -20.10
C ARG G 112 28.09 21.98 -18.99
N PHE G 113 27.45 22.01 -17.82
CA PHE G 113 27.95 22.79 -16.71
C PHE G 113 29.30 22.23 -16.22
N ASN G 114 29.39 20.90 -16.14
CA ASN G 114 30.63 20.23 -15.74
C ASN G 114 31.71 20.40 -16.81
N ARG G 115 31.39 20.01 -18.04
CA ARG G 115 32.32 20.05 -19.17
C ARG G 115 33.00 21.42 -19.32
N LEU G 116 32.22 22.49 -19.19
CA LEU G 116 32.77 23.82 -19.38
C LEU G 116 33.71 24.18 -18.25
N ARG G 117 33.55 23.49 -17.13
CA ARG G 117 34.39 23.75 -15.96
C ARG G 117 35.57 22.77 -15.90
N LEU G 118 35.58 21.83 -16.84
CA LEU G 118 36.64 20.85 -16.92
C LEU G 118 37.65 21.13 -18.02
N ASN G 119 37.19 21.66 -19.17
CA ASN G 119 38.05 21.89 -20.35
C ASN G 119 39.30 22.72 -20.03
N PRO G 120 39.14 23.85 -19.32
CA PRO G 120 40.32 24.67 -18.96
C PRO G 120 41.51 23.86 -18.43
N ASP G 121 41.24 22.87 -17.58
CA ASP G 121 42.31 22.19 -16.83
C ASP G 121 42.67 20.75 -17.19
N VAL G 122 41.88 20.13 -18.05
CA VAL G 122 42.14 18.77 -18.55
C VAL G 122 42.53 18.78 -20.03
N LEU G 123 41.91 19.67 -20.81
CA LEU G 123 42.03 19.67 -22.26
C LEU G 123 42.81 20.86 -22.80
N SER G 124 42.53 22.06 -22.27
CA SER G 124 43.01 23.34 -22.82
C SER G 124 44.53 23.48 -22.85
N PRO G 125 45.11 23.85 -24.02
CA PRO G 125 46.56 23.97 -24.26
C PRO G 125 47.34 24.53 -23.07
N LYS G 126 46.70 25.38 -22.28
CA LYS G 126 47.28 25.86 -21.02
C LYS G 126 47.66 24.69 -20.12
N ALA G 127 46.70 23.81 -19.85
CA ALA G 127 46.89 22.63 -19.00
C ALA G 127 47.93 21.61 -19.49
N VAL G 128 47.89 21.27 -20.78
CA VAL G 128 48.93 20.44 -21.40
C VAL G 128 50.34 20.99 -21.16
N GLN G 129 50.50 22.29 -21.36
CA GLN G 129 51.79 22.94 -21.20
C GLN G 129 52.39 22.70 -19.80
N ARG G 130 51.55 22.58 -18.78
CA ARG G 130 52.04 22.40 -17.42
C ARG G 130 52.18 20.94 -16.99
N PHE G 131 51.29 20.08 -17.46
CA PHE G 131 51.39 18.68 -17.04
C PHE G 131 52.34 17.82 -17.85
N LEU G 132 52.53 18.19 -19.12
CA LEU G 132 53.44 17.49 -20.03
C LEU G 132 54.84 17.28 -19.47
N PRO G 133 55.48 18.32 -18.89
CA PRO G 133 56.80 18.04 -18.29
C PRO G 133 56.78 16.92 -17.26
N MET G 134 55.65 16.68 -16.60
CA MET G 134 55.56 15.62 -15.59
C MET G 134 55.42 14.23 -16.23
N VAL G 135 54.56 14.14 -17.24
CA VAL G 135 54.43 12.94 -18.07
C VAL G 135 55.79 12.60 -18.68
N ASP G 136 56.47 13.62 -19.16
CA ASP G 136 57.80 13.46 -19.71
C ASP G 136 58.77 12.72 -18.77
N ALA G 137 58.81 13.12 -17.49
CA ALA G 137 59.71 12.49 -16.52
C ALA G 137 59.41 11.00 -16.30
N VAL G 138 58.12 10.63 -16.34
CA VAL G 138 57.73 9.24 -16.20
C VAL G 138 58.19 8.43 -17.42
N ALA G 139 58.03 8.99 -18.61
CA ALA G 139 58.45 8.32 -19.82
C ALA G 139 59.97 8.19 -19.87
N ARG G 140 60.68 9.25 -19.47
CA ARG G 140 62.14 9.19 -19.30
C ARG G 140 62.48 8.07 -18.33
N ASP G 141 61.72 7.97 -17.25
CA ASP G 141 61.91 6.91 -16.26
C ASP G 141 61.61 5.52 -16.80
N PHE G 142 60.68 5.43 -17.74
CA PHE G 142 60.40 4.16 -18.33
C PHE G 142 61.64 3.72 -19.09
N SER G 143 62.17 4.55 -19.97
CA SER G 143 63.36 4.17 -20.73
C SER G 143 64.57 3.82 -19.86
N GLN G 144 64.80 4.61 -18.81
CA GLN G 144 65.84 4.34 -17.85
C GLN G 144 65.69 2.93 -17.28
N ALA G 145 64.47 2.58 -16.88
CA ALA G 145 64.23 1.30 -16.21
C ALA G 145 64.51 0.13 -17.12
N LEU G 146 64.05 0.23 -18.35
CA LEU G 146 64.25 -0.80 -19.35
C LEU G 146 65.74 -0.88 -19.68
N LYS G 147 66.36 0.26 -19.91
CA LYS G 147 67.79 0.33 -20.08
C LYS G 147 68.53 -0.52 -19.03
N LYS G 148 68.25 -0.29 -17.75
CA LYS G 148 68.93 -1.01 -16.65
C LYS G 148 68.79 -2.54 -16.75
N LYS G 149 67.62 -3.03 -17.15
CA LYS G 149 67.36 -4.46 -17.29
C LYS G 149 68.06 -5.07 -18.51
N VAL G 150 68.12 -4.28 -19.58
CA VAL G 150 68.83 -4.64 -20.81
C VAL G 150 70.33 -4.88 -20.52
N LEU G 151 70.94 -3.95 -19.78
CA LEU G 151 72.35 -3.98 -19.41
C LEU G 151 72.83 -5.31 -18.79
N GLN G 152 72.00 -5.91 -17.95
CA GLN G 152 72.41 -7.13 -17.28
C GLN G 152 72.22 -8.38 -18.16
N ASN G 153 71.69 -8.21 -19.36
CA ASN G 153 71.61 -9.31 -20.33
C ASN G 153 72.75 -9.30 -21.35
N ALA G 154 73.33 -10.48 -21.57
CA ALA G 154 74.51 -10.61 -22.41
C ALA G 154 74.38 -10.04 -23.83
N ARG G 155 73.19 -10.12 -24.43
CA ARG G 155 72.95 -9.62 -25.81
C ARG G 155 72.63 -8.11 -25.92
N GLY G 156 72.62 -7.42 -24.78
CA GLY G 156 72.23 -6.02 -24.72
C GLY G 156 70.77 -5.76 -25.09
N SER G 157 69.86 -6.60 -24.59
CA SER G 157 68.45 -6.48 -24.92
C SER G 157 67.48 -7.21 -24.01
N LEU G 158 66.25 -6.72 -23.92
CA LEU G 158 65.21 -7.36 -23.13
C LEU G 158 64.11 -7.86 -24.02
N THR G 159 63.82 -9.14 -23.91
CA THR G 159 62.72 -9.71 -24.66
C THR G 159 61.59 -10.06 -23.71
N LEU G 160 60.43 -9.45 -23.94
CA LEU G 160 59.29 -9.60 -23.04
C LEU G 160 57.92 -9.19 -23.65
N ASP G 161 56.86 -9.57 -22.92
CA ASP G 161 55.53 -9.01 -23.04
C ASP G 161 55.45 -7.72 -22.19
N VAL G 162 55.32 -6.56 -22.84
CA VAL G 162 55.31 -5.22 -22.17
C VAL G 162 53.97 -4.70 -21.63
N GLN G 163 52.86 -5.37 -21.94
CA GLN G 163 51.54 -4.95 -21.46
C GLN G 163 51.50 -4.56 -19.98
N PRO G 164 52.02 -5.43 -19.07
CA PRO G 164 51.98 -5.03 -17.65
C PRO G 164 52.71 -3.73 -17.39
N SER G 165 53.97 -3.64 -17.80
CA SER G 165 54.73 -2.42 -17.56
C SER G 165 54.14 -1.20 -18.29
N ILE G 166 53.57 -1.40 -19.48
CA ILE G 166 52.91 -0.30 -20.19
C ILE G 166 51.69 0.18 -19.40
N PHE G 167 50.85 -0.73 -18.95
CA PHE G 167 49.74 -0.37 -18.10
C PHE G 167 50.19 0.42 -16.87
N HIS G 168 51.28 -0.03 -16.24
CA HIS G 168 51.74 0.65 -15.02
C HIS G 168 52.38 1.98 -15.36
N TYR G 169 52.88 2.09 -16.59
CA TYR G 169 53.27 3.38 -17.10
C TYR G 169 52.05 4.25 -17.07
N THR G 170 50.96 3.79 -17.70
CA THR G 170 49.76 4.59 -17.81
C THR G 170 49.14 4.93 -16.44
N ILE G 171 49.31 4.06 -15.44
CA ILE G 171 48.94 4.45 -14.08
C ILE G 171 49.84 5.57 -13.54
N GLU G 172 51.14 5.31 -13.44
CA GLU G 172 52.13 6.34 -13.05
C GLU G 172 51.82 7.71 -13.61
N ALA G 173 51.94 7.83 -14.94
CA ALA G 173 51.87 9.11 -15.64
C ALA G 173 50.55 9.78 -15.39
N SER G 174 49.46 9.01 -15.54
CA SER G 174 48.12 9.51 -15.30
C SER G 174 47.96 9.97 -13.88
N ASN G 175 48.39 9.13 -12.94
CA ASN G 175 48.29 9.53 -11.55
C ASN G 175 49.18 10.73 -11.20
N LEU G 176 50.24 10.95 -11.98
CA LEU G 176 51.10 12.10 -11.72
C LEU G 176 50.48 13.35 -12.33
N ALA G 177 50.09 13.25 -13.61
CA ALA G 177 49.41 14.33 -14.30
C ALA G 177 48.17 14.80 -13.53
N LEU G 178 47.44 13.86 -12.95
CA LEU G 178 46.21 14.16 -12.25
C LEU G 178 46.40 14.66 -10.82
N PHE G 179 47.15 13.93 -10.02
CA PHE G 179 47.25 14.20 -8.57
C PHE G 179 48.59 14.73 -8.09
N GLY G 180 49.59 14.78 -8.96
CA GLY G 180 50.91 15.24 -8.58
C GLY G 180 51.67 14.24 -7.74
N GLU G 181 51.02 13.11 -7.49
CA GLU G 181 51.59 12.05 -6.70
C GLU G 181 52.34 11.10 -7.60
N ARG G 182 53.50 10.67 -7.13
CA ARG G 182 54.27 9.68 -7.81
C ARG G 182 54.13 8.35 -7.08
N LEU G 183 53.59 7.35 -7.77
CA LEU G 183 53.51 6.01 -7.21
C LEU G 183 54.81 5.33 -7.64
N GLY G 184 55.10 4.12 -7.18
CA GLY G 184 56.41 3.53 -7.50
C GLY G 184 56.34 2.45 -8.56
N LEU G 185 55.42 2.62 -9.51
CA LEU G 185 55.05 1.53 -10.40
C LEU G 185 55.88 1.40 -11.67
N VAL G 186 56.71 2.40 -11.98
CA VAL G 186 57.60 2.32 -13.13
C VAL G 186 58.99 1.99 -12.62
N GLY G 187 59.58 0.92 -13.14
CA GLY G 187 60.89 0.49 -12.69
C GLY G 187 60.92 -0.47 -11.52
N HIS G 188 59.76 -0.75 -10.94
CA HIS G 188 59.64 -1.66 -9.79
C HIS G 188 58.51 -2.59 -10.09
N SER G 189 58.13 -3.38 -9.09
CA SER G 189 57.05 -4.34 -9.26
C SER G 189 55.64 -3.77 -9.04
N PRO G 190 54.71 -4.10 -9.95
CA PRO G 190 53.33 -3.68 -9.74
C PRO G 190 52.86 -3.91 -8.29
N SER G 191 52.58 -2.81 -7.58
CA SER G 191 51.95 -2.88 -6.25
C SER G 191 50.61 -3.60 -6.35
N SER G 192 50.34 -4.50 -5.41
CA SER G 192 49.09 -5.27 -5.42
C SER G 192 47.86 -4.37 -5.53
N ALA G 193 47.87 -3.23 -4.82
CA ALA G 193 46.83 -2.20 -4.98
C ALA G 193 46.52 -1.91 -6.45
N SER G 194 47.56 -1.74 -7.26
CA SER G 194 47.43 -1.44 -8.67
C SER G 194 46.96 -2.66 -9.47
N LEU G 195 47.40 -3.85 -9.06
CA LEU G 195 47.03 -5.05 -9.80
C LEU G 195 45.55 -5.35 -9.66
N ASN G 196 45.00 -4.98 -8.50
CA ASN G 196 43.58 -5.17 -8.21
C ASN G 196 42.70 -4.12 -8.89
N PHE G 197 43.33 -3.01 -9.22
CA PHE G 197 42.69 -1.93 -9.91
C PHE G 197 42.50 -2.30 -11.41
N LEU G 198 43.53 -2.86 -12.03
CA LEU G 198 43.46 -3.26 -13.44
C LEU G 198 42.56 -4.45 -13.63
N HIS G 199 42.49 -5.29 -12.60
CA HIS G 199 41.62 -6.46 -12.62
C HIS G 199 40.16 -6.05 -12.41
N ALA G 200 39.94 -5.00 -11.63
CA ALA G 200 38.61 -4.47 -11.42
C ALA G 200 38.09 -3.87 -12.73
N LEU G 201 38.87 -2.96 -13.33
CA LEU G 201 38.54 -2.35 -14.63
C LEU G 201 38.19 -3.40 -15.68
N GLU G 202 38.97 -4.47 -15.74
CA GLU G 202 38.75 -5.56 -16.68
C GLU G 202 37.43 -6.31 -16.44
N VAL G 203 37.12 -6.56 -15.17
CA VAL G 203 35.86 -7.22 -14.75
C VAL G 203 34.69 -6.28 -14.98
N MET G 204 34.89 -4.99 -14.67
CA MET G 204 33.87 -3.97 -14.86
C MET G 204 33.43 -3.88 -16.32
N PHE G 205 34.40 -3.84 -17.23
CA PHE G 205 34.12 -3.87 -18.66
C PHE G 205 33.38 -5.14 -19.09
N LYS G 206 33.90 -6.31 -18.69
CA LYS G 206 33.27 -7.61 -19.01
C LYS G 206 31.81 -7.66 -18.56
N SER G 207 31.57 -7.23 -17.32
CA SER G 207 30.23 -7.20 -16.77
C SER G 207 29.30 -6.16 -17.42
N THR G 208 29.81 -4.95 -17.70
CA THR G 208 29.05 -3.97 -18.47
C THR G 208 28.44 -4.57 -19.75
N VAL G 209 29.23 -5.34 -20.49
CA VAL G 209 28.76 -5.90 -21.75
C VAL G 209 27.59 -6.85 -21.49
N GLN G 210 27.66 -7.58 -20.39
CA GLN G 210 26.59 -8.50 -19.98
C GLN G 210 25.29 -7.74 -19.65
N LEU G 211 25.35 -6.81 -18.70
CA LEU G 211 24.17 -6.03 -18.33
C LEU G 211 23.65 -5.11 -19.45
N MET G 212 24.42 -4.99 -20.52
CA MET G 212 24.19 -3.98 -21.54
C MET G 212 22.91 -4.18 -22.36
N PHE G 213 22.70 -5.38 -22.89
CA PHE G 213 21.62 -5.60 -23.88
C PHE G 213 20.29 -6.05 -23.28
N MET G 214 19.86 -5.38 -22.21
CA MET G 214 18.55 -5.59 -21.59
C MET G 214 18.37 -4.52 -20.53
N PRO G 215 17.10 -4.18 -20.21
CA PRO G 215 16.82 -3.20 -19.15
C PRO G 215 17.21 -3.67 -17.74
N ARG G 216 17.55 -2.73 -16.85
CA ARG G 216 17.95 -3.04 -15.47
C ARG G 216 16.86 -3.84 -14.74
N SER G 217 15.60 -3.58 -15.11
CA SER G 217 14.43 -4.21 -14.50
C SER G 217 14.53 -5.72 -14.56
N LEU G 218 14.88 -6.22 -15.74
CA LEU G 218 14.86 -7.65 -16.01
C LEU G 218 16.12 -8.35 -15.50
N SER G 219 17.28 -7.77 -15.80
CA SER G 219 18.56 -8.41 -15.50
C SER G 219 18.79 -8.50 -14.00
N ARG G 220 18.29 -7.49 -13.28
CA ARG G 220 18.24 -7.46 -11.83
C ARG G 220 17.71 -8.78 -11.29
N TRP G 221 16.87 -9.43 -12.10
CA TRP G 221 16.21 -10.67 -11.71
C TRP G 221 16.60 -11.93 -12.52
N ILE G 222 17.30 -11.77 -13.64
CA ILE G 222 17.86 -12.95 -14.34
C ILE G 222 19.39 -13.10 -14.28
N SER G 223 20.08 -11.99 -14.04
CA SER G 223 21.54 -11.99 -13.87
C SER G 223 21.95 -11.37 -12.54
N PRO G 224 21.42 -11.89 -11.42
CA PRO G 224 21.56 -11.17 -10.14
C PRO G 224 22.99 -11.20 -9.60
N LYS G 225 23.77 -12.19 -10.04
CA LYS G 225 25.14 -12.35 -9.56
C LYS G 225 26.18 -11.59 -10.41
N VAL G 226 25.77 -11.19 -11.61
CA VAL G 226 26.55 -10.30 -12.48
C VAL G 226 26.52 -8.85 -11.97
N TRP G 227 25.36 -8.38 -11.50
CA TRP G 227 25.23 -7.07 -10.84
C TRP G 227 26.14 -6.96 -9.62
N LYS G 228 26.20 -8.02 -8.81
CA LYS G 228 27.06 -8.06 -7.64
C LYS G 228 28.51 -8.00 -8.11
N GLU G 229 28.83 -8.79 -9.13
CA GLU G 229 30.15 -8.74 -9.75
C GLU G 229 30.46 -7.33 -10.28
N HIS G 230 29.52 -6.77 -11.04
CA HIS G 230 29.67 -5.43 -11.61
C HIS G 230 29.89 -4.43 -10.48
N PHE G 231 28.95 -4.40 -9.54
CA PHE G 231 29.01 -3.46 -8.43
C PHE G 231 30.29 -3.63 -7.62
N GLU G 232 30.66 -4.88 -7.35
CA GLU G 232 31.80 -5.12 -6.49
C GLU G 232 33.09 -4.63 -7.13
N ALA G 233 33.21 -4.82 -8.44
CA ALA G 233 34.29 -4.21 -9.22
C ALA G 233 34.27 -2.68 -9.11
N TRP G 234 33.11 -2.07 -9.35
CA TRP G 234 32.95 -0.61 -9.22
C TRP G 234 33.35 -0.08 -7.86
N ASP G 235 33.08 -0.87 -6.82
CA ASP G 235 33.44 -0.54 -5.44
C ASP G 235 34.94 -0.48 -5.31
N CYS G 236 35.59 -1.43 -5.94
CA CYS G 236 37.04 -1.55 -5.90
C CYS G 236 37.73 -0.43 -6.67
N ILE G 237 37.19 -0.06 -7.82
CA ILE G 237 37.68 1.10 -8.58
C ILE G 237 37.53 2.34 -7.72
N PHE G 238 36.35 2.52 -7.15
CA PHE G 238 36.06 3.69 -6.32
C PHE G 238 36.98 3.85 -5.08
N GLN G 239 37.11 2.77 -4.30
CA GLN G 239 38.05 2.74 -3.18
C GLN G 239 39.43 3.28 -3.60
N TYR G 240 39.86 2.90 -4.80
CA TYR G 240 41.13 3.33 -5.36
C TYR G 240 41.21 4.83 -5.65
N GLY G 241 40.27 5.35 -6.44
CA GLY G 241 40.29 6.75 -6.85
C GLY G 241 39.91 7.72 -5.74
N ASP G 242 39.08 7.25 -4.82
CA ASP G 242 38.71 8.01 -3.64
C ASP G 242 39.87 8.08 -2.61
N ASN G 243 40.72 7.06 -2.57
CA ASN G 243 41.98 7.20 -1.87
C ASN G 243 42.69 8.45 -2.42
N CYS G 244 43.17 8.38 -3.67
CA CYS G 244 43.82 9.53 -4.31
C CYS G 244 43.21 10.86 -3.90
N ILE G 245 41.87 10.95 -3.90
CA ILE G 245 41.16 12.21 -3.65
C ILE G 245 41.21 12.61 -2.17
N GLN G 246 40.96 11.64 -1.29
CA GLN G 246 41.06 11.91 0.15
C GLN G 246 42.41 12.54 0.51
N LYS G 247 43.45 12.06 -0.17
CA LYS G 247 44.82 12.50 0.04
C LYS G 247 45.08 13.92 -0.43
N ILE G 248 44.74 14.23 -1.67
CA ILE G 248 44.92 15.58 -2.23
C ILE G 248 44.09 16.65 -1.50
N TYR G 249 42.82 16.36 -1.23
CA TYR G 249 41.94 17.33 -0.57
C TYR G 249 42.48 17.67 0.79
N GLN G 250 42.96 16.66 1.51
CA GLN G 250 43.62 16.88 2.80
C GLN G 250 44.94 17.65 2.67
N GLU G 251 45.72 17.34 1.64
CA GLU G 251 46.97 18.05 1.39
C GLU G 251 46.67 19.53 1.15
N LEU G 252 45.72 19.79 0.26
CA LEU G 252 45.41 21.14 -0.16
C LEU G 252 44.77 21.92 0.98
N ALA G 253 43.97 21.22 1.79
CA ALA G 253 43.33 21.81 2.98
C ALA G 253 44.29 22.61 3.87
N PHE G 254 45.53 22.13 4.01
CA PHE G 254 46.52 22.74 4.88
C PHE G 254 47.54 23.64 4.17
N ASN G 255 47.70 23.43 2.87
CA ASN G 255 48.54 24.31 2.08
C ASN G 255 48.03 24.40 0.66
N ARG G 256 47.99 25.63 0.17
CA ARG G 256 47.61 25.88 -1.21
C ARG G 256 48.88 26.27 -1.98
N PRO G 257 49.48 25.28 -2.69
CA PRO G 257 50.75 25.40 -3.42
C PRO G 257 50.76 26.55 -4.42
N GLN G 258 51.94 27.11 -4.64
CA GLN G 258 52.10 28.21 -5.57
C GLN G 258 52.75 27.73 -6.86
N HIS G 259 53.12 26.45 -6.90
CA HIS G 259 53.53 25.81 -8.14
C HIS G 259 52.47 24.78 -8.57
N TYR G 260 52.49 24.41 -9.84
CA TYR G 260 51.51 23.49 -10.41
C TYR G 260 51.70 22.07 -9.90
N THR G 261 50.64 21.44 -9.42
CA THR G 261 50.78 20.05 -8.98
C THR G 261 49.75 19.09 -9.59
N GLY G 262 49.06 19.52 -10.63
CA GLY G 262 48.24 18.61 -11.41
C GLY G 262 46.81 19.04 -11.65
N ILE G 263 46.09 18.22 -12.39
CA ILE G 263 44.77 18.56 -12.88
C ILE G 263 43.69 18.65 -11.79
N VAL G 264 43.63 17.65 -10.92
CA VAL G 264 42.62 17.65 -9.85
C VAL G 264 42.90 18.79 -8.86
N ALA G 265 44.18 18.99 -8.54
CA ALA G 265 44.62 20.14 -7.77
C ALA G 265 44.00 21.46 -8.29
N GLU G 266 44.17 21.74 -9.58
CA GLU G 266 43.62 22.97 -10.17
C GLU G 266 42.10 23.06 -10.04
N LEU G 267 41.41 21.95 -10.21
CA LEU G 267 39.96 21.92 -10.08
C LEU G 267 39.53 22.22 -8.67
N LEU G 268 40.27 21.68 -7.70
CA LEU G 268 39.91 21.85 -6.29
C LEU G 268 40.19 23.27 -5.78
N LEU G 269 41.30 23.83 -6.23
CA LEU G 269 41.67 25.22 -5.92
C LEU G 269 40.76 26.23 -6.61
N LYS G 270 39.92 25.78 -7.52
CA LYS G 270 38.98 26.67 -8.15
C LYS G 270 37.61 26.66 -7.50
N ALA G 271 37.28 25.54 -6.83
CA ALA G 271 35.92 25.24 -6.37
C ALA G 271 34.80 25.79 -7.30
N GLU G 272 35.02 25.69 -8.61
CA GLU G 272 33.99 26.09 -9.57
C GLU G 272 32.96 24.98 -9.77
N LEU G 273 33.21 23.83 -9.14
CA LEU G 273 32.22 22.75 -9.01
C LEU G 273 32.15 22.23 -7.56
N SER G 274 31.03 21.63 -7.20
CA SER G 274 30.87 21.06 -5.87
C SER G 274 31.85 19.90 -5.68
N LEU G 275 32.47 19.85 -4.51
CA LEU G 275 33.38 18.77 -4.18
C LEU G 275 32.87 17.51 -4.83
N GLU G 276 31.57 17.27 -4.66
CA GLU G 276 30.89 16.08 -5.14
C GLU G 276 31.02 15.86 -6.66
N ALA G 277 31.12 16.97 -7.39
CA ALA G 277 31.24 16.97 -8.87
C ALA G 277 32.69 16.85 -9.33
N ILE G 278 33.61 17.37 -8.51
CA ILE G 278 35.02 17.13 -8.74
C ILE G 278 35.30 15.62 -8.58
N LYS G 279 34.94 15.05 -7.43
CA LYS G 279 35.14 13.62 -7.15
C LYS G 279 34.62 12.70 -8.28
N ALA G 280 33.43 12.99 -8.79
CA ALA G 280 32.80 12.24 -9.89
C ALA G 280 33.62 12.30 -11.18
N ASN G 281 34.03 13.50 -11.52
CA ASN G 281 34.85 13.70 -12.68
C ASN G 281 36.22 13.07 -12.48
N SER G 282 36.72 13.13 -11.25
CA SER G 282 38.02 12.59 -10.94
C SER G 282 38.04 11.08 -11.02
N MET G 283 36.94 10.44 -10.62
CA MET G 283 36.78 8.99 -10.82
C MET G 283 36.95 8.70 -12.29
N GLU G 284 36.12 9.33 -13.10
CA GLU G 284 36.11 9.07 -14.53
C GLU G 284 37.54 9.18 -15.06
N LEU G 285 38.20 10.29 -14.75
CA LEU G 285 39.54 10.52 -15.25
C LEU G 285 40.51 9.43 -14.77
N THR G 286 40.53 9.20 -13.45
CA THR G 286 41.33 8.14 -12.87
C THR G 286 41.08 6.80 -13.53
N ALA G 287 39.82 6.49 -13.81
CA ALA G 287 39.47 5.15 -14.29
C ALA G 287 39.51 5.01 -15.82
N GLY G 288 39.49 6.13 -16.53
CA GLY G 288 39.46 6.12 -17.98
C GLY G 288 40.84 6.29 -18.54
N SER G 289 41.73 6.84 -17.72
CA SER G 289 43.09 7.13 -18.17
C SER G 289 44.04 5.94 -18.19
N VAL G 290 43.53 4.71 -18.15
CA VAL G 290 44.41 3.54 -18.09
C VAL G 290 44.33 2.69 -19.36
N ASP G 291 43.37 1.77 -19.42
CA ASP G 291 43.24 0.84 -20.56
C ASP G 291 43.27 1.57 -21.91
N THR G 292 42.35 2.52 -22.07
CA THR G 292 42.22 3.35 -23.28
C THR G 292 43.53 3.83 -23.87
N THR G 293 44.50 4.15 -23.03
CA THR G 293 45.80 4.58 -23.51
C THR G 293 46.81 3.44 -23.67
N ALA G 294 46.87 2.52 -22.72
CA ALA G 294 47.85 1.45 -22.78
C ALA G 294 47.73 0.54 -24.02
N PHE G 295 46.51 0.35 -24.51
CA PHE G 295 46.26 -0.60 -25.58
C PHE G 295 46.72 -0.05 -26.92
N PRO G 296 46.41 1.23 -27.20
CA PRO G 296 46.97 1.78 -28.43
C PRO G 296 48.49 1.93 -28.31
N LEU G 297 48.95 2.40 -27.17
CA LEU G 297 50.38 2.44 -26.88
C LEU G 297 50.97 1.08 -27.29
N LEU G 298 50.40 0.02 -26.75
CA LEU G 298 50.91 -1.31 -26.92
C LEU G 298 50.88 -1.74 -28.39
N MET G 299 49.80 -1.36 -29.08
CA MET G 299 49.58 -1.73 -30.48
C MET G 299 50.53 -0.99 -31.39
N THR G 300 50.91 0.22 -31.00
CA THR G 300 51.88 1.00 -31.76
C THR G 300 53.24 0.33 -31.70
N LEU G 301 53.71 0.07 -30.48
CA LEU G 301 54.93 -0.68 -30.27
C LEU G 301 54.92 -2.01 -31.04
N PHE G 302 53.77 -2.67 -31.07
CA PHE G 302 53.68 -3.88 -31.88
C PHE G 302 53.89 -3.57 -33.38
N GLU G 303 53.17 -2.56 -33.88
CA GLU G 303 53.22 -2.23 -35.30
C GLU G 303 54.57 -1.68 -35.73
N LEU G 304 55.28 -1.01 -34.82
CA LEU G 304 56.59 -0.48 -35.15
C LEU G 304 57.62 -1.57 -35.27
N ALA G 305 57.43 -2.62 -34.46
CA ALA G 305 58.30 -3.78 -34.49
C ALA G 305 58.09 -4.52 -35.81
N ARG G 306 56.84 -4.53 -36.27
CA ARG G 306 56.44 -5.17 -37.53
C ARG G 306 56.95 -4.39 -38.75
N ASN G 307 57.13 -3.09 -38.58
CA ASN G 307 57.55 -2.21 -39.67
C ASN G 307 58.84 -1.45 -39.33
N PRO G 308 59.98 -2.19 -39.24
CA PRO G 308 61.24 -1.62 -38.73
C PRO G 308 61.79 -0.49 -39.59
N ASP G 309 61.33 -0.44 -40.85
CA ASP G 309 61.61 0.65 -41.79
C ASP G 309 60.87 1.92 -41.38
N VAL G 310 59.61 1.78 -40.96
CA VAL G 310 58.83 2.91 -40.47
C VAL G 310 59.35 3.32 -39.09
N GLN G 311 59.68 2.34 -38.27
CA GLN G 311 60.31 2.58 -36.97
C GLN G 311 61.55 3.48 -37.05
N GLN G 312 62.33 3.30 -38.12
CA GLN G 312 63.61 4.00 -38.28
C GLN G 312 63.44 5.44 -38.71
N ILE G 313 62.38 5.71 -39.47
CA ILE G 313 62.03 7.07 -39.85
C ILE G 313 61.57 7.82 -38.61
N LEU G 314 60.80 7.14 -37.78
CA LEU G 314 60.38 7.73 -36.50
C LEU G 314 61.55 8.02 -35.54
N ARG G 315 62.53 7.12 -35.50
CA ARG G 315 63.71 7.33 -34.67
C ARG G 315 64.55 8.49 -35.16
N GLN G 316 64.69 8.60 -36.47
CA GLN G 316 65.42 9.73 -37.05
C GLN G 316 64.81 11.01 -36.52
N GLU G 317 63.56 11.26 -36.91
CA GLU G 317 62.76 12.38 -36.41
C GLU G 317 62.98 12.61 -34.93
N SER G 318 63.03 11.53 -34.16
CA SER G 318 63.17 11.70 -32.74
C SER G 318 64.55 12.19 -32.36
N LEU G 319 65.57 11.48 -32.79
CA LEU G 319 66.95 11.83 -32.47
C LEU G 319 67.35 13.25 -32.90
N ALA G 320 66.79 13.74 -34.00
CA ALA G 320 66.95 15.13 -34.44
C ALA G 320 66.33 16.10 -33.45
N ALA G 321 65.06 15.90 -33.13
CA ALA G 321 64.36 16.79 -32.24
C ALA G 321 64.69 16.58 -30.76
N ALA G 322 65.59 15.64 -30.47
CA ALA G 322 65.79 15.20 -29.10
C ALA G 322 66.22 16.31 -28.13
N ALA G 323 67.34 16.96 -28.40
CA ALA G 323 67.90 17.94 -27.43
C ALA G 323 67.05 19.19 -27.20
N SER G 324 66.24 19.55 -28.19
CA SER G 324 65.36 20.71 -28.08
C SER G 324 64.01 20.30 -27.49
N ILE G 325 63.82 18.98 -27.35
CA ILE G 325 62.68 18.39 -26.65
C ILE G 325 63.02 18.14 -25.18
N SER G 326 64.28 17.88 -24.88
CA SER G 326 64.68 17.77 -23.49
C SER G 326 64.88 19.14 -22.84
N GLU G 327 65.13 20.16 -23.64
CA GLU G 327 65.19 21.53 -23.14
C GLU G 327 63.77 22.03 -22.81
N HIS G 328 62.86 21.92 -23.77
CA HIS G 328 61.45 22.17 -23.52
C HIS G 328 60.66 20.92 -23.93
N PRO G 329 60.10 20.17 -22.97
CA PRO G 329 59.33 18.99 -23.38
C PRO G 329 58.03 19.30 -24.15
N GLN G 330 57.37 20.42 -23.83
CA GLN G 330 56.18 20.90 -24.55
C GLN G 330 56.34 20.83 -26.06
N LYS G 331 57.59 20.82 -26.49
CA LYS G 331 57.90 20.90 -27.91
C LYS G 331 57.63 19.58 -28.60
N ALA G 332 57.37 18.53 -27.83
CA ALA G 332 57.10 17.20 -28.38
C ALA G 332 55.85 17.17 -29.25
N THR G 333 54.82 17.92 -28.86
CA THR G 333 53.58 18.03 -29.60
C THR G 333 53.77 18.58 -31.04
N THR G 334 54.71 19.52 -31.21
CA THR G 334 54.84 20.23 -32.49
C THR G 334 56.08 19.86 -33.29
N GLU G 335 57.06 19.22 -32.65
CA GLU G 335 58.26 18.82 -33.39
C GLU G 335 58.40 17.33 -33.51
N LEU G 336 57.29 16.69 -33.87
CA LEU G 336 57.20 15.25 -34.03
C LEU G 336 55.95 14.90 -34.83
N PRO G 337 55.71 15.58 -35.98
CA PRO G 337 54.48 15.24 -36.70
C PRO G 337 54.40 13.75 -37.08
N LEU G 338 55.54 13.14 -37.38
CA LEU G 338 55.53 11.79 -37.95
C LEU G 338 55.13 10.78 -36.89
N LEU G 339 55.56 11.01 -35.66
CA LEU G 339 55.22 10.14 -34.55
C LEU G 339 53.74 10.22 -34.26
N ARG G 340 53.21 11.43 -34.37
CA ARG G 340 51.78 11.65 -34.16
C ARG G 340 50.94 10.96 -35.23
N ALA G 341 51.43 10.99 -36.48
CA ALA G 341 50.76 10.30 -37.58
C ALA G 341 50.77 8.80 -37.36
N ALA G 342 51.85 8.32 -36.74
CA ALA G 342 51.94 6.92 -36.35
C ALA G 342 50.84 6.58 -35.35
N LEU G 343 50.59 7.48 -34.38
CA LEU G 343 49.52 7.26 -33.40
C LEU G 343 48.15 7.18 -34.06
N LYS G 344 47.87 8.14 -34.94
CA LYS G 344 46.68 8.16 -35.79
C LYS G 344 46.52 6.84 -36.55
N GLU G 345 47.64 6.29 -37.02
CA GLU G 345 47.60 5.08 -37.83
C GLU G 345 47.27 3.86 -36.99
N THR G 346 47.79 3.83 -35.76
CA THR G 346 47.44 2.77 -34.81
C THR G 346 45.95 2.86 -34.55
N LEU G 347 45.51 4.06 -34.19
CA LEU G 347 44.14 4.29 -33.73
C LEU G 347 43.12 4.05 -34.83
N ARG G 348 43.55 4.22 -36.09
CA ARG G 348 42.75 3.82 -37.26
C ARG G 348 42.63 2.30 -37.32
N LEU G 349 43.75 1.61 -37.25
CA LEU G 349 43.69 0.17 -37.28
C LEU G 349 43.03 -0.40 -36.02
N TYR G 350 43.19 0.28 -34.90
CA TYR G 350 42.87 -0.30 -33.59
C TYR G 350 42.10 0.65 -32.64
N PRO G 351 40.85 1.03 -32.99
CA PRO G 351 40.16 2.10 -32.26
C PRO G 351 39.62 1.66 -30.91
N VAL G 352 40.15 2.25 -29.84
CA VAL G 352 39.86 1.82 -28.48
C VAL G 352 38.36 1.87 -28.18
N GLY G 353 37.81 3.08 -28.13
CA GLY G 353 36.36 3.25 -28.21
C GLY G 353 35.99 2.72 -29.58
N LEU G 354 35.32 1.57 -29.60
CA LEU G 354 34.99 0.89 -30.86
C LEU G 354 33.93 1.63 -31.67
N PHE G 355 33.00 2.31 -30.97
CA PHE G 355 31.99 3.10 -31.66
C PHE G 355 31.64 4.47 -31.06
N LEU G 356 31.27 5.42 -31.93
CA LEU G 356 30.80 6.74 -31.51
C LEU G 356 29.29 6.73 -31.54
N GLU G 357 28.65 7.41 -30.61
CA GLU G 357 27.19 7.32 -30.57
C GLU G 357 26.44 8.58 -30.14
N ARG G 358 25.40 8.92 -30.90
CA ARG G 358 24.50 10.04 -30.58
C ARG G 358 23.02 9.66 -30.66
N VAL G 359 22.30 9.88 -29.55
CA VAL G 359 20.84 10.01 -29.57
C VAL G 359 20.56 11.38 -30.15
N VAL G 360 19.95 11.37 -31.32
CA VAL G 360 19.82 12.56 -32.13
C VAL G 360 18.64 13.44 -31.65
N SER G 361 18.87 14.74 -31.55
CA SER G 361 17.83 15.66 -31.05
C SER G 361 16.86 16.15 -32.15
N SER G 362 17.41 16.42 -33.34
CA SER G 362 16.63 16.84 -34.52
C SER G 362 16.28 15.67 -35.45
N ASP G 363 15.51 15.99 -36.49
CA ASP G 363 15.30 15.10 -37.62
C ASP G 363 16.53 15.19 -38.51
N LEU G 364 16.81 14.14 -39.26
CA LEU G 364 18.06 14.06 -39.95
C LEU G 364 17.97 13.25 -41.26
N VAL G 365 18.97 13.46 -42.12
CA VAL G 365 19.10 12.68 -43.35
C VAL G 365 20.54 12.16 -43.44
N LEU G 366 20.67 10.83 -43.52
CA LEU G 366 21.97 10.18 -43.65
C LEU G 366 22.01 9.20 -44.82
N GLN G 367 23.05 9.33 -45.65
CA GLN G 367 23.23 8.57 -46.90
C GLN G 367 21.90 8.42 -47.68
N ASN G 368 21.19 9.54 -47.79
CA ASN G 368 19.90 9.62 -48.45
C ASN G 368 18.75 8.83 -47.78
N TYR G 369 18.69 8.87 -46.44
CA TYR G 369 17.60 8.25 -45.69
C TYR G 369 17.10 9.15 -44.58
N HIS G 370 15.81 9.00 -44.27
CA HIS G 370 15.16 9.78 -43.22
C HIS G 370 15.54 9.20 -41.84
N ILE G 371 16.22 10.03 -41.03
CA ILE G 371 16.57 9.66 -39.66
C ILE G 371 15.77 10.56 -38.72
N PRO G 372 14.77 9.99 -38.05
CA PRO G 372 13.91 10.79 -37.18
C PRO G 372 14.58 11.19 -35.88
N ALA G 373 13.98 12.14 -35.17
CA ALA G 373 14.41 12.52 -33.82
C ALA G 373 14.31 11.33 -32.87
N GLY G 374 15.27 11.20 -31.96
CA GLY G 374 15.26 10.13 -30.95
C GLY G 374 15.82 8.83 -31.45
N THR G 375 16.68 8.91 -32.47
CA THR G 375 17.33 7.75 -33.07
C THR G 375 18.74 7.58 -32.53
N LEU G 376 19.15 6.32 -32.36
CA LEU G 376 20.50 6.00 -31.93
C LEU G 376 21.36 5.83 -33.17
N VAL G 377 22.21 6.82 -33.42
CA VAL G 377 23.16 6.70 -34.52
C VAL G 377 24.52 6.30 -33.98
N GLN G 378 25.05 5.19 -34.48
CA GLN G 378 26.34 4.71 -34.09
C GLN G 378 27.28 4.81 -35.27
N VAL G 379 28.49 5.32 -35.04
CA VAL G 379 29.56 5.22 -36.02
C VAL G 379 30.52 4.08 -35.65
N PHE G 380 30.72 3.12 -36.54
CA PHE G 380 31.69 2.07 -36.28
C PHE G 380 33.06 2.43 -36.80
N LEU G 381 34.01 2.56 -35.88
CA LEU G 381 35.32 3.07 -36.20
C LEU G 381 36.19 1.98 -36.80
N TYR G 382 35.92 0.72 -36.44
CA TYR G 382 36.67 -0.40 -37.02
C TYR G 382 36.47 -0.48 -38.55
N SER G 383 35.22 -0.34 -39.00
CA SER G 383 34.90 -0.30 -40.42
C SER G 383 35.36 1.00 -41.10
N LEU G 384 35.14 2.12 -40.41
CA LEU G 384 35.49 3.42 -40.94
C LEU G 384 36.97 3.48 -41.33
N GLY G 385 37.85 3.05 -40.42
CA GLY G 385 39.29 2.96 -40.71
C GLY G 385 39.64 1.93 -41.77
N ARG G 386 38.81 0.90 -41.91
CA ARG G 386 39.14 -0.20 -42.81
C ARG G 386 38.53 -0.08 -44.21
N ASN G 387 37.85 1.04 -44.48
CA ASN G 387 37.36 1.34 -45.80
C ASN G 387 38.49 1.51 -46.81
N ALA G 388 38.66 0.50 -47.65
CA ALA G 388 39.64 0.52 -48.75
C ALA G 388 39.50 1.71 -49.70
N ALA G 389 38.33 2.37 -49.68
CA ALA G 389 38.04 3.48 -50.59
C ALA G 389 38.65 4.79 -50.12
N LEU G 390 38.65 4.99 -48.80
CA LEU G 390 39.28 6.18 -48.21
C LEU G 390 40.68 5.88 -47.67
N PHE G 391 41.06 4.61 -47.61
CA PHE G 391 42.39 4.26 -47.14
C PHE G 391 42.99 3.15 -48.01
N PRO G 392 43.65 3.55 -49.12
CA PRO G 392 44.34 2.59 -49.97
C PRO G 392 45.25 1.64 -49.18
N ARG G 393 45.12 0.35 -49.51
CA ARG G 393 45.83 -0.75 -48.81
C ARG G 393 45.61 -0.65 -47.27
N PRO G 394 44.36 -0.84 -46.82
CA PRO G 394 43.95 -0.43 -45.47
C PRO G 394 44.62 -1.20 -44.33
N GLU G 395 45.21 -2.35 -44.64
CA GLU G 395 45.83 -3.23 -43.64
C GLU G 395 47.29 -2.83 -43.37
N ARG G 396 47.86 -2.06 -44.29
CA ARG G 396 49.18 -1.43 -44.10
C ARG G 396 49.19 -0.41 -42.96
N TYR G 397 50.19 -0.56 -42.09
CA TYR G 397 50.51 0.48 -41.14
C TYR G 397 51.46 1.44 -41.83
N ASN G 398 51.00 2.66 -42.08
CA ASN G 398 51.77 3.67 -42.81
C ASN G 398 51.51 5.11 -42.39
N PRO G 399 52.28 5.64 -41.43
CA PRO G 399 52.12 6.99 -40.88
C PRO G 399 52.12 8.07 -41.95
N GLN G 400 52.94 7.87 -42.97
CA GLN G 400 53.16 8.84 -44.03
C GLN G 400 51.85 9.13 -44.75
N ARG G 401 50.86 8.29 -44.49
CA ARG G 401 49.49 8.44 -44.97
C ARG G 401 48.83 9.74 -44.54
N TRP G 402 49.19 10.24 -43.38
CA TRP G 402 48.46 11.35 -42.77
C TRP G 402 49.12 12.72 -42.98
N LEU G 403 49.94 12.86 -44.03
CA LEU G 403 50.72 14.09 -44.24
C LEU G 403 49.94 15.42 -44.40
N ASP G 404 48.61 15.34 -44.35
CA ASP G 404 47.75 16.48 -44.69
C ASP G 404 47.05 17.06 -43.46
N ASN G 411 39.50 14.91 -43.37
CA ASN G 411 39.36 15.78 -42.21
C ASN G 411 38.54 15.12 -41.08
N PHE G 412 37.49 14.40 -41.46
CA PHE G 412 36.71 13.64 -40.51
C PHE G 412 37.09 12.16 -40.59
N HIS G 413 38.34 11.91 -40.97
CA HIS G 413 38.88 10.55 -41.11
C HIS G 413 39.47 10.04 -39.79
N HIS G 414 40.13 10.92 -39.04
CA HIS G 414 40.63 10.59 -37.72
C HIS G 414 39.66 11.14 -36.67
N VAL G 415 38.82 10.26 -36.13
CA VAL G 415 37.83 10.64 -35.11
C VAL G 415 37.71 9.62 -33.98
N PRO G 416 38.84 9.04 -33.53
CA PRO G 416 38.79 8.03 -32.47
C PRO G 416 38.51 8.62 -31.09
N PHE G 417 38.49 9.94 -31.03
CA PHE G 417 38.14 10.64 -29.83
C PHE G 417 36.78 11.32 -29.92
N GLY G 418 36.11 11.17 -31.05
CA GLY G 418 34.75 11.71 -31.25
C GLY G 418 34.77 13.15 -31.73
N PHE G 419 33.70 13.91 -31.55
CA PHE G 419 33.58 15.20 -32.21
C PHE G 419 32.88 16.32 -31.40
N GLY G 420 33.16 17.56 -31.76
CA GLY G 420 32.49 18.69 -31.13
C GLY G 420 32.68 18.76 -29.62
N MET G 421 31.74 19.38 -28.93
CA MET G 421 31.88 19.62 -27.49
C MET G 421 32.17 18.37 -26.64
N ARG G 422 31.61 17.23 -27.06
CA ARG G 422 31.64 15.99 -26.27
C ARG G 422 32.88 15.15 -26.47
N GLN G 423 33.71 15.52 -27.44
CA GLN G 423 34.89 14.71 -27.77
C GLN G 423 35.85 14.57 -26.59
N CYS G 424 36.67 13.52 -26.60
CA CYS G 424 37.38 13.06 -25.40
C CYS G 424 38.08 14.12 -24.58
N LEU G 425 37.72 14.19 -23.31
CA LEU G 425 38.30 15.14 -22.37
C LEU G 425 39.77 14.79 -22.10
N GLY G 426 40.08 13.50 -22.14
CA GLY G 426 41.44 13.05 -21.91
C GLY G 426 42.32 13.10 -23.15
N ARG G 427 41.73 13.34 -24.32
CA ARG G 427 42.46 13.40 -25.56
C ARG G 427 43.94 13.77 -25.41
N ARG G 428 44.21 15.00 -25.01
CA ARG G 428 45.57 15.55 -25.06
C ARG G 428 46.49 14.93 -24.01
N LEU G 429 45.93 14.61 -22.84
CA LEU G 429 46.62 13.77 -21.86
C LEU G 429 46.94 12.39 -22.44
N ALA G 430 45.93 11.66 -22.93
CA ALA G 430 46.18 10.40 -23.65
C ALA G 430 47.29 10.54 -24.67
N GLU G 431 47.19 11.58 -25.49
CA GLU G 431 48.09 11.77 -26.60
C GLU G 431 49.53 12.06 -26.13
N ALA G 432 49.67 12.83 -25.05
CA ALA G 432 51.00 13.17 -24.57
C ALA G 432 51.69 11.99 -23.89
N GLU G 433 50.88 11.17 -23.20
CA GLU G 433 51.36 9.91 -22.61
C GLU G 433 51.95 8.95 -23.66
N MET G 434 51.19 8.73 -24.73
CA MET G 434 51.59 7.84 -25.80
C MET G 434 52.81 8.37 -26.47
N LEU G 435 52.83 9.68 -26.70
CA LEU G 435 53.91 10.32 -27.46
C LEU G 435 55.23 10.30 -26.71
N LEU G 436 55.22 10.63 -25.43
CA LEU G 436 56.45 10.75 -24.67
C LEU G 436 57.16 9.43 -24.45
N LEU G 437 56.40 8.39 -24.12
CA LEU G 437 56.94 7.06 -23.92
C LEU G 437 57.64 6.54 -25.19
N LEU G 438 56.95 6.62 -26.32
CA LEU G 438 57.53 6.23 -27.61
C LEU G 438 58.77 7.05 -27.94
N HIS G 439 58.67 8.37 -27.81
CA HIS G 439 59.79 9.21 -28.15
C HIS G 439 61.03 8.79 -27.39
N HIS G 440 60.92 8.44 -26.12
CA HIS G 440 62.10 8.00 -25.39
C HIS G 440 62.49 6.55 -25.64
N VAL G 441 61.51 5.69 -25.92
CA VAL G 441 61.79 4.29 -26.27
C VAL G 441 62.54 4.25 -27.60
N LEU G 442 62.11 5.08 -28.54
CA LEU G 442 62.72 5.15 -29.87
C LEU G 442 64.18 5.61 -29.88
N LYS G 443 64.54 6.52 -28.99
CA LYS G 443 65.89 7.08 -29.03
C LYS G 443 66.92 6.33 -28.16
N HIS G 444 66.61 5.09 -27.78
CA HIS G 444 67.52 4.24 -27.03
C HIS G 444 67.34 2.80 -27.48
N PHE G 445 66.28 2.53 -28.25
CA PHE G 445 65.94 1.14 -28.51
C PHE G 445 65.43 0.77 -29.89
N LEU G 446 66.01 -0.28 -30.47
CA LEU G 446 65.42 -0.92 -31.62
C LEU G 446 64.36 -1.89 -31.12
N VAL G 447 63.13 -1.72 -31.60
CA VAL G 447 62.05 -2.61 -31.19
C VAL G 447 61.81 -3.66 -32.26
N GLU G 448 62.03 -4.92 -31.88
CA GLU G 448 62.00 -6.00 -32.83
C GLU G 448 61.09 -7.06 -32.30
N THR G 449 60.35 -7.68 -33.22
CA THR G 449 59.61 -8.88 -32.91
C THR G 449 59.66 -9.85 -34.08
N LEU G 450 59.68 -11.14 -33.76
CA LEU G 450 59.69 -12.18 -34.76
C LEU G 450 58.29 -12.49 -35.26
N THR G 451 57.30 -12.29 -34.38
CA THR G 451 55.88 -12.40 -34.72
C THR G 451 55.46 -11.41 -35.84
N GLN G 452 55.19 -11.94 -37.02
CA GLN G 452 54.65 -11.12 -38.11
C GLN G 452 53.09 -11.20 -38.23
N GLU G 453 52.45 -12.18 -37.57
CA GLU G 453 50.99 -12.43 -37.66
C GLU G 453 50.08 -11.33 -37.08
N ASP G 454 48.92 -11.12 -37.72
CA ASP G 454 47.92 -10.16 -37.23
C ASP G 454 47.46 -10.54 -35.83
N ILE G 455 47.32 -9.54 -34.95
CA ILE G 455 46.78 -9.78 -33.61
C ILE G 455 45.25 -9.67 -33.58
N LYS G 456 44.61 -10.78 -33.21
CA LYS G 456 43.18 -10.82 -32.95
C LYS G 456 42.79 -9.75 -31.94
N MET G 457 41.79 -8.95 -32.31
CA MET G 457 41.24 -7.95 -31.43
C MET G 457 40.04 -8.56 -30.71
N VAL G 458 39.65 -7.98 -29.60
CA VAL G 458 38.50 -8.46 -28.84
C VAL G 458 37.63 -7.30 -28.36
N TYR G 459 36.32 -7.42 -28.56
CA TYR G 459 35.40 -6.46 -27.96
C TYR G 459 35.15 -6.82 -26.50
N SER G 460 35.41 -5.89 -25.60
CA SER G 460 34.83 -5.95 -24.27
C SER G 460 34.59 -4.56 -23.76
N PHE G 461 33.59 -3.94 -24.39
CA PHE G 461 33.22 -2.54 -24.22
C PHE G 461 34.21 -1.60 -24.91
N ILE G 462 35.48 -1.70 -24.54
CA ILE G 462 36.54 -1.13 -25.36
C ILE G 462 37.10 -2.25 -26.22
N LEU G 463 37.61 -1.91 -27.39
CA LEU G 463 38.20 -2.88 -28.29
C LEU G 463 39.67 -3.06 -27.91
N ARG G 464 40.14 -4.30 -27.83
CA ARG G 464 41.51 -4.55 -27.36
C ARG G 464 42.13 -5.80 -27.94
N PRO G 465 43.47 -5.84 -27.99
CA PRO G 465 44.20 -7.06 -28.32
C PRO G 465 43.84 -8.19 -27.37
N GLY G 466 43.77 -9.42 -27.88
CA GLY G 466 43.52 -10.58 -27.03
C GLY G 466 44.79 -11.38 -26.84
N THR G 467 45.91 -10.75 -27.19
CA THR G 467 47.20 -11.41 -27.23
C THR G 467 48.28 -10.36 -27.06
N SER G 468 49.31 -10.70 -26.31
CA SER G 468 50.47 -9.83 -26.23
C SER G 468 51.69 -10.43 -26.95
N PRO G 469 52.21 -9.71 -27.95
CA PRO G 469 53.39 -10.21 -28.65
C PRO G 469 54.64 -10.16 -27.76
N LEU G 470 55.68 -10.85 -28.20
CA LEU G 470 56.95 -10.85 -27.51
C LEU G 470 57.85 -9.85 -28.19
N LEU G 471 58.08 -8.74 -27.52
CA LEU G 471 58.91 -7.72 -28.10
C LEU G 471 60.32 -7.76 -27.54
N THR G 472 61.25 -7.28 -28.34
CA THR G 472 62.65 -7.27 -27.94
C THR G 472 63.10 -5.84 -28.03
N PHE G 473 63.75 -5.37 -26.98
CA PHE G 473 64.28 -4.03 -26.97
C PHE G 473 65.80 -4.13 -26.91
N ARG G 474 66.49 -3.90 -28.03
CA ARG G 474 67.96 -3.82 -28.02
C ARG G 474 68.37 -2.37 -28.02
N ALA G 475 69.42 -2.08 -27.28
CA ALA G 475 69.88 -0.70 -27.10
C ALA G 475 70.90 -0.28 -28.15
N ILE G 476 71.18 1.02 -28.23
CA ILE G 476 72.50 1.55 -28.61
C ILE G 476 72.88 2.77 -27.75
N THR H 8 51.12 -92.44 -20.89
CA THR H 8 51.68 -91.08 -21.12
C THR H 8 50.82 -90.02 -20.43
N VAL H 9 50.79 -90.07 -19.10
CA VAL H 9 49.97 -89.17 -18.25
C VAL H 9 50.73 -87.86 -17.91
N LEU H 10 50.32 -86.78 -18.58
CA LEU H 10 51.08 -85.52 -18.66
C LEU H 10 51.27 -84.80 -17.31
N PRO H 11 52.36 -84.00 -17.18
CA PRO H 11 52.59 -83.22 -15.96
C PRO H 11 51.65 -82.01 -15.82
N PHE H 12 51.76 -81.31 -14.69
CA PHE H 12 50.93 -80.14 -14.41
C PHE H 12 51.20 -78.99 -15.38
N GLU H 13 52.46 -78.78 -15.73
CA GLU H 13 52.88 -77.73 -16.66
C GLU H 13 52.19 -77.89 -18.01
N ALA H 14 52.07 -79.14 -18.45
CA ALA H 14 51.55 -79.49 -19.78
C ALA H 14 50.15 -78.94 -20.06
N MET H 15 49.48 -78.47 -19.01
CA MET H 15 48.12 -77.96 -19.11
C MET H 15 48.09 -76.57 -19.76
N PRO H 16 47.15 -76.36 -20.71
CA PRO H 16 46.97 -75.03 -21.30
C PRO H 16 46.76 -73.99 -20.21
N GLN H 17 47.17 -72.75 -20.46
CA GLN H 17 47.08 -71.73 -19.43
C GLN H 17 46.16 -70.57 -19.79
N HIS H 18 45.47 -70.03 -18.79
CA HIS H 18 44.65 -68.83 -18.93
C HIS H 18 45.55 -67.60 -19.10
N PRO H 19 45.26 -66.75 -20.10
CA PRO H 19 46.03 -65.55 -20.43
C PRO H 19 46.15 -64.49 -19.31
N GLY H 20 45.06 -64.23 -18.58
CA GLY H 20 45.04 -63.18 -17.56
C GLY H 20 45.93 -63.33 -16.34
N ASN H 21 45.91 -62.33 -15.46
CA ASN H 21 46.83 -62.27 -14.32
C ASN H 21 46.16 -62.33 -12.97
N ARG H 22 46.89 -62.85 -11.99
CA ARG H 22 46.53 -62.74 -10.57
C ARG H 22 46.17 -61.30 -10.21
N TRP H 23 46.85 -60.36 -10.86
CA TRP H 23 46.82 -58.94 -10.47
C TRP H 23 45.91 -58.10 -11.36
N LEU H 24 46.06 -58.24 -12.68
CA LEU H 24 45.23 -57.49 -13.63
C LEU H 24 43.73 -57.66 -13.39
N ARG H 25 43.30 -58.87 -13.04
CA ARG H 25 41.87 -59.12 -12.80
C ARG H 25 41.33 -58.40 -11.56
N LEU H 26 42.11 -58.36 -10.48
CA LEU H 26 41.66 -57.74 -9.23
C LEU H 26 41.65 -56.21 -9.31
N LEU H 27 42.31 -55.70 -10.36
CA LEU H 27 42.42 -54.26 -10.58
C LEU H 27 41.37 -53.73 -11.55
N GLN H 28 41.01 -54.53 -12.55
CA GLN H 28 39.79 -54.28 -13.34
C GLN H 28 38.63 -54.17 -12.37
N ILE H 29 38.60 -55.10 -11.42
CA ILE H 29 37.58 -55.17 -10.37
C ILE H 29 37.64 -53.96 -9.43
N TRP H 30 38.82 -53.35 -9.30
CA TRP H 30 38.91 -52.12 -8.54
C TRP H 30 38.19 -51.00 -9.28
N ARG H 31 38.40 -50.94 -10.59
CA ARG H 31 37.95 -49.84 -11.43
C ARG H 31 36.44 -49.85 -11.64
N GLU H 32 35.94 -50.97 -12.14
CA GLU H 32 34.52 -51.13 -12.49
C GLU H 32 33.65 -51.55 -11.30
N GLN H 33 34.30 -52.12 -10.26
CA GLN H 33 33.64 -52.60 -9.04
C GLN H 33 32.72 -53.81 -9.26
N GLY H 34 32.52 -54.20 -10.52
CA GLY H 34 31.85 -55.45 -10.85
C GLY H 34 32.82 -56.46 -11.43
N TYR H 35 32.27 -57.51 -12.04
CA TYR H 35 33.00 -58.46 -12.89
C TYR H 35 31.90 -59.24 -13.64
N GLU H 36 30.94 -58.47 -14.12
CA GLU H 36 29.65 -59.00 -14.52
C GLU H 36 29.70 -59.95 -15.73
N HIS H 37 30.89 -60.12 -16.28
CA HIS H 37 31.06 -60.92 -17.48
C HIS H 37 31.87 -62.18 -17.23
N LEU H 38 32.20 -62.42 -15.96
CA LEU H 38 33.10 -63.53 -15.58
C LEU H 38 32.71 -64.86 -16.22
N HIS H 39 31.43 -65.13 -16.31
CA HIS H 39 30.92 -66.38 -16.84
C HIS H 39 31.12 -66.49 -18.33
N LEU H 40 31.19 -65.33 -18.99
CA LEU H 40 31.38 -65.26 -20.43
C LEU H 40 32.87 -65.42 -20.76
N GLU H 41 33.72 -64.70 -20.03
CA GLU H 41 35.16 -64.90 -20.12
C GLU H 41 35.46 -66.37 -20.00
N MET H 42 35.12 -66.95 -18.84
CA MET H 42 35.34 -68.37 -18.55
C MET H 42 34.79 -69.26 -19.64
N HIS H 43 33.67 -68.86 -20.20
CA HIS H 43 33.06 -69.62 -21.28
C HIS H 43 33.96 -69.61 -22.52
N GLN H 44 34.32 -68.43 -23.00
CA GLN H 44 35.06 -68.34 -24.25
C GLN H 44 36.41 -69.05 -24.11
N THR H 45 37.05 -68.83 -22.97
CA THR H 45 38.27 -69.52 -22.57
C THR H 45 38.21 -71.05 -22.73
N PHE H 46 37.22 -71.71 -22.12
CA PHE H 46 37.04 -73.14 -22.37
C PHE H 46 36.91 -73.47 -23.86
N GLN H 47 36.27 -72.57 -24.62
CA GLN H 47 36.06 -72.77 -26.05
C GLN H 47 37.36 -72.65 -26.82
N GLU H 48 38.21 -71.71 -26.39
CA GLU H 48 39.54 -71.53 -26.94
C GLU H 48 40.53 -72.68 -26.58
N LEU H 49 40.39 -73.28 -25.38
CA LEU H 49 41.43 -74.18 -24.87
C LEU H 49 40.96 -75.59 -24.49
N GLY H 50 39.72 -75.92 -24.84
CA GLY H 50 39.11 -77.19 -24.42
C GLY H 50 38.69 -77.27 -22.96
N PRO H 51 38.24 -78.47 -22.53
CA PRO H 51 37.67 -78.83 -21.23
C PRO H 51 38.50 -78.52 -19.99
N ILE H 52 39.70 -77.98 -20.13
CA ILE H 52 40.53 -77.75 -18.94
C ILE H 52 41.63 -76.72 -19.16
N PHE H 53 41.89 -75.93 -18.13
CA PHE H 53 43.03 -75.00 -18.09
C PHE H 53 43.46 -74.66 -16.67
N ARG H 54 44.53 -73.87 -16.54
CA ARG H 54 45.02 -73.49 -15.22
C ARG H 54 45.09 -71.98 -15.05
N TYR H 55 45.36 -71.51 -13.84
CA TYR H 55 45.30 -70.08 -13.57
C TYR H 55 46.46 -69.49 -12.75
N ASN H 56 47.27 -68.67 -13.43
CA ASN H 56 48.30 -67.80 -12.84
C ASN H 56 47.88 -67.16 -11.49
N LEU H 57 48.05 -67.92 -10.40
CA LEU H 57 47.55 -67.55 -9.06
C LEU H 57 48.67 -67.35 -8.00
N GLY H 58 49.89 -67.09 -8.48
CA GLY H 58 51.04 -66.77 -7.61
C GLY H 58 52.08 -67.87 -7.40
N GLY H 59 51.62 -69.11 -7.33
CA GLY H 59 52.40 -70.23 -6.81
C GLY H 59 51.46 -71.33 -6.31
N PRO H 60 50.42 -70.96 -5.51
CA PRO H 60 49.25 -71.85 -5.35
C PRO H 60 48.57 -72.15 -6.70
N ARG H 61 48.28 -73.43 -6.96
CA ARG H 61 47.80 -73.87 -8.27
C ARG H 61 46.27 -73.93 -8.29
N MET H 62 45.67 -73.54 -9.42
CA MET H 62 44.22 -73.75 -9.63
C MET H 62 43.82 -74.25 -11.04
N VAL H 63 42.88 -75.18 -11.06
CA VAL H 63 42.38 -75.80 -12.29
C VAL H 63 40.89 -75.50 -12.48
N CYS H 64 40.50 -75.11 -13.70
CA CYS H 64 39.09 -74.95 -14.07
C CYS H 64 38.64 -76.09 -14.99
N VAL H 65 37.57 -76.79 -14.63
CA VAL H 65 37.04 -77.84 -15.48
C VAL H 65 35.60 -77.54 -15.86
N MET H 66 35.04 -78.33 -16.78
CA MET H 66 33.64 -78.14 -17.22
C MET H 66 32.90 -79.41 -17.70
N LEU H 67 33.44 -80.58 -17.34
CA LEU H 67 32.85 -81.87 -17.73
C LEU H 67 32.43 -82.70 -16.52
N PRO H 68 31.28 -83.40 -16.63
CA PRO H 68 30.79 -84.38 -15.66
C PRO H 68 31.83 -85.40 -15.24
N GLU H 69 32.53 -85.98 -16.21
CA GLU H 69 33.69 -86.85 -16.00
C GLU H 69 34.59 -86.36 -14.83
N ASP H 70 34.85 -85.07 -14.79
CA ASP H 70 35.68 -84.43 -13.76
C ASP H 70 35.02 -84.21 -12.39
N VAL H 71 33.69 -84.16 -12.35
CA VAL H 71 32.99 -83.97 -11.09
C VAL H 71 33.00 -85.29 -10.29
N GLU H 72 32.75 -86.41 -10.98
CA GLU H 72 32.75 -87.71 -10.32
C GLU H 72 34.12 -87.98 -9.73
N LYS H 73 35.15 -87.64 -10.49
CA LYS H 73 36.52 -87.87 -10.05
C LYS H 73 36.90 -86.93 -8.92
N LEU H 74 36.22 -85.79 -8.86
CA LEU H 74 36.43 -84.82 -7.78
C LEU H 74 35.68 -85.23 -6.49
N GLN H 75 34.56 -85.93 -6.66
CA GLN H 75 33.86 -86.53 -5.54
C GLN H 75 34.65 -87.71 -5.00
N GLN H 76 35.12 -88.54 -5.93
CA GLN H 76 36.00 -89.68 -5.65
C GLN H 76 36.90 -89.34 -4.47
N VAL H 77 37.52 -88.15 -4.54
CA VAL H 77 38.56 -87.75 -3.60
C VAL H 77 38.12 -86.70 -2.58
N ASP H 78 36.83 -86.63 -2.30
CA ASP H 78 36.39 -85.80 -1.17
C ASP H 78 36.92 -86.40 0.13
N SER H 79 37.63 -85.59 0.90
CA SER H 79 38.06 -86.02 2.23
C SER H 79 36.87 -86.47 3.09
N LEU H 80 37.15 -86.80 4.34
CA LEU H 80 36.08 -86.90 5.31
C LEU H 80 35.59 -85.48 5.58
N HIS H 81 36.44 -84.51 5.22
CA HIS H 81 36.21 -83.09 5.47
C HIS H 81 36.49 -82.24 4.22
N PRO H 82 35.65 -82.38 3.16
CA PRO H 82 35.81 -81.67 1.88
C PRO H 82 35.84 -80.17 2.02
N CYS H 83 36.84 -79.55 1.42
CA CYS H 83 37.16 -78.13 1.63
C CYS H 83 36.86 -77.22 0.47
N ARG H 84 36.30 -76.05 0.79
CA ARG H 84 36.21 -74.95 -0.17
C ARG H 84 37.18 -73.89 0.31
N MET H 85 37.64 -73.01 -0.58
CA MET H 85 38.55 -71.94 -0.20
C MET H 85 37.78 -71.10 0.80
N ILE H 86 38.40 -70.76 1.92
CA ILE H 86 37.74 -69.86 2.89
C ILE H 86 37.35 -68.56 2.19
N LEU H 87 36.16 -68.05 2.51
CA LEU H 87 35.68 -66.80 1.94
C LEU H 87 35.94 -65.66 2.94
N GLU H 88 37.04 -64.94 2.74
CA GLU H 88 37.54 -63.96 3.72
C GLU H 88 36.53 -62.89 4.12
N PRO H 89 35.89 -62.23 3.14
CA PRO H 89 35.00 -61.12 3.50
C PRO H 89 33.86 -61.55 4.42
N TRP H 90 33.16 -62.63 4.04
CA TRP H 90 32.10 -63.21 4.84
C TRP H 90 32.60 -63.70 6.21
N VAL H 91 33.73 -64.40 6.23
CA VAL H 91 34.33 -64.92 7.48
C VAL H 91 34.77 -63.77 8.41
N ALA H 92 35.34 -62.73 7.83
CA ALA H 92 35.81 -61.60 8.61
C ALA H 92 34.67 -60.77 9.23
N TYR H 93 33.43 -60.95 8.75
CA TYR H 93 32.31 -60.28 9.42
C TYR H 93 32.02 -60.92 10.77
N ARG H 94 31.82 -62.24 10.77
CA ARG H 94 31.43 -62.94 11.99
C ARG H 94 32.47 -62.71 13.10
N GLN H 95 33.75 -62.88 12.75
CA GLN H 95 34.82 -62.80 13.72
C GLN H 95 34.93 -61.36 14.25
N HIS H 96 34.69 -60.37 13.39
CA HIS H 96 34.62 -58.98 13.81
C HIS H 96 33.51 -58.76 14.85
N ARG H 97 32.44 -59.55 14.78
CA ARG H 97 31.27 -59.36 15.68
C ARG H 97 31.08 -60.45 16.74
N GLY H 98 32.05 -61.33 16.89
CA GLY H 98 31.95 -62.39 17.89
C GLY H 98 30.99 -63.52 17.51
N HIS H 99 30.64 -63.60 16.23
CA HIS H 99 29.73 -64.65 15.75
C HIS H 99 30.54 -65.80 15.23
N LYS H 100 30.00 -67.01 15.38
CA LYS H 100 30.58 -68.23 14.79
C LYS H 100 30.08 -68.41 13.34
N CYS H 101 30.57 -69.43 12.65
CA CYS H 101 30.21 -69.61 11.26
C CYS H 101 29.29 -70.80 11.09
N GLY H 102 28.31 -70.62 10.19
CA GLY H 102 27.44 -71.71 9.78
C GLY H 102 28.15 -72.66 8.82
N VAL H 103 27.43 -73.71 8.46
CA VAL H 103 27.96 -74.81 7.66
C VAL H 103 28.42 -74.40 6.25
N PHE H 104 28.07 -73.21 5.82
CA PHE H 104 28.47 -72.74 4.49
C PHE H 104 29.92 -72.18 4.48
N LEU H 105 30.39 -71.67 5.60
CA LEU H 105 31.68 -71.05 5.61
C LEU H 105 32.67 -71.88 6.40
N LEU H 106 32.21 -73.00 6.96
CA LEU H 106 33.04 -73.83 7.79
C LEU H 106 33.74 -74.93 7.01
N ASN H 107 34.99 -75.20 7.40
CA ASN H 107 35.77 -76.34 6.91
C ASN H 107 36.22 -77.26 8.03
N GLY H 108 36.26 -78.56 7.72
CA GLY H 108 36.92 -79.51 8.58
C GLY H 108 35.99 -80.16 9.57
N PRO H 109 36.51 -80.47 10.77
CA PRO H 109 35.72 -81.13 11.79
C PRO H 109 34.58 -80.27 12.31
N GLU H 110 34.81 -78.97 12.50
CA GLU H 110 33.68 -78.13 12.92
C GLU H 110 32.58 -78.23 11.87
N TRP H 111 32.95 -78.04 10.61
CA TRP H 111 32.01 -78.17 9.50
C TRP H 111 31.19 -79.43 9.64
N ARG H 112 31.86 -80.56 9.84
CA ARG H 112 31.20 -81.86 9.87
C ARG H 112 30.24 -81.97 11.05
N PHE H 113 30.70 -81.45 12.17
CA PHE H 113 29.94 -81.50 13.39
C PHE H 113 28.60 -80.80 13.25
N ASN H 114 28.54 -79.81 12.36
CA ASN H 114 27.33 -79.05 12.12
C ASN H 114 26.41 -79.75 11.16
N ARG H 115 26.94 -80.08 9.97
CA ARG H 115 26.17 -80.68 8.87
C ARG H 115 25.42 -81.94 9.32
N LEU H 116 26.12 -82.78 10.07
CA LEU H 116 25.51 -84.00 10.58
C LEU H 116 24.32 -83.73 11.50
N ARG H 117 24.39 -82.64 12.27
CA ARG H 117 23.25 -82.20 13.10
C ARG H 117 22.26 -81.26 12.37
N LEU H 118 22.59 -80.88 11.13
CA LEU H 118 21.68 -80.11 10.29
C LEU H 118 20.87 -80.97 9.31
N ASN H 119 21.49 -81.99 8.73
CA ASN H 119 20.84 -82.86 7.74
C ASN H 119 19.44 -83.41 8.08
N PRO H 120 19.22 -83.88 9.35
CA PRO H 120 17.90 -84.47 9.63
C PRO H 120 16.74 -83.46 9.63
N ASP H 121 17.01 -82.19 9.93
CA ASP H 121 15.94 -81.21 10.03
C ASP H 121 15.88 -80.20 8.88
N VAL H 122 16.97 -80.02 8.16
CA VAL H 122 16.96 -79.10 7.04
C VAL H 122 16.79 -79.79 5.67
N LEU H 123 17.31 -81.01 5.54
CA LEU H 123 17.42 -81.67 4.24
C LEU H 123 16.72 -83.05 4.13
N SER H 124 16.76 -83.85 5.19
CA SER H 124 16.24 -85.23 5.15
C SER H 124 14.85 -85.31 4.56
N PRO H 125 14.51 -86.46 3.95
CA PRO H 125 13.14 -86.72 3.56
C PRO H 125 12.13 -86.57 4.73
N LYS H 126 12.44 -87.01 5.95
CA LYS H 126 11.49 -86.83 7.08
C LYS H 126 11.20 -85.34 7.24
N ALA H 127 12.25 -84.53 7.23
CA ALA H 127 12.16 -83.07 7.34
C ALA H 127 11.18 -82.47 6.32
N VAL H 128 11.44 -82.73 5.03
CA VAL H 128 10.57 -82.30 3.92
C VAL H 128 9.09 -82.61 4.14
N GLN H 129 8.83 -83.83 4.62
CA GLN H 129 7.47 -84.25 4.85
C GLN H 129 6.70 -83.22 5.68
N ARG H 130 7.35 -82.66 6.70
CA ARG H 130 6.67 -81.74 7.60
C ARG H 130 6.58 -80.31 7.10
N PHE H 131 7.60 -79.77 6.44
CA PHE H 131 7.56 -78.35 6.01
C PHE H 131 6.90 -78.10 4.67
N LEU H 132 6.81 -79.13 3.86
CA LEU H 132 6.24 -78.97 2.56
C LEU H 132 4.77 -78.47 2.59
N PRO H 133 3.88 -79.09 3.41
CA PRO H 133 2.49 -78.51 3.42
C PRO H 133 2.47 -77.03 3.84
N MET H 134 3.52 -76.60 4.52
CA MET H 134 3.62 -75.19 4.87
C MET H 134 3.95 -74.38 3.63
N VAL H 135 4.98 -74.78 2.90
CA VAL H 135 5.33 -74.17 1.63
C VAL H 135 4.09 -74.17 0.74
N ASP H 136 3.46 -75.32 0.64
CA ASP H 136 2.25 -75.48 -0.15
C ASP H 136 1.20 -74.38 0.09
N ALA H 137 0.83 -74.13 1.35
CA ALA H 137 -0.11 -73.08 1.70
C ALA H 137 0.29 -71.76 1.08
N VAL H 138 1.56 -71.37 1.26
CA VAL H 138 2.11 -70.12 0.74
C VAL H 138 2.11 -70.10 -0.79
N ALA H 139 2.40 -71.25 -1.40
CA ALA H 139 2.28 -71.39 -2.84
C ALA H 139 0.83 -71.08 -3.30
N ARG H 140 -0.15 -71.73 -2.69
CA ARG H 140 -1.54 -71.43 -2.93
C ARG H 140 -1.85 -69.93 -2.77
N ASP H 141 -1.55 -69.35 -1.59
CA ASP H 141 -1.81 -67.94 -1.38
C ASP H 141 -1.21 -67.09 -2.52
N PHE H 142 -0.23 -67.61 -3.25
CA PHE H 142 0.38 -66.85 -4.36
C PHE H 142 -0.52 -66.78 -5.61
N SER H 143 -1.02 -67.93 -6.05
CA SER H 143 -1.99 -67.97 -7.14
C SER H 143 -3.31 -67.26 -6.83
N GLN H 144 -3.77 -67.41 -5.59
CA GLN H 144 -5.07 -66.91 -5.15
C GLN H 144 -5.00 -65.39 -5.15
N ALA H 145 -3.84 -64.85 -4.81
CA ALA H 145 -3.60 -63.42 -4.85
C ALA H 145 -3.68 -62.95 -6.28
N LEU H 146 -2.73 -63.44 -7.09
CA LEU H 146 -2.67 -63.22 -8.53
C LEU H 146 -4.03 -63.39 -9.21
N LYS H 147 -4.84 -64.33 -8.72
CA LYS H 147 -6.23 -64.42 -9.17
C LYS H 147 -7.01 -63.11 -8.97
N LYS H 148 -7.12 -62.65 -7.71
CA LYS H 148 -7.87 -61.42 -7.39
C LYS H 148 -7.57 -60.25 -8.32
N LYS H 149 -6.29 -60.08 -8.69
CA LYS H 149 -5.85 -58.99 -9.57
C LYS H 149 -6.29 -59.22 -11.02
N VAL H 150 -6.15 -60.44 -11.47
CA VAL H 150 -6.41 -60.81 -12.85
C VAL H 150 -7.89 -60.61 -13.13
N LEU H 151 -8.73 -61.08 -12.21
CA LEU H 151 -10.19 -60.97 -12.35
C LEU H 151 -10.75 -59.56 -12.19
N GLN H 152 -9.92 -58.61 -11.77
CA GLN H 152 -10.32 -57.21 -11.69
C GLN H 152 -9.96 -56.48 -12.96
N ASN H 153 -9.45 -57.22 -13.94
CA ASN H 153 -9.12 -56.64 -15.23
C ASN H 153 -10.01 -57.20 -16.33
N ALA H 154 -10.45 -56.31 -17.21
CA ALA H 154 -11.41 -56.69 -18.25
C ALA H 154 -10.97 -57.89 -19.09
N ARG H 155 -9.67 -58.02 -19.35
CA ARG H 155 -9.16 -59.12 -20.17
C ARG H 155 -8.69 -60.41 -19.43
N GLY H 156 -8.99 -60.51 -18.14
CA GLY H 156 -8.73 -61.73 -17.35
C GLY H 156 -7.26 -62.04 -17.22
N SER H 157 -6.46 -60.98 -17.17
CA SER H 157 -5.03 -61.12 -17.29
C SER H 157 -4.29 -60.00 -16.62
N LEU H 158 -3.17 -60.35 -15.99
CA LEU H 158 -2.33 -59.37 -15.37
C LEU H 158 -0.98 -59.39 -16.04
N THR H 159 -0.44 -58.22 -16.35
CA THR H 159 0.85 -58.16 -17.00
C THR H 159 1.77 -57.33 -16.18
N LEU H 160 2.82 -58.00 -15.69
CA LEU H 160 3.76 -57.41 -14.72
C LEU H 160 5.20 -57.94 -14.81
N ASP H 161 6.11 -57.17 -14.21
CA ASP H 161 7.41 -57.63 -13.77
C ASP H 161 7.21 -58.41 -12.46
N VAL H 162 7.29 -59.74 -12.51
CA VAL H 162 7.01 -60.57 -11.33
C VAL H 162 8.16 -60.72 -10.36
N GLN H 163 9.35 -60.33 -10.77
CA GLN H 163 10.47 -60.48 -9.87
C GLN H 163 10.15 -60.04 -8.44
N PRO H 164 9.69 -58.79 -8.22
CA PRO H 164 9.39 -58.41 -6.84
C PRO H 164 8.53 -59.42 -6.07
N SER H 165 7.38 -59.83 -6.62
CA SER H 165 6.54 -60.82 -5.94
C SER H 165 7.22 -62.19 -5.78
N ILE H 166 7.87 -62.69 -6.82
CA ILE H 166 8.57 -63.95 -6.67
C ILE H 166 9.58 -63.92 -5.53
N PHE H 167 10.25 -62.79 -5.38
CA PHE H 167 11.18 -62.64 -4.28
C PHE H 167 10.46 -62.74 -2.94
N HIS H 168 9.30 -62.07 -2.85
CA HIS H 168 8.56 -62.05 -1.61
C HIS H 168 7.90 -63.40 -1.30
N TYR H 169 7.59 -64.15 -2.34
CA TYR H 169 7.13 -65.50 -2.14
C TYR H 169 8.20 -66.26 -1.37
N THR H 170 9.44 -66.14 -1.82
CA THR H 170 10.50 -66.96 -1.29
C THR H 170 10.87 -66.49 0.12
N ILE H 171 10.69 -65.20 0.40
CA ILE H 171 10.80 -64.69 1.77
C ILE H 171 9.71 -65.29 2.69
N GLU H 172 8.46 -65.35 2.22
CA GLU H 172 7.36 -65.93 2.97
C GLU H 172 7.58 -67.38 3.34
N ALA H 173 7.87 -68.17 2.32
CA ALA H 173 7.82 -69.62 2.39
C ALA H 173 9.04 -70.13 3.13
N SER H 174 10.13 -69.39 3.01
CA SER H 174 11.33 -69.70 3.76
C SER H 174 11.14 -69.35 5.21
N ASN H 175 10.61 -68.16 5.47
CA ASN H 175 10.33 -67.80 6.85
C ASN H 175 9.28 -68.71 7.44
N LEU H 176 8.36 -69.20 6.61
CA LEU H 176 7.38 -70.17 7.09
C LEU H 176 8.05 -71.50 7.45
N ALA H 177 8.71 -72.12 6.48
CA ALA H 177 9.41 -73.36 6.73
C ALA H 177 10.37 -73.20 7.90
N LEU H 178 11.28 -72.22 7.82
CA LEU H 178 12.32 -72.02 8.81
C LEU H 178 11.82 -71.71 10.23
N PHE H 179 10.91 -70.74 10.34
CA PHE H 179 10.56 -70.17 11.64
C PHE H 179 9.11 -70.34 12.07
N GLY H 180 8.31 -71.03 11.26
CA GLY H 180 6.89 -71.18 11.51
C GLY H 180 6.06 -69.90 11.52
N GLU H 181 6.70 -68.76 11.27
CA GLU H 181 5.98 -67.51 11.18
C GLU H 181 5.55 -67.18 9.76
N ARG H 182 4.35 -66.61 9.69
CA ARG H 182 3.76 -66.11 8.46
C ARG H 182 3.87 -64.57 8.46
N LEU H 183 4.54 -64.02 7.45
CA LEU H 183 4.66 -62.56 7.31
C LEU H 183 3.64 -62.13 6.25
N GLY H 184 3.31 -60.84 6.18
CA GLY H 184 2.20 -60.47 5.32
C GLY H 184 2.75 -60.01 4.02
N LEU H 185 3.43 -60.93 3.32
CA LEU H 185 4.18 -60.51 2.15
C LEU H 185 3.69 -61.10 0.84
N VAL H 186 2.93 -62.19 0.92
CA VAL H 186 2.28 -62.74 -0.27
C VAL H 186 0.84 -62.22 -0.40
N GLY H 187 0.51 -61.69 -1.58
CA GLY H 187 -0.78 -61.03 -1.80
C GLY H 187 -0.96 -59.72 -1.03
N HIS H 188 0.13 -58.98 -0.85
CA HIS H 188 0.19 -57.70 -0.13
C HIS H 188 1.39 -56.85 -0.59
N SER H 189 1.62 -55.73 0.09
CA SER H 189 2.77 -54.92 -0.25
C SER H 189 4.04 -55.33 0.49
N PRO H 190 5.16 -55.43 -0.24
CA PRO H 190 6.48 -55.53 0.38
C PRO H 190 6.60 -54.57 1.59
N SER H 191 7.23 -55.01 2.68
CA SER H 191 7.41 -54.14 3.85
C SER H 191 8.71 -53.34 3.74
N SER H 192 8.96 -52.43 4.67
CA SER H 192 10.21 -51.68 4.63
C SER H 192 11.33 -52.61 5.09
N ALA H 193 10.97 -53.60 5.90
CA ALA H 193 11.93 -54.60 6.33
C ALA H 193 12.26 -55.52 5.16
N SER H 194 11.24 -56.06 4.51
CA SER H 194 11.47 -56.97 3.37
C SER H 194 12.28 -56.33 2.24
N LEU H 195 12.12 -55.02 2.03
CA LEU H 195 12.83 -54.35 0.95
C LEU H 195 14.30 -54.13 1.30
N ASN H 196 14.50 -53.60 2.51
CA ASN H 196 15.83 -53.42 3.10
C ASN H 196 16.65 -54.70 3.20
N PHE H 197 15.94 -55.83 3.33
CA PHE H 197 16.59 -57.13 3.33
C PHE H 197 17.11 -57.46 1.92
N LEU H 198 16.27 -57.26 0.91
CA LEU H 198 16.63 -57.62 -0.44
C LEU H 198 17.73 -56.71 -0.91
N HIS H 199 17.60 -55.42 -0.63
CA HIS H 199 18.61 -54.44 -0.98
C HIS H 199 19.99 -54.86 -0.42
N ALA H 200 20.02 -55.21 0.87
CA ALA H 200 21.24 -55.64 1.57
C ALA H 200 21.87 -56.93 1.01
N LEU H 201 21.06 -57.95 0.74
CA LEU H 201 21.58 -59.13 0.04
C LEU H 201 22.29 -58.75 -1.28
N GLU H 202 21.69 -57.83 -2.01
CA GLU H 202 22.22 -57.38 -3.30
C GLU H 202 23.55 -56.67 -3.12
N VAL H 203 23.63 -55.80 -2.10
CA VAL H 203 24.84 -55.03 -1.82
C VAL H 203 25.96 -55.96 -1.35
N MET H 204 25.61 -56.87 -0.43
CA MET H 204 26.59 -57.79 0.14
C MET H 204 27.22 -58.61 -0.96
N PHE H 205 26.41 -59.11 -1.88
CA PHE H 205 26.90 -59.85 -3.03
C PHE H 205 27.86 -58.99 -3.86
N LYS H 206 27.38 -57.81 -4.28
CA LYS H 206 28.14 -56.83 -5.09
C LYS H 206 29.54 -56.60 -4.52
N SER H 207 29.58 -56.26 -3.23
CA SER H 207 30.81 -55.98 -2.53
C SER H 207 31.63 -57.24 -2.19
N THR H 208 31.02 -58.42 -2.28
CA THR H 208 31.75 -59.67 -2.14
C THR H 208 32.72 -59.76 -3.30
N VAL H 209 32.22 -59.62 -4.52
CA VAL H 209 33.05 -59.66 -5.70
C VAL H 209 34.18 -58.64 -5.62
N GLN H 210 33.94 -57.55 -4.90
CA GLN H 210 34.94 -56.48 -4.74
C GLN H 210 36.09 -56.80 -3.76
N LEU H 211 35.95 -57.84 -2.95
CA LEU H 211 36.95 -58.16 -1.91
C LEU H 211 37.40 -59.62 -2.03
N MET H 212 36.71 -60.33 -2.91
CA MET H 212 36.84 -61.74 -3.09
C MET H 212 38.15 -62.09 -3.79
N PHE H 213 38.65 -61.15 -4.59
CA PHE H 213 39.79 -61.42 -5.46
C PHE H 213 41.13 -60.80 -5.03
N MET H 214 41.24 -60.44 -3.76
CA MET H 214 42.49 -59.94 -3.19
C MET H 214 42.51 -60.14 -1.67
N PRO H 215 43.66 -60.56 -1.11
CA PRO H 215 43.86 -60.70 0.35
C PRO H 215 43.61 -59.40 1.14
N ARG H 216 43.40 -59.51 2.46
CA ARG H 216 43.06 -58.31 3.26
C ARG H 216 44.25 -57.41 3.60
N SER H 217 45.48 -57.92 3.46
CA SER H 217 46.67 -57.07 3.58
C SER H 217 46.71 -56.07 2.43
N LEU H 218 45.98 -56.40 1.36
CA LEU H 218 45.82 -55.54 0.19
C LEU H 218 44.59 -54.65 0.26
N SER H 219 43.44 -55.27 0.49
CA SER H 219 42.14 -54.58 0.44
C SER H 219 41.98 -53.54 1.54
N ARG H 220 42.57 -53.82 2.71
CA ARG H 220 42.59 -52.90 3.85
C ARG H 220 42.72 -51.42 3.47
N TRP H 221 43.63 -51.12 2.54
CA TRP H 221 43.87 -49.72 2.13
C TRP H 221 43.49 -49.38 0.68
N ILE H 222 43.20 -50.40 -0.14
CA ILE H 222 42.79 -50.14 -1.52
C ILE H 222 41.28 -49.88 -1.65
N SER H 223 40.48 -50.70 -0.96
CA SER H 223 39.03 -50.56 -0.96
C SER H 223 38.45 -50.56 0.45
N PRO H 224 38.95 -49.64 1.31
CA PRO H 224 38.63 -49.66 2.74
C PRO H 224 37.16 -49.35 2.98
N LYS H 225 36.59 -48.53 2.09
CA LYS H 225 35.17 -48.19 2.16
C LYS H 225 34.30 -49.08 1.26
N VAL H 226 34.82 -50.27 0.98
CA VAL H 226 34.06 -51.38 0.43
C VAL H 226 34.04 -52.45 1.51
N TRP H 227 34.86 -52.25 2.54
CA TRP H 227 34.75 -53.03 3.75
C TRP H 227 33.69 -52.45 4.67
N LYS H 228 33.48 -51.13 4.60
CA LYS H 228 32.44 -50.47 5.41
C LYS H 228 31.06 -50.74 4.83
N GLU H 229 30.99 -50.79 3.50
CA GLU H 229 29.76 -51.08 2.79
C GLU H 229 29.35 -52.57 2.93
N HIS H 230 30.34 -53.45 2.90
CA HIS H 230 30.14 -54.90 3.09
C HIS H 230 29.66 -55.23 4.49
N PHE H 231 30.28 -54.61 5.49
CA PHE H 231 29.91 -54.85 6.88
C PHE H 231 28.53 -54.25 7.21
N GLU H 232 28.22 -53.09 6.63
CA GLU H 232 26.90 -52.50 6.79
C GLU H 232 25.79 -53.34 6.19
N ALA H 233 25.99 -53.77 4.94
CA ALA H 233 25.08 -54.73 4.33
C ALA H 233 24.89 -55.92 5.28
N TRP H 234 26.00 -56.50 5.75
CA TRP H 234 25.92 -57.64 6.66
C TRP H 234 25.12 -57.35 7.91
N ASP H 235 25.43 -56.22 8.58
CA ASP H 235 24.70 -55.79 9.78
C ASP H 235 23.21 -55.81 9.55
N CYS H 236 22.79 -55.27 8.40
CA CYS H 236 21.38 -55.25 8.05
C CYS H 236 20.80 -56.64 7.98
N ILE H 237 21.49 -57.54 7.29
CA ILE H 237 21.07 -58.93 7.15
C ILE H 237 20.96 -59.56 8.52
N PHE H 238 21.96 -59.29 9.36
CA PHE H 238 21.97 -59.83 10.70
C PHE H 238 20.87 -59.30 11.60
N GLN H 239 20.61 -57.99 11.55
CA GLN H 239 19.46 -57.42 12.22
C GLN H 239 18.20 -58.17 11.82
N TYR H 240 18.04 -58.41 10.51
CA TYR H 240 16.87 -59.07 10.01
C TYR H 240 16.74 -60.50 10.51
N GLY H 241 17.82 -61.26 10.44
CA GLY H 241 17.82 -62.65 10.87
C GLY H 241 17.88 -62.84 12.39
N ASP H 242 18.57 -61.93 13.07
CA ASP H 242 18.61 -61.98 14.53
C ASP H 242 17.23 -61.69 15.17
N ASN H 243 16.46 -60.79 14.53
CA ASN H 243 15.08 -60.53 14.91
C ASN H 243 14.26 -61.81 14.87
N CYS H 244 14.25 -62.47 13.74
CA CYS H 244 13.59 -63.75 13.64
C CYS H 244 13.86 -64.67 14.82
N ILE H 245 15.13 -64.80 15.20
CA ILE H 245 15.53 -65.87 16.11
C ILE H 245 15.31 -65.49 17.56
N GLN H 246 15.43 -64.19 17.85
CA GLN H 246 15.01 -63.68 19.15
C GLN H 246 13.53 -63.95 19.39
N LYS H 247 12.72 -63.89 18.33
CA LYS H 247 11.30 -64.27 18.41
C LYS H 247 11.08 -65.75 18.67
N ILE H 248 11.77 -66.63 17.95
CA ILE H 248 11.54 -68.06 18.09
C ILE H 248 12.18 -68.65 19.34
N TYR H 249 13.30 -68.09 19.79
CA TYR H 249 13.90 -68.52 21.06
C TYR H 249 12.97 -68.22 22.22
N GLN H 250 12.47 -66.99 22.26
CA GLN H 250 11.57 -66.54 23.31
C GLN H 250 10.30 -67.37 23.38
N GLU H 251 9.76 -67.72 22.21
CA GLU H 251 8.51 -68.47 22.21
C GLU H 251 8.69 -69.86 22.76
N LEU H 252 9.73 -70.57 22.29
CA LEU H 252 10.02 -71.93 22.75
C LEU H 252 10.47 -71.97 24.22
N ALA H 253 11.10 -70.88 24.65
CA ALA H 253 11.48 -70.71 26.05
C ALA H 253 10.27 -70.90 26.97
N PHE H 254 9.11 -70.40 26.55
CA PHE H 254 7.92 -70.53 27.37
C PHE H 254 7.01 -71.72 27.02
N ASN H 255 6.76 -71.95 25.75
CA ASN H 255 5.93 -73.09 25.41
C ASN H 255 6.64 -73.92 24.38
N ARG H 256 6.93 -75.16 24.76
CA ARG H 256 7.60 -76.11 23.85
C ARG H 256 6.51 -76.93 23.17
N PRO H 257 6.26 -76.64 21.87
CA PRO H 257 5.06 -77.12 21.18
C PRO H 257 5.02 -78.62 20.90
N GLN H 258 3.80 -79.13 20.75
CA GLN H 258 3.55 -80.54 20.47
C GLN H 258 3.50 -80.86 18.97
N HIS H 259 3.11 -79.88 18.15
CA HIS H 259 3.04 -80.04 16.69
C HIS H 259 4.29 -79.40 16.08
N TYR H 260 4.55 -79.66 14.80
CA TYR H 260 5.71 -79.12 14.08
C TYR H 260 5.52 -77.65 13.76
N THR H 261 6.55 -76.84 13.95
CA THR H 261 6.48 -75.40 13.69
C THR H 261 7.75 -74.90 13.02
N GLY H 262 8.34 -75.76 12.19
CA GLY H 262 9.47 -75.34 11.40
C GLY H 262 10.82 -75.92 11.76
N ILE H 263 11.81 -75.56 10.96
CA ILE H 263 13.11 -76.17 10.96
C ILE H 263 13.96 -75.68 12.12
N VAL H 264 14.01 -74.38 12.32
CA VAL H 264 14.83 -73.83 13.39
C VAL H 264 14.29 -74.20 14.77
N ALA H 265 12.98 -74.44 14.86
CA ALA H 265 12.39 -74.98 16.07
C ALA H 265 13.01 -76.34 16.40
N GLU H 266 12.97 -77.26 15.44
CA GLU H 266 13.49 -78.60 15.65
C GLU H 266 14.93 -78.54 16.13
N LEU H 267 15.73 -77.65 15.54
CA LEU H 267 17.14 -77.52 15.93
C LEU H 267 17.26 -77.11 17.39
N LEU H 268 16.60 -75.99 17.75
CA LEU H 268 16.59 -75.46 19.11
C LEU H 268 16.02 -76.43 20.11
N LEU H 269 14.97 -77.14 19.73
CA LEU H 269 14.33 -78.09 20.64
C LEU H 269 15.25 -79.25 20.94
N LYS H 270 15.91 -79.77 19.92
CA LYS H 270 16.89 -80.82 20.10
C LYS H 270 18.15 -80.36 20.85
N ALA H 271 18.45 -79.06 20.78
CA ALA H 271 19.71 -78.52 21.31
C ALA H 271 20.89 -79.52 21.17
N GLU H 272 21.20 -79.91 19.94
CA GLU H 272 22.40 -80.70 19.67
C GLU H 272 23.57 -79.80 19.20
N LEU H 273 23.29 -78.50 19.07
CA LEU H 273 24.32 -77.52 18.81
C LEU H 273 24.18 -76.42 19.86
N SER H 274 25.21 -75.60 20.02
CA SER H 274 25.17 -74.45 20.89
C SER H 274 24.33 -73.37 20.26
N LEU H 275 23.57 -72.65 21.07
CA LEU H 275 22.75 -71.55 20.57
C LEU H 275 23.55 -70.73 19.55
N GLU H 276 24.82 -70.49 19.82
CA GLU H 276 25.63 -69.71 18.89
C GLU H 276 25.87 -70.41 17.54
N ALA H 277 25.76 -71.74 17.54
CA ALA H 277 25.86 -72.56 16.33
C ALA H 277 24.55 -72.55 15.54
N ILE H 278 23.44 -72.72 16.24
CA ILE H 278 22.13 -72.53 15.64
C ILE H 278 21.98 -71.12 15.04
N LYS H 279 22.19 -70.08 15.88
CA LYS H 279 22.18 -68.70 15.40
C LYS H 279 22.85 -68.57 14.03
N ALA H 280 24.11 -69.00 13.93
CA ALA H 280 24.90 -68.86 12.71
C ALA H 280 24.32 -69.65 11.54
N ASN H 281 23.69 -70.78 11.85
CA ASN H 281 23.16 -71.68 10.84
C ASN H 281 21.78 -71.23 10.35
N SER H 282 20.97 -70.66 11.26
CA SER H 282 19.75 -69.99 10.88
C SER H 282 20.04 -68.71 10.11
N MET H 283 21.11 -68.01 10.48
CA MET H 283 21.48 -66.83 9.73
C MET H 283 21.68 -67.19 8.28
N GLU H 284 22.32 -68.34 8.03
CA GLU H 284 22.74 -68.70 6.71
C GLU H 284 21.55 -69.19 5.96
N LEU H 285 20.71 -69.98 6.66
CA LEU H 285 19.53 -70.54 6.06
C LEU H 285 18.61 -69.39 5.64
N THR H 286 18.36 -68.48 6.57
CA THR H 286 17.51 -67.31 6.33
C THR H 286 18.03 -66.45 5.16
N ALA H 287 19.33 -66.18 5.17
CA ALA H 287 19.94 -65.33 4.16
C ALA H 287 20.11 -65.99 2.79
N GLY H 288 20.24 -67.31 2.74
CA GLY H 288 20.53 -67.99 1.51
C GLY H 288 19.31 -68.54 0.80
N SER H 289 18.16 -68.49 1.47
CA SER H 289 16.94 -69.05 0.91
C SER H 289 16.14 -68.04 0.13
N VAL H 290 16.77 -66.93 -0.22
CA VAL H 290 16.10 -65.82 -0.97
C VAL H 290 16.44 -65.76 -2.48
N ASP H 291 17.58 -65.18 -2.86
CA ASP H 291 17.98 -64.94 -4.27
C ASP H 291 18.09 -66.24 -5.08
N THR H 292 18.73 -67.25 -4.49
CA THR H 292 19.02 -68.53 -5.15
C THR H 292 17.77 -69.22 -5.64
N THR H 293 16.72 -69.19 -4.83
CA THR H 293 15.49 -69.83 -5.23
C THR H 293 14.72 -68.94 -6.21
N ALA H 294 14.75 -67.63 -5.98
CA ALA H 294 13.89 -66.75 -6.74
C ALA H 294 14.31 -66.68 -8.21
N PHE H 295 15.59 -66.45 -8.46
CA PHE H 295 16.08 -66.31 -9.79
C PHE H 295 15.78 -67.49 -10.73
N PRO H 296 16.06 -68.74 -10.30
CA PRO H 296 15.64 -69.86 -11.16
C PRO H 296 14.13 -70.03 -11.27
N LEU H 297 13.40 -69.70 -10.20
CA LEU H 297 11.94 -69.69 -10.28
C LEU H 297 11.52 -68.68 -11.35
N LEU H 298 12.11 -67.50 -11.31
CA LEU H 298 11.78 -66.48 -12.28
C LEU H 298 12.22 -66.84 -13.73
N MET H 299 13.33 -67.59 -13.86
CA MET H 299 13.87 -67.97 -15.17
C MET H 299 13.08 -69.09 -15.81
N THR H 300 12.50 -69.94 -14.97
CA THR H 300 11.53 -70.95 -15.42
C THR H 300 10.25 -70.31 -15.99
N LEU H 301 9.66 -69.38 -15.24
CA LEU H 301 8.46 -68.69 -15.68
C LEU H 301 8.69 -68.04 -17.04
N PHE H 302 9.80 -67.30 -17.14
CA PHE H 302 10.22 -66.65 -18.39
C PHE H 302 10.41 -67.66 -19.52
N GLU H 303 10.90 -68.85 -19.17
CA GLU H 303 11.20 -69.86 -20.16
C GLU H 303 10.00 -70.65 -20.61
N LEU H 304 9.01 -70.83 -19.74
CA LEU H 304 7.78 -71.48 -20.17
C LEU H 304 6.95 -70.47 -20.96
N ALA H 305 7.21 -69.18 -20.75
CA ALA H 305 6.52 -68.15 -21.50
C ALA H 305 6.97 -68.17 -22.95
N ARG H 306 8.28 -68.37 -23.14
CA ARG H 306 8.89 -68.55 -24.45
C ARG H 306 8.51 -69.86 -25.09
N ASN H 307 8.13 -70.83 -24.25
CA ASN H 307 7.90 -72.16 -24.74
C ASN H 307 6.48 -72.65 -24.45
N PRO H 308 5.46 -71.99 -25.05
CA PRO H 308 4.10 -72.43 -24.77
C PRO H 308 3.95 -73.94 -24.95
N ASP H 309 4.73 -74.49 -25.88
CA ASP H 309 4.69 -75.92 -26.15
C ASP H 309 4.98 -76.74 -24.90
N VAL H 310 6.11 -76.42 -24.27
CA VAL H 310 6.57 -77.08 -23.06
C VAL H 310 5.71 -76.70 -21.88
N GLN H 311 5.20 -75.47 -21.88
CA GLN H 311 4.31 -74.98 -20.82
C GLN H 311 3.03 -75.80 -20.77
N GLN H 312 2.53 -76.20 -21.93
CA GLN H 312 1.26 -76.92 -22.00
C GLN H 312 1.39 -78.38 -21.54
N ILE H 313 2.56 -78.97 -21.76
CA ILE H 313 2.79 -80.32 -21.30
C ILE H 313 2.93 -80.31 -19.78
N LEU H 314 3.54 -79.27 -19.25
CA LEU H 314 3.66 -79.12 -17.82
C LEU H 314 2.27 -78.92 -17.17
N ARG H 315 1.46 -78.06 -17.79
CA ARG H 315 0.14 -77.76 -17.27
C ARG H 315 -0.75 -79.00 -17.21
N GLN H 316 -0.72 -79.78 -18.29
CA GLN H 316 -1.44 -81.02 -18.36
C GLN H 316 -1.15 -81.92 -17.16
N GLU H 317 0.12 -82.30 -16.99
CA GLU H 317 0.51 -83.19 -15.90
C GLU H 317 0.21 -82.63 -14.50
N SER H 318 0.14 -81.30 -14.37
CA SER H 318 -0.25 -80.70 -13.09
C SER H 318 -1.75 -80.74 -12.85
N LEU H 319 -2.56 -80.67 -13.90
CA LEU H 319 -4.02 -80.84 -13.75
C LEU H 319 -4.37 -82.28 -13.44
N ALA H 320 -3.73 -83.20 -14.15
CA ALA H 320 -3.89 -84.62 -13.92
C ALA H 320 -3.46 -85.03 -12.50
N ALA H 321 -2.54 -84.27 -11.89
CA ALA H 321 -2.05 -84.62 -10.54
C ALA H 321 -2.61 -83.73 -9.44
N ALA H 322 -3.56 -82.85 -9.80
CA ALA H 322 -4.07 -81.84 -8.90
C ALA H 322 -4.77 -82.42 -7.68
N ALA H 323 -5.80 -83.22 -7.91
CA ALA H 323 -6.64 -83.76 -6.85
C ALA H 323 -5.84 -84.49 -5.76
N SER H 324 -4.75 -85.15 -6.19
CA SER H 324 -3.91 -85.89 -5.26
C SER H 324 -2.89 -85.02 -4.54
N ILE H 325 -2.44 -83.93 -5.18
CA ILE H 325 -1.52 -82.97 -4.53
C ILE H 325 -2.29 -82.05 -3.57
N SER H 326 -3.51 -81.67 -3.95
CA SER H 326 -4.35 -80.93 -3.02
C SER H 326 -4.80 -81.83 -1.88
N GLU H 327 -4.33 -83.08 -1.90
CA GLU H 327 -4.67 -84.05 -0.88
C GLU H 327 -3.49 -84.28 0.02
N HIS H 328 -2.48 -84.95 -0.50
CA HIS H 328 -1.16 -84.98 0.12
C HIS H 328 -0.27 -84.10 -0.73
N PRO H 329 0.08 -82.90 -0.22
CA PRO H 329 0.98 -82.04 -0.97
C PRO H 329 2.34 -82.68 -1.15
N GLN H 330 2.68 -83.62 -0.29
CA GLN H 330 3.99 -84.28 -0.33
C GLN H 330 4.23 -84.95 -1.67
N LYS H 331 3.13 -85.23 -2.37
CA LYS H 331 3.23 -86.01 -3.59
C LYS H 331 3.72 -85.16 -4.75
N ALA H 332 3.77 -83.84 -4.54
CA ALA H 332 4.26 -82.93 -5.55
C ALA H 332 5.61 -83.41 -6.05
N THR H 333 6.44 -83.87 -5.10
CA THR H 333 7.82 -84.33 -5.34
C THR H 333 7.95 -85.57 -6.20
N THR H 334 6.86 -86.33 -6.32
CA THR H 334 6.88 -87.59 -7.07
C THR H 334 5.87 -87.58 -8.22
N GLU H 335 4.69 -87.03 -7.97
CA GLU H 335 3.66 -86.92 -9.00
C GLU H 335 3.94 -85.89 -10.11
N LEU H 336 5.07 -85.18 -10.04
CA LEU H 336 5.37 -84.13 -11.05
C LEU H 336 6.71 -84.25 -11.75
N PRO H 337 7.00 -85.42 -12.36
CA PRO H 337 8.31 -85.68 -12.96
C PRO H 337 8.71 -84.72 -14.10
N LEU H 338 7.74 -84.21 -14.86
CA LEU H 338 8.08 -83.31 -15.97
C LEU H 338 8.45 -81.91 -15.50
N LEU H 339 7.76 -81.43 -14.47
CA LEU H 339 8.06 -80.13 -13.89
C LEU H 339 9.35 -80.16 -13.06
N ARG H 340 9.77 -81.34 -12.62
CA ARG H 340 11.03 -81.46 -11.88
C ARG H 340 12.19 -81.33 -12.86
N ALA H 341 11.94 -81.72 -14.12
CA ALA H 341 12.93 -81.70 -15.18
C ALA H 341 13.15 -80.30 -15.72
N ALA H 342 12.06 -79.55 -15.85
CA ALA H 342 12.13 -78.13 -16.24
C ALA H 342 13.07 -77.37 -15.31
N LEU H 343 12.97 -77.65 -14.01
CA LEU H 343 13.85 -77.04 -13.02
C LEU H 343 15.31 -77.42 -13.27
N LYS H 344 15.55 -78.70 -13.56
CA LYS H 344 16.86 -79.18 -13.99
C LYS H 344 17.34 -78.38 -15.21
N GLU H 345 16.46 -78.21 -16.19
CA GLU H 345 16.75 -77.45 -17.40
C GLU H 345 17.03 -75.96 -17.11
N THR H 346 16.18 -75.34 -16.31
CA THR H 346 16.42 -73.97 -15.89
C THR H 346 17.84 -73.84 -15.29
N LEU H 347 18.16 -74.70 -14.34
CA LEU H 347 19.48 -74.60 -13.70
C LEU H 347 20.65 -74.96 -14.60
N ARG H 348 20.40 -75.86 -15.55
CA ARG H 348 21.35 -76.14 -16.62
C ARG H 348 21.66 -74.87 -17.40
N LEU H 349 20.64 -74.13 -17.79
CA LEU H 349 20.88 -72.90 -18.57
C LEU H 349 21.29 -71.69 -17.73
N TYR H 350 20.72 -71.58 -16.54
CA TYR H 350 20.94 -70.41 -15.72
C TYR H 350 21.34 -70.83 -14.32
N PRO H 351 22.60 -71.31 -14.15
CA PRO H 351 23.02 -71.80 -12.81
C PRO H 351 23.28 -70.68 -11.80
N VAL H 352 22.61 -70.69 -10.65
CA VAL H 352 22.78 -69.56 -9.71
C VAL H 352 24.15 -69.54 -9.07
N GLY H 353 24.59 -70.67 -8.54
CA GLY H 353 25.99 -70.83 -8.17
C GLY H 353 26.69 -71.00 -9.48
N LEU H 354 27.66 -70.15 -9.77
CA LEU H 354 28.36 -70.22 -11.04
C LEU H 354 29.34 -71.40 -11.09
N PHE H 355 30.03 -71.65 -9.96
CA PHE H 355 31.02 -72.70 -9.90
C PHE H 355 31.00 -73.58 -8.66
N LEU H 356 31.29 -74.85 -8.87
CA LEU H 356 31.56 -75.77 -7.78
C LEU H 356 33.05 -75.68 -7.54
N GLU H 357 33.44 -75.86 -6.28
CA GLU H 357 34.82 -75.64 -5.88
C GLU H 357 35.29 -76.61 -4.76
N ARG H 358 36.53 -77.10 -4.91
CA ARG H 358 37.21 -77.89 -3.90
C ARG H 358 38.68 -77.50 -3.89
N VAL H 359 39.21 -77.13 -2.71
CA VAL H 359 40.64 -77.16 -2.49
C VAL H 359 40.86 -78.64 -2.24
N VAL H 360 41.58 -79.27 -3.16
CA VAL H 360 41.71 -80.72 -3.17
C VAL H 360 42.66 -81.18 -2.03
N SER H 361 42.38 -82.35 -1.46
CA SER H 361 43.09 -82.80 -0.23
C SER H 361 44.15 -83.84 -0.51
N SER H 362 44.07 -84.49 -1.67
CA SER H 362 45.04 -85.50 -2.08
C SER H 362 45.03 -85.74 -3.61
N ASP H 363 46.18 -85.48 -4.25
CA ASP H 363 46.46 -85.69 -5.69
C ASP H 363 45.49 -86.59 -6.51
N LEU H 364 45.16 -86.13 -7.73
CA LEU H 364 44.30 -86.88 -8.65
C LEU H 364 44.61 -86.54 -10.11
N VAL H 365 43.86 -87.15 -11.03
CA VAL H 365 44.05 -86.91 -12.46
C VAL H 365 42.76 -86.62 -13.23
N LEU H 366 42.75 -85.44 -13.84
CA LEU H 366 41.60 -84.93 -14.58
C LEU H 366 41.99 -84.57 -15.98
N GLN H 367 41.30 -85.19 -16.93
CA GLN H 367 41.53 -85.00 -18.37
C GLN H 367 42.94 -85.39 -18.77
N ASN H 368 43.47 -86.40 -18.07
CA ASN H 368 44.78 -87.00 -18.34
C ASN H 368 46.00 -86.11 -17.98
N TYR H 369 45.81 -85.18 -17.03
CA TYR H 369 46.89 -84.37 -16.48
C TYR H 369 47.01 -84.63 -14.97
N HIS H 370 48.16 -84.32 -14.41
CA HIS H 370 48.40 -84.52 -12.98
C HIS H 370 47.91 -83.31 -12.19
N ILE H 371 47.06 -83.59 -11.19
CA ILE H 371 46.59 -82.56 -10.26
C ILE H 371 47.02 -82.92 -8.83
N PRO H 372 47.92 -82.12 -8.26
CA PRO H 372 48.48 -82.36 -6.93
C PRO H 372 47.63 -81.83 -5.79
N ALA H 373 47.61 -82.54 -4.67
CA ALA H 373 47.01 -82.06 -3.42
C ALA H 373 47.22 -80.56 -3.19
N GLY H 374 46.15 -79.87 -2.78
CA GLY H 374 46.23 -78.43 -2.47
C GLY H 374 45.74 -77.54 -3.61
N THR H 375 45.54 -78.12 -4.79
CA THR H 375 45.03 -77.37 -5.93
C THR H 375 43.55 -77.03 -5.74
N LEU H 376 43.20 -75.80 -6.07
CA LEU H 376 41.81 -75.34 -6.11
C LEU H 376 41.17 -75.74 -7.44
N VAL H 377 40.15 -76.60 -7.41
CA VAL H 377 39.51 -77.06 -8.65
C VAL H 377 38.11 -76.47 -8.81
N GLN H 378 37.89 -75.69 -9.86
CA GLN H 378 36.58 -75.05 -10.11
C GLN H 378 35.82 -75.70 -11.24
N VAL H 379 34.54 -75.98 -11.02
CA VAL H 379 33.65 -76.50 -12.06
C VAL H 379 32.69 -75.40 -12.55
N PHE H 380 32.82 -75.03 -13.83
CA PHE H 380 31.95 -74.03 -14.41
C PHE H 380 30.71 -74.59 -15.03
N LEU H 381 29.59 -74.32 -14.37
CA LEU H 381 28.30 -74.92 -14.69
C LEU H 381 27.64 -74.25 -15.90
N TYR H 382 28.01 -73.00 -16.14
CA TYR H 382 27.57 -72.31 -17.33
C TYR H 382 28.10 -73.11 -18.51
N SER H 383 29.43 -73.26 -18.59
CA SER H 383 30.06 -73.95 -19.70
C SER H 383 29.73 -75.46 -19.71
N LEU H 384 29.51 -76.05 -18.53
CA LEU H 384 29.11 -77.46 -18.41
C LEU H 384 27.77 -77.76 -19.09
N GLY H 385 26.73 -77.02 -18.73
CA GLY H 385 25.40 -77.22 -19.32
C GLY H 385 25.35 -76.86 -20.80
N ARG H 386 26.24 -75.98 -21.23
CA ARG H 386 26.25 -75.54 -22.61
C ARG H 386 27.14 -76.40 -23.53
N ASN H 387 27.58 -77.54 -23.02
CA ASN H 387 28.27 -78.51 -23.82
C ASN H 387 27.31 -79.26 -24.75
N ALA H 388 27.35 -78.89 -26.03
CA ALA H 388 26.55 -79.54 -27.09
C ALA H 388 26.85 -81.05 -27.26
N ALA H 389 28.06 -81.46 -26.87
CA ALA H 389 28.48 -82.86 -26.94
C ALA H 389 27.77 -83.70 -25.88
N LEU H 390 27.40 -83.07 -24.78
CA LEU H 390 26.71 -83.75 -23.67
C LEU H 390 25.22 -83.47 -23.61
N PHE H 391 24.81 -82.33 -24.19
CA PHE H 391 23.40 -81.99 -24.30
C PHE H 391 23.09 -81.53 -25.72
N PRO H 392 22.62 -82.45 -26.58
CA PRO H 392 22.18 -82.10 -27.96
C PRO H 392 21.27 -80.89 -27.96
N ARG H 393 21.61 -79.90 -28.78
CA ARG H 393 20.95 -78.59 -28.82
C ARG H 393 20.92 -77.93 -27.43
N PRO H 394 22.08 -77.41 -26.98
CA PRO H 394 22.24 -76.82 -25.66
C PRO H 394 21.30 -75.64 -25.42
N GLU H 395 21.00 -74.89 -26.48
CA GLU H 395 20.18 -73.68 -26.40
C GLU H 395 18.67 -73.95 -26.30
N ARG H 396 18.26 -75.18 -26.59
CA ARG H 396 16.86 -75.55 -26.55
C ARG H 396 16.40 -75.93 -25.15
N TYR H 397 15.40 -75.21 -24.63
CA TYR H 397 14.81 -75.51 -23.34
C TYR H 397 13.94 -76.76 -23.47
N ASN H 398 14.33 -77.84 -22.79
CA ASN H 398 13.67 -79.14 -22.96
C ASN H 398 13.74 -80.03 -21.73
N PRO H 399 12.60 -80.22 -21.04
CA PRO H 399 12.55 -81.04 -19.82
C PRO H 399 12.69 -82.54 -20.06
N GLN H 400 12.24 -83.00 -21.22
CA GLN H 400 12.26 -84.45 -21.55
C GLN H 400 13.69 -85.00 -21.58
N ARG H 401 14.61 -84.16 -22.05
CA ARG H 401 16.04 -84.34 -21.92
C ARG H 401 16.52 -85.08 -20.65
N TRP H 402 15.70 -85.12 -19.61
CA TRP H 402 16.12 -85.70 -18.35
C TRP H 402 15.37 -86.99 -17.99
N LEU H 403 14.56 -87.51 -18.91
CA LEU H 403 13.70 -88.65 -18.59
C LEU H 403 14.18 -90.02 -19.10
N ASP H 404 15.50 -90.18 -19.12
CA ASP H 404 16.18 -91.41 -19.52
C ASP H 404 16.55 -92.28 -18.31
N PHE H 412 25.83 -87.92 -13.55
CA PHE H 412 26.49 -86.73 -13.01
C PHE H 412 26.27 -85.42 -13.79
N HIS H 413 25.16 -85.31 -14.52
CA HIS H 413 24.96 -84.15 -15.43
C HIS H 413 24.28 -82.94 -14.73
N HIS H 414 23.44 -83.27 -13.75
CA HIS H 414 22.71 -82.30 -12.96
C HIS H 414 23.41 -82.23 -11.61
N VAL H 415 24.19 -81.17 -11.44
CA VAL H 415 24.98 -80.94 -10.22
C VAL H 415 24.94 -79.49 -9.70
N PRO H 416 23.86 -78.73 -9.99
CA PRO H 416 23.87 -77.30 -9.69
C PRO H 416 23.82 -76.99 -8.18
N PHE H 417 23.62 -78.02 -7.36
CA PHE H 417 23.67 -77.92 -5.92
C PHE H 417 24.95 -78.55 -5.37
N GLY H 418 25.85 -78.94 -6.27
CA GLY H 418 27.11 -79.60 -5.90
C GLY H 418 26.99 -81.11 -5.73
N PHE H 419 27.91 -81.68 -4.94
CA PHE H 419 28.02 -83.14 -4.85
C PHE H 419 28.43 -83.63 -3.47
N GLY H 420 28.22 -84.92 -3.23
CA GLY H 420 28.70 -85.58 -2.02
C GLY H 420 27.90 -85.22 -0.78
N MET H 421 28.62 -84.78 0.25
CA MET H 421 28.02 -84.57 1.56
C MET H 421 27.92 -83.09 1.91
N ARG H 422 28.43 -82.30 1.00
CA ARG H 422 28.60 -80.87 1.16
C ARG H 422 27.59 -80.16 0.26
N GLN H 423 26.96 -80.96 -0.60
CA GLN H 423 25.94 -80.50 -1.53
C GLN H 423 24.79 -79.79 -0.78
N CYS H 424 24.37 -78.65 -1.32
CA CYS H 424 23.39 -77.70 -0.72
C CYS H 424 22.51 -78.20 0.41
N LEU H 425 22.65 -77.57 1.57
CA LEU H 425 21.82 -77.90 2.71
C LEU H 425 20.37 -77.56 2.40
N GLY H 426 20.16 -76.46 1.70
CA GLY H 426 18.82 -76.02 1.35
C GLY H 426 18.18 -76.64 0.13
N ARG H 427 18.84 -77.62 -0.50
CA ARG H 427 18.29 -78.24 -1.71
C ARG H 427 16.79 -78.49 -1.70
N ARG H 428 16.31 -79.29 -0.75
CA ARG H 428 14.94 -79.77 -0.84
C ARG H 428 13.92 -78.71 -0.41
N LEU H 429 14.37 -77.75 0.39
CA LEU H 429 13.56 -76.56 0.67
C LEU H 429 13.43 -75.74 -0.61
N ALA H 430 14.56 -75.48 -1.25
CA ALA H 430 14.63 -74.78 -2.52
C ALA H 430 13.73 -75.39 -3.55
N GLU H 431 13.89 -76.70 -3.76
CA GLU H 431 13.15 -77.43 -4.78
C GLU H 431 11.64 -77.48 -4.52
N ALA H 432 11.25 -77.48 -3.25
CA ALA H 432 9.84 -77.45 -2.87
C ALA H 432 9.18 -76.16 -3.26
N GLU H 433 9.83 -75.06 -2.92
CA GLU H 433 9.29 -73.72 -3.15
C GLU H 433 9.06 -73.49 -4.63
N MET H 434 10.09 -73.78 -5.41
CA MET H 434 10.05 -73.59 -6.85
C MET H 434 8.98 -74.46 -7.44
N LEU H 435 8.95 -75.71 -7.01
CA LEU H 435 8.04 -76.74 -7.50
C LEU H 435 6.59 -76.41 -7.21
N LEU H 436 6.30 -76.14 -5.94
CA LEU H 436 4.90 -75.91 -5.54
C LEU H 436 4.29 -74.65 -6.11
N LEU H 437 5.09 -73.58 -6.16
CA LEU H 437 4.67 -72.32 -6.75
C LEU H 437 4.32 -72.57 -8.21
N LEU H 438 5.26 -73.13 -8.96
CA LEU H 438 5.04 -73.43 -10.37
C LEU H 438 3.75 -74.20 -10.60
N HIS H 439 3.55 -75.29 -9.84
CA HIS H 439 2.36 -76.13 -9.93
C HIS H 439 1.07 -75.32 -9.89
N HIS H 440 0.93 -74.53 -8.84
CA HIS H 440 -0.26 -73.72 -8.65
C HIS H 440 -0.43 -72.63 -9.67
N VAL H 441 0.66 -72.10 -10.23
CA VAL H 441 0.54 -71.14 -11.32
C VAL H 441 -0.07 -71.84 -12.55
N LEU H 442 0.48 -73.02 -12.86
CA LEU H 442 0.14 -73.72 -14.10
C LEU H 442 -1.31 -74.13 -14.14
N LYS H 443 -1.92 -74.38 -12.98
CA LYS H 443 -3.30 -74.85 -13.01
C LYS H 443 -4.33 -73.72 -13.13
N HIS H 444 -3.88 -72.48 -13.02
CA HIS H 444 -4.79 -71.35 -13.09
C HIS H 444 -4.46 -70.37 -14.18
N PHE H 445 -3.22 -70.36 -14.66
CA PHE H 445 -2.79 -69.34 -15.61
C PHE H 445 -2.04 -69.80 -16.86
N LEU H 446 -2.10 -68.94 -17.88
CA LEU H 446 -1.21 -69.02 -19.01
C LEU H 446 -0.17 -67.93 -18.80
N VAL H 447 1.09 -68.25 -19.04
CA VAL H 447 2.15 -67.24 -18.94
C VAL H 447 2.58 -66.88 -20.36
N GLU H 448 2.69 -65.60 -20.66
CA GLU H 448 3.00 -65.17 -22.03
C GLU H 448 3.88 -63.94 -22.03
N THR H 449 4.66 -63.80 -23.08
CA THR H 449 5.52 -62.63 -23.28
C THR H 449 5.70 -62.33 -24.74
N LEU H 450 6.12 -61.09 -25.00
CA LEU H 450 6.64 -60.68 -26.29
C LEU H 450 8.17 -60.59 -26.24
N THR H 451 8.72 -60.43 -25.04
CA THR H 451 10.16 -60.36 -24.86
C THR H 451 10.79 -61.72 -25.20
N GLN H 452 11.18 -61.90 -26.46
CA GLN H 452 11.54 -63.22 -26.96
C GLN H 452 13.04 -63.50 -27.00
N GLU H 453 13.87 -62.48 -26.90
CA GLU H 453 15.30 -62.73 -26.92
C GLU H 453 15.86 -63.22 -25.57
N ASP H 454 17.06 -63.79 -25.61
CA ASP H 454 17.73 -64.23 -24.40
C ASP H 454 17.91 -63.07 -23.43
N ILE H 455 18.03 -63.41 -22.16
CA ILE H 455 18.21 -62.43 -21.11
C ILE H 455 19.68 -62.50 -20.77
N LYS H 456 20.35 -61.36 -20.78
CA LYS H 456 21.75 -61.32 -20.39
C LYS H 456 21.87 -61.63 -18.90
N MET H 457 22.68 -62.63 -18.56
CA MET H 457 22.99 -62.92 -17.17
C MET H 457 24.14 -62.05 -16.68
N VAL H 458 24.20 -61.80 -15.38
CA VAL H 458 25.20 -60.93 -14.78
C VAL H 458 25.80 -61.65 -13.57
N TYR H 459 27.14 -61.78 -13.52
CA TYR H 459 27.78 -62.37 -12.34
C TYR H 459 27.89 -61.33 -11.23
N SER H 460 27.39 -61.67 -10.04
CA SER H 460 27.69 -60.92 -8.81
C SER H 460 27.61 -61.87 -7.63
N PHE H 461 28.69 -62.65 -7.53
CA PHE H 461 28.83 -63.81 -6.63
C PHE H 461 27.88 -64.94 -7.03
N ILE H 462 26.62 -64.58 -7.30
CA ILE H 462 25.66 -65.48 -7.93
C ILE H 462 25.38 -65.04 -9.37
N LEU H 463 24.93 -65.97 -10.20
CA LEU H 463 24.61 -65.69 -11.60
C LEU H 463 23.12 -65.39 -11.71
N ARG H 464 22.80 -64.14 -12.00
CA ARG H 464 21.38 -63.72 -12.06
C ARG H 464 21.01 -63.03 -13.40
N PRO H 465 19.70 -62.98 -13.72
CA PRO H 465 19.24 -62.09 -14.79
C PRO H 465 19.65 -60.64 -14.56
N GLY H 466 19.94 -59.93 -15.64
CA GLY H 466 20.23 -58.50 -15.55
C GLY H 466 19.01 -57.65 -15.80
N THR H 467 17.97 -58.31 -16.33
CA THR H 467 16.74 -57.70 -16.80
C THR H 467 15.57 -58.59 -16.35
N SER H 468 14.37 -58.03 -16.28
CA SER H 468 13.21 -58.86 -15.98
C SER H 468 12.09 -58.74 -17.02
N PRO H 469 11.73 -59.87 -17.66
CA PRO H 469 10.80 -59.76 -18.79
C PRO H 469 9.44 -59.29 -18.28
N LEU H 470 8.64 -58.70 -19.16
CA LEU H 470 7.27 -58.40 -18.80
C LEU H 470 6.42 -59.64 -19.11
N LEU H 471 5.85 -60.24 -18.08
CA LEU H 471 5.08 -61.48 -18.19
C LEU H 471 3.57 -61.29 -18.03
N THR H 472 2.79 -62.02 -18.84
CA THR H 472 1.34 -61.96 -18.76
C THR H 472 0.76 -63.24 -18.19
N PHE H 473 0.10 -63.09 -17.05
CA PHE H 473 -0.64 -64.18 -16.46
C PHE H 473 -2.12 -64.09 -16.81
N ARG H 474 -2.60 -65.05 -17.58
CA ARG H 474 -3.99 -65.11 -18.02
C ARG H 474 -4.73 -66.30 -17.43
N ALA H 475 -5.86 -65.99 -16.81
CA ALA H 475 -6.65 -66.94 -16.03
C ALA H 475 -7.34 -67.99 -16.86
N ILE H 476 -7.51 -69.17 -16.28
CA ILE H 476 -8.39 -70.17 -16.87
C ILE H 476 -9.34 -70.73 -15.82
N THR I 8 8.51 -24.75 68.97
CA THR I 8 9.78 -24.69 68.18
C THR I 8 9.57 -25.14 66.73
N VAL I 9 8.80 -24.35 65.97
CA VAL I 9 8.66 -24.52 64.53
C VAL I 9 9.90 -23.89 63.89
N LEU I 10 10.82 -24.72 63.40
CA LEU I 10 12.10 -24.27 62.82
C LEU I 10 11.90 -23.35 61.60
N PRO I 11 12.66 -22.23 61.52
CA PRO I 11 12.55 -21.28 60.40
C PRO I 11 13.03 -21.88 59.07
N PHE I 12 12.82 -21.14 57.99
CA PHE I 12 13.08 -21.64 56.65
C PHE I 12 14.55 -22.02 56.43
N GLU I 13 15.44 -21.06 56.61
CA GLU I 13 16.86 -21.21 56.27
C GLU I 13 17.50 -22.45 56.90
N ALA I 14 16.91 -22.94 57.98
CA ALA I 14 17.44 -24.08 58.73
C ALA I 14 17.56 -25.35 57.90
N MET I 15 16.67 -25.48 56.91
CA MET I 15 16.56 -26.68 56.07
C MET I 15 17.88 -27.19 55.49
N PRO I 16 18.03 -28.53 55.39
CA PRO I 16 19.08 -29.10 54.53
C PRO I 16 18.97 -28.56 53.08
N GLN I 17 20.09 -28.49 52.37
CA GLN I 17 20.15 -27.82 51.06
C GLN I 17 20.92 -28.62 50.00
N HIS I 18 20.42 -28.60 48.76
CA HIS I 18 21.01 -29.30 47.62
C HIS I 18 22.42 -28.79 47.31
N PRO I 19 23.37 -29.70 47.04
CA PRO I 19 24.77 -29.27 46.89
C PRO I 19 25.06 -28.50 45.61
N GLY I 20 24.29 -28.75 44.55
CA GLY I 20 24.53 -28.17 43.23
C GLY I 20 24.30 -26.67 43.09
N ASN I 21 24.41 -26.17 41.86
CA ASN I 21 24.36 -24.74 41.58
C ASN I 21 23.34 -24.42 40.48
N ARG I 22 22.59 -23.34 40.69
CA ARG I 22 21.50 -22.95 39.79
C ARG I 22 21.96 -22.39 38.43
N TRP I 23 23.27 -22.34 38.21
CA TRP I 23 23.84 -21.94 36.93
C TRP I 23 24.63 -23.11 36.34
N LEU I 24 25.30 -23.84 37.21
CA LEU I 24 26.09 -24.98 36.79
C LEU I 24 25.19 -26.13 36.37
N ARG I 25 23.89 -26.01 36.61
CA ARG I 25 22.93 -26.97 36.06
C ARG I 25 22.31 -26.51 34.73
N LEU I 26 22.15 -25.19 34.55
CA LEU I 26 21.53 -24.65 33.32
C LEU I 26 22.40 -24.87 32.10
N LEU I 27 23.70 -24.94 32.33
CA LEU I 27 24.67 -25.14 31.26
C LEU I 27 24.91 -26.63 30.99
N GLN I 28 24.79 -27.45 32.03
CA GLN I 28 24.67 -28.90 31.87
C GLN I 28 23.72 -29.17 30.71
N ILE I 29 22.58 -28.50 30.76
CA ILE I 29 21.43 -28.72 29.88
C ILE I 29 21.61 -28.09 28.50
N TRP I 30 22.32 -26.97 28.43
CA TRP I 30 22.75 -26.39 27.15
C TRP I 30 23.70 -27.38 26.48
N ARG I 31 24.67 -27.86 27.27
CA ARG I 31 25.71 -28.78 26.80
C ARG I 31 25.11 -30.11 26.37
N GLU I 32 24.32 -30.73 27.25
CA GLU I 32 23.77 -32.06 26.96
C GLU I 32 22.45 -32.08 26.16
N GLN I 33 21.83 -30.91 25.98
CA GLN I 33 20.52 -30.78 25.30
C GLN I 33 19.49 -31.74 25.92
N GLY I 34 19.45 -31.77 27.25
CA GLY I 34 18.68 -32.77 27.98
C GLY I 34 19.05 -32.83 29.46
N TYR I 35 18.54 -33.86 30.15
CA TYR I 35 18.65 -34.00 31.60
C TYR I 35 18.01 -35.35 32.04
N GLU I 36 18.47 -36.41 31.39
CA GLU I 36 17.83 -37.71 31.45
C GLU I 36 17.91 -38.40 32.81
N HIS I 37 18.59 -37.79 33.76
CA HIS I 37 18.85 -38.44 35.04
C HIS I 37 18.21 -37.70 36.19
N LEU I 38 17.42 -36.66 35.89
CA LEU I 38 16.89 -35.76 36.91
C LEU I 38 16.16 -36.48 38.05
N HIS I 39 15.50 -37.59 37.73
CA HIS I 39 14.88 -38.43 38.74
C HIS I 39 15.96 -39.12 39.57
N LEU I 40 17.01 -39.61 38.91
CA LEU I 40 18.06 -40.38 39.57
C LEU I 40 18.92 -39.51 40.46
N GLU I 41 19.02 -38.23 40.10
CA GLU I 41 19.69 -37.26 40.95
C GLU I 41 18.80 -36.95 42.17
N MET I 42 17.68 -36.28 41.92
CA MET I 42 16.74 -35.96 42.99
C MET I 42 16.63 -37.12 43.99
N HIS I 43 16.56 -38.34 43.46
CA HIS I 43 16.35 -39.51 44.30
C HIS I 43 17.52 -39.77 45.23
N GLN I 44 18.74 -39.70 44.69
CA GLN I 44 19.92 -39.89 45.55
C GLN I 44 20.21 -38.68 46.45
N THR I 45 19.57 -37.55 46.16
CA THR I 45 19.70 -36.38 47.02
C THR I 45 18.87 -36.62 48.26
N PHE I 46 17.81 -37.39 48.12
CA PHE I 46 16.91 -37.70 49.22
C PHE I 46 17.49 -38.74 50.19
N GLN I 47 18.23 -39.71 49.69
CA GLN I 47 18.76 -40.77 50.56
C GLN I 47 20.03 -40.33 51.30
N GLU I 48 20.55 -39.18 50.91
CA GLU I 48 21.72 -38.58 51.54
C GLU I 48 21.30 -37.48 52.50
N LEU I 49 20.26 -36.73 52.15
CA LEU I 49 19.79 -35.60 52.97
C LEU I 49 18.50 -35.87 53.77
N GLY I 50 17.62 -36.72 53.24
CA GLY I 50 16.36 -37.04 53.90
C GLY I 50 15.12 -36.41 53.27
N PRO I 51 13.93 -36.70 53.85
CA PRO I 51 12.56 -36.36 53.42
C PRO I 51 12.32 -34.99 52.76
N ILE I 52 13.15 -34.00 53.07
CA ILE I 52 12.90 -32.62 52.66
C ILE I 52 14.19 -31.85 52.48
N PHE I 53 14.21 -30.96 51.48
CA PHE I 53 15.34 -30.06 51.25
C PHE I 53 14.99 -28.90 50.32
N ARG I 54 15.78 -27.83 50.42
CA ARG I 54 15.58 -26.66 49.56
C ARG I 54 16.66 -26.52 48.49
N TYR I 55 16.28 -25.90 47.38
CA TYR I 55 17.16 -25.70 46.23
C TYR I 55 17.42 -24.20 46.04
N ASN I 56 18.67 -23.85 45.78
CA ASN I 56 19.01 -22.46 45.57
C ASN I 56 18.62 -22.01 44.18
N LEU I 57 17.33 -21.69 44.03
CA LEU I 57 16.78 -21.17 42.79
C LEU I 57 17.14 -19.67 42.63
N GLY I 58 18.10 -19.21 43.45
CA GLY I 58 18.64 -17.86 43.37
C GLY I 58 18.00 -16.89 44.34
N GLY I 59 16.83 -16.38 43.94
CA GLY I 59 16.02 -15.48 44.77
C GLY I 59 14.72 -16.13 45.21
N PRO I 60 13.94 -16.67 44.24
CA PRO I 60 12.75 -17.48 44.60
C PRO I 60 13.11 -18.73 45.41
N ARG I 61 12.28 -19.05 46.41
CA ARG I 61 12.53 -20.18 47.29
C ARG I 61 11.80 -21.43 46.80
N MET I 62 12.52 -22.53 46.69
CA MET I 62 11.90 -23.82 46.36
C MET I 62 12.28 -24.98 47.29
N VAL I 63 11.28 -25.77 47.65
CA VAL I 63 11.43 -26.89 48.57
C VAL I 63 10.95 -28.19 47.91
N CYS I 64 11.64 -29.29 48.22
CA CYS I 64 11.29 -30.60 47.70
C CYS I 64 10.86 -31.57 48.79
N VAL I 65 9.94 -32.49 48.44
CA VAL I 65 9.40 -33.49 49.38
C VAL I 65 9.15 -34.85 48.71
N MET I 66 8.98 -35.90 49.52
CA MET I 66 8.80 -37.28 49.02
C MET I 66 7.83 -38.09 49.87
N LEU I 67 6.94 -37.39 50.57
CA LEU I 67 6.10 -37.97 51.61
C LEU I 67 4.61 -37.65 51.46
N PRO I 68 3.73 -38.67 51.62
CA PRO I 68 2.28 -38.48 51.45
C PRO I 68 1.71 -37.42 52.38
N GLU I 69 2.14 -37.41 53.64
CA GLU I 69 1.65 -36.42 54.62
C GLU I 69 1.98 -34.99 54.22
N ASP I 70 3.12 -34.80 53.56
CA ASP I 70 3.47 -33.52 52.92
C ASP I 70 2.45 -33.11 51.84
N VAL I 71 1.88 -34.09 51.13
CA VAL I 71 0.90 -33.83 50.08
C VAL I 71 -0.46 -33.45 50.69
N GLU I 72 -0.73 -33.97 51.88
CA GLU I 72 -1.96 -33.65 52.62
C GLU I 72 -1.97 -32.19 53.06
N LYS I 73 -0.90 -31.77 53.74
CA LYS I 73 -0.77 -30.38 54.16
C LYS I 73 -0.74 -29.50 52.92
N LEU I 74 -0.17 -30.03 51.83
CA LEU I 74 -0.01 -29.26 50.60
C LEU I 74 -1.34 -29.01 49.95
N GLN I 75 -2.24 -29.99 50.00
CA GLN I 75 -3.59 -29.81 49.50
C GLN I 75 -4.39 -28.90 50.42
N GLN I 76 -4.13 -29.02 51.72
CA GLN I 76 -4.83 -28.23 52.73
C GLN I 76 -4.60 -26.71 52.54
N VAL I 77 -3.39 -26.33 52.18
CA VAL I 77 -3.03 -24.94 51.83
C VAL I 77 -3.85 -24.43 50.64
N ASP I 78 -3.85 -25.21 49.54
CA ASP I 78 -4.58 -24.88 48.31
C ASP I 78 -5.70 -23.90 48.57
N SER I 79 -5.51 -22.63 48.21
CA SER I 79 -6.63 -21.70 48.21
C SER I 79 -7.52 -22.06 47.01
N LEU I 80 -8.49 -21.20 46.69
CA LEU I 80 -9.47 -21.47 45.64
C LEU I 80 -8.84 -21.52 44.23
N HIS I 81 -7.64 -20.95 44.12
CA HIS I 81 -6.89 -20.92 42.86
C HIS I 81 -5.48 -21.47 43.04
N PRO I 82 -5.33 -22.80 43.05
CA PRO I 82 -4.02 -23.36 43.28
C PRO I 82 -3.07 -23.00 42.14
N CYS I 83 -1.81 -22.73 42.46
CA CYS I 83 -0.83 -22.28 41.48
C CYS I 83 0.33 -23.23 41.28
N ARG I 84 0.51 -23.66 40.02
CA ARG I 84 1.75 -24.30 39.59
C ARG I 84 2.56 -23.24 38.87
N MET I 85 3.86 -23.45 38.69
CA MET I 85 4.69 -22.42 38.08
C MET I 85 4.50 -22.34 36.57
N ILE I 86 4.44 -21.10 36.06
CA ILE I 86 4.20 -20.83 34.65
C ILE I 86 5.25 -21.56 33.84
N LEU I 87 4.80 -22.38 32.90
CA LEU I 87 5.72 -23.10 32.03
C LEU I 87 6.01 -22.22 30.81
N GLU I 88 7.10 -21.47 30.87
CA GLU I 88 7.37 -20.37 29.92
C GLU I 88 7.45 -20.78 28.44
N PRO I 89 8.09 -21.92 28.13
CA PRO I 89 8.18 -22.32 26.72
C PRO I 89 6.84 -22.57 26.07
N TRP I 90 5.98 -23.36 26.72
CA TRP I 90 4.64 -23.65 26.20
C TRP I 90 3.83 -22.38 26.07
N VAL I 91 3.76 -21.62 27.15
CA VAL I 91 2.96 -20.39 27.17
C VAL I 91 3.43 -19.42 26.08
N ALA I 92 4.71 -19.48 25.75
CA ALA I 92 5.31 -18.52 24.82
C ALA I 92 4.83 -18.77 23.40
N TYR I 93 4.67 -20.04 23.05
CA TYR I 93 4.15 -20.41 21.75
C TYR I 93 2.72 -19.90 21.63
N ARG I 94 2.00 -19.99 22.74
CA ARG I 94 0.58 -19.65 22.76
C ARG I 94 0.37 -18.19 22.43
N GLN I 95 1.22 -17.33 22.98
CA GLN I 95 1.04 -15.89 22.85
C GLN I 95 1.73 -15.31 21.63
N HIS I 96 2.82 -15.94 21.18
CA HIS I 96 3.38 -15.61 19.88
C HIS I 96 2.36 -15.96 18.77
N ARG I 97 1.60 -17.02 19.00
CA ARG I 97 0.56 -17.44 18.05
C ARG I 97 -0.82 -16.80 18.24
N GLY I 98 -1.08 -16.28 19.44
CA GLY I 98 -2.37 -15.65 19.73
C GLY I 98 -3.49 -16.65 19.97
N HIS I 99 -3.14 -17.78 20.59
CA HIS I 99 -4.11 -18.71 21.09
C HIS I 99 -4.22 -18.46 22.58
N LYS I 100 -5.35 -18.85 23.16
CA LYS I 100 -5.53 -18.76 24.60
C LYS I 100 -4.91 -20.02 25.20
N CYS I 101 -4.56 -19.96 26.48
CA CYS I 101 -4.07 -21.13 27.17
C CYS I 101 -5.21 -21.94 27.73
N GLY I 102 -4.96 -23.25 27.87
CA GLY I 102 -5.92 -24.17 28.44
C GLY I 102 -5.62 -24.48 29.89
N VAL I 103 -6.34 -25.43 30.45
CA VAL I 103 -6.35 -25.60 31.89
C VAL I 103 -4.97 -25.99 32.45
N PHE I 104 -4.10 -26.48 31.58
CA PHE I 104 -2.80 -26.99 32.00
C PHE I 104 -1.84 -25.85 32.27
N LEU I 105 -2.07 -24.73 31.59
CA LEU I 105 -1.15 -23.60 31.63
C LEU I 105 -1.70 -22.36 32.35
N LEU I 106 -3.01 -22.33 32.59
CA LEU I 106 -3.65 -21.20 33.27
C LEU I 106 -3.42 -21.17 34.81
N ASN I 107 -3.74 -20.03 35.41
CA ASN I 107 -3.74 -19.85 36.87
C ASN I 107 -4.80 -18.85 37.30
N GLY I 108 -5.40 -19.10 38.46
CA GLY I 108 -6.24 -18.10 39.09
C GLY I 108 -7.68 -18.07 38.62
N PRO I 109 -8.24 -16.86 38.51
CA PRO I 109 -9.66 -16.76 38.22
C PRO I 109 -10.01 -17.20 36.80
N GLU I 110 -8.99 -17.55 36.01
CA GLU I 110 -9.19 -18.05 34.65
C GLU I 110 -9.04 -19.58 34.64
N TRP I 111 -7.97 -20.08 35.27
CA TRP I 111 -7.81 -21.52 35.51
C TRP I 111 -9.06 -22.11 36.13
N ARG I 112 -9.58 -21.46 37.16
CA ARG I 112 -10.77 -21.93 37.83
C ARG I 112 -11.96 -21.77 36.89
N PHE I 113 -12.01 -20.64 36.20
CA PHE I 113 -13.13 -20.38 35.30
C PHE I 113 -13.26 -21.48 34.23
N ASN I 114 -12.11 -21.93 33.71
CA ASN I 114 -12.08 -22.96 32.67
C ASN I 114 -12.32 -24.36 33.22
N ARG I 115 -11.72 -24.65 34.38
CA ARG I 115 -11.82 -25.98 34.98
C ARG I 115 -13.27 -26.41 35.27
N LEU I 116 -14.11 -25.49 35.76
CA LEU I 116 -15.48 -25.84 36.16
C LEU I 116 -16.31 -26.22 34.94
N ARG I 117 -15.85 -25.81 33.77
CA ARG I 117 -16.59 -26.04 32.54
C ARG I 117 -16.01 -27.20 31.75
N LEU I 118 -14.98 -27.82 32.31
CA LEU I 118 -14.40 -29.02 31.77
C LEU I 118 -14.81 -30.23 32.59
N ASN I 119 -14.66 -30.12 33.91
CA ASN I 119 -15.03 -31.20 34.84
C ASN I 119 -16.30 -32.00 34.49
N PRO I 120 -17.42 -31.31 34.22
CA PRO I 120 -18.62 -32.12 33.99
C PRO I 120 -18.58 -33.00 32.72
N ASP I 121 -17.78 -32.63 31.72
CA ASP I 121 -17.76 -33.38 30.45
C ASP I 121 -16.51 -34.23 30.21
N VAL I 122 -15.48 -34.03 30.99
CA VAL I 122 -14.23 -34.73 30.76
C VAL I 122 -13.95 -35.70 31.89
N LEU I 123 -14.56 -35.47 33.05
CA LEU I 123 -14.13 -36.15 34.28
C LEU I 123 -15.22 -36.84 35.08
N SER I 124 -16.43 -36.27 35.09
CA SER I 124 -17.51 -36.73 35.97
C SER I 124 -17.97 -38.13 35.59
N PRO I 125 -18.31 -38.99 36.60
CA PRO I 125 -18.77 -40.36 36.36
C PRO I 125 -19.82 -40.52 35.25
N LYS I 126 -20.57 -39.45 34.96
CA LYS I 126 -21.60 -39.47 33.91
C LYS I 126 -21.01 -39.13 32.54
N ALA I 127 -19.83 -38.54 32.53
CA ALA I 127 -19.09 -38.32 31.29
C ALA I 127 -18.38 -39.61 30.89
N VAL I 128 -17.86 -40.31 31.89
CA VAL I 128 -17.21 -41.58 31.69
C VAL I 128 -18.19 -42.59 31.08
N GLN I 129 -19.35 -42.77 31.72
CA GLN I 129 -20.38 -43.65 31.18
C GLN I 129 -20.63 -43.46 29.68
N ARG I 130 -20.56 -42.21 29.22
CA ARG I 130 -20.81 -41.87 27.83
C ARG I 130 -19.67 -42.29 26.89
N PHE I 131 -18.43 -42.04 27.32
CA PHE I 131 -17.26 -42.30 26.49
C PHE I 131 -16.59 -43.66 26.71
N LEU I 132 -17.09 -44.45 27.66
CA LEU I 132 -16.50 -45.75 27.97
C LEU I 132 -16.76 -46.86 26.96
N PRO I 133 -17.98 -46.94 26.39
CA PRO I 133 -18.18 -47.92 25.31
C PRO I 133 -17.40 -47.60 24.03
N MET I 134 -17.07 -46.33 23.83
CA MET I 134 -16.33 -45.92 22.64
C MET I 134 -14.89 -46.35 22.75
N VAL I 135 -14.32 -46.12 23.93
CA VAL I 135 -12.99 -46.61 24.26
C VAL I 135 -12.92 -48.14 24.11
N ASP I 136 -13.97 -48.82 24.54
CA ASP I 136 -14.02 -50.28 24.56
C ASP I 136 -14.07 -50.86 23.15
N ALA I 137 -14.73 -50.18 22.22
CA ALA I 137 -14.76 -50.64 20.83
C ALA I 137 -13.35 -50.64 20.27
N VAL I 138 -12.60 -49.62 20.64
CA VAL I 138 -11.23 -49.48 20.18
C VAL I 138 -10.36 -50.56 20.80
N ALA I 139 -10.55 -50.80 22.10
CA ALA I 139 -9.81 -51.83 22.81
C ALA I 139 -10.16 -53.23 22.30
N ARG I 140 -11.44 -53.47 22.04
CA ARG I 140 -11.90 -54.70 21.42
C ARG I 140 -11.06 -54.96 20.20
N ASP I 141 -11.04 -53.96 19.30
CA ASP I 141 -10.37 -54.05 18.02
C ASP I 141 -8.92 -54.41 18.08
N PHE I 142 -8.20 -53.84 19.04
CA PHE I 142 -6.76 -54.06 19.23
C PHE I 142 -6.49 -55.52 19.43
N SER I 143 -7.23 -56.12 20.37
CA SER I 143 -7.19 -57.54 20.63
C SER I 143 -7.54 -58.39 19.41
N GLN I 144 -8.50 -57.94 18.60
CA GLN I 144 -8.94 -58.70 17.43
C GLN I 144 -7.81 -58.72 16.38
N ALA I 145 -7.26 -57.53 16.12
CA ALA I 145 -6.16 -57.34 15.19
C ALA I 145 -4.96 -58.19 15.57
N LEU I 146 -4.70 -58.26 16.87
CA LEU I 146 -3.60 -59.03 17.40
C LEU I 146 -3.90 -60.52 17.28
N LYS I 147 -5.13 -60.90 17.63
CA LYS I 147 -5.53 -62.30 17.55
C LYS I 147 -5.46 -62.89 16.12
N LYS I 148 -5.82 -62.07 15.13
CA LYS I 148 -5.88 -62.47 13.73
C LYS I 148 -4.48 -62.70 13.22
N LYS I 149 -3.58 -61.79 13.58
CA LYS I 149 -2.14 -61.83 13.27
C LYS I 149 -1.48 -63.00 14.03
N VAL I 150 -1.76 -63.11 15.33
CA VAL I 150 -1.32 -64.24 16.16
C VAL I 150 -1.66 -65.65 15.63
N LEU I 151 -2.87 -65.82 15.10
CA LEU I 151 -3.36 -67.17 14.76
C LEU I 151 -2.76 -67.66 13.45
N GLN I 152 -2.13 -66.75 12.73
CA GLN I 152 -1.49 -67.05 11.46
C GLN I 152 -0.15 -67.74 11.65
N ASN I 153 0.45 -67.57 12.83
CA ASN I 153 1.74 -68.18 13.16
C ASN I 153 1.59 -69.55 13.77
N ALA I 154 2.40 -70.49 13.31
CA ALA I 154 2.34 -71.90 13.72
C ALA I 154 2.38 -72.16 15.23
N ARG I 155 3.04 -71.28 15.98
CA ARG I 155 3.10 -71.43 17.42
C ARG I 155 1.98 -70.69 18.16
N GLY I 156 1.04 -70.14 17.39
CA GLY I 156 -0.10 -69.46 17.95
C GLY I 156 0.31 -68.34 18.85
N SER I 157 1.35 -67.62 18.43
CA SER I 157 1.79 -66.42 19.16
C SER I 157 2.46 -65.41 18.24
N LEU I 158 2.57 -64.18 18.71
CA LEU I 158 3.33 -63.16 18.01
C LEU I 158 4.17 -62.39 19.02
N THR I 159 5.43 -62.20 18.67
CA THR I 159 6.40 -61.59 19.54
C THR I 159 6.84 -60.31 18.88
N LEU I 160 6.72 -59.20 19.60
CA LEU I 160 7.01 -57.90 19.00
C LEU I 160 7.37 -56.84 20.02
N ASP I 161 7.94 -55.75 19.52
CA ASP I 161 8.00 -54.46 20.20
C ASP I 161 6.62 -53.82 20.03
N VAL I 162 5.83 -53.80 21.10
CA VAL I 162 4.46 -53.29 21.06
C VAL I 162 4.31 -51.79 21.24
N GLN I 163 5.39 -51.11 21.58
CA GLN I 163 5.32 -49.67 21.77
C GLN I 163 4.63 -48.92 20.63
N PRO I 164 4.95 -49.25 19.37
CA PRO I 164 4.19 -48.54 18.31
C PRO I 164 2.66 -48.79 18.32
N SER I 165 2.23 -50.04 18.37
CA SER I 165 0.80 -50.28 18.31
C SER I 165 0.00 -49.64 19.48
N ILE I 166 0.52 -49.78 20.71
CA ILE I 166 -0.11 -49.17 21.90
C ILE I 166 -0.18 -47.65 21.76
N PHE I 167 0.89 -47.05 21.26
CA PHE I 167 0.85 -45.62 21.00
C PHE I 167 -0.28 -45.22 20.08
N HIS I 168 -0.51 -46.00 19.04
CA HIS I 168 -1.58 -45.69 18.09
C HIS I 168 -2.96 -46.02 18.66
N TYR I 169 -3.00 -47.04 19.51
CA TYR I 169 -4.21 -47.32 20.29
C TYR I 169 -4.65 -46.07 21.08
N THR I 170 -3.72 -45.49 21.84
CA THR I 170 -4.08 -44.33 22.64
C THR I 170 -4.44 -43.15 21.77
N ILE I 171 -3.90 -43.08 20.55
CA ILE I 171 -4.29 -42.02 19.61
C ILE I 171 -5.72 -42.24 19.09
N GLU I 172 -5.98 -43.44 18.58
CA GLU I 172 -7.31 -43.90 18.18
C GLU I 172 -8.39 -43.72 19.23
N ALA I 173 -8.24 -44.44 20.35
CA ALA I 173 -9.16 -44.36 21.48
C ALA I 173 -9.40 -42.92 21.95
N SER I 174 -8.33 -42.17 22.14
CA SER I 174 -8.47 -40.77 22.55
C SER I 174 -9.24 -39.94 21.54
N ASN I 175 -8.96 -40.17 20.26
CA ASN I 175 -9.64 -39.44 19.20
C ASN I 175 -11.13 -39.77 19.16
N LEU I 176 -11.47 -41.01 19.45
CA LEU I 176 -12.87 -41.41 19.53
C LEU I 176 -13.53 -40.71 20.73
N ALA I 177 -13.06 -40.99 21.93
CA ALA I 177 -13.59 -40.33 23.11
C ALA I 177 -13.76 -38.81 22.93
N LEU I 178 -12.77 -38.14 22.32
CA LEU I 178 -12.74 -36.69 22.29
C LEU I 178 -13.58 -36.10 21.18
N PHE I 179 -13.50 -36.71 19.99
CA PHE I 179 -14.10 -36.13 18.80
C PHE I 179 -15.15 -36.99 18.12
N GLY I 180 -15.23 -38.27 18.50
CA GLY I 180 -16.20 -39.17 17.86
C GLY I 180 -15.81 -39.56 16.44
N GLU I 181 -14.64 -39.15 16.00
CA GLU I 181 -14.09 -39.65 14.73
C GLU I 181 -13.31 -40.93 15.00
N ARG I 182 -13.25 -41.81 14.02
CA ARG I 182 -12.38 -42.95 14.13
C ARG I 182 -11.33 -42.94 13.05
N LEU I 183 -10.07 -43.06 13.47
CA LEU I 183 -8.96 -43.10 12.54
C LEU I 183 -8.59 -44.58 12.34
N GLY I 184 -8.18 -44.95 11.13
CA GLY I 184 -7.90 -46.36 10.87
C GLY I 184 -6.52 -46.76 11.38
N LEU I 185 -6.26 -46.49 12.66
CA LEU I 185 -4.93 -46.74 13.24
C LEU I 185 -4.79 -48.03 14.05
N VAL I 186 -5.85 -48.50 14.70
CA VAL I 186 -5.80 -49.81 15.36
C VAL I 186 -6.06 -50.97 14.39
N GLY I 187 -5.09 -51.88 14.30
CA GLY I 187 -5.17 -53.00 13.37
C GLY I 187 -4.77 -52.72 11.92
N HIS I 188 -4.27 -51.52 11.65
CA HIS I 188 -3.65 -51.20 10.36
C HIS I 188 -2.28 -50.59 10.62
N SER I 189 -1.59 -50.17 9.57
CA SER I 189 -0.28 -49.53 9.72
C SER I 189 -0.43 -48.04 10.13
N PRO I 190 0.55 -47.52 10.90
CA PRO I 190 0.52 -46.10 11.20
C PRO I 190 0.42 -45.25 9.93
N SER I 191 -0.41 -44.22 9.95
CA SER I 191 -0.41 -43.19 8.89
C SER I 191 0.77 -42.24 9.16
N SER I 192 1.18 -41.48 8.14
CA SER I 192 2.31 -40.56 8.31
C SER I 192 1.94 -39.38 9.20
N ALA I 193 0.68 -38.96 9.12
CA ALA I 193 0.16 -37.90 9.99
C ALA I 193 0.24 -38.35 11.45
N SER I 194 -0.10 -39.61 11.68
CA SER I 194 0.11 -40.29 12.95
C SER I 194 1.58 -40.16 13.39
N LEU I 195 2.50 -40.54 12.50
CA LEU I 195 3.93 -40.50 12.79
C LEU I 195 4.48 -39.09 13.04
N ASN I 196 4.07 -38.13 12.22
CA ASN I 196 4.52 -36.76 12.34
C ASN I 196 4.07 -36.18 13.66
N PHE I 197 2.89 -36.61 14.10
CA PHE I 197 2.33 -36.16 15.37
C PHE I 197 3.16 -36.66 16.54
N LEU I 198 3.53 -37.93 16.51
CA LEU I 198 4.28 -38.56 17.59
C LEU I 198 5.71 -38.07 17.66
N HIS I 199 6.32 -37.84 16.49
CA HIS I 199 7.67 -37.28 16.46
C HIS I 199 7.62 -35.89 17.08
N ALA I 200 6.70 -35.06 16.58
CA ALA I 200 6.49 -33.72 17.10
C ALA I 200 6.36 -33.71 18.63
N LEU I 201 5.53 -34.61 19.16
CA LEU I 201 5.36 -34.74 20.59
C LEU I 201 6.68 -34.97 21.30
N GLU I 202 7.50 -35.87 20.78
CA GLU I 202 8.75 -36.25 21.42
C GLU I 202 9.76 -35.11 21.31
N VAL I 203 9.76 -34.46 20.16
CA VAL I 203 10.62 -33.30 19.97
C VAL I 203 10.17 -32.17 20.92
N MET I 204 8.86 -31.95 21.00
CA MET I 204 8.27 -30.92 21.86
C MET I 204 8.73 -31.05 23.30
N PHE I 205 8.62 -32.26 23.83
CA PHE I 205 9.06 -32.52 25.19
C PHE I 205 10.55 -32.30 25.27
N LYS I 206 11.31 -33.04 24.45
CA LYS I 206 12.77 -32.94 24.46
C LYS I 206 13.27 -31.49 24.66
N SER I 207 12.72 -30.57 23.87
CA SER I 207 13.18 -29.19 23.88
C SER I 207 12.53 -28.34 24.97
N THR I 208 11.62 -28.93 25.73
CA THR I 208 10.96 -28.21 26.81
C THR I 208 11.91 -28.14 27.99
N VAL I 209 12.63 -29.23 28.23
CA VAL I 209 13.68 -29.25 29.25
C VAL I 209 14.66 -28.13 28.93
N GLN I 210 15.24 -28.19 27.75
CA GLN I 210 16.26 -27.23 27.31
C GLN I 210 15.93 -25.80 27.68
N LEU I 211 14.65 -25.45 27.68
CA LEU I 211 14.25 -24.06 27.86
C LEU I 211 13.66 -23.73 29.21
N MET I 212 12.98 -24.69 29.84
CA MET I 212 12.22 -24.41 31.06
C MET I 212 13.12 -24.17 32.28
N PHE I 213 14.35 -24.67 32.20
CA PHE I 213 15.28 -24.49 33.31
C PHE I 213 16.06 -23.16 33.32
N MET I 214 15.68 -22.20 32.47
CA MET I 214 16.34 -20.90 32.45
C MET I 214 15.34 -19.79 32.05
N PRO I 215 15.64 -18.52 32.40
CA PRO I 215 14.67 -17.45 32.10
C PRO I 215 14.45 -17.25 30.61
N ARG I 216 13.21 -16.91 30.25
CA ARG I 216 12.80 -16.57 28.88
C ARG I 216 13.82 -15.62 28.23
N SER I 217 14.17 -14.56 28.98
CA SER I 217 15.07 -13.48 28.50
C SER I 217 16.48 -13.93 28.10
N LEU I 218 16.99 -15.01 28.70
CA LEU I 218 18.30 -15.57 28.29
C LEU I 218 18.14 -16.54 27.14
N SER I 219 17.31 -17.56 27.35
CA SER I 219 17.16 -18.62 26.36
C SER I 219 17.00 -18.10 24.92
N ARG I 220 16.45 -16.90 24.75
CA ARG I 220 16.26 -16.30 23.40
C ARG I 220 17.56 -16.11 22.60
N TRP I 221 18.68 -15.89 23.28
CA TRP I 221 19.96 -15.68 22.58
C TRP I 221 21.06 -16.72 22.81
N ILE I 222 21.01 -17.44 23.94
CA ILE I 222 21.97 -18.54 24.19
C ILE I 222 21.63 -19.79 23.36
N SER I 223 20.36 -20.17 23.34
CA SER I 223 19.89 -21.23 22.46
C SER I 223 18.76 -20.65 21.64
N PRO I 224 19.09 -20.05 20.49
CA PRO I 224 18.00 -19.54 19.63
C PRO I 224 17.46 -20.62 18.68
N LYS I 225 18.23 -21.68 18.50
CA LYS I 225 17.83 -22.79 17.62
C LYS I 225 16.75 -23.64 18.30
N VAL I 226 16.92 -23.88 19.61
CA VAL I 226 15.95 -24.62 20.42
C VAL I 226 14.55 -23.99 20.37
N TRP I 227 14.46 -22.67 20.41
CA TRP I 227 13.18 -21.98 20.30
C TRP I 227 12.44 -22.22 18.98
N LYS I 228 13.15 -22.27 17.86
CA LYS I 228 12.52 -22.52 16.56
C LYS I 228 12.19 -23.99 16.40
N GLU I 229 12.95 -24.84 17.09
CA GLU I 229 12.75 -26.29 17.10
C GLU I 229 11.46 -26.61 17.84
N HIS I 230 11.41 -26.18 19.11
CA HIS I 230 10.26 -26.27 20.02
C HIS I 230 9.03 -25.58 19.43
N PHE I 231 9.22 -24.41 18.84
CA PHE I 231 8.13 -23.78 18.12
C PHE I 231 7.69 -24.61 16.92
N GLU I 232 8.64 -25.08 16.09
CA GLU I 232 8.30 -25.89 14.90
C GLU I 232 7.57 -27.16 15.31
N ALA I 233 8.03 -27.79 16.39
CA ALA I 233 7.35 -28.96 16.97
C ALA I 233 5.90 -28.64 17.34
N TRP I 234 5.69 -27.57 18.11
CA TRP I 234 4.32 -27.13 18.43
C TRP I 234 3.45 -26.92 17.19
N ASP I 235 3.99 -26.27 16.16
CA ASP I 235 3.26 -25.98 14.92
C ASP I 235 2.67 -27.23 14.27
N CYS I 236 3.37 -28.35 14.43
CA CYS I 236 2.94 -29.60 13.84
C CYS I 236 1.87 -30.28 14.69
N ILE I 237 2.10 -30.31 16.01
CA ILE I 237 1.07 -30.69 16.99
C ILE I 237 -0.24 -29.91 16.78
N PHE I 238 -0.14 -28.60 16.57
CA PHE I 238 -1.31 -27.75 16.45
C PHE I 238 -2.09 -27.97 15.17
N GLN I 239 -1.39 -28.24 14.07
CA GLN I 239 -2.08 -28.53 12.82
C GLN I 239 -2.79 -29.89 12.86
N TYR I 240 -2.30 -30.80 13.69
CA TYR I 240 -2.97 -32.07 13.89
C TYR I 240 -4.30 -31.84 14.61
N GLY I 241 -4.22 -31.25 15.81
CA GLY I 241 -5.40 -30.93 16.61
C GLY I 241 -6.30 -29.91 15.95
N ASP I 242 -5.72 -28.86 15.40
CA ASP I 242 -6.51 -27.83 14.75
C ASP I 242 -7.24 -28.34 13.50
N ASN I 243 -6.90 -29.56 13.08
CA ASN I 243 -7.64 -30.23 12.02
C ASN I 243 -8.74 -31.08 12.60
N CYS I 244 -8.51 -31.62 13.80
CA CYS I 244 -9.58 -32.28 14.52
C CYS I 244 -10.72 -31.32 14.83
N ILE I 245 -10.35 -30.11 15.28
CA ILE I 245 -11.33 -29.08 15.67
C ILE I 245 -12.09 -28.57 14.46
N GLN I 246 -11.35 -28.20 13.41
CA GLN I 246 -11.96 -27.68 12.19
C GLN I 246 -12.98 -28.64 11.61
N LYS I 247 -12.68 -29.94 11.68
CA LYS I 247 -13.57 -31.01 11.25
C LYS I 247 -14.90 -31.03 12.01
N ILE I 248 -14.85 -31.33 13.31
CA ILE I 248 -16.02 -31.39 14.17
C ILE I 248 -16.87 -30.11 14.15
N TYR I 249 -16.24 -28.95 14.26
CA TYR I 249 -16.96 -27.68 14.29
C TYR I 249 -17.80 -27.47 13.05
N GLN I 250 -17.24 -27.78 11.89
CA GLN I 250 -17.97 -27.71 10.64
C GLN I 250 -19.06 -28.78 10.60
N GLU I 251 -18.78 -29.96 11.13
CA GLU I 251 -19.80 -31.00 11.22
C GLU I 251 -20.95 -30.43 12.09
N LEU I 252 -20.62 -30.02 13.32
CA LEU I 252 -21.62 -29.52 14.25
C LEU I 252 -22.41 -28.29 13.77
N ALA I 253 -21.75 -27.39 13.05
CA ALA I 253 -22.45 -26.24 12.47
C ALA I 253 -23.62 -26.63 11.54
N PHE I 254 -23.77 -27.90 11.20
CA PHE I 254 -24.81 -28.27 10.24
C PHE I 254 -25.84 -29.25 10.78
N ASN I 255 -25.42 -30.16 11.65
CA ASN I 255 -26.34 -31.03 12.36
C ASN I 255 -25.92 -31.03 13.81
N ARG I 256 -26.88 -31.03 14.74
CA ARG I 256 -26.57 -31.15 16.18
C ARG I 256 -27.33 -32.35 16.73
N PRO I 257 -26.69 -33.52 16.75
CA PRO I 257 -27.40 -34.79 16.83
C PRO I 257 -28.02 -35.13 18.20
N GLN I 258 -28.98 -36.07 18.17
CA GLN I 258 -29.63 -36.64 19.34
C GLN I 258 -28.63 -37.16 20.37
N HIS I 259 -27.62 -37.88 19.88
CA HIS I 259 -26.78 -38.74 20.71
C HIS I 259 -25.38 -38.22 21.00
N TYR I 260 -24.65 -38.96 21.83
CA TYR I 260 -23.29 -38.63 22.22
C TYR I 260 -22.33 -38.90 21.07
N THR I 261 -21.56 -37.88 20.72
CA THR I 261 -20.49 -38.04 19.73
C THR I 261 -19.19 -37.42 20.24
N GLY I 262 -18.84 -37.74 21.48
CA GLY I 262 -17.56 -37.35 22.08
C GLY I 262 -17.54 -36.22 23.11
N ILE I 263 -16.39 -36.05 23.74
CA ILE I 263 -16.22 -35.08 24.81
C ILE I 263 -16.26 -33.67 24.27
N VAL I 264 -15.64 -33.45 23.12
CA VAL I 264 -15.57 -32.08 22.59
C VAL I 264 -16.92 -31.53 22.13
N ALA I 265 -17.74 -32.36 21.53
CA ALA I 265 -19.06 -31.91 21.08
C ALA I 265 -19.86 -31.35 22.27
N GLU I 266 -19.92 -32.11 23.37
CA GLU I 266 -20.50 -31.61 24.62
C GLU I 266 -20.05 -30.18 24.87
N LEU I 267 -18.73 -29.95 24.85
CA LEU I 267 -18.19 -28.62 25.13
C LEU I 267 -18.62 -27.60 24.10
N LEU I 268 -18.70 -27.99 22.84
CA LEU I 268 -19.09 -27.07 21.78
C LEU I 268 -20.58 -26.76 21.79
N LEU I 269 -21.38 -27.73 22.22
CA LEU I 269 -22.83 -27.59 22.28
C LEU I 269 -23.23 -26.69 23.43
N LYS I 270 -22.66 -26.91 24.62
CA LYS I 270 -22.84 -26.01 25.75
C LYS I 270 -22.36 -24.58 25.47
N ALA I 271 -21.21 -24.46 24.80
CA ALA I 271 -20.63 -23.14 24.48
C ALA I 271 -20.49 -22.22 25.69
N GLU I 272 -20.52 -22.81 26.88
CA GLU I 272 -20.23 -22.04 28.09
C GLU I 272 -18.86 -21.36 27.95
N LEU I 273 -17.89 -22.05 27.33
CA LEU I 273 -16.58 -21.49 26.98
C LEU I 273 -16.52 -20.93 25.56
N SER I 274 -15.64 -19.97 25.33
CA SER I 274 -15.46 -19.35 24.01
C SER I 274 -14.85 -20.32 23.03
N LEU I 275 -15.16 -20.18 21.74
CA LEU I 275 -14.56 -21.06 20.74
C LEU I 275 -13.06 -21.16 21.01
N GLU I 276 -12.40 -20.01 21.07
CA GLU I 276 -10.96 -19.95 21.31
C GLU I 276 -10.54 -20.77 22.51
N ALA I 277 -11.34 -20.72 23.57
CA ALA I 277 -11.03 -21.44 24.81
C ALA I 277 -11.29 -22.96 24.72
N ILE I 278 -12.27 -23.35 23.92
CA ILE I 278 -12.48 -24.77 23.62
C ILE I 278 -11.29 -25.31 22.80
N LYS I 279 -10.91 -24.58 21.74
CA LYS I 279 -9.68 -24.88 21.00
C LYS I 279 -8.50 -25.16 21.95
N ALA I 280 -8.26 -24.26 22.90
CA ALA I 280 -7.10 -24.35 23.78
C ALA I 280 -7.05 -25.65 24.57
N ASN I 281 -8.14 -25.95 25.28
CA ASN I 281 -8.21 -27.17 26.10
C ASN I 281 -8.32 -28.42 25.24
N SER I 282 -9.10 -28.33 24.17
CA SER I 282 -9.16 -29.43 23.22
C SER I 282 -7.77 -29.74 22.65
N MET I 283 -7.02 -28.70 22.34
CA MET I 283 -5.62 -28.88 21.96
C MET I 283 -4.85 -29.64 23.01
N GLU I 284 -5.04 -29.27 24.27
CA GLU I 284 -4.37 -29.90 25.39
C GLU I 284 -4.83 -31.33 25.52
N LEU I 285 -6.13 -31.54 25.37
CA LEU I 285 -6.72 -32.85 25.53
C LEU I 285 -6.29 -33.82 24.43
N THR I 286 -6.06 -33.29 23.22
CA THR I 286 -5.49 -34.10 22.16
C THR I 286 -4.02 -34.41 22.45
N ALA I 287 -3.23 -33.38 22.69
CA ALA I 287 -1.80 -33.57 22.83
C ALA I 287 -1.45 -34.39 24.06
N GLY I 288 -2.18 -34.14 25.15
CA GLY I 288 -1.87 -34.71 26.45
C GLY I 288 -2.30 -36.15 26.62
N SER I 289 -3.12 -36.66 25.72
CA SER I 289 -3.70 -38.00 25.89
C SER I 289 -3.00 -39.13 25.15
N VAL I 290 -1.73 -38.94 24.81
CA VAL I 290 -1.02 -39.97 24.07
C VAL I 290 0.10 -40.62 24.87
N ASP I 291 1.20 -39.89 25.08
CA ASP I 291 2.37 -40.42 25.77
C ASP I 291 2.10 -40.80 27.21
N THR I 292 1.28 -40.00 27.91
CA THR I 292 0.94 -40.27 29.32
C THR I 292 0.07 -41.51 29.52
N THR I 293 -0.65 -41.94 28.48
CA THR I 293 -1.41 -43.18 28.63
C THR I 293 -0.58 -44.38 28.18
N ALA I 294 0.18 -44.20 27.11
CA ALA I 294 0.85 -45.31 26.46
C ALA I 294 1.97 -45.90 27.33
N PHE I 295 2.89 -45.05 27.78
CA PHE I 295 3.98 -45.50 28.65
C PHE I 295 3.52 -46.26 29.90
N PRO I 296 2.45 -45.80 30.55
CA PRO I 296 2.00 -46.62 31.67
C PRO I 296 1.45 -47.99 31.26
N LEU I 297 0.72 -48.05 30.13
CA LEU I 297 0.30 -49.35 29.55
C LEU I 297 1.48 -50.26 29.21
N LEU I 298 2.45 -49.69 28.53
CA LEU I 298 3.67 -50.40 28.20
C LEU I 298 4.31 -50.98 29.45
N MET I 299 4.52 -50.09 30.41
CA MET I 299 5.13 -50.50 31.64
C MET I 299 4.31 -51.54 32.42
N THR I 300 2.99 -51.50 32.27
CA THR I 300 2.10 -52.50 32.88
C THR I 300 2.23 -53.85 32.21
N LEU I 301 2.27 -53.85 30.88
CA LEU I 301 2.42 -55.08 30.10
C LEU I 301 3.74 -55.74 30.40
N PHE I 302 4.80 -54.96 30.44
CA PHE I 302 6.09 -55.43 30.89
C PHE I 302 5.97 -56.01 32.30
N GLU I 303 5.39 -55.27 33.23
CA GLU I 303 5.31 -55.77 34.61
C GLU I 303 4.44 -57.00 34.79
N LEU I 304 3.52 -57.24 33.87
CA LEU I 304 2.73 -58.44 33.95
C LEU I 304 3.51 -59.63 33.43
N ALA I 305 4.23 -59.46 32.32
CA ALA I 305 5.06 -60.53 31.74
C ALA I 305 6.18 -60.96 32.69
N ARG I 306 6.58 -60.04 33.54
CA ARG I 306 7.63 -60.24 34.49
C ARG I 306 7.07 -60.80 35.78
N ASN I 307 5.75 -60.79 35.90
CA ASN I 307 5.09 -61.24 37.12
C ASN I 307 3.92 -62.14 36.76
N PRO I 308 4.21 -63.29 36.12
CA PRO I 308 3.16 -64.16 35.55
C PRO I 308 2.06 -64.52 36.55
N ASP I 309 2.45 -64.70 37.81
CA ASP I 309 1.55 -65.12 38.89
C ASP I 309 0.42 -64.09 39.08
N VAL I 310 0.82 -62.83 39.01
CA VAL I 310 -0.07 -61.69 39.14
C VAL I 310 -0.97 -61.66 37.90
N GLN I 311 -0.35 -61.85 36.75
CA GLN I 311 -1.08 -61.90 35.49
C GLN I 311 -2.16 -62.99 35.52
N GLN I 312 -1.84 -64.18 36.01
CA GLN I 312 -2.84 -65.25 36.13
C GLN I 312 -4.01 -64.76 36.94
N ILE I 313 -3.71 -64.17 38.12
CA ILE I 313 -4.76 -63.67 38.99
C ILE I 313 -5.59 -62.67 38.23
N LEU I 314 -4.94 -61.62 37.71
CA LEU I 314 -5.64 -60.59 36.93
C LEU I 314 -6.57 -61.11 35.82
N ARG I 315 -6.18 -62.24 35.21
CA ARG I 315 -6.92 -62.86 34.14
C ARG I 315 -8.19 -63.51 34.66
N GLN I 316 -8.05 -64.23 35.78
CA GLN I 316 -9.20 -64.84 36.47
C GLN I 316 -10.33 -63.83 36.68
N GLU I 317 -9.98 -62.61 37.07
CA GLU I 317 -11.00 -61.60 37.29
C GLU I 317 -11.55 -61.02 35.98
N SER I 318 -10.67 -60.83 34.99
CA SER I 318 -11.09 -60.36 33.66
C SER I 318 -11.95 -61.39 32.95
N LEU I 319 -11.62 -62.68 33.11
CA LEU I 319 -12.49 -63.74 32.58
C LEU I 319 -13.85 -63.74 33.28
N ALA I 320 -13.84 -63.72 34.62
CA ALA I 320 -15.05 -63.63 35.43
C ALA I 320 -15.97 -62.48 35.06
N ALA I 321 -15.40 -61.42 34.51
CA ALA I 321 -16.18 -60.25 34.23
C ALA I 321 -16.46 -60.05 32.74
N ALA I 322 -16.13 -61.06 31.93
CA ALA I 322 -16.21 -60.94 30.46
C ALA I 322 -17.62 -60.74 29.93
N ALA I 323 -18.53 -61.60 30.40
CA ALA I 323 -19.94 -61.54 30.00
C ALA I 323 -20.57 -60.19 30.34
N SER I 324 -20.39 -59.73 31.57
CA SER I 324 -20.88 -58.40 31.98
C SER I 324 -20.37 -57.24 31.12
N ILE I 325 -19.04 -57.13 30.95
CA ILE I 325 -18.45 -56.04 30.14
C ILE I 325 -18.90 -56.03 28.69
N SER I 326 -19.22 -57.21 28.14
CA SER I 326 -19.84 -57.24 26.82
C SER I 326 -21.25 -56.64 26.87
N GLU I 327 -22.04 -57.06 27.86
CA GLU I 327 -23.39 -56.57 28.08
C GLU I 327 -23.47 -55.06 28.31
N HIS I 328 -22.66 -54.55 29.25
CA HIS I 328 -22.51 -53.10 29.48
C HIS I 328 -21.04 -52.72 29.69
N PRO I 329 -20.40 -52.15 28.65
CA PRO I 329 -19.00 -51.77 28.78
C PRO I 329 -18.74 -50.88 29.99
N GLN I 330 -19.70 -50.00 30.31
CA GLN I 330 -19.59 -49.03 31.43
C GLN I 330 -19.24 -49.66 32.78
N LYS I 331 -19.33 -50.98 32.88
CA LYS I 331 -19.20 -51.69 34.15
C LYS I 331 -17.77 -52.03 34.51
N ALA I 332 -16.87 -51.93 33.54
CA ALA I 332 -15.47 -52.34 33.70
C ALA I 332 -14.74 -51.73 34.89
N THR I 333 -15.01 -50.46 35.17
CA THR I 333 -14.39 -49.76 36.30
C THR I 333 -14.77 -50.33 37.68
N THR I 334 -15.93 -50.94 37.79
CA THR I 334 -16.38 -51.54 39.04
C THR I 334 -16.19 -53.05 39.06
N GLU I 335 -16.16 -53.65 37.87
CA GLU I 335 -15.92 -55.08 37.71
C GLU I 335 -14.45 -55.46 37.84
N LEU I 336 -13.55 -54.50 37.61
CA LEU I 336 -12.11 -54.80 37.54
C LEU I 336 -11.22 -54.16 38.65
N PRO I 337 -11.58 -54.36 39.93
CA PRO I 337 -10.89 -53.62 40.98
C PRO I 337 -9.40 -53.94 41.01
N LEU I 338 -9.05 -55.21 40.86
CA LEU I 338 -7.67 -55.65 40.96
C LEU I 338 -6.78 -55.04 39.86
N LEU I 339 -7.29 -54.95 38.64
CA LEU I 339 -6.52 -54.42 37.53
C LEU I 339 -6.33 -52.91 37.71
N ARG I 340 -7.32 -52.25 38.34
CA ARG I 340 -7.19 -50.85 38.71
C ARG I 340 -6.03 -50.73 39.70
N ALA I 341 -5.96 -51.65 40.65
CA ALA I 341 -4.80 -51.74 41.53
C ALA I 341 -3.46 -51.89 40.80
N ALA I 342 -3.45 -52.63 39.69
CA ALA I 342 -2.21 -52.81 38.92
C ALA I 342 -1.77 -51.50 38.31
N LEU I 343 -2.71 -50.69 37.84
CA LEU I 343 -2.38 -49.40 37.25
C LEU I 343 -1.66 -48.56 38.30
N LYS I 344 -2.33 -48.36 39.43
CA LYS I 344 -1.74 -47.73 40.62
C LYS I 344 -0.34 -48.27 40.93
N GLU I 345 -0.16 -49.59 40.89
CA GLU I 345 1.18 -50.14 41.09
C GLU I 345 2.18 -49.69 40.03
N THR I 346 1.80 -49.80 38.74
CA THR I 346 2.67 -49.38 37.63
C THR I 346 3.11 -47.93 37.86
N LEU I 347 2.13 -47.05 38.04
CA LEU I 347 2.37 -45.63 38.20
C LEU I 347 3.18 -45.27 39.46
N ARG I 348 3.04 -46.03 40.54
CA ARG I 348 3.88 -45.86 41.72
C ARG I 348 5.35 -45.97 41.31
N LEU I 349 5.65 -47.00 40.52
CA LEU I 349 7.01 -47.34 40.14
C LEU I 349 7.49 -46.56 38.92
N TYR I 350 6.55 -46.19 38.06
CA TYR I 350 6.88 -45.50 36.85
C TYR I 350 6.05 -44.25 36.71
N PRO I 351 6.34 -43.21 37.49
CA PRO I 351 5.49 -42.01 37.40
C PRO I 351 5.69 -41.32 36.06
N VAL I 352 4.61 -40.88 35.41
CA VAL I 352 4.74 -40.35 34.06
C VAL I 352 5.02 -38.86 34.11
N GLY I 353 4.13 -38.13 34.77
CA GLY I 353 4.44 -36.78 35.22
C GLY I 353 5.22 -37.04 36.49
N LEU I 354 6.47 -36.60 36.51
CA LEU I 354 7.39 -37.00 37.56
C LEU I 354 7.07 -36.34 38.89
N PHE I 355 6.68 -35.08 38.84
CA PHE I 355 6.50 -34.31 40.05
C PHE I 355 5.19 -33.51 40.10
N LEU I 356 4.75 -33.22 41.33
CA LEU I 356 3.62 -32.33 41.55
C LEU I 356 4.14 -30.95 41.96
N GLU I 357 3.40 -29.92 41.57
CA GLU I 357 3.89 -28.56 41.61
C GLU I 357 2.89 -27.64 42.29
N ARG I 358 3.31 -27.01 43.39
CA ARG I 358 2.53 -25.92 44.00
C ARG I 358 3.38 -24.71 44.43
N VAL I 359 3.04 -23.53 43.92
CA VAL I 359 3.54 -22.27 44.48
C VAL I 359 2.55 -21.90 45.58
N VAL I 360 3.00 -22.12 46.81
CA VAL I 360 2.16 -22.02 48.00
C VAL I 360 1.65 -20.59 48.23
N SER I 361 0.33 -20.42 48.31
CA SER I 361 -0.23 -19.09 48.60
C SER I 361 -0.58 -18.88 50.10
N SER I 362 0.23 -19.50 50.97
CA SER I 362 0.16 -19.36 52.44
C SER I 362 1.50 -19.72 53.11
N ASP I 363 1.60 -19.50 54.41
CA ASP I 363 2.69 -20.08 55.19
C ASP I 363 2.35 -21.55 55.41
N LEU I 364 3.32 -22.38 55.77
CA LEU I 364 2.99 -23.74 56.25
C LEU I 364 4.13 -24.56 56.88
N VAL I 365 3.73 -25.58 57.64
CA VAL I 365 4.66 -26.47 58.32
C VAL I 365 4.81 -27.74 57.49
N LEU I 366 6.05 -28.09 57.17
CA LEU I 366 6.33 -29.34 56.46
C LEU I 366 7.58 -30.05 56.98
N GLN I 367 7.37 -31.14 57.69
CA GLN I 367 8.44 -31.86 58.37
C GLN I 367 9.02 -30.98 59.48
N ASN I 368 8.15 -30.12 60.01
CA ASN I 368 8.51 -29.04 60.94
C ASN I 368 9.60 -28.11 60.39
N TYR I 369 9.26 -27.38 59.34
CA TYR I 369 10.07 -26.30 58.79
C TYR I 369 9.09 -25.27 58.27
N HIS I 370 9.38 -24.00 58.54
CA HIS I 370 8.53 -22.92 58.05
C HIS I 370 8.62 -22.82 56.52
N ILE I 371 7.47 -22.77 55.87
CA ILE I 371 7.38 -22.59 54.43
C ILE I 371 6.58 -21.32 54.13
N PRO I 372 7.28 -20.26 53.69
CA PRO I 372 6.72 -18.95 53.34
C PRO I 372 5.67 -19.00 52.22
N ALA I 373 5.04 -17.86 51.99
CA ALA I 373 4.21 -17.66 50.80
C ALA I 373 5.11 -17.54 49.58
N GLY I 374 4.61 -17.99 48.43
CA GLY I 374 5.31 -17.92 47.15
C GLY I 374 6.51 -18.85 47.06
N THR I 375 6.53 -19.84 47.96
CA THR I 375 7.63 -20.78 48.04
C THR I 375 7.25 -22.07 47.32
N LEU I 376 7.65 -22.19 46.05
CA LEU I 376 7.37 -23.36 45.22
C LEU I 376 7.77 -24.66 45.93
N VAL I 377 6.75 -25.45 46.28
CA VAL I 377 6.96 -26.79 46.86
C VAL I 377 6.74 -27.83 45.77
N GLN I 378 7.61 -28.84 45.75
CA GLN I 378 7.62 -29.83 44.68
C GLN I 378 7.65 -31.25 45.25
N VAL I 379 6.56 -31.99 45.01
CA VAL I 379 6.46 -33.39 45.43
C VAL I 379 7.09 -34.26 44.37
N PHE I 380 7.94 -35.17 44.82
CA PHE I 380 8.73 -36.01 43.93
C PHE I 380 8.24 -37.46 44.02
N LEU I 381 7.51 -37.87 42.98
CA LEU I 381 6.80 -39.14 42.93
C LEU I 381 7.68 -40.37 42.84
N TYR I 382 8.77 -40.26 42.08
CA TYR I 382 9.72 -41.35 42.02
C TYR I 382 10.15 -41.83 43.43
N SER I 383 10.61 -40.91 44.28
CA SER I 383 11.03 -41.27 45.66
C SER I 383 9.84 -41.64 46.55
N LEU I 384 8.76 -40.89 46.41
CA LEU I 384 7.52 -41.17 47.14
C LEU I 384 7.04 -42.60 46.96
N GLY I 385 6.96 -43.03 45.70
CA GLY I 385 6.53 -44.37 45.37
C GLY I 385 7.55 -45.40 45.78
N ARG I 386 8.77 -44.94 46.04
CA ARG I 386 9.87 -45.86 46.30
C ARG I 386 10.33 -46.01 47.73
N ASN I 387 9.76 -45.19 48.61
CA ASN I 387 10.03 -45.27 50.05
C ASN I 387 9.61 -46.60 50.68
N ALA I 388 10.58 -47.34 51.21
CA ALA I 388 10.38 -48.68 51.80
C ALA I 388 9.50 -48.75 53.07
N ALA I 389 9.41 -47.64 53.81
CA ALA I 389 8.60 -47.58 55.03
C ALA I 389 7.09 -47.57 54.76
N LEU I 390 6.69 -46.92 53.67
CA LEU I 390 5.27 -46.81 53.30
C LEU I 390 4.84 -47.92 52.36
N PHE I 391 5.76 -48.36 51.51
CA PHE I 391 5.52 -49.45 50.58
C PHE I 391 6.49 -50.57 50.90
N PRO I 392 6.05 -51.53 51.76
CA PRO I 392 6.91 -52.66 52.08
C PRO I 392 7.29 -53.43 50.81
N ARG I 393 8.58 -53.75 50.69
CA ARG I 393 9.16 -54.45 49.53
C ARG I 393 8.78 -53.71 48.24
N PRO I 394 9.30 -52.49 48.07
CA PRO I 394 8.81 -51.54 47.07
C PRO I 394 9.40 -51.72 45.67
N GLU I 395 10.21 -52.77 45.50
CA GLU I 395 10.70 -53.16 44.19
C GLU I 395 9.73 -54.18 43.65
N ARG I 396 9.11 -54.94 44.56
CA ARG I 396 8.13 -55.94 44.19
C ARG I 396 6.92 -55.24 43.57
N TYR I 397 6.45 -55.80 42.46
CA TYR I 397 5.28 -55.25 41.76
C TYR I 397 4.05 -55.94 42.29
N ASN I 398 3.23 -55.18 43.00
CA ASN I 398 2.25 -55.77 43.88
C ASN I 398 0.95 -54.97 43.94
N PRO I 399 -0.05 -55.35 43.14
CA PRO I 399 -1.35 -54.69 43.19
C PRO I 399 -2.16 -54.95 44.46
N GLN I 400 -1.96 -56.09 45.14
CA GLN I 400 -2.66 -56.39 46.41
C GLN I 400 -2.55 -55.23 47.41
N ARG I 401 -1.36 -54.63 47.44
CA ARG I 401 -1.05 -53.35 48.07
C ARG I 401 -2.23 -52.39 48.17
N TRP I 402 -2.90 -52.15 47.06
CA TRP I 402 -3.94 -51.14 46.95
C TRP I 402 -5.35 -51.61 47.33
N LEU I 403 -5.42 -52.84 47.86
CA LEU I 403 -6.66 -53.40 48.38
C LEU I 403 -6.61 -53.43 49.92
N ASP I 404 -5.46 -53.85 50.44
CA ASP I 404 -5.20 -53.96 51.89
C ASP I 404 -5.27 -52.61 52.61
N PHE I 412 -4.77 -42.07 51.36
CA PHE I 412 -4.02 -40.92 50.87
C PHE I 412 -2.52 -41.27 50.62
N HIS I 413 -2.20 -41.68 49.39
CA HIS I 413 -0.92 -42.31 49.00
C HIS I 413 -0.76 -42.40 47.47
N HIS I 414 -1.89 -42.58 46.78
CA HIS I 414 -1.88 -42.69 45.34
C HIS I 414 -2.13 -41.30 44.77
N VAL I 415 -1.10 -40.72 44.16
CA VAL I 415 -1.14 -39.34 43.67
C VAL I 415 -0.54 -39.08 42.26
N PRO I 416 -0.33 -40.15 41.45
CA PRO I 416 0.20 -39.99 40.09
C PRO I 416 -0.51 -38.93 39.28
N PHE I 417 -1.74 -38.65 39.66
CA PHE I 417 -2.57 -37.68 38.96
C PHE I 417 -2.64 -36.34 39.70
N GLY I 418 -1.92 -36.25 40.81
CA GLY I 418 -1.89 -35.04 41.62
C GLY I 418 -2.96 -35.03 42.70
N PHE I 419 -3.51 -33.85 42.97
CA PHE I 419 -4.46 -33.71 44.08
C PHE I 419 -5.32 -32.45 43.99
N GLY I 420 -6.38 -32.44 44.77
CA GLY I 420 -7.22 -31.26 44.88
C GLY I 420 -7.99 -31.00 43.61
N MET I 421 -8.28 -29.74 43.36
CA MET I 421 -9.14 -29.38 42.26
C MET I 421 -8.42 -29.38 40.93
N ARG I 422 -7.07 -29.32 41.01
CA ARG I 422 -6.13 -29.42 39.88
C ARG I 422 -5.86 -30.86 39.43
N GLN I 423 -6.20 -31.84 40.25
CA GLN I 423 -5.95 -33.24 39.94
C GLN I 423 -6.30 -33.51 38.49
N CYS I 424 -5.48 -34.36 37.86
CA CYS I 424 -5.49 -34.54 36.40
C CYS I 424 -6.90 -34.54 35.79
N LEU I 425 -7.15 -33.59 34.92
CA LEU I 425 -8.46 -33.51 34.28
C LEU I 425 -8.70 -34.71 33.35
N GLY I 426 -7.63 -35.26 32.79
CA GLY I 426 -7.74 -36.37 31.84
C GLY I 426 -7.74 -37.75 32.45
N ARG I 427 -7.45 -37.80 33.76
CA ARG I 427 -7.35 -39.03 34.56
C ARG I 427 -8.37 -40.15 34.27
N ARG I 428 -9.65 -39.83 34.19
CA ARG I 428 -10.67 -40.87 34.05
C ARG I 428 -10.70 -41.47 32.65
N LEU I 429 -10.54 -40.62 31.63
CA LEU I 429 -10.27 -41.08 30.27
C LEU I 429 -9.02 -42.00 30.27
N ALA I 430 -7.88 -41.46 30.68
CA ALA I 430 -6.69 -42.29 30.83
C ALA I 430 -6.96 -43.66 31.50
N GLU I 431 -7.50 -43.68 32.72
CA GLU I 431 -7.81 -44.96 33.37
C GLU I 431 -8.67 -45.88 32.49
N ALA I 432 -9.73 -45.33 31.90
CA ALA I 432 -10.59 -46.10 31.00
C ALA I 432 -9.83 -46.76 29.85
N GLU I 433 -8.94 -46.00 29.20
CA GLU I 433 -8.14 -46.50 28.08
C GLU I 433 -7.20 -47.60 28.49
N MET I 434 -6.52 -47.41 29.60
CA MET I 434 -5.58 -48.41 30.12
C MET I 434 -6.30 -49.66 30.51
N LEU I 435 -7.40 -49.49 31.25
CA LEU I 435 -8.25 -50.59 31.71
C LEU I 435 -8.80 -51.44 30.56
N LEU I 436 -9.57 -50.83 29.68
CA LEU I 436 -10.19 -51.59 28.60
C LEU I 436 -9.19 -52.34 27.71
N LEU I 437 -8.07 -51.71 27.35
CA LEU I 437 -7.06 -52.42 26.59
C LEU I 437 -6.54 -53.65 27.33
N LEU I 438 -6.24 -53.50 28.62
CA LEU I 438 -5.68 -54.62 29.37
C LEU I 438 -6.72 -55.71 29.64
N HIS I 439 -7.94 -55.32 29.99
CA HIS I 439 -9.02 -56.30 30.15
C HIS I 439 -9.07 -57.25 28.96
N HIS I 440 -9.05 -56.70 27.76
CA HIS I 440 -9.21 -57.49 26.55
C HIS I 440 -8.02 -58.35 26.21
N VAL I 441 -6.83 -57.81 26.35
CA VAL I 441 -5.61 -58.58 26.14
C VAL I 441 -5.56 -59.81 27.07
N LEU I 442 -6.02 -59.64 28.31
CA LEU I 442 -5.94 -60.71 29.29
C LEU I 442 -6.89 -61.85 28.99
N LYS I 443 -8.08 -61.52 28.51
CA LYS I 443 -9.07 -62.55 28.16
C LYS I 443 -8.58 -63.46 27.01
N HIS I 444 -7.72 -62.95 26.15
CA HIS I 444 -7.30 -63.68 24.97
C HIS I 444 -5.86 -64.15 24.95
N PHE I 445 -4.97 -63.50 25.71
CA PHE I 445 -3.50 -63.71 25.58
C PHE I 445 -2.75 -64.00 26.86
N LEU I 446 -1.64 -64.73 26.73
CA LEU I 446 -0.61 -64.76 27.75
C LEU I 446 0.49 -63.78 27.31
N VAL I 447 0.92 -62.90 28.21
CA VAL I 447 2.07 -62.04 27.91
C VAL I 447 3.32 -62.61 28.59
N GLU I 448 4.40 -62.76 27.82
CA GLU I 448 5.66 -63.35 28.31
C GLU I 448 6.89 -62.59 27.80
N THR I 449 8.04 -62.85 28.44
CA THR I 449 9.33 -62.20 28.15
C THR I 449 10.48 -62.93 28.77
N LEU I 450 11.63 -62.86 28.11
CA LEU I 450 12.89 -63.27 28.73
C LEU I 450 13.65 -62.07 29.24
N THR I 451 13.65 -60.97 28.48
CA THR I 451 14.26 -59.72 28.96
C THR I 451 13.61 -59.25 30.28
N GLN I 452 14.21 -59.74 31.39
CA GLN I 452 13.70 -59.63 32.75
C GLN I 452 14.36 -58.52 33.58
N GLU I 453 15.46 -57.96 33.08
CA GLU I 453 16.16 -56.88 33.76
C GLU I 453 15.27 -55.64 33.83
N ASP I 454 15.53 -54.80 34.82
CA ASP I 454 14.78 -53.56 34.99
C ASP I 454 14.95 -52.66 33.77
N ILE I 455 14.01 -51.77 33.58
CA ILE I 455 14.08 -50.85 32.46
C ILE I 455 14.51 -49.47 32.98
N LYS I 456 15.50 -48.91 32.30
CA LYS I 456 16.04 -47.61 32.63
C LYS I 456 14.99 -46.59 32.29
N MET I 457 14.58 -45.81 33.29
CA MET I 457 13.66 -44.71 33.07
C MET I 457 14.45 -43.47 32.70
N VAL I 458 13.94 -42.72 31.72
CA VAL I 458 14.63 -41.56 31.16
C VAL I 458 13.76 -40.33 31.38
N TYR I 459 14.38 -39.18 31.66
CA TYR I 459 13.58 -37.97 31.87
C TYR I 459 13.61 -36.96 30.70
N SER I 460 12.42 -36.67 30.17
CA SER I 460 12.22 -35.54 29.25
C SER I 460 10.82 -34.98 29.42
N PHE I 461 10.73 -34.08 30.39
CA PHE I 461 9.49 -33.49 30.89
C PHE I 461 8.61 -34.52 31.58
N ILE I 462 8.39 -35.64 30.89
CA ILE I 462 7.76 -36.82 31.47
C ILE I 462 8.79 -37.90 31.70
N LEU I 463 8.57 -38.74 32.70
CA LEU I 463 9.36 -39.95 32.86
C LEU I 463 8.87 -41.02 31.88
N ARG I 464 9.74 -41.37 30.93
CA ARG I 464 9.44 -42.44 29.97
C ARG I 464 10.50 -43.55 30.07
N PRO I 465 10.17 -44.77 29.59
CA PRO I 465 11.19 -45.79 29.44
C PRO I 465 12.06 -45.50 28.23
N GLY I 466 13.35 -45.78 28.33
CA GLY I 466 14.28 -45.57 27.24
C GLY I 466 14.33 -46.83 26.39
N THR I 467 13.95 -47.94 27.02
CA THR I 467 13.97 -49.23 26.37
C THR I 467 12.53 -49.72 26.25
N SER I 468 12.24 -50.42 25.15
CA SER I 468 10.98 -51.11 24.98
C SER I 468 11.19 -52.65 24.82
N PRO I 469 10.67 -53.44 25.77
CA PRO I 469 11.00 -54.87 25.78
C PRO I 469 10.25 -55.63 24.70
N LEU I 470 10.85 -56.73 24.26
CA LEU I 470 10.27 -57.65 23.31
C LEU I 470 9.30 -58.62 24.01
N LEU I 471 8.01 -58.37 23.83
CA LEU I 471 6.99 -59.21 24.44
C LEU I 471 6.36 -60.16 23.43
N THR I 472 6.06 -61.36 23.92
CA THR I 472 5.25 -62.37 23.25
C THR I 472 3.79 -62.27 23.70
N PHE I 473 2.86 -62.45 22.77
CA PHE I 473 1.47 -62.65 23.13
C PHE I 473 1.00 -63.98 22.59
N ARG I 474 0.73 -64.93 23.50
CA ARG I 474 0.18 -66.24 23.14
C ARG I 474 -1.32 -66.24 23.26
N ALA I 475 -1.97 -66.82 22.25
CA ALA I 475 -3.40 -67.06 22.28
C ALA I 475 -3.70 -68.16 23.29
N ILE I 476 -4.58 -67.89 24.24
CA ILE I 476 -5.07 -68.95 25.12
C ILE I 476 -6.16 -69.74 24.39
N THR J 8 38.97 5.39 62.50
CA THR J 8 38.11 4.17 62.36
C THR J 8 37.64 3.94 60.91
N VAL J 9 37.35 2.67 60.59
CA VAL J 9 37.07 2.19 59.23
C VAL J 9 35.58 1.80 59.08
N LEU J 10 35.19 1.36 57.88
CA LEU J 10 33.86 0.76 57.62
C LEU J 10 34.04 -0.61 56.95
N PRO J 11 33.24 -1.64 57.36
CA PRO J 11 33.42 -3.01 56.83
C PRO J 11 33.19 -3.14 55.32
N PHE J 12 33.62 -4.27 54.77
CA PHE J 12 33.65 -4.50 53.31
C PHE J 12 32.30 -4.38 52.58
N GLU J 13 31.19 -4.72 53.27
CA GLU J 13 29.86 -4.84 52.65
C GLU J 13 29.16 -3.50 52.39
N ALA J 14 29.71 -2.42 52.95
CA ALA J 14 29.10 -1.09 52.89
C ALA J 14 29.33 -0.39 51.55
N MET J 15 30.48 -0.69 50.95
CA MET J 15 30.88 -0.20 49.63
C MET J 15 29.74 -0.31 48.62
N PRO J 16 29.44 0.79 47.87
CA PRO J 16 28.47 0.62 46.78
C PRO J 16 28.87 -0.50 45.83
N GLN J 17 27.89 -1.10 45.14
CA GLN J 17 28.12 -2.28 44.32
C GLN J 17 27.74 -2.13 42.85
N HIS J 18 28.46 -2.85 42.00
CA HIS J 18 28.24 -2.88 40.56
C HIS J 18 26.89 -3.56 40.25
N PRO J 19 25.97 -2.83 39.57
CA PRO J 19 24.57 -3.26 39.36
C PRO J 19 24.40 -4.47 38.43
N GLY J 20 25.51 -4.97 37.88
CA GLY J 20 25.47 -6.10 36.97
C GLY J 20 25.85 -7.44 37.62
N ASN J 21 25.46 -8.52 36.97
CA ASN J 21 25.71 -9.86 37.47
C ASN J 21 26.89 -10.54 36.78
N ARG J 22 27.65 -11.31 37.56
CA ARG J 22 28.85 -12.01 37.09
C ARG J 22 28.59 -13.16 36.10
N TRP J 23 27.35 -13.64 36.02
CA TRP J 23 26.99 -14.66 35.03
C TRP J 23 26.47 -13.96 33.79
N LEU J 24 25.68 -12.91 33.99
CA LEU J 24 25.18 -12.09 32.91
C LEU J 24 26.25 -11.16 32.35
N ARG J 25 27.48 -11.32 32.85
CA ARG J 25 28.65 -10.75 32.21
C ARG J 25 29.28 -11.81 31.32
N LEU J 26 29.64 -12.95 31.92
CA LEU J 26 30.44 -14.00 31.25
C LEU J 26 29.72 -14.69 30.07
N LEU J 27 28.49 -14.28 29.82
CA LEU J 27 27.70 -14.82 28.73
C LEU J 27 27.33 -13.74 27.72
N GLN J 28 27.38 -12.48 28.17
CA GLN J 28 27.39 -11.35 27.26
C GLN J 28 28.68 -11.43 26.45
N ILE J 29 29.53 -12.40 26.81
CA ILE J 29 30.81 -12.65 26.15
C ILE J 29 30.76 -13.86 25.20
N TRP J 30 30.04 -14.94 25.58
CA TRP J 30 29.78 -16.06 24.67
C TRP J 30 29.11 -15.53 23.41
N ARG J 31 28.03 -14.79 23.63
CA ARG J 31 27.23 -14.17 22.58
C ARG J 31 28.09 -13.28 21.68
N GLU J 32 28.54 -12.16 22.23
CA GLU J 32 29.14 -11.07 21.43
C GLU J 32 30.53 -11.37 20.88
N GLN J 33 31.15 -12.44 21.39
CA GLN J 33 32.52 -12.87 21.04
C GLN J 33 33.61 -11.87 21.41
N GLY J 34 33.45 -11.24 22.57
CA GLY J 34 34.37 -10.23 23.02
C GLY J 34 33.75 -9.39 24.10
N TYR J 35 34.08 -8.10 24.10
CA TYR J 35 33.72 -7.18 25.18
C TYR J 35 34.30 -5.80 24.84
N GLU J 36 34.04 -5.32 23.63
CA GLU J 36 34.64 -4.06 23.15
C GLU J 36 34.22 -2.81 23.94
N HIS J 37 33.41 -3.01 24.98
CA HIS J 37 32.68 -1.92 25.63
C HIS J 37 33.16 -1.66 27.06
N LEU J 38 34.03 -2.52 27.57
CA LEU J 38 34.34 -2.59 29.01
C LEU J 38 34.72 -1.26 29.67
N HIS J 39 35.65 -0.53 29.04
CA HIS J 39 36.17 0.72 29.60
C HIS J 39 35.10 1.76 29.86
N LEU J 40 34.19 1.92 28.89
CA LEU J 40 33.12 2.91 28.97
C LEU J 40 32.09 2.53 30.01
N GLU J 41 31.96 1.22 30.24
CA GLU J 41 31.06 0.68 31.24
C GLU J 41 31.61 0.95 32.64
N MET J 42 32.90 0.70 32.84
CA MET J 42 33.52 0.99 34.14
C MET J 42 33.55 2.51 34.40
N HIS J 43 33.83 3.30 33.37
CA HIS J 43 33.76 4.76 33.46
C HIS J 43 32.33 5.19 33.78
N GLN J 44 31.39 4.49 33.17
CA GLN J 44 29.96 4.64 33.45
C GLN J 44 29.64 4.37 34.94
N THR J 45 30.13 3.25 35.45
CA THR J 45 29.85 2.80 36.80
C THR J 45 30.64 3.59 37.84
N PHE J 46 31.66 4.33 37.40
CA PHE J 46 32.41 5.18 38.32
C PHE J 46 31.75 6.54 38.56
N GLN J 47 30.67 6.81 37.82
CA GLN J 47 29.88 8.04 37.97
C GLN J 47 28.48 7.77 38.53
N GLU J 48 27.98 6.55 38.31
CA GLU J 48 26.72 6.11 38.89
C GLU J 48 26.89 6.12 40.39
N LEU J 49 28.06 5.65 40.84
CA LEU J 49 28.34 5.41 42.25
C LEU J 49 29.43 6.33 42.81
N GLY J 50 30.60 6.34 42.17
CA GLY J 50 31.72 7.18 42.57
C GLY J 50 32.96 6.39 42.93
N PRO J 51 34.10 7.08 43.16
CA PRO J 51 35.47 6.68 43.46
C PRO J 51 35.81 5.23 43.87
N ILE J 52 34.86 4.49 44.44
CA ILE J 52 35.07 3.08 44.82
C ILE J 52 33.79 2.27 44.68
N PHE J 53 33.93 1.03 44.20
CA PHE J 53 32.84 0.05 44.24
C PHE J 53 33.34 -1.39 44.30
N ARG J 54 32.47 -2.25 44.83
CA ARG J 54 32.74 -3.69 44.87
C ARG J 54 31.94 -4.40 43.77
N TYR J 55 32.52 -5.48 43.25
CA TYR J 55 31.90 -6.25 42.18
C TYR J 55 31.45 -7.62 42.69
N ASN J 56 30.16 -7.91 42.50
CA ASN J 56 29.53 -9.14 43.00
C ASN J 56 30.03 -10.42 42.28
N LEU J 57 31.24 -10.83 42.67
CA LEU J 57 31.86 -12.07 42.19
C LEU J 57 31.70 -13.18 43.24
N GLY J 58 31.10 -12.82 44.39
CA GLY J 58 30.72 -13.74 45.48
C GLY J 58 31.56 -14.97 45.81
N GLY J 59 32.57 -14.78 46.66
CA GLY J 59 33.51 -15.84 47.05
C GLY J 59 34.92 -15.27 47.19
N PRO J 60 35.61 -15.08 46.05
CA PRO J 60 36.78 -14.19 46.04
C PRO J 60 36.35 -12.71 45.94
N ARG J 61 36.94 -11.87 46.77
CA ARG J 61 36.56 -10.45 46.89
C ARG J 61 37.30 -9.57 45.87
N MET J 62 36.59 -8.65 45.23
CA MET J 62 37.23 -7.70 44.28
C MET J 62 36.67 -6.27 44.36
N VAL J 63 37.57 -5.30 44.25
CA VAL J 63 37.25 -3.88 44.41
C VAL J 63 37.89 -3.04 43.30
N CYS J 64 37.24 -1.93 42.96
CA CYS J 64 37.73 -1.02 41.94
C CYS J 64 37.96 0.40 42.44
N VAL J 65 39.13 0.93 42.09
CA VAL J 65 39.54 2.31 42.43
C VAL J 65 40.02 3.09 41.20
N MET J 66 39.81 4.41 41.22
CA MET J 66 40.19 5.28 40.10
C MET J 66 41.05 6.47 40.52
N LEU J 67 41.67 6.39 41.70
CA LEU J 67 42.39 7.54 42.28
C LEU J 67 43.83 7.20 42.69
N PRO J 68 44.78 8.15 42.45
CA PRO J 68 46.22 7.99 42.74
C PRO J 68 46.49 7.64 44.20
N GLU J 69 45.83 8.38 45.11
CA GLU J 69 45.73 8.07 46.54
C GLU J 69 45.74 6.56 46.82
N ASP J 70 44.82 5.86 46.16
CA ASP J 70 44.63 4.42 46.33
C ASP J 70 45.78 3.60 45.77
N VAL J 71 46.41 4.08 44.70
CA VAL J 71 47.53 3.39 44.09
C VAL J 71 48.72 3.36 45.07
N GLU J 72 48.94 4.48 45.76
CA GLU J 72 50.07 4.62 46.66
C GLU J 72 49.90 3.76 47.91
N LYS J 73 48.69 3.78 48.48
CA LYS J 73 48.38 2.95 49.63
C LYS J 73 48.61 1.49 49.25
N LEU J 74 48.27 1.17 48.01
CA LEU J 74 48.53 -0.15 47.43
C LEU J 74 50.03 -0.38 47.20
N GLN J 75 50.75 0.69 46.87
CA GLN J 75 52.21 0.63 46.77
C GLN J 75 52.84 0.25 48.13
N GLN J 76 52.41 0.95 49.18
CA GLN J 76 52.86 0.71 50.56
C GLN J 76 52.77 -0.77 50.94
N VAL J 77 51.72 -1.42 50.50
CA VAL J 77 51.49 -2.83 50.84
C VAL J 77 51.82 -3.79 49.70
N ASP J 78 52.93 -3.54 49.00
CA ASP J 78 53.53 -4.57 48.18
C ASP J 78 54.33 -5.47 49.12
N SER J 79 54.06 -6.78 49.05
CA SER J 79 54.88 -7.74 49.78
C SER J 79 56.22 -7.90 49.05
N LEU J 80 57.07 -8.79 49.54
CA LEU J 80 58.23 -9.16 48.75
C LEU J 80 57.73 -9.74 47.41
N HIS J 81 56.52 -10.28 47.45
CA HIS J 81 55.91 -10.92 46.29
C HIS J 81 54.51 -10.36 46.03
N PRO J 82 54.40 -9.19 45.36
CA PRO J 82 53.08 -8.67 45.02
C PRO J 82 52.42 -9.53 43.94
N CYS J 83 51.10 -9.56 43.94
CA CYS J 83 50.33 -10.47 43.08
C CYS J 83 49.35 -9.80 42.14
N ARG J 84 49.38 -10.23 40.88
CA ARG J 84 48.25 -9.98 39.97
C ARG J 84 47.59 -11.33 39.68
N MET J 85 46.28 -11.32 39.43
CA MET J 85 45.50 -12.56 39.43
C MET J 85 45.80 -13.50 38.26
N ILE J 86 46.41 -14.64 38.56
CA ILE J 86 46.81 -15.63 37.56
C ILE J 86 45.87 -15.56 36.37
N LEU J 87 46.40 -15.11 35.24
CA LEU J 87 45.64 -15.07 33.98
C LEU J 87 45.57 -16.48 33.38
N GLU J 88 44.37 -17.06 33.45
CA GLU J 88 44.15 -18.50 33.19
C GLU J 88 44.48 -19.00 31.78
N PRO J 89 43.94 -18.35 30.71
CA PRO J 89 44.19 -18.80 29.34
C PRO J 89 45.67 -18.84 28.96
N TRP J 90 46.35 -17.72 29.22
CA TRP J 90 47.76 -17.56 28.89
C TRP J 90 48.61 -18.61 29.57
N VAL J 91 48.33 -18.84 30.85
CA VAL J 91 49.08 -19.79 31.67
C VAL J 91 48.86 -21.23 31.18
N ALA J 92 47.59 -21.55 30.90
CA ALA J 92 47.21 -22.88 30.42
C ALA J 92 48.06 -23.33 29.23
N TYR J 93 48.40 -22.39 28.36
CA TYR J 93 49.18 -22.66 27.15
C TYR J 93 50.57 -23.20 27.45
N ARG J 94 51.25 -22.56 28.39
CA ARG J 94 52.64 -22.92 28.75
C ARG J 94 52.64 -24.35 29.25
N GLN J 95 51.91 -24.59 30.34
CA GLN J 95 51.85 -25.91 30.94
C GLN J 95 51.31 -26.95 29.97
N HIS J 96 50.46 -26.54 29.01
CA HIS J 96 50.07 -27.46 27.96
C HIS J 96 51.24 -27.89 27.08
N ARG J 97 52.06 -26.94 26.60
CA ARG J 97 53.25 -27.28 25.81
C ARG J 97 54.51 -27.50 26.65
N GLY J 98 54.34 -27.63 27.98
CA GLY J 98 55.44 -27.77 28.93
C GLY J 98 56.47 -26.64 28.87
N HIS J 99 55.96 -25.40 28.82
CA HIS J 99 56.79 -24.20 28.80
C HIS J 99 56.73 -23.50 30.16
N LYS J 100 57.77 -22.74 30.44
CA LYS J 100 57.89 -22.03 31.69
C LYS J 100 57.24 -20.68 31.51
N CYS J 101 56.44 -20.26 32.47
CA CYS J 101 55.93 -18.89 32.48
C CYS J 101 57.06 -17.87 32.71
N GLY J 102 56.89 -16.67 32.17
CA GLY J 102 57.81 -15.56 32.42
C GLY J 102 57.25 -14.54 33.39
N VAL J 103 57.94 -13.40 33.52
CA VAL J 103 57.66 -12.37 34.53
C VAL J 103 56.25 -11.79 34.50
N PHE J 104 55.55 -11.98 33.38
CA PHE J 104 54.21 -11.42 33.23
C PHE J 104 53.21 -12.37 33.86
N LEU J 105 53.59 -13.65 33.90
CA LEU J 105 52.70 -14.68 34.41
C LEU J 105 53.31 -15.39 35.60
N LEU J 106 53.77 -14.64 36.59
CA LEU J 106 54.32 -15.24 37.80
C LEU J 106 53.95 -14.46 39.07
N ASN J 107 53.83 -15.19 40.17
CA ASN J 107 53.59 -14.60 41.48
C ASN J 107 54.49 -15.25 42.51
N GLY J 108 54.81 -14.53 43.58
CA GLY J 108 55.57 -15.14 44.65
C GLY J 108 57.03 -15.47 44.34
N PRO J 109 57.65 -16.34 45.17
CA PRO J 109 59.07 -16.70 45.17
C PRO J 109 59.65 -16.97 43.80
N GLU J 110 58.91 -17.65 42.93
CA GLU J 110 59.43 -18.00 41.61
C GLU J 110 59.59 -16.75 40.75
N TRP J 111 58.67 -15.81 40.91
CA TRP J 111 58.77 -14.55 40.20
C TRP J 111 60.02 -13.75 40.60
N ARG J 112 60.16 -13.40 41.89
CA ARG J 112 61.26 -12.53 42.33
C ARG J 112 62.60 -12.92 41.75
N PHE J 113 62.85 -14.24 41.76
CA PHE J 113 64.05 -14.85 41.22
C PHE J 113 64.28 -14.41 39.78
N ASN J 114 63.17 -14.19 39.06
CA ASN J 114 63.21 -13.77 37.65
C ASN J 114 63.35 -12.25 37.47
N ARG J 115 62.45 -11.46 38.05
CA ARG J 115 62.46 -10.00 37.90
C ARG J 115 63.77 -9.34 38.28
N LEU J 116 64.41 -9.81 39.35
CA LEU J 116 65.73 -9.32 39.75
C LEU J 116 66.84 -9.70 38.77
N ARG J 117 66.64 -10.80 38.04
CA ARG J 117 67.63 -11.24 37.07
C ARG J 117 67.34 -10.73 35.65
N LEU J 118 66.41 -9.76 35.58
CA LEU J 118 65.99 -9.11 34.34
C LEU J 118 66.10 -7.58 34.45
N ASN J 119 65.61 -7.02 35.56
CA ASN J 119 65.65 -5.59 35.84
C ASN J 119 66.89 -4.88 35.30
N PRO J 120 68.10 -5.36 35.68
CA PRO J 120 69.36 -4.74 35.27
C PRO J 120 69.61 -4.77 33.77
N ASP J 121 69.05 -5.75 33.08
CA ASP J 121 69.33 -5.90 31.65
C ASP J 121 68.23 -5.46 30.69
N VAL J 122 67.14 -4.91 31.22
CA VAL J 122 66.00 -4.51 30.41
C VAL J 122 65.51 -3.11 30.76
N LEU J 123 65.77 -2.66 31.99
CA LEU J 123 65.12 -1.44 32.52
C LEU J 123 66.07 -0.38 33.10
N SER J 124 67.21 -0.84 33.63
CA SER J 124 68.15 0.02 34.35
C SER J 124 68.79 1.04 33.40
N PRO J 125 68.86 2.32 33.81
CA PRO J 125 69.44 3.38 32.94
C PRO J 125 70.74 2.92 32.27
N LYS J 126 71.43 2.01 32.95
CA LYS J 126 72.66 1.41 32.45
C LYS J 126 72.39 0.53 31.23
N ALA J 127 71.31 -0.24 31.28
CA ALA J 127 70.86 -1.05 30.15
C ALA J 127 70.39 -0.16 28.99
N VAL J 128 69.60 0.85 29.32
CA VAL J 128 69.05 1.81 28.37
C VAL J 128 70.12 2.46 27.49
N GLN J 129 71.13 3.06 28.13
CA GLN J 129 72.23 3.73 27.43
C GLN J 129 72.86 2.79 26.37
N ARG J 130 72.88 1.49 26.66
CA ARG J 130 73.45 0.48 25.76
C ARG J 130 72.56 0.15 24.56
N PHE J 131 71.25 0.22 24.71
CA PHE J 131 70.33 -0.10 23.60
C PHE J 131 69.77 1.09 22.84
N LEU J 132 69.80 2.26 23.48
CA LEU J 132 69.26 3.47 22.89
C LEU J 132 69.87 3.86 21.53
N PRO J 133 71.19 3.66 21.32
CA PRO J 133 71.81 3.91 20.00
C PRO J 133 71.25 3.05 18.86
N MET J 134 70.59 1.95 19.22
CA MET J 134 70.07 1.01 18.22
C MET J 134 68.65 1.36 17.82
N VAL J 135 67.83 1.68 18.81
CA VAL J 135 66.53 2.26 18.58
C VAL J 135 66.68 3.50 17.69
N ASP J 136 67.63 4.35 18.03
CA ASP J 136 67.89 5.57 17.27
C ASP J 136 68.17 5.28 15.79
N ALA J 137 68.91 4.22 15.51
CA ALA J 137 69.30 3.93 14.14
C ALA J 137 68.05 3.59 13.31
N VAL J 138 67.18 2.76 13.91
CA VAL J 138 65.96 2.29 13.26
C VAL J 138 64.95 3.39 13.16
N ALA J 139 65.01 4.37 14.07
CA ALA J 139 64.10 5.50 14.06
C ALA J 139 64.49 6.45 12.95
N ARG J 140 65.80 6.65 12.80
CA ARG J 140 66.37 7.48 11.74
C ARG J 140 66.02 6.92 10.39
N ASP J 141 66.06 5.60 10.28
CA ASP J 141 65.67 4.94 9.06
C ASP J 141 64.22 5.24 8.68
N PHE J 142 63.30 5.14 9.64
CA PHE J 142 61.88 5.43 9.41
C PHE J 142 61.66 6.78 8.74
N SER J 143 62.25 7.82 9.30
CA SER J 143 62.11 9.17 8.80
C SER J 143 62.73 9.38 7.42
N GLN J 144 63.95 8.85 7.26
CA GLN J 144 64.67 8.90 5.99
C GLN J 144 63.93 8.18 4.86
N ALA J 145 63.35 7.02 5.17
CA ALA J 145 62.53 6.27 4.22
C ALA J 145 61.27 7.05 3.86
N LEU J 146 60.66 7.68 4.85
CA LEU J 146 59.46 8.45 4.67
C LEU J 146 59.72 9.69 3.81
N LYS J 147 60.87 10.32 4.04
CA LYS J 147 61.32 11.48 3.27
C LYS J 147 61.57 11.19 1.79
N LYS J 148 62.06 9.99 1.50
CA LYS J 148 62.37 9.65 0.14
C LYS J 148 61.08 9.54 -0.67
N LYS J 149 60.02 9.05 -0.04
CA LYS J 149 58.68 9.02 -0.63
C LYS J 149 58.11 10.42 -0.73
N VAL J 150 58.21 11.15 0.36
CA VAL J 150 57.67 12.49 0.47
C VAL J 150 58.16 13.42 -0.66
N LEU J 151 59.47 13.45 -0.90
CA LEU J 151 60.05 14.39 -1.87
C LEU J 151 59.85 13.94 -3.31
N GLN J 152 59.21 12.80 -3.48
CA GLN J 152 58.82 12.33 -4.79
C GLN J 152 57.51 12.98 -5.23
N ASN J 153 56.67 13.31 -4.26
CA ASN J 153 55.37 13.92 -4.53
C ASN J 153 55.45 15.43 -4.74
N ALA J 154 54.72 15.92 -5.74
CA ALA J 154 54.86 17.31 -6.18
C ALA J 154 54.49 18.32 -5.10
N ARG J 155 53.75 17.88 -4.11
CA ARG J 155 53.36 18.77 -3.01
C ARG J 155 54.25 18.54 -1.81
N GLY J 156 55.27 17.72 -2.00
CA GLY J 156 56.29 17.48 -1.00
C GLY J 156 55.71 16.99 0.30
N SER J 157 54.76 16.07 0.21
CA SER J 157 54.16 15.42 1.37
C SER J 157 53.59 14.07 1.00
N LEU J 158 53.19 13.31 2.01
CA LEU J 158 52.57 12.00 1.84
C LEU J 158 51.44 11.86 2.85
N THR J 159 50.22 11.71 2.36
CA THR J 159 49.09 11.44 3.22
C THR J 159 48.83 9.96 3.19
N LEU J 160 48.92 9.33 4.36
CA LEU J 160 48.71 7.91 4.46
C LEU J 160 48.16 7.53 5.83
N ASP J 161 47.79 6.26 5.94
CA ASP J 161 47.48 5.65 7.21
C ASP J 161 48.81 5.03 7.69
N VAL J 162 49.32 5.53 8.83
CA VAL J 162 50.62 5.09 9.36
C VAL J 162 50.59 3.81 10.21
N GLN J 163 49.40 3.33 10.53
CA GLN J 163 49.32 2.16 11.41
C GLN J 163 50.21 1.01 10.94
N PRO J 164 50.09 0.59 9.68
CA PRO J 164 50.97 -0.51 9.30
C PRO J 164 52.44 -0.22 9.54
N SER J 165 52.94 0.92 9.06
CA SER J 165 54.37 1.15 9.12
C SER J 165 54.88 1.24 10.55
N ILE J 166 54.21 2.05 11.38
CA ILE J 166 54.52 2.16 12.82
C ILE J 166 54.61 0.79 13.48
N PHE J 167 53.64 -0.07 13.22
CA PHE J 167 53.67 -1.39 13.81
C PHE J 167 54.96 -2.12 13.44
N HIS J 168 55.41 -1.87 12.22
CA HIS J 168 56.64 -2.47 11.74
C HIS J 168 57.89 -1.80 12.30
N TYR J 169 57.83 -0.48 12.47
CA TYR J 169 58.84 0.19 13.27
C TYR J 169 58.99 -0.50 14.66
N THR J 170 57.92 -0.60 15.44
CA THR J 170 58.07 -1.15 16.78
C THR J 170 58.43 -2.62 16.78
N ILE J 171 58.21 -3.32 15.67
CA ILE J 171 58.69 -4.70 15.57
C ILE J 171 60.20 -4.71 15.41
N GLU J 172 60.71 -3.84 14.53
CA GLU J 172 62.14 -3.66 14.26
C GLU J 172 62.91 -3.24 15.49
N ALA J 173 62.75 -1.98 15.86
CA ALA J 173 63.38 -1.44 17.05
C ALA J 173 63.51 -2.52 18.11
N SER J 174 62.38 -3.08 18.55
CA SER J 174 62.34 -4.21 19.49
C SER J 174 63.29 -5.33 19.13
N ASN J 175 63.15 -5.87 17.92
CA ASN J 175 63.97 -7.00 17.48
C ASN J 175 65.45 -6.65 17.58
N LEU J 176 65.78 -5.41 17.23
CA LEU J 176 67.16 -4.90 17.32
C LEU J 176 67.63 -4.77 18.77
N ALA J 177 66.84 -4.08 19.59
CA ALA J 177 67.17 -3.93 21.00
C ALA J 177 67.24 -5.28 21.70
N LEU J 178 66.37 -6.22 21.33
CA LEU J 178 66.32 -7.51 21.99
C LEU J 178 67.37 -8.49 21.46
N PHE J 179 67.37 -8.73 20.15
CA PHE J 179 68.28 -9.72 19.59
C PHE J 179 69.39 -9.13 18.78
N GLY J 180 69.40 -7.81 18.63
CA GLY J 180 70.43 -7.17 17.82
C GLY J 180 70.39 -7.62 16.37
N GLU J 181 69.29 -8.29 16.00
CA GLU J 181 68.97 -8.60 14.61
C GLU J 181 68.27 -7.43 13.96
N ARG J 182 68.60 -7.19 12.70
CA ARG J 182 67.87 -6.24 11.90
C ARG J 182 67.09 -7.00 10.83
N LEU J 183 65.78 -6.78 10.80
CA LEU J 183 64.94 -7.34 9.74
C LEU J 183 64.74 -6.23 8.72
N GLY J 184 64.39 -6.57 7.48
CA GLY J 184 64.19 -5.50 6.49
C GLY J 184 62.83 -4.84 6.58
N LEU J 185 62.48 -4.31 7.75
CA LEU J 185 61.08 -3.92 7.97
C LEU J 185 60.73 -2.43 7.88
N VAL J 186 61.59 -1.56 8.40
CA VAL J 186 61.42 -0.13 8.16
C VAL J 186 61.82 0.24 6.73
N GLY J 187 60.94 0.98 6.06
CA GLY J 187 61.22 1.47 4.70
C GLY J 187 61.16 0.41 3.61
N HIS J 188 60.46 -0.68 3.92
CA HIS J 188 60.20 -1.75 2.97
C HIS J 188 58.79 -2.29 3.22
N SER J 189 58.32 -3.14 2.32
CA SER J 189 57.04 -3.80 2.50
C SER J 189 57.13 -4.77 3.69
N PRO J 190 56.01 -4.95 4.43
CA PRO J 190 55.95 -5.97 5.47
C PRO J 190 56.15 -7.37 4.90
N SER J 191 56.72 -8.30 5.68
CA SER J 191 56.89 -9.68 5.22
C SER J 191 55.74 -10.59 5.66
N SER J 192 55.62 -11.75 5.03
CA SER J 192 54.58 -12.71 5.41
C SER J 192 54.68 -13.09 6.89
N ALA J 193 55.91 -13.37 7.36
CA ALA J 193 56.17 -13.69 8.78
C ALA J 193 55.75 -12.56 9.74
N SER J 194 55.89 -11.33 9.27
CA SER J 194 55.55 -10.12 10.01
C SER J 194 54.04 -9.98 10.18
N LEU J 195 53.32 -10.01 9.06
CA LEU J 195 51.86 -9.88 9.04
C LEU J 195 51.14 -10.99 9.80
N ASN J 196 51.66 -12.22 9.67
CA ASN J 196 51.11 -13.39 10.38
C ASN J 196 51.20 -13.16 11.87
N PHE J 197 52.31 -12.56 12.27
CA PHE J 197 52.67 -12.35 13.66
C PHE J 197 51.76 -11.31 14.28
N LEU J 198 51.48 -10.23 13.56
CA LEU J 198 50.59 -9.18 14.06
C LEU J 198 49.16 -9.72 14.10
N HIS J 199 48.85 -10.56 13.12
CA HIS J 199 47.53 -11.15 13.07
C HIS J 199 47.34 -12.08 14.27
N ALA J 200 48.22 -13.04 14.45
CA ALA J 200 48.12 -13.92 15.60
C ALA J 200 48.00 -13.12 16.93
N LEU J 201 48.66 -11.97 17.00
CA LEU J 201 48.62 -11.14 18.20
C LEU J 201 47.23 -10.61 18.48
N GLU J 202 46.56 -10.13 17.44
CA GLU J 202 45.20 -9.60 17.54
C GLU J 202 44.25 -10.73 17.94
N VAL J 203 44.32 -11.85 17.23
CA VAL J 203 43.53 -13.02 17.56
C VAL J 203 43.70 -13.35 19.04
N MET J 204 44.96 -13.47 19.48
CA MET J 204 45.32 -13.84 20.84
C MET J 204 44.75 -12.89 21.90
N PHE J 205 44.49 -11.63 21.54
CA PHE J 205 43.80 -10.71 22.45
C PHE J 205 42.27 -10.92 22.48
N LYS J 206 41.64 -11.04 21.32
CA LYS J 206 40.21 -11.39 21.23
C LYS J 206 39.91 -12.62 22.07
N SER J 207 40.60 -13.71 21.75
CA SER J 207 40.39 -14.97 22.45
C SER J 207 40.70 -14.88 23.94
N THR J 208 41.64 -14.04 24.32
CA THR J 208 41.92 -13.77 25.74
C THR J 208 40.72 -13.13 26.43
N VAL J 209 40.12 -12.14 25.77
CA VAL J 209 39.01 -11.38 26.34
C VAL J 209 37.82 -12.28 26.72
N GLN J 210 37.63 -13.33 25.94
CA GLN J 210 36.54 -14.27 26.16
C GLN J 210 36.83 -15.18 27.36
N LEU J 211 37.86 -16.00 27.19
CA LEU J 211 38.23 -17.03 28.16
C LEU J 211 38.54 -16.56 29.60
N MET J 212 39.01 -15.33 29.79
CA MET J 212 39.41 -14.86 31.14
C MET J 212 38.26 -15.03 32.13
N PHE J 213 37.10 -14.52 31.73
CA PHE J 213 36.02 -14.24 32.65
C PHE J 213 35.21 -15.44 33.12
N MET J 214 35.68 -16.64 32.76
CA MET J 214 35.05 -17.87 33.24
C MET J 214 36.13 -18.93 33.54
N PRO J 215 35.95 -19.68 34.65
CA PRO J 215 36.90 -20.72 35.04
C PRO J 215 37.25 -21.69 33.92
N ARG J 216 38.46 -22.26 34.00
CA ARG J 216 38.93 -23.17 32.96
C ARG J 216 38.00 -24.37 32.86
N SER J 217 37.78 -25.03 33.99
CA SER J 217 36.90 -26.21 34.05
C SER J 217 35.58 -25.97 33.31
N LEU J 218 35.15 -24.71 33.30
CA LEU J 218 33.90 -24.32 32.65
C LEU J 218 34.06 -23.99 31.16
N SER J 219 35.04 -23.14 30.83
CA SER J 219 35.25 -22.72 29.43
C SER J 219 35.55 -23.91 28.51
N ARG J 220 36.14 -24.95 29.09
CA ARG J 220 36.60 -26.11 28.35
C ARG J 220 35.55 -26.67 27.38
N TRP J 221 34.28 -26.70 27.83
CA TRP J 221 33.20 -27.29 27.03
C TRP J 221 32.13 -26.33 26.51
N ILE J 222 32.06 -25.11 27.06
CA ILE J 222 31.13 -24.10 26.55
C ILE J 222 31.66 -23.47 25.24
N SER J 223 32.98 -23.38 25.14
CA SER J 223 33.61 -22.76 23.99
C SER J 223 34.90 -23.49 23.61
N PRO J 224 34.78 -24.76 23.14
CA PRO J 224 36.00 -25.47 22.74
C PRO J 224 36.57 -24.94 21.42
N LYS J 225 35.79 -24.14 20.69
CA LYS J 225 36.26 -23.48 19.47
C LYS J 225 37.22 -22.33 19.78
N VAL J 226 36.98 -21.63 20.89
CA VAL J 226 37.79 -20.47 21.25
C VAL J 226 39.19 -20.87 21.72
N TRP J 227 39.28 -21.98 22.47
CA TRP J 227 40.58 -22.47 22.96
C TRP J 227 41.57 -22.83 21.87
N LYS J 228 41.10 -23.56 20.87
CA LYS J 228 41.96 -23.97 19.75
C LYS J 228 42.44 -22.78 18.93
N GLU J 229 41.63 -21.72 18.89
CA GLU J 229 41.94 -20.47 18.22
C GLU J 229 43.09 -19.77 18.94
N HIS J 230 42.94 -19.70 20.26
CA HIS J 230 43.87 -19.08 21.19
C HIS J 230 45.20 -19.81 21.14
N PHE J 231 45.14 -21.13 21.23
CA PHE J 231 46.33 -21.96 21.16
C PHE J 231 46.95 -21.94 19.75
N GLU J 232 46.13 -21.80 18.71
CA GLU J 232 46.66 -21.72 17.33
C GLU J 232 47.33 -20.36 17.11
N ALA J 233 46.79 -19.32 17.75
CA ALA J 233 47.40 -18.00 17.76
C ALA J 233 48.72 -17.98 18.56
N TRP J 234 48.72 -18.55 19.77
CA TRP J 234 49.93 -18.60 20.59
C TRP J 234 51.03 -19.36 19.86
N ASP J 235 50.65 -20.39 19.13
CA ASP J 235 51.58 -21.15 18.28
C ASP J 235 52.19 -20.39 17.09
N CYS J 236 51.57 -19.32 16.62
CA CYS J 236 52.30 -18.50 15.65
C CYS J 236 53.20 -17.50 16.37
N ILE J 237 52.70 -16.93 17.47
CA ILE J 237 53.49 -16.09 18.36
C ILE J 237 54.73 -16.85 18.84
N PHE J 238 54.57 -18.08 19.29
CA PHE J 238 55.72 -18.85 19.74
C PHE J 238 56.67 -19.24 18.63
N GLN J 239 56.11 -19.64 17.49
CA GLN J 239 56.95 -20.01 16.36
C GLN J 239 57.72 -18.81 15.83
N TYR J 240 57.18 -17.61 15.99
CA TYR J 240 57.89 -16.42 15.59
C TYR J 240 59.06 -16.17 16.55
N GLY J 241 58.73 -16.05 17.83
CA GLY J 241 59.70 -15.66 18.85
C GLY J 241 60.73 -16.75 19.12
N ASP J 242 60.28 -17.99 19.06
CA ASP J 242 61.15 -19.15 19.29
C ASP J 242 62.14 -19.33 18.15
N ASN J 243 61.81 -18.79 16.98
CA ASN J 243 62.75 -18.75 15.86
C ASN J 243 63.84 -17.71 16.10
N CYS J 244 63.49 -16.61 16.76
CA CYS J 244 64.47 -15.61 17.16
C CYS J 244 65.49 -16.17 18.16
N ILE J 245 65.01 -16.97 19.12
CA ILE J 245 65.87 -17.49 20.19
C ILE J 245 66.86 -18.49 19.61
N GLN J 246 66.35 -19.40 18.77
CA GLN J 246 67.20 -20.43 18.17
C GLN J 246 68.27 -19.81 17.29
N LYS J 247 67.92 -18.71 16.62
CA LYS J 247 68.86 -17.93 15.84
C LYS J 247 69.94 -17.23 16.68
N ILE J 248 69.61 -16.85 17.91
CA ILE J 248 70.58 -16.20 18.79
C ILE J 248 71.39 -17.23 19.61
N TYR J 249 70.74 -18.30 20.05
CA TYR J 249 71.43 -19.39 20.72
C TYR J 249 72.53 -20.01 19.86
N GLN J 250 72.21 -20.39 18.63
CA GLN J 250 73.22 -20.90 17.72
C GLN J 250 74.33 -19.89 17.50
N GLU J 251 74.02 -18.60 17.51
CA GLU J 251 75.04 -17.56 17.36
C GLU J 251 75.99 -17.51 18.56
N LEU J 252 75.45 -17.27 19.75
CA LEU J 252 76.22 -17.15 20.98
C LEU J 252 76.94 -18.42 21.45
N ALA J 253 76.50 -19.57 20.96
CA ALA J 253 77.11 -20.84 21.30
C ALA J 253 78.30 -21.16 20.38
N PHE J 254 78.74 -20.17 19.60
CA PHE J 254 79.88 -20.37 18.73
C PHE J 254 80.84 -19.18 18.78
N ASN J 255 80.29 -18.03 19.17
CA ASN J 255 81.06 -16.82 19.45
C ASN J 255 80.30 -15.99 20.48
N ARG J 256 80.98 -15.59 21.54
CA ARG J 256 80.44 -14.63 22.52
C ARG J 256 81.15 -13.29 22.32
N PRO J 257 80.40 -12.24 21.95
CA PRO J 257 81.03 -11.03 21.42
C PRO J 257 81.55 -10.07 22.49
N GLN J 258 82.56 -9.28 22.13
CA GLN J 258 83.14 -8.28 23.01
C GLN J 258 82.11 -7.23 23.41
N HIS J 259 81.48 -6.66 22.39
CA HIS J 259 80.59 -5.52 22.55
C HIS J 259 79.16 -5.97 22.69
N TYR J 260 78.29 -4.97 22.93
CA TYR J 260 76.87 -5.17 23.18
C TYR J 260 76.11 -5.57 21.91
N THR J 261 75.30 -6.61 22.02
CA THR J 261 74.43 -7.04 20.92
C THR J 261 73.03 -7.45 21.39
N GLY J 262 72.36 -6.59 22.14
CA GLY J 262 70.96 -6.82 22.56
C GLY J 262 70.65 -7.41 23.93
N ILE J 263 69.59 -6.88 24.55
CA ILE J 263 69.08 -7.35 25.83
C ILE J 263 69.28 -8.86 26.05
N VAL J 264 68.74 -9.65 25.14
CA VAL J 264 68.70 -11.10 25.28
C VAL J 264 70.09 -11.71 25.35
N ALA J 265 71.05 -11.09 24.67
CA ALA J 265 72.45 -11.54 24.73
C ALA J 265 73.03 -11.45 26.16
N GLU J 266 72.86 -10.29 26.81
CA GLU J 266 73.28 -10.12 28.22
C GLU J 266 72.60 -11.09 29.18
N LEU J 267 71.56 -11.77 28.71
CA LEU J 267 70.75 -12.66 29.56
C LEU J 267 71.11 -14.13 29.36
N LEU J 268 71.97 -14.40 28.38
CA LEU J 268 72.46 -15.74 28.18
C LEU J 268 73.91 -15.77 28.62
N LEU J 269 74.55 -14.60 28.54
CA LEU J 269 75.92 -14.41 29.00
C LEU J 269 75.92 -14.44 30.53
N LYS J 270 75.10 -13.59 31.15
CA LYS J 270 74.84 -13.66 32.60
C LYS J 270 74.36 -15.04 33.04
N ALA J 271 73.75 -15.80 32.12
CA ALA J 271 73.41 -17.23 32.30
C ALA J 271 72.78 -17.62 33.66
N GLU J 272 72.49 -16.62 34.49
CA GLU J 272 71.88 -16.80 35.80
C GLU J 272 70.62 -17.67 35.71
N LEU J 273 69.71 -17.29 34.80
CA LEU J 273 68.47 -18.03 34.56
C LEU J 273 68.69 -19.22 33.63
N SER J 274 67.88 -20.26 33.79
CA SER J 274 67.97 -21.45 32.93
C SER J 274 67.46 -21.13 31.53
N LEU J 275 68.00 -21.84 30.53
CA LEU J 275 67.61 -21.66 29.12
C LEU J 275 66.08 -21.60 28.97
N GLU J 276 65.43 -22.58 29.58
CA GLU J 276 63.97 -22.67 29.66
C GLU J 276 63.26 -21.42 30.16
N ALA J 277 63.89 -20.69 31.08
CA ALA J 277 63.31 -19.48 31.66
C ALA J 277 63.67 -18.23 30.85
N ILE J 278 64.81 -18.28 30.17
CA ILE J 278 65.20 -17.22 29.25
C ILE J 278 64.19 -17.22 28.07
N LYS J 279 64.13 -18.36 27.38
CA LYS J 279 63.15 -18.61 26.33
C LYS J 279 61.78 -18.04 26.66
N ALA J 280 61.35 -18.26 27.90
CA ALA J 280 60.03 -17.84 28.35
C ALA J 280 59.92 -16.33 28.42
N ASN J 281 60.94 -15.69 28.99
CA ASN J 281 60.95 -14.24 29.16
C ASN J 281 61.25 -13.54 27.84
N SER J 282 62.22 -14.09 27.10
CA SER J 282 62.51 -13.59 25.76
C SER J 282 61.20 -13.51 25.00
N MET J 283 60.48 -14.62 24.99
CA MET J 283 59.14 -14.66 24.40
C MET J 283 58.26 -13.54 24.90
N GLU J 284 58.11 -13.45 26.22
CA GLU J 284 57.28 -12.45 26.84
C GLU J 284 57.61 -11.06 26.32
N LEU J 285 58.91 -10.77 26.27
CA LEU J 285 59.37 -9.46 25.83
C LEU J 285 59.14 -9.23 24.34
N THR J 286 59.31 -10.29 23.53
CA THR J 286 59.11 -10.19 22.08
C THR J 286 57.67 -9.84 21.67
N ALA J 287 56.70 -10.61 22.19
CA ALA J 287 55.29 -10.38 21.94
C ALA J 287 54.79 -9.12 22.63
N GLY J 288 55.34 -8.85 23.82
CA GLY J 288 54.91 -7.72 24.64
C GLY J 288 55.29 -6.36 24.12
N SER J 289 56.26 -6.31 23.20
CA SER J 289 56.81 -5.05 22.71
C SER J 289 56.22 -4.56 21.40
N VAL J 290 55.22 -5.27 20.88
CA VAL J 290 54.59 -4.83 19.63
C VAL J 290 53.42 -3.84 19.81
N ASP J 291 52.24 -4.32 20.22
CA ASP J 291 51.04 -3.46 20.17
C ASP J 291 51.02 -2.38 21.25
N THR J 292 51.63 -2.67 22.40
CA THR J 292 51.66 -1.71 23.50
C THR J 292 52.45 -0.43 23.18
N THR J 293 53.61 -0.57 22.55
CA THR J 293 54.36 0.61 22.09
C THR J 293 53.64 1.34 20.94
N ALA J 294 53.15 0.59 19.96
CA ALA J 294 52.63 1.15 18.70
C ALA J 294 51.40 2.06 18.82
N PHE J 295 50.46 1.69 19.69
CA PHE J 295 49.19 2.42 19.80
C PHE J 295 49.29 3.78 20.46
N PRO J 296 50.04 3.89 21.56
CA PRO J 296 50.21 5.22 22.11
C PRO J 296 51.08 6.08 21.17
N LEU J 297 51.93 5.42 20.38
CA LEU J 297 52.72 6.12 19.37
C LEU J 297 51.79 6.67 18.30
N LEU J 298 50.95 5.80 17.74
CA LEU J 298 49.98 6.21 16.74
C LEU J 298 49.09 7.33 17.27
N MET J 299 48.58 7.11 18.49
CA MET J 299 47.67 8.04 19.18
C MET J 299 48.31 9.37 19.49
N THR J 300 49.63 9.36 19.69
CA THR J 300 50.40 10.58 19.88
C THR J 300 50.51 11.31 18.56
N LEU J 301 50.72 10.57 17.48
CA LEU J 301 50.84 11.22 16.18
C LEU J 301 49.55 11.89 15.82
N PHE J 302 48.46 11.14 15.97
CA PHE J 302 47.14 11.72 15.83
C PHE J 302 47.00 12.96 16.72
N GLU J 303 47.35 12.86 18.01
CA GLU J 303 47.11 13.98 18.93
C GLU J 303 47.86 15.26 18.57
N LEU J 304 49.09 15.12 18.08
CA LEU J 304 49.88 16.26 17.60
C LEU J 304 49.28 16.90 16.36
N ALA J 305 48.59 16.09 15.56
CA ALA J 305 47.98 16.57 14.33
C ALA J 305 46.76 17.45 14.56
N ARG J 306 46.10 17.32 15.71
CA ARG J 306 44.99 18.22 16.02
C ARG J 306 45.43 19.25 17.04
N ASN J 307 46.70 19.22 17.42
CA ASN J 307 47.20 20.22 18.36
C ASN J 307 48.44 20.87 17.78
N PRO J 308 48.27 21.62 16.68
CA PRO J 308 49.40 22.23 15.96
C PRO J 308 50.31 23.00 16.91
N ASP J 309 49.67 23.83 17.74
CA ASP J 309 50.29 24.53 18.84
C ASP J 309 51.36 23.72 19.55
N VAL J 310 50.94 22.61 20.13
CA VAL J 310 51.78 21.73 20.91
C VAL J 310 52.91 21.13 20.06
N GLN J 311 52.57 20.78 18.82
CA GLN J 311 53.53 20.25 17.84
C GLN J 311 54.63 21.26 17.57
N GLN J 312 54.25 22.47 17.13
CA GLN J 312 55.20 23.54 16.83
C GLN J 312 56.19 23.77 17.96
N ILE J 313 55.68 23.79 19.20
CA ILE J 313 56.53 23.91 20.38
C ILE J 313 57.41 22.67 20.54
N LEU J 314 56.79 21.50 20.54
CA LEU J 314 57.56 20.26 20.62
C LEU J 314 58.62 20.10 19.54
N ARG J 315 58.36 20.69 18.37
CA ARG J 315 59.35 20.67 17.29
C ARG J 315 60.53 21.56 17.62
N GLN J 316 60.24 22.77 18.07
CA GLN J 316 61.29 23.64 18.57
C GLN J 316 62.21 22.90 19.53
N GLU J 317 61.66 22.20 20.53
CA GLU J 317 62.47 21.46 21.50
C GLU J 317 63.38 20.39 20.87
N SER J 318 62.94 19.87 19.72
CA SER J 318 63.58 18.74 19.03
C SER J 318 64.62 19.17 18.01
N LEU J 319 64.38 20.34 17.40
CA LEU J 319 65.36 20.94 16.49
C LEU J 319 66.51 21.47 17.33
N ALA J 320 66.14 22.34 18.28
CA ALA J 320 67.00 22.79 19.37
C ALA J 320 67.99 21.76 19.87
N ALA J 321 67.59 20.49 19.88
CA ALA J 321 68.41 19.48 20.52
C ALA J 321 69.00 18.53 19.51
N ALA J 322 68.67 18.74 18.23
CA ALA J 322 69.01 17.81 17.14
C ALA J 322 70.47 17.34 17.16
N ALA J 323 71.42 18.29 17.19
CA ALA J 323 72.85 18.00 17.09
C ALA J 323 73.38 17.06 18.20
N SER J 324 73.06 17.35 19.45
CA SER J 324 73.56 16.49 20.53
C SER J 324 73.02 15.05 20.47
N ILE J 325 71.71 14.91 20.19
CA ILE J 325 71.11 13.58 19.98
C ILE J 325 71.80 12.85 18.85
N SER J 326 72.28 13.60 17.87
CA SER J 326 72.92 13.00 16.72
C SER J 326 74.29 12.46 17.06
N GLU J 327 75.02 13.17 17.92
CA GLU J 327 76.33 12.72 18.38
C GLU J 327 76.16 11.62 19.41
N HIS J 328 75.38 11.90 20.45
CA HIS J 328 75.05 10.84 21.40
C HIS J 328 73.53 10.64 21.50
N PRO J 329 73.03 9.54 20.89
CA PRO J 329 71.65 9.14 20.98
C PRO J 329 71.22 9.04 22.44
N GLN J 330 72.11 8.54 23.29
CA GLN J 330 71.79 8.33 24.72
C GLN J 330 71.17 9.56 25.38
N LYS J 331 71.40 10.71 24.79
CA LYS J 331 70.98 11.99 25.35
C LYS J 331 69.52 12.35 25.08
N ALA J 332 68.89 11.59 24.20
CA ALA J 332 67.48 11.77 23.85
C ALA J 332 66.55 12.00 25.05
N THR J 333 66.64 11.15 26.07
CA THR J 333 65.73 11.23 27.21
C THR J 333 65.91 12.53 27.97
N THR J 334 67.15 12.82 28.34
CA THR J 334 67.42 14.02 29.10
C THR J 334 67.06 15.24 28.28
N GLU J 335 67.28 15.16 26.96
CA GLU J 335 67.16 16.31 26.04
C GLU J 335 65.76 16.68 25.57
N LEU J 336 64.79 15.76 25.66
CA LEU J 336 63.42 16.07 25.23
C LEU J 336 62.33 15.96 26.33
N PRO J 337 62.49 16.73 27.43
CA PRO J 337 61.53 16.56 28.52
C PRO J 337 60.07 16.82 28.10
N LEU J 338 59.83 17.80 27.23
CA LEU J 338 58.47 18.14 26.83
C LEU J 338 57.81 17.07 25.95
N LEU J 339 58.62 16.26 25.27
CA LEU J 339 58.14 15.15 24.48
C LEU J 339 57.83 13.99 25.41
N ARG J 340 58.74 13.71 26.35
CA ARG J 340 58.48 12.77 27.43
C ARG J 340 57.16 13.11 28.13
N ALA J 341 56.85 14.41 28.22
CA ALA J 341 55.59 14.88 28.79
C ALA J 341 54.42 14.50 27.88
N ALA J 342 54.65 14.67 26.57
CA ALA J 342 53.66 14.37 25.55
C ALA J 342 53.24 12.91 25.67
N LEU J 343 54.22 12.04 25.86
CA LEU J 343 53.97 10.61 25.99
C LEU J 343 53.10 10.32 27.21
N LYS J 344 53.34 11.06 28.29
CA LYS J 344 52.53 10.94 29.49
C LYS J 344 51.09 11.32 29.21
N GLU J 345 50.93 12.40 28.44
CA GLU J 345 49.60 12.90 28.14
C GLU J 345 48.83 11.90 27.28
N THR J 346 49.50 11.36 26.27
CA THR J 346 48.89 10.36 25.42
C THR J 346 48.34 9.24 26.33
N LEU J 347 49.24 8.56 27.02
CA LEU J 347 48.89 7.45 27.89
C LEU J 347 47.87 7.79 28.99
N ARG J 348 47.81 9.06 29.38
CA ARG J 348 46.76 9.48 30.28
C ARG J 348 45.37 9.31 29.61
N LEU J 349 45.24 9.81 28.38
CA LEU J 349 43.96 9.75 27.68
C LEU J 349 43.70 8.39 27.03
N TYR J 350 44.77 7.70 26.62
CA TYR J 350 44.63 6.43 25.91
C TYR J 350 45.51 5.36 26.54
N PRO J 351 45.08 4.79 27.69
CA PRO J 351 45.97 3.92 28.45
C PRO J 351 45.97 2.49 27.91
N VAL J 352 46.85 2.22 26.96
CA VAL J 352 46.89 0.94 26.28
C VAL J 352 46.73 -0.26 27.24
N GLY J 353 47.49 -0.27 28.34
CA GLY J 353 47.26 -1.23 29.43
C GLY J 353 46.19 -0.57 30.25
N LEU J 354 45.04 -1.22 30.39
CA LEU J 354 43.87 -0.52 30.90
C LEU J 354 43.74 -0.55 32.42
N PHE J 355 44.07 -1.68 33.04
CA PHE J 355 43.98 -1.77 34.48
C PHE J 355 45.28 -2.19 35.16
N LEU J 356 45.51 -1.60 36.34
CA LEU J 356 46.52 -2.07 37.25
C LEU J 356 45.82 -2.99 38.21
N GLU J 357 46.52 -4.00 38.70
CA GLU J 357 45.86 -5.10 39.38
C GLU J 357 46.74 -5.76 40.45
N ARG J 358 46.19 -5.86 41.67
CA ARG J 358 46.88 -6.49 42.81
C ARG J 358 45.99 -7.39 43.68
N VAL J 359 46.55 -8.54 44.06
CA VAL J 359 45.94 -9.43 45.07
C VAL J 359 46.66 -9.17 46.39
N VAL J 360 46.06 -8.27 47.19
CA VAL J 360 46.66 -7.74 48.42
C VAL J 360 46.86 -8.81 49.49
N SER J 361 48.12 -9.07 49.85
CA SER J 361 48.40 -10.10 50.86
C SER J 361 48.42 -9.56 52.29
N SER J 362 47.70 -8.45 52.51
CA SER J 362 47.50 -7.88 53.84
C SER J 362 46.20 -7.07 53.85
N ASP J 363 45.83 -6.55 55.03
CA ASP J 363 44.68 -5.65 55.18
C ASP J 363 45.00 -4.25 54.62
N LEU J 364 43.96 -3.51 54.22
CA LEU J 364 44.10 -2.13 53.72
C LEU J 364 42.84 -1.33 53.97
N VAL J 365 42.93 -0.02 53.73
CA VAL J 365 41.83 0.92 53.90
C VAL J 365 41.88 1.93 52.76
N LEU J 366 40.82 1.95 51.97
CA LEU J 366 40.78 2.78 50.77
C LEU J 366 39.48 3.58 50.73
N GLN J 367 39.61 4.91 50.61
CA GLN J 367 38.50 5.86 50.75
C GLN J 367 37.64 5.66 52.01
N ASN J 368 38.28 5.08 53.03
CA ASN J 368 37.70 4.83 54.36
C ASN J 368 36.97 3.46 54.51
N TYR J 369 37.10 2.58 53.51
CA TYR J 369 36.45 1.24 53.54
C TYR J 369 37.45 0.11 53.81
N HIS J 370 36.98 -0.96 54.43
CA HIS J 370 37.84 -2.09 54.83
C HIS J 370 38.18 -3.04 53.67
N ILE J 371 39.47 -3.32 53.51
CA ILE J 371 39.99 -4.15 52.41
C ILE J 371 40.80 -5.33 52.99
N PRO J 372 40.20 -6.54 53.02
CA PRO J 372 40.72 -7.76 53.66
C PRO J 372 42.01 -8.34 53.04
N ALA J 373 42.10 -9.67 53.00
CA ALA J 373 43.29 -10.36 52.50
C ALA J 373 42.90 -11.31 51.37
N GLY J 374 43.76 -11.39 50.36
CA GLY J 374 43.47 -12.15 49.13
C GLY J 374 42.48 -11.40 48.25
N THR J 375 42.04 -10.23 48.70
CA THR J 375 41.13 -9.37 47.97
C THR J 375 41.79 -8.83 46.69
N LEU J 376 41.01 -8.70 45.62
CA LEU J 376 41.51 -8.14 44.39
C LEU J 376 41.15 -6.67 44.31
N VAL J 377 42.19 -5.84 44.16
CA VAL J 377 42.02 -4.41 43.93
C VAL J 377 42.46 -4.11 42.50
N GLN J 378 41.62 -3.35 41.79
CA GLN J 378 41.84 -3.02 40.37
C GLN J 378 41.76 -1.52 40.12
N VAL J 379 42.90 -0.93 39.75
CA VAL J 379 42.96 0.48 39.40
C VAL J 379 42.50 0.67 37.95
N PHE J 380 41.62 1.64 37.74
CA PHE J 380 41.05 1.89 36.44
C PHE J 380 41.63 3.14 35.78
N LEU J 381 42.61 2.92 34.89
CA LEU J 381 43.42 3.99 34.31
C LEU J 381 42.67 4.99 33.43
N TYR J 382 41.58 4.55 32.82
CA TYR J 382 40.78 5.39 31.95
C TYR J 382 40.11 6.51 32.73
N SER J 383 39.33 6.16 33.76
CA SER J 383 38.62 7.14 34.60
C SER J 383 39.60 7.91 35.48
N LEU J 384 40.71 7.25 35.83
CA LEU J 384 41.80 7.89 36.54
C LEU J 384 42.30 9.08 35.74
N GLY J 385 42.71 8.82 34.50
CA GLY J 385 43.27 9.85 33.62
C GLY J 385 42.31 10.95 33.20
N ARG J 386 41.02 10.74 33.45
CA ARG J 386 40.01 11.71 33.02
C ARG J 386 39.36 12.43 34.20
N ASN J 387 39.95 12.27 35.38
CA ASN J 387 39.47 12.89 36.62
C ASN J 387 39.63 14.43 36.67
N ALA J 388 38.63 15.13 36.13
CA ALA J 388 38.66 16.60 35.94
C ALA J 388 39.12 17.44 37.14
N ALA J 389 39.09 16.84 38.33
CA ALA J 389 39.50 17.52 39.55
C ALA J 389 41.03 17.51 39.70
N LEU J 390 41.66 16.38 39.37
CA LEU J 390 43.12 16.24 39.45
C LEU J 390 43.83 16.50 38.11
N PHE J 391 43.06 16.59 37.03
CA PHE J 391 43.58 17.02 35.74
C PHE J 391 42.73 18.18 35.20
N PRO J 392 43.06 19.42 35.61
CA PRO J 392 42.30 20.58 35.11
C PRO J 392 42.24 20.60 33.57
N ARG J 393 41.02 20.72 33.04
CA ARG J 393 40.76 20.68 31.58
C ARG J 393 41.24 19.35 30.97
N PRO J 394 40.63 18.23 31.42
CA PRO J 394 41.20 16.88 31.29
C PRO J 394 41.04 16.30 29.89
N GLU J 395 40.24 16.95 29.07
CA GLU J 395 40.00 16.49 27.72
C GLU J 395 41.08 17.08 26.82
N ARG J 396 41.44 18.33 27.06
CA ARG J 396 42.50 18.96 26.28
C ARG J 396 43.84 18.29 26.52
N TYR J 397 44.56 18.12 25.42
CA TYR J 397 45.82 17.44 25.40
C TYR J 397 46.89 18.49 25.70
N ASN J 398 47.45 18.45 26.91
CA ASN J 398 48.37 19.49 27.38
C ASN J 398 49.57 18.97 28.17
N PRO J 399 50.66 18.60 27.49
CA PRO J 399 51.86 18.12 28.17
C PRO J 399 52.47 19.12 29.16
N GLN J 400 52.07 20.38 29.11
CA GLN J 400 52.55 21.38 30.07
C GLN J 400 52.13 21.11 31.52
N ARG J 401 51.13 20.26 31.73
CA ARG J 401 50.73 19.84 33.08
C ARG J 401 51.79 18.95 33.73
N TRP J 402 52.44 18.10 32.94
CA TRP J 402 53.44 17.17 33.49
C TRP J 402 54.77 17.81 33.86
N LEU J 403 54.86 19.13 33.69
CA LEU J 403 56.07 19.85 34.07
C LEU J 403 55.89 20.63 35.36
N ASP J 404 54.68 20.59 35.92
CA ASP J 404 54.37 21.22 37.20
C ASP J 404 54.97 20.43 38.35
N PHE J 412 52.00 11.32 42.01
CA PHE J 412 51.75 9.88 41.88
C PHE J 412 50.78 9.58 40.72
N HIS J 413 50.71 10.52 39.78
CA HIS J 413 49.65 10.56 38.77
C HIS J 413 49.99 9.90 37.41
N HIS J 414 51.26 9.76 37.10
CA HIS J 414 51.66 8.97 35.94
C HIS J 414 52.00 7.55 36.40
N VAL J 415 51.05 6.63 36.25
CA VAL J 415 51.30 5.20 36.54
C VAL J 415 50.83 4.19 35.47
N PRO J 416 50.98 4.54 34.18
CA PRO J 416 50.38 3.72 33.13
C PRO J 416 51.15 2.43 32.94
N PHE J 417 52.33 2.38 33.55
CA PHE J 417 53.17 1.21 33.52
C PHE J 417 53.04 0.51 34.85
N GLY J 418 52.18 1.05 35.72
CA GLY J 418 51.97 0.46 37.04
C GLY J 418 52.88 1.04 38.10
N PHE J 419 53.28 0.22 39.06
CA PHE J 419 54.10 0.69 40.19
C PHE J 419 55.00 -0.36 40.84
N GLY J 420 55.72 0.08 41.86
CA GLY J 420 56.55 -0.80 42.67
C GLY J 420 57.65 -1.51 41.92
N MET J 421 58.05 -2.64 42.48
CA MET J 421 59.03 -3.48 41.85
C MET J 421 58.48 -4.16 40.59
N ARG J 422 57.15 -4.13 40.44
CA ARG J 422 56.44 -4.79 39.35
C ARG J 422 55.88 -3.82 38.29
N GLN J 423 56.35 -2.57 38.29
CA GLN J 423 55.99 -1.64 37.21
C GLN J 423 56.58 -2.21 35.95
N CYS J 424 55.97 -1.90 34.79
CA CYS J 424 56.32 -2.53 33.52
C CYS J 424 57.81 -2.81 33.33
N LEU J 425 58.15 -4.06 33.08
CA LEU J 425 59.54 -4.42 32.83
C LEU J 425 60.12 -3.63 31.66
N GLY J 426 59.33 -3.44 30.61
CA GLY J 426 59.82 -2.90 29.35
C GLY J 426 59.60 -1.42 29.17
N ARG J 427 59.28 -0.75 30.27
CA ARG J 427 58.96 0.67 30.27
C ARG J 427 59.94 1.48 29.47
N ARG J 428 61.23 1.31 29.75
CA ARG J 428 62.22 2.24 29.25
C ARG J 428 62.47 2.01 27.77
N LEU J 429 62.38 0.75 27.34
CA LEU J 429 62.38 0.41 25.92
C LEU J 429 61.26 1.08 25.13
N ALA J 430 60.02 0.86 25.56
CA ALA J 430 58.89 1.51 24.91
C ALA J 430 59.04 3.04 24.90
N GLU J 431 59.47 3.60 26.02
CA GLU J 431 59.69 5.03 26.14
C GLU J 431 60.88 5.50 25.33
N ALA J 432 61.78 4.59 25.00
CA ALA J 432 62.84 4.89 24.03
C ALA J 432 62.24 4.92 22.63
N GLU J 433 61.68 3.79 22.25
CA GLU J 433 61.07 3.57 20.95
C GLU J 433 60.15 4.70 20.54
N MET J 434 59.24 5.06 21.42
CA MET J 434 58.30 6.09 21.08
C MET J 434 59.03 7.40 20.98
N LEU J 435 59.72 7.76 22.06
CA LEU J 435 60.43 9.03 22.16
C LEU J 435 61.33 9.28 20.95
N LEU J 436 62.10 8.30 20.54
CA LEU J 436 62.97 8.49 19.38
C LEU J 436 62.27 8.71 18.05
N LEU J 437 61.23 7.90 17.77
CA LEU J 437 60.52 8.01 16.48
C LEU J 437 59.92 9.38 16.30
N LEU J 438 59.31 9.88 17.37
CA LEU J 438 58.67 11.17 17.32
C LEU J 438 59.70 12.27 17.14
N HIS J 439 60.86 12.09 17.77
CA HIS J 439 61.93 13.07 17.65
C HIS J 439 62.33 13.24 16.20
N HIS J 440 62.66 12.14 15.54
CA HIS J 440 63.04 12.20 14.14
C HIS J 440 61.93 12.73 13.24
N VAL J 441 60.73 12.16 13.31
CA VAL J 441 59.61 12.68 12.52
C VAL J 441 59.46 14.20 12.68
N LEU J 442 59.70 14.71 13.89
CA LEU J 442 59.44 16.11 14.22
C LEU J 442 60.45 17.07 13.62
N LYS J 443 61.69 16.60 13.44
CA LYS J 443 62.74 17.39 12.81
C LYS J 443 62.37 17.66 11.35
N HIS J 444 61.76 16.67 10.72
CA HIS J 444 61.62 16.69 9.29
C HIS J 444 60.24 17.03 8.76
N PHE J 445 59.23 16.84 9.59
CA PHE J 445 57.87 16.87 9.08
C PHE J 445 56.91 17.68 9.94
N LEU J 446 55.95 18.31 9.26
CA LEU J 446 54.73 18.77 9.89
C LEU J 446 53.74 17.61 9.77
N VAL J 447 53.01 17.32 10.84
CA VAL J 447 51.95 16.32 10.79
C VAL J 447 50.57 17.00 10.81
N GLU J 448 49.68 16.61 9.90
CA GLU J 448 48.37 17.29 9.75
C GLU J 448 47.18 16.35 9.52
N THR J 449 45.99 16.79 9.91
CA THR J 449 44.74 16.00 9.69
C THR J 449 43.47 16.84 9.55
N LEU J 450 42.46 16.22 8.94
CA LEU J 450 41.11 16.76 8.87
C LEU J 450 40.24 16.03 9.86
N THR J 451 40.34 14.70 9.87
CA THR J 451 39.82 13.86 10.96
C THR J 451 40.13 14.56 12.27
N GLN J 452 39.12 15.21 12.85
CA GLN J 452 39.31 15.97 14.07
C GLN J 452 38.53 15.37 15.27
N GLU J 453 37.54 14.55 14.97
CA GLU J 453 36.74 13.89 15.98
C GLU J 453 37.54 12.86 16.81
N ASP J 454 37.16 12.65 18.06
CA ASP J 454 37.83 11.68 18.92
C ASP J 454 37.82 10.31 18.28
N ILE J 455 38.77 9.46 18.65
CA ILE J 455 38.72 8.09 18.19
C ILE J 455 38.10 7.20 19.26
N LYS J 456 36.95 6.63 18.91
CA LYS J 456 36.32 5.64 19.75
C LYS J 456 37.39 4.62 20.13
N MET J 457 37.50 4.30 21.41
CA MET J 457 38.40 3.23 21.85
C MET J 457 37.67 1.88 21.91
N VAL J 458 38.42 0.80 21.74
CA VAL J 458 37.90 -0.56 21.68
C VAL J 458 38.72 -1.39 22.66
N TYR J 459 38.09 -2.19 23.50
CA TYR J 459 38.84 -3.02 24.45
C TYR J 459 39.10 -4.47 24.01
N SER J 460 40.38 -4.86 23.95
CA SER J 460 40.79 -6.27 23.71
C SER J 460 41.93 -6.65 24.61
N PHE J 461 41.69 -6.74 25.92
CA PHE J 461 42.76 -6.96 26.92
C PHE J 461 43.73 -5.78 27.05
N ILE J 462 44.03 -5.16 25.92
CA ILE J 462 44.64 -3.84 25.89
C ILE J 462 43.63 -2.90 25.26
N LEU J 463 43.68 -1.64 25.67
CA LEU J 463 42.85 -0.64 25.04
C LEU J 463 43.53 -0.24 23.76
N ARG J 464 42.77 -0.20 22.67
CA ARG J 464 43.28 0.23 21.35
C ARG J 464 42.28 1.15 20.60
N PRO J 465 42.80 1.98 19.69
CA PRO J 465 41.90 2.75 18.87
C PRO J 465 41.16 1.81 17.93
N GLY J 466 39.93 2.20 17.55
CA GLY J 466 39.13 1.43 16.62
C GLY J 466 39.29 1.90 15.19
N THR J 467 39.89 3.08 15.03
CA THR J 467 40.04 3.75 13.74
C THR J 467 41.50 4.17 13.50
N SER J 468 41.85 4.39 12.24
CA SER J 468 43.16 4.91 11.90
C SER J 468 43.01 6.12 10.98
N PRO J 469 43.33 7.33 11.50
CA PRO J 469 43.03 8.56 10.79
C PRO J 469 44.03 8.79 9.67
N LEU J 470 43.58 9.47 8.64
CA LEU J 470 44.45 9.78 7.54
C LEU J 470 45.36 10.95 7.93
N LEU J 471 46.68 10.69 8.03
CA LEU J 471 47.66 11.73 8.38
C LEU J 471 48.54 12.12 7.21
N THR J 472 48.81 13.42 7.13
CA THR J 472 49.70 14.02 6.16
C THR J 472 51.05 14.32 6.79
N PHE J 473 52.13 13.91 6.12
CA PHE J 473 53.47 14.24 6.54
C PHE J 473 54.09 15.18 5.52
N ARG J 474 54.18 16.46 5.87
CA ARG J 474 54.65 17.49 4.97
C ARG J 474 56.06 17.91 5.34
N ALA J 475 56.96 17.82 4.36
CA ALA J 475 58.36 18.06 4.62
C ALA J 475 58.63 19.53 4.92
N ILE J 476 59.46 19.78 5.92
CA ILE J 476 59.95 21.13 6.14
C ILE J 476 61.17 21.37 5.23
N THR K 8 85.58 -70.94 -14.16
CA THR K 8 84.17 -71.28 -13.80
C THR K 8 83.21 -70.09 -13.97
N VAL K 9 82.56 -70.04 -15.13
CA VAL K 9 81.60 -68.98 -15.46
C VAL K 9 80.17 -69.47 -15.14
N LEU K 10 79.74 -69.21 -13.90
CA LEU K 10 78.44 -69.69 -13.38
C LEU K 10 77.25 -68.99 -14.03
N PRO K 11 76.33 -69.76 -14.67
CA PRO K 11 75.05 -69.27 -15.20
C PRO K 11 74.26 -68.27 -14.33
N PHE K 12 73.39 -67.51 -15.00
CA PHE K 12 72.65 -66.36 -14.44
C PHE K 12 71.80 -66.73 -13.25
N GLU K 13 70.95 -67.71 -13.48
CA GLU K 13 69.87 -68.09 -12.55
C GLU K 13 70.34 -68.57 -11.17
N ALA K 14 71.67 -68.66 -11.01
CA ALA K 14 72.30 -68.98 -9.73
C ALA K 14 72.23 -67.79 -8.76
N MET K 15 72.58 -66.60 -9.25
CA MET K 15 72.60 -65.35 -8.48
C MET K 15 71.30 -65.05 -7.74
N PRO K 16 71.37 -64.76 -6.42
CA PRO K 16 70.20 -64.57 -5.55
C PRO K 16 69.18 -63.51 -6.01
N GLN K 17 67.89 -63.78 -5.79
CA GLN K 17 66.82 -62.81 -6.13
C GLN K 17 66.41 -61.97 -4.92
N HIS K 18 66.06 -60.71 -5.18
CA HIS K 18 65.53 -59.80 -4.16
C HIS K 18 64.27 -60.41 -3.54
N PRO K 19 64.27 -60.58 -2.20
CA PRO K 19 63.09 -61.10 -1.50
C PRO K 19 62.02 -60.00 -1.40
N GLY K 20 61.02 -60.11 -2.28
CA GLY K 20 60.00 -59.09 -2.52
C GLY K 20 59.56 -59.14 -3.97
N ASN K 21 58.26 -59.29 -4.19
CA ASN K 21 57.71 -59.57 -5.53
C ASN K 21 57.38 -58.31 -6.37
N ARG K 22 57.51 -58.47 -7.69
CA ARG K 22 57.37 -57.36 -8.67
C ARG K 22 56.09 -56.50 -8.59
N TRP K 23 54.97 -57.11 -8.20
CA TRP K 23 53.66 -56.45 -8.16
C TRP K 23 53.32 -55.86 -6.79
N LEU K 24 53.80 -56.49 -5.72
CA LEU K 24 53.58 -56.00 -4.36
C LEU K 24 54.20 -54.60 -4.16
N ARG K 25 55.22 -54.30 -4.94
CA ARG K 25 55.87 -52.98 -4.96
C ARG K 25 54.94 -51.91 -5.54
N LEU K 26 54.35 -52.21 -6.70
CA LEU K 26 53.48 -51.25 -7.42
C LEU K 26 52.35 -50.73 -6.55
N LEU K 27 51.72 -51.64 -5.81
CA LEU K 27 50.62 -51.28 -4.93
C LEU K 27 51.11 -50.54 -3.69
N GLN K 28 52.33 -50.84 -3.26
CA GLN K 28 52.95 -50.10 -2.17
C GLN K 28 53.27 -48.64 -2.55
N ILE K 29 53.34 -48.37 -3.85
CA ILE K 29 53.53 -47.02 -4.38
C ILE K 29 52.20 -46.25 -4.49
N TRP K 30 51.11 -46.97 -4.70
CA TRP K 30 49.75 -46.41 -4.64
C TRP K 30 49.42 -45.91 -3.23
N ARG K 31 49.70 -46.74 -2.24
CA ARG K 31 49.32 -46.48 -0.84
C ARG K 31 49.98 -45.23 -0.26
N GLU K 32 51.31 -45.19 -0.30
CA GLU K 32 52.10 -44.13 0.34
C GLU K 32 52.38 -42.98 -0.63
N GLN K 33 51.94 -43.16 -1.88
CA GLN K 33 52.11 -42.18 -2.97
C GLN K 33 53.57 -41.85 -3.33
N GLY K 34 54.48 -42.77 -3.05
CA GLY K 34 55.89 -42.58 -3.39
C GLY K 34 56.86 -43.30 -2.47
N TYR K 35 57.89 -43.90 -3.06
CA TYR K 35 58.90 -44.67 -2.32
C TYR K 35 59.99 -43.81 -1.70
N GLU K 36 59.67 -43.13 -0.59
CA GLU K 36 60.62 -42.35 0.19
C GLU K 36 61.72 -43.24 0.77
N HIS K 37 61.36 -44.51 0.97
CA HIS K 37 62.19 -45.48 1.67
C HIS K 37 63.16 -46.23 0.76
N LEU K 38 62.89 -46.26 -0.54
CA LEU K 38 63.61 -47.12 -1.50
C LEU K 38 65.14 -47.19 -1.32
N HIS K 39 65.79 -46.07 -1.02
CA HIS K 39 67.23 -46.06 -0.84
C HIS K 39 67.65 -46.86 0.40
N LEU K 40 66.95 -46.65 1.51
CA LEU K 40 67.19 -47.38 2.76
C LEU K 40 66.92 -48.88 2.61
N GLU K 41 65.81 -49.22 1.94
CA GLU K 41 65.35 -50.60 1.76
C GLU K 41 66.26 -51.40 0.82
N MET K 42 66.72 -50.75 -0.25
CA MET K 42 67.62 -51.37 -1.22
C MET K 42 69.01 -51.54 -0.65
N HIS K 43 69.38 -50.64 0.25
CA HIS K 43 70.59 -50.75 1.04
C HIS K 43 70.50 -51.97 1.97
N GLN K 44 69.33 -52.18 2.58
CA GLN K 44 69.08 -53.35 3.44
C GLN K 44 69.30 -54.68 2.73
N THR K 45 68.80 -54.77 1.50
CA THR K 45 68.96 -55.99 0.68
C THR K 45 70.43 -56.30 0.40
N PHE K 46 71.24 -55.26 0.19
CA PHE K 46 72.65 -55.46 -0.14
C PHE K 46 73.50 -56.06 0.98
N GLN K 47 73.27 -55.61 2.21
CA GLN K 47 73.98 -56.15 3.38
C GLN K 47 73.34 -57.41 3.96
N GLU K 48 72.25 -57.85 3.33
CA GLU K 48 71.63 -59.14 3.66
C GLU K 48 71.82 -60.15 2.52
N LEU K 49 72.36 -59.69 1.39
CA LEU K 49 72.55 -60.56 0.22
C LEU K 49 73.95 -60.46 -0.40
N GLY K 50 74.66 -59.38 -0.11
CA GLY K 50 75.98 -59.17 -0.71
C GLY K 50 75.92 -58.30 -1.95
N PRO K 51 77.10 -57.91 -2.49
CA PRO K 51 77.25 -56.89 -3.53
C PRO K 51 76.76 -57.30 -4.93
N ILE K 52 75.74 -58.15 -4.99
CA ILE K 52 75.16 -58.62 -6.25
C ILE K 52 73.87 -59.42 -6.04
N PHE K 53 72.84 -59.05 -6.81
CA PHE K 53 71.56 -59.77 -6.84
C PHE K 53 70.69 -59.34 -8.03
N ARG K 54 69.60 -60.06 -8.25
CA ARG K 54 68.63 -59.72 -9.31
C ARG K 54 67.23 -59.41 -8.74
N TYR K 55 66.45 -58.63 -9.48
CA TYR K 55 65.07 -58.37 -9.12
C TYR K 55 64.15 -59.12 -10.07
N ASN K 56 63.25 -59.92 -9.49
CA ASN K 56 62.33 -60.78 -10.22
C ASN K 56 61.30 -59.97 -11.02
N LEU K 57 61.64 -59.64 -12.26
CA LEU K 57 60.82 -58.76 -13.08
C LEU K 57 59.84 -59.49 -13.98
N GLY K 58 59.86 -60.82 -13.90
CA GLY K 58 58.98 -61.69 -14.71
C GLY K 58 59.29 -61.65 -16.21
N GLY K 59 60.57 -61.74 -16.54
CA GLY K 59 61.04 -61.43 -17.89
C GLY K 59 61.98 -60.23 -17.78
N PRO K 60 62.22 -59.52 -18.90
CA PRO K 60 63.31 -58.55 -18.99
C PRO K 60 64.15 -58.39 -17.70
N ARG K 61 65.19 -59.22 -17.61
CA ARG K 61 66.05 -59.35 -16.42
C ARG K 61 66.69 -58.05 -15.96
N MET K 62 66.63 -57.77 -14.67
CA MET K 62 67.39 -56.65 -14.07
C MET K 62 68.29 -57.11 -12.93
N VAL K 63 69.46 -56.49 -12.84
CA VAL K 63 70.48 -56.85 -11.86
C VAL K 63 70.92 -55.61 -11.10
N CYS K 64 71.23 -55.79 -9.82
CA CYS K 64 71.69 -54.70 -8.98
C CYS K 64 73.06 -54.98 -8.37
N VAL K 65 74.05 -54.20 -8.82
CA VAL K 65 75.43 -54.31 -8.38
C VAL K 65 75.72 -53.15 -7.45
N MET K 66 76.92 -53.16 -6.85
CA MET K 66 77.38 -52.04 -6.00
C MET K 66 78.89 -51.98 -5.73
N LEU K 67 79.68 -52.38 -6.73
CA LEU K 67 81.13 -52.32 -6.60
C LEU K 67 81.79 -51.64 -7.80
N PRO K 68 82.78 -50.77 -7.54
CA PRO K 68 83.59 -50.09 -8.55
C PRO K 68 84.14 -50.97 -9.69
N GLU K 69 84.54 -52.21 -9.37
CA GLU K 69 85.00 -53.19 -10.37
C GLU K 69 83.91 -53.62 -11.36
N ASP K 70 82.67 -53.67 -10.87
CA ASP K 70 81.49 -54.00 -11.68
C ASP K 70 81.18 -52.88 -12.68
N VAL K 71 81.24 -51.65 -12.17
CA VAL K 71 81.00 -50.44 -12.94
C VAL K 71 81.92 -50.34 -14.16
N GLU K 72 83.20 -50.64 -13.96
CA GLU K 72 84.20 -50.55 -15.03
C GLU K 72 83.96 -51.59 -16.12
N LYS K 73 83.61 -52.79 -15.68
CA LYS K 73 83.24 -53.88 -16.58
C LYS K 73 81.90 -53.60 -17.25
N LEU K 74 81.12 -52.73 -16.60
CA LEU K 74 79.93 -52.20 -17.22
C LEU K 74 80.33 -51.29 -18.37
N GLN K 75 81.10 -50.24 -18.07
CA GLN K 75 81.56 -49.29 -19.09
C GLN K 75 82.19 -50.01 -20.28
N GLN K 76 82.79 -51.16 -19.99
CA GLN K 76 83.54 -51.93 -20.98
C GLN K 76 82.64 -52.52 -22.08
N VAL K 77 81.40 -52.83 -21.72
CA VAL K 77 80.43 -53.39 -22.68
C VAL K 77 79.34 -52.38 -23.13
N ASP K 78 79.74 -51.14 -23.39
CA ASP K 78 78.82 -50.13 -23.90
C ASP K 78 79.01 -50.00 -25.40
N SER K 79 77.92 -49.85 -26.12
CA SER K 79 77.97 -49.74 -27.59
C SER K 79 78.59 -48.43 -28.04
N LEU K 80 78.34 -48.08 -29.30
CA LEU K 80 78.42 -46.70 -29.72
C LEU K 80 77.23 -46.01 -29.08
N HIS K 81 76.16 -46.79 -28.89
CA HIS K 81 74.97 -46.34 -28.16
C HIS K 81 74.66 -47.18 -26.90
N PRO K 82 75.19 -46.76 -25.74
CA PRO K 82 74.82 -47.35 -24.45
C PRO K 82 73.39 -46.94 -24.04
N CYS K 83 72.46 -47.89 -24.06
CA CYS K 83 71.04 -47.62 -23.81
C CYS K 83 70.69 -47.57 -22.33
N ARG K 84 69.95 -46.56 -21.94
CA ARG K 84 69.39 -46.51 -20.59
C ARG K 84 67.90 -46.80 -20.60
N MET K 85 67.40 -47.39 -19.51
CA MET K 85 65.99 -47.80 -19.46
C MET K 85 65.09 -46.60 -19.79
N ILE K 86 64.33 -46.74 -20.87
CA ILE K 86 63.38 -45.71 -21.32
C ILE K 86 62.41 -45.29 -20.20
N LEU K 87 62.43 -44.00 -19.87
CA LEU K 87 61.50 -43.44 -18.89
C LEU K 87 60.20 -43.04 -19.59
N GLU K 88 59.11 -43.73 -19.23
CA GLU K 88 57.78 -43.56 -19.83
C GLU K 88 57.16 -42.17 -19.65
N PRO K 89 56.90 -41.72 -18.38
CA PRO K 89 56.13 -40.48 -18.17
C PRO K 89 56.74 -39.24 -18.82
N TRP K 90 58.08 -39.21 -18.86
CA TRP K 90 58.87 -38.13 -19.47
C TRP K 90 58.78 -38.12 -20.98
N VAL K 91 58.84 -39.30 -21.60
CA VAL K 91 58.65 -39.42 -23.04
C VAL K 91 57.16 -39.27 -23.40
N ALA K 92 56.31 -39.74 -22.50
CA ALA K 92 54.87 -39.65 -22.68
C ALA K 92 54.43 -38.20 -22.92
N TYR K 93 54.96 -37.29 -22.09
CA TYR K 93 54.65 -35.87 -22.23
C TYR K 93 55.10 -35.30 -23.57
N ARG K 94 56.31 -35.64 -24.01
CA ARG K 94 56.84 -35.07 -25.25
C ARG K 94 55.96 -35.48 -26.42
N GLN K 95 55.67 -36.77 -26.53
CA GLN K 95 54.82 -37.32 -27.59
C GLN K 95 53.39 -36.74 -27.56
N HIS K 96 52.87 -36.53 -26.36
CA HIS K 96 51.61 -35.84 -26.18
C HIS K 96 51.61 -34.45 -26.79
N ARG K 97 52.68 -33.67 -26.57
CA ARG K 97 52.76 -32.31 -27.10
C ARG K 97 53.43 -32.22 -28.47
N GLY K 98 53.94 -33.34 -28.99
CA GLY K 98 54.68 -33.35 -30.26
C GLY K 98 56.09 -32.78 -30.16
N HIS K 99 56.74 -32.99 -29.02
CA HIS K 99 58.09 -32.51 -28.78
C HIS K 99 59.14 -33.60 -28.99
N LYS K 100 60.26 -33.24 -29.59
CA LYS K 100 61.37 -34.16 -29.71
C LYS K 100 61.99 -34.38 -28.32
N CYS K 101 62.71 -35.49 -28.16
CA CYS K 101 63.39 -35.77 -26.90
C CYS K 101 64.84 -35.33 -26.89
N GLY K 102 65.26 -34.78 -25.75
CA GLY K 102 66.64 -34.39 -25.59
C GLY K 102 67.50 -35.55 -25.17
N VAL K 103 68.80 -35.27 -25.14
CA VAL K 103 69.84 -36.27 -24.92
C VAL K 103 69.72 -37.13 -23.64
N PHE K 104 68.80 -36.79 -22.75
CA PHE K 104 68.59 -37.55 -21.52
C PHE K 104 67.64 -38.71 -21.80
N LEU K 105 66.94 -38.62 -22.92
CA LEU K 105 65.82 -39.52 -23.18
C LEU K 105 65.96 -40.38 -24.43
N LEU K 106 66.95 -40.05 -25.26
CA LEU K 106 67.17 -40.72 -26.55
C LEU K 106 67.96 -42.06 -26.47
N ASN K 107 67.91 -42.85 -27.53
CA ASN K 107 68.62 -44.14 -27.62
C ASN K 107 68.98 -44.46 -29.06
N GLY K 108 70.13 -45.09 -29.24
CA GLY K 108 70.61 -45.36 -30.59
C GLY K 108 71.04 -44.08 -31.28
N PRO K 109 71.23 -44.16 -32.62
CA PRO K 109 71.80 -43.11 -33.49
C PRO K 109 71.32 -41.69 -33.23
N GLU K 110 70.00 -41.52 -33.11
CA GLU K 110 69.36 -40.23 -32.80
C GLU K 110 69.98 -39.58 -31.56
N TRP K 111 70.21 -40.38 -30.51
CA TRP K 111 70.89 -39.89 -29.32
C TRP K 111 72.29 -39.45 -29.67
N ARG K 112 73.03 -40.38 -30.28
CA ARG K 112 74.45 -40.22 -30.48
C ARG K 112 74.75 -38.88 -31.12
N PHE K 113 74.13 -38.61 -32.27
CA PHE K 113 74.45 -37.42 -33.06
C PHE K 113 73.99 -36.13 -32.39
N ASN K 114 73.05 -36.24 -31.44
CA ASN K 114 72.73 -35.14 -30.53
C ASN K 114 73.89 -34.95 -29.57
N ARG K 115 74.19 -35.99 -28.79
CA ARG K 115 75.30 -35.98 -27.84
C ARG K 115 76.61 -35.39 -28.37
N LEU K 116 77.02 -35.82 -29.56
CA LEU K 116 78.24 -35.30 -30.20
C LEU K 116 78.09 -33.88 -30.73
N ARG K 117 76.86 -33.41 -30.87
CA ARG K 117 76.63 -32.03 -31.29
C ARG K 117 76.27 -31.15 -30.10
N LEU K 118 76.64 -31.60 -28.90
CA LEU K 118 76.35 -30.92 -27.66
C LEU K 118 77.60 -30.77 -26.80
N ASN K 119 78.36 -31.86 -26.67
CA ASN K 119 79.66 -31.85 -25.98
C ASN K 119 80.49 -30.61 -26.23
N PRO K 120 80.70 -30.25 -27.53
CA PRO K 120 81.46 -29.04 -27.83
C PRO K 120 81.10 -27.83 -26.96
N ASP K 121 79.82 -27.62 -26.68
CA ASP K 121 79.34 -26.36 -26.08
C ASP K 121 78.87 -26.45 -24.63
N VAL K 122 78.62 -27.68 -24.17
CA VAL K 122 78.11 -27.93 -22.82
C VAL K 122 79.16 -28.57 -21.87
N LEU K 123 80.15 -29.27 -22.45
CA LEU K 123 81.06 -30.15 -21.70
C LEU K 123 82.57 -29.87 -21.93
N SER K 124 82.91 -29.42 -23.13
CA SER K 124 84.29 -29.07 -23.50
C SER K 124 84.95 -28.13 -22.50
N PRO K 125 86.19 -28.46 -22.09
CA PRO K 125 87.05 -27.53 -21.36
C PRO K 125 87.16 -26.14 -22.03
N LYS K 126 87.08 -26.12 -23.36
CA LYS K 126 87.11 -24.86 -24.12
C LYS K 126 85.89 -24.01 -23.78
N ALA K 127 84.72 -24.66 -23.74
CA ALA K 127 83.45 -23.99 -23.47
C ALA K 127 83.37 -23.58 -22.02
N VAL K 128 83.76 -24.49 -21.12
CA VAL K 128 83.84 -24.23 -19.69
C VAL K 128 84.61 -22.95 -19.41
N GLN K 129 85.76 -22.79 -20.07
CA GLN K 129 86.56 -21.59 -19.96
C GLN K 129 85.89 -20.31 -20.53
N ARG K 130 84.85 -20.48 -21.35
CA ARG K 130 84.10 -19.35 -21.90
C ARG K 130 82.96 -18.88 -20.99
N PHE K 131 82.37 -19.83 -20.26
CA PHE K 131 81.23 -19.53 -19.38
C PHE K 131 81.51 -19.56 -17.87
N LEU K 132 82.70 -20.04 -17.49
CA LEU K 132 83.07 -20.09 -16.09
C LEU K 132 83.15 -18.70 -15.47
N PRO K 133 83.76 -17.71 -16.18
CA PRO K 133 83.84 -16.36 -15.59
C PRO K 133 82.48 -15.74 -15.29
N MET K 134 81.46 -16.20 -16.02
CA MET K 134 80.07 -15.80 -15.80
C MET K 134 79.51 -16.44 -14.52
N VAL K 135 79.56 -17.76 -14.41
CA VAL K 135 79.13 -18.42 -13.17
C VAL K 135 79.82 -17.82 -11.93
N ASP K 136 81.11 -17.53 -12.07
CA ASP K 136 81.87 -16.84 -11.04
C ASP K 136 81.21 -15.51 -10.67
N ALA K 137 80.65 -14.81 -11.65
CA ALA K 137 80.00 -13.52 -11.40
C ALA K 137 78.78 -13.67 -10.47
N VAL K 138 78.01 -14.74 -10.68
CA VAL K 138 76.85 -15.04 -9.85
C VAL K 138 77.29 -15.52 -8.46
N ALA K 139 78.29 -16.40 -8.43
CA ALA K 139 78.81 -16.93 -7.17
C ALA K 139 79.40 -15.83 -6.31
N ARG K 140 79.99 -14.81 -6.93
CA ARG K 140 80.42 -13.62 -6.23
C ARG K 140 79.18 -12.99 -5.62
N ASP K 141 78.24 -12.62 -6.50
CA ASP K 141 76.98 -11.96 -6.12
C ASP K 141 76.28 -12.55 -4.89
N PHE K 142 76.42 -13.86 -4.72
CA PHE K 142 75.77 -14.56 -3.63
C PHE K 142 76.40 -14.25 -2.26
N SER K 143 77.71 -14.01 -2.24
CA SER K 143 78.42 -13.63 -1.03
C SER K 143 78.29 -12.14 -0.82
N GLN K 144 78.65 -11.34 -1.81
CA GLN K 144 78.41 -9.90 -1.77
C GLN K 144 77.13 -9.64 -0.98
N ALA K 145 76.04 -10.22 -1.48
CA ALA K 145 74.70 -10.00 -0.96
C ALA K 145 74.52 -10.56 0.45
N LEU K 146 75.04 -11.77 0.66
CA LEU K 146 74.91 -12.43 1.95
C LEU K 146 75.66 -11.64 3.01
N LYS K 147 76.86 -11.21 2.67
CA LYS K 147 77.67 -10.38 3.55
C LYS K 147 76.90 -9.14 3.98
N LYS K 148 76.32 -8.45 3.00
CA LYS K 148 75.60 -7.20 3.22
C LYS K 148 74.39 -7.36 4.15
N LYS K 149 73.82 -8.57 4.22
CA LYS K 149 72.78 -8.89 5.23
C LYS K 149 73.39 -9.17 6.61
N VAL K 150 74.48 -9.93 6.63
CA VAL K 150 75.21 -10.25 7.85
C VAL K 150 75.77 -8.97 8.52
N LEU K 151 76.19 -8.01 7.71
CA LEU K 151 76.90 -6.83 8.22
C LEU K 151 75.99 -5.95 9.08
N GLN K 152 74.69 -5.99 8.85
CA GLN K 152 73.76 -5.13 9.58
C GLN K 152 73.26 -5.71 10.90
N ASN K 153 73.54 -7.00 11.13
CA ASN K 153 73.30 -7.59 12.43
C ASN K 153 74.44 -7.28 13.37
N ALA K 154 74.13 -7.11 14.64
CA ALA K 154 75.11 -6.68 15.63
C ALA K 154 76.27 -7.66 15.81
N ARG K 155 76.06 -8.93 15.47
CA ARG K 155 77.09 -9.96 15.61
C ARG K 155 77.65 -10.38 14.28
N GLY K 156 77.63 -9.47 13.31
CA GLY K 156 78.14 -9.72 11.96
C GLY K 156 77.91 -11.14 11.51
N SER K 157 76.69 -11.63 11.70
CA SER K 157 76.31 -12.99 11.35
C SER K 157 74.80 -13.13 11.10
N LEU K 158 74.44 -14.05 10.22
CA LEU K 158 73.04 -14.37 9.92
C LEU K 158 72.80 -15.86 10.09
N THR K 159 71.64 -16.21 10.64
CA THR K 159 71.25 -17.60 10.74
C THR K 159 69.89 -17.83 10.07
N LEU K 160 69.88 -18.84 9.20
CA LEU K 160 68.78 -19.02 8.27
C LEU K 160 68.73 -20.43 7.70
N ASP K 161 67.53 -20.78 7.22
CA ASP K 161 67.32 -21.95 6.38
C ASP K 161 67.81 -21.54 4.99
N VAL K 162 69.08 -21.87 4.68
CA VAL K 162 69.71 -21.41 3.43
C VAL K 162 69.23 -22.02 2.13
N GLN K 163 68.26 -22.93 2.20
CA GLN K 163 67.81 -23.69 1.03
C GLN K 163 67.29 -22.85 -0.16
N PRO K 164 66.32 -21.93 0.08
CA PRO K 164 65.80 -21.10 -1.00
C PRO K 164 66.88 -20.31 -1.72
N SER K 165 67.66 -19.55 -0.95
CA SER K 165 68.78 -18.76 -1.50
C SER K 165 69.70 -19.56 -2.44
N ILE K 166 70.01 -20.80 -2.04
CA ILE K 166 70.90 -21.69 -2.77
C ILE K 166 70.26 -22.23 -4.02
N PHE K 167 68.98 -22.57 -3.89
CA PHE K 167 68.18 -23.00 -5.01
C PHE K 167 68.10 -21.90 -6.06
N HIS K 168 67.97 -20.66 -5.63
CA HIS K 168 67.84 -19.57 -6.58
C HIS K 168 69.16 -19.22 -7.27
N TYR K 169 70.25 -19.33 -6.53
CA TYR K 169 71.59 -19.20 -7.10
C TYR K 169 71.81 -20.14 -8.30
N THR K 170 71.40 -21.39 -8.14
CA THR K 170 71.60 -22.42 -9.17
C THR K 170 70.78 -22.15 -10.43
N ILE K 171 69.56 -21.64 -10.26
CA ILE K 171 68.75 -21.16 -11.37
C ILE K 171 69.45 -19.96 -12.01
N GLU K 172 69.89 -19.03 -11.16
CA GLU K 172 70.56 -17.81 -11.62
C GLU K 172 71.84 -18.06 -12.38
N ALA K 173 72.73 -18.85 -11.81
CA ALA K 173 73.98 -19.21 -12.47
C ALA K 173 73.69 -20.04 -13.72
N SER K 174 72.89 -21.10 -13.59
CA SER K 174 72.48 -21.90 -14.75
C SER K 174 72.00 -21.04 -15.92
N ASN K 175 71.09 -20.10 -15.62
CA ASN K 175 70.42 -19.30 -16.64
C ASN K 175 71.37 -18.43 -17.40
N LEU K 176 72.23 -17.75 -16.64
CA LEU K 176 73.32 -16.98 -17.22
C LEU K 176 74.16 -17.87 -18.15
N ALA K 177 74.75 -18.92 -17.61
CA ALA K 177 75.56 -19.84 -18.41
C ALA K 177 74.83 -20.32 -19.68
N LEU K 178 73.54 -20.64 -19.54
CA LEU K 178 72.77 -21.21 -20.64
C LEU K 178 72.27 -20.20 -21.70
N PHE K 179 71.69 -19.08 -21.25
CA PHE K 179 71.06 -18.10 -22.16
C PHE K 179 71.69 -16.71 -22.16
N GLY K 180 72.63 -16.47 -21.23
CA GLY K 180 73.25 -15.13 -21.09
C GLY K 180 72.27 -14.12 -20.53
N GLU K 181 71.12 -14.62 -20.11
CA GLU K 181 70.06 -13.86 -19.48
C GLU K 181 70.26 -13.84 -17.96
N ARG K 182 70.03 -12.68 -17.38
CA ARG K 182 70.29 -12.48 -15.98
C ARG K 182 68.98 -12.18 -15.23
N LEU K 183 68.40 -13.22 -14.64
CA LEU K 183 67.19 -13.07 -13.84
C LEU K 183 67.58 -12.46 -12.50
N GLY K 184 66.64 -11.86 -11.80
CA GLY K 184 67.02 -11.08 -10.62
C GLY K 184 67.08 -11.82 -9.29
N LEU K 185 67.29 -13.13 -9.33
CA LEU K 185 66.96 -14.00 -8.18
C LEU K 185 67.98 -14.11 -7.02
N VAL K 186 69.24 -13.79 -7.28
CA VAL K 186 70.29 -13.71 -6.24
C VAL K 186 70.32 -12.32 -5.60
N GLY K 187 70.30 -12.28 -4.28
CA GLY K 187 70.33 -11.01 -3.53
C GLY K 187 68.98 -10.31 -3.52
N HIS K 188 67.96 -11.00 -4.01
CA HIS K 188 66.60 -10.51 -4.02
C HIS K 188 65.62 -11.64 -3.74
N SER K 189 64.42 -11.25 -3.31
CA SER K 189 63.36 -12.20 -3.02
C SER K 189 63.04 -13.03 -4.27
N PRO K 190 62.69 -14.31 -4.07
CA PRO K 190 62.29 -15.17 -5.16
C PRO K 190 61.05 -14.61 -5.88
N SER K 191 61.09 -14.61 -7.20
CA SER K 191 59.96 -14.22 -8.04
C SER K 191 58.95 -15.36 -8.08
N SER K 192 57.67 -15.02 -8.22
CA SER K 192 56.62 -16.03 -8.33
C SER K 192 56.84 -16.94 -9.55
N ALA K 193 57.52 -16.43 -10.58
CA ALA K 193 57.86 -17.22 -11.76
C ALA K 193 58.94 -18.25 -11.43
N SER K 194 59.84 -17.88 -10.54
CA SER K 194 60.79 -18.82 -9.99
C SER K 194 60.12 -19.82 -9.09
N LEU K 195 59.47 -19.35 -8.03
CA LEU K 195 58.85 -20.23 -7.04
C LEU K 195 58.00 -21.32 -7.67
N ASN K 196 57.24 -20.94 -8.69
CA ASN K 196 56.39 -21.87 -9.43
C ASN K 196 57.18 -23.02 -10.02
N PHE K 197 58.25 -22.68 -10.72
CA PHE K 197 59.14 -23.64 -11.35
C PHE K 197 59.68 -24.64 -10.33
N LEU K 198 60.03 -24.15 -9.14
CA LEU K 198 60.54 -24.99 -8.08
C LEU K 198 59.51 -26.01 -7.62
N HIS K 199 58.29 -25.53 -7.41
CA HIS K 199 57.20 -26.41 -7.02
C HIS K 199 56.88 -27.40 -8.13
N ALA K 200 56.93 -26.93 -9.37
CA ALA K 200 56.60 -27.77 -10.52
C ALA K 200 57.61 -28.87 -10.79
N LEU K 201 58.81 -28.73 -10.26
CA LEU K 201 59.83 -29.77 -10.39
C LEU K 201 59.64 -30.81 -9.31
N GLU K 202 59.52 -30.36 -8.07
CA GLU K 202 59.13 -31.20 -6.95
C GLU K 202 58.03 -32.20 -7.37
N VAL K 203 56.93 -31.66 -7.90
CA VAL K 203 55.74 -32.45 -8.27
C VAL K 203 56.00 -33.37 -9.45
N MET K 204 56.70 -32.87 -10.46
CA MET K 204 57.13 -33.70 -11.57
C MET K 204 58.06 -34.82 -11.08
N PHE K 205 58.87 -34.54 -10.05
CA PHE K 205 59.71 -35.56 -9.43
C PHE K 205 58.87 -36.54 -8.62
N LYS K 206 57.99 -36.01 -7.76
CA LYS K 206 57.08 -36.85 -6.99
C LYS K 206 56.29 -37.77 -7.92
N SER K 207 55.71 -37.18 -8.96
CA SER K 207 54.79 -37.89 -9.84
C SER K 207 55.49 -38.76 -10.87
N THR K 208 56.81 -38.63 -11.02
CA THR K 208 57.54 -39.52 -11.91
C THR K 208 57.64 -40.87 -11.25
N VAL K 209 57.89 -40.85 -9.94
CA VAL K 209 57.97 -42.06 -9.13
C VAL K 209 56.68 -42.86 -9.22
N GLN K 210 55.57 -42.19 -8.92
CA GLN K 210 54.24 -42.81 -8.95
C GLN K 210 53.94 -43.55 -10.26
N LEU K 211 54.33 -42.97 -11.39
CA LEU K 211 54.05 -43.51 -12.74
C LEU K 211 55.12 -44.46 -13.32
N MET K 212 56.32 -44.35 -12.75
CA MET K 212 57.52 -45.05 -13.20
C MET K 212 57.40 -46.56 -13.43
N PHE K 213 56.93 -47.28 -12.41
CA PHE K 213 57.20 -48.71 -12.29
C PHE K 213 56.14 -49.67 -12.83
N MET K 214 55.44 -49.25 -13.88
CA MET K 214 54.30 -50.01 -14.40
C MET K 214 53.92 -49.43 -15.74
N PRO K 215 53.51 -50.30 -16.70
CA PRO K 215 53.32 -49.88 -18.11
C PRO K 215 52.23 -48.83 -18.31
N ARG K 216 52.26 -48.14 -19.45
CA ARG K 216 51.28 -47.09 -19.76
C ARG K 216 49.84 -47.64 -19.76
N SER K 217 49.68 -48.88 -20.21
CA SER K 217 48.39 -49.57 -20.20
C SER K 217 47.78 -49.63 -18.78
N LEU K 218 48.57 -50.11 -17.82
CA LEU K 218 48.15 -50.21 -16.42
C LEU K 218 47.87 -48.89 -15.73
N SER K 219 48.86 -48.00 -15.82
CA SER K 219 48.83 -46.73 -15.13
C SER K 219 47.73 -45.80 -15.68
N ARG K 220 47.38 -46.01 -16.94
CA ARG K 220 46.35 -45.25 -17.65
C ARG K 220 45.03 -45.14 -16.87
N TRP K 221 44.60 -46.24 -16.25
CA TRP K 221 43.31 -46.30 -15.56
C TRP K 221 43.34 -46.32 -14.04
N ILE K 222 44.39 -46.87 -13.45
CA ILE K 222 44.41 -47.02 -12.01
C ILE K 222 44.73 -45.72 -11.26
N SER K 223 45.40 -44.79 -11.95
CA SER K 223 45.52 -43.43 -11.47
C SER K 223 45.76 -42.42 -12.60
N PRO K 224 44.67 -41.96 -13.26
CA PRO K 224 44.78 -40.89 -14.24
C PRO K 224 44.99 -39.53 -13.60
N LYS K 225 44.59 -39.37 -12.34
CA LYS K 225 44.78 -38.08 -11.66
C LYS K 225 46.27 -37.73 -11.59
N VAL K 226 47.08 -38.76 -11.39
CA VAL K 226 48.53 -38.62 -11.30
C VAL K 226 49.17 -38.29 -12.64
N TRP K 227 48.65 -38.90 -13.71
CA TRP K 227 49.06 -38.53 -15.07
C TRP K 227 48.74 -37.08 -15.41
N LYS K 228 47.67 -36.57 -14.81
CA LYS K 228 47.23 -35.20 -15.05
C LYS K 228 48.14 -34.24 -14.28
N GLU K 229 48.39 -34.56 -13.01
CA GLU K 229 49.28 -33.79 -12.15
C GLU K 229 50.66 -33.68 -12.78
N HIS K 230 51.20 -34.82 -13.20
CA HIS K 230 52.50 -34.93 -13.85
C HIS K 230 52.59 -34.09 -15.12
N PHE K 231 51.61 -34.25 -16.01
CA PHE K 231 51.54 -33.53 -17.28
C PHE K 231 51.33 -32.03 -17.05
N GLU K 232 50.69 -31.69 -15.94
CA GLU K 232 50.42 -30.32 -15.57
C GLU K 232 51.69 -29.68 -15.01
N ALA K 233 52.44 -30.48 -14.25
CA ALA K 233 53.74 -30.06 -13.72
C ALA K 233 54.71 -29.79 -14.87
N TRP K 234 54.75 -30.67 -15.86
CA TRP K 234 55.59 -30.48 -17.05
C TRP K 234 55.15 -29.26 -17.84
N ASP K 235 53.82 -29.10 -18.00
CA ASP K 235 53.22 -27.96 -18.71
C ASP K 235 53.89 -26.71 -18.22
N CYS K 236 53.95 -26.62 -16.90
CA CYS K 236 54.50 -25.49 -16.19
C CYS K 236 56.01 -25.36 -16.39
N ILE K 237 56.70 -26.48 -16.28
CA ILE K 237 58.14 -26.59 -16.56
C ILE K 237 58.47 -26.10 -17.99
N PHE K 238 57.71 -26.58 -18.99
CA PHE K 238 57.94 -26.19 -20.37
C PHE K 238 57.63 -24.72 -20.65
N GLN K 239 56.64 -24.17 -19.96
CA GLN K 239 56.37 -22.73 -20.08
C GLN K 239 57.62 -21.90 -19.69
N TYR K 240 58.25 -22.24 -18.56
CA TYR K 240 59.51 -21.63 -18.15
C TYR K 240 60.62 -21.77 -19.21
N GLY K 241 60.77 -22.96 -19.78
CA GLY K 241 61.79 -23.21 -20.77
C GLY K 241 61.54 -22.57 -22.12
N ASP K 242 60.39 -22.85 -22.71
CA ASP K 242 60.05 -22.29 -24.01
C ASP K 242 60.08 -20.76 -23.92
N ASN K 243 59.87 -20.24 -22.71
CA ASN K 243 60.02 -18.82 -22.48
C ASN K 243 61.43 -18.38 -22.73
N CYS K 244 62.37 -19.06 -22.06
CA CYS K 244 63.80 -18.81 -22.27
C CYS K 244 64.21 -18.98 -23.71
N ILE K 245 63.85 -20.12 -24.32
CA ILE K 245 64.23 -20.37 -25.71
C ILE K 245 63.66 -19.27 -26.59
N GLN K 246 62.39 -18.94 -26.34
CA GLN K 246 61.63 -17.92 -27.10
C GLN K 246 62.33 -16.56 -27.07
N LYS K 247 62.62 -16.08 -25.87
CA LYS K 247 63.39 -14.86 -25.70
C LYS K 247 64.65 -14.88 -26.56
N ILE K 248 65.53 -15.83 -26.27
CA ILE K 248 66.85 -15.94 -26.90
C ILE K 248 66.79 -16.23 -28.42
N TYR K 249 65.73 -16.89 -28.89
CA TYR K 249 65.63 -17.17 -30.31
C TYR K 249 65.36 -15.90 -31.09
N GLN K 250 64.39 -15.13 -30.61
CA GLN K 250 64.08 -13.85 -31.24
C GLN K 250 65.26 -12.89 -31.10
N GLU K 251 65.90 -12.86 -29.93
CA GLU K 251 67.08 -12.01 -29.68
C GLU K 251 68.19 -12.23 -30.71
N LEU K 252 68.47 -13.50 -31.03
CA LEU K 252 69.58 -13.85 -31.93
C LEU K 252 69.22 -13.66 -33.37
N ALA K 253 67.96 -13.91 -33.69
CA ALA K 253 67.46 -13.81 -35.05
C ALA K 253 67.58 -12.39 -35.60
N PHE K 254 67.79 -11.42 -34.74
CA PHE K 254 67.89 -10.03 -35.21
C PHE K 254 69.30 -9.44 -35.16
N ASN K 255 70.15 -10.04 -34.35
CA ASN K 255 71.55 -9.69 -34.29
C ASN K 255 72.38 -10.88 -33.85
N ARG K 256 73.28 -11.32 -34.73
CA ARG K 256 74.20 -12.42 -34.43
C ARG K 256 75.41 -11.80 -33.74
N PRO K 257 75.58 -12.08 -32.43
CA PRO K 257 76.51 -11.30 -31.59
C PRO K 257 78.02 -11.58 -31.74
N GLN K 258 78.81 -10.51 -31.67
CA GLN K 258 80.27 -10.51 -31.56
C GLN K 258 80.79 -11.62 -30.64
N HIS K 259 80.35 -11.58 -29.39
CA HIS K 259 80.95 -12.30 -28.26
C HIS K 259 80.11 -13.49 -27.76
N TYR K 260 80.65 -14.19 -26.78
CA TYR K 260 79.99 -15.31 -26.15
C TYR K 260 78.90 -14.85 -25.20
N THR K 261 77.71 -15.40 -25.41
CA THR K 261 76.54 -15.00 -24.66
C THR K 261 75.79 -16.25 -24.26
N GLY K 262 76.55 -17.25 -23.82
CA GLY K 262 75.98 -18.46 -23.26
C GLY K 262 75.98 -19.71 -24.13
N ILE K 263 75.59 -20.82 -23.51
CA ILE K 263 75.71 -22.14 -24.09
C ILE K 263 74.68 -22.35 -25.18
N VAL K 264 73.45 -21.93 -24.94
CA VAL K 264 72.39 -22.15 -25.93
C VAL K 264 72.48 -21.22 -27.17
N ALA K 265 73.06 -20.04 -27.01
CA ALA K 265 73.35 -19.22 -28.18
C ALA K 265 74.35 -19.93 -29.12
N GLU K 266 75.27 -20.71 -28.55
CA GLU K 266 76.23 -21.46 -29.36
C GLU K 266 75.51 -22.50 -30.23
N LEU K 267 74.67 -23.34 -29.61
CA LEU K 267 73.81 -24.27 -30.36
C LEU K 267 72.99 -23.56 -31.46
N LEU K 268 72.38 -22.43 -31.09
CA LEU K 268 71.57 -21.66 -32.00
C LEU K 268 72.36 -21.13 -33.20
N LEU K 269 73.56 -20.62 -32.93
CA LEU K 269 74.41 -20.09 -33.98
C LEU K 269 74.91 -21.17 -34.97
N LYS K 270 75.21 -22.36 -34.44
CA LYS K 270 75.78 -23.46 -35.23
C LYS K 270 74.76 -24.15 -36.13
N ALA K 271 73.55 -24.34 -35.60
CA ALA K 271 72.48 -25.07 -36.28
C ALA K 271 72.86 -26.51 -36.66
N GLU K 272 73.85 -27.09 -35.98
CA GLU K 272 74.22 -28.48 -36.20
C GLU K 272 73.05 -29.41 -35.83
N LEU K 273 71.95 -28.83 -35.37
CA LEU K 273 70.74 -29.56 -34.99
C LEU K 273 69.52 -28.74 -35.41
N SER K 274 68.39 -29.42 -35.61
CA SER K 274 67.12 -28.77 -35.97
C SER K 274 66.66 -27.92 -34.80
N LEU K 275 65.86 -26.88 -35.07
CA LEU K 275 65.32 -26.05 -34.00
C LEU K 275 64.66 -26.94 -32.94
N GLU K 276 63.70 -27.77 -33.38
CA GLU K 276 62.96 -28.63 -32.48
C GLU K 276 63.86 -29.45 -31.57
N ALA K 277 65.04 -29.80 -32.07
CA ALA K 277 66.04 -30.59 -31.33
C ALA K 277 66.80 -29.78 -30.28
N ILE K 278 67.28 -28.59 -30.68
CA ILE K 278 67.86 -27.63 -29.73
C ILE K 278 66.85 -27.30 -28.63
N LYS K 279 65.57 -27.16 -29.04
CA LYS K 279 64.45 -26.95 -28.13
C LYS K 279 64.32 -28.04 -27.07
N ALA K 280 64.43 -29.29 -27.52
CA ALA K 280 64.30 -30.47 -26.69
C ALA K 280 65.45 -30.62 -25.68
N ASN K 281 66.64 -30.19 -26.09
CA ASN K 281 67.82 -30.25 -25.26
C ASN K 281 67.92 -29.06 -24.30
N SER K 282 67.63 -27.86 -24.82
CA SER K 282 67.54 -26.65 -23.99
C SER K 282 66.69 -26.89 -22.76
N MET K 283 65.54 -27.53 -22.96
CA MET K 283 64.62 -27.84 -21.88
C MET K 283 65.23 -28.76 -20.87
N GLU K 284 65.99 -29.74 -21.37
CA GLU K 284 66.68 -30.67 -20.48
C GLU K 284 67.69 -29.94 -19.60
N LEU K 285 68.37 -28.95 -20.18
CA LEU K 285 69.42 -28.23 -19.49
C LEU K 285 68.90 -27.19 -18.47
N THR K 286 67.80 -26.51 -18.82
CA THR K 286 67.24 -25.49 -17.95
C THR K 286 66.66 -26.15 -16.71
N ALA K 287 65.90 -27.22 -16.93
CA ALA K 287 65.28 -27.97 -15.85
C ALA K 287 66.29 -28.84 -15.12
N GLY K 288 67.29 -29.31 -15.86
CA GLY K 288 68.25 -30.28 -15.34
C GLY K 288 69.19 -29.74 -14.30
N SER K 289 69.42 -28.42 -14.36
CA SER K 289 70.48 -27.78 -13.60
C SER K 289 70.05 -27.21 -12.27
N VAL K 290 68.83 -27.52 -11.86
CA VAL K 290 68.25 -26.84 -10.72
C VAL K 290 68.57 -27.60 -9.43
N ASP K 291 67.84 -28.68 -9.15
CA ASP K 291 67.94 -29.42 -7.88
C ASP K 291 69.28 -30.14 -7.75
N THR K 292 69.63 -30.85 -8.81
CA THR K 292 70.82 -31.69 -8.83
C THR K 292 72.09 -30.93 -8.50
N THR K 293 72.19 -29.69 -8.95
CA THR K 293 73.34 -28.87 -8.60
C THR K 293 73.20 -28.44 -7.14
N ALA K 294 72.03 -27.96 -6.75
CA ALA K 294 71.85 -27.32 -5.44
C ALA K 294 71.91 -28.25 -4.22
N PHE K 295 71.54 -29.51 -4.39
CA PHE K 295 71.42 -30.41 -3.23
C PHE K 295 72.74 -30.96 -2.67
N PRO K 296 73.68 -31.35 -3.55
CA PRO K 296 75.00 -31.61 -3.00
C PRO K 296 75.59 -30.33 -2.41
N LEU K 297 75.38 -29.21 -3.10
CA LEU K 297 75.88 -27.90 -2.69
C LEU K 297 75.41 -27.56 -1.29
N LEU K 298 74.15 -27.89 -1.01
CA LEU K 298 73.61 -27.63 0.31
C LEU K 298 74.08 -28.68 1.31
N MET K 299 74.34 -29.89 0.84
CA MET K 299 74.78 -30.96 1.73
C MET K 299 76.24 -30.78 2.12
N THR K 300 77.04 -30.28 1.17
CA THR K 300 78.40 -29.85 1.45
C THR K 300 78.38 -28.80 2.57
N LEU K 301 77.53 -27.77 2.41
CA LEU K 301 77.42 -26.71 3.44
C LEU K 301 77.05 -27.26 4.81
N PHE K 302 76.24 -28.32 4.83
CA PHE K 302 75.93 -29.01 6.06
C PHE K 302 77.17 -29.71 6.64
N GLU K 303 77.69 -30.72 5.95
CA GLU K 303 78.84 -31.48 6.47
C GLU K 303 80.02 -30.60 6.88
N LEU K 304 80.24 -29.49 6.16
CA LEU K 304 81.30 -28.52 6.50
C LEU K 304 81.07 -27.82 7.81
N ALA K 305 79.80 -27.54 8.13
CA ALA K 305 79.48 -26.91 9.40
C ALA K 305 79.61 -27.94 10.49
N ARG K 306 79.30 -29.17 10.14
CA ARG K 306 79.35 -30.32 11.03
C ARG K 306 80.80 -30.56 11.44
N ASN K 307 81.69 -30.42 10.47
CA ASN K 307 83.13 -30.58 10.67
C ASN K 307 83.90 -29.25 10.50
N PRO K 308 83.99 -28.43 11.58
CA PRO K 308 84.58 -27.08 11.47
C PRO K 308 86.08 -27.13 11.21
N ASP K 309 86.68 -28.28 11.55
CA ASP K 309 88.12 -28.52 11.48
C ASP K 309 88.52 -29.01 10.09
N VAL K 310 87.66 -29.84 9.49
CA VAL K 310 87.79 -30.20 8.07
C VAL K 310 87.43 -29.00 7.17
N GLN K 311 86.61 -28.10 7.71
CA GLN K 311 86.24 -26.85 7.06
C GLN K 311 87.43 -25.91 6.99
N GLN K 312 88.20 -25.88 8.09
CA GLN K 312 89.40 -25.05 8.20
C GLN K 312 90.48 -25.42 7.17
N ILE K 313 90.68 -26.72 6.96
CA ILE K 313 91.58 -27.21 5.93
C ILE K 313 91.17 -26.63 4.57
N LEU K 314 89.86 -26.55 4.35
CA LEU K 314 89.29 -26.01 3.11
C LEU K 314 89.47 -24.50 2.96
N ARG K 315 89.21 -23.77 4.04
CA ARG K 315 89.35 -22.31 4.02
C ARG K 315 90.75 -21.89 3.64
N GLN K 316 91.76 -22.59 4.16
CA GLN K 316 93.14 -22.20 3.89
C GLN K 316 93.63 -22.46 2.45
N GLU K 317 93.03 -23.41 1.74
CA GLU K 317 93.43 -23.64 0.33
C GLU K 317 92.74 -22.65 -0.61
N SER K 318 91.67 -22.02 -0.14
CA SER K 318 90.91 -21.07 -0.94
C SER K 318 91.36 -19.64 -0.65
N LEU K 319 91.86 -19.43 0.56
CA LEU K 319 92.50 -18.19 0.93
C LEU K 319 93.85 -18.08 0.20
N ALA K 320 94.53 -19.23 0.09
CA ALA K 320 95.85 -19.34 -0.55
C ALA K 320 95.82 -19.25 -2.08
N ALA K 321 94.73 -19.71 -2.68
CA ALA K 321 94.54 -19.58 -4.12
C ALA K 321 93.78 -18.30 -4.46
N ALA K 322 93.07 -17.76 -3.47
CA ALA K 322 92.24 -16.54 -3.61
C ALA K 322 92.73 -15.59 -4.70
N ALA K 323 94.01 -15.22 -4.63
CA ALA K 323 94.61 -14.28 -5.58
C ALA K 323 94.52 -14.72 -7.05
N SER K 324 94.87 -15.98 -7.34
CA SER K 324 94.88 -16.46 -8.74
C SER K 324 93.48 -16.78 -9.31
N ILE K 325 92.47 -16.82 -8.45
CA ILE K 325 91.09 -17.05 -8.89
C ILE K 325 90.38 -15.73 -9.22
N SER K 326 90.73 -14.65 -8.54
CA SER K 326 90.20 -13.34 -8.88
C SER K 326 90.87 -12.74 -10.12
N GLU K 327 91.97 -13.36 -10.56
CA GLU K 327 92.70 -12.93 -11.76
C GLU K 327 92.06 -13.50 -13.02
N HIS K 328 92.22 -14.80 -13.19
CA HIS K 328 91.39 -15.55 -14.13
C HIS K 328 90.84 -16.77 -13.41
N PRO K 329 89.52 -16.76 -13.16
CA PRO K 329 88.74 -17.75 -12.40
C PRO K 329 88.92 -19.21 -12.82
N GLN K 330 89.15 -19.46 -14.10
CA GLN K 330 89.13 -20.81 -14.69
C GLN K 330 89.94 -21.85 -13.89
N LYS K 331 91.07 -21.41 -13.34
CA LYS K 331 91.99 -22.25 -12.56
C LYS K 331 91.40 -22.74 -11.23
N ALA K 332 90.11 -22.51 -11.03
CA ALA K 332 89.44 -22.92 -9.80
C ALA K 332 89.35 -24.44 -9.66
N THR K 333 89.27 -25.12 -10.79
CA THR K 333 89.14 -26.59 -10.80
C THR K 333 90.48 -27.31 -10.70
N THR K 334 91.56 -26.55 -10.80
CA THR K 334 92.92 -27.15 -10.76
C THR K 334 93.70 -26.77 -9.50
N GLU K 335 93.34 -25.64 -8.89
CA GLU K 335 94.04 -25.11 -7.73
C GLU K 335 93.30 -25.33 -6.39
N LEU K 336 92.08 -25.85 -6.46
CA LEU K 336 91.32 -26.19 -5.24
C LEU K 336 90.95 -27.68 -5.22
N PRO K 337 91.95 -28.58 -5.30
CA PRO K 337 91.60 -29.98 -5.46
C PRO K 337 91.09 -30.61 -4.17
N LEU K 338 91.53 -30.09 -3.02
CA LEU K 338 91.03 -30.56 -1.73
C LEU K 338 89.56 -30.21 -1.54
N LEU K 339 89.14 -29.08 -2.13
CA LEU K 339 87.74 -28.66 -2.17
C LEU K 339 86.92 -29.58 -3.07
N ARG K 340 87.38 -29.77 -4.31
CA ARG K 340 86.71 -30.67 -5.26
C ARG K 340 86.55 -32.05 -4.65
N ALA K 341 87.47 -32.40 -3.75
CA ALA K 341 87.46 -33.70 -3.09
C ALA K 341 86.32 -33.75 -2.10
N ALA K 342 86.15 -32.67 -1.35
CA ALA K 342 85.07 -32.58 -0.41
C ALA K 342 83.75 -32.79 -1.14
N LEU K 343 83.59 -32.12 -2.28
CA LEU K 343 82.45 -32.35 -3.17
C LEU K 343 82.14 -33.82 -3.33
N LYS K 344 83.17 -34.57 -3.77
CA LYS K 344 83.05 -35.99 -4.05
C LYS K 344 82.76 -36.77 -2.77
N GLU K 345 83.25 -36.25 -1.65
CA GLU K 345 82.98 -36.82 -0.34
C GLU K 345 81.52 -36.61 0.10
N THR K 346 80.92 -35.52 -0.38
CA THR K 346 79.47 -35.29 -0.25
C THR K 346 78.69 -36.25 -1.14
N LEU K 347 79.09 -36.31 -2.41
CA LEU K 347 78.45 -37.16 -3.41
C LEU K 347 78.73 -38.66 -3.21
N ARG K 348 79.48 -38.97 -2.16
CA ARG K 348 79.64 -40.36 -1.72
C ARG K 348 78.63 -40.63 -0.61
N LEU K 349 78.49 -39.68 0.31
CA LEU K 349 77.52 -39.81 1.37
C LEU K 349 76.11 -39.53 0.87
N TYR K 350 75.92 -38.37 0.23
CA TYR K 350 74.59 -37.98 -0.27
C TYR K 350 74.61 -37.73 -1.80
N PRO K 351 74.47 -38.80 -2.60
CA PRO K 351 74.40 -38.62 -4.05
C PRO K 351 72.98 -38.31 -4.52
N VAL K 352 72.82 -37.30 -5.36
CA VAL K 352 71.51 -36.83 -5.82
C VAL K 352 70.88 -37.87 -6.74
N GLY K 353 71.57 -38.17 -7.84
CA GLY K 353 71.26 -39.33 -8.64
C GLY K 353 71.55 -40.52 -7.72
N LEU K 354 70.53 -41.32 -7.46
CA LEU K 354 70.65 -42.46 -6.57
C LEU K 354 71.53 -43.54 -7.19
N PHE K 355 71.13 -44.06 -8.36
CA PHE K 355 71.83 -45.17 -9.00
C PHE K 355 72.20 -44.93 -10.48
N LEU K 356 72.97 -45.86 -11.05
CA LEU K 356 73.31 -45.79 -12.47
C LEU K 356 72.60 -46.90 -13.23
N GLU K 357 72.62 -46.82 -14.56
CA GLU K 357 71.75 -47.67 -15.35
C GLU K 357 72.31 -47.98 -16.74
N ARG K 358 72.18 -49.24 -17.16
CA ARG K 358 72.46 -49.63 -18.54
C ARG K 358 71.56 -50.80 -18.98
N VAL K 359 71.02 -50.71 -20.20
CA VAL K 359 70.38 -51.84 -20.88
C VAL K 359 71.42 -52.49 -21.80
N VAL K 360 72.27 -53.35 -21.23
CA VAL K 360 73.43 -53.90 -21.93
C VAL K 360 73.05 -54.72 -23.18
N SER K 361 73.76 -54.48 -24.28
CA SER K 361 73.43 -55.09 -25.57
C SER K 361 74.24 -56.36 -25.90
N SER K 362 75.22 -56.68 -25.05
CA SER K 362 76.06 -57.88 -25.21
C SER K 362 76.15 -58.75 -23.95
N ASP K 363 76.60 -59.99 -24.14
CA ASP K 363 76.93 -60.86 -23.03
C ASP K 363 78.14 -60.28 -22.30
N LEU K 364 78.12 -60.42 -20.97
CA LEU K 364 79.27 -60.07 -20.13
C LEU K 364 79.19 -60.87 -18.84
N VAL K 365 80.19 -60.69 -17.99
CA VAL K 365 80.25 -61.34 -16.68
C VAL K 365 80.59 -60.30 -15.61
N LEU K 366 79.78 -60.27 -14.54
CA LEU K 366 80.07 -59.45 -13.38
C LEU K 366 79.94 -60.31 -12.13
N GLN K 367 80.83 -60.09 -11.17
CA GLN K 367 80.84 -60.82 -9.89
C GLN K 367 80.69 -62.34 -10.03
N ASN K 368 81.27 -62.88 -11.11
CA ASN K 368 81.30 -64.32 -11.41
C ASN K 368 80.00 -64.91 -11.99
N TYR K 369 79.10 -64.05 -12.50
CA TYR K 369 77.82 -64.51 -13.04
C TYR K 369 77.61 -64.16 -14.51
N HIS K 370 76.91 -65.05 -15.19
CA HIS K 370 76.49 -64.86 -16.57
C HIS K 370 75.52 -63.68 -16.58
N ILE K 371 75.92 -62.62 -17.29
CA ILE K 371 75.06 -61.47 -17.51
C ILE K 371 74.82 -61.38 -19.02
N PRO K 372 73.67 -61.91 -19.48
CA PRO K 372 73.35 -62.01 -20.90
C PRO K 372 72.93 -60.68 -21.52
N ALA K 373 72.59 -60.75 -22.81
CA ALA K 373 72.07 -59.60 -23.56
C ALA K 373 70.77 -59.11 -22.94
N GLY K 374 70.55 -57.79 -23.05
CA GLY K 374 69.27 -57.16 -22.74
C GLY K 374 68.91 -57.08 -21.27
N THR K 375 69.90 -57.17 -20.40
CA THR K 375 69.65 -57.13 -18.96
C THR K 375 69.85 -55.71 -18.42
N LEU K 376 68.93 -55.28 -17.55
CA LEU K 376 69.04 -53.99 -16.92
C LEU K 376 70.01 -54.09 -15.75
N VAL K 377 71.17 -53.43 -15.89
CA VAL K 377 72.14 -53.38 -14.81
C VAL K 377 71.97 -52.06 -14.11
N GLN K 378 71.79 -52.11 -12.80
CA GLN K 378 71.60 -50.91 -11.98
C GLN K 378 72.63 -50.75 -10.88
N VAL K 379 73.62 -49.89 -11.12
CA VAL K 379 74.65 -49.57 -10.15
C VAL K 379 74.09 -48.69 -9.03
N PHE K 380 73.63 -49.31 -7.96
CA PHE K 380 73.00 -48.61 -6.84
C PHE K 380 74.00 -47.81 -6.00
N LEU K 381 74.14 -46.53 -6.31
CA LEU K 381 75.22 -45.68 -5.78
C LEU K 381 75.19 -45.38 -4.30
N TYR K 382 74.05 -45.50 -3.65
CA TYR K 382 74.01 -45.21 -2.22
C TYR K 382 74.93 -46.17 -1.47
N SER K 383 74.74 -47.47 -1.73
CA SER K 383 75.46 -48.54 -1.06
C SER K 383 76.95 -48.62 -1.45
N LEU K 384 77.24 -48.49 -2.74
CA LEU K 384 78.61 -48.47 -3.28
C LEU K 384 79.57 -47.64 -2.43
N GLY K 385 79.20 -46.38 -2.17
CA GLY K 385 80.05 -45.45 -1.46
C GLY K 385 79.90 -45.48 0.04
N ARG K 386 78.92 -46.25 0.53
CA ARG K 386 78.66 -46.34 1.97
C ARG K 386 78.88 -47.76 2.58
N ASN K 387 79.75 -48.54 1.94
CA ASN K 387 80.01 -49.93 2.32
C ASN K 387 81.11 -50.12 3.36
N ALA K 388 81.22 -51.34 3.89
CA ALA K 388 82.31 -51.69 4.80
C ALA K 388 83.67 -51.71 4.08
N ALA K 389 83.84 -52.66 3.16
CA ALA K 389 85.14 -53.00 2.56
C ALA K 389 85.96 -51.86 1.90
N LEU K 390 85.35 -51.08 0.99
CA LEU K 390 86.12 -50.13 0.16
C LEU K 390 86.25 -48.72 0.74
N PHE K 391 85.37 -48.38 1.67
CA PHE K 391 85.44 -47.09 2.35
C PHE K 391 85.44 -47.32 3.87
N PRO K 392 86.60 -47.10 4.51
CA PRO K 392 86.75 -47.40 5.94
C PRO K 392 86.07 -46.32 6.81
N ARG K 393 85.10 -46.76 7.62
CA ARG K 393 84.10 -45.87 8.28
C ARG K 393 83.43 -44.92 7.28
N PRO K 394 82.27 -45.35 6.75
CA PRO K 394 81.55 -44.61 5.72
C PRO K 394 80.89 -43.35 6.26
N GLU K 395 79.99 -43.48 7.25
CA GLU K 395 79.38 -42.33 7.93
C GLU K 395 80.48 -41.62 8.71
N ARG K 396 81.29 -40.88 7.96
CA ARG K 396 82.47 -40.18 8.43
C ARG K 396 82.92 -39.35 7.23
N TYR K 397 82.77 -38.04 7.36
CA TYR K 397 83.01 -37.13 6.26
C TYR K 397 84.48 -36.72 6.18
N ASN K 398 85.26 -37.40 5.35
CA ASN K 398 86.68 -37.14 5.25
C ASN K 398 87.20 -37.08 3.81
N PRO K 399 87.45 -35.86 3.29
CA PRO K 399 88.05 -35.64 1.95
C PRO K 399 89.50 -36.12 1.85
N GLN K 400 90.06 -36.60 2.96
CA GLN K 400 91.41 -37.13 3.00
C GLN K 400 91.53 -38.52 2.34
N ARG K 401 90.46 -39.30 2.39
CA ARG K 401 90.42 -40.59 1.68
C ARG K 401 90.34 -40.40 0.16
N TRP K 402 90.21 -39.14 -0.27
CA TRP K 402 90.02 -38.80 -1.68
C TRP K 402 91.27 -38.33 -2.39
N LEU K 403 91.61 -37.04 -2.25
CA LEU K 403 92.64 -36.39 -3.09
C LEU K 403 93.99 -37.11 -3.12
N ASP K 404 94.32 -37.80 -2.03
CA ASP K 404 95.55 -38.60 -1.92
C ASP K 404 95.62 -39.70 -2.99
N ILE K 405 94.64 -40.60 -2.99
CA ILE K 405 94.61 -41.77 -3.90
C ILE K 405 94.48 -41.44 -5.40
N ARG K 406 95.63 -41.21 -6.05
CA ARG K 406 95.73 -41.11 -7.50
C ARG K 406 96.08 -42.48 -8.07
N GLY K 407 95.71 -43.53 -7.32
CA GLY K 407 95.81 -44.90 -7.80
C GLY K 407 94.68 -45.13 -8.78
N SER K 408 95.05 -45.34 -10.05
CA SER K 408 94.07 -45.53 -11.14
C SER K 408 93.20 -46.77 -10.94
N GLY K 409 93.66 -47.69 -10.09
CA GLY K 409 92.87 -48.85 -9.66
C GLY K 409 91.83 -48.43 -8.63
N ARG K 410 91.32 -47.22 -8.81
CA ARG K 410 90.18 -46.70 -8.07
C ARG K 410 89.20 -46.06 -9.06
N ASN K 411 89.72 -45.20 -9.94
CA ASN K 411 88.95 -44.45 -10.98
C ASN K 411 87.41 -44.59 -11.02
N PHE K 412 86.91 -45.80 -11.25
CA PHE K 412 85.47 -46.06 -11.22
C PHE K 412 84.92 -46.12 -9.78
N HIS K 413 85.47 -45.27 -8.92
CA HIS K 413 85.11 -45.15 -7.50
C HIS K 413 84.30 -43.86 -7.27
N HIS K 414 84.74 -42.77 -7.92
CA HIS K 414 83.97 -41.54 -8.06
C HIS K 414 83.31 -41.60 -9.44
N VAL K 415 82.07 -42.07 -9.46
CA VAL K 415 81.26 -42.01 -10.69
C VAL K 415 79.82 -41.50 -10.48
N PRO K 416 79.61 -40.51 -9.60
CA PRO K 416 78.23 -40.15 -9.30
C PRO K 416 77.59 -39.34 -10.44
N PHE K 417 78.38 -39.06 -11.47
CA PHE K 417 77.92 -38.45 -12.72
C PHE K 417 77.72 -39.52 -13.79
N GLY K 418 77.95 -40.77 -13.41
CA GLY K 418 77.94 -41.87 -14.36
C GLY K 418 79.33 -42.11 -14.94
N PHE K 419 79.37 -42.59 -16.17
CA PHE K 419 80.62 -42.98 -16.80
C PHE K 419 80.48 -43.07 -18.32
N GLY K 420 81.60 -43.29 -19.00
CA GLY K 420 81.62 -43.48 -20.45
C GLY K 420 81.02 -42.30 -21.19
N MET K 421 80.67 -42.53 -22.47
CA MET K 421 80.14 -41.48 -23.34
C MET K 421 78.81 -40.85 -22.84
N ARG K 422 78.06 -41.59 -22.04
CA ARG K 422 76.73 -41.19 -21.60
C ARG K 422 76.68 -40.39 -20.30
N GLN K 423 77.83 -39.94 -19.80
CA GLN K 423 77.84 -39.36 -18.46
C GLN K 423 77.35 -37.91 -18.44
N CYS K 424 76.89 -37.48 -17.28
CA CYS K 424 76.31 -36.16 -17.06
C CYS K 424 76.89 -35.12 -17.99
N LEU K 425 76.03 -34.51 -18.80
CA LEU K 425 76.47 -33.52 -19.78
C LEU K 425 76.75 -32.15 -19.15
N GLY K 426 76.08 -31.86 -18.06
CA GLY K 426 76.32 -30.63 -17.32
C GLY K 426 77.15 -30.83 -16.07
N ARG K 427 78.05 -31.83 -16.12
CA ARG K 427 78.99 -32.11 -15.04
C ARG K 427 79.94 -30.94 -14.88
N ARG K 428 80.63 -30.58 -15.95
CA ARG K 428 81.59 -29.49 -15.89
C ARG K 428 80.90 -28.12 -15.72
N LEU K 429 79.57 -28.13 -15.68
CA LEU K 429 78.80 -26.95 -15.27
C LEU K 429 78.38 -27.03 -13.79
N ALA K 430 77.87 -28.19 -13.39
CA ALA K 430 77.47 -28.44 -11.99
C ALA K 430 78.64 -28.31 -11.02
N GLU K 431 79.81 -28.75 -11.45
CA GLU K 431 81.06 -28.64 -10.69
C GLU K 431 81.63 -27.21 -10.73
N ALA K 432 81.36 -26.48 -11.82
CA ALA K 432 81.72 -25.06 -11.85
C ALA K 432 80.91 -24.32 -10.80
N GLU K 433 79.61 -24.61 -10.76
CA GLU K 433 78.69 -23.95 -9.86
C GLU K 433 78.96 -24.28 -8.41
N MET K 434 79.16 -25.55 -8.11
CA MET K 434 79.41 -25.97 -6.74
C MET K 434 80.75 -25.47 -6.18
N LEU K 435 81.82 -25.53 -6.97
CA LEU K 435 83.12 -25.11 -6.47
C LEU K 435 83.18 -23.62 -6.27
N LEU K 436 82.78 -22.85 -7.28
CA LEU K 436 82.82 -21.41 -7.17
C LEU K 436 82.03 -20.90 -5.97
N LEU K 437 80.77 -21.32 -5.84
CA LEU K 437 79.99 -20.82 -4.74
C LEU K 437 80.74 -21.05 -3.46
N LEU K 438 81.01 -22.32 -3.17
CA LEU K 438 81.70 -22.72 -1.94
C LEU K 438 83.08 -22.11 -1.80
N HIS K 439 83.72 -21.79 -2.92
CA HIS K 439 84.99 -21.05 -2.89
C HIS K 439 84.74 -19.70 -2.24
N HIS K 440 83.76 -18.97 -2.76
CA HIS K 440 83.48 -17.61 -2.32
C HIS K 440 82.83 -17.50 -0.94
N VAL K 441 82.07 -18.52 -0.55
CA VAL K 441 81.48 -18.56 0.79
C VAL K 441 82.58 -18.69 1.83
N LEU K 442 83.44 -19.69 1.59
CA LEU K 442 84.52 -20.05 2.51
C LEU K 442 85.48 -18.92 2.81
N LYS K 443 85.72 -18.04 1.85
CA LYS K 443 86.67 -16.92 2.09
C LYS K 443 86.09 -15.68 2.78
N HIS K 444 84.80 -15.72 3.13
CA HIS K 444 84.18 -14.57 3.77
C HIS K 444 83.46 -14.98 5.06
N PHE K 445 83.11 -16.25 5.17
CA PHE K 445 82.27 -16.71 6.26
C PHE K 445 82.73 -17.98 6.95
N LEU K 446 82.43 -18.06 8.24
CA LEU K 446 82.54 -19.29 9.03
C LEU K 446 81.16 -19.97 9.14
N VAL K 447 81.07 -21.23 8.73
CA VAL K 447 79.80 -21.95 8.82
C VAL K 447 79.74 -22.85 10.05
N GLU K 448 78.73 -22.62 10.90
CA GLU K 448 78.61 -23.30 12.18
C GLU K 448 77.18 -23.77 12.40
N THR K 449 77.00 -25.05 12.76
CA THR K 449 75.68 -25.57 13.13
C THR K 449 75.69 -26.09 14.55
N LEU K 450 74.57 -25.91 15.23
CA LEU K 450 74.34 -26.55 16.50
C LEU K 450 73.47 -27.79 16.25
N THR K 451 72.97 -27.91 15.02
CA THR K 451 72.28 -29.12 14.57
C THR K 451 73.32 -30.19 14.19
N GLN K 452 73.64 -31.06 15.14
CA GLN K 452 74.69 -32.05 14.93
C GLN K 452 74.14 -33.41 14.45
N GLU K 453 72.90 -33.72 14.85
CA GLU K 453 72.19 -34.95 14.45
C GLU K 453 72.18 -35.22 12.93
N ASP K 454 71.89 -36.47 12.56
CA ASP K 454 71.85 -36.89 11.15
C ASP K 454 70.71 -36.22 10.40
N ILE K 455 70.96 -35.90 9.13
CA ILE K 455 69.90 -35.46 8.23
C ILE K 455 69.53 -36.59 7.27
N LYS K 456 68.30 -37.08 7.43
CA LYS K 456 67.74 -38.14 6.60
C LYS K 456 67.76 -37.79 5.11
N MET K 457 67.71 -38.83 4.27
CA MET K 457 67.54 -38.65 2.84
C MET K 457 66.18 -39.18 2.44
N VAL K 458 65.68 -38.74 1.27
CA VAL K 458 64.39 -39.16 0.74
C VAL K 458 64.51 -39.41 -0.77
N TYR K 459 64.07 -40.59 -1.23
CA TYR K 459 64.08 -40.86 -2.67
C TYR K 459 62.82 -40.36 -3.36
N SER K 460 62.97 -39.32 -4.18
CA SER K 460 61.89 -38.93 -5.08
C SER K 460 62.48 -38.80 -6.47
N PHE K 461 62.68 -39.95 -7.10
CA PHE K 461 63.40 -40.08 -8.37
C PHE K 461 64.86 -39.72 -8.22
N ILE K 462 65.11 -38.59 -7.56
CA ILE K 462 66.42 -38.23 -7.07
C ILE K 462 66.44 -38.42 -5.55
N LEU K 463 67.65 -38.52 -5.02
CA LEU K 463 67.89 -38.60 -3.58
C LEU K 463 68.11 -37.20 -3.08
N ARG K 464 67.39 -36.85 -2.01
CA ARG K 464 67.37 -35.47 -1.53
C ARG K 464 67.05 -35.38 -0.03
N PRO K 465 67.68 -34.41 0.67
CA PRO K 465 67.52 -34.25 2.12
C PRO K 465 66.11 -33.90 2.53
N GLY K 466 65.74 -34.35 3.73
CA GLY K 466 64.40 -34.21 4.26
C GLY K 466 64.12 -32.85 4.84
N THR K 467 65.12 -32.25 5.47
CA THR K 467 64.98 -30.94 6.10
C THR K 467 66.27 -30.15 6.02
N SER K 468 66.20 -28.91 6.49
CA SER K 468 67.31 -27.97 6.40
C SER K 468 67.59 -27.32 7.76
N PRO K 469 68.82 -27.52 8.27
CA PRO K 469 69.12 -27.01 9.59
C PRO K 469 69.42 -25.51 9.52
N LEU K 470 69.31 -24.86 10.67
CA LEU K 470 69.69 -23.47 10.77
C LEU K 470 71.21 -23.43 10.66
N LEU K 471 71.70 -22.78 9.61
CA LEU K 471 73.12 -22.55 9.49
C LEU K 471 73.44 -21.10 9.82
N THR K 472 74.39 -20.89 10.71
CA THR K 472 74.94 -19.55 10.94
C THR K 472 76.06 -19.28 9.95
N PHE K 473 76.05 -18.10 9.35
CA PHE K 473 77.17 -17.62 8.56
C PHE K 473 77.79 -16.43 9.28
N ARG K 474 79.06 -16.56 9.67
CA ARG K 474 79.84 -15.50 10.36
C ARG K 474 80.91 -14.91 9.44
N ALA K 475 80.96 -13.58 9.38
CA ALA K 475 81.89 -12.88 8.49
C ALA K 475 83.30 -12.82 9.06
N ILE K 476 84.25 -12.31 8.27
CA ILE K 476 85.65 -12.12 8.70
C ILE K 476 86.24 -10.77 8.27
N LEU L 10 -10.99 0.71 -38.36
CA LEU L 10 -10.91 -0.58 -39.09
C LEU L 10 -9.51 -1.22 -39.17
N PRO L 11 -8.43 -0.44 -39.40
CA PRO L 11 -7.11 -1.10 -39.48
C PRO L 11 -6.62 -1.77 -38.20
N PHE L 12 -5.74 -2.75 -38.36
CA PHE L 12 -5.21 -3.54 -37.25
C PHE L 12 -4.43 -2.68 -36.26
N GLU L 13 -3.41 -1.97 -36.76
CA GLU L 13 -2.48 -1.19 -35.92
C GLU L 13 -3.23 -0.11 -35.11
N ALA L 14 -4.52 0.08 -35.43
CA ALA L 14 -5.41 1.02 -34.73
C ALA L 14 -6.23 0.33 -33.62
N MET L 15 -5.74 -0.83 -33.18
CA MET L 15 -6.32 -1.56 -32.06
C MET L 15 -5.96 -0.91 -30.72
N PRO L 16 -6.80 -1.12 -29.68
CA PRO L 16 -6.34 -0.82 -28.34
C PRO L 16 -5.15 -1.74 -28.02
N GLN L 17 -4.12 -1.20 -27.38
CA GLN L 17 -2.94 -2.00 -27.11
C GLN L 17 -2.64 -2.17 -25.62
N HIS L 18 -2.29 -3.40 -25.25
CA HIS L 18 -1.97 -3.75 -23.88
C HIS L 18 -0.65 -3.12 -23.44
N PRO L 19 -0.68 -2.28 -22.38
CA PRO L 19 0.57 -1.67 -21.88
C PRO L 19 1.62 -2.72 -21.47
N GLY L 20 2.90 -2.45 -21.78
CA GLY L 20 3.99 -3.31 -21.34
C GLY L 20 4.55 -4.23 -22.40
N ASN L 21 5.78 -3.95 -22.83
CA ASN L 21 6.46 -4.65 -23.95
C ASN L 21 6.90 -6.09 -23.62
N ARG L 22 7.58 -6.73 -24.59
CA ARG L 22 8.06 -8.12 -24.45
C ARG L 22 8.58 -8.41 -23.04
N TRP L 23 9.28 -7.43 -22.46
CA TRP L 23 9.96 -7.56 -21.16
C TRP L 23 9.05 -7.75 -19.93
N LEU L 24 7.75 -7.49 -20.07
CA LEU L 24 6.79 -7.71 -18.97
C LEU L 24 6.49 -9.20 -18.74
N ARG L 25 6.47 -9.98 -19.81
CA ARG L 25 6.25 -11.41 -19.71
C ARG L 25 7.40 -12.05 -18.95
N LEU L 26 8.63 -11.79 -19.40
CA LEU L 26 9.82 -12.37 -18.81
C LEU L 26 10.19 -11.78 -17.44
N LEU L 27 9.73 -10.55 -17.17
CA LEU L 27 9.90 -9.93 -15.84
C LEU L 27 9.21 -10.78 -14.80
N GLN L 28 7.91 -10.98 -14.99
CA GLN L 28 7.09 -11.78 -14.08
C GLN L 28 7.61 -13.21 -13.93
N ILE L 29 7.92 -13.86 -15.06
CA ILE L 29 8.40 -15.25 -15.05
C ILE L 29 9.60 -15.45 -14.13
N TRP L 30 10.59 -14.56 -14.27
CA TRP L 30 11.84 -14.68 -13.54
C TRP L 30 11.80 -14.11 -12.13
N ARG L 31 10.85 -13.20 -11.90
CA ARG L 31 10.61 -12.57 -10.60
C ARG L 31 10.00 -13.55 -9.59
N GLU L 32 9.19 -14.48 -10.10
CA GLU L 32 8.36 -15.39 -9.28
C GLU L 32 8.39 -16.87 -9.72
N GLN L 33 9.00 -17.17 -10.86
CA GLN L 33 9.00 -18.52 -11.49
C GLN L 33 7.57 -18.99 -11.86
N GLY L 34 6.77 -18.06 -12.38
CA GLY L 34 5.38 -18.33 -12.76
C GLY L 34 4.60 -17.08 -13.10
N TYR L 35 3.33 -17.27 -13.46
CA TYR L 35 2.40 -16.18 -13.79
C TYR L 35 1.06 -16.55 -13.17
N GLU L 36 1.07 -16.71 -11.85
CA GLU L 36 -0.08 -17.21 -11.07
C GLU L 36 -1.40 -16.48 -11.38
N HIS L 37 -1.26 -15.24 -11.82
CA HIS L 37 -2.35 -14.28 -11.94
C HIS L 37 -2.63 -13.80 -13.37
N LEU L 38 -2.20 -14.56 -14.39
CA LEU L 38 -2.45 -14.19 -15.80
C LEU L 38 -3.94 -13.96 -16.10
N HIS L 39 -4.81 -14.72 -15.44
CA HIS L 39 -6.24 -14.64 -15.69
C HIS L 39 -6.84 -13.30 -15.25
N LEU L 40 -6.48 -12.86 -14.04
CA LEU L 40 -7.03 -11.65 -13.44
C LEU L 40 -6.55 -10.42 -14.19
N GLU L 41 -5.28 -10.44 -14.56
CA GLU L 41 -4.66 -9.36 -15.30
C GLU L 41 -5.41 -9.18 -16.63
N MET L 42 -5.36 -10.18 -17.51
CA MET L 42 -6.15 -10.16 -18.74
C MET L 42 -7.61 -9.76 -18.52
N HIS L 43 -8.21 -10.25 -17.43
CA HIS L 43 -9.61 -9.93 -17.08
C HIS L 43 -9.81 -8.41 -16.94
N GLN L 44 -8.87 -7.75 -16.27
CA GLN L 44 -9.03 -6.33 -16.03
C GLN L 44 -8.58 -5.50 -17.21
N THR L 45 -7.63 -6.03 -17.98
CA THR L 45 -7.27 -5.45 -19.27
C THR L 45 -8.48 -5.35 -20.24
N PHE L 46 -9.38 -6.34 -20.22
CA PHE L 46 -10.62 -6.27 -20.99
C PHE L 46 -11.62 -5.22 -20.50
N GLN L 47 -11.79 -5.12 -19.17
CA GLN L 47 -12.72 -4.14 -18.61
C GLN L 47 -12.19 -2.69 -18.63
N GLU L 48 -10.90 -2.55 -18.93
CA GLU L 48 -10.26 -1.24 -19.12
C GLU L 48 -10.16 -0.82 -20.59
N LEU L 49 -10.09 -1.80 -21.51
CA LEU L 49 -9.84 -1.52 -22.92
C LEU L 49 -10.92 -2.03 -23.88
N GLY L 50 -11.92 -2.71 -23.34
CA GLY L 50 -12.99 -3.31 -24.17
C GLY L 50 -12.70 -4.74 -24.61
N PRO L 51 -13.65 -5.36 -25.33
CA PRO L 51 -13.67 -6.80 -25.57
C PRO L 51 -12.71 -7.26 -26.66
N ILE L 52 -11.70 -6.44 -26.93
CA ILE L 52 -10.71 -6.68 -27.97
C ILE L 52 -9.49 -5.80 -27.69
N PHE L 53 -8.30 -6.39 -27.87
CA PHE L 53 -7.04 -5.65 -27.86
C PHE L 53 -5.89 -6.49 -28.42
N ARG L 54 -4.80 -5.83 -28.81
CA ARG L 54 -3.62 -6.52 -29.32
C ARG L 54 -2.48 -6.55 -28.29
N TYR L 55 -1.45 -7.32 -28.58
CA TYR L 55 -0.41 -7.62 -27.63
C TYR L 55 0.94 -7.65 -28.35
N PRO L 60 5.05 -12.75 -32.78
CA PRO L 60 4.74 -11.96 -33.98
C PRO L 60 3.74 -10.80 -33.71
N ARG L 61 2.43 -11.07 -33.84
CA ARG L 61 1.35 -10.10 -33.54
C ARG L 61 0.04 -10.79 -33.09
N MET L 62 -0.49 -10.38 -31.94
CA MET L 62 -1.48 -11.18 -31.22
C MET L 62 -2.75 -10.40 -30.91
N VAL L 63 -3.89 -11.10 -30.85
CA VAL L 63 -5.20 -10.48 -30.52
C VAL L 63 -6.01 -11.20 -29.43
N CYS L 64 -6.29 -10.49 -28.34
CA CYS L 64 -7.13 -11.00 -27.26
C CYS L 64 -8.57 -10.63 -27.49
N VAL L 65 -9.47 -11.55 -27.11
CA VAL L 65 -10.88 -11.52 -27.47
C VAL L 65 -11.70 -12.20 -26.37
N MET L 66 -12.98 -11.86 -26.22
CA MET L 66 -13.84 -12.52 -25.20
C MET L 66 -15.35 -12.44 -25.42
N LEU L 67 -15.77 -12.59 -26.67
CA LEU L 67 -17.19 -12.54 -27.00
C LEU L 67 -17.61 -13.79 -27.77
N PRO L 68 -18.81 -14.32 -27.50
CA PRO L 68 -19.29 -15.45 -28.30
C PRO L 68 -19.42 -15.06 -29.77
N GLU L 69 -19.62 -13.76 -30.00
CA GLU L 69 -19.67 -13.15 -31.34
C GLU L 69 -18.37 -13.43 -32.10
N ASP L 70 -17.26 -13.43 -31.36
CA ASP L 70 -15.93 -13.59 -31.94
C ASP L 70 -15.55 -15.08 -32.11
N VAL L 71 -15.98 -15.93 -31.19
CA VAL L 71 -15.71 -17.38 -31.27
C VAL L 71 -16.40 -18.00 -32.50
N GLU L 72 -17.62 -17.53 -32.77
CA GLU L 72 -18.37 -17.85 -33.98
C GLU L 72 -17.61 -17.47 -35.26
N LYS L 73 -17.23 -16.20 -35.37
CA LYS L 73 -16.44 -15.69 -36.49
C LYS L 73 -15.11 -16.42 -36.61
N LEU L 74 -14.68 -16.98 -35.49
CA LEU L 74 -13.45 -17.77 -35.41
C LEU L 74 -13.63 -19.19 -35.94
N GLN L 75 -14.78 -19.81 -35.68
CA GLN L 75 -15.05 -21.12 -36.25
C GLN L 75 -15.25 -21.02 -37.75
N GLN L 76 -15.81 -19.90 -38.23
CA GLN L 76 -16.21 -19.81 -39.64
C GLN L 76 -15.01 -19.76 -40.57
N VAL L 77 -13.90 -19.25 -40.04
CA VAL L 77 -12.63 -19.19 -40.75
C VAL L 77 -11.68 -20.34 -40.31
N ASP L 78 -12.13 -21.14 -39.35
CA ASP L 78 -11.57 -22.46 -39.12
C ASP L 78 -11.57 -23.14 -40.49
N SER L 79 -10.40 -23.56 -40.96
CA SER L 79 -10.38 -24.30 -42.22
C SER L 79 -10.41 -25.81 -41.96
N LEU L 80 -9.84 -26.56 -42.89
CA LEU L 80 -9.86 -28.00 -42.85
C LEU L 80 -8.77 -28.53 -41.89
N HIS L 81 -7.74 -27.71 -41.68
CA HIS L 81 -6.65 -28.03 -40.76
C HIS L 81 -6.52 -26.90 -39.74
N PRO L 82 -7.52 -26.74 -38.85
CA PRO L 82 -7.51 -25.67 -37.85
C PRO L 82 -6.21 -25.69 -37.06
N CYS L 83 -5.68 -24.50 -36.81
CA CYS L 83 -4.32 -24.44 -36.34
C CYS L 83 -4.19 -23.83 -34.95
N ARG L 84 -3.31 -24.42 -34.14
CA ARG L 84 -3.05 -23.94 -32.79
C ARG L 84 -1.58 -23.53 -32.73
N MET L 85 -1.21 -22.73 -31.72
CA MET L 85 0.21 -22.30 -31.59
C MET L 85 1.12 -23.39 -31.06
N ILE L 86 2.19 -23.68 -31.80
CA ILE L 86 3.20 -24.69 -31.42
C ILE L 86 3.60 -24.56 -29.96
N LEU L 87 3.54 -25.67 -29.21
CA LEU L 87 4.01 -25.65 -27.83
C LEU L 87 5.42 -26.25 -27.72
N GLU L 88 6.42 -25.39 -27.90
CA GLU L 88 7.83 -25.79 -27.97
C GLU L 88 8.28 -26.78 -26.89
N PRO L 89 8.06 -26.48 -25.60
CA PRO L 89 8.62 -27.39 -24.59
C PRO L 89 8.09 -28.83 -24.70
N TRP L 90 6.78 -28.97 -24.90
CA TRP L 90 6.16 -30.27 -25.07
C TRP L 90 6.67 -30.98 -26.33
N VAL L 91 6.81 -30.23 -27.41
CA VAL L 91 7.32 -30.79 -28.66
C VAL L 91 8.84 -31.09 -28.58
N ALA L 92 9.61 -30.22 -27.91
CA ALA L 92 11.04 -30.45 -27.78
C ALA L 92 11.35 -31.80 -27.11
N TYR L 93 10.52 -32.19 -26.15
CA TYR L 93 10.69 -33.46 -25.47
C TYR L 93 10.44 -34.65 -26.42
N ARG L 94 9.42 -34.55 -27.27
CA ARG L 94 9.09 -35.67 -28.15
C ARG L 94 10.08 -35.80 -29.30
N GLN L 95 10.69 -34.70 -29.73
CA GLN L 95 11.79 -34.76 -30.71
C GLN L 95 13.04 -35.37 -30.07
N HIS L 96 13.29 -35.02 -28.81
CA HIS L 96 14.46 -35.46 -28.02
C HIS L 96 14.42 -36.94 -27.67
N ARG L 97 13.24 -37.56 -27.76
CA ARG L 97 13.03 -38.97 -27.40
C ARG L 97 12.61 -39.85 -28.60
N GLY L 98 12.57 -39.28 -29.79
CA GLY L 98 12.14 -39.99 -31.00
C GLY L 98 10.71 -40.46 -30.87
N HIS L 99 9.88 -39.61 -30.26
CA HIS L 99 8.47 -39.90 -30.05
C HIS L 99 7.59 -39.07 -30.94
N LYS L 100 6.60 -39.71 -31.56
CA LYS L 100 5.60 -39.03 -32.37
C LYS L 100 4.73 -38.05 -31.53
N CYS L 101 4.13 -37.07 -32.20
CA CYS L 101 3.19 -36.15 -31.59
C CYS L 101 1.77 -36.67 -31.68
N GLY L 102 1.01 -36.42 -30.62
CA GLY L 102 -0.41 -36.79 -30.57
C GLY L 102 -1.23 -35.62 -31.07
N VAL L 103 -2.53 -35.86 -31.21
CA VAL L 103 -3.46 -34.85 -31.72
C VAL L 103 -3.38 -33.47 -31.01
N PHE L 104 -3.06 -33.45 -29.71
CA PHE L 104 -2.98 -32.20 -28.97
C PHE L 104 -1.83 -31.28 -29.41
N LEU L 105 -0.69 -31.84 -29.75
CA LEU L 105 0.45 -31.03 -30.14
C LEU L 105 0.55 -30.90 -31.65
N LEU L 106 -0.19 -31.72 -32.39
CA LEU L 106 -0.15 -31.72 -33.85
C LEU L 106 -0.76 -30.47 -34.47
N ASN L 107 -0.49 -30.30 -35.77
CA ASN L 107 -1.05 -29.23 -36.60
C ASN L 107 -1.11 -29.70 -38.04
N GLY L 108 -1.91 -29.03 -38.86
CA GLY L 108 -1.99 -29.37 -40.28
C GLY L 108 -2.53 -30.76 -40.59
N PRO L 109 -2.13 -31.34 -41.73
CA PRO L 109 -2.80 -32.53 -42.27
C PRO L 109 -2.53 -33.82 -41.50
N GLU L 110 -1.41 -33.88 -40.80
CA GLU L 110 -1.13 -35.01 -39.90
C GLU L 110 -1.99 -34.91 -38.60
N TRP L 111 -2.45 -33.72 -38.25
CA TRP L 111 -3.47 -33.59 -37.22
C TRP L 111 -4.79 -34.21 -37.68
N ARG L 112 -5.21 -33.86 -38.89
CA ARG L 112 -6.51 -34.32 -39.40
C ARG L 112 -6.55 -35.84 -39.47
N PHE L 113 -5.50 -36.40 -40.06
CA PHE L 113 -5.37 -37.82 -40.25
C PHE L 113 -5.48 -38.55 -38.92
N ASN L 114 -4.80 -38.02 -37.91
CA ASN L 114 -4.91 -38.51 -36.54
C ASN L 114 -6.33 -38.35 -35.97
N ARG L 115 -6.82 -37.12 -35.91
CA ARG L 115 -8.16 -36.81 -35.34
C ARG L 115 -9.29 -37.70 -35.89
N LEU L 116 -9.34 -37.85 -37.21
CA LEU L 116 -10.40 -38.64 -37.84
C LEU L 116 -10.42 -40.12 -37.40
N ARG L 117 -9.29 -40.61 -36.92
CA ARG L 117 -9.19 -42.02 -36.58
C ARG L 117 -9.18 -42.25 -35.06
N LEU L 118 -9.48 -41.18 -34.33
CA LEU L 118 -9.66 -41.24 -32.87
C LEU L 118 -11.09 -40.88 -32.46
N ASN L 119 -11.81 -40.10 -33.27
CA ASN L 119 -13.21 -39.73 -32.94
C ASN L 119 -14.16 -40.94 -32.80
N PRO L 120 -14.08 -41.92 -33.72
CA PRO L 120 -14.98 -43.05 -33.55
C PRO L 120 -14.87 -43.73 -32.18
N ASP L 121 -13.68 -43.74 -31.57
CA ASP L 121 -13.47 -44.57 -30.34
C ASP L 121 -13.28 -43.83 -29.01
N VAL L 122 -12.88 -42.57 -29.08
CA VAL L 122 -12.65 -41.75 -27.89
C VAL L 122 -13.86 -40.87 -27.61
N LEU L 123 -14.57 -40.48 -28.67
CA LEU L 123 -15.54 -39.37 -28.59
C LEU L 123 -16.97 -39.71 -29.04
N SER L 124 -17.11 -40.58 -30.04
CA SER L 124 -18.42 -41.04 -30.52
C SER L 124 -19.43 -41.25 -29.41
N PRO L 125 -20.71 -40.97 -29.70
CA PRO L 125 -21.80 -41.48 -28.90
C PRO L 125 -21.71 -43.01 -28.77
N LYS L 126 -21.54 -43.70 -29.90
CA LYS L 126 -21.43 -45.15 -29.92
C LYS L 126 -20.32 -45.64 -28.94
N ALA L 127 -19.19 -44.93 -28.96
CA ALA L 127 -18.10 -45.18 -28.05
C ALA L 127 -18.55 -44.94 -26.60
N VAL L 128 -19.00 -43.73 -26.30
CA VAL L 128 -19.57 -43.44 -24.97
C VAL L 128 -20.48 -44.58 -24.47
N GLN L 129 -21.38 -45.08 -25.33
CA GLN L 129 -22.28 -46.16 -24.90
C GLN L 129 -21.52 -47.36 -24.34
N ARG L 130 -20.30 -47.54 -24.81
CA ARG L 130 -19.54 -48.73 -24.49
C ARG L 130 -18.69 -48.59 -23.23
N PHE L 131 -17.99 -47.48 -23.10
CA PHE L 131 -17.14 -47.24 -21.94
C PHE L 131 -17.83 -46.59 -20.73
N LEU L 132 -19.12 -46.31 -20.85
CA LEU L 132 -19.84 -45.60 -19.76
C LEU L 132 -20.16 -46.48 -18.54
N PRO L 133 -20.55 -47.75 -18.75
CA PRO L 133 -20.83 -48.60 -17.58
C PRO L 133 -19.58 -48.94 -16.77
N MET L 134 -18.40 -48.69 -17.32
CA MET L 134 -17.19 -48.97 -16.56
C MET L 134 -16.84 -47.77 -15.70
N VAL L 135 -17.09 -46.58 -16.22
CA VAL L 135 -16.98 -45.34 -15.44
C VAL L 135 -18.00 -45.39 -14.29
N ASP L 136 -19.20 -45.89 -14.57
CA ASP L 136 -20.23 -46.01 -13.54
C ASP L 136 -19.74 -46.89 -12.39
N ALA L 137 -19.16 -48.04 -12.72
CA ALA L 137 -18.60 -48.94 -11.72
C ALA L 137 -17.67 -48.19 -10.77
N VAL L 138 -16.81 -47.35 -11.33
CA VAL L 138 -15.80 -46.63 -10.53
C VAL L 138 -16.42 -45.52 -9.70
N ALA L 139 -17.43 -44.86 -10.27
CA ALA L 139 -18.18 -43.83 -9.57
C ALA L 139 -19.00 -44.44 -8.44
N ARG L 140 -19.55 -45.64 -8.66
CA ARG L 140 -20.22 -46.36 -7.60
C ARG L 140 -19.26 -46.64 -6.46
N ASP L 141 -18.15 -47.29 -6.78
CA ASP L 141 -17.14 -47.69 -5.79
C ASP L 141 -16.61 -46.55 -4.93
N PHE L 142 -16.55 -45.35 -5.51
CA PHE L 142 -16.16 -44.13 -4.80
C PHE L 142 -17.11 -43.82 -3.64
N SER L 143 -18.42 -43.79 -3.97
CA SER L 143 -19.48 -43.48 -3.00
C SER L 143 -19.67 -44.60 -2.00
N GLN L 144 -19.75 -45.83 -2.48
CA GLN L 144 -19.84 -46.95 -1.58
C GLN L 144 -18.64 -46.94 -0.60
N ALA L 145 -17.48 -46.50 -1.10
CA ALA L 145 -16.24 -46.41 -0.30
C ALA L 145 -16.30 -45.30 0.73
N LEU L 146 -16.62 -44.10 0.28
CA LEU L 146 -16.78 -42.99 1.21
C LEU L 146 -17.75 -43.37 2.32
N LYS L 147 -18.92 -43.86 1.93
CA LYS L 147 -19.96 -44.30 2.85
C LYS L 147 -19.45 -45.28 3.92
N LYS L 148 -18.56 -46.19 3.55
CA LYS L 148 -18.01 -47.15 4.51
C LYS L 148 -17.23 -46.42 5.61
N LYS L 149 -16.61 -45.32 5.23
CA LYS L 149 -15.72 -44.59 6.12
C LYS L 149 -16.54 -43.65 6.97
N VAL L 150 -17.49 -43.00 6.30
CA VAL L 150 -18.40 -42.03 6.88
C VAL L 150 -19.23 -42.59 8.05
N LEU L 151 -19.54 -43.89 7.99
CA LEU L 151 -20.32 -44.56 9.03
C LEU L 151 -19.52 -45.02 10.26
N GLN L 152 -18.20 -45.07 10.10
CA GLN L 152 -17.33 -45.32 11.24
C GLN L 152 -17.26 -44.12 12.19
N ASN L 153 -17.85 -42.99 11.77
CA ASN L 153 -17.95 -41.82 12.61
C ASN L 153 -19.30 -41.72 13.32
N ALA L 154 -19.27 -41.24 14.55
CA ALA L 154 -20.46 -41.17 15.39
C ALA L 154 -21.46 -40.22 14.78
N ARG L 155 -20.96 -39.13 14.20
CA ARG L 155 -21.83 -38.15 13.54
C ARG L 155 -22.17 -38.48 12.09
N GLY L 156 -22.07 -39.75 11.71
CA GLY L 156 -22.44 -40.22 10.37
C GLY L 156 -22.02 -39.31 9.23
N SER L 157 -20.81 -38.79 9.29
CA SER L 157 -20.30 -37.84 8.32
C SER L 157 -18.76 -37.81 8.29
N LEU L 158 -18.19 -37.48 7.13
CA LEU L 158 -16.76 -37.28 7.02
C LEU L 158 -16.39 -35.95 6.37
N THR L 159 -15.39 -35.31 6.97
CA THR L 159 -15.00 -33.97 6.59
C THR L 159 -13.53 -34.06 6.24
N LEU L 160 -13.25 -33.84 4.97
CA LEU L 160 -11.89 -34.02 4.45
C LEU L 160 -11.59 -33.07 3.30
N ASP L 161 -10.30 -32.96 3.00
CA ASP L 161 -9.83 -32.40 1.75
C ASP L 161 -10.11 -33.49 0.70
N VAL L 162 -11.12 -33.30 -0.15
CA VAL L 162 -11.50 -34.33 -1.14
C VAL L 162 -10.65 -34.40 -2.41
N GLN L 163 -9.80 -33.39 -2.58
CA GLN L 163 -8.97 -33.29 -3.79
C GLN L 163 -8.12 -34.53 -4.05
N PRO L 164 -7.39 -35.03 -3.01
CA PRO L 164 -6.61 -36.26 -3.27
C PRO L 164 -7.48 -37.40 -3.78
N SER L 165 -8.62 -37.66 -3.16
CA SER L 165 -9.44 -38.81 -3.60
C SER L 165 -10.07 -38.57 -4.98
N ILE L 166 -10.25 -37.30 -5.34
CA ILE L 166 -10.92 -36.96 -6.60
C ILE L 166 -9.99 -37.18 -7.79
N PHE L 167 -8.75 -36.73 -7.66
CA PHE L 167 -7.71 -37.06 -8.61
C PHE L 167 -7.58 -38.59 -8.74
N HIS L 168 -7.53 -39.30 -7.62
CA HIS L 168 -7.42 -40.75 -7.76
C HIS L 168 -8.65 -41.40 -8.43
N TYR L 169 -9.83 -40.85 -8.18
CA TYR L 169 -11.00 -41.32 -8.92
C TYR L 169 -10.82 -41.15 -10.44
N THR L 170 -10.24 -40.02 -10.84
CA THR L 170 -10.18 -39.73 -12.26
C THR L 170 -9.10 -40.54 -12.95
N ILE L 171 -7.94 -40.71 -12.30
CA ILE L 171 -6.94 -41.67 -12.75
C ILE L 171 -7.58 -43.05 -12.92
N GLU L 172 -8.26 -43.53 -11.88
CA GLU L 172 -8.71 -44.92 -11.82
C GLU L 172 -9.77 -45.18 -12.88
N ALA L 173 -10.64 -44.19 -13.07
CA ALA L 173 -11.81 -44.36 -13.91
C ALA L 173 -11.43 -44.14 -15.36
N SER L 174 -10.48 -43.22 -15.58
CA SER L 174 -9.94 -42.96 -16.88
C SER L 174 -9.11 -44.13 -17.33
N ASN L 175 -8.38 -44.73 -16.38
CA ASN L 175 -7.56 -45.91 -16.67
C ASN L 175 -8.42 -47.10 -16.99
N LEU L 176 -9.58 -47.21 -16.35
CA LEU L 176 -10.47 -48.26 -16.74
C LEU L 176 -10.94 -48.01 -18.17
N ALA L 177 -11.22 -46.75 -18.49
CA ALA L 177 -11.86 -46.43 -19.76
C ALA L 177 -10.89 -46.62 -20.93
N LEU L 178 -9.67 -46.13 -20.74
CA LEU L 178 -8.65 -46.24 -21.73
C LEU L 178 -8.13 -47.70 -21.91
N PHE L 179 -7.84 -48.41 -20.82
CA PHE L 179 -7.21 -49.74 -20.94
C PHE L 179 -7.94 -50.99 -20.38
N GLY L 180 -9.15 -50.85 -19.83
CA GLY L 180 -9.86 -51.98 -19.22
C GLY L 180 -9.18 -52.55 -17.96
N GLU L 181 -8.27 -51.78 -17.38
CA GLU L 181 -7.65 -52.10 -16.10
C GLU L 181 -8.18 -51.26 -14.95
N ARG L 182 -8.57 -51.94 -13.89
CA ARG L 182 -8.87 -51.29 -12.62
C ARG L 182 -7.60 -51.22 -11.75
N LEU L 183 -7.06 -50.02 -11.53
CA LEU L 183 -5.86 -49.82 -10.69
C LEU L 183 -6.08 -49.88 -9.16
N GLY L 184 -7.33 -50.02 -8.71
CA GLY L 184 -7.61 -50.11 -7.29
C GLY L 184 -7.09 -48.92 -6.48
N LEU L 185 -7.24 -47.70 -7.03
CA LEU L 185 -6.87 -46.48 -6.31
C LEU L 185 -8.08 -45.82 -5.60
N VAL L 186 -9.29 -46.29 -5.91
CA VAL L 186 -10.49 -45.84 -5.24
C VAL L 186 -10.77 -46.69 -4.01
N GLY L 187 -10.85 -46.05 -2.85
CA GLY L 187 -11.16 -46.73 -1.59
C GLY L 187 -9.97 -47.45 -1.00
N HIS L 188 -8.81 -47.23 -1.60
CA HIS L 188 -7.55 -47.71 -1.06
C HIS L 188 -6.53 -46.60 -1.16
N SER L 189 -5.45 -46.72 -0.39
CA SER L 189 -4.45 -45.66 -0.34
C SER L 189 -3.82 -45.43 -1.71
N PRO L 190 -3.53 -44.16 -2.03
CA PRO L 190 -2.83 -43.89 -3.27
C PRO L 190 -1.49 -44.65 -3.37
N SER L 191 -1.23 -45.21 -4.55
CA SER L 191 0.01 -45.91 -4.86
C SER L 191 1.11 -44.89 -5.10
N SER L 192 2.35 -45.25 -4.78
CA SER L 192 3.51 -44.39 -5.02
C SER L 192 3.52 -43.91 -6.47
N ALA L 193 3.27 -44.84 -7.39
CA ALA L 193 3.10 -44.54 -8.82
C ALA L 193 2.08 -43.41 -9.11
N SER L 194 0.96 -43.41 -8.40
CA SER L 194 -0.05 -42.37 -8.50
C SER L 194 0.53 -41.01 -8.18
N LEU L 195 1.19 -40.94 -7.02
CA LEU L 195 1.66 -39.68 -6.49
C LEU L 195 2.75 -39.04 -7.33
N ASN L 196 3.69 -39.85 -7.82
CA ASN L 196 4.70 -39.43 -8.81
C ASN L 196 4.08 -38.88 -10.11
N PHE L 197 3.05 -39.56 -10.60
CA PHE L 197 2.29 -39.10 -11.74
C PHE L 197 1.69 -37.72 -11.48
N LEU L 198 1.03 -37.58 -10.34
CA LEU L 198 0.48 -36.30 -9.93
C LEU L 198 1.56 -35.22 -9.85
N HIS L 199 2.61 -35.47 -9.08
CA HIS L 199 3.73 -34.52 -8.96
C HIS L 199 4.40 -34.20 -10.31
N ALA L 200 4.59 -35.21 -11.15
CA ALA L 200 5.20 -34.99 -12.46
C ALA L 200 4.34 -34.10 -13.34
N LEU L 201 3.02 -34.32 -13.29
CA LEU L 201 2.07 -33.49 -14.06
C LEU L 201 2.12 -32.01 -13.60
N GLU L 202 2.00 -31.81 -12.29
CA GLU L 202 2.04 -30.49 -11.67
C GLU L 202 3.31 -29.74 -12.10
N VAL L 203 4.45 -30.39 -11.87
CA VAL L 203 5.77 -29.87 -12.25
C VAL L 203 5.86 -29.66 -13.78
N MET L 204 5.30 -30.57 -14.57
CA MET L 204 5.31 -30.36 -16.01
C MET L 204 4.56 -29.09 -16.36
N PHE L 205 3.36 -28.91 -15.80
CA PHE L 205 2.63 -27.66 -15.98
C PHE L 205 3.44 -26.43 -15.53
N LYS L 206 4.09 -26.53 -14.37
CA LYS L 206 4.92 -25.43 -13.85
C LYS L 206 6.01 -25.01 -14.86
N SER L 207 6.98 -25.89 -15.08
CA SER L 207 8.06 -25.61 -16.01
C SER L 207 7.53 -25.11 -17.39
N THR L 208 6.43 -25.69 -17.89
CA THR L 208 5.83 -25.25 -19.16
C THR L 208 5.56 -23.73 -19.19
N VAL L 209 5.01 -23.22 -18.09
CA VAL L 209 4.75 -21.77 -17.91
C VAL L 209 6.04 -20.94 -17.90
N GLN L 210 7.09 -21.50 -17.28
CA GLN L 210 8.38 -20.83 -17.17
C GLN L 210 9.14 -20.76 -18.49
N LEU L 211 8.83 -21.68 -19.42
CA LEU L 211 9.54 -21.84 -20.70
C LEU L 211 8.79 -21.32 -21.94
N MET L 212 7.57 -20.86 -21.73
CA MET L 212 6.63 -20.57 -22.83
C MET L 212 6.93 -19.32 -23.65
N PHE L 213 7.51 -18.30 -23.00
CA PHE L 213 7.59 -16.94 -23.55
C PHE L 213 8.95 -16.52 -24.16
N MET L 214 9.64 -17.49 -24.80
CA MET L 214 10.95 -17.30 -25.44
C MET L 214 11.39 -18.58 -26.18
N PRO L 215 12.06 -18.44 -27.34
CA PRO L 215 12.59 -19.58 -28.10
C PRO L 215 13.31 -20.63 -27.23
N ARG L 216 13.18 -21.91 -27.59
CA ARG L 216 13.89 -22.97 -26.88
C ARG L 216 15.40 -22.77 -27.03
N SER L 217 15.79 -22.15 -28.14
CA SER L 217 17.20 -21.91 -28.48
C SER L 217 17.81 -20.74 -27.71
N LEU L 218 16.99 -20.00 -26.97
CA LEU L 218 17.46 -19.03 -25.97
C LEU L 218 17.25 -19.56 -24.54
N SER L 219 16.10 -20.21 -24.33
CA SER L 219 15.75 -20.85 -23.06
C SER L 219 16.88 -21.75 -22.58
N ARG L 220 17.34 -22.63 -23.47
CA ARG L 220 18.36 -23.63 -23.15
C ARG L 220 19.63 -23.07 -22.48
N TRP L 221 20.00 -21.84 -22.84
CA TRP L 221 21.21 -21.22 -22.27
C TRP L 221 20.94 -20.40 -21.00
N ILE L 222 19.72 -19.86 -20.90
CA ILE L 222 19.31 -19.05 -19.74
C ILE L 222 18.72 -19.89 -18.63
N SER L 223 17.93 -20.90 -19.00
CA SER L 223 17.22 -21.74 -18.05
C SER L 223 17.47 -23.25 -18.28
N PRO L 224 18.75 -23.69 -18.28
CA PRO L 224 18.99 -25.11 -18.57
C PRO L 224 18.36 -26.02 -17.49
N LYS L 225 18.27 -25.48 -16.27
CA LYS L 225 17.70 -26.14 -15.08
C LYS L 225 16.16 -26.29 -15.09
N VAL L 226 15.49 -25.42 -15.84
CA VAL L 226 14.04 -25.54 -16.06
C VAL L 226 13.77 -26.59 -17.13
N TRP L 227 14.62 -26.66 -18.14
CA TRP L 227 14.53 -27.71 -19.14
C TRP L 227 14.74 -29.07 -18.54
N LYS L 228 15.73 -29.16 -17.65
CA LYS L 228 15.97 -30.38 -16.87
C LYS L 228 14.69 -30.78 -16.15
N GLU L 229 14.14 -29.82 -15.40
CA GLU L 229 12.92 -29.99 -14.62
C GLU L 229 11.78 -30.45 -15.51
N HIS L 230 11.71 -29.88 -16.71
CA HIS L 230 10.61 -30.15 -17.61
C HIS L 230 10.70 -31.55 -18.19
N PHE L 231 11.89 -31.89 -18.66
CA PHE L 231 12.13 -33.19 -19.27
C PHE L 231 12.09 -34.32 -18.28
N GLU L 232 12.51 -34.05 -17.06
CA GLU L 232 12.48 -35.08 -16.01
C GLU L 232 11.06 -35.41 -15.62
N ALA L 233 10.22 -34.38 -15.55
CA ALA L 233 8.78 -34.60 -15.38
C ALA L 233 8.20 -35.40 -16.57
N TRP L 234 8.48 -34.96 -17.80
CA TRP L 234 7.92 -35.65 -18.96
C TRP L 234 8.31 -37.11 -18.99
N ASP L 235 9.53 -37.39 -18.50
CA ASP L 235 10.05 -38.75 -18.43
C ASP L 235 9.18 -39.65 -17.57
N CYS L 236 8.85 -39.16 -16.37
CA CYS L 236 8.03 -39.86 -15.39
C CYS L 236 6.62 -40.11 -15.88
N ILE L 237 6.06 -39.10 -16.54
CA ILE L 237 4.76 -39.21 -17.16
C ILE L 237 4.77 -40.28 -18.26
N PHE L 238 5.80 -40.27 -19.12
CA PHE L 238 5.91 -41.22 -20.23
C PHE L 238 6.19 -42.64 -19.77
N GLN L 239 6.96 -42.75 -18.69
CA GLN L 239 7.20 -44.03 -18.06
C GLN L 239 5.85 -44.62 -17.58
N TYR L 240 5.05 -43.78 -16.91
CA TYR L 240 3.73 -44.22 -16.43
C TYR L 240 2.81 -44.62 -17.59
N GLY L 241 2.72 -43.79 -18.61
CA GLY L 241 1.91 -44.10 -19.76
C GLY L 241 2.40 -45.26 -20.61
N ASP L 242 3.71 -45.32 -20.85
CA ASP L 242 4.27 -46.40 -21.64
C ASP L 242 4.08 -47.78 -21.00
N ASN L 243 3.98 -47.79 -19.67
CA ASN L 243 3.71 -48.98 -18.91
C ASN L 243 2.30 -49.51 -19.17
N CYS L 244 1.32 -48.61 -19.11
CA CYS L 244 -0.06 -48.96 -19.49
C CYS L 244 -0.15 -49.56 -20.88
N ILE L 245 0.57 -48.95 -21.81
CA ILE L 245 0.49 -49.35 -23.22
C ILE L 245 1.17 -50.68 -23.48
N GLN L 246 2.30 -50.93 -22.80
CA GLN L 246 2.99 -52.19 -22.96
C GLN L 246 2.21 -53.36 -22.34
N LYS L 247 1.49 -53.09 -21.27
CA LYS L 247 0.60 -54.11 -20.69
C LYS L 247 -0.46 -54.49 -21.71
N ILE L 248 -1.19 -53.52 -22.23
CA ILE L 248 -2.29 -53.82 -23.12
C ILE L 248 -1.86 -54.41 -24.47
N TYR L 249 -0.78 -53.89 -25.03
CA TYR L 249 -0.26 -54.36 -26.32
C TYR L 249 0.12 -55.84 -26.24
N GLN L 250 0.80 -56.23 -25.17
CA GLN L 250 1.22 -57.62 -24.99
C GLN L 250 0.03 -58.57 -24.84
N GLU L 251 -1.04 -58.07 -24.22
CA GLU L 251 -2.19 -58.89 -23.92
C GLU L 251 -2.98 -59.15 -25.18
N LEU L 252 -3.20 -58.10 -25.95
CA LEU L 252 -3.93 -58.21 -27.23
C LEU L 252 -3.16 -59.03 -28.27
N ALA L 253 -1.84 -59.11 -28.10
CA ALA L 253 -1.01 -59.99 -28.90
C ALA L 253 -1.46 -61.47 -28.81
N PHE L 254 -1.89 -61.91 -27.63
CA PHE L 254 -2.23 -63.33 -27.42
C PHE L 254 -3.72 -63.68 -27.41
N ASN L 255 -4.56 -62.68 -27.21
CA ASN L 255 -6.00 -62.89 -27.23
C ASN L 255 -6.65 -61.61 -27.69
N ARG L 256 -7.31 -61.69 -28.84
CA ARG L 256 -8.18 -60.61 -29.33
C ARG L 256 -9.53 -60.79 -28.63
N PRO L 257 -9.88 -59.83 -27.74
CA PRO L 257 -11.07 -60.01 -26.95
C PRO L 257 -12.32 -59.81 -27.79
N GLN L 258 -13.23 -60.76 -27.61
CA GLN L 258 -14.49 -60.80 -28.31
C GLN L 258 -15.40 -59.76 -27.69
N HIS L 259 -15.01 -59.21 -26.53
CA HIS L 259 -15.75 -58.14 -25.82
C HIS L 259 -14.99 -56.80 -25.62
N TYR L 260 -15.73 -55.82 -25.11
CA TYR L 260 -15.21 -54.47 -24.88
C TYR L 260 -14.29 -54.43 -23.65
N THR L 261 -13.13 -53.80 -23.82
CA THR L 261 -12.10 -53.73 -22.78
C THR L 261 -11.27 -52.43 -22.89
N GLY L 262 -11.89 -51.38 -23.42
CA GLY L 262 -11.25 -50.07 -23.41
C GLY L 262 -11.13 -49.35 -24.75
N ILE L 263 -10.93 -48.04 -24.65
CA ILE L 263 -10.72 -47.14 -25.77
C ILE L 263 -9.49 -47.58 -26.54
N VAL L 264 -8.33 -47.55 -25.86
CA VAL L 264 -7.06 -47.92 -26.47
C VAL L 264 -7.08 -49.34 -27.01
N ALA L 265 -7.84 -50.23 -26.35
CA ALA L 265 -8.01 -51.58 -26.87
C ALA L 265 -8.56 -51.50 -28.28
N GLU L 266 -9.57 -50.65 -28.47
CA GLU L 266 -10.25 -50.53 -29.77
C GLU L 266 -9.30 -49.92 -30.83
N LEU L 267 -8.54 -48.92 -30.41
CA LEU L 267 -7.57 -48.29 -31.28
C LEU L 267 -6.52 -49.26 -31.85
N LEU L 268 -6.07 -50.19 -31.00
CA LEU L 268 -5.04 -51.17 -31.37
C LEU L 268 -5.59 -52.30 -32.22
N LEU L 269 -6.84 -52.71 -31.98
CA LEU L 269 -7.46 -53.77 -32.76
C LEU L 269 -7.81 -53.30 -34.18
N LYS L 270 -8.11 -52.00 -34.33
CA LYS L 270 -8.42 -51.43 -35.63
C LYS L 270 -7.15 -51.23 -36.43
N ALA L 271 -6.08 -50.86 -35.71
CA ALA L 271 -4.75 -50.65 -36.28
C ALA L 271 -4.78 -49.70 -37.49
N GLU L 272 -5.35 -48.51 -37.30
CA GLU L 272 -5.52 -47.57 -38.42
C GLU L 272 -4.50 -46.47 -38.34
N LEU L 273 -3.96 -46.28 -37.14
CA LEU L 273 -2.81 -45.43 -36.95
C LEU L 273 -1.57 -46.32 -36.73
N SER L 274 -0.39 -45.73 -36.89
CA SER L 274 0.84 -46.46 -36.67
C SER L 274 0.92 -46.72 -35.17
N LEU L 275 1.37 -47.93 -34.81
CA LEU L 275 1.55 -48.29 -33.41
C LEU L 275 2.12 -47.09 -32.66
N GLU L 276 3.08 -46.45 -33.31
CA GLU L 276 3.78 -45.28 -32.77
C GLU L 276 2.90 -44.03 -32.59
N ALA L 277 1.91 -43.82 -33.46
CA ALA L 277 0.91 -42.74 -33.33
C ALA L 277 -0.16 -43.05 -32.27
N ILE L 278 -0.61 -44.32 -32.27
CA ILE L 278 -1.52 -44.82 -31.24
C ILE L 278 -0.87 -44.60 -29.86
N LYS L 279 0.41 -44.90 -29.80
CA LYS L 279 1.25 -44.77 -28.63
C LYS L 279 1.35 -43.29 -28.22
N ALA L 280 1.48 -42.39 -29.19
CA ALA L 280 1.52 -40.94 -28.90
C ALA L 280 0.18 -40.34 -28.42
N ASN L 281 -0.94 -40.69 -29.07
CA ASN L 281 -2.28 -40.26 -28.64
C ASN L 281 -2.69 -40.82 -27.25
N SER L 282 -2.23 -42.05 -26.94
CA SER L 282 -2.54 -42.71 -25.67
C SER L 282 -1.93 -42.00 -24.48
N MET L 283 -0.75 -41.43 -24.69
CA MET L 283 -0.07 -40.67 -23.67
C MET L 283 -0.83 -39.40 -23.38
N GLU L 284 -1.22 -38.69 -24.44
CA GLU L 284 -2.00 -37.45 -24.32
C GLU L 284 -3.33 -37.69 -23.64
N LEU L 285 -3.98 -38.81 -23.98
CA LEU L 285 -5.20 -39.22 -23.27
C LEU L 285 -4.94 -39.54 -21.78
N THR L 286 -3.95 -40.39 -21.48
CA THR L 286 -3.63 -40.72 -20.10
C THR L 286 -3.33 -39.46 -19.29
N ALA L 287 -2.32 -38.72 -19.73
CA ALA L 287 -1.93 -37.49 -19.08
C ALA L 287 -3.02 -36.44 -19.15
N GLY L 288 -3.77 -36.41 -20.25
CA GLY L 288 -4.85 -35.44 -20.42
C GLY L 288 -6.00 -35.58 -19.42
N SER L 289 -6.40 -36.82 -19.15
CA SER L 289 -7.61 -37.12 -18.40
C SER L 289 -7.55 -37.01 -16.88
N VAL L 290 -6.60 -36.25 -16.35
CA VAL L 290 -6.49 -36.14 -14.91
C VAL L 290 -6.84 -34.73 -14.40
N ASP L 291 -5.87 -33.82 -14.35
CA ASP L 291 -6.09 -32.49 -13.78
C ASP L 291 -7.21 -31.71 -14.46
N THR L 292 -7.56 -32.09 -15.69
CA THR L 292 -8.66 -31.42 -16.39
C THR L 292 -10.04 -31.86 -15.93
N THR L 293 -10.18 -33.12 -15.52
CA THR L 293 -11.44 -33.63 -15.00
C THR L 293 -11.57 -33.36 -13.50
N ALA L 294 -10.49 -33.61 -12.76
CA ALA L 294 -10.48 -33.47 -11.30
C ALA L 294 -10.97 -32.10 -10.83
N PHE L 295 -10.30 -31.04 -11.31
CA PHE L 295 -10.52 -29.69 -10.79
C PHE L 295 -11.93 -29.15 -10.97
N PRO L 296 -12.51 -29.28 -12.18
CA PRO L 296 -13.89 -28.83 -12.29
C PRO L 296 -14.84 -29.69 -11.45
N LEU L 297 -14.53 -30.98 -11.35
CA LEU L 297 -15.21 -31.85 -10.40
C LEU L 297 -15.15 -31.21 -9.00
N LEU L 298 -13.95 -30.89 -8.55
CA LEU L 298 -13.73 -30.36 -7.23
C LEU L 298 -14.53 -29.08 -6.98
N MET L 299 -14.51 -28.17 -7.95
CA MET L 299 -15.20 -26.89 -7.81
C MET L 299 -16.71 -27.03 -7.80
N THR L 300 -17.23 -28.01 -8.53
CA THR L 300 -18.65 -28.32 -8.54
C THR L 300 -19.08 -28.77 -7.15
N LEU L 301 -18.28 -29.64 -6.53
CA LEU L 301 -18.56 -30.09 -5.18
C LEU L 301 -18.49 -28.90 -4.26
N PHE L 302 -17.61 -27.96 -4.58
CA PHE L 302 -17.52 -26.74 -3.81
C PHE L 302 -18.70 -25.80 -4.08
N GLU L 303 -19.20 -25.78 -5.32
CA GLU L 303 -20.28 -24.85 -5.62
C GLU L 303 -21.60 -25.28 -4.99
N LEU L 304 -21.85 -26.59 -4.99
CA LEU L 304 -23.05 -27.18 -4.43
C LEU L 304 -23.03 -27.04 -2.92
N ALA L 305 -21.83 -27.04 -2.36
CA ALA L 305 -21.70 -26.84 -0.94
C ALA L 305 -22.19 -25.44 -0.51
N ARG L 306 -21.83 -24.42 -1.28
CA ARG L 306 -22.30 -23.07 -0.98
C ARG L 306 -23.72 -22.83 -1.45
N ASN L 307 -24.25 -23.72 -2.30
CA ASN L 307 -25.61 -23.56 -2.79
C ASN L 307 -26.44 -24.81 -2.47
N PRO L 308 -26.65 -25.07 -1.16
CA PRO L 308 -27.32 -26.31 -0.76
C PRO L 308 -28.72 -26.38 -1.36
N ASP L 309 -29.27 -25.20 -1.67
CA ASP L 309 -30.57 -25.08 -2.34
C ASP L 309 -30.52 -25.59 -3.78
N VAL L 310 -29.45 -25.26 -4.52
CA VAL L 310 -29.20 -25.83 -5.85
C VAL L 310 -28.77 -27.28 -5.76
N GLN L 311 -28.11 -27.62 -4.65
CA GLN L 311 -27.70 -29.01 -4.40
C GLN L 311 -28.89 -29.92 -4.24
N GLN L 312 -29.95 -29.37 -3.64
CA GLN L 312 -31.15 -30.15 -3.39
C GLN L 312 -31.85 -30.49 -4.68
N ILE L 313 -31.95 -29.52 -5.57
CA ILE L 313 -32.64 -29.73 -6.85
C ILE L 313 -31.99 -30.86 -7.63
N LEU L 314 -30.66 -30.88 -7.59
CA LEU L 314 -29.88 -31.89 -8.29
C LEU L 314 -30.03 -33.26 -7.64
N ARG L 315 -30.14 -33.28 -6.30
CA ARG L 315 -30.43 -34.52 -5.58
C ARG L 315 -31.79 -35.12 -5.92
N GLN L 316 -32.81 -34.27 -5.99
CA GLN L 316 -34.16 -34.72 -6.33
C GLN L 316 -34.15 -35.45 -7.69
N GLU L 317 -33.61 -34.78 -8.71
CA GLU L 317 -33.48 -35.36 -10.06
C GLU L 317 -32.73 -36.70 -10.02
N SER L 318 -31.60 -36.73 -9.34
CA SER L 318 -30.78 -37.93 -9.26
C SER L 318 -31.54 -39.10 -8.68
N LEU L 319 -32.13 -38.93 -7.51
CA LEU L 319 -32.95 -39.97 -6.89
C LEU L 319 -34.05 -40.44 -7.83
N ALA L 320 -34.75 -39.51 -8.46
CA ALA L 320 -35.84 -39.78 -9.40
C ALA L 320 -35.44 -40.66 -10.59
N ALA L 321 -34.16 -40.62 -10.93
CA ALA L 321 -33.66 -41.35 -12.08
C ALA L 321 -32.81 -42.52 -11.61
N ALA L 322 -32.50 -42.53 -10.31
CA ALA L 322 -31.70 -43.61 -9.70
C ALA L 322 -32.07 -45.01 -10.23
N ALA L 323 -33.34 -45.42 -10.10
CA ALA L 323 -33.79 -46.73 -10.52
C ALA L 323 -33.43 -46.95 -11.99
N SER L 324 -33.75 -45.95 -12.80
CA SER L 324 -33.43 -45.93 -14.22
C SER L 324 -31.92 -46.17 -14.52
N ILE L 325 -31.05 -45.48 -13.79
CA ILE L 325 -29.62 -45.45 -14.07
C ILE L 325 -28.89 -46.69 -13.54
N SER L 326 -29.56 -47.46 -12.68
CA SER L 326 -29.00 -48.71 -12.19
C SER L 326 -29.27 -49.82 -13.18
N GLU L 327 -30.33 -49.66 -13.98
CA GLU L 327 -30.62 -50.57 -15.07
C GLU L 327 -29.58 -50.33 -16.15
N HIS L 328 -29.70 -49.17 -16.79
CA HIS L 328 -28.91 -48.83 -17.94
C HIS L 328 -28.24 -47.49 -17.66
N PRO L 329 -27.04 -47.52 -17.06
CA PRO L 329 -26.36 -46.29 -16.65
C PRO L 329 -26.16 -45.31 -17.81
N GLN L 330 -26.09 -45.85 -19.02
CA GLN L 330 -25.95 -45.04 -20.23
C GLN L 330 -27.05 -43.98 -20.29
N LYS L 331 -28.16 -44.27 -19.63
CA LYS L 331 -29.32 -43.38 -19.63
C LYS L 331 -29.05 -42.06 -18.89
N ALA L 332 -27.99 -42.03 -18.09
CA ALA L 332 -27.64 -40.86 -17.24
C ALA L 332 -27.32 -39.61 -18.05
N THR L 333 -26.90 -39.81 -19.30
CA THR L 333 -26.62 -38.75 -20.25
C THR L 333 -27.89 -37.98 -20.61
N THR L 334 -29.04 -38.64 -20.53
CA THR L 334 -30.30 -38.00 -20.93
C THR L 334 -31.20 -37.64 -19.75
N GLU L 335 -31.21 -38.45 -18.71
CA GLU L 335 -32.03 -38.14 -17.54
C GLU L 335 -31.36 -37.29 -16.45
N LEU L 336 -30.31 -36.55 -16.77
CA LEU L 336 -29.70 -35.63 -15.78
C LEU L 336 -29.42 -34.21 -16.32
N PRO L 337 -30.40 -33.63 -17.03
CA PRO L 337 -30.19 -32.33 -17.66
C PRO L 337 -29.81 -31.24 -16.66
N LEU L 338 -30.35 -31.31 -15.44
CA LEU L 338 -30.04 -30.31 -14.44
C LEU L 338 -28.61 -30.45 -13.98
N LEU L 339 -28.11 -31.68 -13.91
CA LEU L 339 -26.73 -31.91 -13.46
C LEU L 339 -25.72 -31.50 -14.53
N ARG L 340 -26.02 -31.81 -15.79
CA ARG L 340 -25.18 -31.37 -16.89
C ARG L 340 -25.05 -29.85 -16.91
N ALA L 341 -26.15 -29.16 -16.61
CA ALA L 341 -26.20 -27.70 -16.56
C ALA L 341 -25.42 -27.11 -15.39
N ALA L 342 -25.21 -27.93 -14.35
CA ALA L 342 -24.38 -27.53 -13.22
C ALA L 342 -22.92 -27.51 -13.68
N LEU L 343 -22.59 -28.39 -14.60
CA LEU L 343 -21.22 -28.49 -15.08
C LEU L 343 -20.87 -27.30 -15.98
N LYS L 344 -21.78 -26.97 -16.87
CA LYS L 344 -21.69 -25.73 -17.65
C LYS L 344 -21.46 -24.55 -16.71
N GLU L 345 -22.17 -24.57 -15.60
CA GLU L 345 -22.10 -23.50 -14.66
C GLU L 345 -20.71 -23.43 -14.00
N THR L 346 -20.19 -24.57 -13.56
CA THR L 346 -18.82 -24.61 -13.03
C THR L 346 -17.84 -24.12 -14.09
N LEU L 347 -17.85 -24.79 -15.25
CA LEU L 347 -16.91 -24.50 -16.33
C LEU L 347 -16.97 -23.06 -16.86
N ARG L 348 -18.07 -22.36 -16.58
CA ARG L 348 -18.20 -20.96 -16.95
C ARG L 348 -17.32 -20.11 -16.05
N LEU L 349 -17.39 -20.40 -14.75
CA LEU L 349 -16.68 -19.62 -13.74
C LEU L 349 -15.23 -20.04 -13.59
N TYR L 350 -15.00 -21.34 -13.72
CA TYR L 350 -13.66 -21.92 -13.59
C TYR L 350 -13.32 -22.74 -14.83
N PRO L 351 -13.05 -22.07 -15.97
CA PRO L 351 -12.66 -22.88 -17.14
C PRO L 351 -11.21 -23.37 -16.99
N VAL L 352 -11.06 -24.69 -16.96
CA VAL L 352 -9.78 -25.31 -16.61
C VAL L 352 -8.68 -25.06 -17.65
N GLY L 353 -9.06 -25.09 -18.93
CA GLY L 353 -8.24 -24.52 -20.00
C GLY L 353 -8.64 -23.07 -20.11
N LEU L 354 -7.71 -22.17 -19.83
CA LEU L 354 -7.97 -20.72 -19.74
C LEU L 354 -8.35 -20.01 -21.04
N PHE L 355 -7.73 -20.41 -22.14
CA PHE L 355 -8.07 -19.85 -23.43
C PHE L 355 -8.16 -20.85 -24.57
N LEU L 356 -8.90 -20.47 -25.60
CA LEU L 356 -8.84 -21.14 -26.87
C LEU L 356 -7.83 -20.32 -27.65
N GLU L 357 -7.38 -20.86 -28.78
CA GLU L 357 -6.33 -20.22 -29.54
C GLU L 357 -6.41 -20.74 -30.97
N ARG L 358 -6.11 -19.85 -31.92
CA ARG L 358 -6.06 -20.17 -33.34
C ARG L 358 -5.20 -19.19 -34.10
N VAL L 359 -4.07 -19.67 -34.63
CA VAL L 359 -3.30 -18.94 -35.63
C VAL L 359 -4.13 -19.02 -36.91
N VAL L 360 -4.63 -17.88 -37.34
CA VAL L 360 -5.62 -17.84 -38.40
C VAL L 360 -5.03 -17.95 -39.84
N SER L 361 -5.63 -18.84 -40.63
CA SER L 361 -5.14 -19.11 -41.97
C SER L 361 -5.49 -18.02 -42.99
N SER L 362 -6.71 -17.47 -42.92
CA SER L 362 -7.11 -16.39 -43.83
C SER L 362 -7.46 -15.10 -43.04
N ASP L 363 -7.58 -13.97 -43.75
CA ASP L 363 -7.89 -12.68 -43.11
C ASP L 363 -9.26 -12.67 -42.46
N LEU L 364 -9.48 -11.68 -41.61
CA LEU L 364 -10.70 -11.60 -40.84
C LEU L 364 -11.07 -10.21 -40.37
N VAL L 365 -12.35 -10.01 -40.09
CA VAL L 365 -12.78 -8.84 -39.31
C VAL L 365 -13.43 -9.28 -38.00
N LEU L 366 -12.90 -8.75 -36.90
CA LEU L 366 -13.47 -8.93 -35.57
C LEU L 366 -13.64 -7.57 -34.91
N GLN L 367 -14.85 -7.29 -34.45
CA GLN L 367 -15.15 -6.04 -33.75
C GLN L 367 -14.95 -4.82 -34.63
N ASN L 368 -15.10 -5.02 -35.94
CA ASN L 368 -14.83 -4.02 -36.97
C ASN L 368 -13.35 -3.64 -37.08
N TYR L 369 -12.47 -4.53 -36.62
CA TYR L 369 -11.03 -4.42 -36.81
C TYR L 369 -10.58 -5.46 -37.81
N HIS L 370 -9.74 -5.05 -38.73
CA HIS L 370 -9.19 -5.95 -39.76
C HIS L 370 -8.03 -6.75 -39.16
N ILE L 371 -8.12 -8.08 -39.25
CA ILE L 371 -7.15 -8.98 -38.64
C ILE L 371 -6.36 -9.74 -39.70
N PRO L 372 -5.03 -9.56 -39.72
CA PRO L 372 -4.12 -10.18 -40.72
C PRO L 372 -4.13 -11.71 -40.75
N ALA L 373 -3.61 -12.29 -41.83
CA ALA L 373 -3.45 -13.75 -41.93
C ALA L 373 -2.18 -14.22 -41.22
N GLY L 374 -2.34 -15.01 -40.16
CA GLY L 374 -1.20 -15.44 -39.34
C GLY L 374 -1.14 -14.86 -37.95
N THR L 375 -2.03 -13.89 -37.64
CA THR L 375 -2.22 -13.40 -36.28
C THR L 375 -2.69 -14.53 -35.38
N LEU L 376 -2.23 -14.51 -34.14
CA LEU L 376 -2.67 -15.45 -33.13
C LEU L 376 -3.86 -14.87 -32.36
N VAL L 377 -5.01 -15.51 -32.50
CA VAL L 377 -6.21 -15.06 -31.82
C VAL L 377 -6.48 -15.93 -30.61
N GLN L 378 -6.59 -15.28 -29.45
CA GLN L 378 -6.72 -15.97 -28.18
C GLN L 378 -8.09 -15.63 -27.58
N VAL L 379 -8.90 -16.65 -27.29
CA VAL L 379 -10.22 -16.41 -26.70
C VAL L 379 -10.14 -16.60 -25.19
N PHE L 380 -10.17 -15.51 -24.45
CA PHE L 380 -9.98 -15.59 -23.02
C PHE L 380 -11.29 -15.96 -22.34
N LEU L 381 -11.37 -17.19 -21.85
CA LEU L 381 -12.65 -17.78 -21.42
C LEU L 381 -13.04 -17.41 -20.00
N TYR L 382 -12.09 -16.97 -19.19
CA TYR L 382 -12.39 -16.52 -17.86
C TYR L 382 -13.29 -15.29 -17.89
N SER L 383 -12.96 -14.36 -18.79
CA SER L 383 -13.64 -13.08 -18.93
C SER L 383 -14.94 -13.12 -19.76
N LEU L 384 -15.00 -14.00 -20.75
CA LEU L 384 -16.25 -14.30 -21.45
C LEU L 384 -17.35 -14.80 -20.51
N GLY L 385 -17.02 -15.78 -19.67
CA GLY L 385 -17.99 -16.37 -18.75
C GLY L 385 -18.41 -15.47 -17.59
N ARG L 386 -17.75 -14.32 -17.48
CA ARG L 386 -18.09 -13.38 -16.44
C ARG L 386 -18.55 -12.04 -16.99
N ASN L 387 -18.81 -12.00 -18.31
CA ASN L 387 -19.39 -10.86 -19.00
C ASN L 387 -20.85 -10.66 -18.62
N ALA L 388 -21.13 -9.56 -17.91
CA ALA L 388 -22.46 -9.29 -17.36
C ALA L 388 -23.52 -9.05 -18.44
N ALA L 389 -23.07 -8.63 -19.62
CA ALA L 389 -23.95 -8.29 -20.73
C ALA L 389 -24.61 -9.55 -21.29
N LEU L 390 -24.05 -10.70 -20.96
CA LEU L 390 -24.58 -11.97 -21.42
C LEU L 390 -24.97 -12.87 -20.27
N PHE L 391 -24.18 -12.80 -19.19
CA PHE L 391 -24.51 -13.55 -17.99
C PHE L 391 -24.84 -12.58 -16.84
N PRO L 392 -26.12 -12.15 -16.77
CA PRO L 392 -26.54 -11.19 -15.73
C PRO L 392 -26.44 -11.74 -14.31
N ARG L 393 -25.85 -10.94 -13.41
CA ARG L 393 -25.38 -11.36 -12.08
C ARG L 393 -24.42 -12.56 -12.18
N PRO L 394 -23.17 -12.28 -12.61
CA PRO L 394 -22.30 -13.32 -13.15
C PRO L 394 -21.66 -14.25 -12.10
N GLU L 395 -21.17 -13.69 -11.00
CA GLU L 395 -20.54 -14.47 -9.94
C GLU L 395 -21.59 -15.29 -9.16
N ARG L 396 -22.82 -15.34 -9.68
CA ARG L 396 -23.84 -16.22 -9.14
C ARG L 396 -23.76 -17.57 -9.83
N TYR L 397 -23.91 -18.65 -9.06
CA TYR L 397 -23.87 -20.00 -9.59
C TYR L 397 -25.28 -20.50 -9.72
N ASN L 398 -25.74 -20.61 -10.96
CA ASN L 398 -27.11 -21.04 -11.22
C ASN L 398 -27.26 -21.90 -12.48
N PRO L 399 -27.51 -23.21 -12.28
CA PRO L 399 -27.71 -24.18 -13.36
C PRO L 399 -28.78 -23.83 -14.37
N GLN L 400 -29.80 -23.07 -13.97
CA GLN L 400 -30.91 -22.81 -14.88
C GLN L 400 -30.66 -21.65 -15.87
N ARG L 401 -29.41 -21.18 -15.96
CA ARG L 401 -29.05 -20.23 -17.02
C ARG L 401 -29.02 -20.92 -18.38
N TRP L 402 -29.14 -22.24 -18.38
CA TRP L 402 -29.01 -23.03 -19.60
C TRP L 402 -30.18 -24.00 -19.77
N LEU L 403 -31.32 -23.51 -20.28
CA LEU L 403 -32.47 -24.38 -20.55
C LEU L 403 -32.83 -24.49 -22.04
N ASP L 404 -31.84 -24.38 -22.93
CA ASP L 404 -32.06 -24.30 -24.38
C ASP L 404 -31.60 -25.56 -25.16
N PHE L 412 -23.28 -23.25 -28.45
CA PHE L 412 -22.47 -22.25 -29.15
C PHE L 412 -22.28 -20.95 -28.34
N HIS L 413 -22.60 -21.03 -27.05
CA HIS L 413 -22.41 -19.94 -26.06
C HIS L 413 -21.37 -20.32 -24.96
N HIS L 414 -21.45 -21.57 -24.49
CA HIS L 414 -20.44 -22.16 -23.60
C HIS L 414 -19.53 -23.01 -24.45
N VAL L 415 -18.22 -22.76 -24.33
CA VAL L 415 -17.23 -23.35 -25.22
C VAL L 415 -15.92 -23.70 -24.51
N PRO L 416 -16.01 -24.33 -23.32
CA PRO L 416 -14.81 -24.62 -22.53
C PRO L 416 -13.98 -25.81 -23.08
N PHE L 417 -14.50 -26.50 -24.08
CA PHE L 417 -13.78 -27.58 -24.74
C PHE L 417 -13.40 -27.19 -26.17
N GLY L 418 -13.43 -25.89 -26.45
CA GLY L 418 -13.20 -25.38 -27.80
C GLY L 418 -14.37 -25.57 -28.73
N PHE L 419 -14.09 -25.76 -30.02
CA PHE L 419 -15.09 -25.71 -31.09
C PHE L 419 -14.58 -26.34 -32.40
N GLY L 420 -15.50 -26.55 -33.34
CA GLY L 420 -15.13 -27.09 -34.63
C GLY L 420 -14.52 -28.47 -34.50
N MET L 421 -13.69 -28.81 -35.49
CA MET L 421 -13.12 -30.15 -35.61
C MET L 421 -12.11 -30.51 -34.49
N ARG L 422 -11.59 -29.46 -33.85
CA ARG L 422 -10.56 -29.53 -32.80
C ARG L 422 -11.12 -29.60 -31.37
N GLN L 423 -12.45 -29.54 -31.21
CA GLN L 423 -13.03 -29.48 -29.87
C GLN L 423 -12.64 -30.70 -29.04
N CYS L 424 -12.01 -30.45 -27.90
CA CYS L 424 -11.52 -31.51 -26.99
C CYS L 424 -11.96 -32.93 -27.34
N LEU L 425 -10.98 -33.79 -27.60
CA LEU L 425 -11.27 -35.17 -27.95
C LEU L 425 -11.77 -36.00 -26.75
N GLY L 426 -11.32 -35.59 -25.57
CA GLY L 426 -11.66 -36.28 -24.33
C GLY L 426 -12.82 -35.65 -23.60
N ARG L 427 -13.56 -34.79 -24.32
CA ARG L 427 -14.73 -34.06 -23.80
C ARG L 427 -15.85 -34.99 -23.28
N ARG L 428 -16.29 -35.94 -24.11
CA ARG L 428 -17.39 -36.82 -23.69
C ARG L 428 -17.01 -37.75 -22.56
N LEU L 429 -15.76 -38.19 -22.54
CA LEU L 429 -15.25 -39.01 -21.42
C LEU L 429 -15.23 -38.18 -20.14
N ALA L 430 -14.56 -37.02 -20.17
CA ALA L 430 -14.57 -36.06 -19.06
C ALA L 430 -15.97 -35.70 -18.57
N GLU L 431 -16.93 -35.58 -19.49
CA GLU L 431 -18.31 -35.29 -19.10
C GLU L 431 -18.94 -36.44 -18.35
N ALA L 432 -18.85 -37.63 -18.92
CA ALA L 432 -19.41 -38.82 -18.29
C ALA L 432 -18.83 -39.05 -16.90
N GLU L 433 -17.51 -38.89 -16.75
CA GLU L 433 -16.82 -39.08 -15.47
C GLU L 433 -17.34 -38.15 -14.38
N MET L 434 -17.43 -36.86 -14.71
CA MET L 434 -17.89 -35.83 -13.80
C MET L 434 -19.35 -36.07 -13.49
N LEU L 435 -20.15 -36.31 -14.51
CA LEU L 435 -21.54 -36.63 -14.31
C LEU L 435 -21.76 -37.80 -13.34
N LEU L 436 -21.05 -38.92 -13.53
CA LEU L 436 -21.38 -40.14 -12.79
C LEU L 436 -20.94 -40.15 -11.35
N LEU L 437 -19.83 -39.47 -11.08
CA LEU L 437 -19.38 -39.36 -9.71
C LEU L 437 -20.40 -38.52 -8.96
N LEU L 438 -20.77 -37.38 -9.56
CA LEU L 438 -21.70 -36.45 -8.92
C LEU L 438 -23.11 -37.03 -8.73
N HIS L 439 -23.57 -37.85 -9.68
CA HIS L 439 -24.84 -38.56 -9.50
C HIS L 439 -24.82 -39.37 -8.21
N HIS L 440 -23.74 -40.14 -8.01
CA HIS L 440 -23.69 -41.08 -6.90
C HIS L 440 -23.41 -40.42 -5.56
N VAL L 441 -22.78 -39.25 -5.59
CA VAL L 441 -22.52 -38.54 -4.35
C VAL L 441 -23.81 -37.87 -3.84
N LEU L 442 -24.61 -37.31 -4.77
CA LEU L 442 -25.87 -36.68 -4.40
C LEU L 442 -26.93 -37.66 -3.92
N LYS L 443 -26.85 -38.92 -4.32
CA LYS L 443 -27.87 -39.85 -3.83
C LYS L 443 -27.50 -40.58 -2.53
N HIS L 444 -26.44 -40.13 -1.86
CA HIS L 444 -26.01 -40.80 -0.63
C HIS L 444 -25.58 -39.86 0.48
N PHE L 445 -25.15 -38.66 0.12
CA PHE L 445 -24.59 -37.72 1.08
C PHE L 445 -25.13 -36.32 0.86
N LEU L 446 -24.91 -35.45 1.84
CA LEU L 446 -25.06 -34.02 1.72
C LEU L 446 -23.68 -33.39 1.76
N VAL L 447 -23.48 -32.37 0.94
CA VAL L 447 -22.18 -31.74 0.83
C VAL L 447 -22.23 -30.32 1.40
N GLU L 448 -21.41 -30.06 2.42
CA GLU L 448 -21.47 -28.81 3.18
C GLU L 448 -20.12 -28.19 3.51
N THR L 449 -20.00 -26.87 3.42
CA THR L 449 -18.85 -26.12 3.98
C THR L 449 -19.24 -24.94 4.84
N LEU L 450 -18.29 -24.48 5.64
CA LEU L 450 -18.33 -23.15 6.22
C LEU L 450 -17.40 -22.20 5.43
N THR L 451 -16.64 -22.76 4.49
CA THR L 451 -15.74 -21.97 3.65
C THR L 451 -16.59 -21.27 2.59
N GLN L 452 -17.12 -20.10 2.93
CA GLN L 452 -18.08 -19.40 2.06
C GLN L 452 -17.48 -18.28 1.21
N GLU L 453 -16.26 -17.84 1.53
CA GLU L 453 -15.55 -16.87 0.66
C GLU L 453 -15.14 -17.54 -0.66
N ASP L 454 -14.47 -16.80 -1.55
CA ASP L 454 -14.15 -17.35 -2.87
C ASP L 454 -12.77 -17.99 -2.98
N ILE L 455 -12.71 -19.07 -3.74
CA ILE L 455 -11.47 -19.78 -4.01
C ILE L 455 -10.70 -19.04 -5.10
N LYS L 456 -9.57 -18.46 -4.73
CA LYS L 456 -8.65 -17.80 -5.65
C LYS L 456 -8.17 -18.85 -6.64
N MET L 457 -8.24 -18.55 -7.94
CA MET L 457 -7.74 -19.48 -8.96
C MET L 457 -6.28 -19.20 -9.24
N VAL L 458 -5.58 -20.19 -9.76
CA VAL L 458 -4.16 -20.05 -10.11
C VAL L 458 -3.92 -20.45 -11.58
N TYR L 459 -3.25 -19.58 -12.32
CA TYR L 459 -2.72 -20.00 -13.61
C TYR L 459 -1.45 -20.82 -13.39
N SER L 460 -1.52 -22.08 -13.80
CA SER L 460 -0.34 -22.89 -14.11
C SER L 460 -0.67 -23.67 -15.37
N PHE L 461 -0.63 -22.94 -16.50
CA PHE L 461 -0.93 -23.46 -17.85
C PHE L 461 -2.42 -23.81 -17.98
N ILE L 462 -2.90 -24.60 -17.03
CA ILE L 462 -4.31 -24.77 -16.81
C ILE L 462 -4.75 -23.84 -15.68
N LEU L 463 -6.06 -23.72 -15.50
CA LEU L 463 -6.60 -22.94 -14.40
C LEU L 463 -7.11 -23.86 -13.27
N ARG L 464 -6.50 -23.70 -12.09
CA ARG L 464 -6.73 -24.61 -10.97
C ARG L 464 -7.11 -23.84 -9.69
N PRO L 465 -7.93 -24.43 -8.81
CA PRO L 465 -8.12 -23.89 -7.48
C PRO L 465 -6.82 -23.84 -6.71
N GLY L 466 -6.51 -22.68 -6.15
CA GLY L 466 -5.27 -22.50 -5.42
C GLY L 466 -5.40 -22.97 -4.00
N THR L 467 -6.52 -23.61 -3.68
CA THR L 467 -6.85 -24.01 -2.33
C THR L 467 -7.87 -25.15 -2.34
N SER L 468 -7.86 -25.94 -1.28
CA SER L 468 -8.78 -27.06 -1.17
C SER L 468 -9.69 -26.93 0.06
N PRO L 469 -10.95 -26.52 -0.17
CA PRO L 469 -11.90 -26.25 0.90
C PRO L 469 -12.25 -27.54 1.60
N LEU L 470 -12.54 -27.46 2.88
CA LEU L 470 -12.79 -28.63 3.68
C LEU L 470 -14.27 -28.96 3.55
N LEU L 471 -14.57 -30.12 2.99
CA LEU L 471 -15.94 -30.51 2.71
C LEU L 471 -16.43 -31.62 3.63
N THR L 472 -17.66 -31.48 4.11
CA THR L 472 -18.31 -32.52 4.90
C THR L 472 -19.22 -33.35 4.00
N PHE L 473 -19.04 -34.66 4.07
CA PHE L 473 -19.93 -35.58 3.44
C PHE L 473 -20.75 -36.25 4.50
N ARG L 474 -22.07 -36.02 4.44
CA ARG L 474 -22.99 -36.52 5.45
C ARG L 474 -24.00 -37.49 4.87
N ALA L 475 -23.92 -38.72 5.36
CA ALA L 475 -24.79 -39.80 4.95
C ALA L 475 -26.29 -39.48 5.06
N ILE L 476 -27.04 -39.91 4.05
CA ILE L 476 -28.50 -39.90 4.03
C ILE L 476 -28.96 -41.35 4.16
#